data_7XOM
#
_entry.id   7XOM
#
_cell.length_a   1.00
_cell.length_b   1.00
_cell.length_c   1.00
_cell.angle_alpha   90.00
_cell.angle_beta   90.00
_cell.angle_gamma   90.00
#
_symmetry.space_group_name_H-M   'P 1'
#
loop_
_entity.id
_entity.type
_entity.pdbx_description
1 polymer 'Chaperonin GroEL'
2 polymer 'Polyalanine model of UDP-glucuronosyltransferase 1A (UGT1A)'
#
loop_
_entity_poly.entity_id
_entity_poly.type
_entity_poly.pdbx_seq_one_letter_code
_entity_poly.pdbx_strand_id
1 'polypeptide(L)'
;AAKDVKFGNDARVKMLRGVNVLADAVKVTLGPKGRNVVLDKSFGAPTITKDGVSVAREIELEDKFENMGAQMVKEVASKA
NDAAGDGTTTATVLAQAIITEGLKAVAAGMNPMDLKRGIDKAVTAAVEELKALSVPCSDSKAIAQVGTISANSDETVGKL
IAEAMDKVGKEGVITVEDGTGLQDELDVVEGMQFDRGYLSPYFINKPETGAVELESPFILLADKKISNIREMLPVLEAVA
KAGKPLLIIAEDVEGEALATLVVNTMRGIVKVAAVKAPGFGDRRKAMLQDIATLTGGTVISEEIGMELEKATLEDLGQAK
RVVINKDTTTIIDGVGEEAAIQGRVAQIRQQIEEATSDYDREKLQERVAKLAGGVAVIKVGAATEVEMKEKKARVEDALH
ATRAAVEEGVVAGGGVALIRVASKLADLRGQNEDQNVGIKVALRAMEAPLRQIVLNCGEEPSVVANTVKGGDGNYGYNAA
TEEYGNMIDMGILDPTKVTRSALQYAASVAGLMITTECMVTDLPKNDAADLGAAGGMGGMGGMGGMM
;
A,B,C,D,E,F,G,H,I,J,K,L,M,N
2 'polypeptide(L)'
;(UNK)(UNK)(UNK)(UNK)(UNK)(UNK)(UNK)(UNK)(UNK)(UNK)(UNK)(UNK)(UNK)(UNK)(UNK)(UNK)
(UNK)(UNK)(UNK)(UNK)(UNK)(UNK)(UNK)(UNK)(UNK)(UNK)(UNK)(UNK)(UNK)(UNK)(UNK)(UNK)
;
U
#
# COMPACT_ATOMS: atom_id res chain seq x y z
N ALA A 1 -18.82 14.53 -28.26
CA ALA A 1 -18.13 13.85 -27.17
C ALA A 1 -16.92 14.64 -26.72
N ALA A 2 -16.40 14.32 -25.54
CA ALA A 2 -15.23 15.01 -25.01
C ALA A 2 -14.02 14.73 -25.88
N LYS A 3 -13.16 15.74 -26.01
CA LYS A 3 -11.99 15.66 -26.88
C LYS A 3 -10.73 15.96 -26.10
N ASP A 4 -9.66 15.26 -26.45
CA ASP A 4 -8.34 15.49 -25.87
C ASP A 4 -7.49 16.28 -26.85
N VAL A 5 -6.94 17.40 -26.40
CA VAL A 5 -6.27 18.36 -27.26
C VAL A 5 -4.81 18.48 -26.82
N LYS A 6 -3.90 18.33 -27.77
CA LYS A 6 -2.47 18.56 -27.55
C LYS A 6 -2.01 19.74 -28.39
N PHE A 7 -1.12 20.55 -27.83
CA PHE A 7 -0.70 21.79 -28.47
C PHE A 7 0.81 21.77 -28.69
N GLY A 8 1.22 22.05 -29.92
CA GLY A 8 2.62 22.26 -30.24
C GLY A 8 3.52 21.05 -30.12
N ASN A 9 4.52 21.15 -29.23
CA ASN A 9 5.63 20.21 -29.23
C ASN A 9 5.17 18.79 -28.89
N ASP A 10 4.31 18.63 -27.88
CA ASP A 10 3.91 17.30 -27.45
C ASP A 10 3.07 16.60 -28.53
N ALA A 11 2.19 17.35 -29.19
CA ALA A 11 1.41 16.78 -30.29
C ALA A 11 2.32 16.30 -31.41
N ARG A 12 3.33 17.10 -31.76
CA ARG A 12 4.26 16.70 -32.80
C ARG A 12 5.11 15.51 -32.36
N VAL A 13 5.43 15.41 -31.07
CA VAL A 13 6.20 14.27 -30.58
C VAL A 13 5.38 12.99 -30.69
N LYS A 14 4.11 13.03 -30.27
CA LYS A 14 3.26 11.84 -30.41
C LYS A 14 3.06 11.48 -31.88
N MET A 15 2.86 12.49 -32.72
CA MET A 15 2.74 12.25 -34.15
C MET A 15 3.99 11.61 -34.72
N LEU A 16 5.17 12.09 -34.31
CA LEU A 16 6.43 11.53 -34.78
C LEU A 16 6.61 10.10 -34.30
N ARG A 17 6.19 9.80 -33.06
CA ARG A 17 6.26 8.43 -32.57
C ARG A 17 5.39 7.50 -33.40
N GLY A 18 4.16 7.92 -33.71
CA GLY A 18 3.30 7.09 -34.54
C GLY A 18 3.86 6.89 -35.93
N VAL A 19 4.38 7.96 -36.53
CA VAL A 19 4.97 7.87 -37.87
C VAL A 19 6.18 6.95 -37.84
N ASN A 20 6.99 7.05 -36.79
CA ASN A 20 8.16 6.18 -36.65
C ASN A 20 7.76 4.72 -36.54
N VAL A 21 6.72 4.42 -35.76
CA VAL A 21 6.27 3.04 -35.62
C VAL A 21 5.82 2.49 -36.97
N LEU A 22 4.96 3.24 -37.67
CA LEU A 22 4.48 2.78 -38.97
C LEU A 22 5.62 2.64 -39.97
N ALA A 23 6.53 3.61 -40.00
CA ALA A 23 7.62 3.58 -40.96
C ALA A 23 8.58 2.43 -40.68
N ASP A 24 8.84 2.13 -39.41
CA ASP A 24 9.69 0.98 -39.09
C ASP A 24 8.97 -0.33 -39.39
N ALA A 25 7.64 -0.37 -39.26
CA ALA A 25 6.90 -1.56 -39.63
C ALA A 25 7.00 -1.82 -41.14
N VAL A 26 6.97 -0.76 -41.93
CA VAL A 26 6.95 -0.93 -43.39
C VAL A 26 8.35 -1.03 -44.01
N LYS A 27 9.32 -0.29 -43.46
CA LYS A 27 10.59 -0.06 -44.15
C LYS A 27 11.48 -1.30 -44.24
N VAL A 28 11.28 -2.28 -43.35
CA VAL A 28 12.11 -3.47 -43.39
C VAL A 28 11.84 -4.31 -44.63
N THR A 29 10.67 -4.15 -45.25
CA THR A 29 10.29 -4.89 -46.44
C THR A 29 10.66 -4.15 -47.73
N LEU A 30 11.66 -3.27 -47.68
CA LEU A 30 12.08 -2.49 -48.83
C LEU A 30 13.39 -3.06 -49.39
N GLY A 31 13.42 -3.26 -50.70
CA GLY A 31 14.61 -3.76 -51.37
C GLY A 31 14.55 -5.26 -51.60
N PRO A 32 15.36 -5.74 -52.55
CA PRO A 32 15.39 -7.19 -52.80
C PRO A 32 15.78 -8.01 -51.58
N LYS A 33 16.67 -7.50 -50.73
CA LYS A 33 17.06 -8.17 -49.51
C LYS A 33 16.22 -7.72 -48.31
N GLY A 34 15.04 -7.16 -48.56
CA GLY A 34 14.21 -6.71 -47.46
C GLY A 34 13.66 -7.86 -46.64
N ARG A 35 13.50 -7.60 -45.34
CA ARG A 35 12.97 -8.59 -44.42
C ARG A 35 11.47 -8.79 -44.64
N ASN A 36 10.87 -9.63 -43.81
CA ASN A 36 9.44 -9.93 -43.90
C ASN A 36 8.78 -9.68 -42.55
N VAL A 37 7.50 -9.34 -42.60
CA VAL A 37 6.74 -8.94 -41.43
C VAL A 37 5.62 -9.95 -41.21
N VAL A 38 5.45 -10.40 -39.98
CA VAL A 38 4.43 -11.38 -39.62
C VAL A 38 3.19 -10.63 -39.15
N LEU A 39 2.06 -10.89 -39.80
CA LEU A 39 0.79 -10.27 -39.47
C LEU A 39 -0.15 -11.32 -38.89
N ASP A 40 -0.69 -11.04 -37.71
CA ASP A 40 -1.58 -12.00 -37.05
C ASP A 40 -2.95 -12.01 -37.74
N LYS A 41 -3.61 -13.17 -37.67
CA LYS A 41 -4.94 -13.34 -38.21
C LYS A 41 -5.82 -14.06 -37.20
N SER A 42 -7.12 -13.73 -37.22
CA SER A 42 -8.05 -14.38 -36.31
C SER A 42 -8.26 -15.85 -36.63
N PHE A 43 -8.00 -16.26 -37.88
CA PHE A 43 -8.17 -17.66 -38.25
C PHE A 43 -7.21 -18.56 -37.47
N GLY A 44 -5.96 -18.13 -37.31
CA GLY A 44 -5.00 -18.90 -36.55
C GLY A 44 -3.62 -18.96 -37.19
N ALA A 45 -3.59 -18.88 -38.52
CA ALA A 45 -2.33 -18.96 -39.25
C ALA A 45 -1.79 -17.56 -39.51
N PRO A 46 -0.65 -17.18 -38.93
CA PRO A 46 -0.09 -15.85 -39.21
C PRO A 46 0.33 -15.71 -40.66
N THR A 47 0.26 -14.48 -41.14
CA THR A 47 0.59 -14.16 -42.53
C THR A 47 2.00 -13.57 -42.59
N ILE A 48 2.86 -14.19 -43.39
CA ILE A 48 4.24 -13.72 -43.60
C ILE A 48 4.29 -13.06 -44.97
N THR A 49 4.66 -11.79 -44.99
CA THR A 49 4.66 -11.01 -46.22
C THR A 49 5.89 -10.12 -46.30
N LYS A 50 6.34 -9.87 -47.52
CA LYS A 50 7.38 -8.87 -47.79
C LYS A 50 6.81 -7.64 -48.49
N ASP A 51 5.49 -7.47 -48.48
CA ASP A 51 4.83 -6.36 -49.15
C ASP A 51 4.48 -5.29 -48.14
N GLY A 52 4.90 -4.05 -48.42
CA GLY A 52 4.62 -2.95 -47.51
C GLY A 52 3.18 -2.52 -47.48
N VAL A 53 2.41 -2.82 -48.53
CA VAL A 53 1.02 -2.40 -48.58
C VAL A 53 0.21 -3.10 -47.49
N SER A 54 0.37 -4.42 -47.37
CA SER A 54 -0.36 -5.17 -46.35
C SER A 54 0.05 -4.74 -44.96
N VAL A 55 1.35 -4.55 -44.74
CA VAL A 55 1.84 -4.12 -43.42
C VAL A 55 1.27 -2.76 -43.06
N ALA A 56 1.27 -1.83 -44.01
CA ALA A 56 0.69 -0.52 -43.75
C ALA A 56 -0.80 -0.62 -43.45
N ARG A 57 -1.51 -1.45 -44.20
CA ARG A 57 -2.95 -1.61 -43.98
C ARG A 57 -3.24 -2.19 -42.60
N GLU A 58 -2.37 -3.07 -42.12
CA GLU A 58 -2.57 -3.74 -40.84
C GLU A 58 -2.06 -2.96 -39.64
N ILE A 59 -1.42 -1.80 -39.87
CA ILE A 59 -0.88 -1.00 -38.77
C ILE A 59 -1.96 -0.07 -38.24
N GLU A 60 -2.21 -0.12 -36.93
CA GLU A 60 -3.13 0.80 -36.27
C GLU A 60 -2.78 0.82 -34.79
N LEU A 61 -2.29 1.96 -34.31
CA LEU A 61 -1.80 2.07 -32.95
C LEU A 61 -2.92 2.41 -31.98
N GLU A 62 -2.71 2.06 -30.71
CA GLU A 62 -3.69 2.36 -29.67
C GLU A 62 -3.67 3.82 -29.25
N ASP A 63 -2.50 4.47 -29.28
CA ASP A 63 -2.43 5.88 -28.91
C ASP A 63 -3.08 6.72 -29.99
N LYS A 64 -4.00 7.60 -29.58
CA LYS A 64 -4.84 8.31 -30.54
C LYS A 64 -4.02 9.24 -31.43
N PHE A 65 -3.04 9.95 -30.86
CA PHE A 65 -2.26 10.89 -31.66
C PHE A 65 -1.25 10.17 -32.53
N GLU A 66 -0.60 9.12 -31.98
CA GLU A 66 0.28 8.29 -32.79
C GLU A 66 -0.50 7.62 -33.92
N ASN A 67 -1.71 7.14 -33.61
CA ASN A 67 -2.56 6.57 -34.65
C ASN A 67 -2.95 7.63 -35.68
N MET A 68 -3.15 8.88 -35.23
CA MET A 68 -3.43 9.96 -36.16
C MET A 68 -2.29 10.14 -37.16
N GLY A 69 -1.06 10.24 -36.66
CA GLY A 69 0.08 10.40 -37.55
C GLY A 69 0.24 9.21 -38.48
N ALA A 70 0.11 7.99 -37.93
CA ALA A 70 0.24 6.79 -38.74
C ALA A 70 -0.83 6.73 -39.82
N GLN A 71 -2.07 7.10 -39.48
CA GLN A 71 -3.16 7.05 -40.45
C GLN A 71 -2.98 8.12 -41.52
N MET A 72 -2.49 9.29 -41.15
CA MET A 72 -2.21 10.33 -42.15
C MET A 72 -1.16 9.83 -43.15
N VAL A 73 -0.05 9.30 -42.64
CA VAL A 73 1.00 8.80 -43.53
C VAL A 73 0.47 7.64 -44.36
N LYS A 74 -0.36 6.78 -43.76
CA LYS A 74 -0.94 5.65 -44.46
C LYS A 74 -1.84 6.10 -45.60
N GLU A 75 -2.69 7.09 -45.35
CA GLU A 75 -3.57 7.59 -46.40
C GLU A 75 -2.79 8.23 -47.53
N VAL A 76 -1.73 8.97 -47.19
CA VAL A 76 -0.92 9.58 -48.24
C VAL A 76 -0.19 8.51 -49.06
N ALA A 77 0.33 7.48 -48.40
CA ALA A 77 0.98 6.39 -49.13
C ALA A 77 -0.02 5.62 -49.99
N SER A 78 -1.25 5.46 -49.50
CA SER A 78 -2.29 4.81 -50.29
C SER A 78 -2.66 5.65 -51.51
N LYS A 79 -2.72 6.97 -51.35
CA LYS A 79 -2.94 7.84 -52.50
C LYS A 79 -1.81 7.69 -53.51
N ALA A 80 -0.57 7.63 -53.04
CA ALA A 80 0.55 7.44 -53.95
C ALA A 80 0.45 6.11 -54.68
N ASN A 81 0.08 5.04 -53.98
CA ASN A 81 -0.07 3.74 -54.60
C ASN A 81 -1.18 3.75 -55.64
N ASP A 82 -2.32 4.38 -55.32
CA ASP A 82 -3.42 4.45 -56.27
C ASP A 82 -3.05 5.26 -57.51
N ALA A 83 -2.30 6.35 -57.32
CA ALA A 83 -1.95 7.20 -58.46
C ALA A 83 -0.89 6.54 -59.33
N ALA A 84 0.07 5.85 -58.73
CA ALA A 84 1.22 5.33 -59.46
C ALA A 84 1.24 3.82 -59.64
N GLY A 85 0.53 3.07 -58.78
CA GLY A 85 0.57 1.63 -58.84
C GLY A 85 1.60 0.97 -57.94
N ASP A 86 2.49 1.76 -57.33
CA ASP A 86 3.51 1.24 -56.44
C ASP A 86 4.11 2.42 -55.69
N GLY A 87 5.14 2.14 -54.89
CA GLY A 87 5.84 3.18 -54.17
C GLY A 87 5.32 3.49 -52.79
N THR A 88 4.49 2.63 -52.20
CA THR A 88 3.98 2.87 -50.86
C THR A 88 5.11 2.90 -49.84
N THR A 89 6.00 1.90 -49.90
CA THR A 89 7.13 1.86 -48.97
C THR A 89 8.07 3.03 -49.18
N THR A 90 8.37 3.36 -50.44
CA THR A 90 9.25 4.48 -50.73
C THR A 90 8.64 5.80 -50.25
N ALA A 91 7.34 5.99 -50.51
CA ALA A 91 6.67 7.19 -50.02
C ALA A 91 6.69 7.25 -48.51
N THR A 92 6.47 6.12 -47.84
CA THR A 92 6.47 6.09 -46.39
C THR A 92 7.84 6.44 -45.82
N VAL A 93 8.92 5.88 -46.38
CA VAL A 93 10.24 6.15 -45.84
C VAL A 93 10.68 7.58 -46.13
N LEU A 94 10.36 8.09 -47.33
CA LEU A 94 10.61 9.51 -47.61
C LEU A 94 9.86 10.40 -46.63
N ALA A 95 8.59 10.09 -46.39
CA ALA A 95 7.82 10.88 -45.44
C ALA A 95 8.43 10.84 -44.05
N GLN A 96 8.85 9.65 -43.61
CA GLN A 96 9.43 9.54 -42.27
C GLN A 96 10.71 10.38 -42.16
N ALA A 97 11.56 10.32 -43.19
CA ALA A 97 12.79 11.11 -43.15
C ALA A 97 12.50 12.60 -43.11
N ILE A 98 11.61 13.07 -43.99
CA ILE A 98 11.30 14.50 -44.00
C ILE A 98 10.70 14.92 -42.67
N ILE A 99 9.77 14.13 -42.14
CA ILE A 99 9.08 14.49 -40.91
C ILE A 99 10.06 14.55 -39.74
N THR A 100 10.93 13.55 -39.62
CA THR A 100 11.89 13.55 -38.51
C THR A 100 12.81 14.76 -38.59
N GLU A 101 13.40 15.00 -39.77
CA GLU A 101 14.34 16.12 -39.86
C GLU A 101 13.63 17.47 -39.69
N GLY A 102 12.42 17.61 -40.25
CA GLY A 102 11.69 18.85 -40.12
C GLY A 102 11.23 19.12 -38.70
N LEU A 103 10.81 18.07 -37.98
CA LEU A 103 10.43 18.26 -36.59
C LEU A 103 11.64 18.60 -35.72
N LYS A 104 12.80 18.02 -36.03
CA LYS A 104 14.02 18.44 -35.33
C LYS A 104 14.32 19.90 -35.60
N ALA A 105 14.20 20.33 -36.86
CA ALA A 105 14.47 21.73 -37.19
C ALA A 105 13.45 22.66 -36.54
N VAL A 106 12.19 22.23 -36.46
CA VAL A 106 11.17 23.04 -35.78
C VAL A 106 11.49 23.16 -34.30
N ALA A 107 11.89 22.05 -33.66
CA ALA A 107 12.30 22.11 -32.27
C ALA A 107 13.52 22.99 -32.09
N ALA A 108 14.34 23.15 -33.13
CA ALA A 108 15.42 24.12 -33.09
C ALA A 108 14.95 25.56 -33.04
N GLY A 109 13.65 25.81 -33.28
CA GLY A 109 13.11 27.15 -33.26
C GLY A 109 12.91 27.78 -34.61
N MET A 110 13.17 27.05 -35.70
CA MET A 110 13.00 27.59 -37.04
C MET A 110 11.52 27.67 -37.41
N ASN A 111 11.23 28.54 -38.37
CA ASN A 111 9.85 28.77 -38.78
C ASN A 111 9.31 27.57 -39.56
N PRO A 112 8.23 26.94 -39.10
CA PRO A 112 7.68 25.80 -39.85
C PRO A 112 7.25 26.15 -41.26
N MET A 113 6.68 27.34 -41.47
CA MET A 113 6.23 27.72 -42.80
C MET A 113 7.40 27.86 -43.78
N ASP A 114 8.50 28.47 -43.33
CA ASP A 114 9.68 28.59 -44.18
C ASP A 114 10.28 27.23 -44.46
N LEU A 115 10.27 26.33 -43.48
CA LEU A 115 10.74 24.97 -43.71
C LEU A 115 9.89 24.26 -44.76
N LYS A 116 8.56 24.42 -44.68
CA LYS A 116 7.67 23.82 -45.67
C LYS A 116 7.92 24.41 -47.05
N ARG A 117 8.14 25.72 -47.12
CA ARG A 117 8.44 26.35 -48.42
C ARG A 117 9.74 25.81 -49.01
N GLY A 118 10.77 25.66 -48.17
CA GLY A 118 12.01 25.08 -48.65
C GLY A 118 11.84 23.65 -49.12
N ILE A 119 11.06 22.86 -48.38
CA ILE A 119 10.78 21.48 -48.79
C ILE A 119 10.09 21.47 -50.15
N ASP A 120 9.09 22.35 -50.33
CA ASP A 120 8.35 22.39 -51.59
C ASP A 120 9.25 22.81 -52.74
N LYS A 121 10.11 23.80 -52.52
CA LYS A 121 11.02 24.23 -53.57
C LYS A 121 12.00 23.11 -53.96
N ALA A 122 12.57 22.45 -52.94
CA ALA A 122 13.49 21.36 -53.22
C ALA A 122 12.80 20.21 -53.95
N VAL A 123 11.56 19.92 -53.58
CA VAL A 123 10.83 18.82 -54.20
C VAL A 123 10.44 19.16 -55.63
N THR A 124 10.08 20.42 -55.90
CA THR A 124 9.82 20.84 -57.27
C THR A 124 11.07 20.73 -58.13
N ALA A 125 12.21 21.18 -57.60
CA ALA A 125 13.47 21.01 -58.32
C ALA A 125 13.79 19.53 -58.53
N ALA A 126 13.46 18.70 -57.55
CA ALA A 126 13.69 17.27 -57.68
C ALA A 126 12.82 16.66 -58.76
N VAL A 127 11.56 17.12 -58.85
CA VAL A 127 10.67 16.64 -59.91
C VAL A 127 11.22 17.03 -61.27
N GLU A 128 11.71 18.27 -61.40
CA GLU A 128 12.33 18.69 -62.65
C GLU A 128 13.54 17.85 -62.99
N GLU A 129 14.38 17.57 -62.00
CA GLU A 129 15.57 16.74 -62.23
C GLU A 129 15.19 15.32 -62.62
N LEU A 130 14.16 14.76 -61.99
CA LEU A 130 13.68 13.43 -62.35
C LEU A 130 13.15 13.41 -63.78
N LYS A 131 12.42 14.46 -64.18
CA LYS A 131 11.96 14.54 -65.56
C LYS A 131 13.13 14.61 -66.52
N ALA A 132 14.18 15.36 -66.16
CA ALA A 132 15.36 15.43 -67.01
C ALA A 132 16.07 14.08 -67.11
N LEU A 133 16.13 13.35 -65.99
CA LEU A 133 16.85 12.08 -65.94
C LEU A 133 16.07 10.92 -66.57
N SER A 134 14.75 11.07 -66.73
CA SER A 134 13.94 9.98 -67.24
C SER A 134 14.28 9.67 -68.69
N VAL A 135 14.29 8.38 -69.02
CA VAL A 135 14.52 7.93 -70.39
C VAL A 135 13.19 7.44 -70.96
N PRO A 136 12.92 7.70 -72.24
CA PRO A 136 11.62 7.31 -72.80
C PRO A 136 11.45 5.80 -72.87
N CYS A 137 10.20 5.37 -72.75
CA CYS A 137 9.82 3.96 -72.85
C CYS A 137 8.63 3.80 -73.80
N SER A 138 8.69 4.47 -74.95
CA SER A 138 7.59 4.45 -75.91
C SER A 138 7.73 3.34 -76.94
N ASP A 139 8.96 2.98 -77.30
CA ASP A 139 9.17 1.93 -78.29
C ASP A 139 8.72 0.58 -77.75
N SER A 140 8.35 -0.32 -78.67
CA SER A 140 7.85 -1.63 -78.28
C SER A 140 8.92 -2.45 -77.56
N LYS A 141 10.17 -2.33 -77.97
CA LYS A 141 11.24 -3.08 -77.32
C LYS A 141 11.39 -2.68 -75.86
N ALA A 142 11.37 -1.37 -75.58
CA ALA A 142 11.47 -0.91 -74.20
C ALA A 142 10.24 -1.29 -73.40
N ILE A 143 9.06 -1.28 -74.03
CA ILE A 143 7.84 -1.70 -73.34
C ILE A 143 7.94 -3.16 -72.94
N ALA A 144 8.39 -4.01 -73.86
CA ALA A 144 8.56 -5.42 -73.54
C ALA A 144 9.61 -5.62 -72.46
N GLN A 145 10.70 -4.85 -72.52
CA GLN A 145 11.77 -4.99 -71.54
C GLN A 145 11.30 -4.62 -70.14
N VAL A 146 10.57 -3.51 -70.01
CA VAL A 146 10.08 -3.10 -68.69
C VAL A 146 9.00 -4.05 -68.20
N GLY A 147 8.16 -4.57 -69.11
CA GLY A 147 7.17 -5.56 -68.71
C GLY A 147 7.82 -6.83 -68.20
N THR A 148 8.90 -7.27 -68.85
CA THR A 148 9.66 -8.41 -68.34
C THR A 148 10.27 -8.11 -66.99
N ILE A 149 10.80 -6.90 -66.81
CA ILE A 149 11.40 -6.53 -65.52
C ILE A 149 10.36 -6.60 -64.41
N SER A 150 9.16 -6.07 -64.67
CA SER A 150 8.14 -6.01 -63.63
C SER A 150 7.72 -7.41 -63.18
N ALA A 151 7.54 -8.33 -64.12
CA ALA A 151 7.05 -9.67 -63.82
C ALA A 151 8.18 -10.66 -63.54
N ASN A 152 9.08 -10.31 -62.64
CA ASN A 152 10.13 -11.20 -62.17
C ASN A 152 10.95 -11.79 -63.31
N SER A 153 11.33 -10.94 -64.27
CA SER A 153 12.18 -11.33 -65.40
C SER A 153 11.56 -12.47 -66.21
N ASP A 154 10.25 -12.37 -66.46
CA ASP A 154 9.53 -13.33 -67.28
C ASP A 154 9.31 -12.72 -68.66
N GLU A 155 9.93 -13.31 -69.69
CA GLU A 155 9.90 -12.71 -71.02
C GLU A 155 8.51 -12.78 -71.65
N THR A 156 7.77 -13.86 -71.39
CA THR A 156 6.48 -14.03 -72.03
C THR A 156 5.48 -12.96 -71.56
N VAL A 157 5.54 -12.57 -70.29
CA VAL A 157 4.66 -11.52 -69.80
C VAL A 157 4.98 -10.20 -70.48
N GLY A 158 6.27 -9.88 -70.61
CA GLY A 158 6.65 -8.67 -71.31
C GLY A 158 6.22 -8.68 -72.76
N LYS A 159 6.35 -9.82 -73.44
CA LYS A 159 5.90 -9.92 -74.82
C LYS A 159 4.39 -9.72 -74.93
N LEU A 160 3.63 -10.32 -74.00
CA LEU A 160 2.18 -10.14 -73.99
C LEU A 160 1.81 -8.68 -73.80
N ILE A 161 2.47 -8.02 -72.83
CA ILE A 161 2.16 -6.62 -72.56
C ILE A 161 2.50 -5.75 -73.76
N ALA A 162 3.66 -6.00 -74.38
CA ALA A 162 4.07 -5.20 -75.53
C ALA A 162 3.12 -5.39 -76.71
N GLU A 163 2.73 -6.64 -76.98
CA GLU A 163 1.83 -6.89 -78.11
C GLU A 163 0.45 -6.29 -77.86
N ALA A 164 -0.05 -6.38 -76.61
CA ALA A 164 -1.32 -5.75 -76.30
C ALA A 164 -1.24 -4.24 -76.44
N MET A 165 -0.14 -3.64 -75.98
CA MET A 165 0.04 -2.20 -76.10
C MET A 165 0.10 -1.76 -77.55
N ASP A 166 0.79 -2.51 -78.39
CA ASP A 166 0.83 -2.20 -79.82
C ASP A 166 -0.55 -2.37 -80.46
N LYS A 167 -1.29 -3.40 -80.04
CA LYS A 167 -2.59 -3.67 -80.67
C LYS A 167 -3.62 -2.60 -80.31
N VAL A 168 -3.69 -2.20 -79.05
CA VAL A 168 -4.78 -1.34 -78.61
C VAL A 168 -4.32 0.12 -78.55
N GLY A 169 -3.01 0.32 -78.45
CA GLY A 169 -2.44 1.65 -78.36
C GLY A 169 -2.01 1.99 -76.95
N LYS A 170 -1.26 3.09 -76.84
CA LYS A 170 -0.79 3.55 -75.54
C LYS A 170 -1.94 3.95 -74.64
N GLU A 171 -2.93 4.66 -75.18
CA GLU A 171 -4.10 5.07 -74.41
C GLU A 171 -5.18 4.00 -74.37
N GLY A 172 -4.97 2.87 -75.02
CA GLY A 172 -5.98 1.82 -75.05
C GLY A 172 -6.17 1.14 -73.72
N VAL A 173 -7.24 0.35 -73.64
CA VAL A 173 -7.64 -0.34 -72.42
C VAL A 173 -7.17 -1.79 -72.53
N ILE A 174 -6.43 -2.25 -71.52
CA ILE A 174 -5.96 -3.62 -71.45
C ILE A 174 -6.46 -4.25 -70.16
N THR A 175 -7.08 -5.42 -70.26
CA THR A 175 -7.61 -6.13 -69.10
C THR A 175 -7.11 -7.56 -69.13
N VAL A 176 -6.80 -8.10 -67.96
CA VAL A 176 -6.24 -9.43 -67.80
C VAL A 176 -7.34 -10.37 -67.34
N GLU A 177 -7.53 -11.47 -68.08
CA GLU A 177 -8.56 -12.45 -67.78
C GLU A 177 -7.93 -13.85 -67.75
N ASP A 178 -8.78 -14.85 -67.51
CA ASP A 178 -8.34 -16.23 -67.39
C ASP A 178 -8.58 -16.95 -68.73
N GLY A 179 -7.55 -17.64 -69.20
CA GLY A 179 -7.64 -18.37 -70.45
C GLY A 179 -8.07 -19.82 -70.25
N THR A 180 -8.56 -20.43 -71.32
CA THR A 180 -9.03 -21.81 -71.25
C THR A 180 -7.90 -22.82 -71.40
N GLY A 181 -6.84 -22.47 -72.13
CA GLY A 181 -5.73 -23.37 -72.37
C GLY A 181 -4.42 -22.90 -71.76
N LEU A 182 -3.36 -23.60 -72.14
CA LEU A 182 -2.03 -23.22 -71.66
C LEU A 182 -1.51 -21.97 -72.38
N GLN A 183 -1.83 -21.84 -73.66
CA GLN A 183 -1.37 -20.69 -74.43
C GLN A 183 -2.12 -19.43 -73.98
N ASP A 184 -1.49 -18.28 -74.22
CA ASP A 184 -2.05 -17.00 -73.85
C ASP A 184 -2.80 -16.39 -75.02
N GLU A 185 -4.01 -15.91 -74.76
CA GLU A 185 -4.88 -15.38 -75.79
C GLU A 185 -4.98 -13.86 -75.65
N LEU A 186 -4.85 -13.15 -76.77
CA LEU A 186 -5.01 -11.72 -76.83
C LEU A 186 -6.08 -11.38 -77.87
N ASP A 187 -7.04 -10.56 -77.48
CA ASP A 187 -8.12 -10.18 -78.39
C ASP A 187 -8.61 -8.79 -78.02
N VAL A 188 -9.27 -8.15 -78.99
CA VAL A 188 -9.84 -6.82 -78.81
C VAL A 188 -11.35 -6.94 -78.95
N VAL A 189 -12.08 -6.52 -77.91
CA VAL A 189 -13.52 -6.56 -77.90
C VAL A 189 -14.07 -5.15 -77.74
N GLU A 190 -15.36 -4.99 -78.04
CA GLU A 190 -15.99 -3.69 -77.94
C GLU A 190 -16.26 -3.34 -76.48
N GLY A 191 -15.63 -2.29 -76.00
CA GLY A 191 -15.81 -1.88 -74.62
C GLY A 191 -15.23 -0.50 -74.39
N MET A 192 -15.61 0.09 -73.27
CA MET A 192 -15.17 1.43 -72.91
C MET A 192 -14.90 1.49 -71.42
N GLN A 193 -13.99 2.38 -71.03
CA GLN A 193 -13.57 2.53 -69.64
C GLN A 193 -13.60 4.00 -69.25
N PHE A 194 -14.12 4.28 -68.06
CA PHE A 194 -14.13 5.62 -67.50
C PHE A 194 -13.54 5.59 -66.09
N ASP A 195 -13.33 6.77 -65.53
CA ASP A 195 -12.59 6.91 -64.28
C ASP A 195 -13.46 6.84 -63.03
N ARG A 196 -14.76 6.58 -63.19
CA ARG A 196 -15.63 6.48 -62.02
C ARG A 196 -15.34 5.20 -61.25
N GLY A 197 -15.89 5.13 -60.03
CA GLY A 197 -15.66 3.99 -59.15
C GLY A 197 -16.92 3.62 -58.38
N TYR A 198 -16.80 2.54 -57.63
CA TYR A 198 -17.91 2.06 -56.80
C TYR A 198 -18.20 3.06 -55.68
N LEU A 199 -19.47 3.08 -55.27
CA LEU A 199 -19.91 4.05 -54.27
C LEU A 199 -19.40 3.69 -52.88
N SER A 200 -19.50 2.41 -52.50
CA SER A 200 -19.11 1.97 -51.18
C SER A 200 -18.22 0.74 -51.26
N PRO A 201 -17.24 0.62 -50.36
CA PRO A 201 -16.33 -0.53 -50.40
C PRO A 201 -16.97 -1.86 -50.08
N TYR A 202 -18.28 -1.92 -49.86
CA TYR A 202 -18.95 -3.15 -49.47
C TYR A 202 -19.48 -3.95 -50.66
N PHE A 203 -19.24 -3.48 -51.89
CA PHE A 203 -19.59 -4.23 -53.09
C PHE A 203 -18.42 -5.06 -53.62
N ILE A 204 -17.28 -5.06 -52.93
CA ILE A 204 -16.06 -5.69 -53.44
C ILE A 204 -16.25 -7.20 -53.45
N ASN A 205 -16.30 -7.79 -54.64
CA ASN A 205 -16.42 -9.23 -54.76
C ASN A 205 -15.08 -9.92 -54.51
N LYS A 206 -13.98 -9.29 -54.89
CA LYS A 206 -12.63 -9.85 -54.73
C LYS A 206 -11.85 -8.96 -53.78
N PRO A 207 -11.88 -9.25 -52.47
CA PRO A 207 -11.12 -8.42 -51.53
C PRO A 207 -9.62 -8.44 -51.77
N GLU A 208 -9.09 -9.52 -52.35
CA GLU A 208 -7.65 -9.60 -52.57
C GLU A 208 -7.16 -8.52 -53.52
N THR A 209 -7.91 -8.28 -54.61
CA THR A 209 -7.53 -7.26 -55.58
C THR A 209 -8.07 -5.89 -55.24
N GLY A 210 -8.95 -5.77 -54.25
CA GLY A 210 -9.56 -4.50 -53.93
C GLY A 210 -10.39 -3.89 -55.04
N ALA A 211 -11.10 -4.73 -55.79
CA ALA A 211 -11.91 -4.28 -56.90
C ALA A 211 -13.14 -5.15 -57.02
N VAL A 212 -14.16 -4.63 -57.72
CA VAL A 212 -15.41 -5.33 -57.92
C VAL A 212 -15.42 -5.93 -59.31
N GLU A 213 -15.68 -7.24 -59.40
CA GLU A 213 -15.74 -7.95 -60.67
C GLU A 213 -17.09 -8.63 -60.79
N LEU A 214 -17.72 -8.49 -61.95
CA LEU A 214 -19.02 -9.09 -62.21
C LEU A 214 -18.95 -9.94 -63.47
N GLU A 215 -19.60 -11.10 -63.44
CA GLU A 215 -19.62 -12.03 -64.57
C GLU A 215 -20.97 -11.91 -65.26
N SER A 216 -20.96 -11.44 -66.50
CA SER A 216 -22.16 -11.24 -67.30
C SER A 216 -23.22 -10.42 -66.55
N PRO A 217 -22.93 -9.16 -66.20
CA PRO A 217 -23.90 -8.36 -65.46
C PRO A 217 -24.80 -7.53 -66.35
N PHE A 218 -26.00 -7.30 -65.84
CA PHE A 218 -26.94 -6.39 -66.51
C PHE A 218 -26.61 -4.95 -66.19
N ILE A 219 -26.94 -4.05 -67.11
CA ILE A 219 -26.58 -2.65 -67.02
C ILE A 219 -27.86 -1.82 -66.90
N LEU A 220 -27.91 -0.96 -65.90
CA LEU A 220 -29.00 -0.01 -65.71
C LEU A 220 -28.51 1.39 -66.06
N LEU A 221 -29.33 2.14 -66.80
CA LEU A 221 -28.93 3.41 -67.40
C LEU A 221 -29.99 4.46 -67.09
N ALA A 222 -29.81 5.17 -65.99
CA ALA A 222 -30.78 6.17 -65.53
C ALA A 222 -30.17 7.57 -65.59
N ASP A 223 -30.98 8.54 -65.98
CA ASP A 223 -30.57 9.94 -66.04
C ASP A 223 -30.91 10.71 -64.76
N LYS A 224 -31.40 10.04 -63.73
CA LYS A 224 -31.85 10.70 -62.51
C LYS A 224 -31.17 10.09 -61.30
N LYS A 225 -31.15 10.86 -60.21
CA LYS A 225 -30.67 10.35 -58.94
C LYS A 225 -31.57 9.23 -58.45
N ILE A 226 -30.96 8.15 -57.97
CA ILE A 226 -31.70 6.97 -57.52
C ILE A 226 -31.70 6.97 -56.00
N SER A 227 -32.84 7.31 -55.41
CA SER A 227 -32.98 7.31 -53.95
C SER A 227 -34.06 6.36 -53.47
N ASN A 228 -35.26 6.42 -54.05
CA ASN A 228 -36.36 5.58 -53.60
C ASN A 228 -36.21 4.15 -54.11
N ILE A 229 -36.91 3.24 -53.46
CA ILE A 229 -36.81 1.83 -53.81
C ILE A 229 -37.86 1.45 -54.85
N ARG A 230 -39.07 2.00 -54.71
CA ARG A 230 -40.18 1.64 -55.60
C ARG A 230 -39.93 2.02 -57.04
N GLU A 231 -38.96 2.91 -57.30
CA GLU A 231 -38.63 3.23 -58.69
C GLU A 231 -38.07 2.01 -59.42
N MET A 232 -37.06 1.36 -58.82
CA MET A 232 -36.36 0.26 -59.46
C MET A 232 -36.70 -1.09 -58.84
N LEU A 233 -37.75 -1.16 -58.02
CA LEU A 233 -38.15 -2.44 -57.44
C LEU A 233 -38.47 -3.49 -58.50
N PRO A 234 -39.28 -3.21 -59.53
CA PRO A 234 -39.47 -4.22 -60.58
C PRO A 234 -38.18 -4.57 -61.32
N VAL A 235 -37.28 -3.61 -61.50
CA VAL A 235 -36.03 -3.89 -62.20
C VAL A 235 -35.18 -4.87 -61.40
N LEU A 236 -35.02 -4.63 -60.10
CA LEU A 236 -34.24 -5.54 -59.28
C LEU A 236 -34.94 -6.89 -59.13
N GLU A 237 -36.28 -6.90 -59.09
CA GLU A 237 -37.00 -8.18 -59.07
C GLU A 237 -36.73 -8.99 -60.32
N ALA A 238 -36.75 -8.33 -61.49
CA ALA A 238 -36.47 -9.03 -62.74
C ALA A 238 -35.01 -9.51 -62.79
N VAL A 239 -34.09 -8.70 -62.27
CA VAL A 239 -32.69 -9.12 -62.22
C VAL A 239 -32.53 -10.35 -61.34
N ALA A 240 -33.18 -10.36 -60.18
CA ALA A 240 -33.12 -11.52 -59.30
C ALA A 240 -33.75 -12.74 -59.96
N LYS A 241 -34.84 -12.54 -60.69
CA LYS A 241 -35.47 -13.65 -61.41
C LYS A 241 -34.53 -14.24 -62.46
N ALA A 242 -33.84 -13.36 -63.19
CA ALA A 242 -32.91 -13.85 -64.22
C ALA A 242 -31.69 -14.52 -63.61
N GLY A 243 -31.31 -14.14 -62.39
CA GLY A 243 -30.16 -14.72 -61.73
C GLY A 243 -28.83 -14.17 -62.15
N LYS A 244 -28.80 -13.21 -63.08
CA LYS A 244 -27.56 -12.58 -63.55
C LYS A 244 -27.25 -11.34 -62.73
N PRO A 245 -25.98 -10.97 -62.62
CA PRO A 245 -25.62 -9.78 -61.84
C PRO A 245 -26.13 -8.50 -62.48
N LEU A 246 -26.15 -7.44 -61.68
CA LEU A 246 -26.63 -6.13 -62.11
C LEU A 246 -25.59 -5.07 -61.80
N LEU A 247 -25.30 -4.23 -62.78
CA LEU A 247 -24.48 -3.03 -62.58
C LEU A 247 -25.32 -1.82 -62.94
N ILE A 248 -25.48 -0.91 -61.97
CA ILE A 248 -26.33 0.26 -62.13
C ILE A 248 -25.44 1.50 -62.19
N ILE A 249 -25.65 2.33 -63.20
CA ILE A 249 -24.94 3.60 -63.34
C ILE A 249 -25.97 4.70 -63.63
N ALA A 250 -25.90 5.76 -62.85
CA ALA A 250 -26.82 6.90 -62.98
C ALA A 250 -26.12 8.15 -62.45
N GLU A 251 -26.88 9.23 -62.30
CA GLU A 251 -26.31 10.46 -61.77
C GLU A 251 -25.74 10.26 -60.38
N ASP A 252 -26.51 9.61 -59.51
CA ASP A 252 -26.07 9.31 -58.15
C ASP A 252 -27.06 8.35 -57.51
N VAL A 253 -26.54 7.41 -56.72
CA VAL A 253 -27.35 6.47 -55.97
C VAL A 253 -26.99 6.65 -54.50
N GLU A 254 -27.86 7.32 -53.75
CA GLU A 254 -27.60 7.61 -52.35
C GLU A 254 -28.88 7.48 -51.56
N GLY A 255 -28.73 7.25 -50.26
CA GLY A 255 -29.86 7.13 -49.36
C GLY A 255 -30.27 5.70 -49.06
N GLU A 256 -31.57 5.46 -48.94
CA GLU A 256 -32.06 4.12 -48.64
C GLU A 256 -31.74 3.15 -49.76
N ALA A 257 -31.65 3.64 -51.00
CA ALA A 257 -31.25 2.77 -52.11
C ALA A 257 -29.84 2.23 -51.90
N LEU A 258 -28.88 3.12 -51.64
CA LEU A 258 -27.52 2.68 -51.39
C LEU A 258 -27.47 1.79 -50.15
N ALA A 259 -28.22 2.15 -49.10
CA ALA A 259 -28.21 1.35 -47.87
C ALA A 259 -28.69 -0.07 -48.14
N THR A 260 -29.80 -0.21 -48.86
CA THR A 260 -30.35 -1.55 -49.09
C THR A 260 -29.50 -2.35 -50.07
N LEU A 261 -28.88 -1.69 -51.07
CA LEU A 261 -27.96 -2.43 -51.93
C LEU A 261 -26.73 -2.90 -51.15
N VAL A 262 -26.21 -2.06 -50.25
CA VAL A 262 -25.10 -2.48 -49.40
C VAL A 262 -25.50 -3.67 -48.55
N VAL A 263 -26.68 -3.60 -47.93
CA VAL A 263 -27.14 -4.67 -47.06
C VAL A 263 -27.32 -5.96 -47.84
N ASN A 264 -27.90 -5.87 -49.04
CA ASN A 264 -28.07 -7.05 -49.88
C ASN A 264 -26.72 -7.64 -50.28
N THR A 265 -25.74 -6.79 -50.60
CA THR A 265 -24.42 -7.29 -50.95
C THR A 265 -23.79 -8.01 -49.77
N MET A 266 -23.97 -7.49 -48.55
CA MET A 266 -23.49 -8.21 -47.37
C MET A 266 -24.18 -9.56 -47.23
N ARG A 267 -25.51 -9.61 -47.42
CA ARG A 267 -26.19 -10.90 -47.37
C ARG A 267 -25.91 -11.72 -48.63
N GLY A 268 -25.90 -11.08 -49.79
CA GLY A 268 -25.65 -11.75 -51.04
C GLY A 268 -26.85 -12.31 -51.75
N ILE A 269 -28.06 -11.84 -51.43
CA ILE A 269 -29.26 -12.33 -52.12
C ILE A 269 -29.21 -11.96 -53.60
N VAL A 270 -28.93 -10.70 -53.91
CA VAL A 270 -28.70 -10.23 -55.27
C VAL A 270 -27.41 -9.43 -55.26
N LYS A 271 -26.40 -9.89 -55.99
CA LYS A 271 -25.09 -9.24 -56.02
C LYS A 271 -25.12 -8.13 -57.08
N VAL A 272 -25.15 -6.89 -56.61
CA VAL A 272 -25.30 -5.72 -57.48
C VAL A 272 -24.26 -4.68 -57.08
N ALA A 273 -23.62 -4.06 -58.06
CA ALA A 273 -22.65 -3.00 -57.83
C ALA A 273 -23.17 -1.70 -58.41
N ALA A 274 -22.89 -0.60 -57.71
CA ALA A 274 -23.38 0.73 -58.09
C ALA A 274 -22.21 1.64 -58.40
N VAL A 275 -22.27 2.31 -59.55
CA VAL A 275 -21.25 3.25 -59.99
C VAL A 275 -21.94 4.52 -60.47
N LYS A 276 -21.38 5.67 -60.12
CA LYS A 276 -21.89 6.94 -60.63
C LYS A 276 -21.55 7.07 -62.12
N ALA A 277 -22.45 7.72 -62.86
CA ALA A 277 -22.21 7.97 -64.27
C ALA A 277 -21.07 8.98 -64.44
N PRO A 278 -20.18 8.77 -65.40
CA PRO A 278 -19.08 9.72 -65.61
C PRO A 278 -19.58 11.04 -66.17
N GLY A 279 -18.81 12.09 -65.91
CA GLY A 279 -19.12 13.41 -66.44
C GLY A 279 -20.25 14.09 -65.69
N PHE A 280 -20.73 15.18 -66.29
CA PHE A 280 -21.82 15.96 -65.71
C PHE A 280 -22.57 16.67 -66.82
N GLY A 281 -23.88 16.81 -66.61
CA GLY A 281 -24.71 17.53 -67.58
C GLY A 281 -24.69 16.87 -68.95
N ASP A 282 -24.40 17.69 -69.97
CA ASP A 282 -24.36 17.18 -71.34
C ASP A 282 -23.32 16.09 -71.51
N ARG A 283 -22.16 16.25 -70.87
CA ARG A 283 -21.14 15.22 -70.93
C ARG A 283 -21.64 13.91 -70.31
N ARG A 284 -22.33 14.00 -69.18
CA ARG A 284 -22.87 12.79 -68.55
C ARG A 284 -23.90 12.12 -69.43
N LYS A 285 -24.78 12.91 -70.05
CA LYS A 285 -25.78 12.33 -70.95
C LYS A 285 -25.11 11.68 -72.15
N ALA A 286 -24.08 12.31 -72.71
CA ALA A 286 -23.37 11.72 -73.83
C ALA A 286 -22.69 10.41 -73.44
N MET A 287 -22.05 10.37 -72.27
CA MET A 287 -21.43 9.14 -71.79
C MET A 287 -22.47 8.04 -71.61
N LEU A 288 -23.61 8.39 -71.03
CA LEU A 288 -24.65 7.39 -70.80
C LEU A 288 -25.21 6.86 -72.11
N GLN A 289 -25.40 7.74 -73.10
CA GLN A 289 -25.88 7.30 -74.41
C GLN A 289 -24.85 6.40 -75.10
N ASP A 290 -23.56 6.75 -74.99
CA ASP A 290 -22.52 5.89 -75.55
C ASP A 290 -22.52 4.52 -74.89
N ILE A 291 -22.66 4.47 -73.56
CA ILE A 291 -22.70 3.20 -72.86
C ILE A 291 -23.93 2.40 -73.27
N ALA A 292 -25.06 3.08 -73.45
CA ALA A 292 -26.28 2.40 -73.89
C ALA A 292 -26.08 1.77 -75.27
N THR A 293 -25.46 2.50 -76.18
CA THR A 293 -25.18 1.94 -77.51
C THR A 293 -24.22 0.77 -77.42
N LEU A 294 -23.19 0.89 -76.58
CA LEU A 294 -22.20 -0.18 -76.45
C LEU A 294 -22.83 -1.46 -75.91
N THR A 295 -23.63 -1.35 -74.85
CA THR A 295 -24.26 -2.50 -74.22
C THR A 295 -25.61 -2.86 -74.84
N GLY A 296 -26.10 -2.06 -75.78
CA GLY A 296 -27.37 -2.34 -76.42
C GLY A 296 -28.59 -1.99 -75.61
N GLY A 297 -28.42 -1.39 -74.42
CA GLY A 297 -29.53 -1.03 -73.58
C GLY A 297 -30.12 0.33 -73.92
N THR A 298 -31.11 0.73 -73.13
CA THR A 298 -31.79 2.00 -73.29
C THR A 298 -31.63 2.83 -72.02
N VAL A 299 -31.28 4.10 -72.20
CA VAL A 299 -31.07 5.00 -71.08
C VAL A 299 -32.42 5.49 -70.58
N ILE A 300 -32.72 5.24 -69.29
CA ILE A 300 -33.93 5.73 -68.67
C ILE A 300 -33.80 7.24 -68.52
N SER A 301 -34.58 7.99 -69.29
CA SER A 301 -34.50 9.43 -69.34
C SER A 301 -35.73 10.07 -68.71
N GLU A 302 -35.52 11.10 -67.91
CA GLU A 302 -36.64 11.81 -67.28
C GLU A 302 -37.37 12.72 -68.27
N GLU A 303 -36.64 13.31 -69.22
CA GLU A 303 -37.27 14.23 -70.17
C GLU A 303 -38.26 13.49 -71.07
N ILE A 304 -37.94 12.26 -71.48
CA ILE A 304 -38.88 11.51 -72.31
C ILE A 304 -40.08 11.05 -71.50
N GLY A 305 -39.94 10.96 -70.18
CA GLY A 305 -41.03 10.67 -69.28
C GLY A 305 -41.09 9.25 -68.76
N MET A 306 -40.42 8.30 -69.42
CA MET A 306 -40.45 6.93 -68.95
C MET A 306 -39.62 6.79 -67.67
N GLU A 307 -40.07 5.92 -66.78
CA GLU A 307 -39.44 5.74 -65.48
C GLU A 307 -38.99 4.29 -65.33
N LEU A 308 -38.28 4.02 -64.22
CA LEU A 308 -37.72 2.70 -63.99
C LEU A 308 -38.79 1.64 -63.75
N GLU A 309 -39.99 2.05 -63.33
CA GLU A 309 -41.01 1.07 -62.96
C GLU A 309 -41.41 0.19 -64.14
N LYS A 310 -41.61 0.80 -65.31
CA LYS A 310 -42.01 0.01 -66.47
C LYS A 310 -40.81 -0.49 -67.29
N ALA A 311 -39.59 -0.18 -66.87
CA ALA A 311 -38.42 -0.74 -67.53
C ALA A 311 -38.27 -2.22 -67.19
N THR A 312 -37.99 -3.02 -68.20
CA THR A 312 -37.89 -4.46 -68.07
C THR A 312 -36.46 -4.92 -68.34
N LEU A 313 -36.26 -6.25 -68.35
CA LEU A 313 -34.93 -6.81 -68.54
C LEU A 313 -34.36 -6.47 -69.91
N GLU A 314 -35.20 -6.47 -70.96
CA GLU A 314 -34.72 -6.19 -72.30
C GLU A 314 -34.15 -4.78 -72.41
N ASP A 315 -34.74 -3.81 -71.70
CA ASP A 315 -34.21 -2.45 -71.74
C ASP A 315 -32.83 -2.37 -71.08
N LEU A 316 -32.55 -3.24 -70.12
CA LEU A 316 -31.27 -3.22 -69.43
C LEU A 316 -30.15 -3.69 -70.35
N GLY A 317 -29.04 -2.94 -70.34
CA GLY A 317 -27.88 -3.34 -71.12
C GLY A 317 -27.20 -4.56 -70.53
N GLN A 318 -26.42 -5.23 -71.38
CA GLN A 318 -25.74 -6.47 -71.00
C GLN A 318 -24.30 -6.44 -71.49
N ALA A 319 -23.39 -6.94 -70.65
CA ALA A 319 -21.98 -7.02 -70.98
C ALA A 319 -21.43 -8.35 -70.52
N LYS A 320 -20.39 -8.83 -71.21
CA LYS A 320 -19.80 -10.12 -70.85
C LYS A 320 -19.11 -10.06 -69.49
N ARG A 321 -18.41 -8.96 -69.20
CA ARG A 321 -17.68 -8.83 -67.94
C ARG A 321 -17.40 -7.34 -67.70
N VAL A 322 -17.49 -6.93 -66.44
CA VAL A 322 -17.14 -5.57 -66.04
C VAL A 322 -16.22 -5.64 -64.82
N VAL A 323 -15.42 -4.60 -64.65
CA VAL A 323 -14.51 -4.48 -63.51
C VAL A 323 -14.71 -3.09 -62.91
N ILE A 324 -14.89 -3.04 -61.59
CA ILE A 324 -15.12 -1.79 -60.87
C ILE A 324 -13.96 -1.58 -59.91
N ASN A 325 -13.33 -0.41 -60.00
CA ASN A 325 -12.27 -0.01 -59.09
C ASN A 325 -12.48 1.44 -58.69
N LYS A 326 -11.96 1.80 -57.51
CA LYS A 326 -12.16 3.15 -57.00
C LYS A 326 -11.50 4.20 -57.87
N ASP A 327 -10.53 3.81 -58.69
CA ASP A 327 -9.86 4.74 -59.61
C ASP A 327 -10.41 4.68 -61.02
N THR A 328 -10.97 3.55 -61.45
CA THR A 328 -11.47 3.43 -62.81
C THR A 328 -12.51 2.32 -62.87
N THR A 329 -13.33 2.38 -63.92
CA THR A 329 -14.37 1.39 -64.16
C THR A 329 -14.32 0.97 -65.63
N THR A 330 -14.31 -0.34 -65.88
CA THR A 330 -14.12 -0.89 -67.21
C THR A 330 -15.32 -1.73 -67.62
N ILE A 331 -15.76 -1.55 -68.85
CA ILE A 331 -16.82 -2.37 -69.46
C ILE A 331 -16.16 -3.21 -70.54
N ILE A 332 -16.22 -4.53 -70.40
CA ILE A 332 -15.52 -5.45 -71.29
C ILE A 332 -16.56 -6.26 -72.06
N ASP A 333 -16.50 -6.19 -73.39
CA ASP A 333 -17.33 -7.00 -74.29
C ASP A 333 -18.81 -6.82 -73.98
N GLY A 334 -19.27 -5.58 -74.14
CA GLY A 334 -20.69 -5.29 -74.04
C GLY A 334 -21.40 -5.79 -75.28
N VAL A 335 -22.34 -6.72 -75.12
CA VAL A 335 -23.01 -7.32 -76.26
C VAL A 335 -23.89 -6.29 -76.95
N GLY A 336 -23.80 -6.23 -78.27
CA GLY A 336 -24.56 -5.28 -79.05
C GLY A 336 -24.17 -5.28 -80.51
N GLU A 337 -25.00 -4.69 -81.37
CA GLU A 337 -24.70 -4.65 -82.79
C GLU A 337 -23.55 -3.70 -83.08
N GLU A 338 -22.67 -4.10 -84.00
CA GLU A 338 -21.55 -3.25 -84.39
C GLU A 338 -22.02 -2.03 -85.15
N ALA A 339 -23.06 -2.19 -85.99
CA ALA A 339 -23.53 -1.11 -86.84
C ALA A 339 -23.89 0.12 -86.04
N ALA A 340 -24.48 -0.08 -84.85
CA ALA A 340 -24.76 1.06 -83.97
C ALA A 340 -23.48 1.75 -83.55
N ILE A 341 -22.42 0.98 -83.27
CA ILE A 341 -21.15 1.58 -82.88
C ILE A 341 -20.56 2.41 -84.02
N GLN A 342 -20.60 1.88 -85.24
CA GLN A 342 -20.10 2.65 -86.38
C GLN A 342 -20.95 3.90 -86.62
N GLY A 343 -22.27 3.79 -86.47
CA GLY A 343 -23.11 4.97 -86.59
C GLY A 343 -22.77 6.02 -85.55
N ARG A 344 -22.51 5.59 -84.31
CA ARG A 344 -22.15 6.54 -83.26
C ARG A 344 -20.81 7.20 -83.53
N VAL A 345 -19.82 6.44 -84.01
CA VAL A 345 -18.54 7.09 -84.30
C VAL A 345 -18.68 8.03 -85.49
N ALA A 346 -19.51 7.69 -86.47
CA ALA A 346 -19.74 8.60 -87.60
C ALA A 346 -20.44 9.88 -87.15
N GLN A 347 -21.41 9.77 -86.24
CA GLN A 347 -22.07 10.98 -85.77
C GLN A 347 -21.14 11.79 -84.87
N ILE A 348 -20.22 11.15 -84.15
CA ILE A 348 -19.21 11.90 -83.41
C ILE A 348 -18.29 12.63 -84.39
N ARG A 349 -17.97 12.00 -85.53
CA ARG A 349 -17.24 12.70 -86.57
C ARG A 349 -17.98 13.95 -87.02
N GLN A 350 -19.25 13.81 -87.39
CA GLN A 350 -19.97 14.99 -87.87
C GLN A 350 -20.09 16.04 -86.77
N GLN A 351 -20.09 15.61 -85.50
CA GLN A 351 -20.03 16.55 -84.40
C GLN A 351 -18.71 17.31 -84.38
N ILE A 352 -17.59 16.62 -84.57
CA ILE A 352 -16.29 17.29 -84.46
C ILE A 352 -16.10 18.25 -85.61
N GLU A 353 -16.68 17.93 -86.79
CA GLU A 353 -16.63 18.94 -87.85
C GLU A 353 -17.59 20.09 -87.60
N GLU A 354 -18.79 19.82 -87.05
CA GLU A 354 -19.76 20.89 -86.94
C GLU A 354 -19.46 21.87 -85.80
N ALA A 355 -18.82 21.40 -84.74
CA ALA A 355 -18.58 22.25 -83.58
C ALA A 355 -17.50 23.29 -83.88
N THR A 356 -17.32 24.22 -82.95
CA THR A 356 -16.39 25.33 -83.12
C THR A 356 -15.24 25.29 -82.13
N SER A 357 -15.52 25.21 -80.83
CA SER A 357 -14.48 25.33 -79.82
C SER A 357 -13.54 24.13 -79.83
N ASP A 358 -12.27 24.39 -79.56
CA ASP A 358 -11.28 23.32 -79.45
C ASP A 358 -11.49 22.45 -78.22
N TYR A 359 -12.12 22.99 -77.17
CA TYR A 359 -12.47 22.16 -76.02
C TYR A 359 -13.46 21.08 -76.43
N ASP A 360 -14.43 21.43 -77.28
CA ASP A 360 -15.33 20.43 -77.83
C ASP A 360 -14.57 19.44 -78.70
N ARG A 361 -13.62 19.93 -79.50
CA ARG A 361 -12.76 19.03 -80.28
C ARG A 361 -12.13 17.97 -79.38
N GLU A 362 -11.50 18.41 -78.28
CA GLU A 362 -10.92 17.47 -77.33
C GLU A 362 -11.98 16.50 -76.81
N LYS A 363 -12.97 17.04 -76.10
CA LYS A 363 -13.98 16.20 -75.44
C LYS A 363 -14.52 15.13 -76.38
N LEU A 364 -14.92 15.53 -77.59
CA LEU A 364 -15.42 14.56 -78.56
C LEU A 364 -14.32 13.60 -79.02
N GLN A 365 -13.07 14.07 -79.09
CA GLN A 365 -11.99 13.20 -79.56
C GLN A 365 -11.74 12.06 -78.59
N GLU A 366 -11.57 12.37 -77.30
CA GLU A 366 -11.44 11.28 -76.34
C GLU A 366 -12.74 10.47 -76.20
N ARG A 367 -13.91 11.08 -76.38
CA ARG A 367 -15.13 10.29 -76.33
C ARG A 367 -15.12 9.21 -77.41
N VAL A 368 -14.87 9.60 -78.66
CA VAL A 368 -14.88 8.62 -79.74
C VAL A 368 -13.70 7.66 -79.61
N ALA A 369 -12.56 8.13 -79.09
CA ALA A 369 -11.42 7.25 -78.91
C ALA A 369 -11.74 6.14 -77.91
N LYS A 370 -12.35 6.49 -76.78
CA LYS A 370 -12.70 5.48 -75.78
C LYS A 370 -13.93 4.67 -76.19
N LEU A 371 -14.72 5.15 -77.15
CA LEU A 371 -15.86 4.38 -77.62
C LEU A 371 -15.50 3.40 -78.74
N ALA A 372 -14.49 3.71 -79.54
CA ALA A 372 -14.15 2.90 -80.71
C ALA A 372 -12.82 2.17 -80.62
N GLY A 373 -11.95 2.54 -79.66
CA GLY A 373 -10.68 1.86 -79.55
C GLY A 373 -10.80 0.41 -79.13
N GLY A 374 -11.82 0.09 -78.31
CA GLY A 374 -11.99 -1.26 -77.83
C GLY A 374 -11.14 -1.55 -76.61
N VAL A 375 -11.36 -2.74 -76.07
CA VAL A 375 -10.66 -3.20 -74.87
C VAL A 375 -9.84 -4.43 -75.24
N ALA A 376 -8.54 -4.38 -74.98
CA ALA A 376 -7.67 -5.52 -75.21
C ALA A 376 -7.76 -6.47 -74.02
N VAL A 377 -8.01 -7.74 -74.29
CA VAL A 377 -8.20 -8.75 -73.25
C VAL A 377 -7.02 -9.72 -73.32
N ILE A 378 -6.30 -9.84 -72.21
CA ILE A 378 -5.18 -10.77 -72.10
C ILE A 378 -5.65 -11.96 -71.30
N LYS A 379 -5.94 -13.07 -71.99
CA LYS A 379 -6.39 -14.31 -71.34
C LYS A 379 -5.15 -15.13 -71.02
N VAL A 380 -4.64 -14.97 -69.80
CA VAL A 380 -3.43 -15.66 -69.39
C VAL A 380 -3.69 -17.15 -69.28
N GLY A 381 -2.75 -17.95 -69.78
CA GLY A 381 -2.86 -19.39 -69.72
C GLY A 381 -1.67 -20.00 -69.02
N ALA A 382 -1.93 -21.11 -68.34
CA ALA A 382 -0.90 -21.84 -67.60
C ALA A 382 -1.31 -23.30 -67.51
N ALA A 383 -0.58 -24.07 -66.72
CA ALA A 383 -0.82 -25.50 -66.56
C ALA A 383 -1.45 -25.85 -65.22
N THR A 384 -1.12 -25.12 -64.16
CA THR A 384 -1.63 -25.39 -62.83
C THR A 384 -2.46 -24.19 -62.36
N GLU A 385 -3.53 -24.49 -61.62
CA GLU A 385 -4.46 -23.46 -61.18
C GLU A 385 -3.76 -22.38 -60.35
N VAL A 386 -2.99 -22.79 -59.35
CA VAL A 386 -2.33 -21.82 -58.47
C VAL A 386 -1.27 -21.03 -59.23
N GLU A 387 -0.51 -21.71 -60.10
CA GLU A 387 0.46 -20.98 -60.91
C GLU A 387 -0.24 -20.11 -61.94
N MET A 388 -1.44 -20.50 -62.37
CA MET A 388 -2.21 -19.65 -63.27
C MET A 388 -2.61 -18.35 -62.59
N LYS A 389 -3.11 -18.43 -61.35
CA LYS A 389 -3.42 -17.21 -60.61
C LYS A 389 -2.17 -16.38 -60.34
N GLU A 390 -1.05 -17.04 -60.01
CA GLU A 390 0.19 -16.30 -59.78
C GLU A 390 0.63 -15.57 -61.04
N LYS A 391 0.56 -16.24 -62.19
CA LYS A 391 0.91 -15.60 -63.45
C LYS A 391 -0.05 -14.46 -63.79
N LYS A 392 -1.34 -14.63 -63.49
CA LYS A 392 -2.30 -13.56 -63.72
C LYS A 392 -1.97 -12.33 -62.88
N ALA A 393 -1.64 -12.54 -61.60
CA ALA A 393 -1.26 -11.42 -60.75
C ALA A 393 0.01 -10.75 -61.25
N ARG A 394 0.99 -11.54 -61.66
CA ARG A 394 2.23 -10.97 -62.20
C ARG A 394 1.95 -10.17 -63.46
N VAL A 395 1.08 -10.68 -64.33
CA VAL A 395 0.75 -9.97 -65.58
C VAL A 395 0.04 -8.67 -65.27
N GLU A 396 -0.88 -8.68 -64.31
CA GLU A 396 -1.58 -7.45 -63.94
C GLU A 396 -0.62 -6.41 -63.37
N ASP A 397 0.27 -6.84 -62.49
CA ASP A 397 1.26 -5.90 -61.92
C ASP A 397 2.17 -5.35 -63.01
N ALA A 398 2.63 -6.21 -63.92
CA ALA A 398 3.46 -5.76 -65.03
C ALA A 398 2.70 -4.80 -65.93
N LEU A 399 1.41 -5.03 -66.15
CA LEU A 399 0.61 -4.12 -66.95
C LEU A 399 0.52 -2.75 -66.30
N HIS A 400 0.29 -2.71 -64.98
CA HIS A 400 0.26 -1.42 -64.29
C HIS A 400 1.61 -0.71 -64.37
N ALA A 401 2.69 -1.44 -64.15
CA ALA A 401 4.02 -0.84 -64.19
C ALA A 401 4.34 -0.33 -65.59
N THR A 402 3.99 -1.09 -66.63
CA THR A 402 4.23 -0.67 -68.00
C THR A 402 3.37 0.52 -68.38
N ARG A 403 2.13 0.58 -67.89
CA ARG A 403 1.30 1.76 -68.13
C ARG A 403 1.93 3.00 -67.52
N ALA A 404 2.42 2.88 -66.29
CA ALA A 404 3.10 4.01 -65.66
C ALA A 404 4.36 4.39 -66.45
N ALA A 405 5.11 3.40 -66.92
CA ALA A 405 6.33 3.66 -67.67
C ALA A 405 6.04 4.39 -68.97
N VAL A 406 5.08 3.89 -69.75
CA VAL A 406 4.75 4.57 -71.00
C VAL A 406 4.09 5.92 -70.74
N GLU A 407 3.53 6.12 -69.55
CA GLU A 407 2.99 7.44 -69.21
C GLU A 407 4.11 8.44 -68.94
N GLU A 408 5.14 8.05 -68.18
CA GLU A 408 6.16 9.01 -67.75
C GLU A 408 7.59 8.51 -67.87
N GLY A 409 7.84 7.44 -68.62
CA GLY A 409 9.20 6.95 -68.76
C GLY A 409 9.65 6.18 -67.53
N VAL A 410 10.93 5.80 -67.54
CA VAL A 410 11.54 5.05 -66.45
C VAL A 410 12.83 5.74 -66.03
N VAL A 411 13.22 5.51 -64.79
CA VAL A 411 14.48 5.99 -64.24
C VAL A 411 15.20 4.82 -63.58
N ALA A 412 16.45 5.07 -63.19
CA ALA A 412 17.25 4.04 -62.52
C ALA A 412 16.63 3.67 -61.19
N GLY A 413 16.16 2.43 -61.07
CA GLY A 413 15.44 1.98 -59.90
C GLY A 413 16.35 1.63 -58.75
N GLY A 414 15.76 0.99 -57.74
CA GLY A 414 16.50 0.67 -56.53
C GLY A 414 16.77 1.86 -55.63
N GLY A 415 16.03 2.94 -55.78
CA GLY A 415 16.19 4.10 -54.93
C GLY A 415 17.38 4.98 -55.27
N VAL A 416 17.99 4.81 -56.44
CA VAL A 416 19.15 5.62 -56.80
C VAL A 416 18.78 6.86 -57.60
N ALA A 417 17.56 6.93 -58.14
CA ALA A 417 17.12 8.14 -58.81
C ALA A 417 17.07 9.32 -57.84
N LEU A 418 16.55 9.09 -56.63
CA LEU A 418 16.47 10.15 -55.64
C LEU A 418 17.86 10.59 -55.18
N ILE A 419 18.78 9.64 -54.96
CA ILE A 419 20.12 10.01 -54.55
C ILE A 419 20.84 10.78 -55.65
N ARG A 420 20.62 10.40 -56.92
CA ARG A 420 21.22 11.13 -58.02
C ARG A 420 20.66 12.54 -58.11
N VAL A 421 19.34 12.68 -57.94
CA VAL A 421 18.72 13.99 -57.99
C VAL A 421 19.24 14.87 -56.86
N ALA A 422 19.37 14.31 -55.65
CA ALA A 422 19.91 15.08 -54.54
C ALA A 422 21.37 15.48 -54.79
N SER A 423 22.15 14.58 -55.37
CA SER A 423 23.54 14.89 -55.67
C SER A 423 23.64 16.04 -56.65
N LYS A 424 22.79 16.05 -57.68
CA LYS A 424 22.82 17.14 -58.64
C LYS A 424 22.10 18.40 -58.15
N LEU A 425 21.29 18.31 -57.10
CA LEU A 425 20.56 19.43 -56.56
C LEU A 425 21.20 20.04 -55.32
N ALA A 426 22.29 19.45 -54.82
CA ALA A 426 22.95 19.95 -53.62
C ALA A 426 23.29 21.43 -53.68
N ASP A 427 23.25 22.06 -54.85
CA ASP A 427 23.57 23.47 -55.00
C ASP A 427 22.35 24.38 -54.88
N LEU A 428 21.17 23.83 -54.60
CA LEU A 428 19.97 24.64 -54.51
C LEU A 428 20.02 25.57 -53.29
N ARG A 429 19.36 26.72 -53.41
CA ARG A 429 19.31 27.71 -52.35
C ARG A 429 17.93 28.32 -52.29
N GLY A 430 17.61 28.89 -51.12
CA GLY A 430 16.34 29.55 -50.90
C GLY A 430 16.53 31.00 -50.47
N GLN A 431 15.40 31.71 -50.37
CA GLN A 431 15.44 33.12 -49.99
C GLN A 431 15.70 33.31 -48.50
N ASN A 432 15.50 32.27 -47.69
CA ASN A 432 15.68 32.36 -46.25
C ASN A 432 16.52 31.18 -45.77
N GLU A 433 17.17 31.38 -44.61
CA GLU A 433 18.01 30.32 -44.04
C GLU A 433 17.19 29.10 -43.68
N ASP A 434 15.99 29.30 -43.13
CA ASP A 434 15.11 28.18 -42.84
C ASP A 434 14.72 27.44 -44.12
N GLN A 435 14.53 28.16 -45.22
CA GLN A 435 14.26 27.51 -46.49
C GLN A 435 15.44 26.65 -46.93
N ASN A 436 16.67 27.13 -46.71
CA ASN A 436 17.85 26.34 -47.01
C ASN A 436 17.91 25.09 -46.15
N VAL A 437 17.57 25.21 -44.87
CA VAL A 437 17.56 24.06 -43.97
C VAL A 437 16.51 23.04 -44.45
N GLY A 438 15.34 23.53 -44.86
CA GLY A 438 14.34 22.63 -45.41
C GLY A 438 14.79 21.94 -46.68
N ILE A 439 15.51 22.67 -47.54
CA ILE A 439 16.04 22.06 -48.76
C ILE A 439 17.03 20.95 -48.41
N LYS A 440 17.91 21.21 -47.44
CA LYS A 440 18.86 20.17 -47.00
C LYS A 440 18.12 18.98 -46.41
N VAL A 441 17.03 19.24 -45.67
CA VAL A 441 16.22 18.17 -45.12
C VAL A 441 15.64 17.30 -46.23
N ALA A 442 15.11 17.94 -47.28
CA ALA A 442 14.57 17.20 -48.41
C ALA A 442 15.66 16.39 -49.11
N LEU A 443 16.85 16.97 -49.24
CA LEU A 443 17.96 16.23 -49.86
C LEU A 443 18.29 14.97 -49.06
N ARG A 444 18.43 15.11 -47.74
CA ARG A 444 18.75 13.96 -46.91
C ARG A 444 17.64 12.91 -46.95
N ALA A 445 16.39 13.37 -46.98
CA ALA A 445 15.26 12.45 -47.08
C ALA A 445 15.31 11.66 -48.38
N MET A 446 15.60 12.33 -49.49
CA MET A 446 15.75 11.62 -50.76
C MET A 446 16.95 10.69 -50.73
N GLU A 447 17.97 11.01 -49.93
CA GLU A 447 19.09 10.09 -49.73
C GLU A 447 18.65 8.83 -48.99
N ALA A 448 17.68 8.97 -48.08
CA ALA A 448 17.35 7.89 -47.14
C ALA A 448 16.98 6.55 -47.81
N PRO A 449 16.10 6.48 -48.82
CA PRO A 449 15.63 5.16 -49.28
C PRO A 449 16.73 4.22 -49.74
N LEU A 450 17.73 4.73 -50.45
CA LEU A 450 18.85 3.89 -50.85
C LEU A 450 19.61 3.38 -49.64
N ARG A 451 19.77 4.23 -48.63
CA ARG A 451 20.41 3.82 -47.38
C ARG A 451 19.64 2.70 -46.71
N GLN A 452 18.32 2.81 -46.67
CA GLN A 452 17.51 1.74 -46.07
C GLN A 452 17.58 0.45 -46.88
N ILE A 453 17.60 0.57 -48.21
CA ILE A 453 17.72 -0.63 -49.05
C ILE A 453 19.03 -1.35 -48.76
N VAL A 454 20.14 -0.61 -48.75
CA VAL A 454 21.42 -1.25 -48.52
C VAL A 454 21.61 -1.66 -47.07
N LEU A 455 20.85 -1.07 -46.14
CA LEU A 455 20.85 -1.54 -44.76
C LEU A 455 20.10 -2.86 -44.64
N ASN A 456 18.99 -3.00 -45.36
CA ASN A 456 18.32 -4.28 -45.46
C ASN A 456 19.24 -5.33 -46.09
N CYS A 457 20.06 -4.91 -47.05
CA CYS A 457 21.06 -5.81 -47.62
C CYS A 457 22.18 -6.15 -46.63
N GLY A 458 22.26 -5.46 -45.49
CA GLY A 458 23.30 -5.71 -44.52
C GLY A 458 24.61 -5.00 -44.79
N GLU A 459 24.68 -4.18 -45.82
CA GLU A 459 25.89 -3.43 -46.14
C GLU A 459 25.81 -2.04 -45.50
N GLU A 460 26.97 -1.41 -45.33
CA GLU A 460 27.03 -0.09 -44.71
C GLU A 460 26.29 0.93 -45.56
N PRO A 461 25.31 1.65 -45.00
CA PRO A 461 24.51 2.58 -45.82
C PRO A 461 25.28 3.78 -46.32
N SER A 462 26.06 4.41 -45.42
CA SER A 462 26.71 5.66 -45.76
C SER A 462 27.74 5.49 -46.87
N VAL A 463 28.53 4.41 -46.81
CA VAL A 463 29.57 4.19 -47.82
C VAL A 463 28.94 3.98 -49.19
N VAL A 464 27.89 3.15 -49.26
CA VAL A 464 27.22 2.90 -50.53
C VAL A 464 26.59 4.18 -51.06
N ALA A 465 25.95 4.96 -50.19
CA ALA A 465 25.34 6.21 -50.63
C ALA A 465 26.39 7.17 -51.17
N ASN A 466 27.52 7.28 -50.49
CA ASN A 466 28.60 8.16 -50.97
C ASN A 466 29.15 7.67 -52.31
N THR A 467 29.32 6.35 -52.45
CA THR A 467 29.83 5.81 -53.71
C THR A 467 28.87 6.10 -54.86
N VAL A 468 27.57 5.93 -54.63
CA VAL A 468 26.60 6.22 -55.67
C VAL A 468 26.57 7.71 -55.98
N LYS A 469 26.71 8.55 -54.96
CA LYS A 469 26.75 9.99 -55.18
C LYS A 469 27.96 10.40 -56.01
N GLY A 470 29.09 9.73 -55.79
CA GLY A 470 30.30 10.06 -56.54
C GLY A 470 30.15 9.85 -58.03
N GLY A 471 29.39 8.83 -58.43
CA GLY A 471 29.17 8.55 -59.83
C GLY A 471 28.26 9.58 -60.48
N ASP A 472 28.00 9.35 -61.77
CA ASP A 472 27.14 10.24 -62.55
C ASP A 472 26.17 9.40 -63.37
N GLY A 473 25.04 10.03 -63.72
CA GLY A 473 24.04 9.34 -64.52
C GLY A 473 23.30 8.28 -63.72
N ASN A 474 22.84 7.26 -64.42
CA ASN A 474 22.10 6.16 -63.81
C ASN A 474 22.99 5.16 -63.08
N TYR A 475 24.28 5.49 -62.91
CA TYR A 475 25.19 4.62 -62.17
C TYR A 475 24.75 4.52 -60.71
N GLY A 476 24.70 3.30 -60.20
CA GLY A 476 24.24 3.09 -58.84
C GLY A 476 24.67 1.76 -58.30
N TYR A 477 24.04 1.37 -57.20
CA TYR A 477 24.34 0.13 -56.49
C TYR A 477 23.20 -0.86 -56.69
N ASN A 478 23.54 -2.08 -57.10
CA ASN A 478 22.55 -3.13 -57.25
C ASN A 478 22.44 -3.90 -55.95
N ALA A 479 21.24 -3.93 -55.38
CA ALA A 479 21.05 -4.60 -54.10
C ALA A 479 21.21 -6.11 -54.21
N ALA A 480 20.71 -6.70 -55.30
CA ALA A 480 20.76 -8.15 -55.44
C ALA A 480 22.18 -8.65 -55.63
N THR A 481 22.92 -8.03 -56.55
CA THR A 481 24.27 -8.48 -56.88
C THR A 481 25.35 -7.85 -56.01
N GLU A 482 24.99 -6.86 -55.19
CA GLU A 482 25.91 -6.22 -54.25
C GLU A 482 27.16 -5.68 -54.97
N GLU A 483 26.95 -5.15 -56.17
CA GLU A 483 28.06 -4.61 -56.96
C GLU A 483 27.52 -3.48 -57.83
N TYR A 484 28.35 -2.47 -58.04
CA TYR A 484 27.90 -1.21 -58.64
C TYR A 484 27.85 -1.31 -60.16
N GLY A 485 27.46 -0.21 -60.80
CA GLY A 485 27.36 -0.16 -62.24
C GLY A 485 26.12 0.56 -62.71
N ASN A 486 25.88 0.58 -64.02
CA ASN A 486 24.69 1.24 -64.56
C ASN A 486 23.44 0.47 -64.18
N MET A 487 22.47 1.16 -63.58
CA MET A 487 21.27 0.48 -63.10
C MET A 487 20.28 0.17 -64.22
N ILE A 488 20.33 0.93 -65.31
CA ILE A 488 19.39 0.70 -66.42
C ILE A 488 19.65 -0.65 -67.08
N ASP A 489 20.92 -0.98 -67.31
CA ASP A 489 21.25 -2.22 -67.98
C ASP A 489 21.08 -3.45 -67.09
N MET A 490 21.08 -3.28 -65.78
CA MET A 490 20.98 -4.40 -64.84
C MET A 490 19.56 -4.89 -64.63
N GLY A 491 18.56 -4.21 -65.20
CA GLY A 491 17.20 -4.69 -65.08
C GLY A 491 16.47 -4.26 -63.83
N ILE A 492 17.01 -3.31 -63.09
CA ILE A 492 16.34 -2.72 -61.92
C ILE A 492 15.80 -1.38 -62.38
N LEU A 493 14.52 -1.34 -62.74
CA LEU A 493 13.88 -0.14 -63.24
C LEU A 493 12.59 0.13 -62.46
N ASP A 494 12.25 1.40 -62.33
CA ASP A 494 10.96 1.84 -61.82
C ASP A 494 10.43 2.97 -62.68
N PRO A 495 9.12 3.08 -62.83
CA PRO A 495 8.56 4.20 -63.59
C PRO A 495 8.89 5.52 -62.95
N THR A 496 9.17 6.53 -63.78
CA THR A 496 9.40 7.87 -63.27
C THR A 496 8.16 8.40 -62.55
N LYS A 497 6.97 8.00 -63.01
CA LYS A 497 5.74 8.42 -62.34
C LYS A 497 5.70 7.91 -60.90
N VAL A 498 6.15 6.67 -60.68
CA VAL A 498 6.08 6.10 -59.34
C VAL A 498 6.95 6.90 -58.37
N THR A 499 8.21 7.13 -58.75
CA THR A 499 9.12 7.88 -57.88
C THR A 499 8.64 9.32 -57.70
N ARG A 500 8.19 9.95 -58.78
CA ARG A 500 7.72 11.34 -58.69
C ARG A 500 6.52 11.45 -57.75
N SER A 501 5.55 10.54 -57.89
CA SER A 501 4.38 10.57 -57.03
C SER A 501 4.74 10.29 -55.59
N ALA A 502 5.61 9.30 -55.34
CA ALA A 502 6.02 9.00 -53.98
C ALA A 502 6.69 10.20 -53.34
N LEU A 503 7.62 10.83 -54.06
CA LEU A 503 8.32 11.99 -53.51
C LEU A 503 7.36 13.15 -53.25
N GLN A 504 6.48 13.44 -54.21
CA GLN A 504 5.56 14.56 -54.05
C GLN A 504 4.59 14.33 -52.90
N TYR A 505 4.07 13.11 -52.76
CA TYR A 505 3.11 12.84 -51.70
C TYR A 505 3.78 12.82 -50.33
N ALA A 506 5.00 12.28 -50.25
CA ALA A 506 5.76 12.36 -49.00
C ALA A 506 6.03 13.81 -48.63
N ALA A 507 6.39 14.63 -49.62
CA ALA A 507 6.59 16.06 -49.36
C ALA A 507 5.31 16.72 -48.87
N SER A 508 4.18 16.39 -49.49
CA SER A 508 2.91 17.00 -49.11
C SER A 508 2.54 16.64 -47.68
N VAL A 509 2.65 15.35 -47.32
CA VAL A 509 2.28 14.93 -45.97
C VAL A 509 3.24 15.52 -44.95
N ALA A 510 4.53 15.60 -45.28
CA ALA A 510 5.49 16.16 -44.35
C ALA A 510 5.29 17.66 -44.17
N GLY A 511 4.92 18.36 -45.25
CA GLY A 511 4.64 19.78 -45.13
C GLY A 511 3.37 20.04 -44.32
N LEU A 512 2.35 19.20 -44.52
CA LEU A 512 1.16 19.33 -43.69
C LEU A 512 1.46 19.07 -42.22
N MET A 513 2.28 18.06 -41.94
CA MET A 513 2.54 17.65 -40.57
C MET A 513 3.51 18.59 -39.84
N ILE A 514 4.50 19.13 -40.55
CA ILE A 514 5.48 20.01 -39.91
C ILE A 514 4.80 21.27 -39.39
N THR A 515 3.86 21.81 -40.17
CA THR A 515 3.13 23.02 -39.79
C THR A 515 1.88 22.70 -38.98
N THR A 516 1.86 21.57 -38.28
CA THR A 516 0.73 21.21 -37.43
C THR A 516 1.00 21.72 -36.01
N GLU A 517 0.05 22.47 -35.47
CA GLU A 517 0.19 23.06 -34.15
C GLU A 517 -0.80 22.51 -33.12
N CYS A 518 -1.89 21.88 -33.54
CA CYS A 518 -2.89 21.38 -32.61
C CYS A 518 -3.42 20.04 -33.11
N MET A 519 -3.82 19.19 -32.17
CA MET A 519 -4.41 17.90 -32.43
C MET A 519 -5.63 17.73 -31.55
N VAL A 520 -6.75 17.30 -32.14
CA VAL A 520 -8.00 17.11 -31.42
C VAL A 520 -8.49 15.69 -31.65
N THR A 521 -8.66 14.93 -30.57
CA THR A 521 -9.10 13.55 -30.66
C THR A 521 -9.88 13.19 -29.41
N ASP A 522 -10.60 12.08 -29.49
CA ASP A 522 -11.45 11.65 -28.39
C ASP A 522 -10.60 11.14 -27.22
N LEU A 523 -11.20 11.15 -26.03
CA LEU A 523 -10.54 10.65 -24.84
C LEU A 523 -10.35 9.14 -24.93
N PRO A 524 -9.27 8.60 -24.33
CA PRO A 524 -9.04 7.15 -24.30
C PRO A 524 -10.13 6.40 -23.54
N ALA B 1 -8.55 -2.59 -35.62
CA ALA B 1 -8.38 -2.40 -34.18
C ALA B 1 -6.94 -2.04 -33.85
N ALA B 2 -6.70 -1.72 -32.58
CA ALA B 2 -5.35 -1.37 -32.15
C ALA B 2 -4.42 -2.56 -32.28
N LYS B 3 -3.15 -2.27 -32.54
CA LYS B 3 -2.15 -3.31 -32.79
C LYS B 3 -0.93 -3.11 -31.91
N ASP B 4 -0.29 -4.23 -31.56
CA ASP B 4 0.96 -4.23 -30.82
C ASP B 4 2.08 -4.62 -31.77
N VAL B 5 3.14 -3.80 -31.80
CA VAL B 5 4.21 -3.95 -32.77
C VAL B 5 5.51 -4.21 -32.02
N LYS B 6 6.21 -5.28 -32.40
CA LYS B 6 7.52 -5.62 -31.86
C LYS B 6 8.54 -5.56 -32.98
N PHE B 7 9.73 -5.02 -32.68
CA PHE B 7 10.76 -4.77 -33.66
C PHE B 7 12.05 -5.47 -33.28
N GLY B 8 12.61 -6.24 -34.21
CA GLY B 8 13.94 -6.80 -34.06
C GLY B 8 14.11 -7.89 -33.02
N ASN B 9 15.02 -7.63 -32.06
CA ASN B 9 15.49 -8.70 -31.17
C ASN B 9 14.37 -9.26 -30.31
N ASP B 10 13.51 -8.40 -29.76
CA ASP B 10 12.45 -8.89 -28.89
C ASP B 10 11.44 -9.74 -29.64
N ALA B 11 11.13 -9.36 -30.89
CA ALA B 11 10.24 -10.16 -31.71
C ALA B 11 10.81 -11.55 -31.95
N ARG B 12 12.09 -11.63 -32.29
CA ARG B 12 12.73 -12.93 -32.47
C ARG B 12 12.77 -13.70 -31.15
N VAL B 13 12.90 -13.02 -30.02
CA VAL B 13 12.85 -13.68 -28.73
C VAL B 13 11.48 -14.32 -28.50
N LYS B 14 10.42 -13.60 -28.85
CA LYS B 14 9.08 -14.13 -28.69
C LYS B 14 8.85 -15.33 -29.61
N MET B 15 9.29 -15.23 -30.87
CA MET B 15 9.29 -16.40 -31.76
C MET B 15 10.02 -17.58 -31.12
N LEU B 16 11.19 -17.32 -30.55
CA LEU B 16 11.98 -18.39 -29.94
C LEU B 16 11.24 -19.03 -28.78
N ARG B 17 10.62 -18.22 -27.92
CA ARG B 17 9.90 -18.77 -26.78
C ARG B 17 8.70 -19.60 -27.22
N GLY B 18 7.92 -19.10 -28.18
CA GLY B 18 6.77 -19.87 -28.65
C GLY B 18 7.18 -21.18 -29.31
N VAL B 19 8.20 -21.12 -30.18
CA VAL B 19 8.68 -22.31 -30.86
C VAL B 19 9.25 -23.31 -29.86
N ASN B 20 9.98 -22.81 -28.86
CA ASN B 20 10.52 -23.69 -27.83
C ASN B 20 9.40 -24.38 -27.06
N VAL B 21 8.35 -23.63 -26.70
CA VAL B 21 7.24 -24.21 -25.95
C VAL B 21 6.57 -25.32 -26.77
N LEU B 22 6.24 -25.01 -28.03
CA LEU B 22 5.57 -26.00 -28.87
C LEU B 22 6.46 -27.21 -29.14
N ALA B 23 7.75 -26.97 -29.41
CA ALA B 23 8.66 -28.07 -29.71
C ALA B 23 8.93 -28.95 -28.50
N ASP B 24 8.98 -28.36 -27.30
CA ASP B 24 9.12 -29.19 -26.11
C ASP B 24 7.82 -29.94 -25.81
N ALA B 25 6.68 -29.36 -26.17
CA ALA B 25 5.42 -30.08 -26.01
C ALA B 25 5.35 -31.29 -26.94
N VAL B 26 5.84 -31.16 -28.17
CA VAL B 26 5.69 -32.23 -29.15
C VAL B 26 6.88 -33.17 -29.25
N LYS B 27 8.05 -32.78 -28.73
CA LYS B 27 9.28 -33.54 -28.98
C LYS B 27 9.48 -34.70 -28.02
N VAL B 28 8.73 -34.74 -26.91
CA VAL B 28 8.87 -35.85 -25.99
C VAL B 28 8.23 -37.12 -26.53
N THR B 29 7.35 -36.99 -27.54
CA THR B 29 6.71 -38.13 -28.17
C THR B 29 7.47 -38.64 -29.39
N LEU B 30 8.76 -38.36 -29.47
CA LEU B 30 9.58 -38.75 -30.61
C LEU B 30 10.40 -39.99 -30.26
N GLY B 31 10.28 -41.03 -31.08
CA GLY B 31 11.02 -42.25 -30.89
C GLY B 31 10.17 -43.35 -30.28
N PRO B 32 10.63 -44.60 -30.41
CA PRO B 32 9.89 -45.72 -29.79
C PRO B 32 9.75 -45.59 -28.29
N LYS B 33 10.76 -45.05 -27.61
CA LYS B 33 10.71 -44.80 -26.18
C LYS B 33 10.21 -43.40 -25.85
N GLY B 34 9.52 -42.76 -26.78
CA GLY B 34 9.02 -41.42 -26.52
C GLY B 34 7.95 -41.42 -25.44
N ARG B 35 7.92 -40.33 -24.67
CA ARG B 35 6.95 -40.18 -23.61
C ARG B 35 5.58 -39.83 -24.19
N ASN B 36 4.61 -39.60 -23.30
CA ASN B 36 3.25 -39.24 -23.70
C ASN B 36 2.86 -37.92 -23.06
N VAL B 37 1.95 -37.21 -23.73
CA VAL B 37 1.49 -35.90 -23.31
C VAL B 37 0.01 -36.00 -22.97
N VAL B 38 -0.37 -35.49 -21.81
CA VAL B 38 -1.77 -35.53 -21.36
C VAL B 38 -2.44 -34.25 -21.81
N LEU B 39 -3.50 -34.39 -22.61
CA LEU B 39 -4.24 -33.25 -23.16
C LEU B 39 -5.60 -33.15 -22.48
N ASP B 40 -5.90 -31.96 -21.95
CA ASP B 40 -7.16 -31.74 -21.26
C ASP B 40 -8.33 -31.67 -22.25
N LYS B 41 -9.47 -32.20 -21.81
CA LYS B 41 -10.71 -32.06 -22.55
C LYS B 41 -11.80 -31.54 -21.61
N SER B 42 -12.71 -30.74 -22.17
CA SER B 42 -13.82 -30.21 -21.37
C SER B 42 -14.78 -31.30 -20.91
N PHE B 43 -14.76 -32.47 -21.56
CA PHE B 43 -15.64 -33.56 -21.15
C PHE B 43 -15.32 -34.02 -19.74
N GLY B 44 -14.04 -34.13 -19.40
CA GLY B 44 -13.64 -34.53 -18.07
C GLY B 44 -12.51 -35.54 -18.04
N ALA B 45 -12.44 -36.40 -19.06
CA ALA B 45 -11.43 -37.44 -19.10
C ALA B 45 -10.24 -36.95 -19.92
N PRO B 46 -9.07 -36.78 -19.33
CA PRO B 46 -7.91 -36.33 -20.11
C PRO B 46 -7.46 -37.39 -21.10
N THR B 47 -6.85 -36.94 -22.19
CA THR B 47 -6.35 -37.82 -23.24
C THR B 47 -4.84 -37.97 -23.09
N ILE B 48 -4.38 -39.22 -23.00
CA ILE B 48 -2.96 -39.53 -22.93
C ILE B 48 -2.54 -40.07 -24.29
N THR B 49 -1.68 -39.34 -24.99
CA THR B 49 -1.32 -39.69 -26.35
C THR B 49 0.19 -39.60 -26.53
N LYS B 50 0.72 -40.48 -27.39
CA LYS B 50 2.11 -40.44 -27.82
C LYS B 50 2.24 -39.89 -29.24
N ASP B 51 1.19 -39.28 -29.78
CA ASP B 51 1.18 -38.76 -31.14
C ASP B 51 1.45 -37.27 -31.10
N GLY B 52 2.51 -36.84 -31.80
CA GLY B 52 2.86 -35.42 -31.83
C GLY B 52 1.87 -34.56 -32.59
N VAL B 53 1.11 -35.15 -33.50
CA VAL B 53 0.16 -34.38 -34.30
C VAL B 53 -0.92 -33.79 -33.41
N SER B 54 -1.52 -34.61 -32.54
CA SER B 54 -2.56 -34.12 -31.64
C SER B 54 -2.00 -33.10 -30.65
N VAL B 55 -0.79 -33.36 -30.13
CA VAL B 55 -0.17 -32.42 -29.20
C VAL B 55 0.05 -31.06 -29.85
N ALA B 56 0.56 -31.06 -31.09
CA ALA B 56 0.72 -29.81 -31.81
C ALA B 56 -0.62 -29.14 -32.06
N ARG B 57 -1.63 -29.92 -32.44
CA ARG B 57 -2.96 -29.35 -32.69
C ARG B 57 -3.53 -28.71 -31.44
N GLU B 58 -3.21 -29.24 -30.26
CA GLU B 58 -3.73 -28.71 -29.01
C GLU B 58 -2.95 -27.49 -28.50
N ILE B 59 -1.79 -27.20 -29.08
CA ILE B 59 -0.94 -26.11 -28.58
C ILE B 59 -1.47 -24.78 -29.07
N GLU B 60 -1.69 -23.86 -28.12
CA GLU B 60 -2.02 -22.47 -28.45
C GLU B 60 -1.72 -21.65 -27.21
N LEU B 61 -0.81 -20.67 -27.35
CA LEU B 61 -0.30 -19.95 -26.19
C LEU B 61 -1.12 -18.68 -25.94
N GLU B 62 -0.86 -18.05 -24.79
CA GLU B 62 -1.54 -16.82 -24.39
C GLU B 62 -0.85 -15.58 -24.93
N ASP B 63 0.49 -15.58 -24.98
CA ASP B 63 1.21 -14.45 -25.56
C ASP B 63 1.04 -14.45 -27.07
N LYS B 64 0.67 -13.29 -27.62
CA LYS B 64 0.28 -13.23 -29.03
C LYS B 64 1.46 -13.52 -29.97
N PHE B 65 2.65 -13.02 -29.63
CA PHE B 65 3.79 -13.17 -30.52
C PHE B 65 4.32 -14.60 -30.51
N GLU B 66 4.45 -15.17 -29.30
CA GLU B 66 4.76 -16.59 -29.18
C GLU B 66 3.67 -17.43 -29.83
N ASN B 67 2.42 -16.97 -29.77
CA ASN B 67 1.34 -17.65 -30.47
C ASN B 67 1.56 -17.64 -31.97
N MET B 68 2.02 -16.52 -32.52
CA MET B 68 2.38 -16.49 -33.94
C MET B 68 3.42 -17.54 -34.26
N GLY B 69 4.50 -17.56 -33.48
CA GLY B 69 5.57 -18.51 -33.75
C GLY B 69 5.09 -19.95 -33.69
N ALA B 70 4.38 -20.30 -32.62
CA ALA B 70 3.89 -21.66 -32.45
C ALA B 70 2.89 -22.02 -33.54
N GLN B 71 1.98 -21.10 -33.88
CA GLN B 71 0.95 -21.39 -34.87
C GLN B 71 1.55 -21.59 -36.25
N MET B 72 2.57 -20.81 -36.63
CA MET B 72 3.10 -21.00 -37.97
C MET B 72 4.10 -22.16 -38.05
N VAL B 73 4.79 -22.49 -36.95
CA VAL B 73 5.49 -23.77 -36.93
C VAL B 73 4.50 -24.92 -37.06
N LYS B 74 3.35 -24.79 -36.40
CA LYS B 74 2.28 -25.78 -36.54
C LYS B 74 1.82 -25.88 -37.98
N GLU B 75 1.67 -24.73 -38.65
CA GLU B 75 1.20 -24.72 -40.03
C GLU B 75 2.19 -25.43 -40.95
N VAL B 76 3.48 -25.13 -40.80
CA VAL B 76 4.46 -25.77 -41.68
C VAL B 76 4.57 -27.27 -41.37
N ALA B 77 4.47 -27.65 -40.10
CA ALA B 77 4.49 -29.06 -39.74
C ALA B 77 3.28 -29.78 -40.30
N SER B 78 2.11 -29.15 -40.26
CA SER B 78 0.90 -29.75 -40.83
C SER B 78 1.02 -29.88 -42.34
N LYS B 79 1.61 -28.88 -42.99
CA LYS B 79 1.84 -29.00 -44.44
C LYS B 79 2.77 -30.15 -44.76
N ALA B 80 3.84 -30.32 -43.97
CA ALA B 80 4.73 -31.44 -44.17
C ALA B 80 4.02 -32.77 -43.96
N ASN B 81 3.17 -32.85 -42.92
CA ASN B 81 2.43 -34.07 -42.66
C ASN B 81 1.47 -34.39 -43.80
N ASP B 82 0.76 -33.39 -44.31
CA ASP B 82 -0.16 -33.62 -45.41
C ASP B 82 0.58 -34.05 -46.67
N ALA B 83 1.73 -33.43 -46.95
CA ALA B 83 2.48 -33.79 -48.14
C ALA B 83 3.08 -35.19 -48.04
N ALA B 84 3.54 -35.57 -46.85
CA ALA B 84 4.30 -36.80 -46.68
C ALA B 84 3.55 -37.91 -45.95
N GLY B 85 2.52 -37.58 -45.17
CA GLY B 85 1.83 -38.56 -44.38
C GLY B 85 2.37 -38.77 -42.98
N ASP B 86 3.51 -38.16 -42.66
CA ASP B 86 4.13 -38.28 -41.34
C ASP B 86 5.21 -37.20 -41.24
N GLY B 87 5.89 -37.16 -40.11
CA GLY B 87 7.00 -36.27 -39.91
C GLY B 87 6.69 -34.95 -39.22
N THR B 88 5.51 -34.81 -38.60
CA THR B 88 5.18 -33.58 -37.90
C THR B 88 6.17 -33.31 -36.77
N THR B 89 6.43 -34.31 -35.93
CA THR B 89 7.36 -34.15 -34.83
C THR B 89 8.78 -33.90 -35.34
N THR B 90 9.21 -34.64 -36.35
CA THR B 90 10.55 -34.45 -36.90
C THR B 90 10.70 -33.07 -37.51
N ALA B 91 9.70 -32.62 -38.27
CA ALA B 91 9.75 -31.28 -38.84
C ALA B 91 9.78 -30.21 -37.75
N THR B 92 8.98 -30.40 -36.70
CA THR B 92 8.94 -29.41 -35.63
C THR B 92 10.27 -29.33 -34.88
N VAL B 93 10.88 -30.47 -34.58
CA VAL B 93 12.14 -30.44 -33.84
C VAL B 93 13.26 -29.90 -34.73
N LEU B 94 13.26 -30.24 -36.02
CA LEU B 94 14.22 -29.66 -36.94
C LEU B 94 14.07 -28.15 -37.01
N ALA B 95 12.82 -27.68 -37.11
CA ALA B 95 12.58 -26.24 -37.17
C ALA B 95 13.03 -25.57 -35.88
N GLN B 96 12.77 -26.19 -34.73
CA GLN B 96 13.21 -25.62 -33.46
C GLN B 96 14.73 -25.48 -33.43
N ALA B 97 15.44 -26.53 -33.85
CA ALA B 97 16.90 -26.48 -33.84
C ALA B 97 17.43 -25.38 -34.75
N ILE B 98 16.93 -25.33 -36.00
CA ILE B 98 17.40 -24.31 -36.94
C ILE B 98 17.07 -22.92 -36.41
N ILE B 99 15.86 -22.74 -35.87
CA ILE B 99 15.44 -21.43 -35.41
C ILE B 99 16.30 -20.97 -34.24
N THR B 100 16.56 -21.86 -33.27
CA THR B 100 17.38 -21.49 -32.13
C THR B 100 18.78 -21.09 -32.57
N GLU B 101 19.42 -21.94 -33.38
CA GLU B 101 20.80 -21.64 -33.79
C GLU B 101 20.86 -20.38 -34.66
N GLY B 102 19.89 -20.21 -35.57
CA GLY B 102 19.89 -19.03 -36.42
C GLY B 102 19.62 -17.75 -35.65
N LEU B 103 18.73 -17.81 -34.65
CA LEU B 103 18.49 -16.63 -33.82
C LEU B 103 19.71 -16.29 -32.99
N LYS B 104 20.43 -17.30 -32.49
CA LYS B 104 21.69 -17.02 -31.80
C LYS B 104 22.69 -16.36 -32.75
N ALA B 105 22.80 -16.87 -33.98
CA ALA B 105 23.73 -16.29 -34.95
C ALA B 105 23.33 -14.87 -35.31
N VAL B 106 22.02 -14.61 -35.42
CA VAL B 106 21.55 -13.25 -35.69
C VAL B 106 21.89 -12.33 -34.52
N ALA B 107 21.69 -12.80 -33.29
CA ALA B 107 22.10 -12.03 -32.13
C ALA B 107 23.60 -11.77 -32.12
N ALA B 108 24.38 -12.64 -32.75
CA ALA B 108 25.80 -12.37 -32.94
C ALA B 108 26.06 -11.20 -33.87
N GLY B 109 25.05 -10.74 -34.61
CA GLY B 109 25.19 -9.61 -35.51
C GLY B 109 25.38 -9.97 -36.97
N MET B 110 25.39 -11.26 -37.31
CA MET B 110 25.58 -11.67 -38.69
C MET B 110 24.31 -11.48 -39.50
N ASN B 111 24.46 -11.37 -40.82
CA ASN B 111 23.36 -11.02 -41.70
C ASN B 111 22.33 -12.14 -41.77
N PRO B 112 21.06 -11.88 -41.46
CA PRO B 112 20.04 -12.95 -41.58
C PRO B 112 19.87 -13.47 -43.00
N MET B 113 20.03 -12.62 -44.01
CA MET B 113 19.83 -13.06 -45.39
C MET B 113 20.88 -14.10 -45.79
N ASP B 114 22.14 -13.85 -45.45
CA ASP B 114 23.19 -14.82 -45.76
C ASP B 114 22.98 -16.11 -44.97
N LEU B 115 22.49 -16.00 -43.73
CA LEU B 115 22.18 -17.19 -42.95
C LEU B 115 21.09 -18.02 -43.62
N LYS B 116 20.04 -17.36 -44.12
CA LYS B 116 18.98 -18.08 -44.81
C LYS B 116 19.49 -18.74 -46.09
N ARG B 117 20.35 -18.03 -46.84
CA ARG B 117 20.91 -18.61 -48.06
C ARG B 117 21.78 -19.82 -47.75
N GLY B 118 22.59 -19.74 -46.69
CA GLY B 118 23.38 -20.89 -46.28
C GLY B 118 22.51 -22.06 -45.86
N ILE B 119 21.43 -21.79 -45.13
CA ILE B 119 20.50 -22.84 -44.74
C ILE B 119 19.90 -23.50 -45.97
N ASP B 120 19.47 -22.70 -46.94
CA ASP B 120 18.85 -23.25 -48.14
C ASP B 120 19.85 -24.07 -48.95
N LYS B 121 21.10 -23.61 -49.06
CA LYS B 121 22.11 -24.37 -49.78
C LYS B 121 22.39 -25.71 -49.09
N ALA B 122 22.52 -25.68 -47.75
CA ALA B 122 22.76 -26.90 -47.00
C ALA B 122 21.60 -27.88 -47.15
N VAL B 123 20.37 -27.37 -47.11
CA VAL B 123 19.20 -28.24 -47.22
C VAL B 123 19.08 -28.80 -48.63
N THR B 124 19.42 -28.02 -49.65
CA THR B 124 19.43 -28.55 -51.01
C THR B 124 20.45 -29.67 -51.16
N ALA B 125 21.66 -29.46 -50.64
CA ALA B 125 22.65 -30.54 -50.65
C ALA B 125 22.17 -31.74 -49.84
N ALA B 126 21.43 -31.49 -48.75
CA ALA B 126 20.89 -32.58 -47.95
C ALA B 126 19.86 -33.38 -48.73
N VAL B 127 19.02 -32.70 -49.51
CA VAL B 127 18.04 -33.38 -50.35
C VAL B 127 18.74 -34.22 -51.40
N GLU B 128 19.81 -33.67 -52.00
CA GLU B 128 20.59 -34.45 -52.95
C GLU B 128 21.20 -35.70 -52.30
N GLU B 129 21.74 -35.54 -51.10
CA GLU B 129 22.32 -36.68 -50.39
C GLU B 129 21.26 -37.70 -50.02
N LEU B 130 20.07 -37.23 -49.64
CA LEU B 130 18.97 -38.15 -49.33
C LEU B 130 18.54 -38.93 -50.56
N LYS B 131 18.49 -38.26 -51.72
CA LYS B 131 18.22 -38.99 -52.96
C LYS B 131 19.30 -40.03 -53.24
N ALA B 132 20.56 -39.67 -53.00
CA ALA B 132 21.65 -40.61 -53.22
C ALA B 132 21.56 -41.81 -52.29
N LEU B 133 21.20 -41.58 -51.03
CA LEU B 133 21.18 -42.63 -50.02
C LEU B 133 19.92 -43.49 -50.08
N SER B 134 18.88 -43.04 -50.76
CA SER B 134 17.62 -43.77 -50.76
C SER B 134 17.74 -45.07 -51.56
N VAL B 135 16.93 -46.05 -51.17
CA VAL B 135 16.87 -47.33 -51.86
C VAL B 135 15.47 -47.50 -52.45
N PRO B 136 15.34 -48.05 -53.66
CA PRO B 136 14.02 -48.14 -54.29
C PRO B 136 13.10 -49.12 -53.57
N CYS B 137 11.80 -48.88 -53.72
CA CYS B 137 10.76 -49.75 -53.20
C CYS B 137 9.84 -50.21 -54.33
N SER B 138 10.43 -50.57 -55.47
CA SER B 138 9.64 -50.93 -56.64
C SER B 138 9.13 -52.37 -56.56
N ASP B 139 9.98 -53.29 -56.10
CA ASP B 139 9.59 -54.69 -56.02
C ASP B 139 8.46 -54.90 -55.01
N SER B 140 7.62 -55.88 -55.29
CA SER B 140 6.49 -56.17 -54.41
C SER B 140 6.96 -56.62 -53.03
N LYS B 141 8.10 -57.30 -52.96
CA LYS B 141 8.65 -57.70 -51.66
C LYS B 141 8.96 -56.50 -50.79
N ALA B 142 9.59 -55.47 -51.37
CA ALA B 142 9.88 -54.26 -50.62
C ALA B 142 8.60 -53.53 -50.21
N ILE B 143 7.60 -53.52 -51.09
CA ILE B 143 6.31 -52.89 -50.75
C ILE B 143 5.67 -53.59 -49.56
N ALA B 144 5.65 -54.93 -49.59
CA ALA B 144 5.08 -55.69 -48.48
C ALA B 144 5.87 -55.48 -47.20
N GLN B 145 7.20 -55.43 -47.31
CA GLN B 145 8.04 -55.25 -46.12
C GLN B 145 7.80 -53.87 -45.50
N VAL B 146 7.70 -52.83 -46.32
CA VAL B 146 7.43 -51.49 -45.81
C VAL B 146 6.04 -51.43 -45.18
N GLY B 147 5.04 -52.02 -45.83
CA GLY B 147 3.70 -52.03 -45.27
C GLY B 147 3.65 -52.76 -43.93
N THR B 148 4.39 -53.88 -43.82
CA THR B 148 4.46 -54.59 -42.56
C THR B 148 5.13 -53.73 -41.50
N ILE B 149 6.22 -53.04 -41.85
CA ILE B 149 6.92 -52.19 -40.89
C ILE B 149 6.00 -51.09 -40.38
N SER B 150 5.22 -50.49 -41.28
CA SER B 150 4.37 -49.37 -40.89
C SER B 150 3.32 -49.78 -39.88
N ALA B 151 2.71 -50.95 -40.06
CA ALA B 151 1.64 -51.41 -39.19
C ALA B 151 2.17 -52.26 -38.03
N ASN B 152 3.17 -51.73 -37.32
CA ASN B 152 3.72 -52.36 -36.11
C ASN B 152 4.13 -53.81 -36.36
N SER B 153 4.89 -54.01 -37.44
CA SER B 153 5.44 -55.32 -37.79
C SER B 153 4.35 -56.38 -37.95
N ASP B 154 3.27 -56.01 -38.65
CA ASP B 154 2.19 -56.92 -38.96
C ASP B 154 2.32 -57.34 -40.43
N GLU B 155 2.54 -58.64 -40.65
CA GLU B 155 2.79 -59.11 -42.01
C GLU B 155 1.56 -59.00 -42.89
N THR B 156 0.37 -59.19 -42.31
CA THR B 156 -0.85 -59.21 -43.11
C THR B 156 -1.10 -57.89 -43.80
N VAL B 157 -0.95 -56.77 -43.09
CA VAL B 157 -1.25 -55.47 -43.67
C VAL B 157 -0.31 -55.18 -44.84
N GLY B 158 0.98 -55.44 -44.66
CA GLY B 158 1.92 -55.27 -45.75
C GLY B 158 1.62 -56.17 -46.92
N LYS B 159 1.21 -57.41 -46.64
CA LYS B 159 0.86 -58.34 -47.72
C LYS B 159 -0.29 -57.80 -48.54
N LEU B 160 -1.40 -57.42 -47.87
CA LEU B 160 -2.54 -56.86 -48.58
C LEU B 160 -2.17 -55.61 -49.38
N ILE B 161 -1.33 -54.74 -48.80
CA ILE B 161 -0.86 -53.60 -49.57
C ILE B 161 -0.13 -54.07 -50.82
N ALA B 162 0.64 -55.15 -50.70
CA ALA B 162 1.39 -55.67 -51.84
C ALA B 162 0.45 -56.12 -52.96
N GLU B 163 -0.53 -56.97 -52.66
CA GLU B 163 -1.35 -57.40 -53.81
C GLU B 163 -2.30 -56.29 -54.27
N ALA B 164 -2.64 -55.34 -53.40
CA ALA B 164 -3.44 -54.21 -53.85
C ALA B 164 -2.68 -53.37 -54.88
N MET B 165 -1.43 -53.00 -54.57
CA MET B 165 -0.65 -52.22 -55.51
C MET B 165 -0.25 -53.04 -56.73
N ASP B 166 -0.20 -54.36 -56.61
CA ASP B 166 0.01 -55.18 -57.81
C ASP B 166 -1.23 -55.19 -58.70
N LYS B 167 -2.42 -55.25 -58.09
CA LYS B 167 -3.66 -55.36 -58.86
C LYS B 167 -4.04 -54.05 -59.53
N VAL B 168 -3.93 -52.92 -58.82
CA VAL B 168 -4.36 -51.65 -59.38
C VAL B 168 -3.18 -50.83 -59.94
N GLY B 169 -1.96 -51.13 -59.53
CA GLY B 169 -0.82 -50.35 -59.95
C GLY B 169 -0.29 -49.46 -58.84
N LYS B 170 0.97 -49.05 -58.99
CA LYS B 170 1.62 -48.22 -57.97
C LYS B 170 0.92 -46.87 -57.84
N GLU B 171 0.52 -46.28 -58.96
CA GLU B 171 -0.17 -45.00 -58.98
C GLU B 171 -1.68 -45.12 -58.91
N GLY B 172 -2.21 -46.34 -58.77
CA GLY B 172 -3.64 -46.53 -58.73
C GLY B 172 -4.26 -46.03 -57.43
N VAL B 173 -5.58 -46.02 -57.42
CA VAL B 173 -6.35 -45.53 -56.27
C VAL B 173 -6.71 -46.72 -55.38
N ILE B 174 -6.37 -46.62 -54.10
CA ILE B 174 -6.65 -47.67 -53.11
C ILE B 174 -7.45 -47.05 -51.98
N THR B 175 -8.54 -47.70 -51.60
CA THR B 175 -9.41 -47.24 -50.52
C THR B 175 -9.63 -48.39 -49.54
N VAL B 176 -9.76 -48.04 -48.27
CA VAL B 176 -9.94 -49.02 -47.19
C VAL B 176 -11.36 -48.90 -46.66
N GLU B 177 -12.04 -50.04 -46.54
CA GLU B 177 -13.41 -50.09 -46.06
C GLU B 177 -13.56 -51.22 -45.06
N ASP B 178 -14.63 -51.15 -44.27
CA ASP B 178 -14.91 -52.18 -43.29
C ASP B 178 -15.29 -53.49 -43.98
N GLY B 179 -14.79 -54.60 -43.45
CA GLY B 179 -15.06 -55.91 -44.00
C GLY B 179 -16.18 -56.61 -43.24
N THR B 180 -17.07 -57.27 -43.99
CA THR B 180 -18.19 -57.97 -43.37
C THR B 180 -17.73 -59.19 -42.59
N GLY B 181 -16.88 -60.02 -43.21
CA GLY B 181 -16.42 -61.25 -42.59
C GLY B 181 -15.08 -61.09 -41.90
N LEU B 182 -14.56 -62.22 -41.41
CA LEU B 182 -13.27 -62.21 -40.74
C LEU B 182 -12.13 -62.02 -41.75
N GLN B 183 -12.19 -62.73 -42.87
CA GLN B 183 -11.12 -62.65 -43.84
C GLN B 183 -11.15 -61.30 -44.57
N ASP B 184 -9.96 -60.81 -44.91
CA ASP B 184 -9.85 -59.55 -45.63
C ASP B 184 -10.24 -59.74 -47.09
N GLU B 185 -10.92 -58.75 -47.64
CA GLU B 185 -11.43 -58.80 -49.01
C GLU B 185 -10.88 -57.64 -49.82
N LEU B 186 -10.41 -57.93 -51.03
CA LEU B 186 -9.90 -56.93 -51.95
C LEU B 186 -10.62 -57.07 -53.27
N ASP B 187 -11.12 -55.95 -53.79
CA ASP B 187 -11.85 -55.94 -55.05
C ASP B 187 -11.53 -54.66 -55.81
N VAL B 188 -11.71 -54.72 -57.14
CA VAL B 188 -11.48 -53.60 -58.03
C VAL B 188 -12.83 -53.13 -58.55
N VAL B 189 -13.13 -51.85 -58.38
CA VAL B 189 -14.39 -51.27 -58.81
C VAL B 189 -14.09 -50.10 -59.74
N GLU B 190 -15.11 -49.71 -60.51
CA GLU B 190 -14.98 -48.59 -61.44
C GLU B 190 -15.05 -47.28 -60.66
N GLY B 191 -14.01 -46.46 -60.77
CA GLY B 191 -13.99 -45.21 -60.06
C GLY B 191 -12.79 -44.38 -60.47
N MET B 192 -12.74 -43.16 -59.93
CA MET B 192 -11.69 -42.21 -60.26
C MET B 192 -11.54 -41.23 -59.11
N GLN B 193 -10.37 -40.57 -59.07
CA GLN B 193 -10.03 -39.69 -57.98
C GLN B 193 -9.28 -38.47 -58.50
N PHE B 194 -9.65 -37.29 -58.02
CA PHE B 194 -8.97 -36.05 -58.34
C PHE B 194 -8.55 -35.34 -57.07
N ASP B 195 -7.74 -34.29 -57.22
CA ASP B 195 -7.06 -33.66 -56.09
C ASP B 195 -7.86 -32.55 -55.44
N ARG B 196 -9.08 -32.28 -55.89
CA ARG B 196 -9.90 -31.27 -55.24
C ARG B 196 -10.44 -31.78 -53.90
N GLY B 197 -10.86 -30.84 -53.05
CA GLY B 197 -11.27 -31.17 -51.71
C GLY B 197 -12.48 -30.38 -51.27
N TYR B 198 -12.87 -30.62 -50.01
CA TYR B 198 -14.01 -29.93 -49.41
C TYR B 198 -13.74 -28.44 -49.26
N LEU B 199 -14.80 -27.66 -49.38
CA LEU B 199 -14.68 -26.20 -49.31
C LEU B 199 -14.29 -25.74 -47.91
N SER B 200 -15.01 -26.21 -46.89
CA SER B 200 -14.82 -25.77 -45.53
C SER B 200 -14.84 -26.97 -44.60
N PRO B 201 -14.11 -26.91 -43.47
CA PRO B 201 -14.08 -28.06 -42.56
C PRO B 201 -15.40 -28.37 -41.87
N TYR B 202 -16.43 -27.54 -42.05
CA TYR B 202 -17.72 -27.79 -41.42
C TYR B 202 -18.48 -28.96 -42.03
N PHE B 203 -18.01 -29.50 -43.15
CA PHE B 203 -18.63 -30.67 -43.75
C PHE B 203 -18.01 -31.98 -43.29
N ILE B 204 -17.01 -31.93 -42.40
CA ILE B 204 -16.27 -33.13 -42.03
C ILE B 204 -17.17 -34.08 -41.26
N ASN B 205 -17.40 -35.27 -41.81
CA ASN B 205 -18.25 -36.24 -41.15
C ASN B 205 -17.59 -36.83 -39.91
N LYS B 206 -16.33 -37.24 -40.04
CA LYS B 206 -15.60 -37.85 -38.93
C LYS B 206 -14.43 -36.97 -38.53
N PRO B 207 -14.49 -36.30 -37.39
CA PRO B 207 -13.35 -35.44 -36.98
C PRO B 207 -12.07 -36.20 -36.70
N GLU B 208 -12.13 -37.52 -36.50
CA GLU B 208 -10.93 -38.28 -36.17
C GLU B 208 -9.91 -38.21 -37.30
N THR B 209 -10.38 -38.32 -38.56
CA THR B 209 -9.49 -38.23 -39.70
C THR B 209 -9.59 -36.90 -40.44
N GLY B 210 -10.62 -36.11 -40.18
CA GLY B 210 -10.78 -34.85 -40.88
C GLY B 210 -11.22 -34.98 -42.32
N ALA B 211 -11.87 -36.08 -42.68
CA ALA B 211 -12.32 -36.32 -44.04
C ALA B 211 -13.82 -36.60 -44.05
N VAL B 212 -14.46 -36.24 -45.17
CA VAL B 212 -15.90 -36.41 -45.34
C VAL B 212 -16.16 -37.71 -46.08
N GLU B 213 -17.07 -38.52 -45.56
CA GLU B 213 -17.43 -39.80 -46.16
C GLU B 213 -18.95 -39.91 -46.24
N LEU B 214 -19.44 -40.41 -47.37
CA LEU B 214 -20.88 -40.56 -47.61
C LEU B 214 -21.16 -41.96 -48.13
N GLU B 215 -22.33 -42.49 -47.78
CA GLU B 215 -22.80 -43.78 -48.28
C GLU B 215 -23.87 -43.55 -49.33
N SER B 216 -23.61 -44.02 -50.55
CA SER B 216 -24.54 -43.89 -51.67
C SER B 216 -25.07 -42.47 -51.86
N PRO B 217 -24.20 -41.50 -52.16
CA PRO B 217 -24.66 -40.13 -52.33
C PRO B 217 -25.08 -39.81 -53.76
N PHE B 218 -25.73 -38.66 -53.90
CA PHE B 218 -26.14 -38.15 -55.20
C PHE B 218 -25.20 -37.02 -55.61
N ILE B 219 -24.77 -37.04 -56.87
CA ILE B 219 -23.75 -36.14 -57.38
C ILE B 219 -24.40 -35.09 -58.29
N LEU B 220 -24.11 -33.82 -58.03
CA LEU B 220 -24.50 -32.73 -58.91
C LEU B 220 -23.33 -32.34 -59.80
N LEU B 221 -23.59 -32.21 -61.09
CA LEU B 221 -22.55 -31.92 -62.08
C LEU B 221 -22.88 -30.60 -62.77
N ALA B 222 -22.14 -29.55 -62.43
CA ALA B 222 -22.37 -28.23 -62.98
C ALA B 222 -21.08 -27.67 -63.56
N ASP B 223 -21.18 -27.06 -64.73
CA ASP B 223 -20.06 -26.42 -65.40
C ASP B 223 -19.96 -24.93 -65.09
N LYS B 224 -20.82 -24.41 -64.22
CA LYS B 224 -20.83 -23.00 -63.87
C LYS B 224 -20.78 -22.86 -62.35
N LYS B 225 -20.34 -21.68 -61.91
CA LYS B 225 -20.20 -21.42 -60.48
C LYS B 225 -21.56 -21.40 -59.81
N ILE B 226 -21.67 -22.09 -58.68
CA ILE B 226 -22.89 -22.10 -57.88
C ILE B 226 -22.79 -20.97 -56.86
N SER B 227 -23.78 -20.07 -56.88
CA SER B 227 -23.74 -18.90 -56.00
C SER B 227 -25.01 -18.76 -55.19
N ASN B 228 -26.13 -19.21 -55.74
CA ASN B 228 -27.44 -19.04 -55.10
C ASN B 228 -27.99 -20.40 -54.69
N ILE B 229 -28.56 -20.44 -53.47
CA ILE B 229 -29.18 -21.68 -52.98
C ILE B 229 -30.40 -22.03 -53.81
N ARG B 230 -31.15 -21.01 -54.27
CA ARG B 230 -32.38 -21.26 -55.01
C ARG B 230 -32.15 -21.97 -56.34
N GLU B 231 -30.93 -21.91 -56.88
CA GLU B 231 -30.65 -22.61 -58.12
C GLU B 231 -30.80 -24.11 -57.97
N MET B 232 -30.28 -24.67 -56.87
CA MET B 232 -30.33 -26.10 -56.60
C MET B 232 -31.32 -26.46 -55.51
N LEU B 233 -32.15 -25.50 -55.07
CA LEU B 233 -33.12 -25.78 -54.02
C LEU B 233 -34.07 -26.92 -54.36
N PRO B 234 -34.68 -26.99 -55.56
CA PRO B 234 -35.52 -28.17 -55.86
C PRO B 234 -34.74 -29.48 -55.79
N VAL B 235 -33.49 -29.48 -56.25
CA VAL B 235 -32.68 -30.69 -56.17
C VAL B 235 -32.42 -31.07 -54.72
N LEU B 236 -32.12 -30.07 -53.88
CA LEU B 236 -31.90 -30.34 -52.46
C LEU B 236 -33.15 -30.90 -51.81
N GLU B 237 -34.32 -30.35 -52.15
CA GLU B 237 -35.57 -30.86 -51.61
C GLU B 237 -35.83 -32.29 -52.05
N ALA B 238 -35.58 -32.59 -53.32
CA ALA B 238 -35.77 -33.95 -53.82
C ALA B 238 -34.83 -34.94 -53.13
N VAL B 239 -33.58 -34.53 -52.93
CA VAL B 239 -32.61 -35.41 -52.27
C VAL B 239 -32.99 -35.61 -50.81
N ALA B 240 -33.44 -34.55 -50.14
CA ALA B 240 -33.87 -34.67 -48.75
C ALA B 240 -35.08 -35.60 -48.63
N LYS B 241 -36.01 -35.52 -49.59
CA LYS B 241 -37.10 -36.48 -49.63
C LYS B 241 -36.59 -37.89 -49.82
N ALA B 242 -35.60 -38.06 -50.71
CA ALA B 242 -34.95 -39.36 -50.87
C ALA B 242 -34.20 -39.76 -49.60
N GLY B 243 -33.51 -38.80 -48.97
CA GLY B 243 -32.78 -39.04 -47.76
C GLY B 243 -31.32 -39.42 -47.93
N LYS B 244 -30.89 -39.66 -49.16
CA LYS B 244 -29.50 -40.01 -49.42
C LYS B 244 -28.61 -38.78 -49.29
N PRO B 245 -27.30 -38.98 -49.07
CA PRO B 245 -26.38 -37.84 -49.05
C PRO B 245 -26.30 -37.18 -50.42
N LEU B 246 -25.89 -35.90 -50.40
CA LEU B 246 -25.80 -35.09 -51.60
C LEU B 246 -24.38 -34.59 -51.76
N LEU B 247 -23.91 -34.53 -53.01
CA LEU B 247 -22.58 -34.06 -53.33
C LEU B 247 -22.64 -33.10 -54.50
N ILE B 248 -21.82 -32.05 -54.45
CA ILE B 248 -21.76 -31.03 -55.50
C ILE B 248 -20.33 -30.87 -55.98
N ILE B 249 -20.15 -30.83 -57.29
CA ILE B 249 -18.89 -30.46 -57.92
C ILE B 249 -19.20 -29.46 -59.02
N ALA B 250 -18.54 -28.30 -58.98
CA ALA B 250 -18.77 -27.23 -59.94
C ALA B 250 -17.56 -26.30 -59.92
N GLU B 251 -17.64 -25.26 -60.75
CA GLU B 251 -16.52 -24.32 -60.88
C GLU B 251 -16.19 -23.67 -59.55
N ASP B 252 -17.21 -23.21 -58.83
CA ASP B 252 -17.02 -22.61 -57.52
C ASP B 252 -18.36 -22.54 -56.80
N VAL B 253 -18.32 -22.73 -55.48
CA VAL B 253 -19.50 -22.62 -54.63
C VAL B 253 -19.18 -21.62 -53.53
N GLU B 254 -19.94 -20.53 -53.50
CA GLU B 254 -19.70 -19.46 -52.53
C GLU B 254 -20.98 -18.66 -52.36
N GLY B 255 -21.01 -17.85 -51.30
CA GLY B 255 -22.12 -16.96 -51.06
C GLY B 255 -23.25 -17.57 -50.26
N GLU B 256 -24.49 -17.19 -50.61
CA GLU B 256 -25.65 -17.67 -49.87
C GLU B 256 -25.80 -19.19 -50.00
N ALA B 257 -25.42 -19.75 -51.15
CA ALA B 257 -25.48 -21.20 -51.33
C ALA B 257 -24.53 -21.90 -50.35
N LEU B 258 -23.29 -21.43 -50.27
CA LEU B 258 -22.33 -22.01 -49.34
C LEU B 258 -22.81 -21.86 -47.90
N ALA B 259 -23.32 -20.67 -47.56
CA ALA B 259 -23.80 -20.45 -46.20
C ALA B 259 -24.95 -21.37 -45.84
N THR B 260 -25.91 -21.53 -46.76
CA THR B 260 -27.05 -22.41 -46.50
C THR B 260 -26.62 -23.86 -46.37
N LEU B 261 -25.71 -24.32 -47.23
CA LEU B 261 -25.25 -25.69 -47.14
C LEU B 261 -24.47 -25.94 -45.84
N VAL B 262 -23.62 -24.99 -45.43
CA VAL B 262 -22.89 -25.16 -44.18
C VAL B 262 -23.85 -25.19 -43.00
N VAL B 263 -24.86 -24.31 -43.01
CA VAL B 263 -25.83 -24.28 -41.92
C VAL B 263 -26.61 -25.58 -41.86
N ASN B 264 -27.04 -26.09 -43.02
CA ASN B 264 -27.80 -27.33 -43.05
C ASN B 264 -26.95 -28.51 -42.57
N THR B 265 -25.69 -28.57 -43.00
CA THR B 265 -24.82 -29.67 -42.58
C THR B 265 -24.55 -29.62 -41.09
N MET B 266 -24.31 -28.42 -40.55
CA MET B 266 -24.05 -28.29 -39.11
C MET B 266 -25.30 -28.64 -38.30
N ARG B 267 -26.48 -28.22 -38.79
CA ARG B 267 -27.73 -28.63 -38.15
C ARG B 267 -28.00 -30.12 -38.34
N GLY B 268 -27.50 -30.72 -39.42
CA GLY B 268 -27.63 -32.14 -39.64
C GLY B 268 -28.87 -32.57 -40.40
N ILE B 269 -29.78 -31.65 -40.72
CA ILE B 269 -30.99 -32.03 -41.43
C ILE B 269 -30.66 -32.56 -42.83
N VAL B 270 -29.68 -31.94 -43.50
CA VAL B 270 -29.22 -32.39 -44.81
C VAL B 270 -27.70 -32.51 -44.76
N LYS B 271 -27.19 -33.69 -45.11
CA LYS B 271 -25.75 -33.93 -45.15
C LYS B 271 -25.28 -33.81 -46.59
N VAL B 272 -24.37 -32.86 -46.84
CA VAL B 272 -23.89 -32.54 -48.18
C VAL B 272 -22.38 -32.37 -48.13
N ALA B 273 -21.70 -32.85 -49.16
CA ALA B 273 -20.26 -32.63 -49.34
C ALA B 273 -20.05 -31.70 -50.54
N ALA B 274 -19.21 -30.70 -50.35
CA ALA B 274 -18.96 -29.67 -51.37
C ALA B 274 -17.53 -29.77 -51.86
N VAL B 275 -17.37 -29.92 -53.18
CA VAL B 275 -16.06 -30.05 -53.80
C VAL B 275 -16.02 -29.16 -55.04
N LYS B 276 -14.89 -28.51 -55.27
CA LYS B 276 -14.70 -27.73 -56.48
C LYS B 276 -14.41 -28.65 -57.67
N ALA B 277 -14.71 -28.14 -58.87
CA ALA B 277 -14.45 -28.92 -60.08
C ALA B 277 -12.95 -29.06 -60.31
N PRO B 278 -12.50 -30.20 -60.82
CA PRO B 278 -11.07 -30.38 -61.10
C PRO B 278 -10.67 -29.77 -62.43
N GLY B 279 -9.48 -29.18 -62.46
CA GLY B 279 -8.96 -28.57 -63.66
C GLY B 279 -9.56 -27.20 -63.93
N PHE B 280 -9.22 -26.68 -65.10
CA PHE B 280 -9.71 -25.37 -65.52
C PHE B 280 -9.79 -25.34 -67.05
N GLY B 281 -10.58 -24.40 -67.56
CA GLY B 281 -10.77 -24.31 -69.00
C GLY B 281 -11.54 -25.50 -69.52
N ASP B 282 -11.21 -25.92 -70.75
CA ASP B 282 -11.83 -27.11 -71.33
C ASP B 282 -11.53 -28.37 -70.52
N ARG B 283 -10.42 -28.37 -69.77
CA ARG B 283 -10.07 -29.54 -68.97
C ARG B 283 -11.11 -29.83 -67.91
N ARG B 284 -11.64 -28.78 -67.26
CA ARG B 284 -12.67 -29.00 -66.25
C ARG B 284 -13.95 -29.54 -66.88
N LYS B 285 -14.31 -29.07 -68.08
CA LYS B 285 -15.47 -29.60 -68.77
C LYS B 285 -15.27 -31.08 -69.11
N ALA B 286 -14.06 -31.43 -69.57
CA ALA B 286 -13.77 -32.83 -69.87
C ALA B 286 -13.85 -33.69 -68.62
N MET B 287 -13.35 -33.18 -67.49
CA MET B 287 -13.37 -33.95 -66.25
C MET B 287 -14.79 -34.12 -65.72
N LEU B 288 -15.62 -33.07 -65.82
CA LEU B 288 -17.02 -33.21 -65.45
C LEU B 288 -17.74 -34.20 -66.35
N GLN B 289 -17.43 -34.19 -67.65
CA GLN B 289 -18.02 -35.19 -68.55
C GLN B 289 -17.57 -36.59 -68.17
N ASP B 290 -16.31 -36.74 -67.78
CA ASP B 290 -15.81 -38.04 -67.30
C ASP B 290 -16.58 -38.49 -66.07
N ILE B 291 -16.81 -37.58 -65.12
CA ILE B 291 -17.56 -37.93 -63.91
C ILE B 291 -18.98 -38.34 -64.28
N ALA B 292 -19.61 -37.60 -65.20
CA ALA B 292 -20.96 -37.95 -65.64
C ALA B 292 -20.99 -39.34 -66.27
N THR B 293 -20.01 -39.65 -67.11
CA THR B 293 -19.95 -40.96 -67.74
C THR B 293 -19.75 -42.06 -66.70
N LEU B 294 -18.88 -41.83 -65.71
CA LEU B 294 -18.62 -42.84 -64.70
C LEU B 294 -19.83 -43.09 -63.83
N THR B 295 -20.45 -42.03 -63.30
CA THR B 295 -21.55 -42.16 -62.36
C THR B 295 -22.91 -42.18 -63.04
N GLY B 296 -22.96 -42.07 -64.36
CA GLY B 296 -24.24 -42.07 -65.06
C GLY B 296 -25.03 -40.79 -64.95
N GLY B 297 -24.45 -39.72 -64.39
CA GLY B 297 -25.14 -38.48 -64.21
C GLY B 297 -25.11 -37.61 -65.45
N THR B 298 -25.62 -36.39 -65.29
CA THR B 298 -25.67 -35.41 -66.36
C THR B 298 -25.06 -34.10 -65.88
N VAL B 299 -24.28 -33.47 -66.74
CA VAL B 299 -23.62 -32.21 -66.42
C VAL B 299 -24.60 -31.07 -66.68
N ILE B 300 -24.86 -30.27 -65.66
CA ILE B 300 -25.79 -29.14 -65.76
C ILE B 300 -24.97 -27.93 -66.20
N SER B 301 -24.83 -27.78 -67.51
CA SER B 301 -24.10 -26.66 -68.10
C SER B 301 -25.09 -25.70 -68.74
N GLU B 302 -24.88 -24.40 -68.51
CA GLU B 302 -25.81 -23.40 -69.02
C GLU B 302 -25.83 -23.39 -70.55
N GLU B 303 -24.66 -23.54 -71.18
CA GLU B 303 -24.59 -23.45 -72.63
C GLU B 303 -25.35 -24.58 -73.31
N ILE B 304 -25.37 -25.77 -72.71
CA ILE B 304 -26.12 -26.88 -73.30
C ILE B 304 -27.62 -26.59 -73.26
N GLY B 305 -28.11 -26.08 -72.13
CA GLY B 305 -29.51 -25.70 -72.04
C GLY B 305 -30.22 -26.04 -70.74
N MET B 306 -29.81 -27.14 -70.09
CA MET B 306 -30.48 -27.54 -68.87
C MET B 306 -30.10 -26.62 -67.71
N GLU B 307 -30.97 -26.59 -66.70
CA GLU B 307 -30.80 -25.73 -65.54
C GLU B 307 -30.92 -26.57 -64.28
N LEU B 308 -30.21 -26.14 -63.22
CA LEU B 308 -30.24 -26.87 -61.95
C LEU B 308 -31.66 -27.03 -61.42
N GLU B 309 -32.54 -26.06 -61.68
CA GLU B 309 -33.93 -26.21 -61.29
C GLU B 309 -34.59 -27.37 -62.03
N LYS B 310 -34.28 -27.54 -63.31
CA LYS B 310 -34.83 -28.63 -64.11
C LYS B 310 -34.16 -29.97 -63.82
N ALA B 311 -33.04 -29.99 -63.10
CA ALA B 311 -32.36 -31.24 -62.81
C ALA B 311 -33.21 -32.11 -61.88
N THR B 312 -33.28 -33.39 -62.21
CA THR B 312 -34.05 -34.36 -61.45
C THR B 312 -33.11 -35.41 -60.86
N LEU B 313 -33.69 -36.32 -60.06
CA LEU B 313 -32.88 -37.32 -59.36
C LEU B 313 -32.20 -38.27 -60.35
N GLU B 314 -32.89 -38.64 -61.42
CA GLU B 314 -32.31 -39.58 -62.39
C GLU B 314 -31.09 -38.99 -63.08
N ASP B 315 -31.08 -37.69 -63.34
CA ASP B 315 -29.93 -37.04 -63.96
C ASP B 315 -28.73 -36.96 -63.01
N LEU B 316 -28.92 -37.25 -61.73
CA LEU B 316 -27.85 -37.07 -60.76
C LEU B 316 -26.92 -38.28 -60.74
N GLY B 317 -25.63 -38.02 -60.60
CA GLY B 317 -24.67 -39.10 -60.48
C GLY B 317 -24.84 -39.84 -59.16
N GLN B 318 -24.59 -41.14 -59.20
CA GLN B 318 -24.73 -42.01 -58.04
C GLN B 318 -23.50 -42.88 -57.91
N ALA B 319 -22.95 -42.94 -56.70
CA ALA B 319 -21.76 -43.74 -56.41
C ALA B 319 -22.01 -44.55 -55.15
N LYS B 320 -21.35 -45.71 -55.06
CA LYS B 320 -21.50 -46.56 -53.89
C LYS B 320 -20.97 -45.87 -52.65
N ARG B 321 -19.83 -45.19 -52.75
CA ARG B 321 -19.23 -44.51 -51.62
C ARG B 321 -18.25 -43.46 -52.13
N VAL B 322 -18.20 -42.32 -51.46
CA VAL B 322 -17.27 -41.25 -51.81
C VAL B 322 -16.50 -40.83 -50.56
N VAL B 323 -15.29 -40.32 -50.78
CA VAL B 323 -14.43 -39.83 -49.70
C VAL B 323 -13.96 -38.44 -50.10
N ILE B 324 -14.13 -37.47 -49.20
CA ILE B 324 -13.75 -36.08 -49.43
C ILE B 324 -12.67 -35.72 -48.43
N ASN B 325 -11.54 -35.23 -48.94
CA ASN B 325 -10.44 -34.77 -48.09
C ASN B 325 -9.81 -33.55 -48.73
N LYS B 326 -9.16 -32.73 -47.90
CA LYS B 326 -8.60 -31.47 -48.37
C LYS B 326 -7.51 -31.68 -49.42
N ASP B 327 -6.89 -32.85 -49.48
CA ASP B 327 -5.85 -33.11 -50.45
C ASP B 327 -6.34 -33.76 -51.73
N THR B 328 -7.42 -34.54 -51.66
CA THR B 328 -7.94 -35.22 -52.84
C THR B 328 -9.38 -35.66 -52.58
N THR B 329 -10.08 -35.99 -53.67
CA THR B 329 -11.45 -36.48 -53.64
C THR B 329 -11.51 -37.81 -54.39
N THR B 330 -12.13 -38.82 -53.77
CA THR B 330 -12.17 -40.16 -54.32
C THR B 330 -13.62 -40.59 -54.52
N ILE B 331 -13.91 -41.13 -55.70
CA ILE B 331 -15.21 -41.70 -56.02
C ILE B 331 -15.03 -43.21 -56.15
N ILE B 332 -15.74 -43.97 -55.31
CA ILE B 332 -15.56 -45.42 -55.22
C ILE B 332 -16.82 -46.09 -55.75
N ASP B 333 -16.63 -46.95 -56.76
CA ASP B 333 -17.69 -47.81 -57.28
C ASP B 333 -18.92 -47.00 -57.72
N GLY B 334 -18.68 -45.96 -58.51
CA GLY B 334 -19.77 -45.21 -59.09
C GLY B 334 -20.62 -46.06 -60.02
N VAL B 335 -21.92 -46.14 -59.74
CA VAL B 335 -22.78 -46.99 -60.55
C VAL B 335 -22.99 -46.37 -61.93
N GLY B 336 -22.98 -47.23 -62.95
CA GLY B 336 -23.11 -46.81 -64.33
C GLY B 336 -22.85 -47.96 -65.27
N GLU B 337 -23.41 -47.89 -66.49
CA GLU B 337 -23.26 -48.98 -67.44
C GLU B 337 -21.82 -49.07 -67.93
N GLU B 338 -21.32 -50.30 -68.04
CA GLU B 338 -19.94 -50.58 -68.44
C GLU B 338 -19.69 -50.22 -69.91
N ALA B 339 -20.72 -50.32 -70.75
CA ALA B 339 -20.56 -49.97 -72.15
C ALA B 339 -20.24 -48.49 -72.32
N ALA B 340 -20.82 -47.64 -71.47
CA ALA B 340 -20.48 -46.22 -71.50
C ALA B 340 -19.03 -46.00 -71.11
N ILE B 341 -18.54 -46.75 -70.12
CA ILE B 341 -17.14 -46.60 -69.70
C ILE B 341 -16.20 -46.98 -70.83
N GLN B 342 -16.50 -48.07 -71.52
CA GLN B 342 -15.67 -48.45 -72.67
C GLN B 342 -15.79 -47.46 -73.82
N GLY B 343 -16.99 -46.93 -74.06
CA GLY B 343 -17.13 -45.91 -75.10
C GLY B 343 -16.32 -44.67 -74.80
N ARG B 344 -16.37 -44.21 -73.55
CA ARG B 344 -15.60 -43.04 -73.15
C ARG B 344 -14.09 -43.29 -73.26
N VAL B 345 -13.63 -44.46 -72.82
CA VAL B 345 -12.20 -44.72 -72.91
C VAL B 345 -11.76 -44.84 -74.37
N ALA B 346 -12.60 -45.40 -75.23
CA ALA B 346 -12.29 -45.44 -76.65
C ALA B 346 -12.22 -44.04 -77.24
N GLN B 347 -13.13 -43.16 -76.84
CA GLN B 347 -13.07 -41.77 -77.29
C GLN B 347 -11.78 -41.10 -76.83
N ILE B 348 -11.42 -41.29 -75.57
CA ILE B 348 -10.22 -40.65 -75.05
C ILE B 348 -8.99 -41.20 -75.74
N ARG B 349 -8.97 -42.51 -76.03
CA ARG B 349 -7.85 -43.08 -76.77
C ARG B 349 -7.77 -42.54 -78.19
N GLN B 350 -8.91 -42.32 -78.86
CA GLN B 350 -8.79 -41.73 -80.19
C GLN B 350 -8.31 -40.29 -80.12
N GLN B 351 -8.66 -39.56 -79.05
CA GLN B 351 -7.95 -38.30 -78.80
C GLN B 351 -6.45 -38.54 -78.59
N ILE B 352 -6.07 -39.68 -78.01
CA ILE B 352 -4.65 -39.97 -77.83
C ILE B 352 -3.93 -40.03 -79.17
N GLU B 353 -4.46 -40.79 -80.14
CA GLU B 353 -3.69 -40.87 -81.39
C GLU B 353 -3.85 -39.59 -82.22
N GLU B 354 -4.97 -38.89 -82.10
CA GLU B 354 -5.06 -37.64 -82.86
C GLU B 354 -4.34 -36.48 -82.19
N ALA B 355 -3.90 -36.65 -80.95
CA ALA B 355 -3.15 -35.60 -80.26
C ALA B 355 -1.79 -35.40 -80.93
N THR B 356 -1.36 -34.13 -80.99
CA THR B 356 -0.10 -33.77 -81.63
C THR B 356 0.93 -33.25 -80.64
N SER B 357 0.58 -32.23 -79.85
CA SER B 357 1.54 -31.65 -78.92
C SER B 357 1.79 -32.61 -77.75
N ASP B 358 3.01 -32.53 -77.22
CA ASP B 358 3.42 -33.45 -76.16
C ASP B 358 2.59 -33.25 -74.89
N TYR B 359 2.33 -32.00 -74.51
CA TYR B 359 1.63 -31.74 -73.26
C TYR B 359 0.18 -32.17 -73.33
N ASP B 360 -0.50 -31.90 -74.45
CA ASP B 360 -1.87 -32.33 -74.59
C ASP B 360 -1.98 -33.85 -74.59
N ARG B 361 -1.05 -34.53 -75.27
CA ARG B 361 -1.04 -35.98 -75.26
C ARG B 361 -0.81 -36.52 -73.86
N GLU B 362 0.13 -35.91 -73.11
CA GLU B 362 0.38 -36.35 -71.74
C GLU B 362 -0.83 -36.14 -70.84
N LYS B 363 -1.51 -35.00 -70.99
CA LYS B 363 -2.70 -34.73 -70.19
C LYS B 363 -3.82 -35.72 -70.51
N LEU B 364 -4.03 -36.00 -71.79
CA LEU B 364 -5.06 -36.97 -72.17
C LEU B 364 -4.69 -38.38 -71.70
N GLN B 365 -3.41 -38.72 -71.74
CA GLN B 365 -2.96 -40.01 -71.22
C GLN B 365 -3.21 -40.12 -69.72
N GLU B 366 -2.92 -39.05 -68.98
CA GLU B 366 -3.22 -39.04 -67.55
C GLU B 366 -4.72 -39.19 -67.30
N ARG B 367 -5.53 -38.49 -68.10
CA ARG B 367 -6.98 -38.58 -67.93
C ARG B 367 -7.47 -40.00 -68.18
N VAL B 368 -7.01 -40.63 -69.26
CA VAL B 368 -7.47 -41.99 -69.56
C VAL B 368 -6.96 -42.97 -68.51
N ALA B 369 -5.73 -42.79 -68.03
CA ALA B 369 -5.20 -43.67 -67.01
C ALA B 369 -6.01 -43.57 -65.71
N LYS B 370 -6.30 -42.35 -65.27
CA LYS B 370 -7.03 -42.18 -64.02
C LYS B 370 -8.52 -42.44 -64.18
N LEU B 371 -9.02 -42.54 -65.42
CA LEU B 371 -10.40 -42.93 -65.64
C LEU B 371 -10.57 -44.45 -65.72
N ALA B 372 -9.65 -45.14 -66.39
CA ALA B 372 -9.77 -46.58 -66.59
C ALA B 372 -9.01 -47.40 -65.56
N GLY B 373 -8.25 -46.76 -64.67
CA GLY B 373 -7.51 -47.52 -63.66
C GLY B 373 -8.43 -48.20 -62.66
N GLY B 374 -9.52 -47.55 -62.29
CA GLY B 374 -10.42 -48.08 -61.30
C GLY B 374 -9.94 -47.79 -59.88
N VAL B 375 -10.73 -48.27 -58.92
CA VAL B 375 -10.44 -48.08 -57.50
C VAL B 375 -10.32 -49.45 -56.86
N ALA B 376 -9.19 -49.68 -56.17
CA ALA B 376 -8.97 -50.91 -55.43
C ALA B 376 -9.49 -50.75 -54.01
N VAL B 377 -10.48 -51.55 -53.64
CA VAL B 377 -11.13 -51.46 -52.34
C VAL B 377 -10.60 -52.56 -51.45
N ILE B 378 -10.10 -52.19 -50.27
CA ILE B 378 -9.59 -53.14 -49.29
C ILE B 378 -10.61 -53.21 -48.16
N LYS B 379 -11.23 -54.38 -47.99
CA LYS B 379 -12.22 -54.60 -46.95
C LYS B 379 -11.53 -55.35 -45.80
N VAL B 380 -11.20 -54.61 -44.75
CA VAL B 380 -10.46 -55.17 -43.63
C VAL B 380 -11.43 -55.90 -42.69
N GLY B 381 -11.15 -57.16 -42.42
CA GLY B 381 -11.98 -57.96 -41.54
C GLY B 381 -11.26 -58.38 -40.27
N ALA B 382 -12.03 -58.64 -39.22
CA ALA B 382 -11.46 -59.04 -37.93
C ALA B 382 -12.54 -59.80 -37.16
N ALA B 383 -12.18 -60.22 -35.94
CA ALA B 383 -13.12 -60.98 -35.13
C ALA B 383 -14.23 -60.10 -34.56
N THR B 384 -13.88 -58.90 -34.10
CA THR B 384 -14.86 -57.98 -33.53
C THR B 384 -14.73 -56.61 -34.20
N GLU B 385 -15.65 -55.72 -33.85
CA GLU B 385 -15.76 -54.44 -34.54
C GLU B 385 -14.66 -53.47 -34.12
N VAL B 386 -14.31 -53.43 -32.83
CA VAL B 386 -13.34 -52.45 -32.36
C VAL B 386 -11.95 -52.75 -32.92
N GLU B 387 -11.53 -54.02 -32.89
CA GLU B 387 -10.25 -54.35 -33.49
C GLU B 387 -10.31 -54.28 -35.01
N MET B 388 -11.49 -54.44 -35.61
CA MET B 388 -11.62 -54.18 -37.03
C MET B 388 -11.34 -52.71 -37.36
N LYS B 389 -11.86 -51.80 -36.54
CA LYS B 389 -11.57 -50.38 -36.74
C LYS B 389 -10.08 -50.09 -36.53
N GLU B 390 -9.49 -50.70 -35.49
CA GLU B 390 -8.06 -50.53 -35.26
C GLU B 390 -7.23 -51.04 -36.43
N LYS B 391 -7.60 -52.20 -36.98
CA LYS B 391 -6.90 -52.75 -38.12
C LYS B 391 -7.09 -51.88 -39.36
N LYS B 392 -8.28 -51.30 -39.52
CA LYS B 392 -8.52 -50.39 -40.65
C LYS B 392 -7.63 -49.15 -40.54
N ALA B 393 -7.51 -48.58 -39.34
CA ALA B 393 -6.62 -47.44 -39.14
C ALA B 393 -5.18 -47.82 -39.42
N ARG B 394 -4.74 -48.98 -38.94
CA ARG B 394 -3.38 -49.43 -39.23
C ARG B 394 -3.17 -49.63 -40.72
N VAL B 395 -4.17 -50.19 -41.42
CA VAL B 395 -4.06 -50.43 -42.84
C VAL B 395 -3.95 -49.13 -43.61
N GLU B 396 -4.76 -48.12 -43.24
CA GLU B 396 -4.69 -46.84 -43.96
C GLU B 396 -3.37 -46.13 -43.68
N ASP B 397 -2.87 -46.21 -42.44
CA ASP B 397 -1.56 -45.62 -42.14
C ASP B 397 -0.46 -46.29 -42.95
N ALA B 398 -0.47 -47.63 -43.00
CA ALA B 398 0.51 -48.35 -43.78
C ALA B 398 0.37 -48.07 -45.27
N LEU B 399 -0.86 -47.89 -45.75
CA LEU B 399 -1.07 -47.53 -47.15
C LEU B 399 -0.45 -46.19 -47.48
N HIS B 400 -0.64 -45.19 -46.61
CA HIS B 400 -0.02 -43.89 -46.83
C HIS B 400 1.49 -43.99 -46.81
N ALA B 401 2.04 -44.71 -45.83
CA ALA B 401 3.49 -44.85 -45.73
C ALA B 401 4.07 -45.56 -46.94
N THR B 402 3.42 -46.63 -47.40
CA THR B 402 3.91 -47.37 -48.55
C THR B 402 3.74 -46.56 -49.84
N ARG B 403 2.69 -45.75 -49.94
CA ARG B 403 2.57 -44.85 -51.08
C ARG B 403 3.73 -43.87 -51.12
N ALA B 404 4.08 -43.28 -49.96
CA ALA B 404 5.23 -42.40 -49.92
C ALA B 404 6.51 -43.14 -50.29
N ALA B 405 6.65 -44.39 -49.80
CA ALA B 405 7.84 -45.17 -50.09
C ALA B 405 7.98 -45.44 -51.59
N VAL B 406 6.92 -45.93 -52.24
CA VAL B 406 6.98 -46.16 -53.67
C VAL B 406 7.12 -44.86 -54.44
N GLU B 407 6.71 -43.73 -53.85
CA GLU B 407 6.91 -42.45 -54.51
C GLU B 407 8.39 -42.06 -54.53
N GLU B 408 9.07 -42.18 -53.38
CA GLU B 408 10.44 -41.66 -53.30
C GLU B 408 11.42 -42.61 -52.61
N GLY B 409 11.08 -43.88 -52.47
CA GLY B 409 11.98 -44.82 -51.83
C GLY B 409 11.96 -44.69 -50.31
N VAL B 410 12.86 -45.42 -49.68
CA VAL B 410 13.01 -45.41 -48.22
C VAL B 410 14.47 -45.20 -47.87
N VAL B 411 14.69 -44.64 -46.67
CA VAL B 411 16.03 -44.42 -46.14
C VAL B 411 16.10 -45.03 -44.75
N ALA B 412 17.29 -45.00 -44.17
CA ALA B 412 17.52 -45.54 -42.83
C ALA B 412 16.74 -44.71 -41.82
N GLY B 413 15.71 -45.31 -41.23
CA GLY B 413 14.83 -44.60 -40.32
C GLY B 413 15.44 -44.38 -38.95
N GLY B 414 14.60 -43.91 -38.04
CA GLY B 414 15.05 -43.59 -36.70
C GLY B 414 15.82 -42.29 -36.58
N GLY B 415 15.74 -41.42 -37.59
CA GLY B 415 16.44 -40.16 -37.56
C GLY B 415 17.92 -40.22 -37.90
N VAL B 416 18.40 -41.36 -38.42
CA VAL B 416 19.82 -41.48 -38.75
C VAL B 416 20.12 -41.11 -40.20
N ALA B 417 19.10 -41.01 -41.06
CA ALA B 417 19.34 -40.52 -42.41
C ALA B 417 19.86 -39.09 -42.37
N LEU B 418 19.28 -38.25 -41.51
CA LEU B 418 19.72 -36.86 -41.40
C LEU B 418 21.16 -36.76 -40.88
N ILE B 419 21.52 -37.58 -39.88
CA ILE B 419 22.88 -37.52 -39.36
C ILE B 419 23.88 -38.06 -40.38
N ARG B 420 23.49 -39.09 -41.14
CA ARG B 420 24.36 -39.56 -42.22
C ARG B 420 24.57 -38.48 -43.26
N VAL B 421 23.49 -37.78 -43.64
CA VAL B 421 23.58 -36.71 -44.62
C VAL B 421 24.48 -35.59 -44.10
N ALA B 422 24.33 -35.23 -42.83
CA ALA B 422 25.18 -34.19 -42.25
C ALA B 422 26.64 -34.61 -42.23
N SER B 423 26.91 -35.88 -41.92
CA SER B 423 28.28 -36.37 -41.97
C SER B 423 28.85 -36.27 -43.37
N LYS B 424 28.03 -36.59 -44.38
CA LYS B 424 28.49 -36.45 -45.76
C LYS B 424 28.73 -35.00 -46.13
N LEU B 425 27.89 -34.09 -45.65
CA LEU B 425 27.92 -32.69 -46.05
C LEU B 425 28.82 -31.83 -45.18
N ALA B 426 29.47 -32.41 -44.17
CA ALA B 426 30.33 -31.66 -43.26
C ALA B 426 31.40 -30.81 -43.96
N ASP B 427 31.64 -31.07 -45.25
CA ASP B 427 32.64 -30.36 -46.02
C ASP B 427 32.06 -29.24 -46.88
N LEU B 428 30.79 -28.88 -46.68
CA LEU B 428 30.17 -27.84 -47.49
C LEU B 428 30.71 -26.47 -47.13
N ARG B 429 30.64 -25.55 -48.09
CA ARG B 429 31.11 -24.19 -47.92
C ARG B 429 30.21 -23.23 -48.68
N GLY B 430 30.26 -21.96 -48.28
CA GLY B 430 29.45 -20.94 -48.91
C GLY B 430 30.30 -19.75 -49.34
N GLN B 431 29.64 -18.81 -50.03
CA GLN B 431 30.34 -17.62 -50.51
C GLN B 431 30.83 -16.75 -49.36
N ASN B 432 30.01 -16.58 -48.32
CA ASN B 432 30.32 -15.72 -47.20
C ASN B 432 30.37 -16.53 -45.92
N GLU B 433 31.10 -16.02 -44.93
CA GLU B 433 31.24 -16.71 -43.65
C GLU B 433 29.89 -16.89 -42.96
N ASP B 434 28.97 -15.95 -43.15
CA ASP B 434 27.63 -16.11 -42.60
C ASP B 434 26.91 -17.30 -43.23
N GLN B 435 27.12 -17.52 -44.53
CA GLN B 435 26.56 -18.69 -45.19
C GLN B 435 27.16 -19.97 -44.62
N ASN B 436 28.47 -19.95 -44.31
CA ASN B 436 29.09 -21.11 -43.67
C ASN B 436 28.49 -21.36 -42.29
N VAL B 437 28.24 -20.30 -41.54
CA VAL B 437 27.59 -20.44 -40.23
C VAL B 437 26.20 -21.04 -40.38
N GLY B 438 25.45 -20.58 -41.39
CA GLY B 438 24.14 -21.16 -41.65
C GLY B 438 24.22 -22.63 -42.02
N ILE B 439 25.21 -23.00 -42.83
CA ILE B 439 25.39 -24.40 -43.20
C ILE B 439 25.68 -25.25 -41.97
N LYS B 440 26.56 -24.76 -41.09
CA LYS B 440 26.83 -25.48 -39.85
C LYS B 440 25.58 -25.59 -38.98
N VAL B 441 24.78 -24.53 -38.95
CA VAL B 441 23.52 -24.54 -38.22
C VAL B 441 22.60 -25.64 -38.75
N ALA B 442 22.49 -25.73 -40.08
CA ALA B 442 21.65 -26.75 -40.69
C ALA B 442 22.18 -28.15 -40.37
N LEU B 443 23.50 -28.32 -40.40
CA LEU B 443 24.09 -29.62 -40.07
C LEU B 443 23.75 -30.02 -38.64
N ARG B 444 23.96 -29.12 -37.68
CA ARG B 444 23.65 -29.43 -36.29
C ARG B 444 22.17 -29.69 -36.09
N ALA B 445 21.32 -28.94 -36.80
CA ALA B 445 19.88 -29.16 -36.71
C ALA B 445 19.49 -30.54 -37.20
N MET B 446 20.09 -30.98 -38.32
CA MET B 446 19.84 -32.33 -38.80
C MET B 446 20.41 -33.37 -37.84
N GLU B 447 21.46 -33.03 -37.11
CA GLU B 447 21.95 -33.91 -36.05
C GLU B 447 20.92 -34.05 -34.94
N ALA B 448 20.21 -32.97 -34.63
CA ALA B 448 19.36 -32.89 -33.43
C ALA B 448 18.32 -34.00 -33.29
N PRO B 449 17.54 -34.37 -34.33
CA PRO B 449 16.44 -35.33 -34.08
C PRO B 449 16.89 -36.67 -33.51
N LEU B 450 18.02 -37.21 -33.97
CA LEU B 450 18.52 -38.46 -33.40
C LEU B 450 18.91 -38.27 -31.94
N ARG B 451 19.49 -37.11 -31.61
CA ARG B 451 19.81 -36.81 -30.22
C ARG B 451 18.55 -36.77 -29.37
N GLN B 452 17.48 -36.16 -29.88
CA GLN B 452 16.22 -36.13 -29.14
C GLN B 452 15.64 -37.53 -28.96
N ILE B 453 15.72 -38.35 -29.99
CA ILE B 453 15.20 -39.72 -29.89
C ILE B 453 15.95 -40.50 -28.82
N VAL B 454 17.29 -40.43 -28.84
CA VAL B 454 18.07 -41.19 -27.88
C VAL B 454 18.03 -40.56 -26.50
N LEU B 455 17.66 -39.28 -26.39
CA LEU B 455 17.41 -38.69 -25.08
C LEU B 455 16.09 -39.18 -24.50
N ASN B 456 15.07 -39.29 -25.35
CA ASN B 456 13.83 -39.93 -24.92
C ASN B 456 14.08 -41.39 -24.53
N CYS B 457 15.04 -42.05 -25.18
CA CYS B 457 15.44 -43.38 -24.77
C CYS B 457 16.21 -43.40 -23.46
N GLY B 458 16.62 -42.24 -22.94
CA GLY B 458 17.35 -42.16 -21.69
C GLY B 458 18.85 -42.31 -21.82
N GLU B 459 19.36 -42.54 -23.02
CA GLU B 459 20.80 -42.67 -23.22
C GLU B 459 21.43 -41.30 -23.48
N GLU B 460 22.76 -41.27 -23.45
CA GLU B 460 23.48 -40.03 -23.69
C GLU B 460 23.43 -39.68 -25.18
N PRO B 461 23.01 -38.47 -25.53
CA PRO B 461 22.82 -38.16 -26.97
C PRO B 461 24.12 -38.01 -27.73
N SER B 462 25.12 -37.33 -27.15
CA SER B 462 26.33 -37.01 -27.90
C SER B 462 27.09 -38.28 -28.30
N VAL B 463 27.19 -39.24 -27.37
CA VAL B 463 27.94 -40.47 -27.66
C VAL B 463 27.28 -41.25 -28.78
N VAL B 464 25.95 -41.38 -28.72
CA VAL B 464 25.23 -42.10 -29.78
C VAL B 464 25.37 -41.39 -31.11
N ALA B 465 25.25 -40.06 -31.10
CA ALA B 465 25.37 -39.30 -32.34
C ALA B 465 26.75 -39.46 -32.96
N ASN B 466 27.79 -39.39 -32.14
CA ASN B 466 29.16 -39.53 -32.67
C ASN B 466 29.42 -40.95 -33.15
N THR B 467 28.89 -41.96 -32.44
CA THR B 467 29.08 -43.34 -32.86
C THR B 467 28.38 -43.59 -34.20
N VAL B 468 27.17 -43.05 -34.38
CA VAL B 468 26.49 -43.19 -35.66
C VAL B 468 27.23 -42.43 -36.76
N LYS B 469 27.76 -41.25 -36.42
CA LYS B 469 28.55 -40.49 -37.39
C LYS B 469 29.79 -41.26 -37.83
N GLY B 470 30.38 -42.04 -36.93
CA GLY B 470 31.54 -42.84 -37.28
C GLY B 470 31.25 -43.88 -38.35
N GLY B 471 30.04 -44.43 -38.34
CA GLY B 471 29.65 -45.45 -39.29
C GLY B 471 29.38 -44.86 -40.67
N ASP B 472 29.00 -45.76 -41.59
CA ASP B 472 28.74 -45.38 -42.97
C ASP B 472 27.49 -46.09 -43.45
N GLY B 473 26.88 -45.52 -44.50
CA GLY B 473 25.69 -46.12 -45.06
C GLY B 473 24.50 -45.99 -44.13
N ASN B 474 23.71 -47.07 -44.04
CA ASN B 474 22.53 -47.10 -43.19
C ASN B 474 22.83 -47.51 -41.76
N TYR B 475 24.11 -47.55 -41.38
CA TYR B 475 24.48 -47.87 -40.01
C TYR B 475 23.93 -46.83 -39.05
N GLY B 476 23.37 -47.30 -37.94
CA GLY B 476 22.76 -46.40 -36.99
C GLY B 476 22.48 -47.09 -35.67
N TYR B 477 21.85 -46.34 -34.78
CA TYR B 477 21.52 -46.79 -33.43
C TYR B 477 20.03 -47.07 -33.33
N ASN B 478 19.67 -48.33 -33.10
CA ASN B 478 18.27 -48.72 -32.96
C ASN B 478 17.77 -48.26 -31.60
N ALA B 479 16.78 -47.37 -31.60
CA ALA B 479 16.28 -46.81 -30.35
C ALA B 479 15.55 -47.87 -29.52
N ALA B 480 14.77 -48.74 -30.18
CA ALA B 480 13.96 -49.71 -29.46
C ALA B 480 14.82 -50.75 -28.76
N THR B 481 15.83 -51.28 -29.46
CA THR B 481 16.64 -52.36 -28.94
C THR B 481 17.95 -51.88 -28.31
N GLU B 482 18.25 -50.59 -28.39
CA GLU B 482 19.44 -50.00 -27.77
C GLU B 482 20.72 -50.71 -28.24
N GLU B 483 20.81 -50.96 -29.54
CA GLU B 483 21.95 -51.64 -30.10
C GLU B 483 22.13 -51.24 -31.56
N TYR B 484 23.37 -51.06 -31.98
CA TYR B 484 23.70 -50.48 -33.27
C TYR B 484 23.52 -51.51 -34.38
N GLY B 485 23.88 -51.11 -35.60
CA GLY B 485 23.77 -51.98 -36.75
C GLY B 485 23.09 -51.28 -37.90
N ASN B 486 22.52 -52.08 -38.79
CA ASN B 486 21.93 -51.56 -40.03
C ASN B 486 20.42 -51.36 -39.85
N MET B 487 19.94 -50.17 -40.19
CA MET B 487 18.52 -49.86 -40.08
C MET B 487 17.66 -50.71 -41.00
N ILE B 488 18.11 -50.95 -42.24
CA ILE B 488 17.28 -51.65 -43.21
C ILE B 488 16.96 -53.06 -42.73
N ASP B 489 17.94 -53.75 -42.16
CA ASP B 489 17.73 -55.12 -41.70
C ASP B 489 16.77 -55.17 -40.51
N MET B 490 16.94 -54.25 -39.55
CA MET B 490 16.11 -54.27 -38.35
C MET B 490 14.69 -53.79 -38.60
N GLY B 491 14.42 -53.16 -39.74
CA GLY B 491 13.09 -52.68 -40.05
C GLY B 491 12.76 -51.28 -39.56
N ILE B 492 13.77 -50.47 -39.27
CA ILE B 492 13.55 -49.06 -38.91
C ILE B 492 13.57 -48.29 -40.22
N LEU B 493 12.40 -48.19 -40.86
CA LEU B 493 12.27 -47.59 -42.17
C LEU B 493 11.33 -46.40 -42.14
N ASP B 494 11.72 -45.34 -42.85
CA ASP B 494 10.86 -44.20 -43.10
C ASP B 494 10.97 -43.82 -44.57
N PRO B 495 9.89 -43.38 -45.20
CA PRO B 495 9.98 -42.95 -46.60
C PRO B 495 10.94 -41.78 -46.76
N THR B 496 11.69 -41.79 -47.86
CA THR B 496 12.58 -40.66 -48.16
C THR B 496 11.78 -39.38 -48.34
N LYS B 497 10.57 -39.50 -48.88
CA LYS B 497 9.70 -38.34 -49.04
C LYS B 497 9.39 -37.69 -47.70
N VAL B 498 9.15 -38.50 -46.67
CA VAL B 498 8.80 -37.97 -45.36
C VAL B 498 9.93 -37.11 -44.80
N THR B 499 11.15 -37.67 -44.80
CA THR B 499 12.29 -36.93 -44.27
C THR B 499 12.59 -35.70 -45.12
N ARG B 500 12.52 -35.84 -46.45
CA ARG B 500 12.80 -34.71 -47.33
C ARG B 500 11.82 -33.57 -47.08
N SER B 501 10.52 -33.89 -47.01
CA SER B 501 9.51 -32.86 -46.78
C SER B 501 9.68 -32.23 -45.41
N ALA B 502 9.92 -33.04 -44.37
CA ALA B 502 10.10 -32.48 -43.04
C ALA B 502 11.27 -31.50 -43.02
N LEU B 503 12.40 -31.92 -43.59
CA LEU B 503 13.58 -31.04 -43.61
C LEU B 503 13.31 -29.77 -44.41
N GLN B 504 12.65 -29.90 -45.57
CA GLN B 504 12.43 -28.72 -46.42
C GLN B 504 11.50 -27.72 -45.76
N TYR B 505 10.39 -28.19 -45.19
CA TYR B 505 9.46 -27.26 -44.54
C TYR B 505 10.05 -26.66 -43.28
N ALA B 506 10.83 -27.45 -42.51
CA ALA B 506 11.50 -26.90 -41.35
C ALA B 506 12.49 -25.81 -41.75
N ALA B 507 13.26 -26.05 -42.82
CA ALA B 507 14.19 -25.04 -43.29
C ALA B 507 13.45 -23.80 -43.77
N SER B 508 12.33 -23.97 -44.45
CA SER B 508 11.57 -22.82 -44.95
C SER B 508 11.07 -21.96 -43.80
N VAL B 509 10.44 -22.58 -42.79
CA VAL B 509 9.92 -21.80 -41.68
C VAL B 509 11.05 -21.18 -40.86
N ALA B 510 12.17 -21.89 -40.73
CA ALA B 510 13.30 -21.34 -40.00
C ALA B 510 13.88 -20.13 -40.70
N GLY B 511 14.03 -20.19 -42.03
CA GLY B 511 14.46 -19.02 -42.77
C GLY B 511 13.49 -17.87 -42.66
N LEU B 512 12.18 -18.18 -42.69
CA LEU B 512 11.18 -17.13 -42.55
C LEU B 512 11.30 -16.41 -41.21
N MET B 513 11.50 -17.17 -40.13
CA MET B 513 11.65 -16.51 -38.83
C MET B 513 13.00 -15.81 -38.69
N ILE B 514 14.06 -16.36 -39.29
CA ILE B 514 15.37 -15.72 -39.22
C ILE B 514 15.36 -14.39 -39.93
N THR B 515 14.65 -14.31 -41.07
CA THR B 515 14.52 -13.06 -41.81
C THR B 515 13.35 -12.20 -41.32
N THR B 516 12.80 -12.51 -40.15
CA THR B 516 11.68 -11.76 -39.58
C THR B 516 12.20 -10.58 -38.77
N GLU B 517 11.59 -9.42 -38.98
CA GLU B 517 12.05 -8.18 -38.35
C GLU B 517 10.95 -7.38 -37.66
N CYS B 518 9.67 -7.72 -37.84
CA CYS B 518 8.58 -6.93 -37.29
C CYS B 518 7.35 -7.82 -37.10
N MET B 519 6.40 -7.32 -36.32
CA MET B 519 5.18 -8.05 -36.01
C MET B 519 4.00 -7.09 -35.92
N VAL B 520 2.81 -7.62 -36.16
CA VAL B 520 1.55 -6.88 -36.00
C VAL B 520 0.53 -7.83 -35.39
N THR B 521 0.14 -7.57 -34.14
CA THR B 521 -0.87 -8.39 -33.47
C THR B 521 -1.88 -7.50 -32.76
N ASP B 522 -3.06 -8.06 -32.51
CA ASP B 522 -4.05 -7.38 -31.71
C ASP B 522 -3.61 -7.28 -30.26
N LEU B 523 -4.00 -6.19 -29.60
CA LEU B 523 -3.63 -5.98 -28.22
C LEU B 523 -4.37 -6.95 -27.31
N PRO B 524 -3.75 -7.36 -26.19
CA PRO B 524 -4.38 -8.27 -25.22
C PRO B 524 -5.66 -7.68 -24.63
N ALA C 1 -8.28 -22.19 -27.85
CA ALA C 1 -8.07 -21.17 -26.84
C ALA C 1 -6.65 -21.24 -26.28
N ALA C 2 -6.29 -20.24 -25.48
CA ALA C 2 -4.97 -20.23 -24.84
C ALA C 2 -4.82 -21.41 -23.90
N LYS C 3 -3.62 -21.98 -23.87
CA LYS C 3 -3.34 -23.18 -23.09
C LYS C 3 -2.19 -22.94 -22.12
N ASP C 4 -2.24 -23.63 -20.99
CA ASP C 4 -1.17 -23.61 -20.01
C ASP C 4 -0.40 -24.93 -20.11
N VAL C 5 0.91 -24.84 -20.27
CA VAL C 5 1.76 -25.99 -20.55
C VAL C 5 2.76 -26.16 -19.42
N LYS C 6 2.80 -27.34 -18.83
CA LYS C 6 3.79 -27.70 -17.82
C LYS C 6 4.73 -28.76 -18.39
N PHE C 7 6.00 -28.69 -17.99
CA PHE C 7 7.03 -29.58 -18.49
C PHE C 7 7.76 -30.27 -17.35
N GLY C 8 8.00 -31.56 -17.52
CA GLY C 8 8.90 -32.28 -16.62
C GLY C 8 8.38 -32.35 -15.19
N ASN C 9 9.21 -31.88 -14.26
CA ASN C 9 8.98 -32.14 -12.85
C ASN C 9 7.73 -31.42 -12.33
N ASP C 10 7.47 -30.20 -12.81
CA ASP C 10 6.33 -29.44 -12.30
C ASP C 10 5.01 -30.13 -12.63
N ALA C 11 4.88 -30.63 -13.86
CA ALA C 11 3.67 -31.35 -14.24
C ALA C 11 3.47 -32.58 -13.37
N ARG C 12 4.55 -33.35 -13.14
CA ARG C 12 4.44 -34.54 -12.32
C ARG C 12 4.12 -34.22 -10.87
N VAL C 13 4.63 -33.09 -10.36
CA VAL C 13 4.29 -32.68 -9.00
C VAL C 13 2.82 -32.33 -8.89
N LYS C 14 2.28 -31.59 -9.87
CA LYS C 14 0.85 -31.29 -9.87
C LYS C 14 0.03 -32.56 -9.96
N MET C 15 0.46 -33.50 -10.81
CA MET C 15 -0.24 -34.77 -10.95
C MET C 15 -0.23 -35.54 -9.63
N LEU C 16 0.92 -35.56 -8.95
CA LEU C 16 1.02 -36.24 -7.66
C LEU C 16 0.10 -35.59 -6.63
N ARG C 17 0.03 -34.26 -6.64
CA ARG C 17 -0.86 -33.57 -5.70
C ARG C 17 -2.32 -33.97 -5.95
N GLY C 18 -2.74 -33.99 -7.22
CA GLY C 18 -4.10 -34.38 -7.53
C GLY C 18 -4.41 -35.81 -7.16
N VAL C 19 -3.50 -36.73 -7.49
CA VAL C 19 -3.70 -38.14 -7.17
C VAL C 19 -3.73 -38.35 -5.66
N ASN C 20 -2.85 -37.65 -4.94
CA ASN C 20 -2.84 -37.75 -3.49
C ASN C 20 -4.14 -37.24 -2.89
N VAL C 21 -4.67 -36.14 -3.40
CA VAL C 21 -5.93 -35.62 -2.90
C VAL C 21 -7.05 -36.62 -3.12
N LEU C 22 -7.17 -37.15 -4.34
CA LEU C 22 -8.23 -38.10 -4.63
C LEU C 22 -8.09 -39.38 -3.81
N ALA C 23 -6.85 -39.89 -3.69
CA ALA C 23 -6.64 -41.14 -2.98
C ALA C 23 -6.85 -40.98 -1.48
N ASP C 24 -6.52 -39.82 -0.92
CA ASP C 24 -6.82 -39.59 0.48
C ASP C 24 -8.31 -39.40 0.71
N ALA C 25 -9.01 -38.81 -0.26
CA ALA C 25 -10.46 -38.69 -0.14
C ALA C 25 -11.15 -40.05 -0.16
N VAL C 26 -10.69 -40.96 -1.04
CA VAL C 26 -11.38 -42.23 -1.21
C VAL C 26 -10.80 -43.36 -0.36
N LYS C 27 -9.62 -43.18 0.24
CA LYS C 27 -8.91 -44.27 0.89
C LYS C 27 -9.35 -44.50 2.33
N VAL C 28 -10.00 -43.52 2.96
CA VAL C 28 -10.45 -43.68 4.34
C VAL C 28 -11.65 -44.60 4.46
N THR C 29 -12.30 -44.94 3.34
CA THR C 29 -13.45 -45.82 3.32
C THR C 29 -13.08 -47.26 2.92
N LEU C 30 -11.86 -47.68 3.24
CA LEU C 30 -11.37 -49.01 2.89
C LEU C 30 -11.34 -49.90 4.13
N GLY C 31 -11.93 -51.08 4.02
CA GLY C 31 -11.95 -52.03 5.11
C GLY C 31 -13.24 -51.96 5.90
N PRO C 32 -13.52 -53.03 6.67
CA PRO C 32 -14.72 -53.01 7.52
C PRO C 32 -14.75 -51.85 8.51
N LYS C 33 -13.59 -51.48 9.06
CA LYS C 33 -13.48 -50.33 9.93
C LYS C 33 -13.20 -49.04 9.17
N GLY C 34 -13.50 -49.01 7.88
CA GLY C 34 -13.24 -47.81 7.09
C GLY C 34 -14.13 -46.66 7.51
N ARG C 35 -13.56 -45.46 7.49
CA ARG C 35 -14.29 -44.26 7.86
C ARG C 35 -15.29 -43.90 6.77
N ASN C 36 -16.05 -42.83 7.02
CA ASN C 36 -17.07 -42.36 6.09
C ASN C 36 -16.79 -40.93 5.68
N VAL C 37 -17.15 -40.61 4.44
CA VAL C 37 -16.93 -39.29 3.86
C VAL C 37 -18.27 -38.61 3.66
N VAL C 38 -18.36 -37.34 4.04
CA VAL C 38 -19.58 -36.56 3.93
C VAL C 38 -19.50 -35.73 2.65
N LEU C 39 -20.50 -35.91 1.79
CA LEU C 39 -20.56 -35.23 0.49
C LEU C 39 -21.68 -34.20 0.50
N ASP C 40 -21.35 -32.98 0.07
CA ASP C 40 -22.31 -31.89 0.07
C ASP C 40 -23.31 -32.06 -1.08
N LYS C 41 -24.56 -31.67 -0.81
CA LYS C 41 -25.62 -31.71 -1.79
C LYS C 41 -26.28 -30.34 -1.88
N SER C 42 -26.69 -29.96 -3.09
CA SER C 42 -27.33 -28.67 -3.29
C SER C 42 -28.67 -28.56 -2.58
N PHE C 43 -29.34 -29.70 -2.32
CA PHE C 43 -30.61 -29.66 -1.60
C PHE C 43 -30.43 -29.11 -0.19
N GLY C 44 -29.35 -29.52 0.48
CA GLY C 44 -29.06 -29.03 1.82
C GLY C 44 -28.61 -30.12 2.77
N ALA C 45 -29.14 -31.32 2.61
CA ALA C 45 -28.79 -32.43 3.49
C ALA C 45 -27.57 -33.15 2.93
N PRO C 46 -26.43 -33.14 3.62
CA PRO C 46 -25.26 -33.84 3.11
C PRO C 46 -25.44 -35.35 3.18
N THR C 47 -24.69 -36.05 2.34
CA THR C 47 -24.72 -37.50 2.26
C THR C 47 -23.47 -38.07 2.91
N ILE C 48 -23.65 -38.93 3.90
CA ILE C 48 -22.55 -39.59 4.59
C ILE C 48 -22.50 -41.03 4.10
N THR C 49 -21.42 -41.39 3.41
CA THR C 49 -21.32 -42.70 2.79
C THR C 49 -19.94 -43.30 3.06
N LYS C 50 -19.91 -44.63 3.13
CA LYS C 50 -18.68 -45.39 3.21
C LYS C 50 -18.28 -45.98 1.86
N ASP C 51 -18.98 -45.62 0.79
CA ASP C 51 -18.69 -46.15 -0.54
C ASP C 51 -17.67 -45.26 -1.23
N GLY C 52 -16.52 -45.84 -1.58
CA GLY C 52 -15.48 -45.09 -2.27
C GLY C 52 -15.84 -44.68 -3.68
N VAL C 53 -16.76 -45.38 -4.31
CA VAL C 53 -17.16 -45.05 -5.68
C VAL C 53 -17.78 -43.67 -5.73
N SER C 54 -18.71 -43.38 -4.83
CA SER C 54 -19.34 -42.06 -4.80
C SER C 54 -18.33 -40.97 -4.44
N VAL C 55 -17.44 -41.26 -3.50
CA VAL C 55 -16.43 -40.28 -3.11
C VAL C 55 -15.54 -39.93 -4.30
N ALA C 56 -15.10 -40.94 -5.04
CA ALA C 56 -14.32 -40.70 -6.24
C ALA C 56 -15.12 -39.93 -7.27
N ARG C 57 -16.42 -40.25 -7.41
CA ARG C 57 -17.26 -39.57 -8.39
C ARG C 57 -17.39 -38.08 -8.06
N GLU C 58 -17.47 -37.74 -6.78
CA GLU C 58 -17.67 -36.35 -6.38
C GLU C 58 -16.39 -35.52 -6.38
N ILE C 59 -15.22 -36.16 -6.53
CA ILE C 59 -13.95 -35.44 -6.44
C ILE C 59 -13.68 -34.70 -7.75
N GLU C 60 -13.39 -33.41 -7.64
CA GLU C 60 -12.93 -32.61 -8.77
C GLU C 60 -12.24 -31.36 -8.21
N LEU C 61 -11.01 -31.13 -8.64
CA LEU C 61 -10.16 -30.11 -8.06
C LEU C 61 -10.20 -28.81 -8.87
N GLU C 62 -9.85 -27.71 -8.21
CA GLU C 62 -9.82 -26.42 -8.87
C GLU C 62 -8.64 -26.31 -9.83
N ASP C 63 -7.46 -26.73 -9.39
CA ASP C 63 -6.28 -26.66 -10.24
C ASP C 63 -6.43 -27.63 -11.40
N LYS C 64 -6.19 -27.13 -12.62
CA LYS C 64 -6.46 -27.92 -13.82
C LYS C 64 -5.59 -29.16 -13.88
N PHE C 65 -4.30 -29.03 -13.54
CA PHE C 65 -3.36 -30.12 -13.70
C PHE C 65 -3.66 -31.24 -12.72
N GLU C 66 -3.84 -30.87 -11.44
CA GLU C 66 -4.22 -31.83 -10.42
C GLU C 66 -5.58 -32.45 -10.74
N ASN C 67 -6.50 -31.63 -11.25
CA ASN C 67 -7.82 -32.15 -11.62
C ASN C 67 -7.70 -33.20 -12.71
N MET C 68 -6.85 -32.98 -13.71
CA MET C 68 -6.70 -33.95 -14.79
C MET C 68 -6.05 -35.23 -14.28
N GLY C 69 -5.06 -35.12 -13.39
CA GLY C 69 -4.49 -36.33 -12.78
C GLY C 69 -5.53 -37.12 -12.02
N ALA C 70 -6.32 -36.43 -11.19
CA ALA C 70 -7.38 -37.09 -10.45
C ALA C 70 -8.41 -37.71 -11.37
N GLN C 71 -8.71 -37.04 -12.49
CA GLN C 71 -9.68 -37.59 -13.44
C GLN C 71 -9.15 -38.84 -14.13
N MET C 72 -7.85 -38.87 -14.44
CA MET C 72 -7.28 -40.10 -15.01
C MET C 72 -7.36 -41.25 -14.03
N VAL C 73 -7.03 -41.00 -12.76
CA VAL C 73 -7.13 -42.06 -11.75
C VAL C 73 -8.58 -42.48 -11.57
N LYS C 74 -9.51 -41.52 -11.60
CA LYS C 74 -10.93 -41.83 -11.49
C LYS C 74 -11.39 -42.68 -12.67
N GLU C 75 -10.92 -42.36 -13.87
CA GLU C 75 -11.32 -43.11 -15.05
C GLU C 75 -10.83 -44.55 -15.00
N VAL C 76 -9.57 -44.74 -14.60
CA VAL C 76 -9.06 -46.12 -14.55
C VAL C 76 -9.75 -46.89 -13.42
N ALA C 77 -10.04 -46.24 -12.30
CA ALA C 77 -10.78 -46.90 -11.22
C ALA C 77 -12.18 -47.29 -11.67
N SER C 78 -12.85 -46.40 -12.41
CA SER C 78 -14.19 -46.71 -12.92
C SER C 78 -14.14 -47.84 -13.93
N LYS C 79 -13.11 -47.88 -14.78
CA LYS C 79 -12.95 -48.99 -15.71
C LYS C 79 -12.77 -50.30 -14.96
N ALA C 80 -11.95 -50.30 -13.90
CA ALA C 80 -11.77 -51.50 -13.09
C ALA C 80 -13.08 -51.92 -12.45
N ASN C 81 -13.84 -50.97 -11.93
CA ASN C 81 -15.12 -51.28 -11.30
C ASN C 81 -16.10 -51.87 -12.31
N ASP C 82 -16.17 -51.29 -13.51
CA ASP C 82 -17.07 -51.82 -14.53
C ASP C 82 -16.65 -53.21 -14.96
N ALA C 83 -15.35 -53.46 -15.08
CA ALA C 83 -14.87 -54.77 -15.51
C ALA C 83 -15.10 -55.82 -14.44
N ALA C 84 -14.96 -55.47 -13.16
CA ALA C 84 -14.94 -56.44 -12.09
C ALA C 84 -16.12 -56.34 -11.13
N GLY C 85 -16.75 -55.17 -11.01
CA GLY C 85 -17.82 -54.98 -10.06
C GLY C 85 -17.38 -54.45 -8.71
N ASP C 86 -16.08 -54.36 -8.46
CA ASP C 86 -15.57 -53.85 -7.19
C ASP C 86 -14.10 -53.49 -7.38
N GLY C 87 -13.51 -52.95 -6.32
CA GLY C 87 -12.10 -52.63 -6.33
C GLY C 87 -11.74 -51.20 -6.70
N THR C 88 -12.71 -50.28 -6.72
CA THR C 88 -12.40 -48.89 -7.04
C THR C 88 -11.43 -48.30 -6.02
N THR C 89 -11.73 -48.48 -4.73
CA THR C 89 -10.84 -47.98 -3.69
C THR C 89 -9.49 -48.70 -3.74
N THR C 90 -9.51 -50.02 -3.92
CA THR C 90 -8.27 -50.78 -3.99
C THR C 90 -7.43 -50.35 -5.19
N ALA C 91 -8.07 -50.19 -6.35
CA ALA C 91 -7.35 -49.75 -7.53
C ALA C 91 -6.77 -48.36 -7.32
N THR C 92 -7.54 -47.46 -6.71
CA THR C 92 -7.06 -46.09 -6.50
C THR C 92 -5.87 -46.06 -5.54
N VAL C 93 -5.94 -46.81 -4.44
CA VAL C 93 -4.84 -46.78 -3.47
C VAL C 93 -3.61 -47.48 -4.03
N LEU C 94 -3.80 -48.57 -4.77
CA LEU C 94 -2.66 -49.21 -5.44
C LEU C 94 -2.01 -48.25 -6.42
N ALA C 95 -2.82 -47.56 -7.21
CA ALA C 95 -2.28 -46.58 -8.16
C ALA C 95 -1.53 -45.48 -7.43
N GLN C 96 -2.07 -44.99 -6.32
CA GLN C 96 -1.40 -43.92 -5.58
C GLN C 96 -0.05 -44.39 -5.05
N ALA C 97 0.01 -45.62 -4.53
CA ALA C 97 1.28 -46.13 -4.03
C ALA C 97 2.32 -46.25 -5.15
N ILE C 98 1.92 -46.87 -6.28
CA ILE C 98 2.84 -46.99 -7.41
C ILE C 98 3.28 -45.61 -7.87
N ILE C 99 2.34 -44.67 -7.94
CA ILE C 99 2.62 -43.35 -8.46
C ILE C 99 3.62 -42.62 -7.57
N THR C 100 3.39 -42.64 -6.26
CA THR C 100 4.28 -41.93 -5.35
C THR C 100 5.69 -42.51 -5.41
N GLU C 101 5.80 -43.84 -5.35
CA GLU C 101 7.14 -44.44 -5.39
C GLU C 101 7.81 -44.20 -6.74
N GLY C 102 7.06 -44.29 -7.84
CA GLY C 102 7.65 -44.07 -9.15
C GLY C 102 8.09 -42.64 -9.38
N LEU C 103 7.30 -41.67 -8.89
CA LEU C 103 7.70 -40.28 -9.01
C LEU C 103 8.91 -39.97 -8.13
N LYS C 104 8.99 -40.61 -6.96
CA LYS C 104 10.20 -40.49 -6.15
C LYS C 104 11.41 -41.00 -6.91
N ALA C 105 11.26 -42.17 -7.56
CA ALA C 105 12.36 -42.73 -8.34
C ALA C 105 12.73 -41.82 -9.52
N VAL C 106 11.72 -41.26 -10.19
CA VAL C 106 11.98 -40.37 -11.32
C VAL C 106 12.74 -39.14 -10.86
N ALA C 107 12.33 -38.55 -9.74
CA ALA C 107 13.05 -37.43 -9.16
C ALA C 107 14.47 -37.83 -8.78
N ALA C 108 14.67 -39.11 -8.44
CA ALA C 108 16.02 -39.59 -8.16
C ALA C 108 16.88 -39.71 -9.40
N GLY C 109 16.31 -39.54 -10.59
CA GLY C 109 17.04 -39.73 -11.82
C GLY C 109 16.84 -41.07 -12.50
N MET C 110 15.90 -41.88 -12.03
CA MET C 110 15.65 -43.17 -12.65
C MET C 110 15.02 -42.98 -14.03
N ASN C 111 15.19 -43.98 -14.88
CA ASN C 111 14.63 -43.91 -16.23
C ASN C 111 13.15 -44.25 -16.18
N PRO C 112 12.27 -43.33 -16.59
CA PRO C 112 10.82 -43.62 -16.51
C PRO C 112 10.39 -44.84 -17.33
N MET C 113 10.97 -45.03 -18.52
CA MET C 113 10.57 -46.16 -19.34
C MET C 113 10.98 -47.48 -18.70
N ASP C 114 12.19 -47.54 -18.14
CA ASP C 114 12.62 -48.74 -17.44
C ASP C 114 11.78 -48.99 -16.20
N LEU C 115 11.39 -47.92 -15.50
CA LEU C 115 10.50 -48.07 -14.36
C LEU C 115 9.16 -48.66 -14.78
N LYS C 116 8.62 -48.18 -15.90
CA LYS C 116 7.36 -48.73 -16.40
C LYS C 116 7.51 -50.19 -16.79
N ARG C 117 8.64 -50.53 -17.42
CA ARG C 117 8.90 -51.93 -17.76
C ARG C 117 8.95 -52.80 -16.51
N GLY C 118 9.63 -52.33 -15.47
CA GLY C 118 9.68 -53.09 -14.23
C GLY C 118 8.32 -53.25 -13.58
N ILE C 119 7.51 -52.17 -13.59
CA ILE C 119 6.16 -52.24 -13.04
C ILE C 119 5.34 -53.27 -13.81
N ASP C 120 5.42 -53.24 -15.14
CA ASP C 120 4.64 -54.18 -15.94
C ASP C 120 5.07 -55.62 -15.71
N LYS C 121 6.39 -55.85 -15.62
CA LYS C 121 6.88 -57.21 -15.37
C LYS C 121 6.43 -57.70 -14.00
N ALA C 122 6.57 -56.86 -12.98
CA ALA C 122 6.16 -57.26 -11.64
C ALA C 122 4.66 -57.52 -11.56
N VAL C 123 3.85 -56.71 -12.27
CA VAL C 123 2.41 -56.88 -12.23
C VAL C 123 1.99 -58.14 -12.99
N THR C 124 2.68 -58.45 -14.10
CA THR C 124 2.40 -59.70 -14.80
C THR C 124 2.74 -60.90 -13.92
N ALA C 125 3.88 -60.86 -13.23
CA ALA C 125 4.22 -61.92 -12.29
C ALA C 125 3.19 -62.00 -11.17
N ALA C 126 2.68 -60.85 -10.73
CA ALA C 126 1.66 -60.82 -9.68
C ALA C 126 0.36 -61.45 -10.16
N VAL C 127 -0.01 -61.20 -11.42
CA VAL C 127 -1.21 -61.81 -11.99
C VAL C 127 -1.04 -63.32 -12.06
N GLU C 128 0.14 -63.79 -12.47
CA GLU C 128 0.40 -65.22 -12.48
C GLU C 128 0.31 -65.81 -11.08
N GLU C 129 0.88 -65.13 -10.09
CA GLU C 129 0.83 -65.61 -8.71
C GLU C 129 -0.60 -65.64 -8.19
N LEU C 130 -1.40 -64.62 -8.54
CA LEU C 130 -2.80 -64.60 -8.14
C LEU C 130 -3.58 -65.76 -8.76
N LYS C 131 -3.31 -66.05 -10.04
CA LYS C 131 -3.94 -67.20 -10.68
C LYS C 131 -3.53 -68.49 -9.98
N ALA C 132 -2.26 -68.60 -9.59
CA ALA C 132 -1.81 -69.78 -8.85
C ALA C 132 -2.49 -69.90 -7.50
N LEU C 133 -2.69 -68.77 -6.81
CA LEU C 133 -3.23 -68.75 -5.46
C LEU C 133 -4.75 -68.88 -5.43
N SER C 134 -5.43 -68.68 -6.55
CA SER C 134 -6.88 -68.71 -6.55
C SER C 134 -7.40 -70.13 -6.35
N VAL C 135 -8.64 -70.22 -5.89
CA VAL C 135 -9.32 -71.51 -5.71
C VAL C 135 -10.60 -71.51 -6.53
N PRO C 136 -10.98 -72.64 -7.11
CA PRO C 136 -12.16 -72.65 -7.99
C PRO C 136 -13.46 -72.42 -7.21
N CYS C 137 -14.45 -71.89 -7.92
CA CYS C 137 -15.79 -71.67 -7.39
C CYS C 137 -16.82 -72.30 -8.32
N SER C 138 -16.54 -73.53 -8.76
CA SER C 138 -17.39 -74.20 -9.73
C SER C 138 -18.59 -74.88 -9.06
N ASP C 139 -18.34 -75.57 -7.94
CA ASP C 139 -19.42 -76.27 -7.25
C ASP C 139 -20.44 -75.28 -6.70
N SER C 140 -21.70 -75.72 -6.66
CA SER C 140 -22.78 -74.86 -6.20
C SER C 140 -22.62 -74.46 -4.74
N LYS C 141 -21.95 -75.29 -3.94
CA LYS C 141 -21.71 -74.95 -2.54
C LYS C 141 -20.87 -73.69 -2.44
N ALA C 142 -19.78 -73.61 -3.22
CA ALA C 142 -18.94 -72.42 -3.20
C ALA C 142 -19.67 -71.21 -3.79
N ILE C 143 -20.52 -71.43 -4.79
CA ILE C 143 -21.31 -70.33 -5.35
C ILE C 143 -22.23 -69.74 -4.29
N ALA C 144 -22.94 -70.61 -3.57
CA ALA C 144 -23.83 -70.14 -2.50
C ALA C 144 -23.03 -69.47 -1.39
N GLN C 145 -21.86 -70.01 -1.06
CA GLN C 145 -21.03 -69.41 -0.01
C GLN C 145 -20.58 -68.01 -0.40
N VAL C 146 -20.14 -67.83 -1.66
CA VAL C 146 -19.71 -66.52 -2.12
C VAL C 146 -20.89 -65.55 -2.13
N GLY C 147 -22.05 -66.00 -2.63
CA GLY C 147 -23.22 -65.14 -2.64
C GLY C 147 -23.63 -64.71 -1.25
N THR C 148 -23.58 -65.63 -0.28
CA THR C 148 -23.85 -65.27 1.11
C THR C 148 -22.84 -64.26 1.62
N ILE C 149 -21.55 -64.47 1.31
CA ILE C 149 -20.51 -63.57 1.79
C ILE C 149 -20.73 -62.15 1.27
N SER C 150 -21.10 -62.03 -0.01
CA SER C 150 -21.18 -60.71 -0.63
C SER C 150 -22.21 -59.82 0.06
N ALA C 151 -23.38 -60.37 0.36
CA ALA C 151 -24.46 -59.59 0.95
C ALA C 151 -24.50 -59.75 2.48
N ASN C 152 -23.37 -59.42 3.11
CA ASN C 152 -23.26 -59.32 4.57
C ASN C 152 -23.70 -60.61 5.26
N SER C 153 -23.20 -61.74 4.77
CA SER C 153 -23.45 -63.05 5.38
C SER C 153 -24.93 -63.37 5.46
N ASP C 154 -25.61 -63.29 4.32
CA ASP C 154 -27.03 -63.62 4.21
C ASP C 154 -27.17 -64.90 3.38
N GLU C 155 -27.69 -65.96 3.99
CA GLU C 155 -27.79 -67.24 3.30
C GLU C 155 -28.87 -67.23 2.22
N THR C 156 -29.88 -66.37 2.38
CA THR C 156 -30.97 -66.34 1.40
C THR C 156 -30.47 -65.95 0.02
N VAL C 157 -29.72 -64.85 -0.06
CA VAL C 157 -29.19 -64.43 -1.35
C VAL C 157 -28.25 -65.49 -1.91
N GLY C 158 -27.51 -66.18 -1.03
CA GLY C 158 -26.63 -67.23 -1.48
C GLY C 158 -27.38 -68.37 -2.15
N LYS C 159 -28.47 -68.84 -1.52
CA LYS C 159 -29.18 -69.95 -2.12
C LYS C 159 -29.93 -69.53 -3.37
N LEU C 160 -30.46 -68.29 -3.41
CA LEU C 160 -31.08 -67.82 -4.64
C LEU C 160 -30.07 -67.74 -5.79
N ILE C 161 -28.87 -67.22 -5.53
CA ILE C 161 -27.85 -67.16 -6.58
C ILE C 161 -27.45 -68.56 -7.02
N ALA C 162 -27.28 -69.47 -6.06
CA ALA C 162 -26.88 -70.84 -6.40
C ALA C 162 -27.93 -71.52 -7.25
N GLU C 163 -29.20 -71.41 -6.86
CA GLU C 163 -30.26 -72.06 -7.63
C GLU C 163 -30.44 -71.40 -9.00
N ALA C 164 -30.24 -70.08 -9.10
CA ALA C 164 -30.33 -69.43 -10.39
C ALA C 164 -29.23 -69.92 -11.33
N MET C 165 -27.99 -69.98 -10.84
CA MET C 165 -26.89 -70.46 -11.67
C MET C 165 -26.98 -71.96 -11.95
N ASP C 166 -27.71 -72.71 -11.11
CA ASP C 166 -27.97 -74.10 -11.45
C ASP C 166 -29.03 -74.22 -12.54
N LYS C 167 -30.05 -73.36 -12.49
CA LYS C 167 -31.14 -73.44 -13.45
C LYS C 167 -30.70 -72.97 -14.83
N VAL C 168 -29.99 -71.84 -14.91
CA VAL C 168 -29.63 -71.26 -16.20
C VAL C 168 -28.19 -71.56 -16.60
N GLY C 169 -27.33 -71.93 -15.66
CA GLY C 169 -25.93 -72.14 -15.97
C GLY C 169 -25.06 -70.99 -15.52
N LYS C 170 -23.78 -71.29 -15.32
CA LYS C 170 -22.84 -70.26 -14.87
C LYS C 170 -22.67 -69.15 -15.90
N GLU C 171 -22.82 -69.48 -17.18
CA GLU C 171 -22.68 -68.50 -18.26
C GLU C 171 -24.02 -67.89 -18.67
N GLY C 172 -25.11 -68.24 -17.98
CA GLY C 172 -26.42 -67.72 -18.33
C GLY C 172 -26.64 -66.29 -17.88
N VAL C 173 -27.81 -65.77 -18.26
CA VAL C 173 -28.19 -64.40 -17.93
C VAL C 173 -29.14 -64.44 -16.74
N ILE C 174 -28.77 -63.73 -15.67
CA ILE C 174 -29.57 -63.65 -14.45
C ILE C 174 -29.90 -62.19 -14.19
N THR C 175 -31.19 -61.90 -14.02
CA THR C 175 -31.65 -60.54 -13.78
C THR C 175 -32.61 -60.53 -12.59
N VAL C 176 -32.51 -59.49 -11.79
CA VAL C 176 -33.33 -59.33 -10.59
C VAL C 176 -34.54 -58.46 -10.90
N GLU C 177 -35.61 -58.66 -10.15
CA GLU C 177 -36.84 -57.89 -10.34
C GLU C 177 -37.60 -57.85 -9.03
N ASP C 178 -38.48 -56.85 -8.89
CA ASP C 178 -39.25 -56.69 -7.67
C ASP C 178 -40.21 -57.85 -7.48
N GLY C 179 -40.30 -58.35 -6.25
CA GLY C 179 -41.17 -59.46 -5.93
C GLY C 179 -42.56 -58.99 -5.54
N THR C 180 -43.57 -59.59 -6.17
CA THR C 180 -44.95 -59.22 -5.86
C THR C 180 -45.32 -59.59 -4.43
N GLY C 181 -44.91 -60.79 -3.99
CA GLY C 181 -45.22 -61.27 -2.66
C GLY C 181 -44.01 -61.32 -1.75
N LEU C 182 -44.23 -61.94 -0.58
CA LEU C 182 -43.16 -62.05 0.40
C LEU C 182 -42.12 -63.09 0.00
N GLN C 183 -42.58 -64.22 -0.54
CA GLN C 183 -41.68 -65.30 -0.90
C GLN C 183 -40.88 -64.94 -2.15
N ASP C 184 -39.58 -65.21 -2.11
CA ASP C 184 -38.73 -65.00 -3.28
C ASP C 184 -39.08 -66.01 -4.37
N GLU C 185 -39.02 -65.56 -5.61
CA GLU C 185 -39.38 -66.38 -6.77
C GLU C 185 -38.27 -66.33 -7.80
N LEU C 186 -37.95 -67.50 -8.36
CA LEU C 186 -36.99 -67.62 -9.45
C LEU C 186 -37.66 -68.32 -10.61
N ASP C 187 -37.65 -67.69 -11.78
CA ASP C 187 -38.24 -68.27 -12.98
C ASP C 187 -37.31 -68.03 -14.16
N VAL C 188 -37.37 -68.93 -15.13
CA VAL C 188 -36.55 -68.85 -16.34
C VAL C 188 -37.46 -68.47 -17.50
N VAL C 189 -37.12 -67.37 -18.18
CA VAL C 189 -37.86 -66.90 -19.33
C VAL C 189 -36.90 -66.73 -20.50
N GLU C 190 -37.46 -66.78 -21.71
CA GLU C 190 -36.65 -66.62 -22.91
C GLU C 190 -36.13 -65.20 -23.03
N GLY C 191 -34.94 -65.07 -23.59
CA GLY C 191 -34.32 -63.76 -23.74
C GLY C 191 -32.87 -63.91 -24.14
N MET C 192 -32.25 -62.76 -24.39
CA MET C 192 -30.85 -62.71 -24.79
C MET C 192 -30.24 -61.40 -24.32
N GLN C 193 -28.92 -61.39 -24.24
CA GLN C 193 -28.17 -60.23 -23.78
C GLN C 193 -26.91 -60.06 -24.61
N PHE C 194 -26.70 -58.86 -25.14
CA PHE C 194 -25.54 -58.54 -25.95
C PHE C 194 -24.73 -57.44 -25.30
N ASP C 195 -23.53 -57.21 -25.84
CA ASP C 195 -22.55 -56.33 -25.22
C ASP C 195 -22.72 -54.86 -25.61
N ARG C 196 -23.68 -54.53 -26.47
CA ARG C 196 -23.87 -53.15 -26.88
C ARG C 196 -24.71 -52.39 -25.85
N GLY C 197 -24.31 -51.15 -25.58
CA GLY C 197 -25.01 -50.29 -24.64
C GLY C 197 -25.64 -49.08 -25.29
N TYR C 198 -26.15 -48.20 -24.43
CA TYR C 198 -26.79 -46.98 -24.90
C TYR C 198 -25.77 -46.04 -25.53
N LEU C 199 -26.25 -45.22 -26.47
CA LEU C 199 -25.36 -44.32 -27.19
C LEU C 199 -24.88 -43.18 -26.29
N SER C 200 -25.77 -42.56 -25.54
CA SER C 200 -25.41 -41.47 -24.65
C SER C 200 -25.87 -41.77 -23.24
N PRO C 201 -25.13 -41.29 -22.24
CA PRO C 201 -25.46 -41.66 -20.83
C PRO C 201 -26.77 -41.09 -20.33
N TYR C 202 -27.36 -40.10 -21.00
CA TYR C 202 -28.52 -39.43 -20.43
C TYR C 202 -29.77 -40.30 -20.45
N PHE C 203 -29.80 -41.35 -21.27
CA PHE C 203 -30.96 -42.23 -21.33
C PHE C 203 -31.18 -43.03 -20.06
N ILE C 204 -30.36 -42.84 -19.02
CA ILE C 204 -30.46 -43.64 -17.80
C ILE C 204 -31.76 -43.32 -17.10
N ASN C 205 -32.61 -44.33 -16.93
CA ASN C 205 -33.89 -44.13 -16.25
C ASN C 205 -33.70 -43.94 -14.75
N LYS C 206 -32.86 -44.78 -14.14
CA LYS C 206 -32.59 -44.71 -12.70
C LYS C 206 -31.13 -44.32 -12.47
N PRO C 207 -30.85 -43.05 -12.14
CA PRO C 207 -29.45 -42.63 -11.97
C PRO C 207 -28.74 -43.34 -10.83
N GLU C 208 -29.46 -43.92 -9.88
CA GLU C 208 -28.81 -44.57 -8.75
C GLU C 208 -27.94 -45.73 -9.20
N THR C 209 -28.46 -46.58 -10.09
CA THR C 209 -27.72 -47.71 -10.61
C THR C 209 -27.00 -47.42 -11.92
N GLY C 210 -27.23 -46.26 -12.52
CA GLY C 210 -26.61 -45.94 -13.80
C GLY C 210 -26.99 -46.88 -14.91
N ALA C 211 -28.27 -47.27 -14.98
CA ALA C 211 -28.75 -48.19 -15.99
C ALA C 211 -30.11 -47.74 -16.50
N VAL C 212 -30.49 -48.26 -17.66
CA VAL C 212 -31.76 -47.93 -18.30
C VAL C 212 -32.69 -49.13 -18.16
N GLU C 213 -33.90 -48.89 -17.66
CA GLU C 213 -34.89 -49.92 -17.47
C GLU C 213 -36.22 -49.46 -18.05
N LEU C 214 -36.91 -50.38 -18.73
CA LEU C 214 -38.18 -50.10 -19.38
C LEU C 214 -39.19 -51.18 -19.06
N GLU C 215 -40.44 -50.78 -18.85
CA GLU C 215 -41.55 -51.70 -18.60
C GLU C 215 -42.37 -51.83 -19.87
N SER C 216 -42.50 -53.06 -20.37
CA SER C 216 -43.24 -53.34 -21.59
C SER C 216 -42.88 -52.42 -22.76
N PRO C 217 -41.62 -52.44 -23.20
CA PRO C 217 -41.21 -51.54 -24.29
C PRO C 217 -41.34 -52.19 -25.66
N PHE C 218 -41.41 -51.34 -26.67
CA PHE C 218 -41.40 -51.77 -28.06
C PHE C 218 -39.96 -51.91 -28.56
N ILE C 219 -39.75 -52.83 -29.48
CA ILE C 219 -38.43 -53.14 -30.01
C ILE C 219 -38.41 -52.75 -31.49
N LEU C 220 -37.48 -51.88 -31.86
CA LEU C 220 -37.32 -51.42 -33.24
C LEU C 220 -36.04 -52.01 -33.83
N LEU C 221 -36.14 -52.49 -35.06
CA LEU C 221 -35.04 -53.22 -35.71
C LEU C 221 -34.81 -52.62 -37.09
N ALA C 222 -33.67 -51.96 -37.27
CA ALA C 222 -33.30 -51.35 -38.54
C ALA C 222 -31.97 -51.91 -39.00
N ASP C 223 -31.89 -52.28 -40.27
CA ASP C 223 -30.65 -52.80 -40.86
C ASP C 223 -29.70 -51.71 -41.32
N LYS C 224 -30.08 -50.44 -41.19
CA LYS C 224 -29.26 -49.33 -41.66
C LYS C 224 -29.04 -48.35 -40.52
N LYS C 225 -27.97 -47.57 -40.64
CA LYS C 225 -27.61 -46.61 -39.60
C LYS C 225 -28.64 -45.49 -39.52
N ILE C 226 -29.13 -45.24 -38.31
CA ILE C 226 -30.18 -44.25 -38.09
C ILE C 226 -29.53 -42.87 -37.91
N SER C 227 -29.87 -41.94 -38.80
CA SER C 227 -29.34 -40.59 -38.69
C SER C 227 -30.46 -39.55 -38.79
N ASN C 228 -31.52 -39.86 -39.53
CA ASN C 228 -32.62 -38.94 -39.77
C ASN C 228 -33.83 -39.35 -38.96
N ILE C 229 -34.54 -38.35 -38.42
CA ILE C 229 -35.70 -38.63 -37.57
C ILE C 229 -37.00 -38.67 -38.36
N ARG C 230 -37.06 -37.96 -39.50
CA ARG C 230 -38.27 -37.93 -40.31
C ARG C 230 -38.67 -39.32 -40.80
N GLU C 231 -37.71 -40.24 -40.90
CA GLU C 231 -38.03 -41.58 -41.38
C GLU C 231 -38.92 -42.34 -40.41
N MET C 232 -38.70 -42.19 -39.10
CA MET C 232 -39.49 -42.90 -38.10
C MET C 232 -40.33 -41.97 -37.23
N LEU C 233 -40.54 -40.72 -37.66
CA LEU C 233 -41.48 -39.85 -36.98
C LEU C 233 -42.87 -40.46 -36.83
N PRO C 234 -43.49 -41.04 -37.86
CA PRO C 234 -44.78 -41.71 -37.63
C PRO C 234 -44.68 -42.87 -36.66
N VAL C 235 -43.55 -43.60 -36.67
CA VAL C 235 -43.38 -44.72 -35.76
C VAL C 235 -43.36 -44.24 -34.31
N LEU C 236 -42.60 -43.19 -34.03
CA LEU C 236 -42.53 -42.67 -32.67
C LEU C 236 -43.86 -42.04 -32.26
N GLU C 237 -44.56 -41.40 -33.21
CA GLU C 237 -45.87 -40.85 -32.88
C GLU C 237 -46.87 -41.95 -32.51
N ALA C 238 -46.85 -43.06 -33.27
CA ALA C 238 -47.72 -44.18 -32.93
C ALA C 238 -47.34 -44.79 -31.59
N VAL C 239 -46.04 -44.88 -31.30
CA VAL C 239 -45.61 -45.39 -30.01
C VAL C 239 -46.10 -44.48 -28.88
N ALA C 240 -45.95 -43.17 -29.05
CA ALA C 240 -46.35 -42.23 -28.00
C ALA C 240 -47.86 -42.28 -27.77
N LYS C 241 -48.65 -42.34 -28.84
CA LYS C 241 -50.10 -42.42 -28.66
C LYS C 241 -50.51 -43.78 -28.10
N ALA C 242 -49.71 -44.82 -28.35
CA ALA C 242 -49.99 -46.12 -27.75
C ALA C 242 -49.76 -46.09 -26.24
N GLY C 243 -48.71 -45.41 -25.79
CA GLY C 243 -48.40 -45.26 -24.39
C GLY C 243 -47.16 -46.01 -23.94
N LYS C 244 -46.97 -47.24 -24.42
CA LYS C 244 -45.81 -48.04 -24.03
C LYS C 244 -44.53 -47.46 -24.64
N PRO C 245 -43.42 -47.54 -23.92
CA PRO C 245 -42.15 -47.02 -24.45
C PRO C 245 -41.65 -47.86 -25.62
N LEU C 246 -40.61 -47.34 -26.27
CA LEU C 246 -40.00 -47.99 -27.43
C LEU C 246 -38.49 -48.02 -27.26
N LEU C 247 -37.89 -49.18 -27.51
CA LEU C 247 -36.44 -49.34 -27.54
C LEU C 247 -36.03 -49.61 -28.99
N ILE C 248 -35.14 -48.77 -29.51
CA ILE C 248 -34.68 -48.88 -30.90
C ILE C 248 -33.25 -49.38 -30.90
N ILE C 249 -32.97 -50.38 -31.73
CA ILE C 249 -31.61 -50.87 -31.94
C ILE C 249 -31.36 -50.97 -33.44
N ALA C 250 -30.24 -50.41 -33.88
CA ALA C 250 -29.87 -50.38 -35.29
C ALA C 250 -28.35 -50.33 -35.39
N GLU C 251 -27.86 -50.05 -36.59
CA GLU C 251 -26.42 -49.98 -36.80
C GLU C 251 -25.79 -48.88 -35.96
N ASP C 252 -26.41 -47.70 -35.93
CA ASP C 252 -25.92 -46.57 -35.14
C ASP C 252 -26.98 -45.48 -35.15
N VAL C 253 -27.03 -44.72 -34.07
CA VAL C 253 -27.90 -43.55 -33.94
C VAL C 253 -27.03 -42.36 -33.60
N GLU C 254 -27.12 -41.32 -34.43
CA GLU C 254 -26.26 -40.14 -34.26
C GLU C 254 -26.90 -38.96 -34.97
N GLY C 255 -26.32 -37.78 -34.73
CA GLY C 255 -26.79 -36.59 -35.41
C GLY C 255 -28.13 -36.12 -34.89
N GLU C 256 -28.98 -35.66 -35.82
CA GLU C 256 -30.26 -35.09 -35.42
C GLU C 256 -31.18 -36.15 -34.79
N ALA C 257 -31.06 -37.41 -35.22
CA ALA C 257 -31.88 -38.47 -34.62
C ALA C 257 -31.54 -38.64 -33.15
N LEU C 258 -30.24 -38.74 -32.83
CA LEU C 258 -29.83 -38.83 -31.43
C LEU C 258 -30.21 -37.58 -30.66
N ALA C 259 -30.04 -36.41 -31.27
CA ALA C 259 -30.38 -35.16 -30.60
C ALA C 259 -31.85 -35.10 -30.23
N THR C 260 -32.73 -35.46 -31.17
CA THR C 260 -34.15 -35.41 -30.89
C THR C 260 -34.59 -36.53 -29.95
N LEU C 261 -33.90 -37.67 -29.96
CA LEU C 261 -34.17 -38.69 -28.97
C LEU C 261 -33.84 -38.18 -27.57
N VAL C 262 -32.70 -37.49 -27.43
CA VAL C 262 -32.35 -36.89 -26.14
C VAL C 262 -33.37 -35.82 -25.75
N VAL C 263 -33.85 -35.05 -26.72
CA VAL C 263 -34.87 -34.04 -26.43
C VAL C 263 -36.14 -34.69 -25.93
N ASN C 264 -36.58 -35.77 -26.58
CA ASN C 264 -37.78 -36.48 -26.14
C ASN C 264 -37.58 -37.05 -24.74
N THR C 265 -36.40 -37.60 -24.47
CA THR C 265 -36.12 -38.17 -23.16
C THR C 265 -36.16 -37.10 -22.06
N MET C 266 -35.54 -35.94 -22.33
CA MET C 266 -35.46 -34.91 -21.29
C MET C 266 -36.79 -34.20 -21.11
N ARG C 267 -37.57 -34.02 -22.18
CA ARG C 267 -38.92 -33.49 -22.04
C ARG C 267 -39.84 -34.49 -21.35
N GLY C 268 -39.56 -35.78 -21.48
CA GLY C 268 -40.37 -36.81 -20.87
C GLY C 268 -41.62 -37.19 -21.62
N ILE C 269 -41.91 -36.54 -22.74
CA ILE C 269 -43.10 -36.88 -23.51
C ILE C 269 -42.99 -38.29 -24.07
N VAL C 270 -41.83 -38.64 -24.64
CA VAL C 270 -41.58 -39.97 -25.17
C VAL C 270 -40.27 -40.47 -24.58
N LYS C 271 -40.29 -41.67 -24.01
CA LYS C 271 -39.10 -42.30 -23.44
C LYS C 271 -38.65 -43.40 -24.40
N VAL C 272 -37.57 -43.14 -25.12
CA VAL C 272 -37.03 -44.08 -26.11
C VAL C 272 -35.53 -44.18 -25.90
N ALA C 273 -35.02 -45.41 -25.85
CA ALA C 273 -33.60 -45.67 -25.68
C ALA C 273 -33.02 -46.24 -26.96
N ALA C 274 -31.79 -45.84 -27.28
CA ALA C 274 -31.12 -46.25 -28.50
C ALA C 274 -29.86 -47.05 -28.14
N VAL C 275 -29.70 -48.21 -28.77
CA VAL C 275 -28.55 -49.08 -28.55
C VAL C 275 -28.09 -49.60 -29.91
N LYS C 276 -26.78 -49.62 -30.14
CA LYS C 276 -26.25 -50.13 -31.39
C LYS C 276 -26.52 -51.63 -31.51
N ALA C 277 -26.64 -52.09 -32.75
CA ALA C 277 -26.86 -53.51 -32.99
C ALA C 277 -25.60 -54.29 -32.64
N PRO C 278 -25.74 -55.49 -32.07
CA PRO C 278 -24.56 -56.29 -31.74
C PRO C 278 -23.88 -56.84 -32.99
N GLY C 279 -22.58 -57.04 -32.89
CA GLY C 279 -21.82 -57.59 -33.99
C GLY C 279 -21.66 -56.60 -35.14
N PHE C 280 -21.21 -57.14 -36.27
CA PHE C 280 -21.01 -56.34 -37.47
C PHE C 280 -21.15 -57.25 -38.70
N GLY C 281 -21.80 -56.73 -39.74
CA GLY C 281 -21.90 -57.47 -40.97
C GLY C 281 -22.91 -58.60 -40.87
N ASP C 282 -22.51 -59.77 -41.40
CA ASP C 282 -23.42 -60.91 -41.43
C ASP C 282 -23.80 -61.36 -40.03
N ARG C 283 -22.86 -61.33 -39.09
CA ARG C 283 -23.17 -61.66 -37.70
C ARG C 283 -24.18 -60.68 -37.13
N ARG C 284 -24.03 -59.39 -37.43
CA ARG C 284 -25.00 -58.40 -36.96
C ARG C 284 -26.38 -58.67 -37.54
N LYS C 285 -26.45 -58.99 -38.83
CA LYS C 285 -27.75 -59.28 -39.45
C LYS C 285 -28.39 -60.52 -38.84
N ALA C 286 -27.59 -61.56 -38.58
CA ALA C 286 -28.12 -62.78 -37.98
C ALA C 286 -28.62 -62.50 -36.56
N MET C 287 -27.87 -61.73 -35.78
CA MET C 287 -28.32 -61.39 -34.44
C MET C 287 -29.59 -60.55 -34.47
N LEU C 288 -29.69 -59.64 -35.43
CA LEU C 288 -30.91 -58.85 -35.58
C LEU C 288 -32.10 -59.73 -35.91
N GLN C 289 -31.90 -60.72 -36.79
CA GLN C 289 -32.98 -61.66 -37.11
C GLN C 289 -33.38 -62.47 -35.89
N ASP C 290 -32.40 -62.91 -35.11
CA ASP C 290 -32.70 -63.66 -33.88
C ASP C 290 -33.49 -62.81 -32.91
N ILE C 291 -33.11 -61.54 -32.75
CA ILE C 291 -33.85 -60.64 -31.87
C ILE C 291 -35.27 -60.42 -32.40
N ALA C 292 -35.41 -60.32 -33.72
CA ALA C 292 -36.73 -60.15 -34.32
C ALA C 292 -37.63 -61.33 -34.00
N THR C 293 -37.10 -62.56 -34.13
CA THR C 293 -37.89 -63.73 -33.78
C THR C 293 -38.20 -63.76 -32.28
N LEU C 294 -37.22 -63.38 -31.45
CA LEU C 294 -37.42 -63.43 -30.00
C LEU C 294 -38.51 -62.48 -29.56
N THR C 295 -38.50 -61.25 -30.07
CA THR C 295 -39.49 -60.24 -29.70
C THR C 295 -40.72 -60.26 -30.59
N GLY C 296 -40.75 -61.12 -31.61
CA GLY C 296 -41.89 -61.21 -32.50
C GLY C 296 -42.01 -60.10 -33.52
N GLY C 297 -41.00 -59.23 -33.61
CA GLY C 297 -41.03 -58.13 -34.56
C GLY C 297 -40.43 -58.51 -35.91
N THR C 298 -40.27 -57.49 -36.74
CA THR C 298 -39.70 -57.65 -38.07
C THR C 298 -38.54 -56.66 -38.24
N VAL C 299 -37.48 -57.12 -38.90
CA VAL C 299 -36.31 -56.28 -39.14
C VAL C 299 -36.58 -55.38 -40.34
N ILE C 300 -36.47 -54.07 -40.14
CA ILE C 300 -36.68 -53.10 -41.22
C ILE C 300 -35.41 -53.11 -42.07
N SER C 301 -35.48 -53.79 -43.21
CA SER C 301 -34.35 -53.91 -44.13
C SER C 301 -34.65 -53.12 -45.40
N GLU C 302 -33.77 -52.19 -45.75
CA GLU C 302 -33.97 -51.37 -46.93
C GLU C 302 -33.92 -52.22 -48.20
N GLU C 303 -32.99 -53.17 -48.27
CA GLU C 303 -32.82 -53.95 -49.49
C GLU C 303 -33.98 -54.91 -49.70
N ILE C 304 -34.56 -55.43 -48.60
CA ILE C 304 -35.73 -56.28 -48.75
C ILE C 304 -36.93 -55.48 -49.25
N GLY C 305 -37.12 -54.27 -48.72
CA GLY C 305 -38.22 -53.42 -49.17
C GLY C 305 -38.90 -52.65 -48.07
N MET C 306 -38.92 -53.19 -46.85
CA MET C 306 -39.52 -52.47 -45.73
C MET C 306 -38.72 -51.21 -45.40
N GLU C 307 -39.44 -50.16 -45.03
CA GLU C 307 -38.83 -48.87 -44.73
C GLU C 307 -39.52 -48.28 -43.50
N LEU C 308 -38.84 -47.34 -42.85
CA LEU C 308 -39.27 -46.88 -41.53
C LEU C 308 -40.66 -46.25 -41.56
N GLU C 309 -40.97 -45.47 -42.60
CA GLU C 309 -42.34 -44.94 -42.72
C GLU C 309 -43.36 -46.06 -42.87
N LYS C 310 -42.99 -47.16 -43.50
CA LYS C 310 -43.91 -48.28 -43.68
C LYS C 310 -44.06 -49.13 -42.42
N ALA C 311 -43.20 -48.95 -41.42
CA ALA C 311 -43.30 -49.73 -40.21
C ALA C 311 -44.50 -49.30 -39.38
N THR C 312 -45.29 -50.27 -38.93
CA THR C 312 -46.46 -50.03 -38.09
C THR C 312 -46.25 -50.66 -36.73
N LEU C 313 -47.19 -50.40 -35.82
CA LEU C 313 -47.09 -50.93 -34.47
C LEU C 313 -47.05 -52.46 -34.46
N GLU C 314 -47.70 -53.10 -35.43
CA GLU C 314 -47.61 -54.55 -35.54
C GLU C 314 -46.19 -54.99 -35.89
N ASP C 315 -45.50 -54.23 -36.74
CA ASP C 315 -44.14 -54.60 -37.13
C ASP C 315 -43.16 -54.48 -35.96
N LEU C 316 -43.42 -53.56 -35.03
CA LEU C 316 -42.50 -53.35 -33.91
C LEU C 316 -42.46 -54.58 -33.02
N GLY C 317 -41.26 -54.95 -32.57
CA GLY C 317 -41.11 -56.00 -31.60
C GLY C 317 -41.53 -55.57 -30.22
N GLN C 318 -41.92 -56.55 -29.40
CA GLN C 318 -42.46 -56.25 -28.07
C GLN C 318 -41.85 -57.18 -27.05
N ALA C 319 -41.56 -56.62 -25.86
CA ALA C 319 -41.08 -57.37 -24.72
C ALA C 319 -41.74 -56.80 -23.48
N LYS C 320 -41.67 -57.55 -22.37
CA LYS C 320 -42.28 -57.07 -21.14
C LYS C 320 -41.32 -56.24 -20.30
N ARG C 321 -40.01 -56.43 -20.46
CA ARG C 321 -39.03 -55.67 -19.69
C ARG C 321 -37.66 -55.84 -20.33
N VAL C 322 -36.96 -54.72 -20.52
CA VAL C 322 -35.59 -54.72 -21.02
C VAL C 322 -34.74 -53.87 -20.10
N VAL C 323 -33.45 -54.18 -20.04
CA VAL C 323 -32.49 -53.46 -19.22
C VAL C 323 -31.31 -53.07 -20.09
N ILE C 324 -30.92 -51.80 -20.05
CA ILE C 324 -29.83 -51.27 -20.85
C ILE C 324 -28.77 -50.70 -19.92
N ASN C 325 -27.52 -51.10 -20.13
CA ASN C 325 -26.38 -50.59 -19.38
C ASN C 325 -25.27 -50.26 -20.36
N LYS C 326 -24.36 -49.37 -19.94
CA LYS C 326 -23.27 -48.95 -20.81
C LYS C 326 -22.38 -50.11 -21.22
N ASP C 327 -22.36 -51.20 -20.46
CA ASP C 327 -21.56 -52.37 -20.78
C ASP C 327 -22.33 -53.45 -21.52
N THR C 328 -23.63 -53.59 -21.26
CA THR C 328 -24.42 -54.61 -21.91
C THR C 328 -25.89 -54.23 -21.87
N THR C 329 -26.68 -54.89 -22.72
CA THR C 329 -28.12 -54.68 -22.79
C THR C 329 -28.82 -56.02 -22.65
N THR C 330 -29.86 -56.06 -21.82
CA THR C 330 -30.58 -57.30 -21.52
C THR C 330 -32.02 -57.20 -22.02
N ILE C 331 -32.48 -58.25 -22.69
CA ILE C 331 -33.86 -58.36 -23.14
C ILE C 331 -34.49 -59.53 -22.39
N ILE C 332 -35.57 -59.25 -21.67
CA ILE C 332 -36.16 -60.22 -20.75
C ILE C 332 -37.60 -60.48 -21.18
N ASP C 333 -37.91 -61.75 -21.44
CA ASP C 333 -39.28 -62.22 -21.67
C ASP C 333 -39.98 -61.42 -22.78
N GLY C 334 -39.43 -61.53 -23.99
CA GLY C 334 -40.07 -60.94 -25.14
C GLY C 334 -41.18 -61.83 -25.66
N VAL C 335 -42.34 -61.21 -25.94
CA VAL C 335 -43.51 -61.96 -26.38
C VAL C 335 -43.26 -62.46 -27.80
N GLY C 336 -43.05 -63.75 -27.94
CA GLY C 336 -42.81 -64.35 -29.24
C GLY C 336 -43.24 -65.80 -29.24
N GLU C 337 -43.53 -66.30 -30.43
CA GLU C 337 -43.99 -67.68 -30.55
C GLU C 337 -42.88 -68.65 -30.17
N GLU C 338 -43.22 -69.61 -29.30
CA GLU C 338 -42.25 -70.63 -28.90
C GLU C 338 -41.86 -71.52 -30.08
N ALA C 339 -42.81 -71.80 -30.97
CA ALA C 339 -42.49 -72.59 -32.16
C ALA C 339 -41.52 -71.85 -33.07
N ALA C 340 -41.62 -70.52 -33.14
CA ALA C 340 -40.65 -69.74 -33.90
C ALA C 340 -39.25 -69.87 -33.31
N ILE C 341 -39.15 -69.84 -31.99
CA ILE C 341 -37.86 -70.01 -31.33
C ILE C 341 -37.32 -71.42 -31.59
N GLN C 342 -38.21 -72.42 -31.58
CA GLN C 342 -37.79 -73.79 -31.90
C GLN C 342 -37.26 -73.89 -33.33
N GLY C 343 -37.95 -73.26 -34.28
CA GLY C 343 -37.47 -73.27 -35.65
C GLY C 343 -36.12 -72.58 -35.78
N ARG C 344 -35.95 -71.45 -35.10
CA ARG C 344 -34.68 -70.73 -35.16
C ARG C 344 -33.54 -71.54 -34.55
N VAL C 345 -33.78 -72.18 -33.40
CA VAL C 345 -32.72 -72.97 -32.79
C VAL C 345 -32.41 -74.19 -33.65
N ALA C 346 -33.43 -74.78 -34.29
CA ALA C 346 -33.18 -75.90 -35.18
C ALA C 346 -32.35 -75.50 -36.39
N GLN C 347 -32.67 -74.36 -37.00
CA GLN C 347 -31.89 -73.93 -38.16
C GLN C 347 -30.49 -73.52 -37.75
N ILE C 348 -30.31 -72.91 -36.57
CA ILE C 348 -28.98 -72.57 -36.10
C ILE C 348 -28.15 -73.84 -35.86
N ARG C 349 -28.76 -74.85 -35.24
CA ARG C 349 -27.99 -76.06 -34.95
C ARG C 349 -27.68 -76.86 -36.22
N GLN C 350 -28.57 -76.85 -37.21
CA GLN C 350 -28.20 -77.49 -38.47
C GLN C 350 -27.15 -76.68 -39.22
N GLN C 351 -27.17 -75.36 -39.07
CA GLN C 351 -26.07 -74.54 -39.59
C GLN C 351 -24.76 -74.93 -38.94
N ILE C 352 -24.77 -75.16 -37.63
CA ILE C 352 -23.58 -75.64 -36.92
C ILE C 352 -23.15 -77.00 -37.48
N GLU C 353 -24.12 -77.89 -37.70
CA GLU C 353 -23.82 -79.22 -38.23
C GLU C 353 -23.13 -79.13 -39.58
N GLU C 354 -23.60 -78.25 -40.46
CA GLU C 354 -22.99 -78.11 -41.76
C GLU C 354 -21.83 -77.12 -41.78
N ALA C 355 -21.56 -76.43 -40.66
CA ALA C 355 -20.46 -75.49 -40.60
C ALA C 355 -19.12 -76.21 -40.64
N THR C 356 -18.12 -75.52 -41.18
CA THR C 356 -16.78 -76.07 -41.33
C THR C 356 -15.73 -75.36 -40.50
N SER C 357 -15.61 -74.04 -40.64
CA SER C 357 -14.57 -73.30 -39.95
C SER C 357 -14.85 -73.23 -38.45
N ASP C 358 -13.77 -73.26 -37.66
CA ASP C 358 -13.90 -73.26 -36.21
C ASP C 358 -14.49 -71.95 -35.70
N TYR C 359 -14.08 -70.82 -36.28
CA TYR C 359 -14.59 -69.52 -35.84
C TYR C 359 -16.10 -69.42 -36.04
N ASP C 360 -16.59 -69.81 -37.21
CA ASP C 360 -18.02 -69.77 -37.47
C ASP C 360 -18.78 -70.72 -36.55
N ARG C 361 -18.19 -71.90 -36.30
CA ARG C 361 -18.82 -72.84 -35.37
C ARG C 361 -18.93 -72.25 -33.97
N GLU C 362 -17.88 -71.59 -33.49
CA GLU C 362 -17.92 -70.99 -32.16
C GLU C 362 -18.93 -69.85 -32.10
N LYS C 363 -18.96 -69.00 -33.13
CA LYS C 363 -19.93 -67.90 -33.13
C LYS C 363 -21.36 -68.41 -33.18
N LEU C 364 -21.62 -69.44 -34.00
CA LEU C 364 -22.97 -70.01 -34.05
C LEU C 364 -23.33 -70.71 -32.73
N GLN C 365 -22.36 -71.35 -32.08
CA GLN C 365 -22.62 -71.95 -30.78
C GLN C 365 -22.95 -70.88 -29.74
N GLU C 366 -22.23 -69.75 -29.77
CA GLU C 366 -22.56 -68.66 -28.88
C GLU C 366 -23.95 -68.13 -29.15
N ARG C 367 -24.31 -67.99 -30.43
CA ARG C 367 -25.64 -67.51 -30.79
C ARG C 367 -26.72 -68.45 -30.27
N VAL C 368 -26.55 -69.76 -30.50
CA VAL C 368 -27.57 -70.70 -30.08
C VAL C 368 -27.67 -70.77 -28.56
N ALA C 369 -26.53 -70.68 -27.87
CA ALA C 369 -26.55 -70.67 -26.41
C ALA C 369 -27.30 -69.45 -25.88
N LYS C 370 -26.98 -68.27 -26.42
CA LYS C 370 -27.62 -67.05 -25.95
C LYS C 370 -29.09 -66.96 -26.39
N LEU C 371 -29.49 -67.73 -27.40
CA LEU C 371 -30.88 -67.73 -27.84
C LEU C 371 -31.73 -68.75 -27.12
N ALA C 372 -31.17 -69.91 -26.75
CA ALA C 372 -31.94 -70.97 -26.14
C ALA C 372 -31.81 -71.05 -24.63
N GLY C 373 -30.73 -70.52 -24.05
CA GLY C 373 -30.56 -70.58 -22.61
C GLY C 373 -31.62 -69.79 -21.86
N GLY C 374 -32.04 -68.66 -22.43
CA GLY C 374 -33.02 -67.82 -21.78
C GLY C 374 -32.42 -66.96 -20.68
N VAL C 375 -33.30 -66.31 -19.94
CA VAL C 375 -32.93 -65.42 -18.85
C VAL C 375 -33.58 -65.93 -17.57
N ALA C 376 -32.76 -66.12 -16.54
CA ALA C 376 -33.25 -66.54 -15.23
C ALA C 376 -33.60 -65.29 -14.42
N VAL C 377 -34.89 -65.12 -14.12
CA VAL C 377 -35.38 -63.93 -13.42
C VAL C 377 -35.51 -64.25 -11.94
N ILE C 378 -34.89 -63.43 -11.11
CA ILE C 378 -34.97 -63.56 -9.66
C ILE C 378 -35.90 -62.47 -9.14
N LYS C 379 -36.99 -62.88 -8.51
CA LYS C 379 -37.99 -61.97 -7.96
C LYS C 379 -37.75 -61.86 -6.46
N VAL C 380 -37.06 -60.78 -6.06
CA VAL C 380 -36.73 -60.57 -4.65
C VAL C 380 -37.98 -60.06 -3.94
N GLY C 381 -38.55 -60.91 -3.07
CA GLY C 381 -39.72 -60.55 -2.32
C GLY C 381 -39.40 -60.39 -0.84
N ALA C 382 -40.07 -59.43 -0.21
CA ALA C 382 -39.86 -59.15 1.21
C ALA C 382 -41.20 -58.73 1.81
N ALA C 383 -41.16 -58.24 3.05
CA ALA C 383 -42.36 -57.81 3.75
C ALA C 383 -42.60 -56.31 3.67
N THR C 384 -41.58 -55.52 3.37
CA THR C 384 -41.69 -54.08 3.26
C THR C 384 -41.02 -53.62 1.97
N GLU C 385 -41.56 -52.56 1.37
CA GLU C 385 -41.04 -52.09 0.09
C GLU C 385 -39.58 -51.61 0.20
N VAL C 386 -39.26 -50.87 1.26
CA VAL C 386 -37.91 -50.35 1.40
C VAL C 386 -36.92 -51.50 1.64
N GLU C 387 -37.27 -52.46 2.50
CA GLU C 387 -36.40 -53.60 2.69
C GLU C 387 -36.38 -54.48 1.45
N MET C 388 -37.46 -54.49 0.66
CA MET C 388 -37.44 -55.17 -0.62
C MET C 388 -36.40 -54.56 -1.55
N LYS C 389 -36.35 -53.23 -1.63
CA LYS C 389 -35.36 -52.56 -2.46
C LYS C 389 -33.94 -52.83 -1.95
N GLU C 390 -33.76 -52.80 -0.62
CA GLU C 390 -32.44 -53.08 -0.06
C GLU C 390 -32.00 -54.50 -0.37
N LYS C 391 -32.92 -55.47 -0.23
CA LYS C 391 -32.60 -56.85 -0.55
C LYS C 391 -32.32 -57.02 -2.04
N LYS C 392 -33.05 -56.31 -2.89
CA LYS C 392 -32.78 -56.37 -4.33
C LYS C 392 -31.37 -55.86 -4.64
N ALA C 393 -30.98 -54.74 -4.03
CA ALA C 393 -29.63 -54.22 -4.25
C ALA C 393 -28.57 -55.20 -3.74
N ARG C 394 -28.80 -55.79 -2.57
CA ARG C 394 -27.85 -56.76 -2.04
C ARG C 394 -27.76 -57.99 -2.94
N VAL C 395 -28.90 -58.45 -3.48
CA VAL C 395 -28.90 -59.61 -4.37
C VAL C 395 -28.15 -59.29 -5.65
N GLU C 396 -28.33 -58.08 -6.18
CA GLU C 396 -27.61 -57.70 -7.39
C GLU C 396 -26.10 -57.65 -7.14
N ASP C 397 -25.69 -57.08 -6.01
CA ASP C 397 -24.27 -57.04 -5.68
C ASP C 397 -23.71 -58.45 -5.51
N ALA C 398 -24.46 -59.33 -4.83
CA ALA C 398 -24.02 -60.71 -4.66
C ALA C 398 -23.93 -61.43 -6.00
N LEU C 399 -24.88 -61.16 -6.90
CA LEU C 399 -24.85 -61.76 -8.22
C LEU C 399 -23.60 -61.33 -8.99
N HIS C 400 -23.27 -60.03 -8.94
CA HIS C 400 -22.08 -59.56 -9.62
C HIS C 400 -20.81 -60.19 -9.04
N ALA C 401 -20.73 -60.25 -7.70
CA ALA C 401 -19.56 -60.84 -7.06
C ALA C 401 -19.43 -62.32 -7.40
N THR C 402 -20.55 -63.05 -7.40
CA THR C 402 -20.52 -64.47 -7.71
C THR C 402 -20.20 -64.71 -9.18
N ARG C 403 -20.66 -63.83 -10.07
CA ARG C 403 -20.26 -63.93 -11.48
C ARG C 403 -18.75 -63.76 -11.62
N ALA C 404 -18.18 -62.77 -10.94
CA ALA C 404 -16.73 -62.61 -10.96
C ALA C 404 -16.02 -63.83 -10.40
N ALA C 405 -16.57 -64.40 -9.32
CA ALA C 405 -15.96 -65.58 -8.70
C ALA C 405 -15.97 -66.76 -9.66
N VAL C 406 -17.13 -67.08 -10.24
CA VAL C 406 -17.20 -68.20 -11.16
C VAL C 406 -16.39 -67.95 -12.43
N GLU C 407 -16.14 -66.68 -12.78
CA GLU C 407 -15.28 -66.39 -13.92
C GLU C 407 -13.82 -66.66 -13.59
N GLU C 408 -13.36 -66.23 -12.40
CA GLU C 408 -11.93 -66.33 -12.10
C GLU C 408 -11.59 -66.88 -10.72
N GLY C 409 -12.55 -67.41 -9.97
CA GLY C 409 -12.25 -67.92 -8.65
C GLY C 409 -12.21 -66.81 -7.61
N VAL C 410 -11.90 -67.23 -6.38
CA VAL C 410 -11.83 -66.32 -5.24
C VAL C 410 -10.46 -66.46 -4.58
N VAL C 411 -9.88 -65.32 -4.20
CA VAL C 411 -8.66 -65.30 -3.41
C VAL C 411 -8.99 -64.78 -2.03
N ALA C 412 -8.01 -64.87 -1.13
CA ALA C 412 -8.20 -64.39 0.23
C ALA C 412 -8.40 -62.88 0.22
N GLY C 413 -9.58 -62.43 0.65
CA GLY C 413 -9.92 -61.03 0.59
C GLY C 413 -9.31 -60.22 1.71
N GLY C 414 -9.76 -58.97 1.81
CA GLY C 414 -9.21 -58.06 2.79
C GLY C 414 -7.84 -57.53 2.45
N GLY C 415 -7.45 -57.57 1.19
CA GLY C 415 -6.16 -57.05 0.77
C GLY C 415 -4.97 -57.91 1.10
N VAL C 416 -5.19 -59.16 1.53
CA VAL C 416 -4.07 -60.02 1.89
C VAL C 416 -3.55 -60.84 0.71
N ALA C 417 -4.34 -60.99 -0.35
CA ALA C 417 -3.84 -61.66 -1.55
C ALA C 417 -2.69 -60.89 -2.17
N LEU C 418 -2.82 -59.55 -2.22
CA LEU C 418 -1.77 -58.73 -2.79
C LEU C 418 -0.48 -58.82 -1.99
N ILE C 419 -0.58 -58.76 -0.66
CA ILE C 419 0.63 -58.84 0.16
C ILE C 419 1.25 -60.23 0.07
N ARG C 420 0.41 -61.28 0.01
CA ARG C 420 0.94 -62.63 -0.18
C ARG C 420 1.70 -62.75 -1.49
N VAL C 421 1.12 -62.22 -2.57
CA VAL C 421 1.78 -62.28 -3.88
C VAL C 421 3.08 -61.49 -3.86
N ALA C 422 3.06 -60.28 -3.27
CA ALA C 422 4.27 -59.47 -3.21
C ALA C 422 5.36 -60.16 -2.41
N SER C 423 4.98 -60.87 -1.33
CA SER C 423 5.95 -61.67 -0.59
C SER C 423 6.49 -62.81 -1.46
N LYS C 424 5.63 -63.41 -2.28
CA LYS C 424 6.09 -64.51 -3.13
C LYS C 424 7.05 -64.03 -4.22
N LEU C 425 6.97 -62.75 -4.61
CA LEU C 425 7.78 -62.21 -5.69
C LEU C 425 8.98 -61.42 -5.19
N ALA C 426 9.59 -61.88 -4.09
CA ALA C 426 10.75 -61.16 -3.54
C ALA C 426 12.00 -61.33 -4.39
N ASP C 427 12.09 -62.40 -5.19
CA ASP C 427 13.28 -62.70 -5.97
C ASP C 427 13.19 -62.22 -7.41
N LEU C 428 12.12 -61.52 -7.77
CA LEU C 428 11.97 -61.03 -9.15
C LEU C 428 13.04 -60.01 -9.47
N ARG C 429 13.63 -60.14 -10.66
CA ARG C 429 14.69 -59.24 -11.11
C ARG C 429 14.43 -58.85 -12.56
N GLY C 430 14.94 -57.67 -12.94
CA GLY C 430 14.84 -57.16 -14.27
C GLY C 430 16.18 -57.14 -14.99
N GLN C 431 16.12 -56.73 -16.26
CA GLN C 431 17.34 -56.61 -17.06
C GLN C 431 18.13 -55.36 -16.75
N ASN C 432 17.58 -54.45 -15.94
CA ASN C 432 18.24 -53.21 -15.58
C ASN C 432 17.97 -52.90 -14.11
N GLU C 433 18.87 -52.12 -13.51
CA GLU C 433 18.70 -51.70 -12.12
C GLU C 433 17.43 -50.87 -11.97
N ASP C 434 17.13 -50.02 -12.95
CA ASP C 434 15.90 -49.24 -12.91
C ASP C 434 14.68 -50.14 -12.92
N GLN C 435 14.74 -51.24 -13.68
CA GLN C 435 13.65 -52.20 -13.68
C GLN C 435 13.49 -52.86 -12.31
N ASN C 436 14.60 -53.15 -11.64
CA ASN C 436 14.53 -53.69 -10.28
C ASN C 436 13.90 -52.68 -9.32
N VAL C 437 14.24 -51.40 -9.47
CA VAL C 437 13.62 -50.37 -8.64
C VAL C 437 12.12 -50.32 -8.89
N GLY C 438 11.71 -50.40 -10.15
CA GLY C 438 10.29 -50.45 -10.46
C GLY C 438 9.60 -51.66 -9.89
N ILE C 439 10.26 -52.82 -9.92
CA ILE C 439 9.68 -54.03 -9.35
C ILE C 439 9.48 -53.87 -7.85
N LYS C 440 10.48 -53.31 -7.16
CA LYS C 440 10.34 -53.06 -5.73
C LYS C 440 9.21 -52.06 -5.46
N VAL C 441 9.08 -51.06 -6.33
CA VAL C 441 7.97 -50.10 -6.21
C VAL C 441 6.63 -50.83 -6.29
N ALA C 442 6.50 -51.73 -7.26
CA ALA C 442 5.26 -52.49 -7.41
C ALA C 442 5.00 -53.37 -6.19
N LEU C 443 6.05 -53.99 -5.66
CA LEU C 443 5.87 -54.83 -4.46
C LEU C 443 5.37 -54.00 -3.29
N ARG C 444 6.00 -52.85 -3.03
CA ARG C 444 5.57 -52.00 -1.92
C ARG C 444 4.14 -51.51 -2.15
N ALA C 445 3.80 -51.18 -3.40
CA ALA C 445 2.45 -50.75 -3.70
C ALA C 445 1.42 -51.83 -3.41
N MET C 446 1.73 -53.07 -3.78
CA MET C 446 0.83 -54.17 -3.45
C MET C 446 0.78 -54.40 -1.95
N GLU C 447 1.85 -54.09 -1.23
CA GLU C 447 1.81 -54.12 0.23
C GLU C 447 0.83 -53.09 0.78
N ALA C 448 0.77 -51.92 0.14
CA ALA C 448 0.06 -50.77 0.69
C ALA C 448 -1.40 -51.00 1.07
N PRO C 449 -2.26 -51.64 0.25
CA PRO C 449 -3.70 -51.68 0.61
C PRO C 449 -4.00 -52.32 1.95
N LEU C 450 -3.31 -53.41 2.31
CA LEU C 450 -3.52 -54.02 3.61
C LEU C 450 -3.10 -53.07 4.73
N ARG C 451 -2.00 -52.34 4.52
CA ARG C 451 -1.57 -51.34 5.48
C ARG C 451 -2.64 -50.27 5.67
N GLN C 452 -3.25 -49.82 4.57
CA GLN C 452 -4.31 -48.81 4.66
C GLN C 452 -5.52 -49.35 5.41
N ILE C 453 -5.90 -50.60 5.13
CA ILE C 453 -7.05 -51.19 5.81
C ILE C 453 -6.80 -51.27 7.32
N VAL C 454 -5.62 -51.78 7.71
CA VAL C 454 -5.35 -51.92 9.13
C VAL C 454 -5.05 -50.58 9.80
N LEU C 455 -4.69 -49.55 9.02
CA LEU C 455 -4.60 -48.21 9.58
C LEU C 455 -5.98 -47.64 9.84
N ASN C 456 -6.93 -47.91 8.93
CA ASN C 456 -8.31 -47.55 9.19
C ASN C 456 -8.85 -48.28 10.42
N CYS C 457 -8.42 -49.53 10.62
CA CYS C 457 -8.78 -50.27 11.81
C CYS C 457 -8.13 -49.72 13.08
N GLY C 458 -7.15 -48.84 12.95
CA GLY C 458 -6.47 -48.25 14.08
C GLY C 458 -5.28 -49.01 14.61
N GLU C 459 -5.01 -50.20 14.08
CA GLU C 459 -3.86 -50.98 14.53
C GLU C 459 -2.61 -50.56 13.76
N GLU C 460 -1.47 -51.08 14.20
CA GLU C 460 -0.20 -50.73 13.58
C GLU C 460 -0.09 -51.37 12.20
N PRO C 461 0.18 -50.59 11.15
CA PRO C 461 0.21 -51.16 9.80
C PRO C 461 1.40 -52.07 9.54
N SER C 462 2.60 -51.62 9.94
CA SER C 462 3.81 -52.36 9.63
C SER C 462 3.84 -53.72 10.34
N VAL C 463 3.43 -53.75 11.61
CA VAL C 463 3.47 -55.00 12.36
C VAL C 463 2.51 -56.01 11.76
N VAL C 464 1.30 -55.57 11.42
CA VAL C 464 0.32 -56.47 10.82
C VAL C 464 0.80 -56.96 9.45
N ALA C 465 1.38 -56.06 8.65
CA ALA C 465 1.87 -56.45 7.34
C ALA C 465 2.99 -57.49 7.47
N ASN C 466 3.91 -57.28 8.40
CA ASN C 466 5.00 -58.24 8.60
C ASN C 466 4.46 -59.58 9.10
N THR C 467 3.48 -59.55 10.01
CA THR C 467 2.90 -60.79 10.51
C THR C 467 2.21 -61.56 9.39
N VAL C 468 1.48 -60.85 8.51
CA VAL C 468 0.83 -61.52 7.39
C VAL C 468 1.87 -62.08 6.43
N LYS C 469 2.92 -61.32 6.13
CA LYS C 469 3.97 -61.81 5.24
C LYS C 469 4.70 -63.00 5.83
N GLY C 470 4.75 -63.11 7.16
CA GLY C 470 5.38 -64.26 7.78
C GLY C 470 4.67 -65.57 7.47
N GLY C 471 3.35 -65.53 7.36
CA GLY C 471 2.58 -66.72 7.06
C GLY C 471 2.70 -67.19 5.62
N ASP C 472 1.72 -67.98 5.17
CA ASP C 472 1.77 -68.52 3.82
C ASP C 472 0.35 -68.86 3.38
N GLY C 473 0.18 -69.03 2.07
CA GLY C 473 -1.12 -69.38 1.53
C GLY C 473 -2.13 -68.28 1.76
N ASN C 474 -3.30 -68.66 2.25
CA ASN C 474 -4.40 -67.74 2.49
C ASN C 474 -4.40 -67.16 3.90
N TYR C 475 -3.38 -67.47 4.70
CA TYR C 475 -3.30 -66.93 6.05
C TYR C 475 -3.13 -65.41 5.99
N GLY C 476 -3.87 -64.72 6.85
CA GLY C 476 -3.83 -63.27 6.85
C GLY C 476 -4.45 -62.70 8.09
N TYR C 477 -4.67 -61.38 8.06
CA TYR C 477 -5.23 -60.62 9.17
C TYR C 477 -6.69 -60.27 8.88
N ASN C 478 -7.58 -60.59 9.82
CA ASN C 478 -8.99 -60.23 9.71
C ASN C 478 -9.19 -58.85 10.31
N ALA C 479 -9.76 -57.93 9.52
CA ALA C 479 -9.92 -56.56 9.98
C ALA C 479 -11.05 -56.44 10.99
N ALA C 480 -12.16 -57.15 10.76
CA ALA C 480 -13.32 -57.01 11.64
C ALA C 480 -13.03 -57.58 13.02
N THR C 481 -12.47 -58.78 13.08
CA THR C 481 -12.22 -59.44 14.37
C THR C 481 -10.85 -59.13 14.95
N GLU C 482 -9.99 -58.42 14.21
CA GLU C 482 -8.68 -58.02 14.69
C GLU C 482 -7.86 -59.21 15.18
N GLU C 483 -7.91 -60.31 14.43
CA GLU C 483 -7.20 -61.53 14.79
C GLU C 483 -6.86 -62.32 13.54
N TYR C 484 -5.66 -62.90 13.52
CA TYR C 484 -5.11 -63.51 12.33
C TYR C 484 -5.74 -64.88 12.08
N GLY C 485 -5.28 -65.56 11.02
CA GLY C 485 -5.76 -66.88 10.67
C GLY C 485 -6.05 -66.97 9.19
N ASN C 486 -6.79 -68.00 8.81
CA ASN C 486 -7.14 -68.23 7.41
C ASN C 486 -8.30 -67.32 7.02
N MET C 487 -8.10 -66.54 5.95
CA MET C 487 -9.12 -65.59 5.53
C MET C 487 -10.28 -66.26 4.81
N ILE C 488 -10.04 -67.41 4.16
CA ILE C 488 -11.11 -68.09 3.45
C ILE C 488 -12.18 -68.58 4.42
N ASP C 489 -11.75 -69.14 5.56
CA ASP C 489 -12.70 -69.68 6.53
C ASP C 489 -13.56 -68.59 7.14
N MET C 490 -12.97 -67.43 7.45
CA MET C 490 -13.73 -66.34 8.07
C MET C 490 -14.70 -65.69 7.10
N GLY C 491 -14.63 -66.00 5.82
CA GLY C 491 -15.55 -65.42 4.86
C GLY C 491 -15.11 -64.09 4.27
N ILE C 492 -13.86 -63.69 4.43
CA ILE C 492 -13.34 -62.48 3.81
C ILE C 492 -12.84 -62.90 2.43
N LEU C 493 -13.74 -62.89 1.46
CA LEU C 493 -13.44 -63.37 0.11
C LEU C 493 -13.59 -62.23 -0.89
N ASP C 494 -12.60 -62.09 -1.75
CA ASP C 494 -12.65 -61.19 -2.89
C ASP C 494 -12.38 -61.98 -4.16
N PRO C 495 -13.19 -61.82 -5.21
CA PRO C 495 -12.93 -62.59 -6.44
C PRO C 495 -11.56 -62.25 -7.02
N THR C 496 -10.91 -63.29 -7.57
CA THR C 496 -9.60 -63.08 -8.18
C THR C 496 -9.66 -62.07 -9.32
N LYS C 497 -10.77 -62.05 -10.05
CA LYS C 497 -10.93 -61.09 -11.14
C LYS C 497 -10.87 -59.66 -10.63
N VAL C 498 -11.51 -59.39 -9.48
CA VAL C 498 -11.56 -58.03 -8.96
C VAL C 498 -10.15 -57.54 -8.61
N THR C 499 -9.41 -58.34 -7.85
CA THR C 499 -8.05 -57.96 -7.47
C THR C 499 -7.14 -57.85 -8.69
N ARG C 500 -7.26 -58.79 -9.63
CA ARG C 500 -6.42 -58.76 -10.83
C ARG C 500 -6.69 -57.51 -11.65
N SER C 501 -7.96 -57.17 -11.86
CA SER C 501 -8.30 -55.99 -12.65
C SER C 501 -7.85 -54.71 -11.93
N ALA C 502 -8.06 -54.63 -10.62
CA ALA C 502 -7.63 -53.45 -9.88
C ALA C 502 -6.12 -53.27 -10.01
N LEU C 503 -5.35 -54.35 -9.79
CA LEU C 503 -3.90 -54.25 -9.89
C LEU C 503 -3.45 -53.87 -11.28
N GLN C 504 -4.04 -54.49 -12.32
CA GLN C 504 -3.62 -54.21 -13.68
C GLN C 504 -3.93 -52.77 -14.09
N TYR C 505 -5.14 -52.28 -13.75
CA TYR C 505 -5.49 -50.92 -14.13
C TYR C 505 -4.67 -49.90 -13.34
N ALA C 506 -4.41 -50.17 -12.06
CA ALA C 506 -3.53 -49.28 -11.29
C ALA C 506 -2.14 -49.24 -11.89
N ALA C 507 -1.61 -50.40 -12.30
CA ALA C 507 -0.29 -50.44 -12.93
C ALA C 507 -0.29 -49.66 -14.24
N SER C 508 -1.34 -49.81 -15.05
CA SER C 508 -1.41 -49.12 -16.33
C SER C 508 -1.43 -47.60 -16.13
N VAL C 509 -2.29 -47.13 -15.23
CA VAL C 509 -2.38 -45.69 -15.02
C VAL C 509 -1.09 -45.16 -14.40
N ALA C 510 -0.47 -45.93 -13.51
CA ALA C 510 0.77 -45.50 -12.89
C ALA C 510 1.90 -45.43 -13.91
N GLY C 511 1.96 -46.39 -14.83
CA GLY C 511 2.96 -46.31 -15.89
C GLY C 511 2.75 -45.14 -16.82
N LEU C 512 1.49 -44.90 -17.21
CA LEU C 512 1.18 -43.76 -18.06
C LEU C 512 1.56 -42.45 -17.37
N MET C 513 1.30 -42.36 -16.07
CA MET C 513 1.64 -41.16 -15.30
C MET C 513 3.14 -41.01 -15.08
N ILE C 514 3.86 -42.12 -14.88
CA ILE C 514 5.31 -42.04 -14.69
C ILE C 514 5.99 -41.61 -15.98
N THR C 515 5.53 -42.14 -17.12
CA THR C 515 6.11 -41.78 -18.41
C THR C 515 5.53 -40.49 -18.97
N THR C 516 4.90 -39.67 -18.14
CA THR C 516 4.30 -38.41 -18.58
C THR C 516 5.31 -37.28 -18.44
N GLU C 517 5.43 -36.47 -19.49
CA GLU C 517 6.42 -35.38 -19.52
C GLU C 517 5.83 -34.00 -19.77
N CYS C 518 4.61 -33.90 -20.28
CA CYS C 518 4.05 -32.60 -20.64
C CYS C 518 2.52 -32.66 -20.61
N MET C 519 1.92 -31.48 -20.51
CA MET C 519 0.47 -31.31 -20.58
C MET C 519 0.09 -30.14 -21.48
N VAL C 520 -1.18 -30.16 -21.89
CA VAL C 520 -1.86 -29.02 -22.49
C VAL C 520 -3.21 -28.88 -21.80
N THR C 521 -3.48 -27.71 -21.22
CA THR C 521 -4.75 -27.47 -20.56
C THR C 521 -5.09 -25.99 -20.64
N ASP C 522 -6.38 -25.68 -20.48
CA ASP C 522 -6.84 -24.32 -20.60
C ASP C 522 -6.37 -23.46 -19.42
N LEU C 523 -6.25 -22.16 -19.67
CA LEU C 523 -5.82 -21.24 -18.63
C LEU C 523 -6.95 -21.00 -17.63
N PRO C 524 -6.61 -20.69 -16.37
CA PRO C 524 -7.62 -20.38 -15.35
C PRO C 524 -8.42 -19.12 -15.67
N ALA D 1 -18.04 -29.57 -11.33
CA ALA D 1 -17.62 -28.38 -10.62
C ALA D 1 -16.47 -28.69 -9.66
N ALA D 2 -15.61 -27.71 -9.44
CA ALA D 2 -14.49 -27.87 -8.53
C ALA D 2 -14.98 -28.04 -7.10
N LYS D 3 -14.23 -28.82 -6.31
CA LYS D 3 -14.60 -29.13 -4.95
C LYS D 3 -13.46 -28.81 -4.00
N ASP D 4 -13.82 -28.43 -2.77
CA ASP D 4 -12.88 -28.18 -1.70
C ASP D 4 -12.90 -29.37 -0.74
N VAL D 5 -11.72 -29.92 -0.48
CA VAL D 5 -11.59 -31.16 0.28
C VAL D 5 -10.83 -30.88 1.57
N LYS D 6 -11.40 -31.29 2.70
CA LYS D 6 -10.75 -31.20 4.00
C LYS D 6 -10.54 -32.61 4.55
N PHE D 7 -9.44 -32.78 5.27
CA PHE D 7 -9.03 -34.10 5.76
C PHE D 7 -8.87 -34.07 7.27
N GLY D 8 -9.47 -35.04 7.95
CA GLY D 8 -9.23 -35.29 9.35
C GLY D 8 -9.54 -34.16 10.31
N ASN D 9 -8.50 -33.57 10.89
CA ASN D 9 -8.69 -32.62 11.99
C ASN D 9 -9.47 -31.40 11.54
N ASP D 10 -9.13 -30.83 10.37
CA ASP D 10 -9.77 -29.59 9.93
C ASP D 10 -11.26 -29.79 9.69
N ALA D 11 -11.64 -30.88 9.05
CA ALA D 11 -13.06 -31.14 8.79
C ALA D 11 -13.83 -31.33 10.10
N ARG D 12 -13.24 -32.05 11.05
CA ARG D 12 -13.88 -32.25 12.34
C ARG D 12 -14.04 -30.93 13.09
N VAL D 13 -13.03 -30.05 13.01
CA VAL D 13 -13.14 -28.74 13.64
C VAL D 13 -14.25 -27.91 13.00
N LYS D 14 -14.34 -27.96 11.67
CA LYS D 14 -15.40 -27.22 10.99
C LYS D 14 -16.79 -27.73 11.39
N MET D 15 -16.95 -29.04 11.48
CA MET D 15 -18.22 -29.59 11.95
C MET D 15 -18.49 -29.19 13.40
N LEU D 16 -17.44 -29.17 14.23
CA LEU D 16 -17.62 -28.73 15.61
C LEU D 16 -18.11 -27.29 15.66
N ARG D 17 -17.54 -26.42 14.82
CA ARG D 17 -17.97 -25.02 14.79
C ARG D 17 -19.42 -24.91 14.34
N GLY D 18 -19.79 -25.63 13.29
CA GLY D 18 -21.17 -25.56 12.80
C GLY D 18 -22.18 -26.10 13.80
N VAL D 19 -21.87 -27.25 14.40
CA VAL D 19 -22.74 -27.84 15.40
C VAL D 19 -22.84 -26.93 16.62
N ASN D 20 -21.73 -26.32 17.02
CA ASN D 20 -21.76 -25.39 18.14
C ASN D 20 -22.65 -24.20 17.84
N VAL D 21 -22.55 -23.65 16.63
CA VAL D 21 -23.38 -22.51 16.27
C VAL D 21 -24.86 -22.90 16.31
N LEU D 22 -25.21 -24.00 15.67
CA LEU D 22 -26.62 -24.41 15.63
C LEU D 22 -27.15 -24.75 17.02
N ALA D 23 -26.35 -25.44 17.82
CA ALA D 23 -26.78 -25.85 19.15
C ALA D 23 -26.91 -24.66 20.08
N ASP D 24 -26.00 -23.69 20.00
CA ASP D 24 -26.16 -22.49 20.80
C ASP D 24 -27.36 -21.67 20.34
N ALA D 25 -27.68 -21.73 19.04
CA ALA D 25 -28.89 -21.06 18.57
C ALA D 25 -30.15 -21.70 19.13
N VAL D 26 -30.18 -23.04 19.21
CA VAL D 26 -31.41 -23.72 19.57
C VAL D 26 -31.55 -24.04 21.06
N LYS D 27 -30.46 -24.07 21.81
CA LYS D 27 -30.50 -24.55 23.19
C LYS D 27 -31.00 -23.49 24.17
N VAL D 28 -30.98 -22.21 23.80
CA VAL D 28 -31.49 -21.17 24.67
C VAL D 28 -33.01 -21.21 24.79
N THR D 29 -33.68 -22.00 23.94
CA THR D 29 -35.12 -22.17 23.98
C THR D 29 -35.54 -23.45 24.69
N LEU D 30 -34.67 -24.00 25.54
CA LEU D 30 -34.93 -25.26 26.22
C LEU D 30 -35.38 -24.99 27.64
N GLY D 31 -36.45 -25.67 28.05
CA GLY D 31 -36.98 -25.54 29.39
C GLY D 31 -38.05 -24.47 29.49
N PRO D 32 -38.87 -24.53 30.54
CA PRO D 32 -39.88 -23.48 30.74
C PRO D 32 -39.30 -22.09 30.87
N LYS D 33 -38.13 -21.96 31.48
CA LYS D 33 -37.44 -20.68 31.59
C LYS D 33 -36.52 -20.42 30.39
N GLY D 34 -36.74 -21.11 29.28
CA GLY D 34 -35.90 -20.91 28.12
C GLY D 34 -36.10 -19.55 27.49
N ARG D 35 -35.04 -19.04 26.88
CA ARG D 35 -35.06 -17.74 26.23
C ARG D 35 -35.75 -17.86 24.88
N ASN D 36 -35.75 -16.78 24.11
CA ASN D 36 -36.38 -16.76 22.79
C ASN D 36 -35.39 -16.21 21.76
N VAL D 37 -35.59 -16.64 20.51
CA VAL D 37 -34.69 -16.32 19.41
C VAL D 37 -35.43 -15.46 18.41
N VAL D 38 -34.78 -14.41 17.92
CA VAL D 38 -35.36 -13.49 16.95
C VAL D 38 -34.94 -13.95 15.56
N LEU D 39 -35.93 -14.16 14.68
CA LEU D 39 -35.70 -14.63 13.32
C LEU D 39 -36.12 -13.54 12.34
N ASP D 40 -35.24 -13.24 11.40
CA ASP D 40 -35.52 -12.20 10.42
C ASP D 40 -36.57 -12.66 9.41
N LYS D 41 -37.24 -11.68 8.81
CA LYS D 41 -38.19 -11.93 7.74
C LYS D 41 -38.08 -10.82 6.70
N SER D 42 -38.28 -11.20 5.44
CA SER D 42 -38.24 -10.22 4.36
C SER D 42 -39.36 -9.20 4.45
N PHE D 43 -40.48 -9.57 5.08
CA PHE D 43 -41.59 -8.62 5.22
C PHE D 43 -41.19 -7.42 6.06
N GLY D 44 -40.45 -7.65 7.14
CA GLY D 44 -39.98 -6.57 7.97
C GLY D 44 -40.13 -6.82 9.46
N ALA D 45 -41.19 -7.52 9.85
CA ALA D 45 -41.44 -7.79 11.26
C ALA D 45 -40.72 -9.07 11.67
N PRO D 46 -39.75 -8.99 12.58
CA PRO D 46 -39.05 -10.21 13.02
C PRO D 46 -39.98 -11.14 13.78
N THR D 47 -39.68 -12.43 13.70
CA THR D 47 -40.45 -13.46 14.38
C THR D 47 -39.71 -13.87 15.66
N ILE D 48 -40.39 -13.76 16.79
CA ILE D 48 -39.82 -14.10 18.09
C ILE D 48 -40.49 -15.39 18.54
N THR D 49 -39.69 -16.44 18.74
CA THR D 49 -40.24 -17.75 19.09
C THR D 49 -39.36 -18.43 20.13
N LYS D 50 -40.01 -19.23 20.98
CA LYS D 50 -39.33 -20.09 21.93
C LYS D 50 -39.28 -21.54 21.46
N ASP D 51 -39.66 -21.80 20.21
CA ASP D 51 -39.67 -23.15 19.65
C ASP D 51 -38.35 -23.42 18.95
N GLY D 52 -37.65 -24.48 19.38
CA GLY D 52 -36.38 -24.83 18.79
C GLY D 52 -36.48 -25.37 17.38
N VAL D 53 -37.64 -25.90 17.00
CA VAL D 53 -37.81 -26.45 15.65
C VAL D 53 -37.63 -25.35 14.61
N SER D 54 -38.31 -24.22 14.79
CA SER D 54 -38.17 -23.11 13.85
C SER D 54 -36.76 -22.56 13.87
N VAL D 55 -36.17 -22.38 15.06
CA VAL D 55 -34.81 -21.87 15.16
C VAL D 55 -33.86 -22.72 14.35
N ALA D 56 -33.99 -24.05 14.47
CA ALA D 56 -33.20 -24.95 13.64
C ALA D 56 -33.55 -24.79 12.16
N ARG D 57 -34.83 -24.56 11.86
CA ARG D 57 -35.27 -24.50 10.47
C ARG D 57 -34.60 -23.36 9.72
N GLU D 58 -34.45 -22.19 10.35
CA GLU D 58 -33.73 -21.08 9.72
C GLU D 58 -32.29 -20.94 10.20
N ILE D 59 -31.56 -22.05 10.38
CA ILE D 59 -30.11 -22.01 10.56
C ILE D 59 -29.44 -22.56 9.31
N GLU D 60 -28.54 -21.77 8.73
CA GLU D 60 -27.67 -22.22 7.65
C GLU D 60 -26.53 -21.22 7.52
N LEU D 61 -25.30 -21.71 7.59
CA LEU D 61 -24.13 -20.85 7.73
C LEU D 61 -23.49 -20.57 6.37
N GLU D 62 -22.61 -19.56 6.36
CA GLU D 62 -21.89 -19.19 5.15
C GLU D 62 -20.79 -20.19 4.81
N ASP D 63 -20.07 -20.68 5.81
CA ASP D 63 -19.00 -21.65 5.58
C ASP D 63 -19.61 -22.98 5.17
N LYS D 64 -19.09 -23.56 4.09
CA LYS D 64 -19.70 -24.76 3.52
C LYS D 64 -19.62 -25.94 4.48
N PHE D 65 -18.46 -26.14 5.12
CA PHE D 65 -18.26 -27.31 5.96
C PHE D 65 -19.08 -27.21 7.26
N GLU D 66 -19.06 -26.03 7.89
CA GLU D 66 -19.89 -25.81 9.06
C GLU D 66 -21.37 -25.96 8.71
N ASN D 67 -21.77 -25.49 7.52
CA ASN D 67 -23.15 -25.67 7.08
C ASN D 67 -23.47 -27.14 6.90
N MET D 68 -22.53 -27.92 6.37
CA MET D 68 -22.75 -29.36 6.22
C MET D 68 -22.98 -30.03 7.57
N GLY D 69 -22.14 -29.71 8.56
CA GLY D 69 -22.33 -30.28 9.88
C GLY D 69 -23.65 -29.86 10.51
N ALA D 70 -23.98 -28.58 10.40
CA ALA D 70 -25.24 -28.08 10.94
C ALA D 70 -26.43 -28.73 10.26
N GLN D 71 -26.33 -28.99 8.95
CA GLN D 71 -27.42 -29.63 8.24
C GLN D 71 -27.55 -31.10 8.61
N MET D 72 -26.43 -31.78 8.87
CA MET D 72 -26.52 -33.15 9.40
C MET D 72 -27.28 -33.17 10.72
N VAL D 73 -26.91 -32.27 11.63
CA VAL D 73 -27.59 -32.23 12.94
C VAL D 73 -29.06 -31.85 12.77
N LYS D 74 -29.33 -30.90 11.88
CA LYS D 74 -30.70 -30.49 11.62
C LYS D 74 -31.53 -31.64 11.06
N GLU D 75 -30.94 -32.41 10.13
CA GLU D 75 -31.65 -33.53 9.53
C GLU D 75 -31.98 -34.60 10.56
N VAL D 76 -31.01 -34.94 11.42
CA VAL D 76 -31.28 -35.98 12.42
C VAL D 76 -32.29 -35.48 13.45
N ALA D 77 -32.21 -34.19 13.82
CA ALA D 77 -33.19 -33.63 14.74
C ALA D 77 -34.59 -33.62 14.13
N SER D 78 -34.69 -33.30 12.84
CA SER D 78 -35.98 -33.33 12.15
C SER D 78 -36.51 -34.75 12.07
N LYS D 79 -35.64 -35.73 11.83
CA LYS D 79 -36.08 -37.12 11.83
C LYS D 79 -36.62 -37.52 13.20
N ALA D 80 -35.93 -37.11 14.27
CA ALA D 80 -36.41 -37.39 15.62
C ALA D 80 -37.77 -36.74 15.87
N ASN D 81 -37.93 -35.48 15.44
CA ASN D 81 -39.19 -34.78 15.63
C ASN D 81 -40.33 -35.47 14.87
N ASP D 82 -40.07 -35.88 13.62
CA ASP D 82 -41.09 -36.55 12.84
C ASP D 82 -41.45 -37.90 13.44
N ALA D 83 -40.46 -38.65 13.92
CA ALA D 83 -40.73 -39.97 14.48
C ALA D 83 -41.49 -39.87 15.81
N ALA D 84 -41.15 -38.87 16.64
CA ALA D 84 -41.68 -38.78 17.99
C ALA D 84 -42.71 -37.68 18.19
N GLY D 85 -42.57 -36.55 17.51
CA GLY D 85 -43.44 -35.41 17.72
C GLY D 85 -42.84 -34.32 18.58
N ASP D 86 -41.69 -34.57 19.19
CA ASP D 86 -41.01 -33.58 20.03
C ASP D 86 -39.57 -34.04 20.21
N GLY D 87 -38.79 -33.23 20.93
CA GLY D 87 -37.42 -33.58 21.23
C GLY D 87 -36.38 -33.04 20.26
N THR D 88 -36.74 -32.07 19.42
CA THR D 88 -35.77 -31.51 18.49
C THR D 88 -34.62 -30.83 19.23
N THR D 89 -34.95 -29.96 20.18
CA THR D 89 -33.92 -29.27 20.94
C THR D 89 -33.10 -30.24 21.79
N THR D 90 -33.77 -31.20 22.43
CA THR D 90 -33.07 -32.19 23.24
C THR D 90 -32.12 -33.02 22.39
N ALA D 91 -32.58 -33.48 21.22
CA ALA D 91 -31.72 -34.24 20.33
C ALA D 91 -30.54 -33.40 19.86
N THR D 92 -30.78 -32.13 19.53
CA THR D 92 -29.70 -31.27 19.07
C THR D 92 -28.65 -31.05 20.14
N VAL D 93 -29.07 -30.76 21.38
CA VAL D 93 -28.10 -30.50 22.44
C VAL D 93 -27.36 -31.78 22.81
N LEU D 94 -28.06 -32.91 22.82
CA LEU D 94 -27.39 -34.18 23.07
C LEU D 94 -26.35 -34.47 22.01
N ALA D 95 -26.70 -34.25 20.74
CA ALA D 95 -25.75 -34.47 19.65
C ALA D 95 -24.55 -33.54 19.78
N GLN D 96 -24.79 -32.27 20.13
CA GLN D 96 -23.68 -31.34 20.32
C GLN D 96 -22.75 -31.81 21.42
N ALA D 97 -23.29 -32.25 22.54
CA ALA D 97 -22.45 -32.70 23.65
C ALA D 97 -21.64 -33.92 23.25
N ILE D 98 -22.29 -34.92 22.63
CA ILE D 98 -21.56 -36.12 22.24
C ILE D 98 -20.48 -35.77 21.23
N ILE D 99 -20.81 -34.92 20.25
CA ILE D 99 -19.85 -34.56 19.21
C ILE D 99 -18.65 -33.84 19.81
N THR D 100 -18.90 -32.88 20.70
CA THR D 100 -17.80 -32.13 21.31
C THR D 100 -16.87 -33.04 22.09
N GLU D 101 -17.44 -33.87 22.98
CA GLU D 101 -16.61 -34.74 23.80
C GLU D 101 -15.89 -35.79 22.94
N GLY D 102 -16.57 -36.34 21.94
CA GLY D 102 -15.95 -37.33 21.08
C GLY D 102 -14.84 -36.75 20.23
N LEU D 103 -15.00 -35.52 19.75
CA LEU D 103 -13.92 -34.87 19.00
C LEU D 103 -12.75 -34.56 19.91
N LYS D 104 -13.01 -34.19 21.16
CA LYS D 104 -11.92 -34.03 22.12
C LYS D 104 -11.15 -35.34 22.30
N ALA D 105 -11.89 -36.44 22.47
CA ALA D 105 -11.25 -37.74 22.65
C ALA D 105 -10.48 -38.15 21.40
N VAL D 106 -11.02 -37.87 20.22
CA VAL D 106 -10.35 -38.20 18.96
C VAL D 106 -9.06 -37.41 18.84
N ALA D 107 -9.11 -36.11 19.13
CA ALA D 107 -7.91 -35.28 19.11
C ALA D 107 -6.90 -35.74 20.16
N ALA D 108 -7.37 -36.40 21.22
CA ALA D 108 -6.45 -36.98 22.19
C ALA D 108 -5.61 -38.10 21.62
N GLY D 109 -6.01 -38.67 20.49
CA GLY D 109 -5.26 -39.73 19.84
C GLY D 109 -5.90 -41.11 19.88
N MET D 110 -7.19 -41.22 20.23
CA MET D 110 -7.81 -42.53 20.33
C MET D 110 -8.53 -42.89 19.04
N ASN D 111 -8.89 -44.17 18.92
CA ASN D 111 -9.54 -44.67 17.72
C ASN D 111 -10.99 -44.21 17.67
N PRO D 112 -11.41 -43.48 16.63
CA PRO D 112 -12.83 -43.06 16.55
C PRO D 112 -13.80 -44.23 16.48
N MET D 113 -13.41 -45.34 15.86
CA MET D 113 -14.33 -46.47 15.70
C MET D 113 -14.69 -47.08 17.04
N ASP D 114 -13.70 -47.28 17.92
CA ASP D 114 -13.98 -47.78 19.25
C ASP D 114 -14.79 -46.78 20.07
N LEU D 115 -14.56 -45.49 19.86
CA LEU D 115 -15.39 -44.47 20.52
C LEU D 115 -16.84 -44.59 20.10
N LYS D 116 -17.09 -44.75 18.80
CA LYS D 116 -18.46 -44.94 18.32
C LYS D 116 -19.07 -46.22 18.87
N ARG D 117 -18.27 -47.29 18.95
CA ARG D 117 -18.75 -48.54 19.53
C ARG D 117 -19.19 -48.35 20.97
N GLY D 118 -18.35 -47.65 21.76
CA GLY D 118 -18.71 -47.38 23.14
C GLY D 118 -19.94 -46.51 23.27
N ILE D 119 -20.06 -45.49 22.41
CA ILE D 119 -21.24 -44.63 22.41
C ILE D 119 -22.50 -45.45 22.14
N ASP D 120 -22.43 -46.32 21.13
CA ASP D 120 -23.59 -47.13 20.78
C ASP D 120 -23.96 -48.11 21.89
N LYS D 121 -22.95 -48.71 22.53
CA LYS D 121 -23.23 -49.63 23.64
C LYS D 121 -23.87 -48.89 24.81
N ALA D 122 -23.33 -47.72 25.15
CA ALA D 122 -23.90 -46.94 26.24
C ALA D 122 -25.32 -46.49 25.93
N VAL D 123 -25.57 -46.11 24.68
CA VAL D 123 -26.90 -45.64 24.30
C VAL D 123 -27.90 -46.80 24.29
N THR D 124 -27.47 -47.99 23.87
CA THR D 124 -28.35 -49.15 23.96
C THR D 124 -28.69 -49.48 25.41
N ALA D 125 -27.69 -49.44 26.28
CA ALA D 125 -27.96 -49.65 27.71
C ALA D 125 -28.89 -48.57 28.25
N ALA D 126 -28.73 -47.33 27.77
CA ALA D 126 -29.61 -46.25 28.18
C ALA D 126 -31.04 -46.48 27.72
N VAL D 127 -31.21 -47.01 26.51
CA VAL D 127 -32.54 -47.33 26.00
C VAL D 127 -33.18 -48.40 26.88
N GLU D 128 -32.41 -49.43 27.25
CA GLU D 128 -32.94 -50.46 28.13
C GLU D 128 -33.32 -49.88 29.49
N GLU D 129 -32.49 -49.01 30.04
CA GLU D 129 -32.81 -48.38 31.32
C GLU D 129 -34.05 -47.51 31.22
N LEU D 130 -34.21 -46.79 30.11
CA LEU D 130 -35.41 -45.98 29.90
C LEU D 130 -36.65 -46.85 29.81
N LYS D 131 -36.55 -48.00 29.14
CA LYS D 131 -37.66 -48.94 29.11
C LYS D 131 -38.00 -49.42 30.51
N ALA D 132 -36.98 -49.69 31.32
CA ALA D 132 -37.22 -50.11 32.69
C ALA D 132 -37.89 -49.01 33.51
N LEU D 133 -37.47 -47.76 33.30
CA LEU D 133 -37.97 -46.63 34.08
C LEU D 133 -39.36 -46.16 33.65
N SER D 134 -39.78 -46.50 32.44
CA SER D 134 -41.05 -46.00 31.92
C SER D 134 -42.23 -46.56 32.71
N VAL D 135 -43.27 -45.74 32.85
CA VAL D 135 -44.50 -46.16 33.50
C VAL D 135 -45.60 -46.26 32.44
N PRO D 136 -46.51 -47.22 32.55
CA PRO D 136 -47.53 -47.39 31.51
C PRO D 136 -48.51 -46.22 31.47
N CYS D 137 -49.07 -45.99 30.27
CA CYS D 137 -50.08 -44.98 30.03
C CYS D 137 -51.24 -45.59 29.24
N SER D 138 -51.69 -46.77 29.66
CA SER D 138 -52.70 -47.51 28.92
C SER D 138 -54.12 -47.17 29.34
N ASP D 139 -54.37 -46.96 30.63
CA ASP D 139 -55.71 -46.66 31.10
C ASP D 139 -56.12 -45.23 30.74
N SER D 140 -57.42 -44.96 30.85
CA SER D 140 -57.96 -43.69 30.40
C SER D 140 -57.46 -42.52 31.25
N LYS D 141 -57.30 -42.75 32.56
CA LYS D 141 -56.90 -41.65 33.44
C LYS D 141 -55.52 -41.12 33.09
N ALA D 142 -54.56 -42.02 32.86
CA ALA D 142 -53.23 -41.58 32.48
C ALA D 142 -53.24 -40.90 31.11
N ILE D 143 -54.07 -41.40 30.20
CA ILE D 143 -54.18 -40.77 28.88
C ILE D 143 -54.68 -39.33 29.01
N ALA D 144 -55.73 -39.13 29.82
CA ALA D 144 -56.26 -37.79 30.02
C ALA D 144 -55.24 -36.90 30.72
N GLN D 145 -54.52 -37.45 31.70
CA GLN D 145 -53.53 -36.66 32.42
C GLN D 145 -52.40 -36.22 31.50
N VAL D 146 -51.92 -37.12 30.65
CA VAL D 146 -50.86 -36.77 29.69
C VAL D 146 -51.36 -35.74 28.69
N GLY D 147 -52.59 -35.92 28.19
CA GLY D 147 -53.15 -34.94 27.27
C GLY D 147 -53.29 -33.57 27.90
N THR D 148 -53.69 -33.52 29.18
CA THR D 148 -53.78 -32.26 29.90
C THR D 148 -52.40 -31.62 30.04
N ILE D 149 -51.40 -32.42 30.39
CA ILE D 149 -50.05 -31.88 30.58
C ILE D 149 -49.51 -31.31 29.27
N SER D 150 -49.71 -32.04 28.17
CA SER D 150 -49.19 -31.60 26.88
C SER D 150 -49.82 -30.28 26.44
N ALA D 151 -51.12 -30.12 26.68
CA ALA D 151 -51.84 -28.92 26.24
C ALA D 151 -51.84 -27.83 27.32
N ASN D 152 -50.66 -27.52 27.84
CA ASN D 152 -50.46 -26.42 28.78
C ASN D 152 -51.43 -26.51 29.97
N SER D 153 -51.49 -27.70 30.57
CA SER D 153 -52.30 -27.94 31.77
C SER D 153 -53.77 -27.58 31.56
N ASP D 154 -54.31 -28.00 30.43
CA ASP D 154 -55.73 -27.80 30.12
C ASP D 154 -56.43 -29.16 30.20
N GLU D 155 -57.40 -29.27 31.11
CA GLU D 155 -58.05 -30.56 31.34
C GLU D 155 -59.01 -30.94 30.22
N THR D 156 -59.61 -29.95 29.57
CA THR D 156 -60.62 -30.24 28.54
C THR D 156 -59.98 -30.99 27.36
N VAL D 157 -58.82 -30.52 26.89
CA VAL D 157 -58.17 -31.17 25.77
C VAL D 157 -57.77 -32.60 26.12
N GLY D 158 -57.19 -32.76 27.32
CA GLY D 158 -56.76 -34.09 27.74
C GLY D 158 -57.92 -35.06 27.85
N LYS D 159 -59.01 -34.63 28.48
CA LYS D 159 -60.16 -35.52 28.62
C LYS D 159 -60.80 -35.82 27.25
N LEU D 160 -60.86 -34.82 26.37
CA LEU D 160 -61.41 -35.04 25.03
C LEU D 160 -60.61 -36.09 24.27
N ILE D 161 -59.27 -35.97 24.31
CA ILE D 161 -58.43 -36.99 23.72
C ILE D 161 -58.66 -38.33 24.40
N ALA D 162 -58.94 -38.32 25.71
CA ALA D 162 -59.17 -39.56 26.43
C ALA D 162 -60.39 -40.30 25.89
N GLU D 163 -61.54 -39.62 25.79
CA GLU D 163 -62.69 -40.36 25.28
C GLU D 163 -62.57 -40.62 23.78
N ALA D 164 -61.85 -39.78 23.03
CA ALA D 164 -61.62 -40.09 21.62
C ALA D 164 -60.86 -41.40 21.47
N MET D 165 -59.78 -41.57 22.23
CA MET D 165 -59.02 -42.81 22.17
C MET D 165 -59.84 -43.99 22.69
N ASP D 166 -60.62 -43.78 23.75
CA ASP D 166 -61.44 -44.87 24.27
C ASP D 166 -62.49 -45.30 23.24
N LYS D 167 -62.99 -44.36 22.45
CA LYS D 167 -63.99 -44.69 21.43
C LYS D 167 -63.34 -45.38 20.23
N VAL D 168 -62.17 -44.92 19.81
CA VAL D 168 -61.55 -45.46 18.60
C VAL D 168 -60.46 -46.50 18.90
N GLY D 169 -59.94 -46.54 20.12
CA GLY D 169 -58.84 -47.43 20.42
C GLY D 169 -57.52 -46.68 20.46
N LYS D 170 -56.58 -47.20 21.26
CA LYS D 170 -55.27 -46.57 21.36
C LYS D 170 -54.54 -46.59 20.03
N GLU D 171 -54.70 -47.66 19.26
CA GLU D 171 -54.11 -47.76 17.94
C GLU D 171 -54.97 -47.13 16.85
N GLY D 172 -56.15 -46.64 17.18
CA GLY D 172 -57.03 -46.05 16.20
C GLY D 172 -56.53 -44.70 15.70
N VAL D 173 -57.18 -44.22 14.65
CA VAL D 173 -56.84 -42.96 14.00
C VAL D 173 -57.77 -41.87 14.50
N ILE D 174 -57.20 -40.72 14.85
CA ILE D 174 -57.96 -39.56 15.31
C ILE D 174 -57.51 -38.35 14.52
N THR D 175 -58.47 -37.57 14.03
CA THR D 175 -58.19 -36.34 13.30
C THR D 175 -58.89 -35.17 13.98
N VAL D 176 -58.37 -33.98 13.76
CA VAL D 176 -58.88 -32.76 14.38
C VAL D 176 -59.40 -31.83 13.29
N GLU D 177 -60.63 -31.36 13.46
CA GLU D 177 -61.27 -30.47 12.50
C GLU D 177 -61.87 -29.29 13.25
N ASP D 178 -62.06 -28.19 12.52
CA ASP D 178 -62.66 -27.00 13.10
C ASP D 178 -64.13 -27.26 13.45
N GLY D 179 -64.53 -26.81 14.64
CA GLY D 179 -65.89 -26.97 15.08
C GLY D 179 -66.75 -25.75 14.78
N THR D 180 -68.06 -25.99 14.65
CA THR D 180 -69.01 -24.93 14.36
C THR D 180 -69.45 -24.21 15.63
N GLY D 181 -70.03 -24.95 16.57
CA GLY D 181 -70.50 -24.38 17.81
C GLY D 181 -69.41 -24.22 18.85
N LEU D 182 -69.80 -23.64 19.98
CA LEU D 182 -68.87 -23.46 21.09
C LEU D 182 -68.44 -24.80 21.67
N GLN D 183 -69.38 -25.72 21.84
CA GLN D 183 -69.07 -27.01 22.45
C GLN D 183 -68.22 -27.85 21.51
N ASP D 184 -67.28 -28.60 22.10
CA ASP D 184 -66.48 -29.54 21.32
C ASP D 184 -67.34 -30.73 20.89
N GLU D 185 -67.05 -31.25 19.71
CA GLU D 185 -67.82 -32.34 19.12
C GLU D 185 -66.88 -33.48 18.75
N LEU D 186 -67.30 -34.71 19.10
CA LEU D 186 -66.56 -35.91 18.77
C LEU D 186 -67.50 -36.88 18.06
N ASP D 187 -67.04 -37.41 16.93
CA ASP D 187 -67.84 -38.36 16.17
C ASP D 187 -66.91 -39.32 15.44
N VAL D 188 -67.43 -40.49 15.11
CA VAL D 188 -66.68 -41.53 14.40
C VAL D 188 -67.27 -41.67 13.00
N VAL D 189 -66.41 -41.54 11.99
CA VAL D 189 -66.81 -41.67 10.60
C VAL D 189 -65.95 -42.74 9.94
N GLU D 190 -66.45 -43.29 8.85
CA GLU D 190 -65.74 -44.36 8.14
C GLU D 190 -64.54 -43.78 7.41
N GLY D 191 -63.39 -44.42 7.59
CA GLY D 191 -62.17 -43.95 6.94
C GLY D 191 -61.01 -44.86 7.28
N MET D 192 -59.86 -44.55 6.68
CA MET D 192 -58.66 -45.33 6.88
C MET D 192 -57.44 -44.45 6.66
N GLN D 193 -56.30 -44.91 7.18
CA GLN D 193 -55.05 -44.16 7.13
C GLN D 193 -53.93 -45.07 6.62
N PHE D 194 -53.07 -44.53 5.76
CA PHE D 194 -51.89 -45.24 5.29
C PHE D 194 -50.68 -44.31 5.34
N ASP D 195 -49.50 -44.92 5.41
CA ASP D 195 -48.26 -44.19 5.64
C ASP D 195 -47.67 -43.59 4.37
N ARG D 196 -48.30 -43.76 3.21
CA ARG D 196 -47.78 -43.16 1.99
C ARG D 196 -47.97 -41.65 2.01
N GLY D 197 -46.86 -40.91 1.86
CA GLY D 197 -46.89 -39.47 1.88
C GLY D 197 -46.85 -38.87 0.48
N TYR D 198 -46.79 -37.54 0.46
CA TYR D 198 -46.73 -36.82 -0.81
C TYR D 198 -45.36 -36.97 -1.45
N LEU D 199 -45.33 -36.80 -2.78
CA LEU D 199 -44.08 -36.97 -3.52
C LEU D 199 -43.13 -35.81 -3.26
N SER D 200 -43.63 -34.58 -3.30
CA SER D 200 -42.80 -33.40 -3.10
C SER D 200 -43.47 -32.45 -2.12
N PRO D 201 -42.68 -31.65 -1.39
CA PRO D 201 -43.27 -30.68 -0.47
C PRO D 201 -44.06 -29.55 -1.15
N TYR D 202 -44.00 -29.46 -2.48
CA TYR D 202 -44.69 -28.39 -3.19
C TYR D 202 -46.21 -28.49 -3.10
N PHE D 203 -46.76 -29.63 -2.67
CA PHE D 203 -48.20 -29.78 -2.55
C PHE D 203 -48.73 -29.27 -1.21
N ILE D 204 -47.87 -28.84 -0.30
CA ILE D 204 -48.27 -28.42 1.04
C ILE D 204 -49.17 -27.20 0.95
N ASN D 205 -50.44 -27.35 1.35
CA ASN D 205 -51.37 -26.23 1.30
C ASN D 205 -51.10 -25.23 2.42
N LYS D 206 -50.84 -25.73 3.64
CA LYS D 206 -50.55 -24.87 4.78
C LYS D 206 -49.13 -25.11 5.29
N PRO D 207 -48.20 -24.18 5.02
CA PRO D 207 -46.81 -24.41 5.42
C PRO D 207 -46.58 -24.46 6.93
N GLU D 208 -47.50 -23.92 7.74
CA GLU D 208 -47.28 -23.87 9.18
C GLU D 208 -47.24 -25.26 9.78
N THR D 209 -48.08 -26.17 9.30
CA THR D 209 -48.07 -27.56 9.75
C THR D 209 -47.36 -28.49 8.79
N GLY D 210 -47.02 -28.03 7.59
CA GLY D 210 -46.36 -28.88 6.61
C GLY D 210 -47.21 -30.06 6.17
N ALA D 211 -48.50 -29.85 5.94
CA ALA D 211 -49.41 -30.90 5.54
C ALA D 211 -50.31 -30.39 4.42
N VAL D 212 -51.05 -31.31 3.81
CA VAL D 212 -51.95 -31.01 2.72
C VAL D 212 -53.36 -31.40 3.14
N GLU D 213 -54.30 -30.48 3.01
CA GLU D 213 -55.70 -30.72 3.33
C GLU D 213 -56.56 -30.31 2.15
N LEU D 214 -57.53 -31.15 1.80
CA LEU D 214 -58.46 -30.89 0.71
C LEU D 214 -59.88 -31.11 1.21
N GLU D 215 -60.75 -30.13 0.98
CA GLU D 215 -62.15 -30.22 1.39
C GLU D 215 -62.97 -30.75 0.22
N SER D 216 -63.66 -31.86 0.45
CA SER D 216 -64.41 -32.56 -0.58
C SER D 216 -63.59 -32.81 -1.86
N PRO D 217 -62.51 -33.56 -1.77
CA PRO D 217 -61.67 -33.81 -2.94
C PRO D 217 -62.09 -35.07 -3.70
N PHE D 218 -61.57 -35.18 -4.92
CA PHE D 218 -61.79 -36.34 -5.76
C PHE D 218 -60.52 -37.18 -5.77
N ILE D 219 -60.66 -38.48 -5.46
CA ILE D 219 -59.53 -39.38 -5.31
C ILE D 219 -59.41 -40.23 -6.58
N LEU D 220 -58.23 -40.19 -7.20
CA LEU D 220 -57.97 -41.00 -8.39
C LEU D 220 -57.36 -42.34 -7.99
N LEU D 221 -57.87 -43.41 -8.60
CA LEU D 221 -57.48 -44.78 -8.26
C LEU D 221 -56.89 -45.44 -9.51
N ALA D 222 -55.56 -45.48 -9.60
CA ALA D 222 -54.89 -46.04 -10.76
C ALA D 222 -53.94 -47.15 -10.30
N ASP D 223 -53.90 -48.24 -11.07
CA ASP D 223 -53.03 -49.37 -10.77
C ASP D 223 -51.71 -49.33 -11.53
N LYS D 224 -51.44 -48.28 -12.30
CA LYS D 224 -50.22 -48.17 -13.07
C LYS D 224 -49.42 -46.96 -12.61
N LYS D 225 -48.11 -47.02 -12.85
CA LYS D 225 -47.24 -45.91 -12.49
C LYS D 225 -47.55 -44.70 -13.36
N ILE D 226 -48.03 -43.63 -12.74
CA ILE D 226 -48.42 -42.43 -13.47
C ILE D 226 -47.19 -41.80 -14.10
N SER D 227 -47.17 -41.75 -15.43
CA SER D 227 -46.01 -41.23 -16.15
C SER D 227 -46.41 -40.18 -17.19
N ASN D 228 -47.61 -40.30 -17.76
CA ASN D 228 -48.05 -39.46 -18.85
C ASN D 228 -49.24 -38.61 -18.42
N ILE D 229 -49.23 -37.34 -18.81
CA ILE D 229 -50.29 -36.42 -18.41
C ILE D 229 -51.53 -36.56 -19.30
N ARG D 230 -51.35 -36.90 -20.58
CA ARG D 230 -52.48 -36.94 -21.51
C ARG D 230 -53.51 -38.00 -21.12
N GLU D 231 -53.14 -38.96 -20.27
CA GLU D 231 -54.09 -40.00 -19.88
C GLU D 231 -55.20 -39.43 -19.00
N MET D 232 -54.86 -38.65 -17.98
CA MET D 232 -55.85 -38.12 -17.04
C MET D 232 -56.20 -36.66 -17.33
N LEU D 233 -55.79 -36.13 -18.48
CA LEU D 233 -56.19 -34.76 -18.83
C LEU D 233 -57.71 -34.58 -18.89
N PRO D 234 -58.49 -35.48 -19.52
CA PRO D 234 -59.95 -35.33 -19.42
C PRO D 234 -60.46 -35.37 -17.99
N VAL D 235 -59.87 -36.22 -17.14
CA VAL D 235 -60.27 -36.28 -15.75
C VAL D 235 -59.93 -34.97 -15.04
N LEU D 236 -58.75 -34.43 -15.32
CA LEU D 236 -58.37 -33.15 -14.72
C LEU D 236 -59.30 -32.04 -15.15
N GLU D 237 -59.68 -32.00 -16.43
CA GLU D 237 -60.59 -30.98 -16.92
C GLU D 237 -61.97 -31.12 -16.28
N ALA D 238 -62.46 -32.36 -16.16
CA ALA D 238 -63.76 -32.58 -15.54
C ALA D 238 -63.76 -32.15 -14.08
N VAL D 239 -62.68 -32.47 -13.36
CA VAL D 239 -62.59 -32.05 -11.96
C VAL D 239 -62.48 -30.53 -11.85
N ALA D 240 -61.72 -29.90 -12.75
CA ALA D 240 -61.58 -28.45 -12.71
C ALA D 240 -62.91 -27.76 -12.98
N LYS D 241 -63.66 -28.24 -13.97
CA LYS D 241 -64.98 -27.64 -14.23
C LYS D 241 -65.93 -27.94 -13.07
N ALA D 242 -65.76 -29.09 -12.42
CA ALA D 242 -66.48 -29.34 -11.17
C ALA D 242 -66.04 -28.37 -10.08
N GLY D 243 -64.75 -28.05 -10.05
CA GLY D 243 -64.22 -27.09 -9.09
C GLY D 243 -63.76 -27.68 -7.77
N LYS D 244 -64.02 -28.96 -7.52
CA LYS D 244 -63.59 -29.60 -6.28
C LYS D 244 -62.13 -30.02 -6.36
N PRO D 245 -61.47 -30.19 -5.22
CA PRO D 245 -60.07 -30.64 -5.23
C PRO D 245 -59.94 -32.04 -5.79
N LEU D 246 -58.69 -32.40 -6.14
CA LEU D 246 -58.39 -33.69 -6.73
C LEU D 246 -57.21 -34.31 -6.01
N LEU D 247 -57.24 -35.63 -5.86
CA LEU D 247 -56.17 -36.40 -5.25
C LEU D 247 -55.90 -37.64 -6.08
N ILE D 248 -54.62 -38.00 -6.22
CA ILE D 248 -54.22 -39.18 -6.98
C ILE D 248 -53.45 -40.12 -6.05
N ILE D 249 -53.81 -41.40 -6.09
CA ILE D 249 -53.03 -42.46 -5.43
C ILE D 249 -52.81 -43.58 -6.44
N ALA D 250 -51.55 -43.91 -6.69
CA ALA D 250 -51.20 -44.93 -7.67
C ALA D 250 -49.85 -45.53 -7.28
N GLU D 251 -49.34 -46.42 -8.13
CA GLU D 251 -48.08 -47.09 -7.85
C GLU D 251 -46.93 -46.09 -7.75
N ASP D 252 -46.87 -45.14 -8.69
CA ASP D 252 -45.85 -44.10 -8.66
C ASP D 252 -46.27 -42.99 -9.62
N VAL D 253 -45.85 -41.77 -9.29
CA VAL D 253 -46.12 -40.59 -10.11
C VAL D 253 -44.80 -39.90 -10.36
N GLU D 254 -44.32 -39.95 -11.60
CA GLU D 254 -43.05 -39.35 -11.96
C GLU D 254 -43.12 -38.81 -13.39
N GLY D 255 -42.26 -37.84 -13.68
CA GLY D 255 -42.13 -37.33 -15.03
C GLY D 255 -42.93 -36.09 -15.34
N GLU D 256 -43.40 -35.98 -16.59
CA GLU D 256 -44.13 -34.80 -17.00
C GLU D 256 -45.45 -34.65 -16.26
N ALA D 257 -46.05 -35.76 -15.83
CA ALA D 257 -47.28 -35.68 -15.05
C ALA D 257 -47.02 -34.96 -13.73
N LEU D 258 -45.97 -35.38 -13.01
CA LEU D 258 -45.62 -34.71 -11.76
C LEU D 258 -45.22 -33.25 -12.01
N ALA D 259 -44.47 -33.01 -13.08
CA ALA D 259 -44.04 -31.64 -13.38
C ALA D 259 -45.23 -30.72 -13.62
N THR D 260 -46.18 -31.17 -14.45
CA THR D 260 -47.34 -30.33 -14.73
C THR D 260 -48.28 -30.24 -13.53
N LEU D 261 -48.32 -31.26 -12.68
CA LEU D 261 -49.10 -31.15 -11.46
C LEU D 261 -48.51 -30.10 -10.53
N VAL D 262 -47.19 -30.07 -10.40
CA VAL D 262 -46.54 -29.03 -9.59
C VAL D 262 -46.79 -27.66 -10.21
N VAL D 263 -46.71 -27.56 -11.53
CA VAL D 263 -46.97 -26.29 -12.20
C VAL D 263 -48.39 -25.81 -11.94
N ASN D 264 -49.36 -26.72 -12.03
CA ASN D 264 -50.76 -26.37 -11.78
C ASN D 264 -50.97 -25.94 -10.33
N THR D 265 -50.33 -26.64 -9.38
CA THR D 265 -50.45 -26.25 -7.98
C THR D 265 -49.87 -24.87 -7.75
N MET D 266 -48.73 -24.57 -8.37
CA MET D 266 -48.17 -23.23 -8.26
C MET D 266 -49.09 -22.19 -8.87
N ARG D 267 -49.69 -22.50 -10.03
CA ARG D 267 -50.65 -21.58 -10.64
C ARG D 267 -51.96 -21.55 -9.88
N GLY D 268 -52.33 -22.66 -9.25
CA GLY D 268 -53.55 -22.74 -8.48
C GLY D 268 -54.81 -23.01 -9.28
N ILE D 269 -54.70 -23.23 -10.59
CA ILE D 269 -55.89 -23.49 -11.39
C ILE D 269 -56.59 -24.77 -10.94
N VAL D 270 -55.81 -25.82 -10.68
CA VAL D 270 -56.33 -27.08 -10.14
C VAL D 270 -55.44 -27.48 -8.97
N LYS D 271 -56.07 -27.76 -7.82
CA LYS D 271 -55.34 -28.20 -6.64
C LYS D 271 -55.32 -29.71 -6.61
N VAL D 272 -54.14 -30.29 -6.82
CA VAL D 272 -53.95 -31.73 -6.90
C VAL D 272 -52.78 -32.13 -6.02
N ALA D 273 -52.94 -33.20 -5.25
CA ALA D 273 -51.89 -33.75 -4.43
C ALA D 273 -51.50 -35.14 -4.92
N ALA D 274 -50.20 -35.40 -4.99
CA ALA D 274 -49.68 -36.65 -5.50
C ALA D 274 -49.20 -37.52 -4.35
N VAL D 275 -49.79 -38.71 -4.22
CA VAL D 275 -49.45 -39.66 -3.16
C VAL D 275 -49.37 -41.05 -3.78
N LYS D 276 -48.35 -41.82 -3.41
CA LYS D 276 -48.21 -43.17 -3.90
C LYS D 276 -49.23 -44.10 -3.24
N ALA D 277 -49.41 -45.27 -3.83
CA ALA D 277 -50.30 -46.27 -3.25
C ALA D 277 -49.61 -46.99 -2.09
N PRO D 278 -50.38 -47.39 -1.07
CA PRO D 278 -49.77 -48.12 0.05
C PRO D 278 -49.40 -49.54 -0.35
N GLY D 279 -48.35 -50.04 0.31
CA GLY D 279 -47.91 -51.40 0.07
C GLY D 279 -47.24 -51.57 -1.30
N PHE D 280 -47.10 -52.83 -1.71
CA PHE D 280 -46.51 -53.16 -2.98
C PHE D 280 -47.06 -54.49 -3.45
N GLY D 281 -47.33 -54.60 -4.76
CA GLY D 281 -47.81 -55.84 -5.35
C GLY D 281 -49.26 -56.15 -5.09
N ASP D 282 -49.55 -57.42 -4.84
CA ASP D 282 -50.94 -57.85 -4.62
C ASP D 282 -51.54 -57.19 -3.38
N ARG D 283 -50.73 -57.02 -2.33
CA ARG D 283 -51.21 -56.31 -1.15
C ARG D 283 -51.55 -54.86 -1.49
N ARG D 284 -50.72 -54.23 -2.33
CA ARG D 284 -51.02 -52.87 -2.77
C ARG D 284 -52.32 -52.82 -3.54
N LYS D 285 -52.55 -53.80 -4.42
CA LYS D 285 -53.81 -53.85 -5.15
C LYS D 285 -54.99 -54.03 -4.20
N ALA D 286 -54.82 -54.86 -3.17
CA ALA D 286 -55.89 -55.07 -2.20
C ALA D 286 -56.21 -53.79 -1.42
N MET D 287 -55.17 -53.07 -0.99
CA MET D 287 -55.41 -51.80 -0.29
C MET D 287 -56.06 -50.78 -1.21
N LEU D 288 -55.66 -50.75 -2.49
CA LEU D 288 -56.30 -49.84 -3.43
C LEU D 288 -57.77 -50.19 -3.62
N GLN D 289 -58.09 -51.48 -3.66
CA GLN D 289 -59.48 -51.90 -3.75
C GLN D 289 -60.26 -51.49 -2.50
N ASP D 290 -59.63 -51.62 -1.32
CA ASP D 290 -60.27 -51.17 -0.08
C ASP D 290 -60.56 -49.68 -0.13
N ILE D 291 -59.59 -48.88 -0.60
CA ILE D 291 -59.80 -47.44 -0.69
C ILE D 291 -60.90 -47.13 -1.69
N ALA D 292 -60.96 -47.86 -2.81
CA ALA D 292 -62.01 -47.66 -3.79
C ALA D 292 -63.38 -47.93 -3.18
N THR D 293 -63.51 -49.02 -2.43
CA THR D 293 -64.79 -49.30 -1.78
C THR D 293 -65.13 -48.24 -0.74
N LEU D 294 -64.13 -47.77 0.00
CA LEU D 294 -64.37 -46.73 1.00
C LEU D 294 -64.88 -45.44 0.35
N THR D 295 -64.27 -45.04 -0.76
CA THR D 295 -64.67 -43.83 -1.45
C THR D 295 -65.81 -44.06 -2.44
N GLY D 296 -66.21 -45.31 -2.67
CA GLY D 296 -67.30 -45.62 -3.57
C GLY D 296 -66.94 -45.60 -5.04
N GLY D 297 -65.68 -45.36 -5.39
CA GLY D 297 -65.24 -45.31 -6.76
C GLY D 297 -64.85 -46.68 -7.29
N THR D 298 -64.20 -46.66 -8.45
CA THR D 298 -63.72 -47.87 -9.11
C THR D 298 -62.24 -47.73 -9.40
N VAL D 299 -61.51 -48.83 -9.20
CA VAL D 299 -60.07 -48.83 -9.45
C VAL D 299 -59.80 -48.93 -10.95
N ILE D 300 -59.05 -47.98 -11.47
CA ILE D 300 -58.66 -47.99 -12.88
C ILE D 300 -57.43 -48.89 -13.01
N SER D 301 -57.63 -50.07 -13.62
CA SER D 301 -56.61 -51.09 -13.70
C SER D 301 -56.32 -51.44 -15.15
N GLU D 302 -55.04 -51.71 -15.44
CA GLU D 302 -54.65 -52.11 -16.78
C GLU D 302 -55.26 -53.44 -17.17
N GLU D 303 -55.34 -54.39 -16.23
CA GLU D 303 -55.88 -55.70 -16.54
C GLU D 303 -57.36 -55.64 -16.87
N ILE D 304 -58.09 -54.71 -16.26
CA ILE D 304 -59.51 -54.54 -16.59
C ILE D 304 -59.67 -54.09 -18.03
N GLY D 305 -58.84 -53.14 -18.47
CA GLY D 305 -58.89 -52.67 -19.84
C GLY D 305 -59.17 -51.19 -19.97
N MET D 306 -60.09 -50.67 -19.16
CA MET D 306 -60.41 -49.25 -19.20
C MET D 306 -59.24 -48.42 -18.69
N GLU D 307 -59.04 -47.26 -19.30
CA GLU D 307 -57.89 -46.41 -19.05
C GLU D 307 -58.31 -45.11 -18.37
N LEU D 308 -57.33 -44.23 -18.17
CA LEU D 308 -57.60 -42.94 -17.53
C LEU D 308 -58.41 -42.03 -18.43
N GLU D 309 -58.31 -42.20 -19.75
CA GLU D 309 -59.10 -41.36 -20.66
C GLU D 309 -60.59 -41.65 -20.51
N LYS D 310 -60.95 -42.92 -20.32
CA LYS D 310 -62.35 -43.32 -20.25
C LYS D 310 -62.95 -43.09 -18.86
N ALA D 311 -62.16 -42.65 -17.89
CA ALA D 311 -62.65 -42.45 -16.54
C ALA D 311 -63.65 -41.29 -16.50
N THR D 312 -64.67 -41.44 -15.66
CA THR D 312 -65.71 -40.43 -15.48
C THR D 312 -65.70 -39.95 -14.04
N LEU D 313 -66.43 -38.85 -13.81
CA LEU D 313 -66.51 -38.28 -12.47
C LEU D 313 -67.21 -39.23 -11.50
N GLU D 314 -68.28 -39.88 -11.96
CA GLU D 314 -69.01 -40.80 -11.09
C GLU D 314 -68.20 -42.04 -10.75
N ASP D 315 -67.36 -42.52 -11.68
CA ASP D 315 -66.42 -43.59 -11.37
C ASP D 315 -65.28 -43.13 -10.48
N LEU D 316 -65.07 -41.82 -10.34
CA LEU D 316 -63.95 -41.30 -9.58
C LEU D 316 -64.28 -41.26 -8.09
N GLY D 317 -63.29 -41.58 -7.27
CA GLY D 317 -63.52 -41.65 -5.83
C GLY D 317 -63.71 -40.28 -5.21
N GLN D 318 -64.54 -40.23 -4.17
CA GLN D 318 -64.90 -38.98 -3.52
C GLN D 318 -64.89 -39.16 -2.01
N ALA D 319 -64.44 -38.12 -1.31
CA ALA D 319 -64.44 -38.10 0.15
C ALA D 319 -64.72 -36.68 0.62
N LYS D 320 -65.10 -36.57 1.90
CA LYS D 320 -65.38 -35.25 2.47
C LYS D 320 -64.10 -34.48 2.78
N ARG D 321 -63.08 -35.15 3.30
CA ARG D 321 -61.85 -34.47 3.68
C ARG D 321 -60.71 -35.48 3.75
N VAL D 322 -59.54 -35.06 3.27
CA VAL D 322 -58.33 -35.87 3.32
C VAL D 322 -57.18 -35.01 3.83
N VAL D 323 -56.30 -35.61 4.63
CA VAL D 323 -55.12 -34.94 5.16
C VAL D 323 -53.90 -35.72 4.73
N ILE D 324 -52.93 -35.02 4.12
CA ILE D 324 -51.72 -35.64 3.59
C ILE D 324 -50.51 -35.01 4.27
N ASN D 325 -49.66 -35.87 4.82
CA ASN D 325 -48.39 -35.45 5.40
C ASN D 325 -47.28 -36.28 4.77
N LYS D 326 -46.04 -35.83 4.97
CA LYS D 326 -44.89 -36.55 4.41
C LYS D 326 -44.74 -37.94 5.01
N ASP D 327 -45.33 -38.19 6.18
CA ASP D 327 -45.22 -39.48 6.84
C ASP D 327 -46.48 -40.33 6.71
N THR D 328 -47.63 -39.73 6.44
CA THR D 328 -48.88 -40.48 6.38
C THR D 328 -49.91 -39.70 5.59
N THR D 329 -50.95 -40.42 5.17
CA THR D 329 -52.10 -39.83 4.49
C THR D 329 -53.38 -40.40 5.10
N THR D 330 -54.33 -39.52 5.41
CA THR D 330 -55.55 -39.91 6.09
C THR D 330 -56.76 -39.59 5.20
N ILE D 331 -57.68 -40.55 5.09
CA ILE D 331 -58.93 -40.38 4.37
C ILE D 331 -60.05 -40.33 5.41
N ILE D 332 -60.78 -39.22 5.45
CA ILE D 332 -61.80 -38.97 6.47
C ILE D 332 -63.15 -38.89 5.80
N ASP D 333 -64.08 -39.75 6.24
CA ASP D 333 -65.48 -39.72 5.81
C ASP D 333 -65.62 -39.79 4.29
N GLY D 334 -65.13 -40.90 3.73
CA GLY D 334 -65.32 -41.15 2.31
C GLY D 334 -66.76 -41.54 2.03
N VAL D 335 -67.37 -40.89 1.05
CA VAL D 335 -68.78 -41.14 0.71
C VAL D 335 -68.85 -42.48 0.00
N GLY D 336 -69.37 -43.48 0.69
CA GLY D 336 -69.54 -44.80 0.11
C GLY D 336 -70.69 -45.53 0.77
N GLU D 337 -71.30 -46.45 0.03
CA GLU D 337 -72.41 -47.21 0.56
C GLU D 337 -71.94 -48.11 1.70
N GLU D 338 -72.64 -48.05 2.83
CA GLU D 338 -72.26 -48.85 3.99
C GLU D 338 -72.43 -50.34 3.71
N ALA D 339 -73.39 -50.72 2.87
CA ALA D 339 -73.58 -52.12 2.55
C ALA D 339 -72.33 -52.72 1.91
N ALA D 340 -71.70 -51.98 0.99
CA ALA D 340 -70.45 -52.43 0.40
C ALA D 340 -69.36 -52.55 1.46
N ILE D 341 -69.34 -51.62 2.42
CA ILE D 341 -68.32 -51.65 3.47
C ILE D 341 -68.46 -52.92 4.31
N GLN D 342 -69.69 -53.24 4.72
CA GLN D 342 -69.89 -54.45 5.50
C GLN D 342 -69.64 -55.71 4.68
N GLY D 343 -70.00 -55.70 3.40
CA GLY D 343 -69.67 -56.83 2.55
C GLY D 343 -68.17 -57.06 2.44
N ARG D 344 -67.41 -55.98 2.24
CA ARG D 344 -65.96 -56.09 2.15
C ARG D 344 -65.35 -56.55 3.46
N VAL D 345 -65.83 -56.02 4.59
CA VAL D 345 -65.26 -56.45 5.87
C VAL D 345 -65.60 -57.91 6.13
N ALA D 346 -66.80 -58.35 5.76
CA ALA D 346 -67.16 -59.75 5.93
C ALA D 346 -66.29 -60.67 5.08
N GLN D 347 -66.02 -60.28 3.83
CA GLN D 347 -65.17 -61.11 3.00
C GLN D 347 -63.72 -61.09 3.50
N ILE D 348 -63.28 -59.99 4.11
CA ILE D 348 -61.96 -59.98 4.73
C ILE D 348 -61.91 -60.93 5.91
N ARG D 349 -62.96 -60.94 6.75
CA ARG D 349 -62.98 -61.89 7.86
C ARG D 349 -62.98 -63.34 7.38
N GLN D 350 -63.72 -63.66 6.32
CA GLN D 350 -63.68 -65.05 5.88
C GLN D 350 -62.34 -65.39 5.24
N GLN D 351 -61.69 -64.42 4.58
CA GLN D 351 -60.32 -64.63 4.11
C GLN D 351 -59.39 -64.90 5.28
N ILE D 352 -59.54 -64.17 6.38
CA ILE D 352 -58.73 -64.40 7.57
C ILE D 352 -58.97 -65.82 8.10
N GLU D 353 -60.24 -66.22 8.18
CA GLU D 353 -60.56 -67.53 8.74
C GLU D 353 -60.07 -68.66 7.84
N GLU D 354 -59.95 -68.42 6.53
CA GLU D 354 -59.34 -69.41 5.65
C GLU D 354 -57.84 -69.23 5.48
N ALA D 355 -57.27 -68.14 5.99
CA ALA D 355 -55.84 -67.90 5.86
C ALA D 355 -55.05 -68.88 6.72
N THR D 356 -53.85 -69.21 6.25
CA THR D 356 -52.99 -70.19 6.91
C THR D 356 -51.70 -69.59 7.46
N SER D 357 -50.92 -68.90 6.63
CA SER D 357 -49.64 -68.39 7.07
C SER D 357 -49.81 -67.25 8.06
N ASP D 358 -48.86 -67.16 9.00
CA ASP D 358 -48.94 -66.14 10.04
C ASP D 358 -48.80 -64.73 9.47
N TYR D 359 -47.88 -64.54 8.52
CA TYR D 359 -47.69 -63.22 7.94
C TYR D 359 -48.95 -62.72 7.24
N ASP D 360 -49.57 -63.57 6.41
CA ASP D 360 -50.78 -63.16 5.73
C ASP D 360 -51.92 -62.93 6.71
N ARG D 361 -52.00 -63.75 7.76
CA ARG D 361 -53.03 -63.55 8.77
C ARG D 361 -52.87 -62.20 9.46
N GLU D 362 -51.64 -61.84 9.83
CA GLU D 362 -51.41 -60.55 10.48
C GLU D 362 -51.69 -59.39 9.54
N LYS D 363 -51.28 -59.52 8.27
CA LYS D 363 -51.55 -58.45 7.30
C LYS D 363 -53.05 -58.27 7.10
N LEU D 364 -53.79 -59.37 6.97
CA LEU D 364 -55.24 -59.27 6.83
C LEU D 364 -55.90 -58.73 8.09
N GLN D 365 -55.36 -59.07 9.26
CA GLN D 365 -55.92 -58.57 10.51
C GLN D 365 -55.74 -57.06 10.63
N GLU D 366 -54.54 -56.56 10.33
CA GLU D 366 -54.34 -55.12 10.37
C GLU D 366 -55.15 -54.41 9.29
N ARG D 367 -55.29 -55.04 8.11
CA ARG D 367 -56.11 -54.46 7.04
C ARG D 367 -57.56 -54.34 7.48
N VAL D 368 -58.12 -55.40 8.08
CA VAL D 368 -59.51 -55.35 8.51
C VAL D 368 -59.69 -54.39 9.67
N ALA D 369 -58.71 -54.31 10.57
CA ALA D 369 -58.80 -53.37 11.68
C ALA D 369 -58.84 -51.94 11.17
N LYS D 370 -57.95 -51.60 10.22
CA LYS D 370 -57.95 -50.25 9.68
C LYS D 370 -59.16 -49.97 8.78
N LEU D 371 -59.75 -51.01 8.18
CA LEU D 371 -60.93 -50.82 7.34
C LEU D 371 -62.19 -50.61 8.18
N ALA D 372 -62.31 -51.32 9.30
CA ALA D 372 -63.53 -51.30 10.09
C ALA D 372 -63.50 -50.33 11.27
N GLY D 373 -62.31 -49.93 11.73
CA GLY D 373 -62.24 -49.03 12.87
C GLY D 373 -62.81 -47.66 12.57
N GLY D 374 -62.62 -47.17 11.35
CA GLY D 374 -63.08 -45.85 11.00
C GLY D 374 -62.18 -44.76 11.56
N VAL D 375 -62.61 -43.53 11.35
CA VAL D 375 -61.88 -42.35 11.81
C VAL D 375 -62.73 -41.62 12.84
N ALA D 376 -62.16 -41.39 14.02
CA ALA D 376 -62.81 -40.62 15.07
C ALA D 376 -62.39 -39.16 14.93
N VAL D 377 -63.28 -38.34 14.40
CA VAL D 377 -62.97 -36.93 14.14
C VAL D 377 -63.28 -36.10 15.37
N ILE D 378 -62.38 -35.19 15.69
CA ILE D 378 -62.54 -34.27 16.83
C ILE D 378 -62.81 -32.88 16.27
N LYS D 379 -63.96 -32.32 16.65
CA LYS D 379 -64.37 -30.98 16.22
C LYS D 379 -64.17 -30.04 17.41
N VAL D 380 -63.03 -29.38 17.45
CA VAL D 380 -62.73 -28.46 18.54
C VAL D 380 -63.53 -27.18 18.35
N GLY D 381 -64.18 -26.72 19.41
CA GLY D 381 -65.03 -25.54 19.36
C GLY D 381 -64.60 -24.50 20.36
N ALA D 382 -64.78 -23.24 20.01
CA ALA D 382 -64.43 -22.12 20.87
C ALA D 382 -65.24 -20.91 20.45
N ALA D 383 -65.22 -19.89 21.31
CA ALA D 383 -66.01 -18.68 21.05
C ALA D 383 -65.38 -17.84 19.94
N THR D 384 -64.07 -17.68 19.95
CA THR D 384 -63.37 -16.82 19.02
C THR D 384 -62.59 -17.66 18.00
N GLU D 385 -62.50 -17.16 16.78
CA GLU D 385 -61.83 -17.90 15.71
C GLU D 385 -60.35 -18.09 16.01
N VAL D 386 -59.66 -17.04 16.47
CA VAL D 386 -58.24 -17.16 16.75
C VAL D 386 -58.00 -18.07 17.94
N GLU D 387 -58.83 -17.96 18.99
CA GLU D 387 -58.69 -18.86 20.12
C GLU D 387 -59.06 -20.29 19.73
N MET D 388 -59.93 -20.45 18.73
CA MET D 388 -60.26 -21.80 18.26
C MET D 388 -59.10 -22.39 17.46
N LYS D 389 -58.39 -21.56 16.69
CA LYS D 389 -57.16 -22.01 16.06
C LYS D 389 -56.12 -22.43 17.10
N GLU D 390 -55.95 -21.62 18.14
CA GLU D 390 -55.00 -21.96 19.20
C GLU D 390 -55.40 -23.25 19.90
N LYS D 391 -56.69 -23.43 20.16
CA LYS D 391 -57.16 -24.66 20.79
C LYS D 391 -56.95 -25.86 19.88
N LYS D 392 -57.16 -25.69 18.58
CA LYS D 392 -56.91 -26.79 17.64
C LYS D 392 -55.44 -27.17 17.63
N ALA D 393 -54.54 -26.18 17.65
CA ALA D 393 -53.11 -26.47 17.70
C ALA D 393 -52.76 -27.21 18.98
N ARG D 394 -53.30 -26.76 20.11
CA ARG D 394 -53.04 -27.45 21.38
C ARG D 394 -53.59 -28.87 21.34
N VAL D 395 -54.77 -29.07 20.74
CA VAL D 395 -55.37 -30.39 20.67
C VAL D 395 -54.52 -31.33 19.84
N GLU D 396 -54.02 -30.86 18.69
CA GLU D 396 -53.22 -31.74 17.85
C GLU D 396 -51.87 -32.05 18.50
N ASP D 397 -51.26 -31.06 19.16
CA ASP D 397 -50.02 -31.33 19.88
C ASP D 397 -50.24 -32.34 20.99
N ALA D 398 -51.32 -32.19 21.76
CA ALA D 398 -51.66 -33.15 22.79
C ALA D 398 -51.95 -34.52 22.18
N LEU D 399 -52.54 -34.56 21.00
CA LEU D 399 -52.82 -35.84 20.34
C LEU D 399 -51.53 -36.57 20.00
N HIS D 400 -50.56 -35.85 19.44
CA HIS D 400 -49.27 -36.48 19.16
C HIS D 400 -48.58 -36.93 20.44
N ALA D 401 -48.59 -36.09 21.48
CA ALA D 401 -47.94 -36.46 22.74
C ALA D 401 -48.61 -37.68 23.35
N THR D 402 -49.94 -37.73 23.33
CA THR D 402 -50.66 -38.87 23.90
C THR D 402 -50.46 -40.13 23.07
N ARG D 403 -50.36 -40.00 21.75
CA ARG D 403 -50.04 -41.16 20.92
C ARG D 403 -48.67 -41.72 21.28
N ALA D 404 -47.67 -40.84 21.45
CA ALA D 404 -46.36 -41.30 21.88
C ALA D 404 -46.43 -41.98 23.25
N ALA D 405 -47.19 -41.38 24.18
CA ALA D 405 -47.32 -41.94 25.52
C ALA D 405 -47.94 -43.33 25.48
N VAL D 406 -49.08 -43.48 24.81
CA VAL D 406 -49.73 -44.78 24.75
C VAL D 406 -48.89 -45.78 23.97
N GLU D 407 -48.01 -45.32 23.08
CA GLU D 407 -47.12 -46.25 22.39
C GLU D 407 -46.03 -46.77 23.32
N GLU D 408 -45.39 -45.88 24.09
CA GLU D 408 -44.21 -46.28 24.85
C GLU D 408 -44.22 -45.80 26.30
N GLY D 409 -45.32 -45.28 26.82
CA GLY D 409 -45.35 -44.82 28.18
C GLY D 409 -44.74 -43.44 28.33
N VAL D 410 -44.65 -43.01 29.58
CA VAL D 410 -44.08 -41.71 29.92
C VAL D 410 -42.99 -41.90 30.97
N VAL D 411 -42.02 -40.98 30.97
CA VAL D 411 -40.94 -40.97 31.94
C VAL D 411 -40.91 -39.60 32.61
N ALA D 412 -40.04 -39.47 33.61
CA ALA D 412 -39.88 -38.21 34.32
C ALA D 412 -39.30 -37.18 33.36
N GLY D 413 -40.10 -36.20 32.98
CA GLY D 413 -39.72 -35.21 31.99
C GLY D 413 -38.80 -34.16 32.55
N GLY D 414 -38.54 -33.14 31.72
CA GLY D 414 -37.63 -32.08 32.09
C GLY D 414 -36.16 -32.42 32.00
N GLY D 415 -35.82 -33.49 31.29
CA GLY D 415 -34.43 -33.88 31.13
C GLY D 415 -33.84 -34.65 32.28
N VAL D 416 -34.66 -35.12 33.23
CA VAL D 416 -34.14 -35.88 34.36
C VAL D 416 -34.13 -37.38 34.12
N ALA D 417 -34.87 -37.87 33.13
CA ALA D 417 -34.79 -39.27 32.77
C ALA D 417 -33.38 -39.63 32.32
N LEU D 418 -32.77 -38.77 31.51
CA LEU D 418 -31.42 -39.02 31.01
C LEU D 418 -30.41 -39.04 32.15
N ILE D 419 -30.51 -38.10 33.09
CA ILE D 419 -29.56 -38.06 34.20
C ILE D 419 -29.76 -39.26 35.12
N ARG D 420 -31.01 -39.69 35.33
CA ARG D 420 -31.25 -40.89 36.13
C ARG D 420 -30.67 -42.12 35.45
N VAL D 421 -30.84 -42.23 34.14
CA VAL D 421 -30.30 -43.37 33.42
C VAL D 421 -28.77 -43.35 33.44
N ALA D 422 -28.17 -42.17 33.33
CA ALA D 422 -26.72 -42.06 33.43
C ALA D 422 -26.23 -42.46 34.81
N SER D 423 -26.96 -42.07 35.85
CA SER D 423 -26.61 -42.52 37.21
C SER D 423 -26.67 -44.03 37.32
N LYS D 424 -27.70 -44.65 36.72
CA LYS D 424 -27.79 -46.11 36.74
C LYS D 424 -26.64 -46.75 35.96
N LEU D 425 -26.26 -46.16 34.83
CA LEU D 425 -25.27 -46.75 33.93
C LEU D 425 -23.83 -46.37 34.28
N ALA D 426 -23.62 -45.55 35.30
CA ALA D 426 -22.26 -45.14 35.68
C ALA D 426 -21.31 -46.32 35.88
N ASP D 427 -21.82 -47.54 36.02
CA ASP D 427 -20.99 -48.72 36.21
C ASP D 427 -20.75 -49.49 34.92
N LEU D 428 -21.18 -48.96 33.77
CA LEU D 428 -21.00 -49.66 32.51
C LEU D 428 -19.53 -49.67 32.10
N ARG D 429 -19.14 -50.71 31.37
CA ARG D 429 -17.77 -50.88 30.91
C ARG D 429 -17.77 -51.47 29.51
N GLY D 430 -16.64 -51.27 28.81
CA GLY D 430 -16.46 -51.77 27.46
C GLY D 430 -15.27 -52.70 27.36
N GLN D 431 -15.02 -53.15 26.13
CA GLN D 431 -13.92 -54.08 25.88
C GLN D 431 -12.58 -53.37 25.78
N ASN D 432 -12.58 -52.04 25.67
CA ASN D 432 -11.35 -51.29 25.50
C ASN D 432 -11.48 -49.94 26.22
N GLU D 433 -10.32 -49.31 26.46
CA GLU D 433 -10.32 -48.01 27.11
C GLU D 433 -11.04 -46.95 26.28
N ASP D 434 -10.88 -47.00 24.96
CA ASP D 434 -11.60 -46.07 24.09
C ASP D 434 -13.10 -46.24 24.23
N GLN D 435 -13.57 -47.50 24.32
CA GLN D 435 -14.99 -47.75 24.51
C GLN D 435 -15.46 -47.21 25.86
N ASN D 436 -14.64 -47.35 26.90
CA ASN D 436 -15.00 -46.81 28.20
C ASN D 436 -15.11 -45.28 28.15
N VAL D 437 -14.17 -44.63 27.46
CA VAL D 437 -14.22 -43.17 27.35
C VAL D 437 -15.44 -42.76 26.54
N GLY D 438 -15.79 -43.53 25.52
CA GLY D 438 -17.01 -43.25 24.77
C GLY D 438 -18.26 -43.38 25.62
N ILE D 439 -18.31 -44.40 26.47
CA ILE D 439 -19.44 -44.57 27.38
C ILE D 439 -19.53 -43.38 28.34
N LYS D 440 -18.39 -42.94 28.87
CA LYS D 440 -18.37 -41.77 29.74
C LYS D 440 -18.85 -40.52 29.00
N VAL D 441 -18.44 -40.38 27.73
CA VAL D 441 -18.89 -39.27 26.90
C VAL D 441 -20.40 -39.30 26.75
N ALA D 442 -20.95 -40.48 26.47
CA ALA D 442 -22.40 -40.60 26.30
C ALA D 442 -23.12 -40.26 27.59
N LEU D 443 -22.60 -40.72 28.73
CA LEU D 443 -23.23 -40.40 30.01
C LEU D 443 -23.21 -38.90 30.29
N ARG D 444 -22.06 -38.24 30.06
CA ARG D 444 -21.99 -36.81 30.28
C ARG D 444 -22.92 -36.05 29.34
N ALA D 445 -23.04 -36.50 28.10
CA ALA D 445 -23.97 -35.89 27.17
C ALA D 445 -25.41 -36.04 27.63
N MET D 446 -25.74 -37.21 28.19
CA MET D 446 -27.07 -37.40 28.76
C MET D 446 -27.27 -36.49 29.97
N GLU D 447 -26.21 -36.21 30.73
CA GLU D 447 -26.30 -35.23 31.81
C GLU D 447 -26.60 -33.84 31.27
N ALA D 448 -26.04 -33.51 30.10
CA ALA D 448 -26.05 -32.14 29.59
C ALA D 448 -27.42 -31.47 29.50
N PRO D 449 -28.48 -32.10 28.96
CA PRO D 449 -29.73 -31.35 28.77
C PRO D 449 -30.33 -30.77 30.04
N LEU D 450 -30.27 -31.49 31.16
CA LEU D 450 -30.75 -30.94 32.42
C LEU D 450 -29.91 -29.75 32.85
N ARG D 451 -28.59 -29.83 32.63
CA ARG D 451 -27.72 -28.71 32.93
C ARG D 451 -28.10 -27.49 32.10
N GLN D 452 -28.40 -27.70 30.81
CA GLN D 452 -28.81 -26.60 29.95
C GLN D 452 -30.14 -25.99 30.42
N ILE D 453 -31.08 -26.84 30.80
CA ILE D 453 -32.38 -26.35 31.26
C ILE D 453 -32.21 -25.49 32.52
N VAL D 454 -31.45 -25.99 33.49
CA VAL D 454 -31.28 -25.24 34.73
C VAL D 454 -30.39 -24.01 34.52
N LEU D 455 -29.49 -24.03 33.54
CA LEU D 455 -28.75 -22.82 33.19
C LEU D 455 -29.68 -21.77 32.59
N ASN D 456 -30.63 -22.21 31.75
CA ASN D 456 -31.64 -21.29 31.25
C ASN D 456 -32.48 -20.74 32.39
N CYS D 457 -32.75 -21.55 33.41
CA CYS D 457 -33.45 -21.09 34.60
C CYS D 457 -32.62 -20.11 35.42
N GLY D 458 -31.31 -20.03 35.19
CA GLY D 458 -30.45 -19.14 35.95
C GLY D 458 -29.86 -19.74 37.20
N GLU D 459 -30.24 -20.96 37.56
CA GLU D 459 -29.69 -21.61 38.74
C GLU D 459 -28.32 -22.21 38.41
N GLU D 460 -27.71 -22.81 39.43
CA GLU D 460 -26.40 -23.43 39.25
C GLU D 460 -26.55 -24.77 38.55
N PRO D 461 -25.88 -25.00 37.42
CA PRO D 461 -26.08 -26.25 36.68
C PRO D 461 -25.56 -27.49 37.41
N SER D 462 -24.30 -27.43 37.84
CA SER D 462 -23.66 -28.61 38.42
C SER D 462 -24.31 -29.01 39.75
N VAL D 463 -24.66 -28.03 40.58
CA VAL D 463 -25.25 -28.33 41.88
C VAL D 463 -26.58 -29.04 41.69
N VAL D 464 -27.44 -28.52 40.81
CA VAL D 464 -28.73 -29.13 40.56
C VAL D 464 -28.56 -30.51 39.94
N ALA D 465 -27.61 -30.64 39.01
CA ALA D 465 -27.37 -31.92 38.36
C ALA D 465 -26.96 -32.99 39.38
N ASN D 466 -26.03 -32.65 40.27
CA ASN D 466 -25.59 -33.61 41.28
C ASN D 466 -26.69 -33.89 42.30
N THR D 467 -27.49 -32.88 42.64
CA THR D 467 -28.60 -33.11 43.55
C THR D 467 -29.62 -34.09 42.96
N VAL D 468 -29.92 -33.94 41.67
CA VAL D 468 -30.82 -34.88 41.01
C VAL D 468 -30.17 -36.25 40.90
N LYS D 469 -28.86 -36.28 40.66
CA LYS D 469 -28.13 -37.56 40.58
C LYS D 469 -28.19 -38.32 41.90
N GLY D 470 -28.10 -37.60 43.03
CA GLY D 470 -28.18 -38.24 44.32
C GLY D 470 -29.50 -38.91 44.61
N GLY D 471 -30.57 -38.46 43.96
CA GLY D 471 -31.87 -39.05 44.14
C GLY D 471 -32.03 -40.36 43.40
N ASP D 472 -33.23 -40.93 43.52
CA ASP D 472 -33.55 -42.20 42.89
C ASP D 472 -34.97 -42.15 42.32
N GLY D 473 -35.22 -43.03 41.36
CA GLY D 473 -36.55 -43.06 40.75
C GLY D 473 -36.79 -41.84 39.89
N ASN D 474 -38.03 -41.35 39.92
CA ASN D 474 -38.41 -40.18 39.14
C ASN D 474 -38.17 -38.86 39.88
N TYR D 475 -37.48 -38.90 41.02
CA TYR D 475 -37.13 -37.68 41.73
C TYR D 475 -36.25 -36.80 40.84
N GLY D 476 -36.59 -35.51 40.78
CA GLY D 476 -35.85 -34.60 39.92
C GLY D 476 -36.15 -33.17 40.29
N TYR D 477 -35.54 -32.26 39.52
CA TYR D 477 -35.67 -30.82 39.73
C TYR D 477 -36.71 -30.24 38.78
N ASN D 478 -37.57 -29.38 39.33
CA ASN D 478 -38.60 -28.72 38.53
C ASN D 478 -38.08 -27.35 38.09
N ALA D 479 -38.04 -27.12 36.78
CA ALA D 479 -37.54 -25.86 36.27
C ALA D 479 -38.45 -24.69 36.63
N ALA D 480 -39.76 -24.89 36.57
CA ALA D 480 -40.70 -23.79 36.78
C ALA D 480 -40.70 -23.35 38.24
N THR D 481 -40.81 -24.29 39.17
CA THR D 481 -40.94 -23.95 40.59
C THR D 481 -39.61 -23.87 41.31
N GLU D 482 -38.50 -24.22 40.66
CA GLU D 482 -37.16 -24.11 41.24
C GLU D 482 -37.06 -24.89 42.55
N GLU D 483 -37.70 -26.06 42.61
CA GLU D 483 -37.64 -26.90 43.79
C GLU D 483 -37.91 -28.35 43.39
N TYR D 484 -37.21 -29.26 44.04
CA TYR D 484 -37.16 -30.66 43.62
C TYR D 484 -38.46 -31.39 43.98
N GLY D 485 -38.50 -32.68 43.72
CA GLY D 485 -39.67 -33.49 44.01
C GLY D 485 -39.79 -34.61 43.01
N ASN D 486 -40.93 -35.30 43.08
CA ASN D 486 -41.23 -36.40 42.17
C ASN D 486 -41.75 -35.81 40.86
N MET D 487 -41.00 -35.98 39.77
CA MET D 487 -41.32 -35.31 38.52
C MET D 487 -42.66 -35.76 37.95
N ILE D 488 -43.00 -37.04 38.11
CA ILE D 488 -44.26 -37.54 37.59
C ILE D 488 -45.43 -36.88 38.30
N ASP D 489 -45.36 -36.79 39.63
CA ASP D 489 -46.46 -36.23 40.41
C ASP D 489 -46.58 -34.72 40.26
N MET D 490 -45.50 -34.05 39.86
CA MET D 490 -45.50 -32.60 39.76
C MET D 490 -45.97 -32.09 38.40
N GLY D 491 -46.33 -32.97 37.48
CA GLY D 491 -46.89 -32.57 36.20
C GLY D 491 -45.89 -32.31 35.10
N ILE D 492 -44.67 -32.83 35.21
CA ILE D 492 -43.66 -32.69 34.16
C ILE D 492 -43.45 -34.08 33.57
N LEU D 493 -44.07 -34.33 32.42
CA LEU D 493 -44.00 -35.63 31.76
C LEU D 493 -43.49 -35.47 30.33
N ASP D 494 -42.60 -36.38 29.94
CA ASP D 494 -42.16 -36.52 28.55
C ASP D 494 -42.34 -37.98 28.15
N PRO D 495 -42.92 -38.25 26.98
CA PRO D 495 -43.09 -39.64 26.56
C PRO D 495 -41.75 -40.35 26.42
N THR D 496 -41.73 -41.64 26.77
CA THR D 496 -40.50 -42.41 26.65
C THR D 496 -40.04 -42.50 25.20
N LYS D 497 -40.98 -42.53 24.26
CA LYS D 497 -40.62 -42.59 22.84
C LYS D 497 -39.82 -41.35 22.43
N VAL D 498 -40.24 -40.17 22.88
CA VAL D 498 -39.57 -38.93 22.49
C VAL D 498 -38.12 -38.94 22.96
N THR D 499 -37.91 -39.22 24.25
CA THR D 499 -36.57 -39.22 24.81
C THR D 499 -35.71 -40.31 24.16
N ARG D 500 -36.27 -41.50 23.98
CA ARG D 500 -35.51 -42.61 23.40
C ARG D 500 -35.08 -42.27 21.97
N SER D 501 -36.02 -41.74 21.17
CA SER D 501 -35.69 -41.39 19.79
C SER D 501 -34.66 -40.28 19.73
N ALA D 502 -34.80 -39.26 20.59
CA ALA D 502 -33.84 -38.17 20.59
C ALA D 502 -32.45 -38.68 20.92
N LEU D 503 -32.35 -39.52 21.96
CA LEU D 503 -31.05 -40.06 22.36
C LEU D 503 -30.46 -40.93 21.24
N GLN D 504 -31.28 -41.79 20.64
CA GLN D 504 -30.77 -42.68 19.59
C GLN D 504 -30.29 -41.90 18.37
N TYR D 505 -31.06 -40.91 17.94
CA TYR D 505 -30.65 -40.15 16.75
C TYR D 505 -29.44 -39.27 17.04
N ALA D 506 -29.37 -38.70 18.25
CA ALA D 506 -28.17 -37.95 18.62
C ALA D 506 -26.95 -38.86 18.62
N ALA D 507 -27.07 -40.07 19.16
CA ALA D 507 -25.96 -41.01 19.15
C ALA D 507 -25.55 -41.38 17.73
N SER D 508 -26.53 -41.61 16.86
CA SER D 508 -26.22 -42.00 15.49
C SER D 508 -25.48 -40.88 14.75
N VAL D 509 -25.99 -39.65 14.85
CA VAL D 509 -25.35 -38.54 14.15
C VAL D 509 -23.98 -38.26 14.76
N ALA D 510 -23.84 -38.40 16.07
CA ALA D 510 -22.55 -38.16 16.71
C ALA D 510 -21.51 -39.20 16.29
N GLY D 511 -21.92 -40.47 16.21
CA GLY D 511 -21.01 -41.49 15.72
C GLY D 511 -20.61 -41.26 14.27
N LEU D 512 -21.59 -40.91 13.43
CA LEU D 512 -21.29 -40.64 12.03
C LEU D 512 -20.32 -39.47 11.88
N MET D 513 -20.50 -38.42 12.69
CA MET D 513 -19.64 -37.25 12.60
C MET D 513 -18.27 -37.50 13.24
N ILE D 514 -18.19 -38.34 14.27
CA ILE D 514 -16.91 -38.68 14.87
C ILE D 514 -16.08 -39.53 13.92
N THR D 515 -16.73 -40.46 13.22
CA THR D 515 -16.02 -41.31 12.28
C THR D 515 -15.76 -40.64 10.94
N THR D 516 -16.22 -39.40 10.74
CA THR D 516 -15.98 -38.70 9.49
C THR D 516 -14.50 -38.34 9.36
N GLU D 517 -13.93 -38.55 8.18
CA GLU D 517 -12.53 -38.24 7.93
C GLU D 517 -12.30 -37.29 6.76
N CYS D 518 -13.17 -37.30 5.74
CA CYS D 518 -12.99 -36.46 4.57
C CYS D 518 -14.32 -35.84 4.17
N MET D 519 -14.23 -34.81 3.33
CA MET D 519 -15.39 -34.06 2.84
C MET D 519 -15.23 -33.66 1.38
N VAL D 520 -16.36 -33.47 0.71
CA VAL D 520 -16.40 -32.91 -0.64
C VAL D 520 -17.51 -31.86 -0.68
N THR D 521 -17.16 -30.64 -1.05
CA THR D 521 -18.14 -29.56 -1.15
C THR D 521 -17.69 -28.55 -2.20
N ASP D 522 -18.66 -27.80 -2.72
CA ASP D 522 -18.36 -26.80 -3.75
C ASP D 522 -17.56 -25.64 -3.18
N LEU D 523 -16.68 -25.10 -4.03
CA LEU D 523 -15.86 -23.97 -3.62
C LEU D 523 -16.72 -22.71 -3.51
N PRO D 524 -16.33 -21.77 -2.63
CA PRO D 524 -17.05 -20.50 -2.46
C PRO D 524 -17.07 -19.67 -3.73
N ALA E 1 -30.33 -19.17 1.67
CA ALA E 1 -29.77 -17.91 2.15
C ALA E 1 -28.98 -18.13 3.44
N ALA E 2 -27.68 -17.90 3.38
CA ALA E 2 -26.83 -18.03 4.56
C ALA E 2 -27.24 -17.02 5.61
N LYS E 3 -27.15 -17.43 6.89
CA LYS E 3 -27.62 -16.63 8.00
C LYS E 3 -26.47 -16.18 8.88
N ASP E 4 -26.61 -14.98 9.45
CA ASP E 4 -25.66 -14.44 10.41
C ASP E 4 -26.27 -14.54 11.80
N VAL E 5 -25.54 -15.11 12.74
CA VAL E 5 -26.04 -15.41 14.07
C VAL E 5 -25.23 -14.64 15.11
N LYS E 6 -25.92 -13.88 15.95
CA LYS E 6 -25.32 -13.17 17.06
C LYS E 6 -25.87 -13.73 18.38
N PHE E 7 -25.00 -13.90 19.36
CA PHE E 7 -25.34 -14.59 20.60
C PHE E 7 -25.20 -13.65 21.78
N GLY E 8 -26.27 -13.56 22.58
CA GLY E 8 -26.22 -12.88 23.87
C GLY E 8 -25.88 -11.40 23.84
N ASN E 9 -24.70 -11.07 24.35
CA ASN E 9 -24.35 -9.68 24.61
C ASN E 9 -24.30 -8.86 23.33
N ASP E 10 -23.66 -9.37 22.29
CA ASP E 10 -23.54 -8.62 21.05
C ASP E 10 -24.92 -8.42 20.41
N ALA E 11 -25.74 -9.46 20.42
CA ALA E 11 -27.10 -9.34 19.87
C ALA E 11 -27.90 -8.29 20.64
N ARG E 12 -27.81 -8.30 21.97
CA ARG E 12 -28.55 -7.33 22.76
C ARG E 12 -28.02 -5.91 22.56
N VAL E 13 -26.70 -5.76 22.38
CA VAL E 13 -26.15 -4.43 22.11
C VAL E 13 -26.63 -3.91 20.76
N LYS E 14 -26.67 -4.76 19.74
CA LYS E 14 -27.19 -4.33 18.44
C LYS E 14 -28.67 -3.98 18.53
N MET E 15 -29.45 -4.77 19.27
CA MET E 15 -30.85 -4.44 19.47
C MET E 15 -31.00 -3.10 20.18
N LEU E 16 -30.19 -2.86 21.21
CA LEU E 16 -30.24 -1.60 21.94
C LEU E 16 -29.89 -0.43 21.04
N ARG E 17 -28.89 -0.60 20.17
CA ARG E 17 -28.52 0.47 19.25
C ARG E 17 -29.66 0.79 18.28
N GLY E 18 -30.29 -0.24 17.73
CA GLY E 18 -31.42 0.00 16.83
C GLY E 18 -32.59 0.68 17.53
N VAL E 19 -32.92 0.21 18.73
CA VAL E 19 -34.00 0.82 19.50
C VAL E 19 -33.66 2.25 19.86
N ASN E 20 -32.40 2.52 20.20
CA ASN E 20 -31.98 3.87 20.52
C ASN E 20 -32.12 4.78 19.31
N VAL E 21 -31.74 4.30 18.12
CA VAL E 21 -31.85 5.12 16.92
C VAL E 21 -33.31 5.45 16.65
N LEU E 22 -34.18 4.42 16.66
CA LEU E 22 -35.59 4.66 16.36
C LEU E 22 -36.24 5.57 17.41
N ALA E 23 -35.94 5.34 18.69
CA ALA E 23 -36.55 6.13 19.75
C ALA E 23 -36.06 7.57 19.72
N ASP E 24 -34.78 7.79 19.43
CA ASP E 24 -34.29 9.16 19.30
C ASP E 24 -34.91 9.83 18.09
N ALA E 25 -35.17 9.08 17.02
CA ALA E 25 -35.86 9.65 15.87
C ALA E 25 -37.27 10.09 16.22
N VAL E 26 -38.00 9.28 17.00
CA VAL E 26 -39.41 9.57 17.23
C VAL E 26 -39.70 10.41 18.47
N LYS E 27 -38.76 10.51 19.42
CA LYS E 27 -39.06 11.12 20.71
C LYS E 27 -39.09 12.64 20.65
N VAL E 28 -38.37 13.25 19.70
CA VAL E 28 -38.35 14.71 19.61
C VAL E 28 -39.70 15.30 19.23
N THR E 29 -40.63 14.47 18.77
CA THR E 29 -41.97 14.92 18.40
C THR E 29 -42.98 14.73 19.52
N LEU E 30 -42.52 14.49 20.74
CA LEU E 30 -43.40 14.22 21.87
C LEU E 30 -43.64 15.51 22.66
N GLY E 31 -44.89 15.80 22.95
CA GLY E 31 -45.26 16.97 23.73
C GLY E 31 -45.66 18.15 22.86
N PRO E 32 -46.40 19.10 23.44
CA PRO E 32 -46.77 20.30 22.69
C PRO E 32 -45.56 21.09 22.19
N LYS E 33 -44.48 21.13 22.97
CA LYS E 33 -43.24 21.76 22.55
C LYS E 33 -42.32 20.81 21.81
N GLY E 34 -42.85 19.71 21.29
CA GLY E 34 -42.02 18.75 20.59
C GLY E 34 -41.47 19.30 19.29
N ARG E 35 -40.26 18.87 18.97
CA ARG E 35 -39.59 19.28 17.74
C ARG E 35 -40.23 18.57 16.55
N ASN E 36 -39.65 18.76 15.36
CA ASN E 36 -40.18 18.18 14.14
C ASN E 36 -39.08 17.44 13.39
N VAL E 37 -39.50 16.40 12.65
CA VAL E 37 -38.60 15.56 11.88
C VAL E 37 -38.92 15.74 10.40
N VAL E 38 -37.88 15.98 9.60
CA VAL E 38 -38.04 16.22 8.18
C VAL E 38 -37.64 14.95 7.44
N LEU E 39 -38.59 14.37 6.69
CA LEU E 39 -38.41 13.08 6.05
C LEU E 39 -38.19 13.27 4.55
N ASP E 40 -37.19 12.58 4.02
CA ASP E 40 -36.90 12.65 2.58
C ASP E 40 -37.90 11.80 1.80
N LYS E 41 -38.49 12.41 0.77
CA LYS E 41 -39.36 11.71 -0.15
C LYS E 41 -38.68 11.57 -1.51
N SER E 42 -39.17 10.61 -2.30
CA SER E 42 -38.63 10.41 -3.64
C SER E 42 -39.05 11.50 -4.60
N PHE E 43 -40.14 12.23 -4.30
CA PHE E 43 -40.58 13.30 -5.17
C PHE E 43 -39.55 14.42 -5.27
N GLY E 44 -38.95 14.78 -4.14
CA GLY E 44 -37.94 15.82 -4.13
C GLY E 44 -38.13 16.81 -2.99
N ALA E 45 -39.38 17.05 -2.60
CA ALA E 45 -39.68 17.99 -1.53
C ALA E 45 -39.77 17.25 -0.20
N PRO E 46 -38.87 17.50 0.74
CA PRO E 46 -38.95 16.81 2.03
C PRO E 46 -40.20 17.20 2.80
N THR E 47 -40.68 16.26 3.62
CA THR E 47 -41.89 16.43 4.41
C THR E 47 -41.52 16.67 5.86
N ILE E 48 -42.06 17.76 6.42
CA ILE E 48 -41.86 18.10 7.83
C ILE E 48 -43.07 17.63 8.61
N THR E 49 -42.84 16.83 9.65
CA THR E 49 -43.92 16.29 10.45
C THR E 49 -43.57 16.36 11.93
N LYS E 50 -44.58 16.67 12.75
CA LYS E 50 -44.49 16.59 14.19
C LYS E 50 -45.17 15.34 14.74
N ASP E 51 -45.56 14.42 13.87
CA ASP E 51 -46.25 13.20 14.26
C ASP E 51 -45.24 12.06 14.32
N GLY E 52 -45.19 11.37 15.47
CA GLY E 52 -44.26 10.28 15.64
C GLY E 52 -44.61 9.04 14.83
N VAL E 53 -45.88 8.91 14.41
CA VAL E 53 -46.29 7.72 13.67
C VAL E 53 -45.57 7.67 12.32
N SER E 54 -45.55 8.78 11.58
CA SER E 54 -44.89 8.81 10.30
C SER E 54 -43.38 8.61 10.44
N VAL E 55 -42.79 9.24 11.46
CA VAL E 55 -41.34 9.10 11.68
C VAL E 55 -40.99 7.66 11.97
N ALA E 56 -41.79 6.99 12.82
CA ALA E 56 -41.56 5.58 13.09
C ALA E 56 -41.74 4.74 11.84
N ARG E 57 -42.76 5.05 11.03
CA ARG E 57 -43.01 4.28 9.81
C ARG E 57 -41.84 4.40 8.84
N GLU E 58 -41.22 5.57 8.77
CA GLU E 58 -40.14 5.79 7.81
C GLU E 58 -38.79 5.29 8.28
N ILE E 59 -38.68 4.78 9.51
CA ILE E 59 -37.39 4.37 10.05
C ILE E 59 -37.09 2.93 9.60
N GLU E 60 -35.89 2.73 9.06
CA GLU E 60 -35.39 1.41 8.73
C GLU E 60 -33.88 1.51 8.59
N LEU E 61 -33.15 0.70 9.35
CA LEU E 61 -31.70 0.80 9.44
C LEU E 61 -31.03 -0.19 8.49
N GLU E 62 -29.77 0.12 8.16
CA GLU E 62 -29.01 -0.74 7.25
C GLU E 62 -28.57 -2.02 7.95
N ASP E 63 -28.10 -1.92 9.20
CA ASP E 63 -27.71 -3.11 9.94
C ASP E 63 -28.92 -3.96 10.25
N LYS E 64 -28.79 -5.27 10.05
CA LYS E 64 -29.95 -6.16 10.13
C LYS E 64 -30.45 -6.33 11.57
N PHE E 65 -29.53 -6.40 12.52
CA PHE E 65 -29.93 -6.61 13.92
C PHE E 65 -30.57 -5.35 14.50
N GLU E 66 -29.96 -4.20 14.25
CA GLU E 66 -30.57 -2.94 14.63
C GLU E 66 -31.90 -2.76 13.90
N ASN E 67 -31.98 -3.23 12.66
CA ASN E 67 -33.25 -3.21 11.94
C ASN E 67 -34.29 -4.06 12.64
N MET E 68 -33.90 -5.24 13.14
CA MET E 68 -34.84 -6.07 13.89
C MET E 68 -35.34 -5.35 15.13
N GLY E 69 -34.43 -4.74 15.88
CA GLY E 69 -34.84 -4.02 17.08
C GLY E 69 -35.82 -2.91 16.75
N ALA E 70 -35.48 -2.11 15.75
CA ALA E 70 -36.35 -1.01 15.34
C ALA E 70 -37.71 -1.52 14.87
N GLN E 71 -37.72 -2.63 14.12
CA GLN E 71 -38.98 -3.15 13.59
C GLN E 71 -39.84 -3.76 14.68
N MET E 72 -39.25 -4.42 15.68
CA MET E 72 -40.02 -4.93 16.80
C MET E 72 -40.66 -3.78 17.57
N VAL E 73 -39.89 -2.74 17.86
CA VAL E 73 -40.44 -1.59 18.58
C VAL E 73 -41.52 -0.93 17.74
N LYS E 74 -41.29 -0.82 16.43
CA LYS E 74 -42.27 -0.23 15.52
C LYS E 74 -43.56 -1.03 15.51
N GLU E 75 -43.45 -2.36 15.49
CA GLU E 75 -44.62 -3.22 15.44
C GLU E 75 -45.43 -3.14 16.73
N VAL E 76 -44.76 -3.13 17.88
CA VAL E 76 -45.52 -3.03 19.13
C VAL E 76 -46.16 -1.64 19.26
N ALA E 77 -45.46 -0.60 18.79
CA ALA E 77 -46.06 0.73 18.78
C ALA E 77 -47.26 0.79 17.86
N SER E 78 -47.18 0.12 16.70
CA SER E 78 -48.31 0.06 15.78
C SER E 78 -49.48 -0.71 16.40
N LYS E 79 -49.18 -1.79 17.13
CA LYS E 79 -50.23 -2.53 17.83
C LYS E 79 -50.91 -1.64 18.86
N ALA E 80 -50.14 -0.87 19.63
CA ALA E 80 -50.72 0.04 20.60
C ALA E 80 -51.57 1.10 19.91
N ASN E 81 -51.09 1.64 18.79
CA ASN E 81 -51.85 2.65 18.06
C ASN E 81 -53.16 2.09 17.53
N ASP E 82 -53.12 0.87 16.97
CA ASP E 82 -54.33 0.25 16.46
C ASP E 82 -55.32 -0.02 17.57
N ALA E 83 -54.83 -0.50 18.72
CA ALA E 83 -55.74 -0.79 19.83
C ALA E 83 -56.35 0.49 20.40
N ALA E 84 -55.56 1.53 20.58
CA ALA E 84 -55.98 2.72 21.31
C ALA E 84 -56.31 3.90 20.41
N GLY E 85 -55.56 4.11 19.33
CA GLY E 85 -55.73 5.27 18.48
C GLY E 85 -54.65 6.32 18.64
N ASP E 86 -53.82 6.21 19.66
CA ASP E 86 -52.72 7.15 19.89
C ASP E 86 -51.71 6.49 20.81
N GLY E 87 -50.65 7.22 21.14
CA GLY E 87 -49.64 6.73 22.06
C GLY E 87 -48.50 5.98 21.41
N THR E 88 -48.30 6.12 20.10
CA THR E 88 -47.16 5.47 19.45
C THR E 88 -45.84 5.98 20.01
N THR E 89 -45.70 7.31 20.11
CA THR E 89 -44.47 7.89 20.63
C THR E 89 -44.28 7.53 22.11
N THR E 90 -45.37 7.57 22.89
CA THR E 90 -45.27 7.22 24.30
C THR E 90 -44.85 5.77 24.48
N ALA E 91 -45.46 4.87 23.70
CA ALA E 91 -45.08 3.46 23.78
C ALA E 91 -43.63 3.27 23.36
N THR E 92 -43.19 3.97 22.32
CA THR E 92 -41.81 3.82 21.85
C THR E 92 -40.80 4.29 22.90
N VAL E 93 -41.06 5.45 23.51
CA VAL E 93 -40.11 5.98 24.50
C VAL E 93 -40.13 5.12 25.76
N LEU E 94 -41.31 4.64 26.17
CA LEU E 94 -41.38 3.73 27.31
C LEU E 94 -40.59 2.46 27.03
N ALA E 95 -40.78 1.88 25.84
CA ALA E 95 -40.05 0.67 25.49
C ALA E 95 -38.55 0.91 25.46
N GLN E 96 -38.12 2.06 24.94
CA GLN E 96 -36.69 2.38 24.93
C GLN E 96 -36.14 2.46 26.34
N ALA E 97 -36.86 3.12 27.25
CA ALA E 97 -36.40 3.23 28.63
C ALA E 97 -36.29 1.85 29.27
N ILE E 98 -37.33 1.03 29.13
CA ILE E 98 -37.30 -0.30 29.75
C ILE E 98 -36.16 -1.12 29.17
N ILE E 99 -36.00 -1.10 27.84
CA ILE E 99 -34.96 -1.91 27.21
C ILE E 99 -33.57 -1.46 27.68
N THR E 100 -33.33 -0.15 27.71
CA THR E 100 -32.03 0.35 28.13
C THR E 100 -31.71 -0.09 29.56
N GLU E 101 -32.63 0.17 30.49
CA GLU E 101 -32.35 -0.15 31.89
C GLU E 101 -32.27 -1.67 32.10
N GLY E 102 -33.14 -2.43 31.43
CA GLY E 102 -33.11 -3.87 31.58
C GLY E 102 -31.86 -4.51 31.01
N LEU E 103 -31.39 -4.01 29.87
CA LEU E 103 -30.14 -4.52 29.32
C LEU E 103 -28.95 -4.13 30.18
N LYS E 104 -28.97 -2.94 30.78
CA LYS E 104 -27.93 -2.61 31.74
C LYS E 104 -27.95 -3.57 32.93
N ALA E 105 -29.14 -3.88 33.44
CA ALA E 105 -29.25 -4.83 34.54
C ALA E 105 -28.78 -6.23 34.12
N VAL E 106 -29.12 -6.64 32.91
CA VAL E 106 -28.69 -7.96 32.41
C VAL E 106 -27.17 -8.01 32.31
N ALA E 107 -26.55 -6.95 31.78
CA ALA E 107 -25.10 -6.88 31.77
C ALA E 107 -24.53 -6.88 33.17
N ALA E 108 -25.28 -6.37 34.15
CA ALA E 108 -24.86 -6.45 35.54
C ALA E 108 -24.90 -7.87 36.09
N GLY E 109 -25.61 -8.80 35.44
CA GLY E 109 -25.61 -10.20 35.84
C GLY E 109 -26.91 -10.73 36.39
N MET E 110 -27.93 -9.89 36.57
CA MET E 110 -29.21 -10.39 37.05
C MET E 110 -29.90 -11.24 36.00
N ASN E 111 -30.75 -12.15 36.46
CA ASN E 111 -31.42 -13.10 35.58
C ASN E 111 -32.43 -12.38 34.70
N PRO E 112 -32.35 -12.51 33.36
CA PRO E 112 -33.33 -11.84 32.50
C PRO E 112 -34.77 -12.26 32.76
N MET E 113 -35.01 -13.54 33.07
CA MET E 113 -36.38 -13.98 33.32
C MET E 113 -36.96 -13.33 34.56
N ASP E 114 -36.16 -13.23 35.63
CA ASP E 114 -36.62 -12.55 36.83
C ASP E 114 -36.89 -11.07 36.55
N LEU E 115 -36.04 -10.44 35.75
CA LEU E 115 -36.27 -9.05 35.36
C LEU E 115 -37.58 -8.90 34.60
N LYS E 116 -37.86 -9.81 33.67
CA LYS E 116 -39.11 -9.75 32.92
C LYS E 116 -40.31 -9.96 33.85
N ARG E 117 -40.19 -10.89 34.79
CA ARG E 117 -41.28 -11.11 35.75
C ARG E 117 -41.53 -9.86 36.59
N GLY E 118 -40.45 -9.21 37.04
CA GLY E 118 -40.61 -7.98 37.81
C GLY E 118 -41.25 -6.87 36.99
N ILE E 119 -40.84 -6.74 35.72
CA ILE E 119 -41.45 -5.75 34.85
C ILE E 119 -42.94 -6.03 34.67
N ASP E 120 -43.30 -7.30 34.46
CA ASP E 120 -44.71 -7.65 34.29
C ASP E 120 -45.52 -7.37 35.54
N LYS E 121 -44.98 -7.69 36.71
CA LYS E 121 -45.68 -7.42 37.97
C LYS E 121 -45.87 -5.92 38.18
N ALA E 122 -44.81 -5.15 37.93
CA ALA E 122 -44.90 -3.70 38.10
C ALA E 122 -45.90 -3.10 37.12
N VAL E 123 -45.93 -3.61 35.89
CA VAL E 123 -46.84 -3.06 34.88
C VAL E 123 -48.29 -3.44 35.20
N THR E 124 -48.52 -4.65 35.73
CA THR E 124 -49.86 -5.00 36.16
C THR E 124 -50.33 -4.12 37.30
N ALA E 125 -49.45 -3.86 38.28
CA ALA E 125 -49.79 -2.93 39.35
C ALA E 125 -50.04 -1.53 38.79
N ALA E 126 -49.27 -1.14 37.77
CA ALA E 126 -49.46 0.17 37.15
C ALA E 126 -50.81 0.26 36.45
N VAL E 127 -51.23 -0.83 35.80
CA VAL E 127 -52.55 -0.85 35.16
C VAL E 127 -53.64 -0.73 36.21
N GLU E 128 -53.49 -1.43 37.33
CA GLU E 128 -54.46 -1.29 38.41
C GLU E 128 -54.51 0.13 38.95
N GLU E 129 -53.35 0.76 39.14
CA GLU E 129 -53.30 2.13 39.62
C GLU E 129 -53.91 3.09 38.62
N LEU E 130 -53.67 2.87 37.32
CA LEU E 130 -54.27 3.70 36.29
C LEU E 130 -55.79 3.58 36.28
N LYS E 131 -56.30 2.35 36.44
CA LYS E 131 -57.74 2.15 36.55
C LYS E 131 -58.30 2.88 37.77
N ALA E 132 -57.57 2.84 38.90
CA ALA E 132 -58.02 3.56 40.08
C ALA E 132 -58.03 5.07 39.85
N LEU E 133 -57.02 5.59 39.17
CA LEU E 133 -56.89 7.03 38.96
C LEU E 133 -57.84 7.56 37.89
N SER E 134 -58.30 6.71 36.97
CA SER E 134 -59.10 7.18 35.86
C SER E 134 -60.44 7.74 36.34
N VAL E 135 -60.93 8.75 35.62
CA VAL E 135 -62.22 9.35 35.91
C VAL E 135 -63.17 9.02 34.76
N PRO E 136 -64.42 8.66 35.04
CA PRO E 136 -65.33 8.25 33.97
C PRO E 136 -65.65 9.40 33.03
N CYS E 137 -65.92 9.04 31.77
CA CYS E 137 -66.30 10.01 30.75
C CYS E 137 -67.63 9.61 30.13
N SER E 138 -68.59 9.21 30.97
CA SER E 138 -69.87 8.73 30.50
C SER E 138 -70.87 9.85 30.25
N ASP E 139 -70.83 10.90 31.07
CA ASP E 139 -71.77 12.00 30.90
C ASP E 139 -71.50 12.75 29.60
N SER E 140 -72.56 13.35 29.04
CA SER E 140 -72.45 14.04 27.77
C SER E 140 -71.52 15.24 27.86
N LYS E 141 -71.50 15.93 29.00
CA LYS E 141 -70.63 17.08 29.16
C LYS E 141 -69.16 16.67 29.06
N ALA E 142 -68.79 15.57 29.73
CA ALA E 142 -67.42 15.09 29.65
C ALA E 142 -67.08 14.59 28.25
N ILE E 143 -68.06 13.98 27.57
CA ILE E 143 -67.84 13.52 26.20
C ILE E 143 -67.53 14.71 25.30
N ALA E 144 -68.34 15.76 25.39
CA ALA E 144 -68.10 16.96 24.59
C ALA E 144 -66.77 17.61 24.95
N GLN E 145 -66.43 17.63 26.24
CA GLN E 145 -65.20 18.25 26.68
C GLN E 145 -63.98 17.51 26.12
N VAL E 146 -63.99 16.18 26.19
CA VAL E 146 -62.85 15.42 25.69
C VAL E 146 -62.78 15.48 24.17
N GLY E 147 -63.94 15.50 23.50
CA GLY E 147 -63.94 15.67 22.06
C GLY E 147 -63.37 17.01 21.63
N THR E 148 -63.73 18.07 22.36
CA THR E 148 -63.17 19.39 22.08
C THR E 148 -61.67 19.42 22.32
N ILE E 149 -61.22 18.83 23.43
CA ILE E 149 -59.79 18.82 23.75
C ILE E 149 -59.01 18.07 22.68
N SER E 150 -59.54 16.93 22.23
CA SER E 150 -58.84 16.15 21.20
C SER E 150 -58.68 16.94 19.91
N ALA E 151 -59.72 17.68 19.51
CA ALA E 151 -59.69 18.43 18.27
C ALA E 151 -59.21 19.86 18.45
N ASN E 152 -58.05 20.02 19.10
CA ASN E 152 -57.36 21.30 19.24
C ASN E 152 -58.28 22.37 19.83
N SER E 153 -59.00 22.00 20.89
CA SER E 153 -59.87 22.92 21.64
C SER E 153 -60.91 23.56 20.73
N ASP E 154 -61.56 22.74 19.91
CA ASP E 154 -62.64 23.18 19.03
C ASP E 154 -63.95 22.63 19.57
N GLU E 155 -64.80 23.53 20.06
CA GLU E 155 -66.05 23.10 20.70
C GLU E 155 -67.04 22.52 19.70
N THR E 156 -66.96 22.92 18.43
CA THR E 156 -67.89 22.41 17.44
C THR E 156 -67.72 20.90 17.24
N VAL E 157 -66.48 20.43 17.15
CA VAL E 157 -66.22 19.01 16.99
C VAL E 157 -66.71 18.24 18.21
N GLY E 158 -66.43 18.77 19.41
CA GLY E 158 -66.87 18.10 20.62
C GLY E 158 -68.38 18.00 20.71
N LYS E 159 -69.08 19.08 20.37
CA LYS E 159 -70.54 19.04 20.42
C LYS E 159 -71.10 18.11 19.35
N LEU E 160 -70.46 18.05 18.18
CA LEU E 160 -70.89 17.11 17.15
C LEU E 160 -70.75 15.67 17.62
N ILE E 161 -69.60 15.35 18.23
CA ILE E 161 -69.38 14.00 18.74
C ILE E 161 -70.36 13.66 19.85
N ALA E 162 -70.61 14.62 20.75
CA ALA E 162 -71.56 14.39 21.84
C ALA E 162 -72.96 14.15 21.31
N GLU E 163 -73.40 14.93 20.32
CA GLU E 163 -74.71 14.72 19.73
C GLU E 163 -74.79 13.38 19.01
N ALA E 164 -73.71 12.98 18.34
CA ALA E 164 -73.70 11.68 17.67
C ALA E 164 -73.84 10.55 18.67
N MET E 165 -73.09 10.61 19.78
CA MET E 165 -73.20 9.59 20.81
C MET E 165 -74.58 9.58 21.45
N ASP E 166 -75.16 10.76 21.67
CA ASP E 166 -76.51 10.82 22.21
C ASP E 166 -77.52 10.17 21.25
N LYS E 167 -77.37 10.42 19.96
CA LYS E 167 -78.34 9.96 18.99
C LYS E 167 -78.23 8.45 18.75
N VAL E 168 -77.01 7.92 18.70
CA VAL E 168 -76.81 6.52 18.35
C VAL E 168 -76.40 5.65 19.54
N GLY E 169 -75.84 6.22 20.58
CA GLY E 169 -75.34 5.44 21.69
C GLY E 169 -73.82 5.46 21.75
N LYS E 170 -73.30 5.18 22.96
CA LYS E 170 -71.85 5.20 23.16
C LYS E 170 -71.16 4.09 22.36
N GLU E 171 -71.81 2.92 22.26
CA GLU E 171 -71.24 1.79 21.53
C GLU E 171 -71.73 1.72 20.09
N GLY E 172 -72.47 2.72 19.63
CA GLY E 172 -72.95 2.73 18.26
C GLY E 172 -71.84 3.01 17.27
N VAL E 173 -72.17 2.84 16.00
CA VAL E 173 -71.23 3.03 14.90
C VAL E 173 -71.32 4.47 14.41
N ILE E 174 -70.18 5.14 14.36
CA ILE E 174 -70.09 6.52 13.89
C ILE E 174 -69.10 6.58 12.74
N THR E 175 -69.52 7.15 11.62
CA THR E 175 -68.67 7.37 10.47
C THR E 175 -68.88 8.78 9.97
N VAL E 176 -67.79 9.45 9.60
CA VAL E 176 -67.81 10.84 9.18
C VAL E 176 -67.58 10.90 7.67
N GLU E 177 -68.48 11.58 6.97
CA GLU E 177 -68.42 11.74 5.52
C GLU E 177 -68.22 13.21 5.18
N ASP E 178 -68.23 13.50 3.88
CA ASP E 178 -68.07 14.86 3.39
C ASP E 178 -69.41 15.58 3.37
N GLY E 179 -69.42 16.83 3.81
CA GLY E 179 -70.61 17.65 3.86
C GLY E 179 -70.70 18.57 2.66
N THR E 180 -71.90 18.65 2.08
CA THR E 180 -72.10 19.50 0.90
C THR E 180 -71.98 20.98 1.25
N GLY E 181 -72.66 21.41 2.31
CA GLY E 181 -72.71 22.81 2.67
C GLY E 181 -71.79 23.17 3.84
N LEU E 182 -71.85 24.45 4.21
CA LEU E 182 -71.06 24.93 5.34
C LEU E 182 -71.50 24.31 6.65
N GLN E 183 -72.81 24.18 6.86
CA GLN E 183 -73.33 23.65 8.12
C GLN E 183 -73.07 22.15 8.22
N ASP E 184 -72.69 21.72 9.42
CA ASP E 184 -72.49 20.30 9.67
C ASP E 184 -73.83 19.60 9.84
N GLU E 185 -73.94 18.40 9.27
CA GLU E 185 -75.17 17.63 9.28
C GLU E 185 -74.96 16.28 9.92
N LEU E 186 -75.92 15.85 10.73
CA LEU E 186 -75.88 14.55 11.38
C LEU E 186 -77.20 13.83 11.16
N ASP E 187 -77.12 12.54 10.83
CA ASP E 187 -78.31 11.74 10.56
C ASP E 187 -77.99 10.28 10.80
N VAL E 188 -79.05 9.48 10.92
CA VAL E 188 -78.94 8.04 11.17
C VAL E 188 -79.48 7.29 9.97
N VAL E 189 -78.68 6.35 9.46
CA VAL E 189 -79.08 5.50 8.35
C VAL E 189 -78.86 4.06 8.76
N GLU E 190 -79.51 3.15 8.04
CA GLU E 190 -79.36 1.73 8.32
C GLU E 190 -77.97 1.27 7.92
N GLY E 191 -77.30 0.57 8.82
CA GLY E 191 -75.94 0.15 8.56
C GLY E 191 -75.44 -0.76 9.67
N MET E 192 -74.21 -1.23 9.49
CA MET E 192 -73.65 -2.20 10.41
C MET E 192 -72.13 -2.20 10.27
N GLN E 193 -71.45 -2.59 11.35
CA GLN E 193 -69.99 -2.66 11.38
C GLN E 193 -69.57 -4.00 11.97
N PHE E 194 -68.60 -4.65 11.33
CA PHE E 194 -68.06 -5.92 11.81
C PHE E 194 -66.54 -5.88 11.73
N ASP E 195 -65.90 -6.66 12.61
CA ASP E 195 -64.48 -6.51 12.91
C ASP E 195 -63.55 -7.03 11.82
N ARG E 196 -64.05 -7.79 10.85
CA ARG E 196 -63.18 -8.31 9.81
C ARG E 196 -62.67 -7.20 8.90
N GLY E 197 -61.48 -7.42 8.31
CA GLY E 197 -60.85 -6.43 7.48
C GLY E 197 -60.44 -7.00 6.14
N TYR E 198 -60.02 -6.09 5.26
CA TYR E 198 -59.56 -6.49 3.93
C TYR E 198 -58.28 -7.31 4.01
N LEU E 199 -58.16 -8.29 3.10
CA LEU E 199 -57.12 -9.31 3.22
C LEU E 199 -55.74 -8.74 2.93
N SER E 200 -55.59 -8.00 1.82
CA SER E 200 -54.29 -7.59 1.37
C SER E 200 -54.20 -6.06 1.27
N PRO E 201 -53.06 -5.47 1.63
CA PRO E 201 -52.96 -4.00 1.66
C PRO E 201 -53.13 -3.34 0.29
N TYR E 202 -53.01 -4.08 -0.80
CA TYR E 202 -53.15 -3.50 -2.14
C TYR E 202 -54.55 -3.00 -2.41
N PHE E 203 -55.53 -3.35 -1.58
CA PHE E 203 -56.92 -2.96 -1.75
C PHE E 203 -57.21 -1.56 -1.26
N ILE E 204 -56.23 -0.88 -0.64
CA ILE E 204 -56.45 0.43 -0.05
C ILE E 204 -56.75 1.45 -1.13
N ASN E 205 -57.83 2.22 -0.94
CA ASN E 205 -58.18 3.27 -1.89
C ASN E 205 -57.42 4.56 -1.59
N LYS E 206 -57.42 4.99 -0.33
CA LYS E 206 -56.69 6.19 0.08
C LYS E 206 -55.56 5.82 1.03
N PRO E 207 -54.31 5.84 0.57
CA PRO E 207 -53.20 5.41 1.44
C PRO E 207 -52.97 6.28 2.66
N GLU E 208 -53.46 7.52 2.65
CA GLU E 208 -53.20 8.42 3.77
C GLU E 208 -53.83 7.91 5.06
N THR E 209 -55.05 7.37 4.98
CA THR E 209 -55.71 6.80 6.14
C THR E 209 -55.49 5.30 6.29
N GLY E 210 -55.00 4.63 5.26
CA GLY E 210 -54.83 3.19 5.30
C GLY E 210 -56.15 2.45 5.40
N ALA E 211 -57.16 2.89 4.65
CA ALA E 211 -58.48 2.26 4.68
C ALA E 211 -59.05 2.23 3.28
N VAL E 212 -60.02 1.35 3.07
CA VAL E 212 -60.66 1.17 1.78
C VAL E 212 -61.95 1.96 1.75
N GLU E 213 -62.08 2.86 0.77
CA GLU E 213 -63.27 3.69 0.61
C GLU E 213 -63.93 3.35 -0.72
N LEU E 214 -65.18 2.90 -0.66
CA LEU E 214 -65.96 2.58 -1.85
C LEU E 214 -67.26 3.36 -1.82
N GLU E 215 -67.65 3.92 -2.95
CA GLU E 215 -68.88 4.67 -3.09
C GLU E 215 -69.86 3.88 -3.95
N SER E 216 -71.02 3.58 -3.39
CA SER E 216 -72.05 2.78 -4.05
C SER E 216 -71.52 1.47 -4.62
N PRO E 217 -70.95 0.59 -3.79
CA PRO E 217 -70.42 -0.67 -4.30
C PRO E 217 -71.42 -1.81 -4.24
N PHE E 218 -71.29 -2.71 -5.22
CA PHE E 218 -72.04 -3.96 -5.19
C PHE E 218 -71.49 -4.87 -4.10
N ILE E 219 -72.36 -5.69 -3.53
CA ILE E 219 -72.00 -6.58 -2.44
C ILE E 219 -72.25 -8.03 -2.86
N LEU E 220 -71.22 -8.85 -2.78
CA LEU E 220 -71.31 -10.28 -3.04
C LEU E 220 -71.35 -11.05 -1.73
N LEU E 221 -72.23 -12.04 -1.66
CA LEU E 221 -72.50 -12.77 -0.42
C LEU E 221 -72.30 -14.26 -0.69
N ALA E 222 -71.14 -14.78 -0.31
CA ALA E 222 -70.78 -16.17 -0.54
C ALA E 222 -70.58 -16.90 0.78
N ASP E 223 -71.07 -18.14 0.84
CA ASP E 223 -70.95 -18.98 2.02
C ASP E 223 -69.80 -19.97 1.93
N LYS E 224 -68.94 -19.86 0.92
CA LYS E 224 -67.91 -20.84 0.65
C LYS E 224 -66.54 -20.17 0.54
N LYS E 225 -65.51 -20.98 0.74
CA LYS E 225 -64.14 -20.53 0.54
C LYS E 225 -63.93 -20.17 -0.93
N ILE E 226 -63.28 -19.03 -1.17
CA ILE E 226 -63.06 -18.52 -2.52
C ILE E 226 -61.62 -18.79 -2.91
N SER E 227 -61.43 -19.58 -3.96
CA SER E 227 -60.11 -19.89 -4.47
C SER E 227 -59.98 -19.77 -5.98
N ASN E 228 -61.06 -19.87 -6.74
CA ASN E 228 -61.02 -19.84 -8.20
C ASN E 228 -61.74 -18.60 -8.71
N ILE E 229 -61.09 -17.86 -9.60
CA ILE E 229 -61.68 -16.67 -10.19
C ILE E 229 -62.87 -17.04 -11.09
N ARG E 230 -62.80 -18.19 -11.76
CA ARG E 230 -63.84 -18.60 -12.69
C ARG E 230 -65.20 -18.78 -12.01
N GLU E 231 -65.21 -19.00 -10.69
CA GLU E 231 -66.48 -19.16 -9.98
C GLU E 231 -67.31 -17.88 -10.05
N MET E 232 -66.67 -16.72 -9.92
CA MET E 232 -67.36 -15.44 -9.93
C MET E 232 -66.99 -14.57 -11.13
N LEU E 233 -66.33 -15.13 -12.14
CA LEU E 233 -65.99 -14.35 -13.33
C LEU E 233 -67.21 -13.70 -13.99
N PRO E 234 -68.33 -14.40 -14.22
CA PRO E 234 -69.50 -13.68 -14.76
C PRO E 234 -69.99 -12.55 -13.86
N VAL E 235 -69.92 -12.74 -12.53
CA VAL E 235 -70.31 -11.69 -11.62
C VAL E 235 -69.38 -10.48 -11.76
N LEU E 236 -68.07 -10.73 -11.86
CA LEU E 236 -67.12 -9.65 -12.04
C LEU E 236 -67.36 -8.92 -13.35
N GLU E 237 -67.63 -9.66 -14.42
CA GLU E 237 -67.90 -9.02 -15.71
C GLU E 237 -69.16 -8.17 -15.66
N ALA E 238 -70.22 -8.68 -15.02
CA ALA E 238 -71.46 -7.91 -14.89
C ALA E 238 -71.24 -6.65 -14.05
N VAL E 239 -70.46 -6.76 -12.97
CA VAL E 239 -70.18 -5.60 -12.14
C VAL E 239 -69.38 -4.57 -12.93
N ALA E 240 -68.38 -5.01 -13.69
CA ALA E 240 -67.60 -4.09 -14.50
C ALA E 240 -68.46 -3.40 -15.55
N LYS E 241 -69.38 -4.14 -16.17
CA LYS E 241 -70.30 -3.53 -17.14
C LYS E 241 -71.21 -2.51 -16.47
N ALA E 242 -71.68 -2.81 -15.26
CA ALA E 242 -72.52 -1.86 -14.53
C ALA E 242 -71.76 -0.58 -14.21
N GLY E 243 -70.49 -0.70 -13.81
CA GLY E 243 -69.65 0.43 -13.49
C GLY E 243 -69.51 0.74 -12.02
N LYS E 244 -70.43 0.25 -11.19
CA LYS E 244 -70.34 0.47 -9.76
C LYS E 244 -69.31 -0.48 -9.14
N PRO E 245 -68.69 -0.09 -8.04
CA PRO E 245 -67.70 -0.96 -7.39
C PRO E 245 -68.33 -2.24 -6.86
N LEU E 246 -67.47 -3.14 -6.39
CA LEU E 246 -67.89 -4.44 -5.89
C LEU E 246 -67.27 -4.70 -4.52
N LEU E 247 -68.04 -5.32 -3.63
CA LEU E 247 -67.55 -5.77 -2.34
C LEU E 247 -67.87 -7.25 -2.21
N ILE E 248 -66.85 -8.07 -1.99
CA ILE E 248 -67.03 -9.52 -1.88
C ILE E 248 -66.66 -9.94 -0.47
N ILE E 249 -67.55 -10.71 0.16
CA ILE E 249 -67.31 -11.25 1.50
C ILE E 249 -67.68 -12.72 1.49
N ALA E 250 -66.75 -13.57 1.92
CA ALA E 250 -66.95 -15.01 1.96
C ALA E 250 -66.18 -15.56 3.16
N GLU E 251 -66.14 -16.89 3.26
CA GLU E 251 -65.46 -17.52 4.39
C GLU E 251 -63.97 -17.15 4.39
N ASP E 252 -63.33 -17.20 3.23
CA ASP E 252 -61.95 -16.78 3.07
C ASP E 252 -61.62 -16.77 1.58
N VAL E 253 -60.59 -16.01 1.22
CA VAL E 253 -60.12 -15.90 -0.15
C VAL E 253 -58.63 -16.20 -0.17
N GLU E 254 -58.21 -17.10 -1.06
CA GLU E 254 -56.81 -17.49 -1.14
C GLU E 254 -56.46 -17.92 -2.55
N GLY E 255 -55.25 -17.57 -2.99
CA GLY E 255 -54.71 -18.09 -4.23
C GLY E 255 -54.87 -17.20 -5.45
N GLU E 256 -55.09 -17.85 -6.60
CA GLU E 256 -55.21 -17.12 -7.85
C GLU E 256 -56.42 -16.19 -7.86
N ALA E 257 -57.44 -16.45 -7.03
CA ALA E 257 -58.54 -15.52 -6.93
C ALA E 257 -58.09 -14.18 -6.38
N LEU E 258 -57.40 -14.18 -5.24
CA LEU E 258 -56.89 -12.92 -4.70
C LEU E 258 -55.84 -12.33 -5.63
N ALA E 259 -55.05 -13.18 -6.30
CA ALA E 259 -54.07 -12.65 -7.26
C ALA E 259 -54.76 -11.88 -8.38
N THR E 260 -55.84 -12.44 -8.94
CA THR E 260 -56.56 -11.78 -10.02
C THR E 260 -57.22 -10.50 -9.53
N LEU E 261 -57.82 -10.53 -8.35
CA LEU E 261 -58.44 -9.32 -7.82
C LEU E 261 -57.39 -8.22 -7.57
N VAL E 262 -56.22 -8.60 -7.04
CA VAL E 262 -55.16 -7.62 -6.82
C VAL E 262 -54.69 -7.04 -8.15
N VAL E 263 -54.51 -7.89 -9.17
CA VAL E 263 -54.08 -7.41 -10.48
C VAL E 263 -55.11 -6.46 -11.07
N ASN E 264 -56.40 -6.81 -10.96
CA ASN E 264 -57.46 -5.96 -11.48
C ASN E 264 -57.50 -4.62 -10.76
N THR E 265 -57.33 -4.62 -9.44
CA THR E 265 -57.32 -3.37 -8.69
C THR E 265 -56.13 -2.51 -9.08
N MET E 266 -54.97 -3.11 -9.28
CA MET E 266 -53.81 -2.36 -9.74
C MET E 266 -54.04 -1.76 -11.12
N ARG E 267 -54.64 -2.55 -12.03
CA ARG E 267 -54.98 -2.02 -13.34
C ARG E 267 -56.12 -1.01 -13.27
N GLY E 268 -56.99 -1.13 -12.27
CA GLY E 268 -58.06 -0.19 -12.07
C GLY E 268 -59.29 -0.38 -12.92
N ILE E 269 -59.33 -1.42 -13.76
CA ILE E 269 -60.49 -1.64 -14.62
C ILE E 269 -61.72 -1.94 -13.79
N VAL E 270 -61.55 -2.64 -12.67
CA VAL E 270 -62.62 -2.91 -11.72
C VAL E 270 -62.05 -2.78 -10.32
N LYS E 271 -62.81 -2.15 -9.43
CA LYS E 271 -62.41 -1.95 -8.04
C LYS E 271 -63.28 -2.81 -7.14
N VAL E 272 -62.66 -3.79 -6.47
CA VAL E 272 -63.35 -4.76 -5.64
C VAL E 272 -62.65 -4.83 -4.29
N ALA E 273 -63.43 -4.98 -3.23
CA ALA E 273 -62.92 -5.15 -1.87
C ALA E 273 -63.24 -6.54 -1.37
N ALA E 274 -62.23 -7.24 -0.85
CA ALA E 274 -62.38 -8.60 -0.35
C ALA E 274 -62.20 -8.61 1.17
N VAL E 275 -63.23 -9.05 1.89
CA VAL E 275 -63.20 -9.14 3.35
C VAL E 275 -63.73 -10.52 3.75
N LYS E 276 -63.08 -11.14 4.74
CA LYS E 276 -63.56 -12.40 5.26
C LYS E 276 -64.91 -12.22 5.95
N ALA E 277 -65.75 -13.25 5.85
CA ALA E 277 -67.03 -13.21 6.55
C ALA E 277 -66.80 -13.33 8.05
N PRO E 278 -67.42 -12.48 8.87
CA PRO E 278 -67.21 -12.58 10.31
C PRO E 278 -67.86 -13.83 10.89
N GLY E 279 -67.30 -14.30 12.00
CA GLY E 279 -67.76 -15.52 12.62
C GLY E 279 -67.22 -16.76 11.92
N PHE E 280 -67.73 -17.91 12.35
CA PHE E 280 -67.33 -19.18 11.77
C PHE E 280 -68.43 -20.21 12.00
N GLY E 281 -68.89 -20.84 10.92
CA GLY E 281 -69.91 -21.86 11.01
C GLY E 281 -71.33 -21.33 10.98
N ASP E 282 -72.17 -21.82 11.90
CA ASP E 282 -73.55 -21.38 11.95
C ASP E 282 -73.65 -19.89 12.28
N ARG E 283 -72.80 -19.40 13.19
CA ARG E 283 -72.80 -17.98 13.50
C ARG E 283 -72.40 -17.15 12.27
N ARG E 284 -71.42 -17.63 11.51
CA ARG E 284 -71.03 -16.92 10.30
C ARG E 284 -72.17 -16.90 9.28
N LYS E 285 -72.88 -18.03 9.14
CA LYS E 285 -74.01 -18.08 8.22
C LYS E 285 -75.11 -17.11 8.66
N ALA E 286 -75.41 -17.07 9.96
CA ALA E 286 -76.43 -16.15 10.45
C ALA E 286 -76.03 -14.70 10.24
N MET E 287 -74.75 -14.38 10.48
CA MET E 287 -74.27 -13.02 10.28
C MET E 287 -74.30 -12.63 8.81
N LEU E 288 -73.97 -13.55 7.91
CA LEU E 288 -74.07 -13.26 6.48
C LEU E 288 -75.52 -13.11 6.05
N GLN E 289 -76.44 -13.86 6.66
CA GLN E 289 -77.86 -13.66 6.40
C GLN E 289 -78.30 -12.29 6.86
N ASP E 290 -77.80 -11.82 8.01
CA ASP E 290 -78.08 -10.47 8.46
C ASP E 290 -77.55 -9.44 7.46
N ILE E 291 -76.35 -9.68 6.94
CA ILE E 291 -75.78 -8.79 5.93
C ILE E 291 -76.68 -8.75 4.70
N ALA E 292 -77.15 -9.92 4.26
CA ALA E 292 -78.03 -9.98 3.09
C ALA E 292 -79.32 -9.22 3.33
N THR E 293 -79.91 -9.38 4.52
CA THR E 293 -81.14 -8.66 4.85
C THR E 293 -80.89 -7.15 4.86
N LEU E 294 -79.77 -6.72 5.44
CA LEU E 294 -79.47 -5.29 5.52
C LEU E 294 -79.26 -4.69 4.13
N THR E 295 -78.51 -5.39 3.27
CA THR E 295 -78.18 -4.87 1.95
C THR E 295 -79.17 -5.33 0.87
N GLY E 296 -80.20 -6.09 1.24
CA GLY E 296 -81.18 -6.52 0.27
C GLY E 296 -80.72 -7.53 -0.75
N GLY E 297 -79.50 -8.07 -0.58
CA GLY E 297 -78.97 -9.06 -1.49
C GLY E 297 -79.37 -10.48 -1.09
N THR E 298 -78.80 -11.44 -1.82
CA THR E 298 -79.03 -12.85 -1.57
C THR E 298 -77.69 -13.54 -1.35
N VAL E 299 -77.58 -14.32 -0.29
CA VAL E 299 -76.35 -15.04 0.01
C VAL E 299 -76.26 -16.26 -0.89
N ILE E 300 -75.06 -16.51 -1.43
CA ILE E 300 -74.84 -17.66 -2.30
C ILE E 300 -74.65 -18.89 -1.42
N SER E 301 -75.73 -19.66 -1.23
CA SER E 301 -75.72 -20.85 -0.40
C SER E 301 -75.45 -22.06 -1.27
N GLU E 302 -74.26 -22.64 -1.12
CA GLU E 302 -73.87 -23.80 -1.93
C GLU E 302 -74.66 -25.05 -1.55
N GLU E 303 -75.04 -25.18 -0.27
CA GLU E 303 -75.84 -26.34 0.13
C GLU E 303 -77.21 -26.33 -0.52
N ILE E 304 -77.73 -25.14 -0.87
CA ILE E 304 -78.98 -25.07 -1.61
C ILE E 304 -78.81 -25.66 -3.00
N GLY E 305 -77.68 -25.36 -3.65
CA GLY E 305 -77.39 -25.83 -5.00
C GLY E 305 -76.95 -24.71 -5.94
N MET E 306 -77.48 -23.51 -5.73
CA MET E 306 -77.07 -22.37 -6.55
C MET E 306 -75.64 -21.96 -6.22
N GLU E 307 -74.91 -21.51 -7.23
CA GLU E 307 -73.51 -21.16 -7.11
C GLU E 307 -73.29 -19.72 -7.58
N LEU E 308 -72.03 -19.29 -7.55
CA LEU E 308 -71.67 -17.94 -7.95
C LEU E 308 -71.72 -17.74 -9.47
N GLU E 309 -71.62 -18.82 -10.25
CA GLU E 309 -71.62 -18.68 -11.70
C GLU E 309 -72.94 -18.11 -12.21
N LYS E 310 -74.05 -18.56 -11.64
CA LYS E 310 -75.36 -18.10 -12.09
C LYS E 310 -75.69 -16.69 -11.59
N ALA E 311 -74.99 -16.21 -10.56
CA ALA E 311 -75.34 -14.95 -9.94
C ALA E 311 -75.18 -13.80 -10.93
N THR E 312 -76.13 -12.87 -10.89
CA THR E 312 -76.17 -11.72 -11.79
C THR E 312 -76.11 -10.43 -10.96
N LEU E 313 -76.29 -9.30 -11.66
CA LEU E 313 -76.22 -8.00 -10.99
C LEU E 313 -77.37 -7.83 -10.00
N GLU E 314 -78.57 -8.28 -10.36
CA GLU E 314 -79.74 -8.06 -9.51
C GLU E 314 -79.72 -8.90 -8.24
N ASP E 315 -78.86 -9.92 -8.17
CA ASP E 315 -78.77 -10.75 -6.98
C ASP E 315 -77.76 -10.24 -5.96
N LEU E 316 -77.06 -9.16 -6.26
CA LEU E 316 -76.03 -8.65 -5.36
C LEU E 316 -76.61 -7.64 -4.38
N GLY E 317 -75.88 -7.42 -3.28
CA GLY E 317 -76.25 -6.39 -2.35
C GLY E 317 -75.70 -5.03 -2.75
N GLN E 318 -76.26 -3.98 -2.15
CA GLN E 318 -75.90 -2.63 -2.51
C GLN E 318 -75.96 -1.74 -1.27
N ALA E 319 -75.04 -0.79 -1.20
CA ALA E 319 -74.99 0.17 -0.11
C ALA E 319 -74.44 1.50 -0.64
N LYS E 320 -74.81 2.59 0.03
CA LYS E 320 -74.36 3.90 -0.41
C LYS E 320 -72.85 4.04 -0.29
N ARG E 321 -72.27 3.56 0.81
CA ARG E 321 -70.84 3.66 1.03
C ARG E 321 -70.42 2.61 2.03
N VAL E 322 -69.25 2.01 1.80
CA VAL E 322 -68.66 1.04 2.72
C VAL E 322 -67.23 1.46 3.02
N VAL E 323 -66.79 1.22 4.26
CA VAL E 323 -65.44 1.55 4.70
C VAL E 323 -64.82 0.29 5.27
N ILE E 324 -63.63 -0.05 4.80
CA ILE E 324 -62.93 -1.26 5.21
C ILE E 324 -61.56 -0.87 5.76
N ASN E 325 -61.19 -1.48 6.89
CA ASN E 325 -59.91 -1.18 7.53
C ASN E 325 -59.43 -2.43 8.27
N LYS E 326 -58.15 -2.41 8.64
CA LYS E 326 -57.59 -3.49 9.43
C LYS E 326 -58.41 -3.77 10.69
N ASP E 327 -58.85 -2.70 11.36
CA ASP E 327 -59.56 -2.87 12.62
C ASP E 327 -60.97 -3.42 12.41
N THR E 328 -61.68 -2.91 11.42
CA THR E 328 -63.09 -3.29 11.23
C THR E 328 -63.53 -2.91 9.82
N THR E 329 -64.73 -3.36 9.47
CA THR E 329 -65.36 -3.04 8.20
C THR E 329 -66.77 -2.52 8.47
N THR E 330 -67.12 -1.40 7.83
CA THR E 330 -68.38 -0.72 8.09
C THR E 330 -69.19 -0.62 6.80
N ILE E 331 -70.50 -0.89 6.92
CA ILE E 331 -71.45 -0.73 5.82
C ILE E 331 -72.41 0.38 6.18
N ILE E 332 -72.61 1.32 5.27
CA ILE E 332 -73.40 2.52 5.53
C ILE E 332 -74.51 2.62 4.49
N ASP E 333 -75.74 2.81 4.96
CA ASP E 333 -76.90 3.08 4.12
C ASP E 333 -77.10 1.99 3.06
N GLY E 334 -77.06 0.74 3.51
CA GLY E 334 -77.41 -0.37 2.65
C GLY E 334 -78.86 -0.32 2.22
N VAL E 335 -79.13 -0.52 0.94
CA VAL E 335 -80.50 -0.44 0.44
C VAL E 335 -81.28 -1.67 0.91
N GLY E 336 -82.41 -1.44 1.56
CA GLY E 336 -83.24 -2.52 2.05
C GLY E 336 -84.60 -2.05 2.53
N GLU E 337 -85.59 -2.94 2.46
CA GLU E 337 -86.92 -2.60 2.92
C GLU E 337 -86.93 -2.45 4.44
N GLU E 338 -87.56 -1.39 4.94
CA GLU E 338 -87.66 -1.18 6.38
C GLU E 338 -88.46 -2.30 7.04
N ALA E 339 -89.54 -2.75 6.38
CA ALA E 339 -90.32 -3.85 6.92
C ALA E 339 -89.49 -5.12 7.00
N ALA E 340 -88.64 -5.36 6.01
CA ALA E 340 -87.76 -6.53 6.05
C ALA E 340 -86.82 -6.46 7.25
N ILE E 341 -86.24 -5.28 7.52
CA ILE E 341 -85.34 -5.13 8.65
C ILE E 341 -86.08 -5.34 9.96
N GLN E 342 -87.30 -4.78 10.07
CA GLN E 342 -88.08 -4.97 11.28
C GLN E 342 -88.43 -6.42 11.50
N GLY E 343 -88.83 -7.13 10.44
CA GLY E 343 -89.12 -8.54 10.57
C GLY E 343 -87.88 -9.34 10.96
N ARG E 344 -86.73 -9.00 10.38
CA ARG E 344 -85.50 -9.69 10.72
C ARG E 344 -85.14 -9.50 12.19
N VAL E 345 -85.24 -8.26 12.70
CA VAL E 345 -84.88 -8.02 14.08
C VAL E 345 -85.89 -8.66 15.03
N ALA E 346 -87.18 -8.67 14.69
CA ALA E 346 -88.16 -9.37 15.51
C ALA E 346 -87.90 -10.87 15.53
N GLN E 347 -87.53 -11.45 14.38
CA GLN E 347 -87.22 -12.87 14.32
C GLN E 347 -85.99 -13.19 15.16
N ILE E 348 -84.97 -12.34 15.09
CA ILE E 348 -83.78 -12.54 15.91
C ILE E 348 -84.14 -12.41 17.39
N ARG E 349 -85.03 -11.49 17.73
CA ARG E 349 -85.44 -11.32 19.12
C ARG E 349 -86.16 -12.56 19.65
N GLN E 350 -87.08 -13.13 18.86
CA GLN E 350 -87.76 -14.33 19.35
C GLN E 350 -86.79 -15.50 19.43
N GLN E 351 -85.81 -15.55 18.53
CA GLN E 351 -84.71 -16.50 18.69
C GLN E 351 -83.95 -16.26 19.99
N ILE E 352 -83.82 -14.99 20.39
CA ILE E 352 -83.13 -14.67 21.64
C ILE E 352 -83.88 -15.26 22.82
N GLU E 353 -85.20 -15.02 22.90
CA GLU E 353 -85.89 -15.50 24.09
C GLU E 353 -86.24 -16.98 24.02
N GLU E 354 -86.13 -17.62 22.85
CA GLU E 354 -86.37 -19.06 22.80
C GLU E 354 -85.11 -19.89 23.11
N ALA E 355 -83.95 -19.26 23.19
CA ALA E 355 -82.71 -20.00 23.44
C ALA E 355 -82.64 -20.47 24.88
N THR E 356 -81.55 -21.18 25.20
CA THR E 356 -81.32 -21.72 26.53
C THR E 356 -80.11 -21.11 27.23
N SER E 357 -78.94 -21.16 26.61
CA SER E 357 -77.71 -20.73 27.28
C SER E 357 -77.61 -19.20 27.32
N ASP E 358 -76.91 -18.70 28.34
CA ASP E 358 -76.68 -17.26 28.45
C ASP E 358 -75.69 -16.77 27.41
N TYR E 359 -74.80 -17.65 26.93
CA TYR E 359 -73.93 -17.28 25.83
C TYR E 359 -74.74 -16.92 24.59
N ASP E 360 -75.78 -17.71 24.31
CA ASP E 360 -76.71 -17.36 23.23
C ASP E 360 -77.39 -16.03 23.50
N ARG E 361 -77.81 -15.79 24.75
CA ARG E 361 -78.37 -14.50 25.14
C ARG E 361 -77.47 -13.36 24.72
N GLU E 362 -76.23 -13.35 25.23
CA GLU E 362 -75.34 -12.22 24.97
C GLU E 362 -75.00 -12.10 23.50
N LYS E 363 -74.71 -13.22 22.82
CA LYS E 363 -74.30 -13.15 21.43
C LYS E 363 -75.43 -12.67 20.53
N LEU E 364 -76.63 -13.25 20.67
CA LEU E 364 -77.76 -12.84 19.85
C LEU E 364 -78.21 -11.43 20.19
N GLN E 365 -78.09 -11.02 21.46
CA GLN E 365 -78.41 -9.64 21.80
C GLN E 365 -77.44 -8.67 21.15
N GLU E 366 -76.15 -9.03 21.12
CA GLU E 366 -75.19 -8.19 20.40
C GLU E 366 -75.52 -8.13 18.91
N ARG E 367 -75.90 -9.26 18.33
CA ARG E 367 -76.26 -9.28 16.91
C ARG E 367 -77.47 -8.40 16.63
N VAL E 368 -78.52 -8.50 17.46
CA VAL E 368 -79.70 -7.69 17.22
C VAL E 368 -79.42 -6.21 17.47
N ALA E 369 -78.56 -5.90 18.45
CA ALA E 369 -78.20 -4.51 18.69
C ALA E 369 -77.43 -3.93 17.52
N LYS E 370 -76.48 -4.69 16.97
CA LYS E 370 -75.75 -4.22 15.80
C LYS E 370 -76.65 -4.14 14.56
N LEU E 371 -77.69 -4.97 14.49
CA LEU E 371 -78.59 -4.92 13.34
C LEU E 371 -79.56 -3.73 13.43
N ALA E 372 -80.03 -3.40 14.62
CA ALA E 372 -81.09 -2.40 14.78
C ALA E 372 -80.55 -1.00 15.11
N GLY E 373 -79.36 -0.90 15.68
CA GLY E 373 -78.83 0.41 16.04
C GLY E 373 -78.53 1.27 14.83
N GLY E 374 -78.04 0.65 13.76
CA GLY E 374 -77.70 1.40 12.56
C GLY E 374 -76.40 2.17 12.72
N VAL E 375 -76.12 2.99 11.71
CA VAL E 375 -74.92 3.82 11.68
C VAL E 375 -75.35 5.28 11.55
N ALA E 376 -74.85 6.11 12.44
CA ALA E 376 -75.10 7.56 12.38
C ALA E 376 -73.93 8.22 11.68
N VAL E 377 -74.23 9.03 10.67
CA VAL E 377 -73.22 9.63 9.80
C VAL E 377 -73.10 11.10 10.13
N ILE E 378 -71.87 11.56 10.36
CA ILE E 378 -71.58 12.97 10.62
C ILE E 378 -71.08 13.57 9.31
N LYS E 379 -71.84 14.51 8.78
CA LYS E 379 -71.48 15.19 7.52
C LYS E 379 -70.79 16.50 7.88
N VAL E 380 -69.47 16.44 8.06
CA VAL E 380 -68.70 17.64 8.40
C VAL E 380 -68.65 18.57 7.20
N GLY E 381 -68.94 19.85 7.44
CA GLY E 381 -69.02 20.83 6.38
C GLY E 381 -68.17 22.05 6.69
N ALA E 382 -67.78 22.75 5.62
CA ALA E 382 -66.98 23.96 5.74
C ALA E 382 -67.17 24.78 4.48
N ALA E 383 -66.40 25.87 4.36
CA ALA E 383 -66.49 26.76 3.22
C ALA E 383 -65.40 26.53 2.19
N THR E 384 -64.31 25.84 2.55
CA THR E 384 -63.20 25.58 1.65
C THR E 384 -62.85 24.10 1.71
N GLU E 385 -62.35 23.58 0.59
CA GLU E 385 -62.02 22.16 0.51
C GLU E 385 -60.92 21.78 1.49
N VAL E 386 -59.87 22.59 1.58
CA VAL E 386 -58.74 22.25 2.45
C VAL E 386 -59.14 22.33 3.91
N GLU E 387 -59.90 23.37 4.29
CA GLU E 387 -60.35 23.46 5.68
C GLU E 387 -61.38 22.39 6.00
N MET E 388 -62.19 21.98 5.02
CA MET E 388 -63.13 20.88 5.24
C MET E 388 -62.37 19.58 5.48
N LYS E 389 -61.31 19.33 4.70
CA LYS E 389 -60.52 18.12 4.91
C LYS E 389 -59.81 18.15 6.26
N GLU E 390 -59.26 19.31 6.64
CA GLU E 390 -58.62 19.43 7.95
C GLU E 390 -59.61 19.18 9.08
N LYS E 391 -60.81 19.75 8.98
CA LYS E 391 -61.84 19.53 9.98
C LYS E 391 -62.27 18.07 10.02
N LYS E 392 -62.34 17.43 8.85
CA LYS E 392 -62.69 16.00 8.81
C LYS E 392 -61.64 15.17 9.53
N ALA E 393 -60.36 15.44 9.28
CA ALA E 393 -59.31 14.70 9.96
C ALA E 393 -59.34 14.94 11.47
N ARG E 394 -59.58 16.19 11.88
CA ARG E 394 -59.69 16.50 13.30
C ARG E 394 -60.88 15.78 13.92
N VAL E 395 -61.99 15.70 13.20
CA VAL E 395 -63.17 14.99 13.71
C VAL E 395 -62.88 13.50 13.84
N GLU E 396 -62.14 12.93 12.88
CA GLU E 396 -61.75 11.52 12.99
C GLU E 396 -60.91 11.28 14.24
N ASP E 397 -59.90 12.13 14.46
CA ASP E 397 -59.04 11.96 15.63
C ASP E 397 -59.84 12.13 16.93
N ALA E 398 -60.72 13.15 16.97
CA ALA E 398 -61.53 13.38 18.15
C ALA E 398 -62.49 12.22 18.39
N LEU E 399 -63.03 11.64 17.31
CA LEU E 399 -63.91 10.49 17.46
C LEU E 399 -63.18 9.30 18.05
N HIS E 400 -61.96 9.04 17.58
CA HIS E 400 -61.17 7.93 18.14
C HIS E 400 -60.88 8.17 19.61
N ALA E 401 -60.44 9.39 19.95
CA ALA E 401 -60.12 9.70 21.34
C ALA E 401 -61.35 9.62 22.22
N THR E 402 -62.49 10.09 21.72
CA THR E 402 -63.73 10.08 22.50
C THR E 402 -64.24 8.65 22.69
N ARG E 403 -64.08 7.79 21.68
CA ARG E 403 -64.45 6.40 21.84
C ARG E 403 -63.60 5.74 22.93
N ALA E 404 -62.29 5.99 22.90
CA ALA E 404 -61.43 5.46 23.95
C ALA E 404 -61.85 5.99 25.32
N ALA E 405 -62.17 7.28 25.39
CA ALA E 405 -62.58 7.88 26.66
C ALA E 405 -63.86 7.26 27.19
N VAL E 406 -64.88 7.15 26.34
CA VAL E 406 -66.17 6.63 26.79
C VAL E 406 -66.08 5.14 27.09
N GLU E 407 -65.10 4.42 26.54
CA GLU E 407 -65.02 3.00 26.88
C GLU E 407 -64.17 2.75 28.11
N GLU E 408 -63.16 3.59 28.40
CA GLU E 408 -62.35 3.35 29.59
C GLU E 408 -61.96 4.63 30.36
N GLY E 409 -62.70 5.71 30.21
CA GLY E 409 -62.41 6.91 30.97
C GLY E 409 -61.17 7.64 30.47
N VAL E 410 -60.77 8.67 31.21
CA VAL E 410 -59.61 9.48 30.90
C VAL E 410 -58.75 9.61 32.15
N VAL E 411 -57.46 9.87 31.94
CA VAL E 411 -56.54 10.19 33.01
C VAL E 411 -55.88 11.53 32.72
N ALA E 412 -55.01 11.99 33.61
CA ALA E 412 -54.33 13.26 33.40
C ALA E 412 -53.33 13.14 32.27
N GLY E 413 -53.38 14.07 31.33
CA GLY E 413 -52.54 14.02 30.14
C GLY E 413 -51.15 14.58 30.39
N GLY E 414 -50.40 14.65 29.30
CA GLY E 414 -49.03 15.15 29.37
C GLY E 414 -48.03 14.21 29.99
N GLY E 415 -48.36 12.93 30.08
CA GLY E 415 -47.44 11.97 30.65
C GLY E 415 -47.28 12.03 32.15
N VAL E 416 -48.25 12.60 32.86
CA VAL E 416 -48.18 12.66 34.32
C VAL E 416 -48.95 11.52 34.98
N ALA E 417 -49.82 10.83 34.25
CA ALA E 417 -50.46 9.65 34.82
C ALA E 417 -49.44 8.58 35.18
N LEU E 418 -48.46 8.37 34.31
CA LEU E 418 -47.42 7.38 34.56
C LEU E 418 -46.56 7.78 35.77
N ILE E 419 -46.21 9.05 35.89
CA ILE E 419 -45.39 9.49 37.02
C ILE E 419 -46.18 9.39 38.32
N ARG E 420 -47.48 9.69 38.29
CA ARG E 420 -48.31 9.52 39.48
C ARG E 420 -48.42 8.05 39.88
N VAL E 421 -48.59 7.17 38.88
CA VAL E 421 -48.67 5.74 39.15
C VAL E 421 -47.35 5.25 39.75
N ALA E 422 -46.22 5.70 39.22
CA ALA E 422 -44.93 5.31 39.75
C ALA E 422 -44.75 5.82 41.18
N SER E 423 -45.20 7.04 41.46
CA SER E 423 -45.13 7.57 42.82
C SER E 423 -45.94 6.72 43.77
N LYS E 424 -47.14 6.30 43.36
CA LYS E 424 -47.97 5.44 44.19
C LYS E 424 -47.42 4.03 44.32
N LEU E 425 -46.68 3.54 43.33
CA LEU E 425 -46.17 2.18 43.30
C LEU E 425 -44.75 2.04 43.82
N ALA E 426 -44.10 3.15 44.20
CA ALA E 426 -42.72 3.13 44.68
C ALA E 426 -42.49 2.15 45.83
N ASP E 427 -43.57 1.68 46.47
CA ASP E 427 -43.47 0.74 47.58
C ASP E 427 -43.59 -0.71 47.14
N LEU E 428 -43.67 -0.97 45.83
CA LEU E 428 -43.84 -2.33 45.35
C LEU E 428 -42.58 -3.16 45.59
N ARG E 429 -42.77 -4.48 45.75
CA ARG E 429 -41.68 -5.41 45.98
C ARG E 429 -41.97 -6.72 45.28
N GLY E 430 -40.91 -7.48 44.98
CA GLY E 430 -41.02 -8.76 44.33
C GLY E 430 -40.51 -9.88 45.23
N GLN E 431 -40.64 -11.10 44.72
CA GLN E 431 -40.20 -12.27 45.48
C GLN E 431 -38.70 -12.48 45.36
N ASN E 432 -38.03 -11.73 44.49
CA ASN E 432 -36.60 -11.87 44.28
C ASN E 432 -35.97 -10.48 44.13
N GLU E 433 -34.67 -10.41 44.41
CA GLU E 433 -33.94 -9.16 44.27
C GLU E 433 -33.93 -8.69 42.82
N ASP E 434 -33.75 -9.61 41.88
CA ASP E 434 -33.78 -9.25 40.46
C ASP E 434 -35.17 -8.74 40.08
N GLN E 435 -36.22 -9.29 40.69
CA GLN E 435 -37.57 -8.78 40.45
C GLN E 435 -37.71 -7.34 40.96
N ASN E 436 -37.10 -7.05 42.11
CA ASN E 436 -37.10 -5.68 42.62
C ASN E 436 -36.36 -4.74 41.67
N VAL E 437 -35.24 -5.21 41.12
CA VAL E 437 -34.50 -4.40 40.15
C VAL E 437 -35.36 -4.14 38.93
N GLY E 438 -36.06 -5.16 38.45
CA GLY E 438 -36.97 -4.97 37.32
C GLY E 438 -38.10 -4.00 37.62
N ILE E 439 -38.63 -4.05 38.84
CA ILE E 439 -39.69 -3.12 39.23
C ILE E 439 -39.16 -1.69 39.24
N LYS E 440 -37.95 -1.50 39.77
CA LYS E 440 -37.34 -0.18 39.74
C LYS E 440 -37.12 0.30 38.31
N VAL E 441 -36.70 -0.61 37.43
CA VAL E 441 -36.54 -0.29 36.01
C VAL E 441 -37.86 0.19 35.42
N ALA E 442 -38.94 -0.54 35.72
CA ALA E 442 -40.25 -0.17 35.20
C ALA E 442 -40.68 1.20 35.72
N LEU E 443 -40.44 1.46 37.00
CA LEU E 443 -40.81 2.76 37.56
C LEU E 443 -40.05 3.89 36.89
N ARG E 444 -38.73 3.72 36.70
CA ARG E 444 -37.95 4.73 36.01
C ARG E 444 -38.44 4.92 34.57
N ALA E 445 -38.82 3.83 33.93
CA ALA E 445 -39.36 3.91 32.57
C ALA E 445 -40.64 4.72 32.52
N MET E 446 -41.54 4.49 33.49
CA MET E 446 -42.75 5.31 33.54
C MET E 446 -42.43 6.76 33.86
N GLU E 447 -41.35 7.01 34.60
CA GLU E 447 -40.91 8.39 34.82
C GLU E 447 -40.44 9.04 33.51
N ALA E 448 -39.82 8.25 32.63
CA ALA E 448 -39.15 8.78 31.45
C ALA E 448 -40.00 9.67 30.54
N PRO E 449 -41.23 9.30 30.15
CA PRO E 449 -41.93 10.12 29.14
C PRO E 449 -42.14 11.58 29.53
N LEU E 450 -42.46 11.85 30.80
CA LEU E 450 -42.60 13.24 31.23
C LEU E 450 -41.27 13.96 31.17
N ARG E 451 -40.19 13.27 31.51
CA ARG E 451 -38.85 13.84 31.38
C ARG E 451 -38.56 14.21 29.93
N GLN E 452 -38.92 13.34 28.99
CA GLN E 452 -38.72 13.64 27.58
C GLN E 452 -39.57 14.84 27.14
N ILE E 453 -40.81 14.91 27.60
CA ILE E 453 -41.69 16.02 27.23
C ILE E 453 -41.10 17.34 27.72
N VAL E 454 -40.69 17.39 28.99
CA VAL E 454 -40.15 18.64 29.53
C VAL E 454 -38.76 18.95 28.98
N LEU E 455 -38.01 17.93 28.54
CA LEU E 455 -36.75 18.19 27.85
C LEU E 455 -37.01 18.82 26.48
N ASN E 456 -38.04 18.35 25.79
CA ASN E 456 -38.46 19.01 24.56
C ASN E 456 -38.92 20.44 24.84
N CYS E 457 -39.53 20.67 26.01
CA CYS E 457 -39.89 22.02 26.41
C CYS E 457 -38.66 22.87 26.74
N GLY E 458 -37.50 22.25 26.95
CA GLY E 458 -36.30 22.97 27.28
C GLY E 458 -36.06 23.19 28.76
N GLU E 459 -36.99 22.80 29.62
CA GLU E 459 -36.82 22.94 31.06
C GLU E 459 -35.98 21.79 31.61
N GLU E 460 -35.74 21.83 32.91
CA GLU E 460 -34.96 20.78 33.57
C GLU E 460 -35.85 19.57 33.81
N PRO E 461 -35.48 18.38 33.32
CA PRO E 461 -36.35 17.22 33.48
C PRO E 461 -36.51 16.77 34.93
N SER E 462 -35.40 16.67 35.66
CA SER E 462 -35.46 16.12 37.01
C SER E 462 -36.26 17.00 37.96
N VAL E 463 -36.09 18.32 37.86
CA VAL E 463 -36.81 19.22 38.75
C VAL E 463 -38.31 19.12 38.55
N VAL E 464 -38.75 19.14 37.28
CA VAL E 464 -40.16 19.02 36.98
C VAL E 464 -40.70 17.65 37.41
N ALA E 465 -39.92 16.60 37.16
CA ALA E 465 -40.35 15.26 37.55
C ALA E 465 -40.56 15.16 39.06
N ASN E 466 -39.61 15.66 39.85
CA ASN E 466 -39.76 15.61 41.29
C ASN E 466 -40.90 16.51 41.77
N THR E 467 -41.09 17.67 41.14
CA THR E 467 -42.18 18.55 41.52
C THR E 467 -43.53 17.89 41.29
N VAL E 468 -43.69 17.21 40.15
CA VAL E 468 -44.94 16.50 39.88
C VAL E 468 -45.10 15.31 40.82
N LYS E 469 -43.99 14.63 41.11
CA LYS E 469 -44.03 13.48 42.03
C LYS E 469 -44.48 13.91 43.42
N GLY E 470 -44.05 15.08 43.88
CA GLY E 470 -44.45 15.56 45.18
C GLY E 470 -45.95 15.76 45.31
N GLY E 471 -46.62 16.14 44.23
CA GLY E 471 -48.05 16.35 44.25
C GLY E 471 -48.86 15.08 44.39
N ASP E 472 -50.16 15.16 44.09
CA ASP E 472 -51.04 14.02 44.23
C ASP E 472 -52.22 14.17 43.28
N GLY E 473 -52.95 13.07 43.09
CA GLY E 473 -54.09 13.10 42.20
C GLY E 473 -53.68 13.39 40.77
N ASN E 474 -54.41 14.32 40.14
CA ASN E 474 -54.15 14.70 38.76
C ASN E 474 -53.27 15.93 38.63
N TYR E 475 -52.71 16.41 39.74
CA TYR E 475 -51.80 17.55 39.69
C TYR E 475 -50.55 17.21 38.89
N GLY E 476 -50.13 18.13 38.03
CA GLY E 476 -48.99 17.87 37.18
C GLY E 476 -48.49 19.14 36.53
N TYR E 477 -47.59 18.95 35.57
CA TYR E 477 -46.95 20.05 34.86
C TYR E 477 -47.53 20.16 33.45
N ASN E 478 -47.92 21.37 33.08
CA ASN E 478 -48.44 21.64 31.73
C ASN E 478 -47.28 22.08 30.84
N ALA E 479 -47.07 21.34 29.75
CA ALA E 479 -45.96 21.66 28.85
C ALA E 479 -46.17 23.00 28.15
N ALA E 480 -47.40 23.28 27.72
CA ALA E 480 -47.65 24.49 26.94
C ALA E 480 -47.48 25.75 27.79
N THR E 481 -48.10 25.79 28.96
CA THR E 481 -48.11 26.99 29.79
C THR E 481 -46.89 27.10 30.69
N GLU E 482 -46.05 26.07 30.76
CA GLU E 482 -44.81 26.10 31.54
C GLU E 482 -45.07 26.39 33.01
N GLU E 483 -46.19 25.87 33.53
CA GLU E 483 -46.53 26.06 34.93
C GLU E 483 -47.46 24.95 35.38
N TYR E 484 -47.34 24.57 36.65
CA TYR E 484 -48.03 23.41 37.19
C TYR E 484 -49.50 23.72 37.46
N GLY E 485 -50.25 22.67 37.75
CA GLY E 485 -51.66 22.80 38.07
C GLY E 485 -52.37 21.47 37.88
N ASN E 486 -53.69 21.53 38.09
CA ASN E 486 -54.53 20.35 37.90
C ASN E 486 -54.62 20.04 36.40
N MET E 487 -54.09 18.89 36.00
CA MET E 487 -53.94 18.59 34.58
C MET E 487 -55.30 18.40 33.89
N ILE E 488 -56.28 17.86 34.61
CA ILE E 488 -57.60 17.65 34.01
C ILE E 488 -58.27 18.99 33.68
N ASP E 489 -58.25 19.92 34.63
CA ASP E 489 -58.94 21.18 34.43
C ASP E 489 -58.23 22.07 33.41
N MET E 490 -56.94 21.85 33.19
CA MET E 490 -56.15 22.69 32.29
C MET E 490 -56.21 22.22 30.83
N GLY E 491 -57.17 21.36 30.48
CA GLY E 491 -57.37 20.99 29.10
C GLY E 491 -56.37 19.99 28.55
N ILE E 492 -55.67 19.25 29.39
CA ILE E 492 -54.73 18.22 28.95
C ILE E 492 -55.29 16.88 29.40
N LEU E 493 -55.99 16.20 28.49
CA LEU E 493 -56.60 14.91 28.80
C LEU E 493 -55.95 13.81 27.96
N ASP E 494 -55.71 12.67 28.59
CA ASP E 494 -55.20 11.48 27.91
C ASP E 494 -56.13 10.33 28.23
N PRO E 495 -56.72 9.68 27.22
CA PRO E 495 -57.58 8.52 27.50
C PRO E 495 -56.80 7.43 28.23
N THR E 496 -57.47 6.77 29.18
CA THR E 496 -56.82 5.72 29.96
C THR E 496 -56.39 4.56 29.07
N LYS E 497 -57.16 4.28 28.02
CA LYS E 497 -56.81 3.19 27.11
C LYS E 497 -55.47 3.44 26.44
N VAL E 498 -55.21 4.67 26.00
CA VAL E 498 -53.98 4.98 25.29
C VAL E 498 -52.78 4.71 26.18
N THR E 499 -52.79 5.28 27.39
CA THR E 499 -51.67 5.10 28.30
C THR E 499 -51.50 3.64 28.71
N ARG E 500 -52.61 2.97 29.05
CA ARG E 500 -52.52 1.58 29.48
C ARG E 500 -51.97 0.69 28.39
N SER E 501 -52.48 0.84 27.16
CA SER E 501 -52.01 0.03 26.05
C SER E 501 -50.55 0.33 25.73
N ALA E 502 -50.16 1.60 25.73
CA ALA E 502 -48.77 1.95 25.46
C ALA E 502 -47.85 1.30 26.49
N LEU E 503 -48.21 1.41 27.77
CA LEU E 503 -47.38 0.83 28.83
C LEU E 503 -47.30 -0.69 28.69
N GLN E 504 -48.44 -1.34 28.44
CA GLN E 504 -48.44 -2.79 28.35
C GLN E 504 -47.62 -3.28 27.16
N TYR E 505 -47.79 -2.66 26.00
CA TYR E 505 -47.06 -3.10 24.81
C TYR E 505 -45.57 -2.81 24.95
N ALA E 506 -45.20 -1.66 25.52
CA ALA E 506 -43.80 -1.38 25.76
C ALA E 506 -43.19 -2.40 26.71
N ALA E 507 -43.92 -2.75 27.78
CA ALA E 507 -43.43 -3.77 28.70
C ALA E 507 -43.27 -5.11 28.02
N SER E 508 -44.24 -5.49 27.19
CA SER E 508 -44.16 -6.78 26.50
C SER E 508 -42.95 -6.85 25.58
N VAL E 509 -42.75 -5.82 24.75
CA VAL E 509 -41.63 -5.84 23.83
C VAL E 509 -40.30 -5.78 24.58
N ALA E 510 -40.26 -5.01 25.68
CA ALA E 510 -39.02 -4.91 26.44
C ALA E 510 -38.67 -6.22 27.12
N GLY E 511 -39.67 -6.91 27.68
CA GLY E 511 -39.41 -8.22 28.25
C GLY E 511 -38.97 -9.23 27.20
N LEU E 512 -39.61 -9.19 26.02
CA LEU E 512 -39.22 -10.09 24.94
C LEU E 512 -37.77 -9.85 24.53
N MET E 513 -37.36 -8.60 24.42
CA MET E 513 -35.99 -8.30 24.00
C MET E 513 -34.97 -8.52 25.11
N ILE E 514 -35.38 -8.34 26.38
CA ILE E 514 -34.48 -8.65 27.49
C ILE E 514 -34.22 -10.14 27.56
N THR E 515 -35.27 -10.96 27.40
CA THR E 515 -35.11 -12.40 27.39
C THR E 515 -34.59 -12.93 26.05
N THR E 516 -34.12 -12.05 25.17
CA THR E 516 -33.58 -12.46 23.88
C THR E 516 -32.11 -12.84 24.02
N GLU E 517 -31.75 -14.02 23.51
CA GLU E 517 -30.39 -14.51 23.58
C GLU E 517 -29.74 -14.72 22.22
N CYS E 518 -30.51 -14.98 21.17
CA CYS E 518 -29.96 -15.25 19.85
C CYS E 518 -30.75 -14.50 18.79
N MET E 519 -30.06 -14.18 17.69
CA MET E 519 -30.67 -13.48 16.56
C MET E 519 -30.13 -14.08 15.26
N VAL E 520 -31.04 -14.31 14.31
CA VAL E 520 -30.70 -14.95 13.04
C VAL E 520 -31.16 -14.05 11.90
N THR E 521 -30.21 -13.58 11.10
CA THR E 521 -30.52 -12.71 9.97
C THR E 521 -29.71 -13.14 8.76
N ASP E 522 -30.19 -12.72 7.58
CA ASP E 522 -29.45 -12.96 6.36
C ASP E 522 -28.17 -12.14 6.33
N LEU E 523 -27.16 -12.66 5.64
CA LEU E 523 -25.88 -11.97 5.58
C LEU E 523 -26.00 -10.70 4.75
N PRO E 524 -25.20 -9.67 5.08
CA PRO E 524 -25.17 -8.41 4.33
C PRO E 524 -24.82 -8.60 2.87
N ALA F 1 -36.65 0.38 2.65
CA ALA F 1 -35.27 0.69 2.29
C ALA F 1 -34.48 1.21 3.49
N ALA F 2 -33.19 0.94 3.51
CA ALA F 2 -32.34 1.43 4.59
C ALA F 2 -32.32 2.95 4.61
N LYS F 3 -32.33 3.52 5.81
CA LYS F 3 -32.38 4.96 5.99
C LYS F 3 -31.21 5.44 6.83
N ASP F 4 -30.74 6.64 6.52
CA ASP F 4 -29.68 7.29 7.27
C ASP F 4 -30.28 8.40 8.12
N VAL F 5 -29.98 8.38 9.42
CA VAL F 5 -30.60 9.28 10.38
C VAL F 5 -29.52 10.15 11.00
N LYS F 6 -29.73 11.46 10.99
CA LYS F 6 -28.84 12.42 11.62
C LYS F 6 -29.58 13.11 12.76
N PHE F 7 -28.88 13.33 13.87
CA PHE F 7 -29.49 13.85 15.09
C PHE F 7 -28.82 15.15 15.51
N GLY F 8 -29.66 16.14 15.83
CA GLY F 8 -29.16 17.34 16.48
C GLY F 8 -28.21 18.14 15.62
N ASN F 9 -26.98 18.30 16.10
CA ASN F 9 -26.04 19.25 15.51
C ASN F 9 -25.69 18.88 14.07
N ASP F 10 -25.42 17.61 13.80
CA ASP F 10 -24.98 17.21 12.47
C ASP F 10 -26.06 17.48 11.42
N ALA F 11 -27.31 17.17 11.76
CA ALA F 11 -28.41 17.42 10.83
C ALA F 11 -28.52 18.91 10.51
N ARG F 12 -28.44 19.76 11.53
CA ARG F 12 -28.56 21.20 11.30
C ARG F 12 -27.35 21.75 10.54
N VAL F 13 -26.16 21.20 10.76
CA VAL F 13 -25.00 21.63 9.99
C VAL F 13 -25.16 21.28 8.52
N LYS F 14 -25.64 20.07 8.23
CA LYS F 14 -25.88 19.69 6.83
C LYS F 14 -26.96 20.57 6.21
N MET F 15 -28.03 20.84 6.95
CA MET F 15 -29.09 21.72 6.47
C MET F 15 -28.54 23.11 6.17
N LEU F 16 -27.70 23.63 7.07
CA LEU F 16 -27.11 24.95 6.86
C LEU F 16 -26.20 24.96 5.64
N ARG F 17 -25.44 23.89 5.44
CA ARG F 17 -24.57 23.83 4.26
C ARG F 17 -25.39 23.83 2.97
N GLY F 18 -26.47 23.06 2.93
CA GLY F 18 -27.32 23.06 1.75
C GLY F 18 -27.95 24.41 1.48
N VAL F 19 -28.49 25.04 2.53
CA VAL F 19 -29.10 26.35 2.37
C VAL F 19 -28.07 27.38 1.96
N ASN F 20 -26.85 27.28 2.50
CA ASN F 20 -25.79 28.20 2.11
C ASN F 20 -25.45 28.06 0.64
N VAL F 21 -25.34 26.82 0.16
CA VAL F 21 -25.02 26.61 -1.25
C VAL F 21 -26.12 27.18 -2.13
N LEU F 22 -27.38 26.87 -1.81
CA LEU F 22 -28.48 27.36 -2.64
C LEU F 22 -28.58 28.88 -2.60
N ALA F 23 -28.42 29.48 -1.42
CA ALA F 23 -28.54 30.93 -1.29
C ALA F 23 -27.39 31.64 -1.98
N ASP F 24 -26.16 31.11 -1.89
CA ASP F 24 -25.06 31.71 -2.62
C ASP F 24 -25.26 31.57 -4.12
N ALA F 25 -25.88 30.48 -4.57
CA ALA F 25 -26.20 30.35 -5.99
C ALA F 25 -27.21 31.40 -6.44
N VAL F 26 -28.24 31.66 -5.61
CA VAL F 26 -29.35 32.51 -6.05
C VAL F 26 -29.21 33.98 -5.67
N LYS F 27 -28.26 34.33 -4.81
CA LYS F 27 -28.16 35.70 -4.31
C LYS F 27 -27.40 36.63 -5.23
N VAL F 28 -26.49 36.11 -6.04
CA VAL F 28 -25.74 36.96 -6.96
C VAL F 28 -26.60 37.56 -8.05
N THR F 29 -27.81 37.05 -8.24
CA THR F 29 -28.76 37.58 -9.23
C THR F 29 -29.78 38.53 -8.58
N LEU F 30 -29.38 39.23 -7.53
CA LEU F 30 -30.26 40.13 -6.80
C LEU F 30 -29.80 41.57 -7.02
N GLY F 31 -30.74 42.43 -7.42
CA GLY F 31 -30.45 43.83 -7.65
C GLY F 31 -30.17 44.13 -9.11
N PRO F 32 -30.29 45.41 -9.48
CA PRO F 32 -29.97 45.79 -10.87
C PRO F 32 -28.55 45.46 -11.27
N LYS F 33 -27.60 45.59 -10.35
CA LYS F 33 -26.21 45.24 -10.61
C LYS F 33 -25.88 43.79 -10.27
N GLY F 34 -26.90 42.94 -10.20
CA GLY F 34 -26.66 41.54 -9.88
C GLY F 34 -25.91 40.82 -10.98
N ARG F 35 -25.14 39.81 -10.57
CA ARG F 35 -24.37 39.00 -11.50
C ARG F 35 -25.28 38.01 -12.21
N ASN F 36 -24.71 37.13 -13.00
CA ASN F 36 -25.46 36.11 -13.73
C ASN F 36 -24.85 34.74 -13.46
N VAL F 37 -25.69 33.71 -13.53
CA VAL F 37 -25.29 32.34 -13.25
C VAL F 37 -25.37 31.53 -14.53
N VAL F 38 -24.34 30.71 -14.77
CA VAL F 38 -24.27 29.88 -15.96
C VAL F 38 -24.82 28.50 -15.62
N LEU F 39 -25.87 28.09 -16.32
CA LEU F 39 -26.52 26.81 -16.09
C LEU F 39 -26.22 25.88 -17.25
N ASP F 40 -25.76 24.67 -16.94
CA ASP F 40 -25.37 23.70 -17.95
C ASP F 40 -26.61 23.07 -18.57
N LYS F 41 -26.44 22.55 -19.79
CA LYS F 41 -27.50 21.83 -20.48
C LYS F 41 -26.91 20.60 -21.17
N SER F 42 -27.77 19.60 -21.37
CA SER F 42 -27.34 18.37 -22.02
C SER F 42 -26.93 18.62 -23.47
N PHE F 43 -27.60 19.56 -24.16
CA PHE F 43 -27.26 19.84 -25.55
C PHE F 43 -25.82 20.35 -25.67
N GLY F 44 -25.41 21.23 -24.77
CA GLY F 44 -24.05 21.73 -24.77
C GLY F 44 -23.94 23.22 -24.55
N ALA F 45 -24.91 23.98 -25.03
CA ALA F 45 -24.87 25.43 -24.91
C ALA F 45 -25.36 25.88 -23.55
N PRO F 46 -24.50 26.48 -22.73
CA PRO F 46 -24.92 26.93 -21.40
C PRO F 46 -25.90 28.08 -21.47
N THR F 47 -26.74 28.18 -20.44
CA THR F 47 -27.73 29.25 -20.33
C THR F 47 -27.27 30.24 -19.27
N ILE F 48 -27.03 31.49 -19.69
CA ILE F 48 -26.66 32.57 -18.78
C ILE F 48 -27.92 33.34 -18.44
N THR F 49 -28.24 33.40 -17.15
CA THR F 49 -29.47 34.04 -16.70
C THR F 49 -29.19 34.91 -15.47
N LYS F 50 -29.93 36.01 -15.37
CA LYS F 50 -29.93 36.86 -14.20
C LYS F 50 -31.14 36.63 -13.31
N ASP F 51 -31.90 35.58 -13.56
CA ASP F 51 -33.13 35.28 -12.83
C ASP F 51 -32.84 34.22 -11.78
N GLY F 52 -33.18 34.52 -10.53
CA GLY F 52 -32.96 33.57 -9.45
C GLY F 52 -33.91 32.39 -9.47
N VAL F 53 -35.05 32.53 -10.15
CA VAL F 53 -36.03 31.43 -10.19
C VAL F 53 -35.43 30.22 -10.91
N SER F 54 -34.83 30.45 -12.07
CA SER F 54 -34.22 29.36 -12.82
C SER F 54 -33.05 28.75 -12.06
N VAL F 55 -32.22 29.59 -11.44
CA VAL F 55 -31.08 29.09 -10.69
C VAL F 55 -31.55 28.20 -9.54
N ALA F 56 -32.57 28.64 -8.81
CA ALA F 56 -33.14 27.83 -7.74
C ALA F 56 -33.71 26.53 -8.30
N ARG F 57 -34.41 26.61 -9.43
CA ARG F 57 -34.98 25.40 -10.03
C ARG F 57 -33.90 24.41 -10.43
N GLU F 58 -32.71 24.88 -10.79
CA GLU F 58 -31.64 24.01 -11.25
C GLU F 58 -30.72 23.55 -10.12
N ILE F 59 -30.99 23.90 -8.87
CA ILE F 59 -30.14 23.54 -7.75
C ILE F 59 -30.60 22.21 -7.18
N GLU F 60 -29.66 21.26 -7.09
CA GLU F 60 -29.90 19.98 -6.42
C GLU F 60 -28.55 19.38 -6.07
N LEU F 61 -28.30 19.17 -4.79
CA LEU F 61 -27.00 18.74 -4.32
C LEU F 61 -26.90 17.22 -4.24
N GLU F 62 -25.66 16.73 -4.27
CA GLU F 62 -25.41 15.29 -4.18
C GLU F 62 -25.65 14.76 -2.77
N ASP F 63 -25.16 15.46 -1.76
CA ASP F 63 -25.38 15.04 -0.38
C ASP F 63 -26.88 15.08 -0.06
N LYS F 64 -27.38 13.98 0.51
CA LYS F 64 -28.82 13.85 0.72
C LYS F 64 -29.36 14.90 1.69
N PHE F 65 -28.63 15.15 2.78
CA PHE F 65 -29.14 16.07 3.81
C PHE F 65 -29.12 17.52 3.31
N GLU F 66 -28.01 17.94 2.71
CA GLU F 66 -27.93 19.27 2.14
C GLU F 66 -28.96 19.43 1.02
N ASN F 67 -29.18 18.38 0.24
CA ASN F 67 -30.20 18.43 -0.80
C ASN F 67 -31.59 18.58 -0.19
N MET F 68 -31.86 17.90 0.93
CA MET F 68 -33.13 18.07 1.62
C MET F 68 -33.34 19.52 2.05
N GLY F 69 -32.33 20.11 2.69
CA GLY F 69 -32.45 21.49 3.13
C GLY F 69 -32.65 22.45 1.96
N ALA F 70 -31.86 22.26 0.90
CA ALA F 70 -31.97 23.12 -0.27
C ALA F 70 -33.33 22.98 -0.93
N GLN F 71 -33.85 21.76 -1.02
CA GLN F 71 -35.18 21.55 -1.59
C GLN F 71 -36.27 22.18 -0.73
N MET F 72 -36.13 22.13 0.59
CA MET F 72 -37.10 22.78 1.46
C MET F 72 -37.12 24.29 1.22
N VAL F 73 -35.93 24.91 1.18
CA VAL F 73 -35.87 26.35 0.94
C VAL F 73 -36.39 26.67 -0.46
N LYS F 74 -36.08 25.82 -1.44
CA LYS F 74 -36.57 26.01 -2.79
C LYS F 74 -38.10 25.93 -2.83
N GLU F 75 -38.68 24.99 -2.10
CA GLU F 75 -40.13 24.84 -2.08
C GLU F 75 -40.80 26.05 -1.44
N VAL F 76 -40.26 26.56 -0.34
CA VAL F 76 -40.90 27.73 0.29
C VAL F 76 -40.73 28.97 -0.59
N ALA F 77 -39.57 29.10 -1.26
CA ALA F 77 -39.39 30.21 -2.20
C ALA F 77 -40.37 30.11 -3.36
N SER F 78 -40.58 28.90 -3.88
CA SER F 78 -41.53 28.71 -4.97
C SER F 78 -42.96 29.01 -4.52
N LYS F 79 -43.30 28.64 -3.28
CA LYS F 79 -44.61 28.98 -2.75
C LYS F 79 -44.77 30.50 -2.66
N ALA F 80 -43.73 31.20 -2.20
CA ALA F 80 -43.79 32.67 -2.16
C ALA F 80 -43.95 33.25 -3.56
N ASN F 81 -43.22 32.71 -4.53
CA ASN F 81 -43.33 33.20 -5.91
C ASN F 81 -44.73 32.97 -6.47
N ASP F 82 -45.30 31.79 -6.22
CA ASP F 82 -46.65 31.51 -6.70
C ASP F 82 -47.67 32.43 -6.04
N ALA F 83 -47.52 32.67 -4.74
CA ALA F 83 -48.47 33.53 -4.04
C ALA F 83 -48.37 34.97 -4.51
N ALA F 84 -47.16 35.47 -4.75
CA ALA F 84 -46.94 36.88 -5.05
C ALA F 84 -46.60 37.14 -6.51
N GLY F 85 -45.63 36.42 -7.07
CA GLY F 85 -45.16 36.67 -8.42
C GLY F 85 -43.72 37.14 -8.50
N ASP F 86 -43.04 37.33 -7.37
CA ASP F 86 -41.65 37.75 -7.35
C ASP F 86 -41.10 37.45 -5.95
N GLY F 87 -39.87 37.88 -5.69
CA GLY F 87 -39.28 37.71 -4.38
C GLY F 87 -38.70 36.34 -4.10
N THR F 88 -38.52 35.51 -5.11
CA THR F 88 -37.93 34.19 -4.89
C THR F 88 -36.54 34.30 -4.29
N THR F 89 -35.67 35.09 -4.92
CA THR F 89 -34.33 35.30 -4.38
C THR F 89 -34.36 36.10 -3.08
N THR F 90 -35.29 37.05 -2.95
CA THR F 90 -35.42 37.80 -1.70
C THR F 90 -35.83 36.87 -0.56
N ALA F 91 -36.82 36.02 -0.81
CA ALA F 91 -37.24 35.06 0.22
C ALA F 91 -36.11 34.09 0.54
N THR F 92 -35.36 33.65 -0.47
CA THR F 92 -34.28 32.70 -0.23
C THR F 92 -33.17 33.32 0.61
N VAL F 93 -32.77 34.55 0.31
CA VAL F 93 -31.71 35.20 1.09
C VAL F 93 -32.20 35.52 2.49
N LEU F 94 -33.46 35.93 2.64
CA LEU F 94 -34.02 36.14 3.96
C LEU F 94 -34.00 34.87 4.79
N ALA F 95 -34.43 33.76 4.18
CA ALA F 95 -34.44 32.48 4.87
C ALA F 95 -33.02 32.05 5.23
N GLN F 96 -32.06 32.27 4.34
CA GLN F 96 -30.68 31.93 4.65
C GLN F 96 -30.17 32.72 5.84
N ALA F 97 -30.44 34.02 5.87
CA ALA F 97 -30.00 34.83 7.00
C ALA F 97 -30.62 34.36 8.30
N ILE F 98 -31.94 34.15 8.31
CA ILE F 98 -32.61 33.70 9.53
C ILE F 98 -32.06 32.35 9.97
N ILE F 99 -31.89 31.43 9.03
CA ILE F 99 -31.43 30.09 9.37
C ILE F 99 -30.02 30.14 9.94
N THR F 100 -29.12 30.89 9.30
CA THR F 100 -27.76 30.97 9.79
C THR F 100 -27.71 31.54 11.20
N GLU F 101 -28.37 32.69 11.42
CA GLU F 101 -28.31 33.31 12.74
C GLU F 101 -29.00 32.45 13.79
N GLY F 102 -30.14 31.84 13.45
CA GLY F 102 -30.84 31.01 14.40
C GLY F 102 -30.09 29.74 14.76
N LEU F 103 -29.43 29.12 13.78
CA LEU F 103 -28.63 27.93 14.09
C LEU F 103 -27.41 28.29 14.92
N LYS F 104 -26.82 29.46 14.66
CA LYS F 104 -25.73 29.92 15.52
C LYS F 104 -26.22 30.12 16.95
N ALA F 105 -27.40 30.73 17.11
CA ALA F 105 -27.97 30.91 18.44
C ALA F 105 -28.29 29.58 19.11
N VAL F 106 -28.80 28.61 18.35
CA VAL F 106 -29.09 27.29 18.89
C VAL F 106 -27.81 26.62 19.36
N ALA F 107 -26.74 26.71 18.56
CA ALA F 107 -25.44 26.20 18.99
C ALA F 107 -24.94 26.92 20.23
N ALA F 108 -25.33 28.19 20.40
CA ALA F 108 -24.99 28.91 21.62
C ALA F 108 -25.74 28.38 22.84
N GLY F 109 -26.85 27.68 22.65
CA GLY F 109 -27.58 27.07 23.74
C GLY F 109 -28.97 27.61 24.01
N MET F 110 -29.41 28.63 23.28
CA MET F 110 -30.77 29.13 23.46
C MET F 110 -31.78 28.13 22.94
N ASN F 111 -32.99 28.17 23.51
CA ASN F 111 -34.03 27.21 23.18
C ASN F 111 -34.55 27.44 21.76
N PRO F 112 -34.52 26.44 20.89
CA PRO F 112 -35.03 26.64 19.52
C PRO F 112 -36.49 27.08 19.46
N MET F 113 -37.34 26.55 20.35
CA MET F 113 -38.75 26.93 20.32
C MET F 113 -38.94 28.40 20.69
N ASP F 114 -38.20 28.88 21.69
CA ASP F 114 -38.27 30.29 22.04
C ASP F 114 -37.74 31.17 20.91
N LEU F 115 -36.68 30.73 20.24
CA LEU F 115 -36.17 31.45 19.09
C LEU F 115 -37.22 31.54 17.98
N LYS F 116 -37.90 30.42 17.71
CA LYS F 116 -38.94 30.43 16.69
C LYS F 116 -40.09 31.35 17.07
N ARG F 117 -40.50 31.33 18.33
CA ARG F 117 -41.59 32.20 18.77
C ARG F 117 -41.19 33.68 18.66
N GLY F 118 -39.96 34.01 19.05
CA GLY F 118 -39.51 35.39 18.91
C GLY F 118 -39.42 35.82 17.47
N ILE F 119 -38.93 34.95 16.59
CA ILE F 119 -38.86 35.26 15.16
C ILE F 119 -40.25 35.48 14.60
N ASP F 120 -41.21 34.62 14.99
CA ASP F 120 -42.58 34.78 14.51
C ASP F 120 -43.19 36.08 14.98
N LYS F 121 -42.96 36.45 16.25
CA LYS F 121 -43.49 37.71 16.77
C LYS F 121 -42.88 38.91 16.03
N ALA F 122 -41.56 38.87 15.81
CA ALA F 122 -40.91 39.96 15.10
C ALA F 122 -41.42 40.07 13.66
N VAL F 123 -41.63 38.93 13.01
CA VAL F 123 -42.11 38.95 11.62
C VAL F 123 -43.55 39.43 11.55
N THR F 124 -44.38 39.06 12.53
CA THR F 124 -45.74 39.57 12.57
C THR F 124 -45.75 41.09 12.76
N ALA F 125 -44.90 41.59 13.66
CA ALA F 125 -44.78 43.03 13.81
C ALA F 125 -44.29 43.69 12.53
N ALA F 126 -43.36 43.03 11.82
CA ALA F 126 -42.86 43.54 10.55
C ALA F 126 -43.97 43.60 9.52
N VAL F 127 -44.82 42.58 9.47
CA VAL F 127 -45.94 42.57 8.53
C VAL F 127 -46.90 43.70 8.85
N GLU F 128 -47.20 43.92 10.14
CA GLU F 128 -48.07 45.02 10.51
C GLU F 128 -47.48 46.37 10.12
N GLU F 129 -46.17 46.55 10.36
CA GLU F 129 -45.53 47.80 9.99
C GLU F 129 -45.51 48.00 8.48
N LEU F 130 -45.30 46.92 7.72
CA LEU F 130 -45.35 47.00 6.27
C LEU F 130 -46.74 47.40 5.79
N LYS F 131 -47.78 46.85 6.43
CA LYS F 131 -49.14 47.28 6.13
C LYS F 131 -49.31 48.76 6.40
N ALA F 132 -48.76 49.25 7.52
CA ALA F 132 -48.86 50.67 7.84
C ALA F 132 -48.13 51.53 6.81
N LEU F 133 -46.96 51.07 6.36
CA LEU F 133 -46.09 51.84 5.48
C LEU F 133 -46.52 51.78 4.02
N SER F 134 -47.38 50.84 3.64
CA SER F 134 -47.77 50.70 2.24
C SER F 134 -48.57 51.90 1.77
N VAL F 135 -48.30 52.35 0.55
CA VAL F 135 -49.05 53.43 -0.06
C VAL F 135 -50.06 52.83 -1.03
N PRO F 136 -51.30 53.32 -1.05
CA PRO F 136 -52.31 52.71 -1.92
C PRO F 136 -51.98 52.88 -3.39
N CYS F 137 -52.41 51.89 -4.18
CA CYS F 137 -52.26 51.89 -5.63
C CYS F 137 -53.58 51.59 -6.31
N SER F 138 -54.67 52.18 -5.80
CA SER F 138 -55.99 51.93 -6.33
C SER F 138 -56.35 52.83 -7.50
N ASP F 139 -55.84 54.05 -7.54
CA ASP F 139 -56.14 54.98 -8.62
C ASP F 139 -55.51 54.50 -9.92
N SER F 140 -56.13 54.88 -11.03
CA SER F 140 -55.64 54.46 -12.34
C SER F 140 -54.26 55.05 -12.65
N LYS F 141 -53.98 56.26 -12.17
CA LYS F 141 -52.68 56.87 -12.41
C LYS F 141 -51.57 56.05 -11.77
N ALA F 142 -51.74 55.68 -10.49
CA ALA F 142 -50.74 54.87 -9.82
C ALA F 142 -50.67 53.47 -10.42
N ILE F 143 -51.81 52.94 -10.89
CA ILE F 143 -51.81 51.64 -11.56
C ILE F 143 -50.95 51.69 -12.82
N ALA F 144 -51.13 52.73 -13.63
CA ALA F 144 -50.32 52.89 -14.84
C ALA F 144 -48.85 53.09 -14.49
N GLN F 145 -48.57 53.86 -13.43
CA GLN F 145 -47.19 54.11 -13.03
C GLN F 145 -46.50 52.82 -12.61
N VAL F 146 -47.16 52.01 -11.78
CA VAL F 146 -46.54 50.77 -11.33
C VAL F 146 -46.44 49.77 -12.47
N GLY F 147 -47.40 49.75 -13.40
CA GLY F 147 -47.28 48.89 -14.55
C GLY F 147 -46.12 49.29 -15.44
N THR F 148 -45.92 50.60 -15.65
CA THR F 148 -44.79 51.07 -16.43
C THR F 148 -43.47 50.70 -15.76
N ILE F 149 -43.38 50.91 -14.44
CA ILE F 149 -42.14 50.61 -13.73
C ILE F 149 -41.85 49.11 -13.79
N SER F 150 -42.88 48.28 -13.65
CA SER F 150 -42.69 46.83 -13.68
C SER F 150 -42.17 46.36 -15.04
N ALA F 151 -42.69 46.93 -16.12
CA ALA F 151 -42.31 46.51 -17.47
C ALA F 151 -41.14 47.33 -18.02
N ASN F 152 -40.07 47.42 -17.21
CA ASN F 152 -38.82 48.06 -17.60
C ASN F 152 -39.07 49.46 -18.17
N SER F 153 -39.75 50.28 -17.36
CA SER F 153 -39.95 51.70 -17.64
C SER F 153 -40.55 51.94 -19.04
N ASP F 154 -41.58 51.15 -19.37
CA ASP F 154 -42.28 51.28 -20.63
C ASP F 154 -43.70 51.80 -20.36
N GLU F 155 -43.99 53.01 -20.85
CA GLU F 155 -45.26 53.65 -20.54
C GLU F 155 -46.43 53.02 -21.29
N THR F 156 -46.17 52.46 -22.48
CA THR F 156 -47.26 51.87 -23.26
C THR F 156 -47.87 50.67 -22.53
N VAL F 157 -47.01 49.80 -21.97
CA VAL F 157 -47.50 48.65 -21.24
C VAL F 157 -48.30 49.10 -20.02
N GLY F 158 -47.78 50.09 -19.29
CA GLY F 158 -48.50 50.58 -18.12
C GLY F 158 -49.85 51.16 -18.47
N LYS F 159 -49.92 51.95 -19.55
CA LYS F 159 -51.19 52.58 -19.90
C LYS F 159 -52.20 51.55 -20.42
N LEU F 160 -51.75 50.56 -21.20
CA LEU F 160 -52.69 49.54 -21.64
C LEU F 160 -53.16 48.68 -20.47
N ILE F 161 -52.26 48.40 -19.52
CA ILE F 161 -52.65 47.65 -18.32
C ILE F 161 -53.69 48.44 -17.53
N ALA F 162 -53.48 49.75 -17.39
CA ALA F 162 -54.44 50.59 -16.68
C ALA F 162 -55.79 50.62 -17.40
N GLU F 163 -55.77 50.72 -18.73
CA GLU F 163 -57.02 50.73 -19.49
C GLU F 163 -57.79 49.43 -19.30
N ALA F 164 -57.09 48.30 -19.40
CA ALA F 164 -57.75 47.01 -19.18
C ALA F 164 -58.25 46.90 -17.75
N MET F 165 -57.46 47.38 -16.78
CA MET F 165 -57.84 47.27 -15.38
C MET F 165 -59.11 48.06 -15.10
N ASP F 166 -59.22 49.26 -15.67
CA ASP F 166 -60.45 50.03 -15.55
C ASP F 166 -61.61 49.37 -16.29
N LYS F 167 -61.35 48.81 -17.47
CA LYS F 167 -62.41 48.22 -18.27
C LYS F 167 -63.04 47.02 -17.58
N VAL F 168 -62.23 46.16 -16.98
CA VAL F 168 -62.75 44.95 -16.34
C VAL F 168 -62.95 45.13 -14.84
N GLY F 169 -62.33 46.13 -14.23
CA GLY F 169 -62.41 46.30 -12.80
C GLY F 169 -61.19 45.75 -12.07
N LYS F 170 -60.98 46.25 -10.85
CA LYS F 170 -59.82 45.82 -10.07
C LYS F 170 -59.91 44.35 -9.70
N GLU F 171 -61.12 43.80 -9.59
CA GLU F 171 -61.32 42.40 -9.27
C GLU F 171 -61.53 41.54 -10.51
N GLY F 172 -61.41 42.11 -11.70
CA GLY F 172 -61.64 41.39 -12.93
C GLY F 172 -60.48 40.49 -13.32
N VAL F 173 -60.69 39.77 -14.43
CA VAL F 173 -59.70 38.85 -14.99
C VAL F 173 -59.13 39.45 -16.25
N ILE F 174 -57.80 39.52 -16.32
CA ILE F 174 -57.10 40.04 -17.49
C ILE F 174 -56.16 38.96 -18.00
N THR F 175 -56.23 38.69 -19.30
CA THR F 175 -55.38 37.69 -19.95
C THR F 175 -54.76 38.31 -21.19
N VAL F 176 -53.48 37.98 -21.43
CA VAL F 176 -52.72 38.52 -22.55
C VAL F 176 -52.70 37.51 -23.67
N GLU F 177 -53.08 37.94 -24.87
CA GLU F 177 -53.12 37.08 -26.04
C GLU F 177 -52.36 37.74 -27.19
N ASP F 178 -52.06 36.94 -28.21
CA ASP F 178 -51.33 37.43 -29.37
C ASP F 178 -52.19 38.41 -30.18
N GLY F 179 -51.56 39.49 -30.61
CA GLY F 179 -52.23 40.49 -31.44
C GLY F 179 -51.78 40.38 -32.89
N THR F 180 -52.74 40.47 -33.81
CA THR F 180 -52.43 40.32 -35.23
C THR F 180 -51.65 41.51 -35.75
N GLY F 181 -52.10 42.72 -35.46
CA GLY F 181 -51.51 43.93 -36.00
C GLY F 181 -50.39 44.48 -35.13
N LEU F 182 -49.84 45.61 -35.58
CA LEU F 182 -48.79 46.28 -34.83
C LEU F 182 -49.35 46.91 -33.55
N GLN F 183 -50.49 47.58 -33.65
CA GLN F 183 -51.12 48.19 -32.50
C GLN F 183 -51.83 47.13 -31.65
N ASP F 184 -51.92 47.40 -30.35
CA ASP F 184 -52.49 46.45 -29.40
C ASP F 184 -54.00 46.65 -29.28
N GLU F 185 -54.72 45.53 -29.26
CA GLU F 185 -56.17 45.52 -29.19
C GLU F 185 -56.61 45.08 -27.80
N LEU F 186 -57.57 45.81 -27.23
CA LEU F 186 -58.14 45.49 -25.93
C LEU F 186 -59.65 45.35 -26.08
N ASP F 187 -60.21 44.29 -25.50
CA ASP F 187 -61.63 44.01 -25.63
C ASP F 187 -62.10 43.20 -24.43
N VAL F 188 -63.41 43.09 -24.28
CA VAL F 188 -64.04 42.34 -23.21
C VAL F 188 -64.82 41.18 -23.83
N VAL F 189 -64.58 39.97 -23.32
CA VAL F 189 -65.24 38.77 -23.82
C VAL F 189 -65.91 38.07 -22.65
N GLU F 190 -66.89 37.22 -22.99
CA GLU F 190 -67.65 36.49 -21.98
C GLU F 190 -66.85 35.27 -21.55
N GLY F 191 -66.37 35.28 -20.32
CA GLY F 191 -65.60 34.17 -19.79
C GLY F 191 -65.54 34.23 -18.28
N MET F 192 -65.13 33.10 -17.69
CA MET F 192 -65.03 32.98 -16.25
C MET F 192 -63.76 32.22 -15.89
N GLN F 193 -63.29 32.44 -14.66
CA GLN F 193 -62.07 31.82 -14.16
C GLN F 193 -62.34 31.23 -12.78
N PHE F 194 -61.86 30.01 -12.55
CA PHE F 194 -61.99 29.34 -11.27
C PHE F 194 -60.61 28.94 -10.77
N ASP F 195 -60.51 28.77 -9.45
CA ASP F 195 -59.23 28.59 -8.77
C ASP F 195 -58.75 27.13 -8.74
N ARG F 196 -59.19 26.30 -9.67
CA ARG F 196 -58.75 24.91 -9.74
C ARG F 196 -57.69 24.77 -10.83
N GLY F 197 -56.57 24.13 -10.48
CA GLY F 197 -55.49 23.89 -11.41
C GLY F 197 -55.52 22.48 -11.98
N TYR F 198 -54.59 22.23 -12.90
CA TYR F 198 -54.50 20.91 -13.53
C TYR F 198 -53.93 19.89 -12.57
N LEU F 199 -54.34 18.63 -12.76
CA LEU F 199 -54.02 17.58 -11.80
C LEU F 199 -52.55 17.17 -11.88
N SER F 200 -52.04 16.97 -13.10
CA SER F 200 -50.70 16.43 -13.25
C SER F 200 -49.86 17.33 -14.14
N PRO F 201 -48.58 17.52 -13.81
CA PRO F 201 -47.73 18.43 -14.59
C PRO F 201 -47.50 17.99 -16.02
N TYR F 202 -47.78 16.73 -16.37
CA TYR F 202 -47.53 16.23 -17.71
C TYR F 202 -48.45 16.85 -18.75
N PHE F 203 -49.49 17.57 -18.34
CA PHE F 203 -50.46 18.17 -19.24
C PHE F 203 -50.00 19.51 -19.83
N ILE F 204 -48.82 20.01 -19.44
CA ILE F 204 -48.42 21.35 -19.84
C ILE F 204 -48.11 21.37 -21.33
N ASN F 205 -48.76 22.28 -22.05
CA ASN F 205 -48.42 22.48 -23.47
C ASN F 205 -47.13 23.27 -23.63
N LYS F 206 -46.94 24.31 -22.82
CA LYS F 206 -45.75 25.17 -22.89
C LYS F 206 -45.07 25.21 -21.53
N PRO F 207 -44.04 24.41 -21.31
CA PRO F 207 -43.37 24.43 -20.00
C PRO F 207 -42.71 25.75 -19.66
N GLU F 208 -42.38 26.57 -20.66
CA GLU F 208 -41.72 27.85 -20.38
C GLU F 208 -42.65 28.79 -19.61
N THR F 209 -43.95 28.78 -19.94
CA THR F 209 -44.90 29.59 -19.20
C THR F 209 -45.43 28.89 -17.95
N GLY F 210 -45.19 27.59 -17.82
CA GLY F 210 -45.70 26.87 -16.68
C GLY F 210 -47.20 26.73 -16.62
N ALA F 211 -47.87 26.83 -17.77
CA ALA F 211 -49.33 26.80 -17.83
C ALA F 211 -49.77 26.01 -19.05
N VAL F 212 -51.01 25.54 -19.01
CA VAL F 212 -51.61 24.78 -20.10
C VAL F 212 -52.57 25.69 -20.86
N GLU F 213 -52.38 25.77 -22.18
CA GLU F 213 -53.22 26.58 -23.04
C GLU F 213 -53.65 25.73 -24.23
N LEU F 214 -54.94 25.79 -24.56
CA LEU F 214 -55.51 25.04 -25.67
C LEU F 214 -56.19 25.99 -26.64
N GLU F 215 -55.98 25.78 -27.94
CA GLU F 215 -56.56 26.62 -28.97
C GLU F 215 -57.89 26.00 -29.42
N SER F 216 -58.99 26.70 -29.14
CA SER F 216 -60.33 26.26 -29.48
C SER F 216 -60.61 24.81 -29.03
N PRO F 217 -60.59 24.55 -27.73
CA PRO F 217 -60.84 23.19 -27.25
C PRO F 217 -62.31 22.96 -26.90
N PHE F 218 -62.67 21.69 -26.84
CA PHE F 218 -63.98 21.27 -26.35
C PHE F 218 -63.97 21.16 -24.84
N ILE F 219 -65.14 21.36 -24.24
CA ILE F 219 -65.30 21.34 -22.79
C ILE F 219 -66.23 20.19 -22.43
N LEU F 220 -65.78 19.30 -21.56
CA LEU F 220 -66.58 18.20 -21.04
C LEU F 220 -66.97 18.50 -19.60
N LEU F 221 -68.25 18.35 -19.28
CA LEU F 221 -68.80 18.69 -17.97
C LEU F 221 -69.46 17.45 -17.38
N ALA F 222 -68.84 16.87 -16.36
CA ALA F 222 -69.35 15.69 -15.68
C ALA F 222 -69.55 16.00 -14.20
N ASP F 223 -70.70 15.61 -13.67
CA ASP F 223 -71.00 15.78 -12.25
C ASP F 223 -70.44 14.67 -11.38
N LYS F 224 -69.82 13.66 -11.97
CA LYS F 224 -69.30 12.52 -11.23
C LYS F 224 -67.78 12.44 -11.38
N LYS F 225 -67.16 11.72 -10.44
CA LYS F 225 -65.73 11.49 -10.51
C LYS F 225 -65.38 10.60 -11.69
N ILE F 226 -64.21 10.83 -12.28
CA ILE F 226 -63.74 10.07 -13.42
C ILE F 226 -62.63 9.13 -12.94
N SER F 227 -62.84 7.83 -13.13
CA SER F 227 -61.88 6.84 -12.66
C SER F 227 -61.48 5.88 -13.78
N ASN F 228 -62.42 5.55 -14.66
CA ASN F 228 -62.20 4.58 -15.72
C ASN F 228 -62.22 5.27 -17.07
N ILE F 229 -61.21 4.99 -17.90
CA ILE F 229 -61.13 5.61 -19.22
C ILE F 229 -62.24 5.11 -20.13
N ARG F 230 -62.64 3.84 -20.00
CA ARG F 230 -63.68 3.27 -20.84
C ARG F 230 -65.01 4.00 -20.68
N GLU F 231 -65.21 4.70 -19.56
CA GLU F 231 -66.38 5.53 -19.41
C GLU F 231 -66.39 6.72 -20.36
N MET F 232 -65.23 7.07 -20.94
CA MET F 232 -65.16 8.26 -21.78
C MET F 232 -64.27 8.05 -23.01
N LEU F 233 -64.07 6.80 -23.43
CA LEU F 233 -63.55 6.57 -24.79
C LEU F 233 -64.37 7.24 -25.88
N PRO F 234 -65.71 7.15 -25.92
CA PRO F 234 -66.42 7.76 -27.07
C PRO F 234 -66.20 9.26 -27.22
N VAL F 235 -66.17 10.01 -26.12
CA VAL F 235 -66.02 11.46 -26.23
C VAL F 235 -64.61 11.82 -26.70
N LEU F 236 -63.59 11.12 -26.18
CA LEU F 236 -62.23 11.40 -26.63
C LEU F 236 -62.04 10.99 -28.08
N GLU F 237 -62.68 9.90 -28.51
CA GLU F 237 -62.61 9.51 -29.92
C GLU F 237 -63.26 10.54 -30.82
N ALA F 238 -64.42 11.07 -30.41
CA ALA F 238 -65.07 12.11 -31.18
C ALA F 238 -64.21 13.37 -31.23
N VAL F 239 -63.58 13.73 -30.12
CA VAL F 239 -62.69 14.88 -30.09
C VAL F 239 -61.50 14.67 -31.02
N ALA F 240 -60.90 13.47 -30.99
CA ALA F 240 -59.75 13.19 -31.83
C ALA F 240 -60.12 13.23 -33.31
N LYS F 241 -61.26 12.65 -33.68
CA LYS F 241 -61.68 12.70 -35.07
C LYS F 241 -62.11 14.10 -35.50
N ALA F 242 -62.51 14.95 -34.55
CA ALA F 242 -62.77 16.35 -34.87
C ALA F 242 -61.48 17.12 -35.12
N GLY F 243 -60.43 16.82 -34.38
CA GLY F 243 -59.15 17.46 -34.51
C GLY F 243 -58.88 18.56 -33.49
N LYS F 244 -59.91 19.11 -32.89
CA LYS F 244 -59.76 20.13 -31.87
C LYS F 244 -59.42 19.49 -30.53
N PRO F 245 -58.79 20.25 -29.62
CA PRO F 245 -58.48 19.70 -28.30
C PRO F 245 -59.72 19.57 -27.43
N LEU F 246 -59.53 18.95 -26.26
CA LEU F 246 -60.59 18.77 -25.28
C LEU F 246 -60.07 19.12 -23.90
N LEU F 247 -60.92 19.80 -23.12
CA LEU F 247 -60.65 20.07 -21.72
C LEU F 247 -61.78 19.49 -20.89
N ILE F 248 -61.44 18.65 -19.91
CA ILE F 248 -62.41 17.94 -19.10
C ILE F 248 -62.31 18.46 -17.67
N ILE F 249 -63.46 18.81 -17.09
CA ILE F 249 -63.54 19.25 -15.70
C ILE F 249 -64.68 18.49 -15.04
N ALA F 250 -64.39 17.85 -13.90
CA ALA F 250 -65.37 17.08 -13.15
C ALA F 250 -64.99 17.13 -11.67
N GLU F 251 -65.59 16.24 -10.89
CA GLU F 251 -65.29 16.20 -9.46
C GLU F 251 -63.83 15.86 -9.22
N ASP F 252 -63.32 14.85 -9.92
CA ASP F 252 -61.92 14.45 -9.83
C ASP F 252 -61.64 13.45 -10.94
N VAL F 253 -60.36 13.34 -11.30
CA VAL F 253 -59.88 12.35 -12.26
C VAL F 253 -58.68 11.65 -11.63
N GLU F 254 -58.91 10.43 -11.13
CA GLU F 254 -57.85 9.67 -10.47
C GLU F 254 -57.95 8.21 -10.91
N GLY F 255 -56.81 7.52 -10.86
CA GLY F 255 -56.73 6.12 -11.24
C GLY F 255 -56.01 5.94 -12.57
N GLU F 256 -56.42 4.91 -13.31
CA GLU F 256 -55.81 4.64 -14.61
C GLU F 256 -56.15 5.71 -15.64
N ALA F 257 -57.24 6.45 -15.45
CA ALA F 257 -57.63 7.47 -16.42
C ALA F 257 -56.57 8.56 -16.55
N LEU F 258 -55.99 8.98 -15.42
CA LEU F 258 -54.93 9.98 -15.47
C LEU F 258 -53.73 9.48 -16.26
N ALA F 259 -53.36 8.22 -16.06
CA ALA F 259 -52.24 7.65 -16.80
C ALA F 259 -52.55 7.56 -18.29
N THR F 260 -53.78 7.16 -18.64
CA THR F 260 -54.15 7.08 -20.05
C THR F 260 -54.11 8.45 -20.71
N LEU F 261 -54.63 9.47 -20.03
CA LEU F 261 -54.58 10.83 -20.59
C LEU F 261 -53.14 11.32 -20.71
N VAL F 262 -52.30 11.01 -19.71
CA VAL F 262 -50.91 11.44 -19.76
C VAL F 262 -50.20 10.81 -20.95
N VAL F 263 -50.38 9.50 -21.15
CA VAL F 263 -49.69 8.84 -22.27
C VAL F 263 -50.28 9.28 -23.60
N ASN F 264 -51.58 9.59 -23.65
CA ASN F 264 -52.17 10.11 -24.88
C ASN F 264 -51.58 11.47 -25.23
N THR F 265 -51.40 12.35 -24.23
CA THR F 265 -50.78 13.64 -24.48
C THR F 265 -49.33 13.48 -24.91
N MET F 266 -48.60 12.56 -24.27
CA MET F 266 -47.19 12.35 -24.63
C MET F 266 -47.05 11.82 -26.05
N ARG F 267 -47.90 10.88 -26.45
CA ARG F 267 -47.85 10.36 -27.81
C ARG F 267 -48.38 11.38 -28.83
N GLY F 268 -49.10 12.40 -28.37
CA GLY F 268 -49.60 13.43 -29.25
C GLY F 268 -50.88 13.08 -30.00
N ILE F 269 -51.44 11.89 -29.79
CA ILE F 269 -52.66 11.51 -30.50
C ILE F 269 -53.83 12.36 -30.02
N VAL F 270 -53.95 12.57 -28.71
CA VAL F 270 -55.02 13.37 -28.12
C VAL F 270 -54.41 14.27 -27.06
N LYS F 271 -54.75 15.56 -27.10
CA LYS F 271 -54.25 16.55 -26.15
C LYS F 271 -55.40 16.99 -25.26
N VAL F 272 -55.47 16.43 -24.05
CA VAL F 272 -56.55 16.72 -23.10
C VAL F 272 -55.93 17.00 -21.73
N ALA F 273 -56.40 18.07 -21.09
CA ALA F 273 -56.01 18.39 -19.72
C ALA F 273 -57.19 18.16 -18.78
N ALA F 274 -56.88 17.76 -17.55
CA ALA F 274 -57.89 17.45 -16.53
C ALA F 274 -57.77 18.43 -15.37
N VAL F 275 -58.89 19.06 -15.03
CA VAL F 275 -58.96 20.02 -13.93
C VAL F 275 -60.19 19.70 -13.09
N LYS F 276 -60.03 19.77 -11.76
CA LYS F 276 -61.14 19.49 -10.88
C LYS F 276 -62.18 20.62 -10.94
N ALA F 277 -63.42 20.28 -10.57
CA ALA F 277 -64.47 21.27 -10.52
C ALA F 277 -64.30 22.17 -9.30
N PRO F 278 -64.66 23.44 -9.41
CA PRO F 278 -64.54 24.34 -8.25
C PRO F 278 -65.59 24.03 -7.20
N GLY F 279 -65.26 24.38 -5.96
CA GLY F 279 -66.18 24.22 -4.84
C GLY F 279 -66.47 22.77 -4.52
N PHE F 280 -67.62 22.55 -3.88
CA PHE F 280 -68.06 21.23 -3.50
C PHE F 280 -69.57 21.22 -3.31
N GLY F 281 -70.18 20.09 -3.63
CA GLY F 281 -71.61 19.92 -3.39
C GLY F 281 -72.46 20.84 -4.24
N ASP F 282 -73.39 21.53 -3.58
CA ASP F 282 -74.34 22.39 -4.28
C ASP F 282 -73.65 23.53 -5.00
N ARG F 283 -72.64 24.15 -4.36
CA ARG F 283 -71.90 25.21 -5.00
C ARG F 283 -71.16 24.70 -6.24
N ARG F 284 -70.57 23.50 -6.13
CA ARG F 284 -69.89 22.90 -7.27
C ARG F 284 -70.86 22.65 -8.43
N LYS F 285 -72.04 22.12 -8.13
CA LYS F 285 -73.03 21.88 -9.18
C LYS F 285 -73.49 23.18 -9.81
N ALA F 286 -73.72 24.21 -8.99
CA ALA F 286 -74.16 25.50 -9.51
C ALA F 286 -73.10 26.12 -10.41
N MET F 287 -71.83 26.05 -10.02
CA MET F 287 -70.78 26.61 -10.84
C MET F 287 -70.55 25.79 -12.11
N LEU F 288 -70.73 24.48 -12.04
CA LEU F 288 -70.67 23.67 -13.25
C LEU F 288 -71.79 24.03 -14.22
N GLN F 289 -73.00 24.26 -13.68
CA GLN F 289 -74.10 24.72 -14.53
C GLN F 289 -73.82 26.11 -15.11
N ASP F 290 -73.18 26.98 -14.33
CA ASP F 290 -72.79 28.28 -14.85
C ASP F 290 -71.79 28.16 -16.00
N ILE F 291 -70.83 27.26 -15.86
CA ILE F 291 -69.87 27.01 -16.93
C ILE F 291 -70.59 26.46 -18.16
N ALA F 292 -71.56 25.57 -17.95
CA ALA F 292 -72.34 25.05 -19.07
C ALA F 292 -73.09 26.16 -19.79
N THR F 293 -73.71 27.07 -19.02
CA THR F 293 -74.39 28.20 -19.63
C THR F 293 -73.42 29.10 -20.40
N LEU F 294 -72.23 29.30 -19.85
CA LEU F 294 -71.24 30.15 -20.51
C LEU F 294 -70.78 29.53 -21.83
N THR F 295 -70.52 28.23 -21.84
CA THR F 295 -70.00 27.55 -23.01
C THR F 295 -71.10 26.92 -23.86
N GLY F 296 -72.36 27.00 -23.43
CA GLY F 296 -73.44 26.39 -24.18
C GLY F 296 -73.46 24.88 -24.19
N GLY F 297 -72.63 24.23 -23.37
CA GLY F 297 -72.56 22.79 -23.33
C GLY F 297 -73.59 22.19 -22.39
N THR F 298 -73.50 20.86 -22.25
CA THR F 298 -74.40 20.10 -21.40
C THR F 298 -73.62 19.47 -20.26
N VAL F 299 -74.12 19.64 -19.04
CA VAL F 299 -73.53 19.03 -17.87
C VAL F 299 -74.08 17.62 -17.71
N ILE F 300 -73.19 16.63 -17.64
CA ILE F 300 -73.60 15.24 -17.45
C ILE F 300 -73.99 15.09 -15.98
N SER F 301 -75.29 15.13 -15.71
CA SER F 301 -75.80 15.07 -14.34
C SER F 301 -76.18 13.64 -14.00
N GLU F 302 -75.68 13.15 -12.87
CA GLU F 302 -75.96 11.78 -12.46
C GLU F 302 -77.43 11.59 -12.14
N GLU F 303 -78.06 12.57 -11.49
CA GLU F 303 -79.43 12.40 -11.03
C GLU F 303 -80.43 12.33 -12.18
N ILE F 304 -80.18 13.06 -13.27
CA ILE F 304 -81.07 12.98 -14.43
C ILE F 304 -80.99 11.60 -15.07
N GLY F 305 -79.78 11.08 -15.27
CA GLY F 305 -79.62 9.73 -15.76
C GLY F 305 -78.56 9.53 -16.82
N MET F 306 -78.27 10.56 -17.61
CA MET F 306 -77.33 10.38 -18.71
C MET F 306 -75.91 10.18 -18.21
N GLU F 307 -75.08 9.57 -19.07
CA GLU F 307 -73.68 9.29 -18.77
C GLU F 307 -72.83 9.79 -19.94
N LEU F 308 -71.51 9.68 -19.78
CA LEU F 308 -70.58 10.17 -20.80
C LEU F 308 -70.58 9.30 -22.05
N GLU F 309 -71.11 8.08 -21.98
CA GLU F 309 -71.08 7.19 -23.14
C GLU F 309 -71.88 7.76 -24.30
N LYS F 310 -73.07 8.30 -24.02
CA LYS F 310 -73.90 8.86 -25.09
C LYS F 310 -73.42 10.23 -25.54
N ALA F 311 -72.60 10.90 -24.72
CA ALA F 311 -72.22 12.28 -25.00
C ALA F 311 -71.45 12.38 -26.31
N THR F 312 -71.82 13.35 -27.13
CA THR F 312 -71.19 13.63 -28.41
C THR F 312 -70.56 15.02 -28.39
N LEU F 313 -70.03 15.42 -29.55
CA LEU F 313 -69.37 16.73 -29.64
C LEU F 313 -70.36 17.86 -29.41
N GLU F 314 -71.58 17.74 -29.93
CA GLU F 314 -72.57 18.80 -29.76
C GLU F 314 -72.98 18.96 -28.31
N ASP F 315 -72.86 17.91 -27.50
CA ASP F 315 -73.16 18.00 -26.07
C ASP F 315 -72.01 18.57 -25.25
N LEU F 316 -70.85 18.79 -25.87
CA LEU F 316 -69.68 19.30 -25.17
C LEU F 316 -69.61 20.81 -25.29
N GLY F 317 -69.16 21.46 -24.20
CA GLY F 317 -68.94 22.88 -24.25
C GLY F 317 -67.77 23.25 -25.14
N GLN F 318 -67.78 24.49 -25.62
CA GLN F 318 -66.76 24.95 -26.55
C GLN F 318 -66.33 26.37 -26.19
N ALA F 319 -65.03 26.61 -26.24
CA ALA F 319 -64.45 27.94 -26.09
C ALA F 319 -63.36 28.12 -27.12
N LYS F 320 -63.11 29.37 -27.51
CA LYS F 320 -62.08 29.64 -28.51
C LYS F 320 -60.68 29.58 -27.94
N ARG F 321 -60.51 29.73 -26.63
CA ARG F 321 -59.21 29.67 -26.00
C ARG F 321 -59.39 29.51 -24.50
N VAL F 322 -58.59 28.62 -23.90
CA VAL F 322 -58.58 28.42 -22.46
C VAL F 322 -57.15 28.42 -21.98
N VAL F 323 -56.96 28.79 -20.71
CA VAL F 323 -55.65 28.79 -20.06
C VAL F 323 -55.78 28.04 -18.74
N ILE F 324 -54.88 27.08 -18.51
CA ILE F 324 -54.87 26.29 -17.29
C ILE F 324 -53.50 26.47 -16.63
N ASN F 325 -53.50 26.82 -15.35
CA ASN F 325 -52.28 27.04 -14.59
C ASN F 325 -52.35 26.26 -13.29
N LYS F 326 -51.22 26.18 -12.58
CA LYS F 326 -51.17 25.45 -11.32
C LYS F 326 -52.10 26.03 -10.27
N ASP F 327 -52.37 27.34 -10.32
CA ASP F 327 -53.23 27.99 -9.34
C ASP F 327 -54.67 28.11 -9.80
N THR F 328 -54.91 28.52 -11.05
CA THR F 328 -56.27 28.76 -11.52
C THR F 328 -56.35 28.43 -13.01
N THR F 329 -57.58 28.25 -13.47
CA THR F 329 -57.89 27.98 -14.87
C THR F 329 -58.82 29.06 -15.40
N THR F 330 -58.51 29.59 -16.57
CA THR F 330 -59.25 30.70 -17.16
C THR F 330 -59.92 30.24 -18.45
N ILE F 331 -61.19 30.59 -18.61
CA ILE F 331 -61.96 30.33 -19.82
C ILE F 331 -62.15 31.66 -20.53
N ILE F 332 -61.72 31.74 -21.79
CA ILE F 332 -61.71 32.98 -22.55
C ILE F 332 -62.65 32.84 -23.73
N ASP F 333 -63.71 33.65 -23.75
CA ASP F 333 -64.61 33.79 -24.89
C ASP F 333 -65.19 32.44 -25.34
N GLY F 334 -65.94 31.82 -24.43
CA GLY F 334 -66.66 30.61 -24.79
C GLY F 334 -67.87 30.96 -25.64
N VAL F 335 -68.16 30.09 -26.62
CA VAL F 335 -69.28 30.34 -27.51
C VAL F 335 -70.59 30.09 -26.76
N GLY F 336 -71.51 31.03 -26.86
CA GLY F 336 -72.78 30.91 -26.17
C GLY F 336 -73.63 32.13 -26.45
N GLU F 337 -74.85 32.07 -25.93
CA GLU F 337 -75.81 33.15 -26.13
C GLU F 337 -75.68 34.19 -25.01
N GLU F 338 -75.52 35.46 -25.39
CA GLU F 338 -75.51 36.53 -24.40
C GLU F 338 -76.83 36.63 -23.67
N ALA F 339 -77.94 36.32 -24.35
CA ALA F 339 -79.23 36.27 -23.68
C ALA F 339 -79.25 35.21 -22.59
N ALA F 340 -78.63 34.05 -22.86
CA ALA F 340 -78.52 33.02 -21.84
C ALA F 340 -77.69 33.51 -20.66
N ILE F 341 -76.61 34.24 -20.94
CA ILE F 341 -75.75 34.74 -19.86
C ILE F 341 -76.50 35.73 -18.99
N GLN F 342 -77.22 36.68 -19.61
CA GLN F 342 -77.96 37.65 -18.80
C GLN F 342 -79.12 36.99 -18.05
N GLY F 343 -79.76 35.99 -18.65
CA GLY F 343 -80.76 35.24 -17.92
C GLY F 343 -80.18 34.51 -16.72
N ARG F 344 -78.99 33.94 -16.88
CA ARG F 344 -78.34 33.26 -15.76
C ARG F 344 -77.98 34.23 -14.65
N VAL F 345 -77.44 35.41 -15.01
CA VAL F 345 -77.10 36.36 -13.97
C VAL F 345 -78.35 36.92 -13.30
N ALA F 346 -79.45 37.07 -14.04
CA ALA F 346 -80.70 37.47 -13.43
C ALA F 346 -81.22 36.39 -12.48
N GLN F 347 -81.05 35.13 -12.85
CA GLN F 347 -81.42 34.03 -11.95
C GLN F 347 -80.59 34.06 -10.67
N ILE F 348 -79.28 34.32 -10.79
CA ILE F 348 -78.44 34.42 -9.60
C ILE F 348 -78.85 35.62 -8.76
N ARG F 349 -79.24 36.72 -9.40
CA ARG F 349 -79.66 37.90 -8.66
C ARG F 349 -80.98 37.65 -7.90
N GLN F 350 -81.93 36.96 -8.53
CA GLN F 350 -83.16 36.65 -7.80
C GLN F 350 -82.91 35.61 -6.72
N GLN F 351 -81.91 34.73 -6.91
CA GLN F 351 -81.48 33.85 -5.84
C GLN F 351 -80.91 34.64 -4.67
N ILE F 352 -80.15 35.70 -4.99
CA ILE F 352 -79.67 36.62 -3.95
C ILE F 352 -80.85 37.23 -3.21
N GLU F 353 -81.87 37.66 -3.97
CA GLU F 353 -83.03 38.30 -3.36
C GLU F 353 -83.75 37.33 -2.41
N GLU F 354 -83.91 36.08 -2.82
CA GLU F 354 -84.57 35.09 -1.97
C GLU F 354 -83.63 34.51 -0.90
N ALA F 355 -82.33 34.71 -1.03
CA ALA F 355 -81.40 34.18 -0.04
C ALA F 355 -81.49 34.95 1.27
N THR F 356 -81.19 34.26 2.36
CA THR F 356 -81.26 34.84 3.70
C THR F 356 -79.91 34.90 4.40
N SER F 357 -79.18 33.78 4.44
CA SER F 357 -77.90 33.76 5.14
C SER F 357 -76.87 34.62 4.43
N ASP F 358 -76.01 35.26 5.22
CA ASP F 358 -75.03 36.19 4.67
C ASP F 358 -73.98 35.46 3.83
N TYR F 359 -73.55 34.27 4.27
CA TYR F 359 -72.52 33.55 3.54
C TYR F 359 -73.00 33.11 2.16
N ASP F 360 -74.22 32.57 2.09
CA ASP F 360 -74.78 32.19 0.80
C ASP F 360 -74.97 33.40 -0.09
N ARG F 361 -75.43 34.51 0.48
CA ARG F 361 -75.58 35.74 -0.29
C ARG F 361 -74.24 36.19 -0.87
N GLU F 362 -73.19 36.19 -0.05
CA GLU F 362 -71.88 36.62 -0.51
C GLU F 362 -71.36 35.70 -1.62
N LYS F 363 -71.54 34.39 -1.45
CA LYS F 363 -71.15 33.46 -2.50
C LYS F 363 -71.92 33.74 -3.78
N LEU F 364 -73.20 34.05 -3.67
CA LEU F 364 -74.00 34.35 -4.86
C LEU F 364 -73.52 35.63 -5.54
N GLN F 365 -73.22 36.68 -4.76
CA GLN F 365 -72.72 37.91 -5.39
C GLN F 365 -71.38 37.68 -6.07
N GLU F 366 -70.47 36.93 -5.43
CA GLU F 366 -69.17 36.71 -6.08
C GLU F 366 -69.34 35.86 -7.35
N ARG F 367 -70.23 34.86 -7.32
CA ARG F 367 -70.48 34.05 -8.50
C ARG F 367 -71.05 34.90 -9.64
N VAL F 368 -72.04 35.74 -9.33
CA VAL F 368 -72.66 36.53 -10.38
C VAL F 368 -71.68 37.57 -10.91
N ALA F 369 -70.82 38.12 -10.03
CA ALA F 369 -69.82 39.08 -10.49
C ALA F 369 -68.81 38.43 -11.42
N LYS F 370 -68.31 37.25 -11.05
CA LYS F 370 -67.33 36.56 -11.89
C LYS F 370 -67.97 35.95 -13.13
N LEU F 371 -69.31 35.82 -13.17
CA LEU F 371 -69.98 35.33 -14.36
C LEU F 371 -70.34 36.45 -15.34
N ALA F 372 -70.71 37.62 -14.83
CA ALA F 372 -71.16 38.71 -15.69
C ALA F 372 -70.06 39.72 -16.01
N GLY F 373 -69.00 39.77 -15.22
CA GLY F 373 -67.94 40.73 -15.49
C GLY F 373 -67.19 40.45 -16.78
N GLY F 374 -67.03 39.17 -17.11
CA GLY F 374 -66.29 38.80 -18.30
C GLY F 374 -64.79 38.84 -18.07
N VAL F 375 -64.05 38.60 -19.15
CA VAL F 375 -62.60 38.57 -19.14
C VAL F 375 -62.09 39.60 -20.12
N ALA F 376 -61.18 40.46 -19.66
CA ALA F 376 -60.54 41.45 -20.51
C ALA F 376 -59.33 40.82 -21.18
N VAL F 377 -59.27 40.92 -22.51
CA VAL F 377 -58.24 40.29 -23.31
C VAL F 377 -57.34 41.38 -23.89
N ILE F 378 -56.04 41.24 -23.69
CA ILE F 378 -55.05 42.17 -24.22
C ILE F 378 -54.34 41.50 -25.38
N LYS F 379 -54.53 42.03 -26.58
CA LYS F 379 -53.91 41.51 -27.79
C LYS F 379 -52.67 42.33 -28.08
N VAL F 380 -51.56 41.97 -27.42
CA VAL F 380 -50.31 42.69 -27.60
C VAL F 380 -49.79 42.46 -29.01
N GLY F 381 -49.40 43.55 -29.68
CA GLY F 381 -48.91 43.47 -31.03
C GLY F 381 -47.59 44.19 -31.19
N ALA F 382 -46.86 43.81 -32.24
CA ALA F 382 -45.55 44.38 -32.52
C ALA F 382 -45.26 44.19 -34.00
N ALA F 383 -44.00 44.40 -34.38
CA ALA F 383 -43.59 44.29 -35.78
C ALA F 383 -42.90 42.96 -36.10
N THR F 384 -42.05 42.46 -35.22
CA THR F 384 -41.35 41.20 -35.42
C THR F 384 -41.71 40.24 -34.31
N GLU F 385 -41.47 38.94 -34.58
CA GLU F 385 -41.87 37.90 -33.65
C GLU F 385 -41.12 38.00 -32.33
N VAL F 386 -39.80 38.26 -32.38
CA VAL F 386 -39.00 38.28 -31.16
C VAL F 386 -39.42 39.44 -30.26
N GLU F 387 -39.61 40.62 -30.83
CA GLU F 387 -40.05 41.75 -30.03
C GLU F 387 -41.49 41.57 -29.56
N MET F 388 -42.31 40.88 -30.36
CA MET F 388 -43.67 40.57 -29.92
C MET F 388 -43.67 39.67 -28.70
N LYS F 389 -42.83 38.63 -28.70
CA LYS F 389 -42.74 37.74 -27.56
C LYS F 389 -42.17 38.46 -26.34
N GLU F 390 -41.16 39.30 -26.55
CA GLU F 390 -40.60 40.08 -25.43
C GLU F 390 -41.66 41.01 -24.83
N LYS F 391 -42.43 41.69 -25.68
CA LYS F 391 -43.48 42.57 -25.20
C LYS F 391 -44.57 41.78 -24.47
N LYS F 392 -44.92 40.60 -24.97
CA LYS F 392 -45.93 39.78 -24.31
C LYS F 392 -45.45 39.34 -22.92
N ALA F 393 -44.20 38.91 -22.81
CA ALA F 393 -43.67 38.53 -21.51
C ALA F 393 -43.62 39.71 -20.55
N ARG F 394 -43.19 40.88 -21.04
CA ARG F 394 -43.16 42.06 -20.21
C ARG F 394 -44.55 42.47 -19.76
N VAL F 395 -45.54 42.34 -20.65
CA VAL F 395 -46.92 42.69 -20.30
C VAL F 395 -47.45 41.72 -19.25
N GLU F 396 -47.13 40.42 -19.37
CA GLU F 396 -47.56 39.46 -18.36
C GLU F 396 -46.94 39.78 -17.00
N ASP F 397 -45.64 40.08 -16.98
CA ASP F 397 -44.98 40.41 -15.72
C ASP F 397 -45.56 41.68 -15.11
N ALA F 398 -45.81 42.70 -15.94
CA ALA F 398 -46.40 43.94 -15.45
C ALA F 398 -47.81 43.70 -14.94
N LEU F 399 -48.57 42.82 -15.60
CA LEU F 399 -49.92 42.49 -15.13
C LEU F 399 -49.87 41.83 -13.76
N HIS F 400 -48.94 40.89 -13.57
CA HIS F 400 -48.80 40.25 -12.26
C HIS F 400 -48.42 41.26 -11.18
N ALA F 401 -47.45 42.13 -11.49
CA ALA F 401 -47.02 43.13 -10.52
C ALA F 401 -48.15 44.11 -10.19
N THR F 402 -48.92 44.52 -11.21
CA THR F 402 -50.02 45.45 -10.98
C THR F 402 -51.15 44.77 -10.19
N ARG F 403 -51.38 43.49 -10.43
CA ARG F 403 -52.36 42.76 -9.63
C ARG F 403 -51.94 42.74 -8.17
N ALA F 404 -50.65 42.45 -7.92
CA ALA F 404 -50.16 42.47 -6.54
C ALA F 404 -50.30 43.86 -5.93
N ALA F 405 -49.99 44.91 -6.71
CA ALA F 405 -50.08 46.27 -6.21
C ALA F 405 -51.52 46.64 -5.84
N VAL F 406 -52.46 46.41 -6.75
CA VAL F 406 -53.85 46.72 -6.46
C VAL F 406 -54.41 45.83 -5.36
N GLU F 407 -53.81 44.67 -5.13
CA GLU F 407 -54.22 43.84 -4.00
C GLU F 407 -53.75 44.42 -2.67
N GLU F 408 -52.49 44.86 -2.60
CA GLU F 408 -51.93 45.26 -1.31
C GLU F 408 -51.09 46.53 -1.34
N GLY F 409 -51.11 47.30 -2.42
CA GLY F 409 -50.31 48.51 -2.48
C GLY F 409 -48.86 48.21 -2.80
N VAL F 410 -48.06 49.27 -2.78
CA VAL F 410 -46.63 49.17 -3.06
C VAL F 410 -45.85 49.82 -1.93
N VAL F 411 -44.60 49.38 -1.76
CA VAL F 411 -43.68 49.96 -0.80
C VAL F 411 -42.37 50.28 -1.52
N ALA F 412 -41.50 51.01 -0.82
CA ALA F 412 -40.21 51.38 -1.38
C ALA F 412 -39.40 50.12 -1.65
N GLY F 413 -39.15 49.82 -2.92
CA GLY F 413 -38.48 48.61 -3.31
C GLY F 413 -36.98 48.69 -3.16
N GLY F 414 -36.30 47.69 -3.70
CA GLY F 414 -34.86 47.61 -3.59
C GLY F 414 -34.35 47.13 -2.24
N GLY F 415 -35.21 46.54 -1.42
CA GLY F 415 -34.80 46.04 -0.13
C GLY F 415 -34.73 47.06 0.98
N VAL F 416 -35.28 48.26 0.78
CA VAL F 416 -35.25 49.29 1.81
C VAL F 416 -36.50 49.27 2.71
N ALA F 417 -37.59 48.66 2.26
CA ALA F 417 -38.75 48.51 3.14
C ALA F 417 -38.40 47.67 4.36
N LEU F 418 -37.69 46.55 4.16
CA LEU F 418 -37.32 45.70 5.27
C LEU F 418 -36.37 46.40 6.24
N ILE F 419 -35.41 47.17 5.71
CA ILE F 419 -34.47 47.86 6.59
C ILE F 419 -35.18 48.96 7.37
N ARG F 420 -36.14 49.65 6.74
CA ARG F 420 -36.94 50.64 7.46
C ARG F 420 -37.76 49.99 8.56
N VAL F 421 -38.36 48.83 8.26
CA VAL F 421 -39.15 48.11 9.26
C VAL F 421 -38.28 47.70 10.43
N ALA F 422 -37.08 47.18 10.15
CA ALA F 422 -36.17 46.79 11.21
C ALA F 422 -35.74 48.00 12.03
N SER F 423 -35.49 49.14 11.38
CA SER F 423 -35.09 50.34 12.08
C SER F 423 -36.18 50.79 13.05
N LYS F 424 -37.44 50.75 12.62
CA LYS F 424 -38.52 51.15 13.50
C LYS F 424 -38.87 50.10 14.55
N LEU F 425 -38.58 48.82 14.29
CA LEU F 425 -38.92 47.74 15.20
C LEU F 425 -37.76 47.34 16.11
N ALA F 426 -36.61 48.01 16.01
CA ALA F 426 -35.47 47.69 16.87
C ALA F 426 -35.79 47.74 18.36
N ASP F 427 -36.92 48.33 18.74
CA ASP F 427 -37.29 48.43 20.15
C ASP F 427 -38.19 47.29 20.62
N LEU F 428 -38.46 46.30 19.77
CA LEU F 428 -39.33 45.20 20.15
C LEU F 428 -38.66 44.31 21.18
N ARG F 429 -39.48 43.70 22.05
CA ARG F 429 -39.00 42.81 23.09
C ARG F 429 -39.95 41.62 23.22
N GLY F 430 -39.41 40.53 23.74
CA GLY F 430 -40.16 39.31 23.96
C GLY F 430 -40.30 38.97 25.43
N GLN F 431 -40.97 37.84 25.67
CA GLN F 431 -41.20 37.40 27.05
C GLN F 431 -39.95 36.77 27.65
N ASN F 432 -39.00 36.36 26.82
CA ASN F 432 -37.79 35.69 27.28
C ASN F 432 -36.57 36.25 26.54
N GLU F 433 -35.39 36.01 27.12
CA GLU F 433 -34.15 36.46 26.50
C GLU F 433 -33.95 35.79 25.15
N ASP F 434 -34.29 34.50 25.06
CA ASP F 434 -34.16 33.79 23.78
C ASP F 434 -35.09 34.38 22.73
N GLN F 435 -36.29 34.81 23.15
CA GLN F 435 -37.19 35.48 22.23
C GLN F 435 -36.59 36.79 21.72
N ASN F 436 -35.92 37.54 22.60
CA ASN F 436 -35.24 38.75 22.17
C ASN F 436 -34.13 38.45 21.19
N VAL F 437 -33.38 37.37 21.42
CA VAL F 437 -32.33 36.96 20.50
C VAL F 437 -32.92 36.63 19.14
N GLY F 438 -34.04 35.90 19.13
CA GLY F 438 -34.72 35.60 17.86
C GLY F 438 -35.22 36.84 17.15
N ILE F 439 -35.72 37.82 17.93
CA ILE F 439 -36.17 39.08 17.34
C ILE F 439 -35.00 39.82 16.69
N LYS F 440 -33.86 39.85 17.37
CA LYS F 440 -32.67 40.47 16.79
C LYS F 440 -32.22 39.73 15.54
N VAL F 441 -32.35 38.40 15.54
CA VAL F 441 -32.03 37.60 14.37
C VAL F 441 -32.92 38.00 13.20
N ALA F 442 -34.22 38.16 13.46
CA ALA F 442 -35.15 38.57 12.41
C ALA F 442 -34.81 39.96 11.90
N LEU F 443 -34.42 40.87 12.80
CA LEU F 443 -34.05 42.22 12.37
C LEU F 443 -32.83 42.18 11.45
N ARG F 444 -31.77 41.46 11.85
CA ARG F 444 -30.58 41.38 11.00
C ARG F 444 -30.89 40.70 9.68
N ALA F 445 -31.74 39.68 9.70
CA ALA F 445 -32.13 39.02 8.46
C ALA F 445 -32.85 39.98 7.53
N MET F 446 -33.77 40.79 8.06
CA MET F 446 -34.43 41.79 7.23
C MET F 446 -33.45 42.85 6.75
N GLU F 447 -32.38 43.10 7.52
CA GLU F 447 -31.32 43.98 7.07
C GLU F 447 -30.60 43.38 5.86
N ALA F 448 -30.41 42.07 5.86
CA ALA F 448 -29.54 41.38 4.91
C ALA F 448 -29.82 41.66 3.43
N PRO F 449 -31.06 41.63 2.92
CA PRO F 449 -31.24 41.73 1.46
C PRO F 449 -30.68 43.00 0.84
N LEU F 450 -30.85 44.16 1.50
CA LEU F 450 -30.27 45.39 0.98
C LEU F 450 -28.76 45.32 1.00
N ARG F 451 -28.18 44.69 2.02
CA ARG F 451 -26.74 44.49 2.08
C ARG F 451 -26.27 43.64 0.90
N GLN F 452 -27.02 42.58 0.58
CA GLN F 452 -26.65 41.75 -0.57
C GLN F 452 -26.75 42.53 -1.87
N ILE F 453 -27.79 43.35 -2.02
CA ILE F 453 -27.94 44.15 -3.23
C ILE F 453 -26.75 45.10 -3.40
N VAL F 454 -26.42 45.83 -2.34
CA VAL F 454 -25.33 46.81 -2.44
C VAL F 454 -23.97 46.12 -2.49
N LEU F 455 -23.87 44.88 -2.04
CA LEU F 455 -22.63 44.11 -2.24
C LEU F 455 -22.49 43.68 -3.69
N ASN F 456 -23.60 43.27 -4.31
CA ASN F 456 -23.57 42.99 -5.75
C ASN F 456 -23.24 44.25 -6.54
N CYS F 457 -23.67 45.41 -6.05
CA CYS F 457 -23.32 46.68 -6.70
C CYS F 457 -21.85 47.05 -6.51
N GLY F 458 -21.13 46.38 -5.61
CA GLY F 458 -19.75 46.69 -5.34
C GLY F 458 -19.53 47.80 -4.32
N GLU F 459 -20.59 48.45 -3.86
CA GLU F 459 -20.48 49.48 -2.84
C GLU F 459 -20.35 48.84 -1.46
N GLU F 460 -19.89 49.61 -0.49
CA GLU F 460 -19.72 49.10 0.87
C GLU F 460 -21.08 48.78 1.46
N PRO F 461 -21.31 47.54 1.91
CA PRO F 461 -22.65 47.16 2.39
C PRO F 461 -23.06 47.82 3.69
N SER F 462 -22.15 47.79 4.68
CA SER F 462 -22.50 48.29 6.01
C SER F 462 -22.75 49.80 5.99
N VAL F 463 -21.95 50.55 5.25
CA VAL F 463 -22.11 52.00 5.20
C VAL F 463 -23.47 52.36 4.60
N VAL F 464 -23.84 51.71 3.50
CA VAL F 464 -25.12 51.98 2.87
C VAL F 464 -26.26 51.56 3.79
N ALA F 465 -26.13 50.40 4.45
CA ALA F 465 -27.18 49.95 5.35
C ALA F 465 -27.39 50.95 6.49
N ASN F 466 -26.30 51.42 7.09
CA ASN F 466 -26.41 52.40 8.16
C ASN F 466 -27.00 53.71 7.66
N THR F 467 -26.60 54.15 6.46
CA THR F 467 -27.13 55.39 5.90
C THR F 467 -28.63 55.30 5.67
N VAL F 468 -29.10 54.17 5.14
CA VAL F 468 -30.53 54.00 4.93
C VAL F 468 -31.26 53.87 6.26
N LYS F 469 -30.63 53.24 7.25
CA LYS F 469 -31.23 53.15 8.57
C LYS F 469 -31.40 54.53 9.20
N GLY F 470 -30.42 55.41 9.01
CA GLY F 470 -30.53 56.76 9.53
C GLY F 470 -31.71 57.52 8.97
N GLY F 471 -32.03 57.32 7.69
CA GLY F 471 -33.16 57.97 7.08
C GLY F 471 -34.48 57.41 7.58
N ASP F 472 -35.56 58.11 7.23
CA ASP F 472 -36.89 57.72 7.65
C ASP F 472 -37.83 57.76 6.46
N GLY F 473 -38.92 57.02 6.57
CA GLY F 473 -39.90 56.94 5.51
C GLY F 473 -39.45 56.05 4.36
N ASN F 474 -39.73 56.48 3.13
CA ASN F 474 -39.35 55.72 1.94
C ASN F 474 -37.96 56.07 1.43
N TYR F 475 -37.23 56.92 2.15
CA TYR F 475 -35.86 57.25 1.77
C TYR F 475 -34.99 56.00 1.77
N GLY F 476 -34.20 55.85 0.71
CA GLY F 476 -33.37 54.67 0.58
C GLY F 476 -32.25 54.91 -0.42
N TYR F 477 -31.54 53.83 -0.72
CA TYR F 477 -30.38 53.86 -1.61
C TYR F 477 -30.75 53.18 -2.92
N ASN F 478 -30.56 53.89 -4.04
CA ASN F 478 -30.84 53.33 -5.35
C ASN F 478 -29.62 52.57 -5.86
N ALA F 479 -29.82 51.30 -6.23
CA ALA F 479 -28.72 50.47 -6.69
C ALA F 479 -28.23 50.90 -8.07
N ALA F 480 -29.15 51.23 -8.98
CA ALA F 480 -28.77 51.57 -10.35
C ALA F 480 -27.98 52.88 -10.40
N THR F 481 -28.49 53.93 -9.76
CA THR F 481 -27.86 55.24 -9.83
C THR F 481 -26.80 55.45 -8.75
N GLU F 482 -26.68 54.53 -7.80
CA GLU F 482 -25.67 54.59 -6.75
C GLU F 482 -25.75 55.91 -5.97
N GLU F 483 -26.96 56.35 -5.66
CA GLU F 483 -27.16 57.56 -4.88
C GLU F 483 -28.52 57.50 -4.20
N TYR F 484 -28.59 58.05 -2.99
CA TYR F 484 -29.76 57.92 -2.13
C TYR F 484 -30.88 58.83 -2.59
N GLY F 485 -32.08 58.54 -2.11
CA GLY F 485 -33.24 59.33 -2.44
C GLY F 485 -34.52 58.61 -2.06
N ASN F 486 -35.64 59.20 -2.45
CA ASN F 486 -36.95 58.63 -2.19
C ASN F 486 -37.26 57.58 -3.24
N MET F 487 -37.29 56.30 -2.82
CA MET F 487 -37.44 55.21 -3.77
C MET F 487 -38.78 55.24 -4.50
N ILE F 488 -39.81 55.81 -3.87
CA ILE F 488 -41.12 55.87 -4.52
C ILE F 488 -41.06 56.73 -5.76
N ASP F 489 -40.42 57.90 -5.68
CA ASP F 489 -40.33 58.81 -6.81
C ASP F 489 -39.19 58.48 -7.76
N MET F 490 -38.28 57.58 -7.38
CA MET F 490 -37.14 57.23 -8.23
C MET F 490 -37.39 55.98 -9.06
N GLY F 491 -38.60 55.43 -9.05
CA GLY F 491 -38.91 54.27 -9.86
C GLY F 491 -38.53 52.94 -9.26
N ILE F 492 -38.20 52.89 -7.98
CA ILE F 492 -37.87 51.63 -7.29
C ILE F 492 -39.08 51.28 -6.44
N LEU F 493 -39.96 50.46 -6.99
CA LEU F 493 -41.18 50.03 -6.30
C LEU F 493 -41.20 48.51 -6.19
N ASP F 494 -41.64 48.02 -5.03
CA ASP F 494 -41.90 46.61 -4.82
C ASP F 494 -43.28 46.47 -4.19
N PRO F 495 -44.14 45.58 -4.69
CA PRO F 495 -45.46 45.42 -4.10
C PRO F 495 -45.37 44.99 -2.65
N THR F 496 -46.29 45.51 -1.84
CA THR F 496 -46.32 45.13 -0.43
C THR F 496 -46.59 43.65 -0.26
N LYS F 497 -47.45 43.09 -1.11
CA LYS F 497 -47.73 41.66 -1.04
C LYS F 497 -46.48 40.82 -1.29
N VAL F 498 -45.65 41.23 -2.25
CA VAL F 498 -44.45 40.46 -2.58
C VAL F 498 -43.51 40.40 -1.39
N THR F 499 -43.19 41.56 -0.82
CA THR F 499 -42.28 41.61 0.32
C THR F 499 -42.87 40.89 1.53
N ARG F 500 -44.17 41.09 1.78
CA ARG F 500 -44.81 40.43 2.91
C ARG F 500 -44.76 38.92 2.77
N SER F 501 -45.07 38.41 1.58
CA SER F 501 -45.05 36.97 1.36
C SER F 501 -43.64 36.41 1.47
N ALA F 502 -42.65 37.11 0.90
CA ALA F 502 -41.27 36.64 1.02
C ALA F 502 -40.84 36.57 2.48
N LEU F 503 -41.13 37.63 3.25
CA LEU F 503 -40.76 37.65 4.66
C LEU F 503 -41.46 36.54 5.43
N GLN F 504 -42.77 36.37 5.21
CA GLN F 504 -43.53 35.37 5.95
C GLN F 504 -43.06 33.96 5.64
N TYR F 505 -42.82 33.66 4.36
CA TYR F 505 -42.40 32.31 4.01
C TYR F 505 -40.98 32.03 4.48
N ALA F 506 -40.09 33.03 4.41
CA ALA F 506 -38.75 32.86 4.96
C ALA F 506 -38.81 32.61 6.45
N ALA F 507 -39.65 33.36 7.18
CA ALA F 507 -39.80 33.14 8.60
C ALA F 507 -40.34 31.75 8.90
N SER F 508 -41.34 31.31 8.13
CA SER F 508 -41.93 29.99 8.36
C SER F 508 -40.91 28.88 8.15
N VAL F 509 -40.16 28.94 7.04
CA VAL F 509 -39.19 27.89 6.76
C VAL F 509 -38.05 27.93 7.78
N ALA F 510 -37.64 29.12 8.21
CA ALA F 510 -36.57 29.22 9.20
C ALA F 510 -37.02 28.69 10.55
N GLY F 511 -38.26 28.96 10.94
CA GLY F 511 -38.78 28.39 12.17
C GLY F 511 -38.90 26.89 12.11
N LEU F 512 -39.33 26.36 10.95
CA LEU F 512 -39.42 24.91 10.80
C LEU F 512 -38.05 24.26 10.85
N MET F 513 -37.05 24.89 10.25
CA MET F 513 -35.72 24.27 10.16
C MET F 513 -34.89 24.49 11.43
N ILE F 514 -35.17 25.54 12.19
CA ILE F 514 -34.44 25.79 13.43
C ILE F 514 -34.82 24.75 14.48
N THR F 515 -36.11 24.43 14.57
CA THR F 515 -36.60 23.46 15.54
C THR F 515 -36.52 22.02 15.03
N THR F 516 -35.64 21.74 14.07
CA THR F 516 -35.47 20.41 13.54
C THR F 516 -34.34 19.69 14.27
N GLU F 517 -34.66 18.55 14.88
CA GLU F 517 -33.69 17.77 15.62
C GLU F 517 -33.36 16.43 14.98
N CYS F 518 -34.26 15.87 14.18
CA CYS F 518 -34.01 14.62 13.49
C CYS F 518 -34.47 14.74 12.05
N MET F 519 -33.79 14.01 11.17
CA MET F 519 -34.10 14.00 9.74
C MET F 519 -33.63 12.69 9.15
N VAL F 520 -34.44 12.15 8.23
CA VAL F 520 -34.29 10.79 7.72
C VAL F 520 -34.16 10.84 6.21
N THR F 521 -33.21 10.08 5.68
CA THR F 521 -33.00 9.98 4.24
C THR F 521 -32.36 8.63 3.92
N ASP F 522 -32.42 8.26 2.64
CA ASP F 522 -31.86 7.00 2.20
C ASP F 522 -30.33 7.03 2.21
N LEU F 523 -29.75 5.83 2.24
CA LEU F 523 -28.30 5.70 2.20
C LEU F 523 -27.76 6.12 0.84
N PRO F 524 -26.54 6.67 0.78
CA PRO F 524 -25.89 7.06 -0.47
C PRO F 524 -25.68 5.87 -1.41
N ALA G 1 -31.24 15.80 -11.28
CA ALA G 1 -30.05 15.07 -10.87
C ALA G 1 -29.16 15.93 -9.97
N ALA G 2 -28.17 15.29 -9.35
CA ALA G 2 -27.25 16.01 -8.49
C ALA G 2 -26.43 17.01 -9.31
N LYS G 3 -26.20 18.19 -8.73
CA LYS G 3 -25.53 19.28 -9.43
C LYS G 3 -24.28 19.71 -8.67
N ASP G 4 -23.28 20.13 -9.43
CA ASP G 4 -22.03 20.65 -8.87
C ASP G 4 -21.99 22.16 -9.05
N VAL G 5 -21.66 22.87 -7.97
CA VAL G 5 -21.74 24.33 -7.93
C VAL G 5 -20.35 24.89 -7.67
N LYS G 6 -19.92 25.83 -8.51
CA LYS G 6 -18.69 26.58 -8.32
C LYS G 6 -19.01 28.06 -8.17
N PHE G 7 -18.27 28.73 -7.32
CA PHE G 7 -18.56 30.12 -6.95
C PHE G 7 -17.35 30.99 -7.21
N GLY G 8 -17.59 32.11 -7.91
CA GLY G 8 -16.59 33.16 -7.97
C GLY G 8 -15.30 32.75 -8.65
N ASN G 9 -14.20 32.84 -7.89
CA ASN G 9 -12.87 32.74 -8.47
C ASN G 9 -12.61 31.38 -9.09
N ASP G 10 -13.00 30.29 -8.41
CA ASP G 10 -12.76 28.96 -8.96
C ASP G 10 -13.52 28.76 -10.27
N ALA G 11 -14.79 29.16 -10.30
CA ALA G 11 -15.56 29.05 -11.52
C ALA G 11 -14.93 29.85 -12.64
N ARG G 12 -14.51 31.10 -12.35
CA ARG G 12 -13.92 31.94 -13.39
C ARG G 12 -12.57 31.41 -13.86
N VAL G 13 -11.80 30.77 -12.98
CA VAL G 13 -10.54 30.16 -13.41
C VAL G 13 -10.81 28.99 -14.35
N LYS G 14 -11.82 28.17 -14.03
CA LYS G 14 -12.22 27.11 -14.97
C LYS G 14 -12.68 27.71 -16.30
N MET G 15 -13.43 28.80 -16.22
CA MET G 15 -13.86 29.52 -17.42
C MET G 15 -12.66 29.91 -18.27
N LEU G 16 -11.65 30.50 -17.63
CA LEU G 16 -10.48 30.99 -18.34
C LEU G 16 -9.70 29.84 -18.97
N ARG G 17 -9.54 28.73 -18.24
CA ARG G 17 -8.78 27.62 -18.81
C ARG G 17 -9.51 26.98 -19.99
N GLY G 18 -10.84 26.84 -19.89
CA GLY G 18 -11.59 26.30 -21.02
C GLY G 18 -11.53 27.21 -22.24
N VAL G 19 -11.70 28.52 -22.03
CA VAL G 19 -11.62 29.46 -23.13
C VAL G 19 -10.20 29.48 -23.72
N ASN G 20 -9.18 29.34 -22.87
CA ASN G 20 -7.82 29.26 -23.34
C ASN G 20 -7.61 28.04 -24.22
N VAL G 21 -8.16 26.90 -23.81
CA VAL G 21 -8.03 25.67 -24.60
C VAL G 21 -8.68 25.87 -25.97
N LEU G 22 -9.92 26.36 -25.99
CA LEU G 22 -10.62 26.53 -27.26
C LEU G 22 -9.92 27.55 -28.16
N ALA G 23 -9.47 28.67 -27.57
CA ALA G 23 -8.85 29.72 -28.36
C ALA G 23 -7.47 29.32 -28.86
N ASP G 24 -6.73 28.53 -28.10
CA ASP G 24 -5.47 27.99 -28.61
C ASP G 24 -5.72 26.97 -29.71
N ALA G 25 -6.82 26.21 -29.61
CA ALA G 25 -7.16 25.29 -30.69
C ALA G 25 -7.48 26.02 -31.98
N VAL G 26 -8.22 27.13 -31.88
CA VAL G 26 -8.69 27.80 -33.09
C VAL G 26 -7.77 28.91 -33.60
N LYS G 27 -6.87 29.43 -32.76
CA LYS G 27 -6.09 30.61 -33.11
C LYS G 27 -4.92 30.30 -34.05
N VAL G 28 -4.46 29.06 -34.09
CA VAL G 28 -3.34 28.70 -34.96
C VAL G 28 -3.72 28.71 -36.43
N THR G 29 -5.02 28.80 -36.74
CA THR G 29 -5.50 28.83 -38.11
C THR G 29 -5.79 30.24 -38.60
N LEU G 30 -5.34 31.27 -37.88
CA LEU G 30 -5.62 32.66 -38.22
C LEU G 30 -4.47 33.23 -39.02
N GLY G 31 -4.79 33.88 -40.14
CA GLY G 31 -3.80 34.49 -40.99
C GLY G 31 -3.42 33.61 -42.17
N PRO G 32 -2.89 34.23 -43.23
CA PRO G 32 -2.44 33.43 -44.38
C PRO G 32 -1.38 32.41 -44.04
N LYS G 33 -0.48 32.73 -43.11
CA LYS G 33 0.53 31.79 -42.64
C LYS G 33 0.05 30.98 -41.44
N GLY G 34 -1.27 30.84 -41.27
CA GLY G 34 -1.79 30.08 -40.16
C GLY G 34 -1.50 28.60 -40.30
N ARG G 35 -1.37 27.94 -39.15
CA ARG G 35 -1.08 26.52 -39.11
C ARG G 35 -2.36 25.73 -39.38
N ASN G 36 -2.29 24.40 -39.26
CA ASN G 36 -3.42 23.53 -39.52
C ASN G 36 -3.63 22.59 -38.34
N VAL G 37 -4.88 22.16 -38.17
CA VAL G 37 -5.29 21.34 -37.03
C VAL G 37 -5.76 19.99 -37.54
N VAL G 38 -5.37 18.93 -36.84
CA VAL G 38 -5.76 17.57 -37.17
C VAL G 38 -6.95 17.18 -36.31
N LEU G 39 -8.06 16.81 -36.96
CA LEU G 39 -9.29 16.43 -36.28
C LEU G 39 -9.60 14.97 -36.55
N ASP G 40 -10.03 14.26 -35.51
CA ASP G 40 -10.26 12.82 -35.61
C ASP G 40 -11.61 12.53 -36.27
N LYS G 41 -11.66 11.41 -36.99
CA LYS G 41 -12.88 10.91 -37.59
C LYS G 41 -13.00 9.42 -37.31
N SER G 42 -14.25 8.96 -37.17
CA SER G 42 -14.49 7.56 -36.84
C SER G 42 -14.07 6.62 -37.96
N PHE G 43 -14.00 7.10 -39.20
CA PHE G 43 -13.63 6.24 -40.31
C PHE G 43 -12.18 5.76 -40.19
N GLY G 44 -11.26 6.68 -39.92
CA GLY G 44 -9.87 6.32 -39.78
C GLY G 44 -8.93 7.28 -40.48
N ALA G 45 -9.48 8.21 -41.26
CA ALA G 45 -8.66 9.17 -41.97
C ALA G 45 -8.74 10.52 -41.28
N PRO G 46 -7.68 10.99 -40.63
CA PRO G 46 -7.72 12.29 -39.96
C PRO G 46 -7.93 13.42 -40.95
N THR G 47 -8.61 14.46 -40.50
CA THR G 47 -8.93 15.62 -41.31
C THR G 47 -7.99 16.77 -40.94
N ILE G 48 -7.25 17.27 -41.92
CA ILE G 48 -6.32 18.38 -41.73
C ILE G 48 -6.95 19.63 -42.33
N THR G 49 -7.23 20.62 -41.48
CA THR G 49 -7.93 21.82 -41.90
C THR G 49 -7.26 23.06 -41.35
N LYS G 50 -7.30 24.13 -42.16
CA LYS G 50 -6.90 25.46 -41.74
C LYS G 50 -8.10 26.35 -41.45
N ASP G 51 -9.30 25.78 -41.42
CA ASP G 51 -10.51 26.53 -41.15
C ASP G 51 -10.83 26.46 -39.66
N GLY G 52 -10.91 27.63 -39.02
CA GLY G 52 -11.20 27.69 -37.60
C GLY G 52 -12.61 27.25 -37.25
N VAL G 53 -13.54 27.33 -38.20
CA VAL G 53 -14.93 26.97 -37.92
C VAL G 53 -15.02 25.48 -37.56
N SER G 54 -14.39 24.62 -38.35
CA SER G 54 -14.43 23.20 -38.08
C SER G 54 -13.71 22.87 -36.76
N VAL G 55 -12.57 23.51 -36.52
CA VAL G 55 -11.83 23.27 -35.29
C VAL G 55 -12.68 23.64 -34.07
N ALA G 56 -13.34 24.80 -34.12
CA ALA G 56 -14.23 25.18 -33.04
C ALA G 56 -15.39 24.19 -32.90
N ARG G 57 -15.94 23.75 -34.04
CA ARG G 57 -17.04 22.79 -34.00
C ARG G 57 -16.62 21.48 -33.33
N GLU G 58 -15.36 21.10 -33.48
CA GLU G 58 -14.87 19.82 -32.96
C GLU G 58 -14.16 19.94 -31.62
N ILE G 59 -14.45 20.98 -30.85
CA ILE G 59 -13.83 21.17 -29.54
C ILE G 59 -14.87 20.93 -28.45
N GLU G 60 -14.63 19.92 -27.62
CA GLU G 60 -15.39 19.67 -26.40
C GLU G 60 -14.43 19.16 -25.33
N LEU G 61 -14.67 19.56 -24.09
CA LEU G 61 -13.78 19.23 -22.99
C LEU G 61 -14.50 18.33 -21.98
N GLU G 62 -13.72 17.43 -21.37
CA GLU G 62 -14.30 16.49 -20.41
C GLU G 62 -14.75 17.21 -19.14
N ASP G 63 -14.00 18.22 -18.71
CA ASP G 63 -14.40 18.99 -17.54
C ASP G 63 -15.63 19.83 -17.88
N LYS G 64 -16.59 19.87 -16.94
CA LYS G 64 -17.89 20.48 -17.24
C LYS G 64 -17.79 22.00 -17.31
N PHE G 65 -17.01 22.61 -16.41
CA PHE G 65 -16.92 24.07 -16.38
C PHE G 65 -16.12 24.60 -17.56
N GLU G 66 -14.99 23.95 -17.87
CA GLU G 66 -14.24 24.28 -19.08
C GLU G 66 -15.11 24.08 -20.31
N ASN G 67 -15.95 23.04 -20.30
CA ASN G 67 -16.88 22.83 -21.40
C ASN G 67 -17.87 23.97 -21.51
N MET G 68 -18.36 24.48 -20.37
CA MET G 68 -19.27 25.62 -20.41
C MET G 68 -18.59 26.82 -21.06
N GLY G 69 -17.37 27.13 -20.63
CA GLY G 69 -16.66 28.26 -21.22
C GLY G 69 -16.44 28.09 -22.71
N ALA G 70 -15.96 26.91 -23.11
CA ALA G 70 -15.70 26.65 -24.52
C ALA G 70 -16.98 26.73 -25.33
N GLN G 71 -18.08 26.19 -24.81
CA GLN G 71 -19.34 26.20 -25.56
C GLN G 71 -19.93 27.60 -25.66
N MET G 72 -19.78 28.41 -24.61
CA MET G 72 -20.26 29.79 -24.72
C MET G 72 -19.47 30.57 -25.78
N VAL G 73 -18.14 30.42 -25.77
CA VAL G 73 -17.34 31.11 -26.78
C VAL G 73 -17.66 30.57 -28.17
N LYS G 74 -17.87 29.26 -28.29
CA LYS G 74 -18.26 28.65 -29.55
C LYS G 74 -19.59 29.20 -30.04
N GLU G 75 -20.56 29.34 -29.13
CA GLU G 75 -21.89 29.82 -29.50
C GLU G 75 -21.82 31.25 -30.00
N VAL G 76 -21.08 32.12 -29.30
CA VAL G 76 -21.01 33.50 -29.74
C VAL G 76 -20.23 33.63 -31.04
N ALA G 77 -19.17 32.82 -31.22
CA ALA G 77 -18.45 32.82 -32.49
C ALA G 77 -19.34 32.36 -33.63
N SER G 78 -20.16 31.33 -33.39
CA SER G 78 -21.08 30.85 -34.42
C SER G 78 -22.15 31.90 -34.74
N LYS G 79 -22.63 32.61 -33.72
CA LYS G 79 -23.57 33.70 -33.97
C LYS G 79 -22.95 34.79 -34.83
N ALA G 80 -21.70 35.17 -34.53
CA ALA G 80 -21.01 36.16 -35.34
C ALA G 80 -20.83 35.66 -36.77
N ASN G 81 -20.45 34.39 -36.94
CA ASN G 81 -20.27 33.83 -38.27
C ASN G 81 -21.58 33.83 -39.05
N ASP G 82 -22.68 33.43 -38.41
CA ASP G 82 -23.96 33.40 -39.09
C ASP G 82 -24.43 34.80 -39.46
N ALA G 83 -24.21 35.78 -38.58
CA ALA G 83 -24.64 37.14 -38.87
C ALA G 83 -23.80 37.77 -39.98
N ALA G 84 -22.50 37.48 -40.00
CA ALA G 84 -21.58 38.16 -40.90
C ALA G 84 -21.10 37.32 -42.06
N GLY G 85 -20.93 36.01 -41.88
CA GLY G 85 -20.38 35.15 -42.90
C GLY G 85 -18.94 34.73 -42.68
N ASP G 86 -18.24 35.36 -41.75
CA ASP G 86 -16.85 35.03 -41.45
C ASP G 86 -16.52 35.62 -40.08
N GLY G 87 -15.27 35.45 -39.67
CA GLY G 87 -14.78 36.03 -38.43
C GLY G 87 -14.92 35.18 -37.20
N THR G 88 -15.09 33.86 -37.35
CA THR G 88 -15.18 32.99 -36.18
C THR G 88 -13.88 33.02 -35.39
N THR G 89 -12.75 32.85 -36.07
CA THR G 89 -11.46 32.86 -35.37
C THR G 89 -11.16 34.22 -34.75
N THR G 90 -11.44 35.30 -35.49
CA THR G 90 -11.21 36.63 -34.96
C THR G 90 -12.06 36.90 -33.73
N ALA G 91 -13.35 36.53 -33.79
CA ALA G 91 -14.22 36.71 -32.63
C ALA G 91 -13.73 35.88 -31.46
N THR G 92 -13.30 34.64 -31.71
CA THR G 92 -12.84 33.78 -30.62
C THR G 92 -11.58 34.34 -29.96
N VAL G 93 -10.61 34.80 -30.75
CA VAL G 93 -9.37 35.31 -30.17
C VAL G 93 -9.62 36.63 -29.44
N LEU G 94 -10.49 37.48 -30.00
CA LEU G 94 -10.85 38.72 -29.31
C LEU G 94 -11.52 38.41 -27.98
N ALA G 95 -12.45 37.46 -27.96
CA ALA G 95 -13.11 37.07 -26.73
C ALA G 95 -12.11 36.52 -25.72
N GLN G 96 -11.18 35.68 -26.18
CA GLN G 96 -10.17 35.14 -25.27
C GLN G 96 -9.34 36.24 -24.64
N ALA G 97 -8.90 37.21 -25.44
CA ALA G 97 -8.06 38.28 -24.91
C ALA G 97 -8.84 39.13 -23.90
N ILE G 98 -10.07 39.51 -24.25
CA ILE G 98 -10.88 40.31 -23.33
C ILE G 98 -11.13 39.55 -22.03
N ILE G 99 -11.48 38.27 -22.14
CA ILE G 99 -11.77 37.48 -20.95
C ILE G 99 -10.53 37.34 -20.07
N THR G 100 -9.38 37.06 -20.68
CA THR G 100 -8.16 36.91 -19.88
C THR G 100 -7.84 38.20 -19.13
N GLU G 101 -7.81 39.33 -19.83
CA GLU G 101 -7.45 40.57 -19.15
C GLU G 101 -8.52 40.98 -18.13
N GLY G 102 -9.80 40.78 -18.45
CA GLY G 102 -10.85 41.15 -17.52
C GLY G 102 -10.86 40.29 -16.28
N LEU G 103 -10.61 38.99 -16.42
CA LEU G 103 -10.53 38.12 -15.24
C LEU G 103 -9.30 38.44 -14.41
N LYS G 104 -8.18 38.82 -15.04
CA LYS G 104 -7.04 39.28 -14.27
C LYS G 104 -7.39 40.53 -13.47
N ALA G 105 -8.08 41.48 -14.10
CA ALA G 105 -8.49 42.70 -13.40
C ALA G 105 -9.47 42.40 -12.28
N VAL G 106 -10.39 41.46 -12.49
CA VAL G 106 -11.33 41.07 -11.45
C VAL G 106 -10.59 40.44 -10.27
N ALA G 107 -9.62 39.56 -10.56
CA ALA G 107 -8.78 39.00 -9.51
C ALA G 107 -7.97 40.08 -8.80
N ALA G 108 -7.71 41.21 -9.47
CA ALA G 108 -7.08 42.34 -8.80
C ALA G 108 -8.01 43.03 -7.80
N GLY G 109 -9.31 42.68 -7.80
CA GLY G 109 -10.25 43.27 -6.88
C GLY G 109 -11.16 44.33 -7.47
N MET G 110 -11.10 44.56 -8.78
CA MET G 110 -11.91 45.58 -9.40
C MET G 110 -13.34 45.09 -9.61
N ASN G 111 -14.26 46.03 -9.71
CA ASN G 111 -15.68 45.71 -9.85
C ASN G 111 -15.97 45.14 -11.22
N PRO G 112 -16.51 43.92 -11.34
CA PRO G 112 -16.80 43.37 -12.67
C PRO G 112 -17.79 44.20 -13.47
N MET G 113 -18.80 44.78 -12.82
CA MET G 113 -19.80 45.55 -13.56
C MET G 113 -19.20 46.79 -14.21
N ASP G 114 -18.33 47.50 -13.48
CA ASP G 114 -17.68 48.66 -14.05
C ASP G 114 -16.75 48.25 -15.19
N LEU G 115 -16.08 47.11 -15.05
CA LEU G 115 -15.25 46.60 -16.14
C LEU G 115 -16.08 46.32 -17.38
N LYS G 116 -17.25 45.69 -17.21
CA LYS G 116 -18.13 45.42 -18.33
C LYS G 116 -18.63 46.71 -18.97
N ARG G 117 -18.95 47.71 -18.14
CA ARG G 117 -19.38 49.00 -18.67
C ARG G 117 -18.27 49.65 -19.50
N GLY G 118 -17.04 49.60 -19.00
CA GLY G 118 -15.93 50.14 -19.76
C GLY G 118 -15.71 49.41 -21.07
N ILE G 119 -15.82 48.08 -21.05
CA ILE G 119 -15.67 47.28 -22.27
C ILE G 119 -16.74 47.68 -23.28
N ASP G 120 -17.99 47.80 -22.82
CA ASP G 120 -19.08 48.16 -23.72
C ASP G 120 -18.89 49.56 -24.31
N LYS G 121 -18.46 50.51 -23.48
CA LYS G 121 -18.23 51.87 -23.98
C LYS G 121 -17.12 51.88 -25.02
N ALA G 122 -16.01 51.18 -24.73
CA ALA G 122 -14.90 51.14 -25.68
C ALA G 122 -15.32 50.46 -26.98
N VAL G 123 -16.12 49.40 -26.89
CA VAL G 123 -16.53 48.68 -28.08
C VAL G 123 -17.51 49.50 -28.91
N THR G 124 -18.40 50.26 -28.25
CA THR G 124 -19.29 51.16 -28.99
C THR G 124 -18.50 52.24 -29.71
N ALA G 125 -17.51 52.83 -29.03
CA ALA G 125 -16.64 53.80 -29.69
C ALA G 125 -15.88 53.15 -30.84
N ALA G 126 -15.49 51.88 -30.67
CA ALA G 126 -14.80 51.15 -31.74
C ALA G 126 -15.71 50.93 -32.93
N VAL G 127 -16.99 50.63 -32.69
CA VAL G 127 -17.94 50.47 -33.78
C VAL G 127 -18.10 51.78 -34.53
N GLU G 128 -18.19 52.89 -33.80
CA GLU G 128 -18.27 54.19 -34.45
C GLU G 128 -17.02 54.47 -35.29
N GLU G 129 -15.84 54.17 -34.73
CA GLU G 129 -14.60 54.41 -35.46
C GLU G 129 -14.49 53.52 -36.69
N LEU G 130 -14.93 52.28 -36.59
CA LEU G 130 -14.93 51.39 -37.75
C LEU G 130 -15.88 51.89 -38.83
N LYS G 131 -17.06 52.38 -38.43
CA LYS G 131 -17.97 52.98 -39.39
C LYS G 131 -17.34 54.18 -40.08
N ALA G 132 -16.61 55.00 -39.32
CA ALA G 132 -15.93 56.14 -39.91
C ALA G 132 -14.82 55.70 -40.87
N LEU G 133 -14.10 54.64 -40.52
CA LEU G 133 -12.95 54.19 -41.30
C LEU G 133 -13.35 53.40 -42.54
N SER G 134 -14.57 52.89 -42.60
CA SER G 134 -14.98 52.05 -43.72
C SER G 134 -15.04 52.85 -45.02
N VAL G 135 -14.85 52.16 -46.13
CA VAL G 135 -14.93 52.77 -47.45
C VAL G 135 -16.11 52.15 -48.19
N PRO G 136 -16.88 52.93 -48.96
CA PRO G 136 -18.04 52.37 -49.64
C PRO G 136 -17.68 51.34 -50.69
N CYS G 137 -18.58 50.39 -50.89
CA CYS G 137 -18.44 49.32 -51.88
C CYS G 137 -19.74 49.16 -52.66
N SER G 138 -20.32 50.29 -53.08
CA SER G 138 -21.60 50.30 -53.78
C SER G 138 -21.45 50.13 -55.28
N ASP G 139 -20.41 50.72 -55.88
CA ASP G 139 -20.23 50.65 -57.32
C ASP G 139 -19.86 49.23 -57.75
N SER G 140 -20.06 48.96 -59.05
CA SER G 140 -19.80 47.63 -59.57
C SER G 140 -18.32 47.28 -59.56
N LYS G 141 -17.45 48.27 -59.77
CA LYS G 141 -16.01 48.00 -59.79
C LYS G 141 -15.54 47.49 -58.44
N ALA G 142 -15.94 48.16 -57.35
CA ALA G 142 -15.53 47.73 -56.02
C ALA G 142 -16.15 46.38 -55.66
N ILE G 143 -17.39 46.14 -56.09
CA ILE G 143 -18.03 44.86 -55.86
C ILE G 143 -17.25 43.74 -56.52
N ALA G 144 -16.88 43.94 -57.80
CA ALA G 144 -16.09 42.95 -58.50
C ALA G 144 -14.73 42.75 -57.85
N GLN G 145 -14.11 43.85 -57.39
CA GLN G 145 -12.80 43.76 -56.77
C GLN G 145 -12.85 42.94 -55.48
N VAL G 146 -13.84 43.21 -54.63
CA VAL G 146 -13.94 42.47 -53.37
C VAL G 146 -14.33 41.02 -53.63
N GLY G 147 -15.19 40.78 -54.62
CA GLY G 147 -15.54 39.40 -54.96
C GLY G 147 -14.34 38.62 -55.47
N THR G 148 -13.51 39.26 -56.29
CA THR G 148 -12.26 38.63 -56.72
C THR G 148 -11.34 38.34 -55.55
N ILE G 149 -11.19 39.31 -54.65
CA ILE G 149 -10.29 39.13 -53.51
C ILE G 149 -10.76 37.98 -52.63
N SER G 150 -12.09 37.85 -52.45
CA SER G 150 -12.63 36.86 -51.53
C SER G 150 -12.28 35.44 -51.96
N ALA G 151 -12.43 35.14 -53.25
CA ALA G 151 -12.21 33.79 -53.76
C ALA G 151 -10.80 33.64 -54.35
N ASN G 152 -9.80 33.90 -53.50
CA ASN G 152 -8.40 33.64 -53.81
C ASN G 152 -7.95 34.34 -55.10
N SER G 153 -8.34 35.61 -55.24
CA SER G 153 -7.89 36.46 -56.34
C SER G 153 -8.25 35.87 -57.70
N ASP G 154 -9.52 35.55 -57.87
CA ASP G 154 -10.04 35.02 -59.13
C ASP G 154 -10.98 36.06 -59.74
N GLU G 155 -10.68 36.49 -60.97
CA GLU G 155 -11.44 37.56 -61.60
C GLU G 155 -12.81 37.08 -62.08
N THR G 156 -12.92 35.81 -62.48
CA THR G 156 -14.17 35.31 -63.03
C THR G 156 -15.30 35.35 -62.01
N VAL G 157 -15.01 34.94 -60.77
CA VAL G 157 -16.04 34.95 -59.73
C VAL G 157 -16.44 36.38 -59.40
N GLY G 158 -15.48 37.30 -59.36
CA GLY G 158 -15.81 38.69 -59.12
C GLY G 158 -16.69 39.28 -60.21
N LYS G 159 -16.37 38.97 -61.47
CA LYS G 159 -17.21 39.43 -62.58
C LYS G 159 -18.61 38.85 -62.50
N LEU G 160 -18.72 37.55 -62.18
CA LEU G 160 -20.03 36.93 -62.04
C LEU G 160 -20.84 37.59 -60.93
N ILE G 161 -20.20 37.83 -59.78
CA ILE G 161 -20.90 38.44 -58.64
C ILE G 161 -21.34 39.85 -58.98
N ALA G 162 -20.46 40.64 -59.62
CA ALA G 162 -20.82 42.00 -59.99
C ALA G 162 -21.96 42.02 -61.01
N GLU G 163 -21.92 41.11 -61.99
CA GLU G 163 -22.99 41.04 -62.97
C GLU G 163 -24.32 40.65 -62.32
N ALA G 164 -24.28 39.71 -61.37
CA ALA G 164 -25.50 39.36 -60.65
C ALA G 164 -26.04 40.53 -59.85
N MET G 165 -25.15 41.27 -59.16
CA MET G 165 -25.59 42.44 -58.41
C MET G 165 -26.21 43.49 -59.32
N ASP G 166 -25.60 43.71 -60.49
CA ASP G 166 -26.17 44.68 -61.43
C ASP G 166 -27.50 44.20 -62.00
N LYS G 167 -27.65 42.89 -62.19
CA LYS G 167 -28.87 42.37 -62.80
C LYS G 167 -30.04 42.40 -61.83
N VAL G 168 -29.82 41.99 -60.58
CA VAL G 168 -30.92 41.85 -59.62
C VAL G 168 -30.90 42.94 -58.55
N GLY G 169 -29.79 43.61 -58.32
CA GLY G 169 -29.72 44.59 -57.26
C GLY G 169 -28.93 44.04 -56.07
N LYS G 170 -28.30 44.96 -55.34
CA LYS G 170 -27.51 44.56 -54.18
C LYS G 170 -28.39 43.94 -53.09
N GLU G 171 -29.65 44.38 -52.98
CA GLU G 171 -30.58 43.80 -52.05
C GLU G 171 -31.35 42.61 -52.63
N GLY G 172 -31.06 42.25 -53.88
CA GLY G 172 -31.75 41.14 -54.51
C GLY G 172 -31.26 39.79 -54.01
N VAL G 173 -31.94 38.75 -54.49
CA VAL G 173 -31.66 37.38 -54.09
C VAL G 173 -30.81 36.72 -55.17
N ILE G 174 -29.65 36.20 -54.78
CA ILE G 174 -28.73 35.53 -55.69
C ILE G 174 -28.48 34.12 -55.17
N THR G 175 -28.67 33.13 -56.03
CA THR G 175 -28.43 31.73 -55.69
C THR G 175 -27.50 31.12 -56.73
N VAL G 176 -26.64 30.21 -56.28
CA VAL G 176 -25.66 29.56 -57.14
C VAL G 176 -26.07 28.11 -57.33
N GLU G 177 -26.22 27.70 -58.59
CA GLU G 177 -26.66 26.35 -58.93
C GLU G 177 -25.64 25.72 -59.88
N ASP G 178 -25.76 24.41 -60.05
CA ASP G 178 -24.87 23.68 -60.93
C ASP G 178 -25.06 24.11 -62.38
N GLY G 179 -23.94 24.30 -63.08
CA GLY G 179 -23.97 24.67 -64.49
C GLY G 179 -23.84 23.42 -65.36
N THR G 180 -24.68 23.36 -66.40
CA THR G 180 -24.66 22.20 -67.28
C THR G 180 -23.33 22.09 -68.04
N GLY G 181 -22.81 23.20 -68.53
CA GLY G 181 -21.60 23.21 -69.32
C GLY G 181 -20.47 23.98 -68.66
N LEU G 182 -19.38 24.11 -69.43
CA LEU G 182 -18.21 24.84 -68.95
C LEU G 182 -18.51 26.32 -68.75
N GLN G 183 -19.27 26.91 -69.67
CA GLN G 183 -19.55 28.34 -69.58
C GLN G 183 -20.44 28.65 -68.39
N ASP G 184 -20.16 29.78 -67.73
CA ASP G 184 -20.97 30.22 -66.60
C ASP G 184 -22.23 30.91 -67.11
N GLU G 185 -23.37 30.54 -66.55
CA GLU G 185 -24.66 31.07 -66.96
C GLU G 185 -25.30 31.80 -65.78
N LEU G 186 -25.84 33.00 -66.05
CA LEU G 186 -26.52 33.79 -65.04
C LEU G 186 -27.84 34.28 -65.60
N ASP G 187 -28.92 34.07 -64.86
CA ASP G 187 -30.25 34.49 -65.29
C ASP G 187 -31.12 34.73 -64.07
N VAL G 188 -32.20 35.48 -64.27
CA VAL G 188 -33.14 35.82 -63.21
C VAL G 188 -34.43 35.04 -63.43
N VAL G 189 -34.88 34.35 -62.39
CA VAL G 189 -36.12 33.57 -62.46
C VAL G 189 -37.12 34.12 -61.46
N GLU G 190 -38.32 33.56 -61.44
CA GLU G 190 -39.37 33.99 -60.52
C GLU G 190 -39.23 33.24 -59.21
N GLY G 191 -39.01 33.98 -58.13
CA GLY G 191 -38.82 33.36 -56.83
C GLY G 191 -38.75 34.41 -55.75
N MET G 192 -38.64 33.93 -54.52
CA MET G 192 -38.62 34.80 -53.36
C MET G 192 -37.84 34.14 -52.24
N GLN G 193 -37.38 34.96 -51.30
CA GLN G 193 -36.60 34.51 -50.15
C GLN G 193 -37.16 35.12 -48.88
N PHE G 194 -37.31 34.29 -47.85
CA PHE G 194 -37.78 34.72 -46.55
C PHE G 194 -36.92 34.12 -45.45
N ASP G 195 -36.86 34.81 -44.31
CA ASP G 195 -35.86 34.56 -43.28
C ASP G 195 -36.18 33.38 -42.38
N ARG G 196 -37.37 32.78 -42.51
CA ARG G 196 -37.69 31.64 -41.67
C ARG G 196 -36.85 30.43 -42.06
N GLY G 197 -36.47 29.64 -41.06
CA GLY G 197 -35.61 28.49 -41.27
C GLY G 197 -36.29 27.18 -40.91
N TYR G 198 -35.52 26.11 -41.01
CA TYR G 198 -36.02 24.78 -40.68
C TYR G 198 -36.30 24.65 -39.19
N LEU G 199 -37.28 23.82 -38.86
CA LEU G 199 -37.61 23.59 -37.46
C LEU G 199 -36.47 22.87 -36.74
N SER G 200 -35.92 21.83 -37.36
CA SER G 200 -34.86 21.04 -36.77
C SER G 200 -33.77 20.81 -37.81
N PRO G 201 -32.52 20.68 -37.37
CA PRO G 201 -31.43 20.43 -38.34
C PRO G 201 -31.53 19.07 -39.03
N TYR G 202 -32.33 18.14 -38.51
CA TYR G 202 -32.36 16.78 -39.03
C TYR G 202 -32.95 16.67 -40.43
N PHE G 203 -33.58 17.71 -40.95
CA PHE G 203 -34.02 17.71 -42.34
C PHE G 203 -32.91 18.05 -43.31
N ILE G 204 -31.66 18.10 -42.85
CA ILE G 204 -30.56 18.51 -43.72
C ILE G 204 -30.35 17.50 -44.85
N ASN G 205 -29.78 17.97 -45.95
CA ASN G 205 -29.45 17.14 -47.10
C ASN G 205 -27.95 17.05 -47.35
N LYS G 206 -27.26 18.19 -47.37
CA LYS G 206 -25.81 18.23 -47.46
C LYS G 206 -25.25 18.86 -46.19
N PRO G 207 -24.75 18.07 -45.24
CA PRO G 207 -24.25 18.66 -43.97
C PRO G 207 -23.06 19.58 -44.17
N GLU G 208 -22.34 19.48 -45.29
CA GLU G 208 -21.17 20.32 -45.50
C GLU G 208 -21.53 21.80 -45.55
N THR G 209 -22.61 22.14 -46.25
CA THR G 209 -23.04 23.52 -46.37
C THR G 209 -24.06 23.93 -45.31
N GLY G 210 -24.55 23.00 -44.52
CA GLY G 210 -25.54 23.33 -43.49
C GLY G 210 -26.84 23.86 -44.05
N ALA G 211 -27.36 23.25 -45.12
CA ALA G 211 -28.58 23.72 -45.75
C ALA G 211 -29.36 22.53 -46.28
N VAL G 212 -30.65 22.76 -46.55
CA VAL G 212 -31.56 21.76 -47.08
C VAL G 212 -31.90 22.13 -48.52
N GLU G 213 -31.69 21.18 -49.43
CA GLU G 213 -31.95 21.39 -50.85
C GLU G 213 -32.91 20.31 -51.36
N LEU G 214 -33.98 20.74 -52.01
CA LEU G 214 -34.96 19.84 -52.60
C LEU G 214 -35.12 20.18 -54.07
N GLU G 215 -34.94 19.19 -54.93
CA GLU G 215 -35.04 19.37 -56.37
C GLU G 215 -36.47 19.11 -56.81
N SER G 216 -37.13 20.14 -57.34
CA SER G 216 -38.53 20.07 -57.74
C SER G 216 -39.43 19.53 -56.65
N PRO G 217 -39.56 20.23 -55.52
CA PRO G 217 -40.40 19.75 -54.43
C PRO G 217 -41.83 20.25 -54.53
N PHE G 218 -42.68 19.71 -53.64
CA PHE G 218 -44.07 20.11 -53.52
C PHE G 218 -44.23 21.05 -52.33
N ILE G 219 -45.08 22.05 -52.47
CA ILE G 219 -45.25 23.10 -51.48
C ILE G 219 -46.61 22.94 -50.83
N LEU G 220 -46.63 22.78 -49.51
CA LEU G 220 -47.87 22.76 -48.74
C LEU G 220 -48.11 24.14 -48.13
N LEU G 221 -49.34 24.61 -48.24
CA LEU G 221 -49.70 25.99 -47.89
C LEU G 221 -50.88 25.95 -46.93
N ALA G 222 -50.60 25.97 -45.63
CA ALA G 222 -51.62 25.86 -44.59
C ALA G 222 -51.60 27.10 -43.71
N ASP G 223 -52.79 27.63 -43.44
CA ASP G 223 -52.97 28.76 -42.53
C ASP G 223 -53.24 28.32 -41.10
N LYS G 224 -52.83 27.11 -40.72
CA LYS G 224 -53.09 26.57 -39.40
C LYS G 224 -51.85 25.85 -38.88
N LYS G 225 -51.76 25.75 -37.56
CA LYS G 225 -50.66 25.05 -36.94
C LYS G 225 -50.75 23.55 -37.19
N ILE G 226 -49.60 22.90 -37.23
CA ILE G 226 -49.50 21.47 -37.52
C ILE G 226 -49.17 20.74 -36.23
N SER G 227 -50.04 19.80 -35.85
CA SER G 227 -49.85 19.02 -34.64
C SER G 227 -49.95 17.52 -34.87
N ASN G 228 -50.81 17.08 -35.79
CA ASN G 228 -51.04 15.67 -36.05
C ASN G 228 -50.74 15.36 -37.51
N ILE G 229 -50.07 14.23 -37.75
CA ILE G 229 -49.75 13.83 -39.12
C ILE G 229 -51.00 13.35 -39.84
N ARG G 230 -52.03 12.90 -39.10
CA ARG G 230 -53.22 12.37 -39.72
C ARG G 230 -53.97 13.42 -40.54
N GLU G 231 -53.75 14.71 -40.27
CA GLU G 231 -54.40 15.76 -41.05
C GLU G 231 -53.94 15.74 -42.50
N MET G 232 -52.65 15.53 -42.73
CA MET G 232 -52.08 15.56 -44.08
C MET G 232 -51.45 14.22 -44.46
N LEU G 233 -51.77 13.14 -43.75
CA LEU G 233 -51.20 11.84 -44.07
C LEU G 233 -51.52 11.39 -45.50
N PRO G 234 -52.76 11.50 -46.00
CA PRO G 234 -52.97 11.18 -47.42
C PRO G 234 -52.15 12.04 -48.37
N VAL G 235 -51.95 13.33 -48.03
CA VAL G 235 -51.12 14.18 -48.86
C VAL G 235 -49.68 13.71 -48.86
N LEU G 236 -49.16 13.32 -47.68
CA LEU G 236 -47.81 12.80 -47.61
C LEU G 236 -47.66 11.51 -48.41
N GLU G 237 -48.66 10.63 -48.33
CA GLU G 237 -48.63 9.40 -49.12
C GLU G 237 -48.65 9.70 -50.61
N ALA G 238 -49.47 10.67 -51.03
CA ALA G 238 -49.52 11.04 -52.45
C ALA G 238 -48.19 11.60 -52.91
N VAL G 239 -47.54 12.43 -52.08
CA VAL G 239 -46.23 12.96 -52.42
C VAL G 239 -45.21 11.83 -52.54
N ALA G 240 -45.26 10.86 -51.63
CA ALA G 240 -44.35 9.72 -51.69
C ALA G 240 -44.56 8.92 -52.96
N LYS G 241 -45.83 8.71 -53.34
CA LYS G 241 -46.12 8.00 -54.58
C LYS G 241 -45.62 8.77 -55.80
N ALA G 242 -45.77 10.10 -55.78
CA ALA G 242 -45.37 10.90 -56.93
C ALA G 242 -43.85 10.88 -57.14
N GLY G 243 -43.08 10.58 -56.10
CA GLY G 243 -41.64 10.52 -56.22
C GLY G 243 -40.94 11.86 -56.21
N LYS G 244 -41.61 12.92 -55.79
CA LYS G 244 -41.04 14.25 -55.73
C LYS G 244 -40.95 14.73 -54.28
N PRO G 245 -40.00 15.61 -53.97
CA PRO G 245 -39.85 16.08 -52.59
C PRO G 245 -41.03 16.96 -52.17
N LEU G 246 -41.07 17.24 -50.87
CA LEU G 246 -42.13 18.05 -50.27
C LEU G 246 -41.51 19.11 -49.37
N LEU G 247 -42.09 20.30 -49.38
CA LEU G 247 -41.72 21.37 -48.48
C LEU G 247 -42.93 21.79 -47.67
N ILE G 248 -42.75 21.96 -46.37
CA ILE G 248 -43.86 22.21 -45.44
C ILE G 248 -43.69 23.62 -44.89
N ILE G 249 -44.63 24.51 -45.21
CA ILE G 249 -44.66 25.85 -44.65
C ILE G 249 -46.08 26.14 -44.19
N ALA G 250 -46.21 26.50 -42.91
CA ALA G 250 -47.50 26.78 -42.30
C ALA G 250 -47.25 27.64 -41.06
N GLU G 251 -48.28 27.78 -40.22
CA GLU G 251 -48.13 28.58 -39.00
C GLU G 251 -47.05 28.01 -38.10
N ASP G 252 -47.09 26.70 -37.87
CA ASP G 252 -46.07 26.01 -37.07
C ASP G 252 -46.29 24.51 -37.19
N VAL G 253 -45.19 23.76 -37.07
CA VAL G 253 -45.22 22.30 -37.06
C VAL G 253 -44.57 21.84 -35.77
N GLU G 254 -45.26 20.97 -35.04
CA GLU G 254 -44.76 20.48 -33.76
C GLU G 254 -45.48 19.20 -33.40
N GLY G 255 -44.92 18.49 -32.42
CA GLY G 255 -45.59 17.32 -31.87
C GLY G 255 -45.31 16.04 -32.65
N GLU G 256 -46.34 15.18 -32.70
CA GLU G 256 -46.20 13.87 -33.33
C GLU G 256 -45.94 14.00 -34.83
N ALA G 257 -46.55 14.99 -35.49
CA ALA G 257 -46.29 15.19 -36.91
C ALA G 257 -44.82 15.55 -37.15
N LEU G 258 -44.28 16.46 -36.33
CA LEU G 258 -42.88 16.80 -36.45
C LEU G 258 -41.99 15.59 -36.18
N ALA G 259 -42.34 14.80 -35.15
CA ALA G 259 -41.53 13.63 -34.82
C ALA G 259 -41.52 12.63 -35.96
N THR G 260 -42.68 12.35 -36.55
CA THR G 260 -42.73 11.38 -37.64
C THR G 260 -42.06 11.92 -38.90
N LEU G 261 -42.14 13.22 -39.15
CA LEU G 261 -41.39 13.79 -40.27
C LEU G 261 -39.89 13.66 -40.06
N VAL G 262 -39.42 13.91 -38.83
CA VAL G 262 -37.99 13.76 -38.54
C VAL G 262 -37.57 12.32 -38.72
N VAL G 263 -38.37 11.37 -38.23
CA VAL G 263 -38.03 9.96 -38.37
C VAL G 263 -37.99 9.56 -39.84
N ASN G 264 -38.98 9.99 -40.63
CA ASN G 264 -39.02 9.65 -42.04
C ASN G 264 -37.83 10.25 -42.79
N THR G 265 -37.47 11.49 -42.47
CA THR G 265 -36.36 12.14 -43.16
C THR G 265 -35.03 11.48 -42.79
N MET G 266 -34.84 11.15 -41.51
CA MET G 266 -33.60 10.50 -41.10
C MET G 266 -33.50 9.10 -41.71
N ARG G 267 -34.61 8.37 -41.76
CA ARG G 267 -34.61 7.07 -42.45
C ARG G 267 -34.50 7.24 -43.96
N GLY G 268 -34.94 8.38 -44.49
CA GLY G 268 -34.86 8.64 -45.91
C GLY G 268 -35.97 8.06 -46.75
N ILE G 269 -36.98 7.43 -46.14
CA ILE G 269 -38.08 6.85 -46.90
C ILE G 269 -38.84 7.95 -47.66
N VAL G 270 -39.14 9.06 -46.98
CA VAL G 270 -39.74 10.23 -47.59
C VAL G 270 -38.94 11.45 -47.15
N LYS G 271 -38.46 12.24 -48.10
CA LYS G 271 -37.65 13.41 -47.80
C LYS G 271 -38.53 14.66 -47.85
N VAL G 272 -38.52 15.43 -46.77
CA VAL G 272 -39.40 16.59 -46.63
C VAL G 272 -38.77 17.55 -45.63
N ALA G 273 -38.95 18.85 -45.88
CA ALA G 273 -38.45 19.90 -45.02
C ALA G 273 -39.59 20.77 -44.52
N ALA G 274 -39.52 21.13 -43.24
CA ALA G 274 -40.55 21.94 -42.59
C ALA G 274 -39.98 23.30 -42.22
N VAL G 275 -40.67 24.36 -42.63
CA VAL G 275 -40.27 25.74 -42.36
C VAL G 275 -41.48 26.52 -41.89
N LYS G 276 -41.31 27.36 -40.88
CA LYS G 276 -42.40 28.20 -40.41
C LYS G 276 -42.73 29.27 -41.45
N ALA G 277 -43.97 29.76 -41.39
CA ALA G 277 -44.38 30.82 -42.29
C ALA G 277 -43.73 32.15 -41.88
N PRO G 278 -43.45 33.03 -42.83
CA PRO G 278 -42.87 34.33 -42.48
C PRO G 278 -43.88 35.23 -41.79
N GLY G 279 -43.37 36.10 -40.92
CA GLY G 279 -44.22 37.06 -40.24
C GLY G 279 -45.20 36.41 -39.28
N PHE G 280 -46.25 37.17 -38.97
CA PHE G 280 -47.31 36.69 -38.07
C PHE G 280 -48.59 37.47 -38.36
N GLY G 281 -49.71 36.77 -38.34
CA GLY G 281 -51.00 37.40 -38.49
C GLY G 281 -51.44 37.67 -39.92
N ASP G 282 -52.05 38.83 -40.15
CA ASP G 282 -52.55 39.17 -41.47
C ASP G 282 -51.41 39.28 -42.48
N ARG G 283 -50.28 39.84 -42.07
CA ARG G 283 -49.11 39.89 -42.95
C ARG G 283 -48.62 38.48 -43.29
N ARG G 284 -48.63 37.59 -42.31
CA ARG G 284 -48.24 36.20 -42.56
C ARG G 284 -49.17 35.55 -43.57
N LYS G 285 -50.49 35.75 -43.42
CA LYS G 285 -51.44 35.19 -44.37
C LYS G 285 -51.23 35.77 -45.77
N ALA G 286 -50.98 37.08 -45.85
CA ALA G 286 -50.76 37.72 -47.14
C ALA G 286 -49.50 37.19 -47.82
N MET G 287 -48.43 37.00 -47.05
CA MET G 287 -47.21 36.46 -47.63
C MET G 287 -47.38 34.98 -48.03
N LEU G 288 -48.17 34.22 -47.27
CA LEU G 288 -48.48 32.86 -47.68
C LEU G 288 -49.27 32.84 -48.98
N GLN G 289 -50.21 33.77 -49.14
CA GLN G 289 -50.95 33.86 -50.39
C GLN G 289 -50.04 34.30 -51.54
N ASP G 290 -49.06 35.15 -51.25
CA ASP G 290 -48.07 35.50 -52.26
C ASP G 290 -47.26 34.28 -52.68
N ILE G 291 -46.87 33.44 -51.71
CA ILE G 291 -46.18 32.20 -52.02
C ILE G 291 -47.06 31.31 -52.90
N ALA G 292 -48.35 31.25 -52.58
CA ALA G 292 -49.29 30.48 -53.39
C ALA G 292 -49.34 31.00 -54.83
N THR G 293 -49.41 32.32 -54.98
CA THR G 293 -49.43 32.90 -56.32
C THR G 293 -48.15 32.60 -57.08
N LEU G 294 -47.01 32.68 -56.40
CA LEU G 294 -45.73 32.42 -57.05
C LEU G 294 -45.60 30.97 -57.49
N THR G 295 -45.89 30.04 -56.58
CA THR G 295 -45.76 28.61 -56.87
C THR G 295 -46.98 28.02 -57.56
N GLY G 296 -48.06 28.79 -57.69
CA GLY G 296 -49.27 28.30 -58.33
C GLY G 296 -50.15 27.42 -57.48
N GLY G 297 -49.81 27.23 -56.20
CA GLY G 297 -50.59 26.39 -55.32
C GLY G 297 -51.78 27.13 -54.72
N THR G 298 -52.45 26.45 -53.80
CA THR G 298 -53.60 26.98 -53.10
C THR G 298 -53.38 26.90 -51.60
N VAL G 299 -53.72 27.98 -50.90
CA VAL G 299 -53.54 28.03 -49.44
C VAL G 299 -54.65 27.23 -48.77
N ILE G 300 -54.25 26.31 -47.89
CA ILE G 300 -55.20 25.49 -47.14
C ILE G 300 -55.52 26.27 -45.87
N SER G 301 -56.53 27.15 -45.96
CA SER G 301 -56.94 27.98 -44.85
C SER G 301 -58.19 27.38 -44.21
N GLU G 302 -58.20 27.31 -42.88
CA GLU G 302 -59.32 26.71 -42.17
C GLU G 302 -60.61 27.50 -42.39
N GLU G 303 -60.52 28.83 -42.38
CA GLU G 303 -61.72 29.66 -42.47
C GLU G 303 -62.35 29.59 -43.85
N ILE G 304 -61.55 29.42 -44.91
CA ILE G 304 -62.12 29.32 -46.25
C ILE G 304 -62.95 28.05 -46.38
N GLY G 305 -62.44 26.93 -45.89
CA GLY G 305 -63.21 25.69 -45.91
C GLY G 305 -62.46 24.42 -46.22
N MET G 306 -61.39 24.50 -47.03
CA MET G 306 -60.66 23.29 -47.36
C MET G 306 -59.83 22.81 -46.18
N GLU G 307 -59.53 21.52 -46.18
CA GLU G 307 -58.77 20.87 -45.12
C GLU G 307 -57.56 20.16 -45.72
N LEU G 308 -56.61 19.84 -44.85
CA LEU G 308 -55.41 19.12 -45.29
C LEU G 308 -55.73 17.71 -45.76
N GLU G 309 -56.78 17.10 -45.22
CA GLU G 309 -57.17 15.77 -45.65
C GLU G 309 -57.61 15.76 -47.10
N LYS G 310 -58.38 16.77 -47.52
CA LYS G 310 -58.89 16.85 -48.88
C LYS G 310 -57.90 17.48 -49.86
N ALA G 311 -56.74 17.92 -49.39
CA ALA G 311 -55.77 18.54 -50.28
C ALA G 311 -55.23 17.52 -51.27
N THR G 312 -55.06 17.95 -52.52
CA THR G 312 -54.58 17.11 -53.60
C THR G 312 -53.19 17.54 -54.03
N LEU G 313 -52.57 16.73 -54.89
CA LEU G 313 -51.24 17.05 -55.38
C LEU G 313 -51.25 18.30 -56.26
N GLU G 314 -52.33 18.54 -57.01
CA GLU G 314 -52.41 19.74 -57.82
C GLU G 314 -52.53 21.00 -56.98
N ASP G 315 -53.12 20.88 -55.79
CA ASP G 315 -53.16 22.02 -54.87
C ASP G 315 -51.77 22.39 -54.35
N LEU G 316 -50.86 21.43 -54.29
CA LEU G 316 -49.52 21.69 -53.79
C LEU G 316 -48.74 22.57 -54.77
N GLY G 317 -48.04 23.57 -54.23
CA GLY G 317 -47.21 24.40 -55.05
C GLY G 317 -45.98 23.68 -55.56
N GLN G 318 -45.42 24.20 -56.65
CA GLN G 318 -44.29 23.56 -57.31
C GLN G 318 -43.22 24.59 -57.63
N ALA G 319 -41.98 24.26 -57.31
CA ALA G 319 -40.83 25.09 -57.65
C ALA G 319 -39.72 24.19 -58.19
N LYS G 320 -38.87 24.76 -59.04
CA LYS G 320 -37.77 23.98 -59.61
C LYS G 320 -36.77 23.57 -58.54
N ARG G 321 -36.44 24.47 -57.63
CA ARG G 321 -35.48 24.17 -56.57
C ARG G 321 -35.75 25.09 -55.39
N VAL G 322 -35.51 24.56 -54.19
CA VAL G 322 -35.64 25.34 -52.96
C VAL G 322 -34.41 25.10 -52.10
N VAL G 323 -34.04 26.11 -51.32
CA VAL G 323 -32.91 26.04 -50.40
C VAL G 323 -33.39 26.50 -49.03
N ILE G 324 -33.14 25.67 -48.02
CA ILE G 324 -33.56 25.95 -46.65
C ILE G 324 -32.31 26.03 -45.77
N ASN G 325 -32.17 27.14 -45.04
CA ASN G 325 -31.08 27.35 -44.11
C ASN G 325 -31.66 27.82 -42.79
N LYS G 326 -30.87 27.68 -41.72
CA LYS G 326 -31.31 28.11 -40.39
C LYS G 326 -31.61 29.60 -40.35
N ASP G 327 -30.95 30.40 -41.19
CA ASP G 327 -31.14 31.85 -41.20
C ASP G 327 -32.15 32.32 -42.24
N THR G 328 -32.45 31.52 -43.25
CA THR G 328 -33.34 31.95 -44.33
C THR G 328 -33.78 30.74 -45.14
N THR G 329 -34.85 30.94 -45.90
CA THR G 329 -35.36 29.93 -46.84
C THR G 329 -35.55 30.59 -48.19
N THR G 330 -35.11 29.92 -49.24
CA THR G 330 -35.10 30.46 -50.59
C THR G 330 -35.99 29.63 -51.50
N ILE G 331 -36.84 30.30 -52.28
CA ILE G 331 -37.66 29.67 -53.30
C ILE G 331 -37.11 30.10 -54.66
N ILE G 332 -36.77 29.13 -55.50
CA ILE G 332 -36.08 29.39 -56.76
C ILE G 332 -36.93 28.82 -57.90
N ASP G 333 -37.23 29.69 -58.88
CA ASP G 333 -37.88 29.29 -60.13
C ASP G 333 -39.20 28.56 -59.87
N GLY G 334 -40.03 29.14 -59.00
CA GLY G 334 -41.35 28.61 -58.78
C GLY G 334 -42.23 28.72 -60.00
N VAL G 335 -42.74 27.60 -60.48
CA VAL G 335 -43.54 27.58 -61.71
C VAL G 335 -44.93 28.11 -61.39
N GLY G 336 -45.40 29.05 -62.20
CA GLY G 336 -46.71 29.63 -62.01
C GLY G 336 -47.04 30.58 -63.15
N GLU G 337 -48.29 31.03 -63.16
CA GLU G 337 -48.74 31.95 -64.19
C GLU G 337 -48.08 33.31 -63.99
N GLU G 338 -47.33 33.76 -64.98
CA GLU G 338 -46.67 35.07 -64.88
C GLU G 338 -47.70 36.19 -64.81
N ALA G 339 -48.76 36.09 -65.62
CA ALA G 339 -49.82 37.11 -65.58
C ALA G 339 -50.43 37.20 -64.19
N ALA G 340 -50.55 36.07 -63.49
CA ALA G 340 -50.99 36.10 -62.10
C ALA G 340 -50.01 36.87 -61.23
N ILE G 341 -48.72 36.74 -61.50
CA ILE G 341 -47.71 37.48 -60.73
C ILE G 341 -47.87 38.98 -60.96
N GLN G 342 -48.03 39.39 -62.22
CA GLN G 342 -48.22 40.81 -62.49
C GLN G 342 -49.52 41.33 -61.86
N GLY G 343 -50.59 40.53 -61.90
CA GLY G 343 -51.81 40.94 -61.25
C GLY G 343 -51.65 41.10 -59.75
N ARG G 344 -50.95 40.16 -59.11
CA ARG G 344 -50.74 40.24 -57.67
C ARG G 344 -49.88 41.45 -57.30
N VAL G 345 -48.81 41.71 -58.06
CA VAL G 345 -47.98 42.87 -57.74
C VAL G 345 -48.72 44.17 -58.00
N ALA G 346 -49.60 44.19 -59.02
CA ALA G 346 -50.42 45.37 -59.24
C ALA G 346 -51.40 45.58 -58.09
N GLN G 347 -51.97 44.49 -57.57
CA GLN G 347 -52.84 44.61 -56.40
C GLN G 347 -52.09 45.14 -55.20
N ILE G 348 -50.86 44.65 -54.98
CA ILE G 348 -50.06 45.15 -53.86
C ILE G 348 -49.72 46.62 -54.06
N ARG G 349 -49.41 47.03 -55.29
CA ARG G 349 -49.09 48.43 -55.54
C ARG G 349 -50.30 49.33 -55.33
N GLN G 350 -51.49 48.90 -55.75
CA GLN G 350 -52.68 49.70 -55.48
C GLN G 350 -53.03 49.71 -54.00
N GLN G 351 -52.69 48.64 -53.28
CA GLN G 351 -52.81 48.66 -51.82
C GLN G 351 -51.87 49.68 -51.21
N ILE G 352 -50.66 49.79 -51.74
CA ILE G 352 -49.74 50.85 -51.32
C ILE G 352 -50.34 52.22 -51.58
N GLU G 353 -50.95 52.37 -52.77
CA GLU G 353 -51.55 53.65 -53.13
C GLU G 353 -52.68 54.03 -52.17
N GLU G 354 -53.49 53.05 -51.77
CA GLU G 354 -54.57 53.29 -50.82
C GLU G 354 -54.13 53.15 -49.37
N ALA G 355 -52.86 52.83 -49.12
CA ALA G 355 -52.37 52.71 -47.76
C ALA G 355 -52.33 54.07 -47.08
N THR G 356 -52.36 54.04 -45.75
CA THR G 356 -52.40 55.26 -44.93
C THR G 356 -51.12 55.45 -44.13
N SER G 357 -50.73 54.47 -43.32
CA SER G 357 -49.57 54.63 -42.45
C SER G 357 -48.29 54.32 -43.21
N ASP G 358 -47.18 54.89 -42.71
CA ASP G 358 -45.89 54.66 -43.34
C ASP G 358 -45.38 53.25 -43.09
N TYR G 359 -45.68 52.68 -41.92
CA TYR G 359 -45.26 51.32 -41.63
C TYR G 359 -45.89 50.32 -42.58
N ASP G 360 -47.22 50.43 -42.78
CA ASP G 360 -47.89 49.55 -43.72
C ASP G 360 -47.40 49.78 -45.15
N ARG G 361 -47.18 51.04 -45.51
CA ARG G 361 -46.67 51.33 -46.85
C ARG G 361 -45.31 50.67 -47.07
N GLU G 362 -44.42 50.78 -46.08
CA GLU G 362 -43.10 50.16 -46.21
C GLU G 362 -43.18 48.64 -46.26
N LYS G 363 -44.08 48.05 -45.46
CA LYS G 363 -44.22 46.60 -45.46
C LYS G 363 -44.73 46.10 -46.81
N LEU G 364 -45.75 46.77 -47.35
CA LEU G 364 -46.25 46.41 -48.67
C LEU G 364 -45.21 46.62 -49.76
N GLN G 365 -44.42 47.70 -49.65
CA GLN G 365 -43.36 47.93 -50.62
C GLN G 365 -42.31 46.83 -50.57
N GLU G 366 -41.93 46.41 -49.36
CA GLU G 366 -40.96 45.32 -49.22
C GLU G 366 -41.52 44.04 -49.80
N ARG G 367 -42.79 43.74 -49.53
CA ARG G 367 -43.40 42.52 -50.05
C ARG G 367 -43.47 42.53 -51.57
N VAL G 368 -43.87 43.66 -52.17
CA VAL G 368 -43.94 43.70 -53.63
C VAL G 368 -42.55 43.66 -54.24
N ALA G 369 -41.55 44.26 -53.60
CA ALA G 369 -40.19 44.18 -54.11
C ALA G 369 -39.68 42.74 -54.08
N LYS G 370 -39.94 42.03 -52.98
CA LYS G 370 -39.50 40.65 -52.89
C LYS G 370 -40.28 39.73 -53.83
N LEU G 371 -41.52 40.11 -54.17
CA LEU G 371 -42.30 39.30 -55.10
C LEU G 371 -41.92 39.55 -56.56
N ALA G 372 -41.54 40.78 -56.91
CA ALA G 372 -41.29 41.14 -58.29
C ALA G 372 -39.82 41.10 -58.69
N GLY G 373 -38.89 41.25 -57.73
CA GLY G 373 -37.48 41.26 -58.08
C GLY G 373 -37.00 39.93 -58.62
N GLY G 374 -37.55 38.83 -58.09
CA GLY G 374 -37.14 37.51 -58.52
C GLY G 374 -35.82 37.08 -57.90
N VAL G 375 -35.34 35.92 -58.36
CA VAL G 375 -34.11 35.33 -57.86
C VAL G 375 -33.14 35.17 -59.02
N ALA G 376 -31.95 35.72 -58.87
CA ALA G 376 -30.89 35.57 -59.86
C ALA G 376 -30.13 34.28 -59.59
N VAL G 377 -30.03 33.42 -60.61
CA VAL G 377 -29.41 32.11 -60.48
C VAL G 377 -28.07 32.14 -61.20
N ILE G 378 -27.01 31.80 -60.46
CA ILE G 378 -25.66 31.72 -61.02
C ILE G 378 -25.34 30.25 -61.26
N LYS G 379 -25.11 29.90 -62.52
CA LYS G 379 -24.79 28.52 -62.91
C LYS G 379 -23.28 28.44 -63.11
N VAL G 380 -22.57 28.02 -62.06
CA VAL G 380 -21.12 27.91 -62.14
C VAL G 380 -20.75 26.74 -63.04
N GLY G 381 -19.83 26.99 -63.97
CA GLY G 381 -19.42 25.98 -64.93
C GLY G 381 -17.95 25.67 -64.83
N ALA G 382 -17.60 24.42 -65.10
CA ALA G 382 -16.22 23.96 -65.07
C ALA G 382 -16.13 22.71 -65.94
N ALA G 383 -15.02 21.99 -65.81
CA ALA G 383 -14.79 20.75 -66.55
C ALA G 383 -14.82 19.52 -65.67
N THR G 384 -14.03 19.51 -64.60
CA THR G 384 -13.97 18.38 -63.68
C THR G 384 -14.91 18.61 -62.50
N GLU G 385 -15.45 17.51 -61.97
CA GLU G 385 -16.42 17.61 -60.88
C GLU G 385 -15.81 18.24 -59.63
N VAL G 386 -14.59 17.83 -59.28
CA VAL G 386 -13.96 18.33 -58.06
C VAL G 386 -13.67 19.82 -58.19
N GLU G 387 -13.12 20.24 -59.33
CA GLU G 387 -12.88 21.67 -59.54
C GLU G 387 -14.18 22.44 -59.64
N MET G 388 -15.24 21.82 -60.16
CA MET G 388 -16.55 22.46 -60.19
C MET G 388 -17.06 22.72 -58.77
N LYS G 389 -16.93 21.73 -57.88
CA LYS G 389 -17.34 21.91 -56.49
C LYS G 389 -16.49 22.96 -55.80
N GLU G 390 -15.18 22.97 -56.05
CA GLU G 390 -14.31 23.98 -55.46
C GLU G 390 -14.71 25.37 -55.93
N LYS G 391 -15.00 25.53 -57.22
CA LYS G 391 -15.43 26.81 -57.74
C LYS G 391 -16.78 27.22 -57.15
N LYS G 392 -17.68 26.27 -56.96
CA LYS G 392 -18.98 26.58 -56.35
C LYS G 392 -18.80 27.08 -54.91
N ALA G 393 -17.93 26.41 -54.15
CA ALA G 393 -17.66 26.86 -52.78
C ALA G 393 -17.03 28.25 -52.78
N ARG G 394 -16.10 28.50 -53.70
CA ARG G 394 -15.49 29.83 -53.81
C ARG G 394 -16.53 30.89 -54.15
N VAL G 395 -17.46 30.55 -55.05
CA VAL G 395 -18.50 31.51 -55.42
C VAL G 395 -19.43 31.78 -54.23
N GLU G 396 -19.75 30.75 -53.46
CA GLU G 396 -20.55 30.95 -52.25
C GLU G 396 -19.85 31.90 -51.28
N ASP G 397 -18.56 31.65 -51.02
CA ASP G 397 -17.82 32.51 -50.10
C ASP G 397 -17.75 33.94 -50.62
N ALA G 398 -17.47 34.10 -51.92
CA ALA G 398 -17.40 35.44 -52.50
C ALA G 398 -18.74 36.14 -52.44
N LEU G 399 -19.83 35.41 -52.67
CA LEU G 399 -21.16 36.02 -52.59
C LEU G 399 -21.47 36.50 -51.17
N HIS G 400 -21.14 35.68 -50.17
CA HIS G 400 -21.36 36.10 -48.79
C HIS G 400 -20.52 37.33 -48.45
N ALA G 401 -19.25 37.32 -48.84
CA ALA G 401 -18.38 38.46 -48.55
C ALA G 401 -18.87 39.72 -49.26
N THR G 402 -19.32 39.59 -50.51
CA THR G 402 -19.82 40.75 -51.25
C THR G 402 -21.12 41.26 -50.65
N ARG G 403 -21.98 40.36 -50.17
CA ARG G 403 -23.18 40.80 -49.48
C ARG G 403 -22.84 41.59 -48.23
N ALA G 404 -21.88 41.11 -47.45
CA ALA G 404 -21.43 41.86 -46.28
C ALA G 404 -20.87 43.22 -46.67
N ALA G 405 -20.08 43.25 -47.75
CA ALA G 405 -19.46 44.50 -48.19
C ALA G 405 -20.51 45.52 -48.62
N VAL G 406 -21.46 45.11 -49.47
CA VAL G 406 -22.50 46.02 -49.89
C VAL G 406 -23.41 46.40 -48.72
N GLU G 407 -23.46 45.56 -47.68
CA GLU G 407 -24.22 45.93 -46.49
C GLU G 407 -23.52 47.05 -45.72
N GLU G 408 -22.21 46.91 -45.48
CA GLU G 408 -21.52 47.86 -44.60
C GLU G 408 -20.16 48.31 -45.10
N GLY G 409 -19.79 48.05 -46.35
CA GLY G 409 -18.48 48.45 -46.82
C GLY G 409 -17.40 47.49 -46.39
N VAL G 410 -16.15 47.88 -46.68
CA VAL G 410 -14.98 47.08 -46.34
C VAL G 410 -13.98 47.97 -45.59
N VAL G 411 -13.15 47.31 -44.80
CA VAL G 411 -12.08 47.97 -44.05
C VAL G 411 -10.78 47.23 -44.32
N ALA G 412 -9.68 47.84 -43.86
CA ALA G 412 -8.35 47.27 -44.02
C ALA G 412 -8.26 45.93 -43.29
N GLY G 413 -8.09 44.85 -44.04
CA GLY G 413 -8.11 43.51 -43.47
C GLY G 413 -6.81 43.13 -42.80
N GLY G 414 -6.72 41.85 -42.44
CA GLY G 414 -5.56 41.35 -41.74
C GLY G 414 -5.47 41.74 -40.28
N GLY G 415 -6.59 42.14 -39.68
CA GLY G 415 -6.58 42.52 -38.28
C GLY G 415 -6.04 43.89 -37.99
N VAL G 416 -5.81 44.72 -39.01
CA VAL G 416 -5.25 46.05 -38.78
C VAL G 416 -6.32 47.13 -38.60
N ALA G 417 -7.57 46.85 -39.00
CA ALA G 417 -8.64 47.78 -38.69
C ALA G 417 -8.82 47.93 -37.19
N LEU G 418 -8.75 46.81 -36.45
CA LEU G 418 -8.90 46.86 -35.01
C LEU G 418 -7.76 47.63 -34.35
N ILE G 419 -6.53 47.42 -34.81
CA ILE G 419 -5.39 48.13 -34.22
C ILE G 419 -5.46 49.62 -34.54
N ARG G 420 -5.91 49.97 -35.75
CA ARG G 420 -6.09 51.38 -36.09
C ARG G 420 -7.17 52.01 -35.20
N VAL G 421 -8.26 51.30 -34.98
CA VAL G 421 -9.32 51.81 -34.12
C VAL G 421 -8.82 51.99 -32.70
N ALA G 422 -8.04 51.03 -32.20
CA ALA G 422 -7.47 51.15 -30.86
C ALA G 422 -6.53 52.33 -30.76
N SER G 423 -5.71 52.55 -31.80
CA SER G 423 -4.83 53.71 -31.80
C SER G 423 -5.63 55.00 -31.76
N LYS G 424 -6.74 55.06 -32.51
CA LYS G 424 -7.58 56.25 -32.48
C LYS G 424 -8.27 56.44 -31.14
N LEU G 425 -8.64 55.34 -30.47
CA LEU G 425 -9.42 55.39 -29.24
C LEU G 425 -8.56 55.39 -27.98
N ALA G 426 -7.23 55.34 -28.11
CA ALA G 426 -6.35 55.32 -26.95
C ALA G 426 -6.60 56.43 -25.95
N ASP G 427 -7.35 57.47 -26.32
CA ASP G 427 -7.62 58.59 -25.43
C ASP G 427 -9.00 58.52 -24.79
N LEU G 428 -9.69 57.39 -24.87
CA LEU G 428 -11.01 57.26 -24.27
C LEU G 428 -10.90 57.15 -22.75
N ARG G 429 -11.95 57.61 -22.07
CA ARG G 429 -12.01 57.61 -20.62
C ARG G 429 -13.42 57.28 -20.15
N GLY G 430 -13.52 56.82 -18.90
CA GLY G 430 -14.80 56.48 -18.31
C GLY G 430 -14.99 57.18 -16.98
N GLN G 431 -16.19 56.97 -16.42
CA GLN G 431 -16.53 57.61 -15.15
C GLN G 431 -15.67 57.08 -14.00
N ASN G 432 -15.45 55.77 -13.96
CA ASN G 432 -14.72 55.14 -12.87
C ASN G 432 -13.38 54.62 -13.37
N GLU G 433 -12.45 54.44 -12.43
CA GLU G 433 -11.14 53.89 -12.78
C GLU G 433 -11.26 52.48 -13.32
N ASP G 434 -12.18 51.68 -12.77
CA ASP G 434 -12.41 50.34 -13.29
C ASP G 434 -12.91 50.39 -14.72
N GLN G 435 -13.72 51.40 -15.05
CA GLN G 435 -14.17 51.57 -16.43
C GLN G 435 -12.99 51.88 -17.35
N ASN G 436 -12.05 52.70 -16.88
CA ASN G 436 -10.84 52.97 -17.66
C ASN G 436 -10.01 51.71 -17.86
N VAL G 437 -9.91 50.88 -16.82
CA VAL G 437 -9.19 49.62 -16.94
C VAL G 437 -9.88 48.72 -17.95
N GLY G 438 -11.21 48.69 -17.94
CA GLY G 438 -11.93 47.92 -18.93
C GLY G 438 -11.72 48.43 -20.34
N ILE G 439 -11.66 49.75 -20.51
CA ILE G 439 -11.37 50.32 -21.82
C ILE G 439 -9.98 49.90 -22.29
N LYS G 440 -9.00 49.93 -21.38
CA LYS G 440 -7.65 49.50 -21.74
C LYS G 440 -7.64 48.02 -22.10
N VAL G 441 -8.39 47.20 -21.38
CA VAL G 441 -8.53 45.78 -21.69
C VAL G 441 -9.09 45.60 -23.10
N ALA G 442 -10.14 46.35 -23.42
CA ALA G 442 -10.75 46.25 -24.74
C ALA G 442 -9.77 46.65 -25.83
N LEU G 443 -8.99 47.73 -25.59
CA LEU G 443 -8.02 48.17 -26.57
C LEU G 443 -6.92 47.12 -26.79
N ARG G 444 -6.38 46.56 -25.70
CA ARG G 444 -5.33 45.55 -25.85
C ARG G 444 -5.85 44.31 -26.56
N ALA G 445 -7.06 43.88 -26.22
CA ALA G 445 -7.66 42.75 -26.91
C ALA G 445 -7.89 43.07 -28.38
N MET G 446 -8.22 44.32 -28.69
CA MET G 446 -8.36 44.74 -30.09
C MET G 446 -7.03 44.66 -30.81
N GLU G 447 -5.94 44.98 -30.09
CA GLU G 447 -4.61 44.80 -30.64
C GLU G 447 -4.29 43.34 -30.89
N ALA G 448 -4.81 42.45 -30.05
CA ALA G 448 -4.39 41.04 -30.03
C ALA G 448 -4.47 40.31 -31.37
N PRO G 449 -5.56 40.41 -32.16
CA PRO G 449 -5.63 39.56 -33.37
C PRO G 449 -4.50 39.78 -34.37
N LEU G 450 -4.06 41.02 -34.57
CA LEU G 450 -2.94 41.27 -35.45
C LEU G 450 -1.67 40.64 -34.90
N ARG G 451 -1.48 40.72 -33.58
CA ARG G 451 -0.33 40.07 -32.95
C ARG G 451 -0.36 38.58 -33.17
N GLN G 452 -1.54 37.96 -33.05
CA GLN G 452 -1.67 36.53 -33.30
C GLN G 452 -1.35 36.19 -34.75
N ILE G 453 -1.84 37.00 -35.68
CA ILE G 453 -1.57 36.74 -37.10
C ILE G 453 -0.07 36.80 -37.38
N VAL G 454 0.59 37.85 -36.89
CA VAL G 454 2.02 38.00 -37.17
C VAL G 454 2.87 37.03 -36.36
N LEU G 455 2.33 36.48 -35.27
CA LEU G 455 3.02 35.40 -34.57
C LEU G 455 2.90 34.10 -35.33
N ASN G 456 1.74 33.85 -35.94
CA ASN G 456 1.60 32.72 -36.85
C ASN G 456 2.55 32.87 -38.03
N CYS G 457 2.75 34.10 -38.51
CA CYS G 457 3.71 34.36 -39.57
C CYS G 457 5.15 34.11 -39.16
N GLY G 458 5.43 33.97 -37.86
CA GLY G 458 6.77 33.76 -37.37
C GLY G 458 7.58 35.01 -37.16
N GLU G 459 6.99 36.19 -37.32
CA GLU G 459 7.69 37.45 -37.11
C GLU G 459 7.51 37.89 -35.65
N GLU G 460 8.01 39.08 -35.34
CA GLU G 460 7.91 39.62 -33.99
C GLU G 460 6.57 40.31 -33.80
N PRO G 461 5.74 39.89 -32.85
CA PRO G 461 4.41 40.48 -32.70
C PRO G 461 4.43 41.94 -32.25
N SER G 462 5.19 42.23 -31.18
CA SER G 462 5.17 43.55 -30.59
C SER G 462 5.69 44.61 -31.56
N VAL G 463 6.78 44.30 -32.28
CA VAL G 463 7.37 45.28 -33.19
C VAL G 463 6.41 45.58 -34.33
N VAL G 464 5.79 44.55 -34.91
CA VAL G 464 4.85 44.76 -36.00
C VAL G 464 3.63 45.55 -35.51
N ALA G 465 3.13 45.21 -34.33
CA ALA G 465 1.98 45.93 -33.79
C ALA G 465 2.31 47.41 -33.57
N ASN G 466 3.49 47.69 -33.01
CA ASN G 466 3.91 49.08 -32.81
C ASN G 466 4.06 49.81 -34.13
N THR G 467 4.65 49.15 -35.14
CA THR G 467 4.84 49.77 -36.44
C THR G 467 3.50 50.11 -37.08
N VAL G 468 2.52 49.20 -36.99
CA VAL G 468 1.20 49.47 -37.56
C VAL G 468 0.50 50.57 -36.77
N LYS G 469 0.69 50.60 -35.45
CA LYS G 469 0.11 51.67 -34.64
C LYS G 469 0.68 53.02 -35.02
N GLY G 470 1.98 53.07 -35.35
CA GLY G 470 2.59 54.33 -35.73
C GLY G 470 1.98 54.94 -36.98
N GLY G 471 1.57 54.10 -37.93
CA GLY G 471 0.96 54.59 -39.15
C GLY G 471 -0.49 55.02 -38.94
N ASP G 472 -1.07 55.52 -40.03
CA ASP G 472 -2.44 56.02 -40.00
C ASP G 472 -3.18 55.53 -41.24
N GLY G 473 -4.50 55.62 -41.18
CA GLY G 473 -5.31 55.16 -42.30
C GLY G 473 -5.27 53.65 -42.42
N ASN G 474 -5.42 53.16 -43.65
CA ASN G 474 -5.43 51.74 -43.93
C ASN G 474 -4.04 51.13 -43.98
N TYR G 475 -3.02 51.86 -43.53
CA TYR G 475 -1.66 51.34 -43.52
C TYR G 475 -1.54 50.18 -42.53
N GLY G 476 -0.76 49.18 -42.91
CA GLY G 476 -0.58 48.02 -42.05
C GLY G 476 0.48 47.09 -42.59
N TYR G 477 0.59 45.94 -41.94
CA TYR G 477 1.59 44.93 -42.28
C TYR G 477 0.90 43.75 -42.94
N ASN G 478 1.30 43.45 -44.18
CA ASN G 478 0.72 42.31 -44.89
C ASN G 478 1.35 41.02 -44.37
N ALA G 479 0.48 40.05 -44.05
CA ALA G 479 0.97 38.79 -43.51
C ALA G 479 1.61 37.93 -44.58
N ALA G 480 1.02 37.89 -45.78
CA ALA G 480 1.52 37.01 -46.83
C ALA G 480 2.88 37.48 -47.36
N THR G 481 3.01 38.77 -47.65
CA THR G 481 4.23 39.29 -48.26
C THR G 481 5.27 39.72 -47.25
N GLU G 482 4.94 39.71 -45.95
CA GLU G 482 5.87 40.08 -44.89
C GLU G 482 6.47 41.48 -45.10
N GLU G 483 5.64 42.40 -45.57
CA GLU G 483 6.08 43.78 -45.78
C GLU G 483 4.87 44.70 -45.73
N TYR G 484 5.11 45.93 -45.27
CA TYR G 484 4.05 46.87 -44.95
C TYR G 484 3.48 47.51 -46.21
N GLY G 485 2.38 48.22 -46.04
CA GLY G 485 1.72 48.89 -47.14
C GLY G 485 0.28 49.18 -46.82
N ASN G 486 -0.45 49.62 -47.85
CA ASN G 486 -1.85 49.98 -47.71
C ASN G 486 -2.71 48.77 -48.04
N MET G 487 -3.57 48.37 -47.11
CA MET G 487 -4.35 47.15 -47.27
C MET G 487 -5.30 47.25 -48.46
N ILE G 488 -5.92 48.41 -48.65
CA ILE G 488 -6.90 48.55 -49.73
C ILE G 488 -6.26 48.31 -51.09
N ASP G 489 -5.08 48.89 -51.32
CA ASP G 489 -4.41 48.72 -52.60
C ASP G 489 -3.80 47.33 -52.74
N MET G 490 -3.25 46.78 -51.67
CA MET G 490 -2.57 45.49 -51.73
C MET G 490 -3.53 44.32 -51.81
N GLY G 491 -4.83 44.52 -51.57
CA GLY G 491 -5.81 43.48 -51.75
C GLY G 491 -6.20 42.70 -50.53
N ILE G 492 -5.84 43.14 -49.33
CA ILE G 492 -6.22 42.48 -48.10
C ILE G 492 -7.44 43.23 -47.56
N LEU G 493 -8.63 42.77 -47.95
CA LEU G 493 -9.88 43.39 -47.49
C LEU G 493 -10.54 42.53 -46.43
N ASP G 494 -11.47 43.15 -45.70
CA ASP G 494 -12.26 42.52 -44.67
C ASP G 494 -13.52 43.37 -44.60
N PRO G 495 -14.70 42.80 -44.84
CA PRO G 495 -15.93 43.59 -44.76
C PRO G 495 -16.13 44.17 -43.36
N THR G 496 -16.64 45.40 -43.33
CA THR G 496 -16.83 46.09 -42.05
C THR G 496 -17.81 45.34 -41.16
N LYS G 497 -18.83 44.73 -41.76
CA LYS G 497 -19.82 43.99 -40.98
C LYS G 497 -19.17 42.83 -40.24
N VAL G 498 -18.23 42.13 -40.89
CA VAL G 498 -17.60 40.96 -40.27
C VAL G 498 -16.82 41.39 -39.03
N THR G 499 -15.97 42.40 -39.17
CA THR G 499 -15.18 42.86 -38.03
C THR G 499 -16.05 43.43 -36.93
N ARG G 500 -17.07 44.21 -37.30
CA ARG G 500 -17.96 44.80 -36.31
C ARG G 500 -18.69 43.71 -35.53
N SER G 501 -19.23 42.71 -36.22
CA SER G 501 -19.95 41.64 -35.54
C SER G 501 -19.01 40.82 -34.66
N ALA G 502 -17.82 40.51 -35.16
CA ALA G 502 -16.86 39.77 -34.35
C ALA G 502 -16.54 40.53 -33.06
N LEU G 503 -16.24 41.81 -33.19
CA LEU G 503 -15.92 42.62 -32.01
C LEU G 503 -17.09 42.69 -31.04
N GLN G 504 -18.31 42.90 -31.56
CA GLN G 504 -19.47 43.07 -30.70
C GLN G 504 -19.79 41.78 -29.95
N TYR G 505 -19.82 40.64 -30.66
CA TYR G 505 -20.11 39.38 -29.99
C TYR G 505 -19.02 38.98 -29.01
N ALA G 506 -17.74 39.23 -29.37
CA ALA G 506 -16.67 38.96 -28.44
C ALA G 506 -16.80 39.81 -27.18
N ALA G 507 -17.13 41.09 -27.33
CA ALA G 507 -17.33 41.95 -26.18
C ALA G 507 -18.50 41.49 -25.33
N SER G 508 -19.61 41.10 -25.96
CA SER G 508 -20.78 40.65 -25.23
C SER G 508 -20.46 39.40 -24.41
N VAL G 509 -19.83 38.40 -25.05
CA VAL G 509 -19.52 37.17 -24.32
C VAL G 509 -18.50 37.44 -23.24
N ALA G 510 -17.54 38.34 -23.48
CA ALA G 510 -16.53 38.63 -22.47
C ALA G 510 -17.14 39.31 -21.26
N GLY G 511 -18.04 40.29 -21.48
CA GLY G 511 -18.70 40.93 -20.36
C GLY G 511 -19.58 39.97 -19.60
N LEU G 512 -20.35 39.14 -20.31
CA LEU G 512 -21.19 38.15 -19.65
C LEU G 512 -20.37 37.19 -18.82
N MET G 513 -19.22 36.75 -19.36
CA MET G 513 -18.42 35.76 -18.66
C MET G 513 -17.64 36.38 -17.51
N ILE G 514 -17.29 37.66 -17.61
CA ILE G 514 -16.62 38.36 -16.52
C ILE G 514 -17.59 38.58 -15.36
N THR G 515 -18.82 38.99 -15.66
CA THR G 515 -19.82 39.20 -14.62
C THR G 515 -20.44 37.90 -14.11
N THR G 516 -19.82 36.76 -14.43
CA THR G 516 -20.29 35.46 -13.97
C THR G 516 -19.76 35.18 -12.57
N GLU G 517 -20.63 34.64 -11.71
CA GLU G 517 -20.26 34.34 -10.34
C GLU G 517 -20.54 32.89 -9.92
N CYS G 518 -21.45 32.19 -10.60
CA CYS G 518 -21.86 30.86 -10.17
C CYS G 518 -22.18 29.99 -11.38
N MET G 519 -22.15 28.68 -11.15
CA MET G 519 -22.50 27.69 -12.15
C MET G 519 -23.24 26.51 -11.52
N VAL G 520 -23.94 25.76 -12.37
CA VAL G 520 -24.66 24.56 -11.99
C VAL G 520 -24.43 23.52 -13.07
N THR G 521 -23.80 22.40 -12.71
CA THR G 521 -23.53 21.33 -13.66
C THR G 521 -23.70 19.97 -12.99
N ASP G 522 -23.94 18.95 -13.80
CA ASP G 522 -24.08 17.59 -13.30
C ASP G 522 -22.74 17.08 -12.79
N LEU G 523 -22.81 16.14 -11.84
CA LEU G 523 -21.60 15.55 -11.28
C LEU G 523 -20.91 14.68 -12.33
N PRO G 524 -19.56 14.61 -12.29
CA PRO G 524 -18.78 13.78 -13.22
C PRO G 524 -19.16 12.30 -13.14
N ALA H 1 12.95 28.72 17.78
CA ALA H 1 12.86 27.89 16.59
C ALA H 1 11.55 28.14 15.85
N ALA H 2 11.19 27.21 14.97
CA ALA H 2 9.95 27.32 14.22
C ALA H 2 8.76 27.22 15.17
N LYS H 3 7.75 28.06 14.93
CA LYS H 3 6.59 28.16 15.79
C LYS H 3 5.33 27.76 15.04
N ASP H 4 4.35 27.25 15.80
CA ASP H 4 3.03 26.92 15.28
C ASP H 4 2.03 27.93 15.81
N VAL H 5 1.22 28.49 14.92
CA VAL H 5 0.33 29.59 15.24
C VAL H 5 -1.11 29.18 14.90
N LYS H 6 -2.01 29.38 15.85
CA LYS H 6 -3.44 29.17 15.66
C LYS H 6 -4.18 30.49 15.85
N PHE H 7 -5.26 30.67 15.10
CA PHE H 7 -5.98 31.93 15.08
C PHE H 7 -7.46 31.70 15.36
N GLY H 8 -8.01 32.47 16.29
CA GLY H 8 -9.44 32.50 16.52
C GLY H 8 -10.07 31.23 17.06
N ASN H 9 -11.04 30.69 16.32
CA ASN H 9 -11.92 29.67 16.85
C ASN H 9 -11.18 28.39 17.22
N ASP H 10 -10.26 27.94 16.38
CA ASP H 10 -9.61 26.65 16.62
C ASP H 10 -8.68 26.73 17.83
N ALA H 11 -7.99 27.85 18.00
CA ALA H 11 -7.14 28.03 19.18
C ALA H 11 -7.97 27.97 20.46
N ARG H 12 -9.12 28.64 20.47
CA ARG H 12 -9.99 28.60 21.65
C ARG H 12 -10.58 27.20 21.85
N VAL H 13 -10.84 26.47 20.77
CA VAL H 13 -11.35 25.10 20.90
C VAL H 13 -10.29 24.21 21.56
N LYS H 14 -9.04 24.33 21.12
CA LYS H 14 -7.97 23.55 21.75
C LYS H 14 -7.79 23.94 23.20
N MET H 15 -7.88 25.25 23.50
CA MET H 15 -7.74 25.71 24.87
C MET H 15 -8.85 25.15 25.74
N LEU H 16 -10.08 25.14 25.21
CA LEU H 16 -11.21 24.57 25.94
C LEU H 16 -11.03 23.08 26.15
N ARG H 17 -10.49 22.37 25.16
CA ARG H 17 -10.25 20.93 25.33
C ARG H 17 -9.24 20.68 26.44
N GLY H 18 -8.15 21.45 26.46
CA GLY H 18 -7.19 21.28 27.54
C GLY H 18 -7.77 21.60 28.91
N VAL H 19 -8.53 22.68 29.00
CA VAL H 19 -9.17 23.05 30.26
C VAL H 19 -10.15 21.98 30.69
N ASN H 20 -10.91 21.43 29.74
CA ASN H 20 -11.87 20.37 30.06
C ASN H 20 -11.15 19.14 30.58
N VAL H 21 -10.03 18.76 29.95
CA VAL H 21 -9.28 17.60 30.41
C VAL H 21 -8.79 17.81 31.84
N LEU H 22 -8.16 18.96 32.10
CA LEU H 22 -7.63 19.22 33.43
C LEU H 22 -8.75 19.28 34.48
N ALA H 23 -9.86 19.94 34.14
CA ALA H 23 -10.94 20.11 35.09
C ALA H 23 -11.68 18.81 35.35
N ASP H 24 -11.79 17.94 34.34
CA ASP H 24 -12.36 16.63 34.59
C ASP H 24 -11.42 15.76 35.41
N ALA H 25 -10.11 15.93 35.23
CA ALA H 25 -9.15 15.21 36.06
C ALA H 25 -9.25 15.63 37.53
N VAL H 26 -9.40 16.93 37.78
CA VAL H 26 -9.36 17.41 39.16
C VAL H 26 -10.74 17.51 39.82
N LYS H 27 -11.82 17.49 39.05
CA LYS H 27 -13.15 17.77 39.59
C LYS H 27 -13.78 16.58 40.28
N VAL H 28 -13.31 15.36 40.00
CA VAL H 28 -13.86 14.18 40.66
C VAL H 28 -13.43 14.08 42.11
N THR H 29 -12.42 14.85 42.53
CA THR H 29 -11.96 14.87 43.91
C THR H 29 -12.54 16.05 44.69
N LEU H 30 -13.75 16.48 44.33
CA LEU H 30 -14.39 17.63 44.97
C LEU H 30 -15.54 17.15 45.83
N GLY H 31 -15.59 17.64 47.07
CA GLY H 31 -16.66 17.29 47.99
C GLY H 31 -16.30 16.13 48.89
N PRO H 32 -17.05 15.97 49.99
CA PRO H 32 -16.80 14.83 50.88
C PRO H 32 -16.96 13.48 50.20
N LYS H 33 -17.87 13.36 49.24
CA LYS H 33 -18.07 12.13 48.49
C LYS H 33 -17.27 12.11 47.19
N GLY H 34 -16.29 12.99 47.05
CA GLY H 34 -15.50 13.02 45.84
C GLY H 34 -14.70 11.76 45.64
N ARG H 35 -14.48 11.41 44.38
CA ARG H 35 -13.75 10.21 44.00
C ARG H 35 -12.25 10.45 44.16
N ASN H 36 -11.45 9.47 43.75
CA ASN H 36 -10.00 9.55 43.86
C ASN H 36 -9.35 9.27 42.51
N VAL H 37 -8.13 9.78 42.34
CA VAL H 37 -7.42 9.73 41.07
C VAL H 37 -6.11 8.98 41.28
N VAL H 38 -5.79 8.09 40.36
CA VAL H 38 -4.55 7.31 40.40
C VAL H 38 -3.49 8.01 39.56
N LEU H 39 -2.34 8.26 40.16
CA LEU H 39 -1.22 8.92 39.50
C LEU H 39 -0.02 8.00 39.45
N ASP H 40 0.63 7.93 38.28
CA ASP H 40 1.76 7.05 38.09
C ASP H 40 3.00 7.58 38.83
N LYS H 41 3.88 6.65 39.19
CA LYS H 41 5.19 6.99 39.72
C LYS H 41 6.22 6.09 39.07
N SER H 42 7.42 6.64 38.87
CA SER H 42 8.48 5.86 38.24
C SER H 42 8.94 4.72 39.12
N PHE H 43 8.76 4.83 40.45
CA PHE H 43 9.18 3.76 41.34
C PHE H 43 8.41 2.47 41.07
N GLY H 44 7.10 2.57 40.83
CA GLY H 44 6.31 1.40 40.52
C GLY H 44 4.96 1.38 41.20
N ALA H 45 4.87 1.98 42.39
CA ALA H 45 3.62 1.99 43.14
C ALA H 45 2.82 3.24 42.80
N PRO H 46 1.65 3.11 42.15
CA PRO H 46 0.85 4.30 41.86
C PRO H 46 0.29 4.93 43.12
N THR H 47 0.05 6.24 43.05
CA THR H 47 -0.44 7.02 44.18
C THR H 47 -1.94 7.27 44.01
N ILE H 48 -2.71 6.91 45.03
CA ILE H 48 -4.15 7.15 45.05
C ILE H 48 -4.41 8.36 45.95
N THR H 49 -5.04 9.39 45.41
CA THR H 49 -5.24 10.62 46.15
C THR H 49 -6.62 11.19 45.86
N LYS H 50 -7.19 11.83 46.88
CA LYS H 50 -8.42 12.61 46.75
C LYS H 50 -8.16 14.10 46.76
N ASP H 51 -6.90 14.51 46.62
CA ASP H 51 -6.52 15.92 46.66
C ASP H 51 -6.40 16.47 45.24
N GLY H 52 -7.11 17.57 44.99
CA GLY H 52 -7.06 18.19 43.67
C GLY H 52 -5.75 18.85 43.35
N VAL H 53 -4.98 19.25 44.36
CA VAL H 53 -3.70 19.93 44.11
C VAL H 53 -2.72 19.00 43.42
N SER H 54 -2.57 17.77 43.94
CA SER H 54 -1.65 16.83 43.32
C SER H 54 -2.10 16.43 41.92
N VAL H 55 -3.42 16.23 41.74
CA VAL H 55 -3.94 15.87 40.42
C VAL H 55 -3.65 16.99 39.42
N ALA H 56 -3.89 18.24 39.82
CA ALA H 56 -3.59 19.37 38.95
C ALA H 56 -2.11 19.45 38.64
N ARG H 57 -1.27 19.22 39.65
CA ARG H 57 0.18 19.27 39.43
C ARG H 57 0.63 18.22 38.44
N GLU H 58 0.05 17.01 38.51
CA GLU H 58 0.46 15.91 37.65
C GLU H 58 -0.10 16.02 36.24
N ILE H 59 -1.03 16.93 35.98
CA ILE H 59 -1.64 17.05 34.66
C ILE H 59 -0.69 17.82 33.74
N GLU H 60 -0.38 17.21 32.59
CA GLU H 60 0.40 17.87 31.55
C GLU H 60 0.13 17.14 30.24
N LEU H 61 -0.48 17.83 29.28
CA LEU H 61 -0.93 17.19 28.06
C LEU H 61 0.16 17.20 26.98
N GLU H 62 -0.11 16.44 25.91
CA GLU H 62 0.83 16.35 24.81
C GLU H 62 0.55 17.38 23.71
N ASP H 63 -0.71 17.76 23.51
CA ASP H 63 -1.02 18.80 22.55
C ASP H 63 -0.64 20.16 23.12
N LYS H 64 0.10 20.94 22.33
CA LYS H 64 0.72 22.15 22.86
C LYS H 64 -0.32 23.18 23.30
N PHE H 65 -1.40 23.34 22.53
CA PHE H 65 -2.39 24.36 22.85
C PHE H 65 -3.26 23.93 24.03
N GLU H 66 -3.67 22.65 24.05
CA GLU H 66 -4.32 22.10 25.22
C GLU H 66 -3.40 22.17 26.43
N ASN H 67 -2.11 21.97 26.21
CA ASN H 67 -1.14 22.11 27.30
C ASN H 67 -1.12 23.54 27.82
N MET H 68 -1.17 24.53 26.93
CA MET H 68 -1.21 25.92 27.40
C MET H 68 -2.45 26.18 28.24
N GLY H 69 -3.61 25.74 27.75
CA GLY H 69 -4.83 25.97 28.52
C GLY H 69 -4.77 25.32 29.89
N ALA H 70 -4.34 24.06 29.94
CA ALA H 70 -4.24 23.35 31.20
C ALA H 70 -3.24 24.02 32.13
N GLN H 71 -2.09 24.44 31.59
CA GLN H 71 -1.05 25.04 32.42
C GLN H 71 -1.48 26.40 32.96
N MET H 72 -2.21 27.19 32.16
CA MET H 72 -2.71 28.46 32.64
C MET H 72 -3.75 28.27 33.74
N VAL H 73 -4.68 27.33 33.56
CA VAL H 73 -5.65 27.07 34.62
C VAL H 73 -4.95 26.54 35.86
N LYS H 74 -3.92 25.71 35.67
CA LYS H 74 -3.12 25.22 36.79
C LYS H 74 -2.45 26.37 37.52
N GLU H 75 -1.89 27.32 36.76
CA GLU H 75 -1.20 28.45 37.36
C GLU H 75 -2.14 29.32 38.18
N VAL H 76 -3.33 29.61 37.64
CA VAL H 76 -4.26 30.46 38.39
C VAL H 76 -4.79 29.71 39.61
N ALA H 77 -5.01 28.40 39.48
CA ALA H 77 -5.43 27.62 40.64
C ALA H 77 -4.35 27.59 41.72
N SER H 78 -3.09 27.46 41.31
CA SER H 78 -1.99 27.48 42.28
C SER H 78 -1.85 28.86 42.92
N LYS H 79 -2.08 29.92 42.14
CA LYS H 79 -2.07 31.28 42.71
C LYS H 79 -3.16 31.43 43.75
N ALA H 80 -4.36 30.91 43.45
CA ALA H 80 -5.45 30.95 44.43
C ALA H 80 -5.10 30.16 45.68
N ASN H 81 -4.47 28.99 45.50
CA ASN H 81 -4.07 28.17 46.64
C ASN H 81 -3.04 28.90 47.51
N ASP H 82 -2.06 29.53 46.87
CA ASP H 82 -1.06 30.27 47.63
C ASP H 82 -1.68 31.46 48.36
N ALA H 83 -2.60 32.17 47.70
CA ALA H 83 -3.21 33.34 48.32
C ALA H 83 -4.10 32.95 49.49
N ALA H 84 -4.88 31.87 49.35
CA ALA H 84 -5.92 31.56 50.32
C ALA H 84 -5.68 30.28 51.11
N GLY H 85 -4.77 29.42 50.68
CA GLY H 85 -4.52 28.17 51.36
C GLY H 85 -5.39 27.00 50.94
N ASP H 86 -6.36 27.22 50.06
CA ASP H 86 -7.26 26.18 49.59
C ASP H 86 -7.98 26.71 48.36
N GLY H 87 -8.98 25.95 47.88
CA GLY H 87 -9.80 26.38 46.77
C GLY H 87 -9.26 26.07 45.40
N THR H 88 -8.24 25.21 45.28
CA THR H 88 -7.69 24.87 43.97
C THR H 88 -8.75 24.20 43.09
N THR H 89 -9.41 23.17 43.62
CA THR H 89 -10.42 22.46 42.84
C THR H 89 -11.61 23.37 42.54
N THR H 90 -12.05 24.16 43.52
CA THR H 90 -13.16 25.07 43.31
C THR H 90 -12.82 26.11 42.25
N ALA H 91 -11.61 26.68 42.32
CA ALA H 91 -11.20 27.66 41.32
C ALA H 91 -11.13 27.01 39.94
N THR H 92 -10.61 25.79 39.85
CA THR H 92 -10.48 25.13 38.56
C THR H 92 -11.85 24.83 37.95
N VAL H 93 -12.80 24.33 38.75
CA VAL H 93 -14.10 24.01 38.20
C VAL H 93 -14.86 25.29 37.84
N LEU H 94 -14.72 26.34 38.64
CA LEU H 94 -15.32 27.62 38.29
C LEU H 94 -14.76 28.14 36.99
N ALA H 95 -13.44 28.07 36.83
CA ALA H 95 -12.80 28.51 35.59
C ALA H 95 -13.29 27.70 34.41
N GLN H 96 -13.43 26.38 34.58
CA GLN H 96 -13.91 25.55 33.49
C GLN H 96 -15.31 25.95 33.07
N ALA H 97 -16.20 26.19 34.05
CA ALA H 97 -17.56 26.57 33.72
C ALA H 97 -17.59 27.91 32.97
N ILE H 98 -16.86 28.90 33.49
CA ILE H 98 -16.86 30.21 32.84
C ILE H 98 -16.28 30.10 31.44
N ILE H 99 -15.18 29.35 31.28
CA ILE H 99 -14.53 29.23 29.98
C ILE H 99 -15.46 28.57 28.98
N THR H 100 -16.11 27.47 29.38
CA THR H 100 -17.00 26.78 28.46
C THR H 100 -18.14 27.68 28.01
N GLU H 101 -18.84 28.30 28.97
CA GLU H 101 -19.98 29.13 28.60
C GLU H 101 -19.54 30.35 27.79
N GLY H 102 -18.44 30.98 28.18
CA GLY H 102 -17.97 32.16 27.46
C GLY H 102 -17.50 31.85 26.05
N LEU H 103 -16.82 30.72 25.87
CA LEU H 103 -16.41 30.33 24.52
C LEU H 103 -17.60 29.96 23.66
N LYS H 104 -18.63 29.34 24.25
CA LYS H 104 -19.86 29.11 23.50
C LYS H 104 -20.49 30.42 23.06
N ALA H 105 -20.54 31.40 23.96
CA ALA H 105 -21.10 32.71 23.62
C ALA H 105 -20.26 33.42 22.58
N VAL H 106 -18.94 33.26 22.64
CA VAL H 106 -18.06 33.86 21.64
C VAL H 106 -18.31 33.23 20.27
N ALA H 107 -18.43 31.90 20.23
CA ALA H 107 -18.77 31.22 18.99
C ALA H 107 -20.15 31.65 18.49
N ALA H 108 -21.02 32.11 19.39
CA ALA H 108 -22.28 32.69 18.99
C ALA H 108 -22.13 34.04 18.28
N GLY H 109 -20.94 34.62 18.29
CA GLY H 109 -20.71 35.89 17.64
C GLY H 109 -20.76 37.10 18.55
N MET H 110 -20.77 36.91 19.87
CA MET H 110 -20.82 38.02 20.80
C MET H 110 -19.42 38.57 21.06
N ASN H 111 -19.36 39.85 21.42
CA ASN H 111 -18.08 40.52 21.60
C ASN H 111 -17.34 39.97 22.81
N PRO H 112 -16.12 39.45 22.66
CA PRO H 112 -15.39 38.94 23.83
C PRO H 112 -15.13 39.99 24.90
N MET H 113 -14.86 41.23 24.50
CA MET H 113 -14.57 42.28 25.48
C MET H 113 -15.79 42.57 26.35
N ASP H 114 -16.98 42.66 25.74
CA ASP H 114 -18.20 42.88 26.50
C ASP H 114 -18.48 41.70 27.42
N LEU H 115 -18.23 40.49 26.95
CA LEU H 115 -18.40 39.32 27.80
C LEU H 115 -17.47 39.37 29.01
N LYS H 116 -16.20 39.73 28.79
CA LYS H 116 -15.26 39.85 29.89
C LYS H 116 -15.69 40.92 30.88
N ARG H 117 -16.18 42.06 30.37
CA ARG H 117 -16.64 43.13 31.26
C ARG H 117 -17.84 42.68 32.08
N GLY H 118 -18.77 41.96 31.46
CA GLY H 118 -19.92 41.45 32.20
C GLY H 118 -19.51 40.45 33.27
N ILE H 119 -18.56 39.56 32.94
CA ILE H 119 -18.07 38.60 33.92
C ILE H 119 -17.40 39.31 35.08
N ASP H 120 -16.59 40.33 34.78
CA ASP H 120 -15.90 41.08 35.83
C ASP H 120 -16.91 41.81 36.72
N LYS H 121 -17.94 42.42 36.13
CA LYS H 121 -18.96 43.09 36.92
C LYS H 121 -19.69 42.11 37.82
N ALA H 122 -20.08 40.95 37.27
CA ALA H 122 -20.78 39.95 38.06
C ALA H 122 -19.91 39.43 39.18
N VAL H 123 -18.62 39.23 38.92
CA VAL H 123 -17.73 38.70 39.95
C VAL H 123 -17.46 39.73 41.04
N THR H 124 -17.36 41.01 40.67
CA THR H 124 -17.22 42.05 41.68
C THR H 124 -18.46 42.12 42.57
N ALA H 125 -19.65 42.05 41.95
CA ALA H 125 -20.88 42.00 42.74
C ALA H 125 -20.92 40.75 43.62
N ALA H 126 -20.39 39.63 43.10
CA ALA H 126 -20.33 38.41 43.89
C ALA H 126 -19.40 38.55 45.08
N VAL H 127 -18.28 39.25 44.89
CA VAL H 127 -17.35 39.49 46.00
C VAL H 127 -18.01 40.35 47.06
N GLU H 128 -18.74 41.39 46.65
CA GLU H 128 -19.42 42.22 47.64
C GLU H 128 -20.54 41.45 48.34
N GLU H 129 -21.22 40.55 47.62
CA GLU H 129 -22.24 39.72 48.26
C GLU H 129 -21.63 38.73 49.24
N LEU H 130 -20.46 38.17 48.90
CA LEU H 130 -19.75 37.32 49.84
C LEU H 130 -19.34 38.08 51.09
N LYS H 131 -18.86 39.32 50.92
CA LYS H 131 -18.52 40.14 52.08
C LYS H 131 -19.75 40.42 52.94
N ALA H 132 -20.89 40.69 52.31
CA ALA H 132 -22.11 40.92 53.07
C ALA H 132 -22.57 39.66 53.80
N LEU H 133 -22.45 38.50 53.16
CA LEU H 133 -22.94 37.25 53.72
C LEU H 133 -22.00 36.67 54.78
N SER H 134 -20.72 37.02 54.75
CA SER H 134 -19.74 36.42 55.64
C SER H 134 -20.03 36.79 57.10
N VAL H 135 -19.74 35.86 57.99
CA VAL H 135 -19.89 36.08 59.43
C VAL H 135 -18.51 36.13 60.06
N PRO H 136 -18.28 36.96 61.07
CA PRO H 136 -16.94 37.10 61.63
C PRO H 136 -16.49 35.86 62.39
N CYS H 137 -15.18 35.76 62.54
CA CYS H 137 -14.54 34.69 63.32
C CYS H 137 -13.48 35.31 64.23
N SER H 138 -13.90 36.34 64.97
CA SER H 138 -12.99 37.09 65.83
C SER H 138 -12.89 36.49 67.23
N ASP H 139 -14.00 36.03 67.79
CA ASP H 139 -13.98 35.48 69.15
C ASP H 139 -13.18 34.17 69.18
N SER H 140 -12.61 33.90 70.36
CA SER H 140 -11.78 32.71 70.52
C SER H 140 -12.58 31.42 70.31
N LYS H 141 -13.84 31.41 70.73
CA LYS H 141 -14.67 30.22 70.53
C LYS H 141 -14.86 29.92 69.05
N ALA H 142 -15.12 30.94 68.25
CA ALA H 142 -15.26 30.74 66.80
C ALA H 142 -13.95 30.29 66.19
N ILE H 143 -12.83 30.84 66.65
CA ILE H 143 -11.52 30.42 66.14
C ILE H 143 -11.29 28.93 66.43
N ALA H 144 -11.57 28.51 67.66
CA ALA H 144 -11.41 27.11 68.03
C ALA H 144 -12.35 26.21 67.22
N GLN H 145 -13.58 26.66 67.01
CA GLN H 145 -14.55 25.86 66.27
C GLN H 145 -14.12 25.70 64.81
N VAL H 146 -13.62 26.78 64.20
CA VAL H 146 -13.13 26.70 62.83
C VAL H 146 -11.91 25.78 62.74
N GLY H 147 -10.99 25.91 63.70
CA GLY H 147 -9.83 25.03 63.71
C GLY H 147 -10.22 23.58 63.87
N THR H 148 -11.23 23.31 64.70
CA THR H 148 -11.73 21.94 64.85
C THR H 148 -12.31 21.43 63.53
N ILE H 149 -13.09 22.27 62.84
CA ILE H 149 -13.66 21.87 61.55
C ILE H 149 -12.55 21.54 60.56
N SER H 150 -11.52 22.39 60.51
CA SER H 150 -10.48 22.22 59.50
C SER H 150 -9.70 20.91 59.71
N ALA H 151 -9.47 20.54 60.97
CA ALA H 151 -8.68 19.34 61.27
C ALA H 151 -9.56 18.11 61.45
N ASN H 152 -10.41 17.84 60.46
CA ASN H 152 -11.23 16.62 60.42
C ASN H 152 -12.04 16.44 61.70
N SER H 153 -12.67 17.53 62.16
CA SER H 153 -13.53 17.52 63.35
C SER H 153 -12.80 17.01 64.59
N ASP H 154 -11.57 17.50 64.77
CA ASP H 154 -10.76 17.19 65.94
C ASP H 154 -10.72 18.42 66.84
N GLU H 155 -11.28 18.32 68.04
CA GLU H 155 -11.37 19.47 68.93
C GLU H 155 -10.00 19.89 69.44
N THR H 156 -9.05 18.96 69.55
CA THR H 156 -7.76 19.27 70.14
C THR H 156 -6.98 20.26 69.28
N VAL H 157 -6.94 20.02 67.96
CA VAL H 157 -6.19 20.91 67.08
C VAL H 157 -6.79 22.31 67.11
N GLY H 158 -8.12 22.39 67.05
CA GLY H 158 -8.78 23.68 67.16
C GLY H 158 -8.47 24.39 68.46
N LYS H 159 -8.44 23.63 69.56
CA LYS H 159 -8.15 24.24 70.86
C LYS H 159 -6.73 24.80 70.91
N LEU H 160 -5.74 24.02 70.49
CA LEU H 160 -4.37 24.53 70.45
C LEU H 160 -4.27 25.77 69.55
N ILE H 161 -4.92 25.72 68.38
CA ILE H 161 -4.92 26.90 67.52
C ILE H 161 -5.53 28.08 68.26
N ALA H 162 -6.57 27.83 69.07
CA ALA H 162 -7.21 28.89 69.82
C ALA H 162 -6.25 29.55 70.81
N GLU H 163 -5.59 28.75 71.66
CA GLU H 163 -4.76 29.42 72.66
C GLU H 163 -3.52 30.03 72.02
N ALA H 164 -2.98 29.42 70.97
CA ALA H 164 -1.85 30.01 70.27
C ALA H 164 -2.23 31.35 69.65
N MET H 165 -3.41 31.41 69.02
CA MET H 165 -3.88 32.65 68.41
C MET H 165 -4.12 33.72 69.46
N ASP H 166 -4.68 33.33 70.62
CA ASP H 166 -4.89 34.30 71.68
C ASP H 166 -3.57 34.79 72.26
N LYS H 167 -2.59 33.90 72.40
CA LYS H 167 -1.31 34.29 72.99
C LYS H 167 -0.53 35.21 72.08
N VAL H 168 -0.42 34.87 70.79
CA VAL H 168 0.38 35.67 69.89
C VAL H 168 -0.40 36.81 69.24
N GLY H 169 -1.72 36.72 69.22
CA GLY H 169 -2.54 37.72 68.57
C GLY H 169 -3.04 37.26 67.21
N LYS H 170 -4.09 37.92 66.74
CA LYS H 170 -4.68 37.57 65.45
C LYS H 170 -3.69 37.80 64.31
N GLU H 171 -2.93 38.89 64.36
CA GLU H 171 -1.92 39.18 63.37
C GLU H 171 -0.57 38.54 63.69
N GLY H 172 -0.48 37.81 64.79
CA GLY H 172 0.78 37.21 65.20
C GLY H 172 1.21 36.06 64.30
N VAL H 173 2.37 35.49 64.64
CA VAL H 173 2.99 34.41 63.89
C VAL H 173 2.90 33.13 64.69
N ILE H 174 2.38 32.08 64.06
CA ILE H 174 2.26 30.76 64.67
C ILE H 174 3.01 29.76 63.80
N THR H 175 3.86 28.95 64.42
CA THR H 175 4.66 27.95 63.72
C THR H 175 4.48 26.60 64.41
N VAL H 176 4.49 25.53 63.61
CA VAL H 176 4.24 24.18 64.10
C VAL H 176 5.54 23.41 64.07
N GLU H 177 5.86 22.74 65.18
CA GLU H 177 7.07 21.94 65.30
C GLU H 177 6.74 20.59 65.91
N ASP H 178 7.63 19.63 65.69
CA ASP H 178 7.45 18.30 66.25
C ASP H 178 7.56 18.34 67.77
N GLY H 179 6.71 17.56 68.43
CA GLY H 179 6.69 17.48 69.88
C GLY H 179 7.35 16.20 70.35
N THR H 180 8.29 16.35 71.29
CA THR H 180 9.01 15.19 71.81
C THR H 180 8.10 14.30 72.65
N GLY H 181 7.33 14.90 73.56
CA GLY H 181 6.45 14.14 74.43
C GLY H 181 5.09 13.86 73.81
N LEU H 182 4.30 13.07 74.54
CA LEU H 182 2.94 12.78 74.09
C LEU H 182 2.07 14.02 74.10
N GLN H 183 2.22 14.86 75.12
CA GLN H 183 1.42 16.06 75.23
C GLN H 183 1.84 17.09 74.20
N ASP H 184 1.13 18.22 74.19
CA ASP H 184 1.41 19.32 73.30
C ASP H 184 1.88 20.54 74.10
N GLU H 185 2.87 21.25 73.57
CA GLU H 185 3.48 22.37 74.24
C GLU H 185 3.38 23.62 73.38
N LEU H 186 3.07 24.75 74.02
CA LEU H 186 3.02 26.05 73.35
C LEU H 186 3.94 27.01 74.10
N ASP H 187 4.77 27.74 73.35
CA ASP H 187 5.68 28.70 73.95
C ASP H 187 5.91 29.83 72.97
N VAL H 188 6.34 30.97 73.51
CA VAL H 188 6.58 32.18 72.73
C VAL H 188 8.07 32.45 72.68
N VAL H 189 8.60 32.59 71.46
CA VAL H 189 10.02 32.86 71.25
C VAL H 189 10.16 34.10 70.38
N GLU H 190 11.37 34.67 70.39
CA GLU H 190 11.64 35.87 69.61
C GLU H 190 12.02 35.48 68.19
N GLY H 191 11.34 36.10 67.22
CA GLY H 191 11.60 35.78 65.83
C GLY H 191 10.95 36.79 64.92
N MET H 192 11.21 36.62 63.62
CA MET H 192 10.70 37.50 62.59
C MET H 192 10.13 36.68 61.43
N GLN H 193 9.19 37.30 60.70
CA GLN H 193 8.62 36.68 59.51
C GLN H 193 8.38 37.78 58.48
N PHE H 194 9.10 37.72 57.38
CA PHE H 194 8.93 38.66 56.27
C PHE H 194 8.47 37.90 55.03
N ASP H 195 7.97 38.65 54.05
CA ASP H 195 7.30 38.08 52.90
C ASP H 195 8.25 37.61 51.80
N ARG H 196 9.56 37.75 52.00
CA ARG H 196 10.50 37.28 51.00
C ARG H 196 10.59 35.76 51.02
N GLY H 197 10.70 35.16 49.82
CA GLY H 197 10.80 33.73 49.67
C GLY H 197 12.17 33.29 49.17
N TYR H 198 12.29 31.98 48.98
CA TYR H 198 13.54 31.43 48.48
C TYR H 198 13.77 31.85 47.04
N LEU H 199 15.04 32.08 46.70
CA LEU H 199 15.37 32.55 45.36
C LEU H 199 15.32 31.43 44.32
N SER H 200 15.54 30.19 44.73
CA SER H 200 15.49 29.05 43.82
C SER H 200 14.66 27.95 44.46
N PRO H 201 13.74 27.32 43.71
CA PRO H 201 12.95 26.21 44.28
C PRO H 201 13.78 25.00 44.63
N TYR H 202 15.01 24.89 44.12
CA TYR H 202 15.84 23.72 44.36
C TYR H 202 16.27 23.59 45.82
N PHE H 203 16.09 24.62 46.64
CA PHE H 203 16.48 24.56 48.04
C PHE H 203 15.42 23.91 48.92
N ILE H 204 14.29 23.48 48.36
CA ILE H 204 13.22 22.91 49.17
C ILE H 204 13.71 21.60 49.79
N ASN H 205 13.80 21.58 51.12
CA ASN H 205 14.23 20.36 51.81
C ASN H 205 13.17 19.27 51.71
N LYS H 206 11.91 19.62 51.92
CA LYS H 206 10.81 18.65 51.92
C LYS H 206 9.85 18.95 50.80
N PRO H 207 9.92 18.23 49.67
CA PRO H 207 8.95 18.47 48.59
C PRO H 207 7.51 18.20 49.00
N GLU H 208 7.28 17.35 49.99
CA GLU H 208 5.92 17.08 50.46
C GLU H 208 5.28 18.33 51.06
N THR H 209 6.10 19.24 51.60
CA THR H 209 5.58 20.47 52.18
C THR H 209 5.85 21.70 51.31
N GLY H 210 6.78 21.61 50.37
CA GLY H 210 7.09 22.74 49.52
C GLY H 210 7.69 23.93 50.25
N ALA H 211 8.59 23.68 51.19
CA ALA H 211 9.21 24.74 51.98
C ALA H 211 10.63 24.34 52.34
N VAL H 212 11.42 25.33 52.74
CA VAL H 212 12.81 25.13 53.14
C VAL H 212 12.91 25.31 54.65
N GLU H 213 13.53 24.36 55.33
CA GLU H 213 13.68 24.38 56.77
C GLU H 213 15.10 23.98 57.15
N LEU H 214 15.68 24.70 58.11
CA LEU H 214 17.02 24.43 58.61
C LEU H 214 17.00 24.40 60.13
N GLU H 215 17.78 23.50 60.71
CA GLU H 215 17.87 23.35 62.15
C GLU H 215 19.13 24.04 62.67
N SER H 216 18.95 25.05 63.51
CA SER H 216 20.04 25.83 64.07
C SER H 216 21.04 26.30 63.01
N PRO H 217 20.61 27.10 62.05
CA PRO H 217 21.51 27.56 61.00
C PRO H 217 22.15 28.91 61.33
N PHE H 218 23.10 29.29 60.48
CA PHE H 218 23.75 30.59 60.57
C PHE H 218 23.09 31.56 59.60
N ILE H 219 22.95 32.81 60.03
CA ILE H 219 22.26 33.84 59.26
C ILE H 219 23.30 34.81 58.71
N LEU H 220 23.26 35.03 57.40
CA LEU H 220 24.13 36.00 56.74
C LEU H 220 23.35 37.27 56.45
N LEU H 221 23.85 38.39 56.93
CA LEU H 221 23.19 39.68 56.84
C LEU H 221 24.06 40.62 56.02
N ALA H 222 23.65 40.87 54.77
CA ALA H 222 24.46 41.66 53.84
C ALA H 222 23.63 42.80 53.27
N ASP H 223 24.18 44.00 53.32
CA ASP H 223 23.59 45.17 52.66
C ASP H 223 23.93 45.25 51.18
N LYS H 224 24.77 44.35 50.68
CA LYS H 224 25.18 44.33 49.29
C LYS H 224 24.48 43.21 48.53
N LYS H 225 24.48 43.32 47.21
CA LYS H 225 23.95 42.28 46.36
C LYS H 225 25.03 41.24 46.08
N ILE H 226 24.72 39.98 46.35
CA ILE H 226 25.68 38.90 46.18
C ILE H 226 25.55 38.36 44.76
N SER H 227 26.66 38.38 44.03
CA SER H 227 26.67 37.88 42.66
C SER H 227 27.82 36.91 42.43
N ASN H 228 28.90 37.06 43.20
CA ASN H 228 30.10 36.25 43.03
C ASN H 228 30.29 35.36 44.26
N ILE H 229 30.65 34.11 44.00
CA ILE H 229 30.89 33.16 45.09
C ILE H 229 32.15 33.55 45.86
N ARG H 230 33.16 34.07 45.16
CA ARG H 230 34.43 34.38 45.80
C ARG H 230 34.32 35.45 46.87
N GLU H 231 33.25 36.25 46.85
CA GLU H 231 33.07 37.26 47.88
C GLU H 231 32.88 36.63 49.25
N MET H 232 32.08 35.56 49.33
CA MET H 232 31.76 34.90 50.59
C MET H 232 32.30 33.48 50.66
N LEU H 233 33.25 33.12 49.79
CA LEU H 233 33.81 31.78 49.81
C LEU H 233 34.41 31.39 51.15
N PRO H 234 35.25 32.20 51.80
CA PRO H 234 35.76 31.78 53.12
C PRO H 234 34.67 31.55 54.15
N VAL H 235 33.64 32.39 54.16
CA VAL H 235 32.53 32.20 55.10
C VAL H 235 31.81 30.89 54.81
N LEU H 236 31.55 30.61 53.53
CA LEU H 236 30.88 29.37 53.17
C LEU H 236 31.70 28.16 53.58
N GLU H 237 33.02 28.22 53.36
CA GLU H 237 33.89 27.11 53.75
C GLU H 237 33.91 26.93 55.27
N ALA H 238 33.94 28.03 56.02
CA ALA H 238 33.91 27.94 57.48
C ALA H 238 32.60 27.32 57.96
N VAL H 239 31.48 27.72 57.36
CA VAL H 239 30.18 27.15 57.72
C VAL H 239 30.16 25.66 57.40
N ALA H 240 30.67 25.27 56.23
CA ALA H 240 30.71 23.85 55.88
C ALA H 240 31.58 23.06 56.85
N LYS H 241 32.69 23.65 57.29
CA LYS H 241 33.52 23.00 58.31
C LYS H 241 32.76 22.87 59.62
N ALA H 242 31.98 23.88 59.99
CA ALA H 242 31.24 23.83 61.24
C ALA H 242 30.16 22.77 61.24
N GLY H 243 29.70 22.34 60.06
CA GLY H 243 28.70 21.29 59.96
C GLY H 243 27.26 21.74 60.13
N LYS H 244 27.01 23.04 60.28
CA LYS H 244 25.65 23.55 60.42
C LYS H 244 25.20 24.25 59.14
N PRO H 245 23.90 24.28 58.88
CA PRO H 245 23.42 24.99 57.69
C PRO H 245 23.60 26.50 57.81
N LEU H 246 23.52 27.18 56.67
CA LEU H 246 23.66 28.62 56.60
C LEU H 246 22.50 29.21 55.81
N LEU H 247 21.88 30.24 56.36
CA LEU H 247 20.83 30.99 55.67
C LEU H 247 21.37 32.38 55.32
N ILE H 248 21.20 32.78 54.07
CA ILE H 248 21.73 34.04 53.58
C ILE H 248 20.55 34.94 53.17
N ILE H 249 20.55 36.17 53.66
CA ILE H 249 19.60 37.19 53.24
C ILE H 249 20.37 38.46 52.92
N ALA H 250 20.25 38.92 51.68
CA ALA H 250 21.00 40.09 51.21
C ALA H 250 20.13 40.85 50.22
N GLU H 251 20.74 41.82 49.53
CA GLU H 251 20.02 42.59 48.53
C GLU H 251 19.48 41.69 47.43
N ASP H 252 20.32 40.80 46.91
CA ASP H 252 19.94 39.85 45.88
C ASP H 252 21.08 38.86 45.69
N VAL H 253 20.73 37.62 45.36
CA VAL H 253 21.70 36.57 45.06
C VAL H 253 21.33 35.99 43.70
N GLU H 254 22.24 36.11 42.74
CA GLU H 254 21.98 35.65 41.38
C GLU H 254 23.31 35.47 40.67
N GLY H 255 23.25 34.81 39.52
CA GLY H 255 24.43 34.59 38.70
C GLY H 255 25.28 33.41 39.13
N GLU H 256 26.60 33.58 39.08
CA GLU H 256 27.50 32.47 39.39
C GLU H 256 27.41 32.07 40.85
N ALA H 257 27.20 33.02 41.76
CA ALA H 257 27.06 32.67 43.17
C ALA H 257 25.83 31.79 43.39
N LEU H 258 24.70 32.17 42.79
CA LEU H 258 23.49 31.36 42.90
C LEU H 258 23.70 29.99 42.28
N ALA H 259 24.37 29.94 41.12
CA ALA H 259 24.61 28.65 40.47
C ALA H 259 25.48 27.74 41.34
N THR H 260 26.54 28.29 41.94
CA THR H 260 27.41 27.47 42.78
C THR H 260 26.71 27.04 44.06
N LEU H 261 25.89 27.90 44.65
CA LEU H 261 25.15 27.49 45.83
C LEU H 261 24.13 26.39 45.49
N VAL H 262 23.47 26.50 44.34
CA VAL H 262 22.55 25.46 43.91
C VAL H 262 23.30 24.14 43.70
N VAL H 263 24.47 24.21 43.07
CA VAL H 263 25.28 23.01 42.84
C VAL H 263 25.68 22.38 44.17
N ASN H 264 26.10 23.21 45.14
CA ASN H 264 26.48 22.71 46.44
C ASN H 264 25.30 22.04 47.15
N THR H 265 24.12 22.64 47.07
CA THR H 265 22.94 22.04 47.69
C THR H 265 22.57 20.72 47.02
N MET H 266 22.67 20.66 45.69
CA MET H 266 22.39 19.40 45.00
C MET H 266 23.39 18.32 45.39
N ARG H 267 24.67 18.67 45.48
CA ARG H 267 25.68 17.70 45.91
C ARG H 267 25.50 17.33 47.37
N GLY H 268 24.96 18.24 48.19
CA GLY H 268 24.73 17.98 49.59
C GLY H 268 25.89 18.32 50.51
N ILE H 269 27.04 18.73 49.96
CA ILE H 269 28.17 19.08 50.80
C ILE H 269 27.89 20.35 51.60
N VAL H 270 27.18 21.30 50.99
CA VAL H 270 26.82 22.55 51.64
C VAL H 270 25.31 22.74 51.50
N LYS H 271 24.66 23.05 52.61
CA LYS H 271 23.20 23.25 52.66
C LYS H 271 22.94 24.72 52.98
N VAL H 272 22.60 25.51 51.97
CA VAL H 272 22.36 26.93 52.12
C VAL H 272 21.12 27.32 51.30
N ALA H 273 20.25 28.12 51.90
CA ALA H 273 19.07 28.65 51.22
C ALA H 273 19.25 30.14 50.99
N ALA H 274 18.86 30.60 49.80
CA ALA H 274 19.03 31.99 49.39
C ALA H 274 17.69 32.70 49.43
N VAL H 275 17.61 33.77 50.21
CA VAL H 275 16.41 34.59 50.34
C VAL H 275 16.83 36.05 50.26
N LYS H 276 16.05 36.85 49.54
CA LYS H 276 16.32 38.28 49.47
C LYS H 276 15.96 38.97 50.78
N ALA H 277 16.60 40.11 51.02
CA ALA H 277 16.27 40.90 52.19
C ALA H 277 14.96 41.65 51.96
N PRO H 278 14.04 41.66 52.93
CA PRO H 278 12.77 42.37 52.73
C PRO H 278 12.95 43.87 52.67
N GLY H 279 12.07 44.52 51.92
CA GLY H 279 12.11 45.97 51.77
C GLY H 279 13.11 46.41 50.72
N PHE H 280 13.18 47.73 50.56
CA PHE H 280 14.11 48.32 49.60
C PHE H 280 14.66 49.62 50.16
N GLY H 281 15.95 49.85 49.95
CA GLY H 281 16.58 51.08 50.38
C GLY H 281 16.77 51.20 51.87
N ASP H 282 16.46 52.38 52.41
CA ASP H 282 16.58 52.59 53.85
C ASP H 282 15.67 51.66 54.63
N ARG H 283 14.49 51.34 54.10
CA ARG H 283 13.62 50.37 54.76
C ARG H 283 14.29 49.01 54.83
N ARG H 284 14.90 48.57 53.74
CA ARG H 284 15.60 47.28 53.75
C ARG H 284 16.76 47.30 54.75
N LYS H 285 17.52 48.41 54.79
CA LYS H 285 18.63 48.51 55.72
C LYS H 285 18.16 48.45 57.17
N ALA H 286 17.07 49.17 57.47
CA ALA H 286 16.54 49.17 58.83
C ALA H 286 16.02 47.79 59.22
N MET H 287 15.32 47.11 58.30
CA MET H 287 14.82 45.77 58.62
C MET H 287 15.97 44.78 58.79
N LEU H 288 17.02 44.90 57.99
CA LEU H 288 18.19 44.05 58.17
C LEU H 288 18.87 44.31 59.51
N GLN H 289 18.93 45.59 59.92
CA GLN H 289 19.48 45.91 61.23
C GLN H 289 18.64 45.32 62.36
N ASP H 290 17.31 45.36 62.21
CA ASP H 290 16.44 44.74 63.20
C ASP H 290 16.66 43.23 63.27
N ILE H 291 16.81 42.59 62.11
CA ILE H 291 17.08 41.15 62.08
C ILE H 291 18.42 40.85 62.76
N ALA H 292 19.42 41.70 62.51
CA ALA H 292 20.71 41.52 63.17
C ALA H 292 20.60 41.66 64.67
N THR H 293 19.83 42.65 65.14
CA THR H 293 19.63 42.82 66.57
C THR H 293 18.93 41.61 67.18
N LEU H 294 17.92 41.08 66.49
CA LEU H 294 17.20 39.92 66.99
C LEU H 294 18.10 38.69 67.05
N THR H 295 18.88 38.45 65.99
CA THR H 295 19.73 37.27 65.91
C THR H 295 21.14 37.50 66.46
N GLY H 296 21.48 38.72 66.86
CA GLY H 296 22.80 38.99 67.38
C GLY H 296 23.91 38.96 66.35
N GLY H 297 23.59 38.97 65.06
CA GLY H 297 24.58 38.91 64.01
C GLY H 297 25.12 40.27 63.64
N THR H 298 25.91 40.28 62.55
CA THR H 298 26.52 41.48 62.03
C THR H 298 26.10 41.67 60.58
N VAL H 299 25.78 42.92 60.22
CA VAL H 299 25.33 43.25 58.88
C VAL H 299 26.54 43.54 58.00
N ILE H 300 26.62 42.87 56.86
CA ILE H 300 27.69 43.10 55.89
C ILE H 300 27.34 44.39 55.15
N SER H 301 27.94 45.50 55.55
CA SER H 301 27.64 46.81 54.99
C SER H 301 28.86 47.33 54.23
N GLU H 302 28.66 47.72 52.97
CA GLU H 302 29.76 48.23 52.16
C GLU H 302 30.14 49.64 52.54
N GLU H 303 29.18 50.49 52.93
CA GLU H 303 29.50 51.85 53.34
C GLU H 303 30.38 51.86 54.59
N ILE H 304 30.25 50.85 55.44
CA ILE H 304 31.17 50.71 56.57
C ILE H 304 32.57 50.41 56.08
N GLY H 305 32.69 49.63 54.99
CA GLY H 305 33.96 49.22 54.45
C GLY H 305 34.34 47.79 54.78
N MET H 306 33.69 47.18 55.76
CA MET H 306 33.95 45.79 56.10
C MET H 306 33.37 44.86 55.05
N GLU H 307 34.07 43.77 54.78
CA GLU H 307 33.76 42.88 53.66
C GLU H 307 33.38 41.49 54.16
N LEU H 308 32.92 40.67 53.21
CA LEU H 308 32.54 39.29 53.54
C LEU H 308 33.74 38.40 53.77
N GLU H 309 34.86 38.69 53.11
CA GLU H 309 36.02 37.80 53.20
C GLU H 309 36.56 37.71 54.63
N LYS H 310 36.62 38.85 55.33
CA LYS H 310 37.13 38.85 56.69
C LYS H 310 36.12 38.38 57.72
N ALA H 311 34.87 38.17 57.32
CA ALA H 311 33.82 37.81 58.27
C ALA H 311 34.10 36.44 58.89
N THR H 312 33.84 36.34 60.19
CA THR H 312 34.06 35.12 60.96
C THR H 312 32.72 34.46 61.28
N LEU H 313 32.80 33.25 61.84
CA LEU H 313 31.59 32.51 62.17
C LEU H 313 30.81 33.17 63.29
N GLU H 314 31.49 33.90 64.18
CA GLU H 314 30.80 34.55 65.29
C GLU H 314 29.98 35.75 64.82
N ASP H 315 30.39 36.39 63.72
CA ASP H 315 29.65 37.54 63.20
C ASP H 315 28.33 37.13 62.56
N LEU H 316 28.21 35.89 62.11
CA LEU H 316 26.98 35.43 61.49
C LEU H 316 25.86 35.34 62.51
N GLY H 317 24.66 35.73 62.08
CA GLY H 317 23.49 35.58 62.93
C GLY H 317 23.15 34.12 63.14
N GLN H 318 22.56 33.83 64.31
CA GLN H 318 22.22 32.48 64.69
C GLN H 318 20.78 32.42 65.19
N ALA H 319 20.06 31.38 64.75
CA ALA H 319 18.69 31.16 65.17
C ALA H 319 18.48 29.68 65.40
N LYS H 320 17.51 29.35 66.26
CA LYS H 320 17.23 27.94 66.55
C LYS H 320 16.64 27.24 65.33
N ARG H 321 15.78 27.92 64.57
CA ARG H 321 15.13 27.32 63.42
C ARG H 321 14.71 28.43 62.47
N VAL H 322 14.67 28.10 61.18
CA VAL H 322 14.17 29.00 60.15
C VAL H 322 13.28 28.20 59.20
N VAL H 323 12.17 28.82 58.79
CA VAL H 323 11.25 28.24 57.83
C VAL H 323 11.19 29.16 56.63
N ILE H 324 11.52 28.64 55.45
CA ILE H 324 11.54 29.42 54.22
C ILE H 324 10.47 28.86 53.29
N ASN H 325 9.56 29.71 52.85
CA ASN H 325 8.50 29.34 51.92
C ASN H 325 8.47 30.35 50.78
N LYS H 326 7.90 29.93 49.66
CA LYS H 326 7.81 30.81 48.49
C LYS H 326 6.99 32.06 48.78
N ASP H 327 6.13 32.02 49.79
CA ASP H 327 5.33 33.18 50.15
C ASP H 327 5.96 34.03 51.25
N THR H 328 6.71 33.41 52.16
CA THR H 328 7.30 34.15 53.27
C THR H 328 8.45 33.34 53.87
N THR H 329 9.28 34.04 54.65
CA THR H 329 10.38 33.43 55.37
C THR H 329 10.24 33.76 56.86
N THR H 330 10.45 32.76 57.71
CA THR H 330 10.20 32.87 59.14
C THR H 330 11.48 32.55 59.92
N ILE H 331 11.70 33.31 60.99
CA ILE H 331 12.81 33.09 61.90
C ILE H 331 12.24 32.60 63.24
N ILE H 332 12.77 31.49 63.74
CA ILE H 332 12.25 30.85 64.95
C ILE H 332 13.34 30.87 66.01
N ASP H 333 13.08 31.59 67.10
CA ASP H 333 13.93 31.60 68.29
C ASP H 333 15.37 31.97 67.94
N GLY H 334 15.53 33.19 67.41
CA GLY H 334 16.85 33.71 67.17
C GLY H 334 17.57 34.00 68.48
N VAL H 335 18.79 33.48 68.61
CA VAL H 335 19.53 33.66 69.86
C VAL H 335 20.06 35.09 69.95
N GLY H 336 20.05 35.63 71.16
CA GLY H 336 20.49 36.99 71.38
C GLY H 336 20.02 37.54 72.72
N GLU H 337 20.81 38.42 73.32
CA GLU H 337 20.44 39.00 74.60
C GLU H 337 19.15 39.80 74.47
N GLU H 338 18.22 39.57 75.41
CA GLU H 338 16.95 40.27 75.38
C GLU H 338 17.13 41.77 75.63
N ALA H 339 18.22 42.15 76.31
CA ALA H 339 18.48 43.56 76.53
C ALA H 339 18.60 44.31 75.21
N ALA H 340 19.24 43.68 74.21
CA ALA H 340 19.29 44.26 72.88
C ALA H 340 17.89 44.40 72.29
N ILE H 341 17.01 43.43 72.56
CA ILE H 341 15.66 43.48 72.03
C ILE H 341 14.90 44.67 72.60
N GLN H 342 14.96 44.85 73.93
CA GLN H 342 14.29 46.01 74.53
C GLN H 342 14.94 47.32 74.08
N GLY H 343 16.26 47.35 73.92
CA GLY H 343 16.89 48.56 73.41
C GLY H 343 16.44 48.91 72.01
N ARG H 344 16.35 47.91 71.13
CA ARG H 344 15.91 48.15 69.76
C ARG H 344 14.45 48.59 69.72
N VAL H 345 13.58 47.96 70.50
CA VAL H 345 12.18 48.37 70.49
C VAL H 345 12.02 49.76 71.08
N ALA H 346 12.84 50.12 72.08
CA ALA H 346 12.81 51.47 72.61
C ALA H 346 13.26 52.48 71.56
N GLN H 347 14.31 52.17 70.80
CA GLN H 347 14.73 53.04 69.72
C GLN H 347 13.63 53.20 68.68
N ILE H 348 12.98 52.11 68.32
CA ILE H 348 11.91 52.18 67.32
C ILE H 348 10.74 53.01 67.84
N ARG H 349 10.37 52.84 69.11
CA ARG H 349 9.21 53.56 69.62
C ARG H 349 9.52 55.05 69.79
N GLN H 350 10.75 55.40 70.18
CA GLN H 350 11.09 56.82 70.19
C GLN H 350 11.12 57.39 68.77
N GLN H 351 11.52 56.57 67.79
CA GLN H 351 11.44 57.01 66.40
C GLN H 351 10.01 57.26 65.96
N ILE H 352 9.07 56.39 66.37
CA ILE H 352 7.68 56.58 65.96
C ILE H 352 7.09 57.79 66.66
N GLU H 353 7.46 58.03 67.92
CA GLU H 353 6.91 59.20 68.60
C GLU H 353 7.53 60.50 68.10
N GLU H 354 8.72 60.45 67.50
CA GLU H 354 9.24 61.62 66.81
C GLU H 354 8.89 61.66 65.33
N ALA H 355 8.20 60.64 64.82
CA ALA H 355 7.83 60.59 63.42
C ALA H 355 6.73 61.60 63.11
N THR H 356 6.65 62.02 61.85
CA THR H 356 5.71 63.05 61.43
C THR H 356 4.66 62.51 60.45
N SER H 357 5.07 61.93 59.33
CA SER H 357 4.12 61.52 58.31
C SER H 357 3.36 60.26 58.73
N ASP H 358 2.17 60.09 58.16
CA ASP H 358 1.30 58.99 58.54
C ASP H 358 1.84 57.65 58.06
N TYR H 359 2.24 57.57 56.79
CA TYR H 359 2.68 56.29 56.22
C TYR H 359 3.96 55.81 56.90
N ASP H 360 4.91 56.72 57.14
CA ASP H 360 6.16 56.33 57.76
C ASP H 360 5.94 55.81 59.18
N ARG H 361 5.09 56.49 59.95
CA ARG H 361 4.82 56.02 61.31
C ARG H 361 4.02 54.73 61.31
N GLU H 362 3.14 54.53 60.32
CA GLU H 362 2.44 53.26 60.22
C GLU H 362 3.40 52.12 59.90
N LYS H 363 4.34 52.36 59.00
CA LYS H 363 5.35 51.34 58.68
C LYS H 363 6.22 51.04 59.89
N LEU H 364 6.62 52.08 60.64
CA LEU H 364 7.42 51.86 61.84
C LEU H 364 6.62 51.11 62.91
N GLN H 365 5.33 51.40 63.03
CA GLN H 365 4.48 50.67 63.97
C GLN H 365 4.38 49.19 63.58
N GLU H 366 4.22 48.92 62.28
CA GLU H 366 4.22 47.54 61.83
C GLU H 366 5.54 46.85 62.13
N ARG H 367 6.65 47.56 61.91
CA ARG H 367 7.97 47.00 62.18
C ARG H 367 8.15 46.67 63.66
N VAL H 368 7.75 47.59 64.54
CA VAL H 368 7.90 47.35 65.97
C VAL H 368 6.97 46.24 66.43
N ALA H 369 5.77 46.16 65.85
CA ALA H 369 4.87 45.06 66.19
C ALA H 369 5.47 43.71 65.78
N LYS H 370 6.06 43.66 64.59
CA LYS H 370 6.71 42.42 64.16
C LYS H 370 7.89 42.07 65.05
N LEU H 371 8.66 43.08 65.47
CA LEU H 371 9.86 42.83 66.26
C LEU H 371 9.53 42.41 67.69
N ALA H 372 8.47 42.97 68.27
CA ALA H 372 8.17 42.73 69.68
C ALA H 372 7.09 41.68 69.91
N GLY H 373 6.31 41.33 68.89
CA GLY H 373 5.28 40.32 69.07
C GLY H 373 5.84 38.95 69.35
N GLY H 374 6.96 38.61 68.71
CA GLY H 374 7.54 37.30 68.87
C GLY H 374 6.83 36.26 68.02
N VAL H 375 7.26 35.02 68.19
CA VAL H 375 6.72 33.88 67.46
C VAL H 375 6.22 32.85 68.46
N ALA H 376 4.99 32.38 68.27
CA ALA H 376 4.41 31.33 69.09
C ALA H 376 4.59 30.00 68.38
N VAL H 377 5.26 29.06 69.03
CA VAL H 377 5.62 27.78 68.44
C VAL H 377 4.72 26.71 69.04
N ILE H 378 4.05 25.94 68.18
CA ILE H 378 3.19 24.83 68.60
C ILE H 378 3.97 23.54 68.42
N LYS H 379 4.20 22.83 69.52
CA LYS H 379 4.89 21.54 69.51
C LYS H 379 3.84 20.45 69.59
N VAL H 380 3.57 19.80 68.46
CA VAL H 380 2.53 18.79 68.38
C VAL H 380 3.11 17.44 68.76
N GLY H 381 2.57 16.84 69.82
CA GLY H 381 3.02 15.55 70.28
C GLY H 381 1.94 14.49 70.20
N ALA H 382 2.34 13.23 70.11
CA ALA H 382 1.39 12.13 69.99
C ALA H 382 2.07 10.85 70.48
N ALA H 383 1.34 9.73 70.37
CA ALA H 383 1.85 8.46 70.86
C ALA H 383 2.99 7.95 70.00
N THR H 384 2.82 7.95 68.69
CA THR H 384 3.83 7.41 67.77
C THR H 384 4.21 8.47 66.74
N GLU H 385 5.36 8.23 66.10
CA GLU H 385 5.93 9.22 65.20
C GLU H 385 5.05 9.48 63.99
N VAL H 386 4.49 8.43 63.40
CA VAL H 386 3.71 8.59 62.17
C VAL H 386 2.42 9.38 62.45
N GLU H 387 1.71 9.04 63.53
CA GLU H 387 0.51 9.79 63.86
C GLU H 387 0.86 11.19 64.35
N MET H 388 2.05 11.37 64.93
CA MET H 388 2.48 12.72 65.30
C MET H 388 2.71 13.58 64.06
N LYS H 389 3.31 13.00 63.01
CA LYS H 389 3.48 13.74 61.76
C LYS H 389 2.14 14.04 61.12
N GLU H 390 1.22 13.08 61.15
CA GLU H 390 -0.12 13.33 60.60
C GLU H 390 -0.82 14.44 61.37
N LYS H 391 -0.71 14.44 62.69
CA LYS H 391 -1.31 15.50 63.50
C LYS H 391 -0.64 16.84 63.23
N LYS H 392 0.67 16.86 62.99
CA LYS H 392 1.35 18.10 62.65
C LYS H 392 0.85 18.65 61.32
N ALA H 393 0.67 17.79 60.32
CA ALA H 393 0.13 18.23 59.04
C ALA H 393 -1.29 18.77 59.21
N ARG H 394 -2.11 18.08 60.01
CA ARG H 394 -3.46 18.55 60.27
C ARG H 394 -3.45 19.90 60.97
N VAL H 395 -2.53 20.08 61.92
CA VAL H 395 -2.41 21.35 62.63
C VAL H 395 -2.02 22.46 61.68
N GLU H 396 -1.08 22.19 60.76
CA GLU H 396 -0.68 23.20 59.79
C GLU H 396 -1.85 23.59 58.88
N ASP H 397 -2.60 22.60 58.40
CA ASP H 397 -3.75 22.89 57.55
C ASP H 397 -4.81 23.70 58.31
N ALA H 398 -5.08 23.30 59.56
CA ALA H 398 -6.05 24.03 60.37
C ALA H 398 -5.57 25.45 60.66
N LEU H 399 -4.27 25.63 60.86
CA LEU H 399 -3.72 26.96 61.07
C LEU H 399 -3.90 27.83 59.84
N HIS H 400 -3.65 27.28 58.65
CA HIS H 400 -3.87 28.05 57.42
C HIS H 400 -5.34 28.43 57.28
N ALA H 401 -6.25 27.47 57.50
CA ALA H 401 -7.68 27.76 57.38
C ALA H 401 -8.12 28.79 58.41
N THR H 402 -7.62 28.69 59.64
CA THR H 402 -7.99 29.63 60.69
C THR H 402 -7.44 31.02 60.39
N ARG H 403 -6.23 31.10 59.83
CA ARG H 403 -5.71 32.41 59.43
C ARG H 403 -6.58 33.03 58.36
N ALA H 404 -6.99 32.25 57.36
CA ALA H 404 -7.91 32.78 56.35
C ALA H 404 -9.23 33.23 56.97
N ALA H 405 -9.75 32.43 57.91
CA ALA H 405 -11.02 32.78 58.55
C ALA H 405 -10.92 34.08 59.32
N VAL H 406 -9.92 34.19 60.20
CA VAL H 406 -9.76 35.43 60.97
C VAL H 406 -9.40 36.59 60.06
N GLU H 407 -8.87 36.33 58.87
CA GLU H 407 -8.62 37.41 57.92
C GLU H 407 -9.94 37.93 57.33
N GLU H 408 -10.82 37.04 56.87
CA GLU H 408 -12.00 37.47 56.15
C GLU H 408 -13.31 36.84 56.61
N GLY H 409 -13.32 36.13 57.74
CA GLY H 409 -14.53 35.48 58.19
C GLY H 409 -14.76 34.15 57.51
N VAL H 410 -15.91 33.55 57.81
CA VAL H 410 -16.29 32.27 57.24
C VAL H 410 -17.65 32.41 56.56
N VAL H 411 -17.87 31.56 55.55
CA VAL H 411 -19.13 31.48 54.83
C VAL H 411 -19.55 30.02 54.79
N ALA H 412 -20.82 29.80 54.41
CA ALA H 412 -21.36 28.46 54.34
C ALA H 412 -20.64 27.65 53.26
N GLY H 413 -19.85 26.66 53.69
CA GLY H 413 -19.05 25.88 52.77
C GLY H 413 -19.87 24.89 51.96
N GLY H 414 -19.15 23.98 51.31
CA GLY H 414 -19.80 23.02 50.42
C GLY H 414 -20.26 23.59 49.10
N GLY H 415 -19.80 24.78 48.74
CA GLY H 415 -20.19 25.39 47.47
C GLY H 415 -21.53 26.07 47.48
N VAL H 416 -22.16 26.23 48.64
CA VAL H 416 -23.48 26.87 48.70
C VAL H 416 -23.39 28.38 48.87
N ALA H 417 -22.24 28.91 49.29
CA ALA H 417 -22.07 30.36 49.32
C ALA H 417 -22.19 30.95 47.92
N LEU H 418 -21.57 30.30 46.94
CA LEU H 418 -21.64 30.78 45.56
C LEU H 418 -23.07 30.72 45.02
N ILE H 419 -23.80 29.64 45.31
CA ILE H 419 -25.17 29.54 44.82
C ILE H 419 -26.07 30.57 45.49
N ARG H 420 -25.84 30.82 46.79
CA ARG H 420 -26.59 31.88 47.47
C ARG H 420 -26.29 33.24 46.86
N VAL H 421 -25.03 33.52 46.56
CA VAL H 421 -24.66 34.78 45.94
C VAL H 421 -25.30 34.91 44.55
N ALA H 422 -25.30 33.82 43.78
CA ALA H 422 -25.94 33.85 42.47
C ALA H 422 -27.44 34.10 42.59
N SER H 423 -28.08 33.49 43.57
CA SER H 423 -29.50 33.73 43.79
C SER H 423 -29.75 35.20 44.12
N LYS H 424 -28.88 35.79 44.96
CA LYS H 424 -29.02 37.20 45.28
C LYS H 424 -28.76 38.10 44.08
N LEU H 425 -27.84 37.70 43.20
CA LEU H 425 -27.39 38.53 42.09
C LEU H 425 -28.15 38.28 40.79
N ALA H 426 -29.12 37.35 40.79
CA ALA H 426 -29.87 37.05 39.58
C ALA H 426 -30.51 38.27 38.94
N ASP H 427 -30.60 39.39 39.65
CA ASP H 427 -31.19 40.61 39.12
C ASP H 427 -30.15 41.59 38.58
N LEU H 428 -28.88 41.18 38.49
CA LEU H 428 -27.85 42.07 37.99
C LEU H 428 -28.01 42.29 36.48
N ARG H 429 -27.66 43.50 36.04
CA ARG H 429 -27.78 43.88 34.64
C ARG H 429 -26.54 44.65 34.20
N GLY H 430 -26.24 44.59 32.91
CA GLY H 430 -25.14 45.29 32.32
C GLY H 430 -25.61 46.35 31.32
N GLN H 431 -24.66 47.11 30.79
CA GLN H 431 -24.96 48.15 29.83
C GLN H 431 -25.17 47.61 28.42
N ASN H 432 -24.84 46.35 28.17
CA ASN H 432 -24.98 45.76 26.85
C ASN H 432 -25.52 44.34 26.99
N GLU H 433 -26.14 43.86 25.91
CA GLU H 433 -26.70 42.50 25.92
C GLU H 433 -25.61 41.46 26.13
N ASP H 434 -24.45 41.65 25.51
CA ASP H 434 -23.34 40.73 25.71
C ASP H 434 -22.86 40.76 27.15
N GLN H 435 -22.90 41.93 27.79
CA GLN H 435 -22.56 42.01 29.20
C GLN H 435 -23.56 41.22 30.05
N ASN H 436 -24.84 41.29 29.70
CA ASN H 436 -25.85 40.50 30.41
C ASN H 436 -25.60 39.01 30.22
N VAL H 437 -25.22 38.61 29.01
CA VAL H 437 -24.91 37.20 28.75
C VAL H 437 -23.71 36.76 29.59
N GLY H 438 -22.69 37.60 29.66
CA GLY H 438 -21.54 37.28 30.51
C GLY H 438 -21.91 37.18 31.98
N ILE H 439 -22.79 38.07 32.45
CA ILE H 439 -23.24 38.01 33.83
C ILE H 439 -23.98 36.70 34.10
N LYS H 440 -24.86 36.30 33.19
CA LYS H 440 -25.56 35.02 33.34
C LYS H 440 -24.58 33.86 33.31
N VAL H 441 -23.54 33.96 32.47
CA VAL H 441 -22.50 32.94 32.43
C VAL H 441 -21.82 32.82 33.78
N ALA H 442 -21.46 33.96 34.38
CA ALA H 442 -20.83 33.93 35.70
C ALA H 442 -21.77 33.34 36.75
N LEU H 443 -23.07 33.68 36.68
CA LEU H 443 -24.02 33.15 37.63
C LEU H 443 -24.08 31.62 37.55
N ARG H 444 -24.24 31.09 36.33
CA ARG H 444 -24.25 29.64 36.17
C ARG H 444 -22.92 29.01 36.58
N ALA H 445 -21.82 29.75 36.37
CA ALA H 445 -20.52 29.25 36.78
C ALA H 445 -20.45 29.07 38.29
N MET H 446 -20.89 30.07 39.05
CA MET H 446 -20.93 29.89 40.50
C MET H 446 -21.98 28.87 40.93
N GLU H 447 -23.00 28.64 40.10
CA GLU H 447 -23.91 27.52 40.37
C GLU H 447 -23.19 26.19 40.24
N ALA H 448 -22.23 26.09 39.32
CA ALA H 448 -21.64 24.80 38.96
C ALA H 448 -21.01 24.04 40.11
N PRO H 449 -20.16 24.62 40.98
CA PRO H 449 -19.42 23.79 41.94
C PRO H 449 -20.29 22.95 42.87
N LEU H 450 -21.41 23.50 43.34
CA LEU H 450 -22.31 22.72 44.16
C LEU H 450 -22.91 21.56 43.36
N ARG H 451 -23.23 21.80 42.09
CA ARG H 451 -23.71 20.74 41.22
C ARG H 451 -22.67 19.64 41.06
N GLN H 452 -21.40 20.02 40.91
CA GLN H 452 -20.33 19.03 40.81
C GLN H 452 -20.19 18.23 42.10
N ILE H 453 -20.29 18.90 43.24
CA ILE H 453 -20.18 18.19 44.52
C ILE H 453 -21.30 17.17 44.67
N VAL H 454 -22.54 17.59 44.41
CA VAL H 454 -23.66 16.69 44.58
C VAL H 454 -23.72 15.63 43.49
N LEU H 455 -23.07 15.87 42.34
CA LEU H 455 -22.92 14.81 41.34
C LEU H 455 -21.90 13.78 41.80
N ASN H 456 -20.82 14.24 42.44
CA ASN H 456 -19.89 13.31 43.07
C ASN H 456 -20.58 12.49 44.16
N CYS H 457 -21.55 13.10 44.86
CA CYS H 457 -22.35 12.38 45.83
C CYS H 457 -23.30 11.38 45.19
N GLY H 458 -23.50 11.44 43.87
CA GLY H 458 -24.41 10.55 43.19
C GLY H 458 -25.86 11.02 43.17
N GLU H 459 -26.18 12.12 43.84
CA GLU H 459 -27.52 12.66 43.82
C GLU H 459 -27.74 13.52 42.57
N GLU H 460 -28.99 13.85 42.31
CA GLU H 460 -29.33 14.66 41.14
C GLU H 460 -28.83 16.08 41.34
N PRO H 461 -28.02 16.62 40.43
CA PRO H 461 -27.44 17.95 40.64
C PRO H 461 -28.45 19.09 40.55
N SER H 462 -29.28 19.06 39.51
CA SER H 462 -30.19 20.17 39.26
C SER H 462 -31.22 20.32 40.36
N VAL H 463 -31.78 19.22 40.83
CA VAL H 463 -32.81 19.27 41.87
C VAL H 463 -32.24 19.85 43.16
N VAL H 464 -31.04 19.37 43.54
CA VAL H 464 -30.40 19.87 44.76
C VAL H 464 -30.07 21.35 44.61
N ALA H 465 -29.55 21.74 43.44
CA ALA H 465 -29.22 23.15 43.23
C ALA H 465 -30.46 24.03 43.32
N ASN H 466 -31.58 23.60 42.72
CA ASN H 466 -32.80 24.37 42.79
C ASN H 466 -33.34 24.44 44.21
N THR H 467 -33.26 23.33 44.95
CA THR H 467 -33.73 23.33 46.33
C THR H 467 -32.90 24.29 47.19
N VAL H 468 -31.59 24.30 47.00
CA VAL H 468 -30.74 25.22 47.76
C VAL H 468 -31.02 26.66 47.34
N LYS H 469 -31.27 26.89 46.05
CA LYS H 469 -31.61 28.23 45.58
C LYS H 469 -32.91 28.72 46.21
N GLY H 470 -33.89 27.83 46.36
CA GLY H 470 -35.15 28.21 46.96
C GLY H 470 -35.04 28.61 48.42
N GLY H 471 -33.96 28.24 49.08
CA GLY H 471 -33.73 28.61 50.47
C GLY H 471 -33.20 30.03 50.59
N ASP H 472 -32.68 30.32 51.78
CA ASP H 472 -32.14 31.64 52.08
C ASP H 472 -31.06 31.52 53.13
N GLY H 473 -30.19 32.53 53.18
CA GLY H 473 -29.11 32.52 54.14
C GLY H 473 -28.10 31.40 53.86
N ASN H 474 -27.61 30.81 54.94
CA ASN H 474 -26.62 29.75 54.85
C ASN H 474 -27.26 28.37 54.69
N TYR H 475 -28.56 28.31 54.39
CA TYR H 475 -29.23 27.03 54.19
C TYR H 475 -28.75 26.38 52.91
N GLY H 476 -28.35 25.11 53.01
CA GLY H 476 -27.85 24.39 51.86
C GLY H 476 -27.98 22.90 52.06
N TYR H 477 -27.42 22.15 51.11
CA TYR H 477 -27.44 20.70 51.11
C TYR H 477 -26.09 20.17 51.59
N ASN H 478 -26.11 19.42 52.69
CA ASN H 478 -24.89 18.82 53.21
C ASN H 478 -24.56 17.57 52.41
N ALA H 479 -23.37 17.57 51.79
CA ALA H 479 -22.96 16.43 50.98
C ALA H 479 -22.75 15.18 51.82
N ALA H 480 -22.14 15.32 53.01
CA ALA H 480 -21.80 14.16 53.81
C ALA H 480 -23.03 13.43 54.32
N THR H 481 -24.03 14.16 54.82
CA THR H 481 -25.21 13.55 55.42
C THR H 481 -26.36 13.36 54.44
N GLU H 482 -26.19 13.79 53.18
CA GLU H 482 -27.20 13.60 52.14
C GLU H 482 -28.54 14.22 52.51
N GLU H 483 -28.50 15.34 53.24
CA GLU H 483 -29.73 16.02 53.62
C GLU H 483 -29.42 17.48 53.91
N TYR H 484 -30.43 18.33 53.79
CA TYR H 484 -30.24 19.78 53.81
C TYR H 484 -29.97 20.27 55.22
N GLY H 485 -29.92 21.58 55.39
CA GLY H 485 -29.67 22.17 56.69
C GLY H 485 -28.82 23.43 56.54
N ASN H 486 -28.28 23.86 57.68
CA ASN H 486 -27.49 25.09 57.74
C ASN H 486 -26.03 24.75 58.03
N MET H 487 -25.14 25.16 57.13
CA MET H 487 -23.73 24.81 57.25
C MET H 487 -23.10 25.41 58.50
N ILE H 488 -23.54 26.60 58.91
CA ILE H 488 -22.97 27.23 60.09
C ILE H 488 -23.20 26.35 61.32
N ASP H 489 -24.41 25.80 61.45
CA ASP H 489 -24.70 24.90 62.56
C ASP H 489 -24.11 23.51 62.32
N MET H 490 -24.15 23.03 61.07
CA MET H 490 -23.78 21.66 60.75
C MET H 490 -22.28 21.47 60.52
N GLY H 491 -21.49 22.54 60.59
CA GLY H 491 -20.05 22.40 60.55
C GLY H 491 -19.41 22.30 59.18
N ILE H 492 -20.11 22.71 58.12
CA ILE H 492 -19.53 22.72 56.77
C ILE H 492 -19.13 24.18 56.51
N LEU H 493 -17.92 24.55 56.90
CA LEU H 493 -17.46 25.92 56.81
C LEU H 493 -16.33 26.04 55.81
N ASP H 494 -16.30 27.18 55.11
CA ASP H 494 -15.24 27.55 54.20
C ASP H 494 -14.91 29.02 54.43
N PRO H 495 -13.63 29.36 54.55
CA PRO H 495 -13.27 30.78 54.75
C PRO H 495 -13.72 31.63 53.58
N THR H 496 -14.15 32.86 53.90
CA THR H 496 -14.59 33.79 52.86
C THR H 496 -13.45 34.11 51.90
N LYS H 497 -12.23 34.21 52.43
CA LYS H 497 -11.07 34.51 51.58
C LYS H 497 -10.86 33.44 50.53
N VAL H 498 -11.04 32.16 50.92
CA VAL H 498 -10.80 31.07 49.97
C VAL H 498 -11.77 31.16 48.80
N THR H 499 -13.06 31.28 49.10
CA THR H 499 -14.06 31.36 48.04
C THR H 499 -13.87 32.61 47.19
N ARG H 500 -13.60 33.74 47.82
CA ARG H 500 -13.42 34.99 47.08
C ARG H 500 -12.23 34.90 46.14
N SER H 501 -11.10 34.38 46.63
CA SER H 501 -9.91 34.25 45.81
C SER H 501 -10.13 33.27 44.67
N ALA H 502 -10.76 32.13 44.95
CA ALA H 502 -11.03 31.15 43.89
C ALA H 502 -11.90 31.76 42.80
N LEU H 503 -12.97 32.44 43.19
CA LEU H 503 -13.86 33.06 42.22
C LEU H 503 -13.14 34.13 41.40
N GLN H 504 -12.37 34.98 42.07
CA GLN H 504 -11.68 36.07 41.37
C GLN H 504 -10.66 35.53 40.38
N TYR H 505 -9.87 34.54 40.79
CA TYR H 505 -8.84 34.01 39.89
C TYR H 505 -9.46 33.23 38.74
N ALA H 506 -10.54 32.48 39.00
CA ALA H 506 -11.24 31.82 37.91
C ALA H 506 -11.80 32.83 36.91
N ALA H 507 -12.39 33.92 37.42
CA ALA H 507 -12.89 34.96 36.53
C ALA H 507 -11.76 35.58 35.71
N SER H 508 -10.62 35.84 36.35
CA SER H 508 -9.49 36.44 35.64
C SER H 508 -9.00 35.54 34.52
N VAL H 509 -8.78 34.26 34.81
CA VAL H 509 -8.27 33.35 33.78
C VAL H 509 -9.31 33.15 32.68
N ALA H 510 -10.58 33.11 33.05
CA ALA H 510 -11.63 32.92 32.05
C ALA H 510 -11.74 34.13 31.13
N GLY H 511 -11.64 35.34 31.69
CA GLY H 511 -11.62 36.53 30.85
C GLY H 511 -10.42 36.58 29.93
N LEU H 512 -9.25 36.22 30.46
CA LEU H 512 -8.03 36.20 29.65
C LEU H 512 -8.17 35.22 28.49
N MET H 513 -8.74 34.04 28.74
CA MET H 513 -8.91 33.06 27.67
C MET H 513 -10.03 33.43 26.70
N ILE H 514 -11.11 34.05 27.19
CA ILE H 514 -12.19 34.47 26.31
C ILE H 514 -11.69 35.56 25.36
N THR H 515 -10.91 36.50 25.87
CA THR H 515 -10.35 37.55 25.04
C THR H 515 -9.08 37.12 24.31
N THR H 516 -8.81 35.82 24.23
CA THR H 516 -7.64 35.30 23.53
C THR H 516 -7.97 35.11 22.05
N GLU H 517 -7.07 35.58 21.19
CA GLU H 517 -7.27 35.50 19.75
C GLU H 517 -6.17 34.76 19.01
N CYS H 518 -4.99 34.60 19.59
CA CYS H 518 -3.86 33.97 18.92
C CYS H 518 -3.05 33.15 19.90
N MET H 519 -2.38 32.13 19.39
CA MET H 519 -1.54 31.24 20.19
C MET H 519 -0.30 30.88 19.39
N VAL H 520 0.87 30.99 20.02
CA VAL H 520 2.14 30.69 19.39
C VAL H 520 2.86 29.63 20.21
N THR H 521 3.09 28.47 19.60
CA THR H 521 3.76 27.37 20.26
C THR H 521 4.85 26.80 19.36
N ASP H 522 5.77 26.07 19.98
CA ASP H 522 6.80 25.36 19.22
C ASP H 522 6.22 24.16 18.51
N LEU H 523 6.84 23.80 17.38
CA LEU H 523 6.34 22.68 16.59
C LEU H 523 6.58 21.36 17.32
N PRO H 524 5.72 20.36 17.10
CA PRO H 524 5.88 19.02 17.71
C PRO H 524 7.16 18.34 17.27
N ALA I 1 6.60 14.80 31.99
CA ALA I 1 6.31 15.36 30.67
C ALA I 1 4.84 15.20 30.32
N ALA I 2 4.57 14.87 29.06
CA ALA I 2 3.20 14.66 28.61
C ALA I 2 2.57 13.47 29.34
N LYS I 3 1.28 13.59 29.63
CA LYS I 3 0.56 12.56 30.37
C LYS I 3 -0.66 12.08 29.58
N ASP I 4 -1.01 10.82 29.80
CA ASP I 4 -2.21 10.23 29.21
C ASP I 4 -3.27 10.09 30.29
N VAL I 5 -4.49 10.54 29.98
CA VAL I 5 -5.56 10.63 30.96
C VAL I 5 -6.75 9.82 30.46
N LYS I 6 -7.26 8.94 31.33
CA LYS I 6 -8.47 8.18 31.07
C LYS I 6 -9.54 8.54 32.10
N PHE I 7 -10.79 8.45 31.69
CA PHE I 7 -11.91 8.87 32.52
C PHE I 7 -12.99 7.80 32.55
N GLY I 8 -13.58 7.61 33.73
CA GLY I 8 -14.78 6.80 33.85
C GLY I 8 -14.59 5.35 33.46
N ASN I 9 -15.43 4.89 32.53
CA ASN I 9 -15.56 3.47 32.25
C ASN I 9 -14.26 2.87 31.73
N ASP I 10 -13.55 3.58 30.85
CA ASP I 10 -12.32 3.04 30.28
C ASP I 10 -11.25 2.84 31.34
N ALA I 11 -11.14 3.78 32.28
CA ALA I 11 -10.16 3.67 33.36
C ALA I 11 -10.41 2.41 34.20
N ARG I 12 -11.66 2.20 34.58
CA ARG I 12 -12.00 1.00 35.35
C ARG I 12 -11.87 -0.26 34.51
N VAL I 13 -12.08 -0.17 33.19
CA VAL I 13 -11.83 -1.31 32.32
C VAL I 13 -10.35 -1.69 32.36
N LYS I 14 -9.46 -0.70 32.31
CA LYS I 14 -8.03 -1.00 32.39
C LYS I 14 -7.66 -1.57 33.76
N MET I 15 -8.24 -0.99 34.82
CA MET I 15 -8.19 -1.62 36.13
C MET I 15 -8.54 -3.11 36.08
N LEU I 16 -9.70 -3.44 35.50
CA LEU I 16 -10.15 -4.82 35.50
C LEU I 16 -9.21 -5.71 34.69
N ARG I 17 -8.72 -5.20 33.56
CA ARG I 17 -7.82 -5.98 32.71
C ARG I 17 -6.52 -6.29 33.42
N GLY I 18 -5.89 -5.27 34.01
CA GLY I 18 -4.65 -5.50 34.71
C GLY I 18 -4.81 -6.38 35.93
N VAL I 19 -5.87 -6.15 36.71
CA VAL I 19 -6.11 -6.97 37.90
C VAL I 19 -6.39 -8.41 37.50
N ASN I 20 -7.16 -8.60 36.41
CA ASN I 20 -7.42 -9.96 35.94
C ASN I 20 -6.14 -10.63 35.50
N VAL I 21 -5.26 -9.92 34.81
CA VAL I 21 -4.00 -10.51 34.36
C VAL I 21 -3.17 -10.96 35.57
N LEU I 22 -2.98 -10.06 36.53
CA LEU I 22 -2.16 -10.40 37.70
C LEU I 22 -2.79 -11.52 38.51
N ALA I 23 -4.11 -11.47 38.70
CA ALA I 23 -4.79 -12.48 39.50
C ALA I 23 -4.76 -13.85 38.81
N ASP I 24 -4.91 -13.88 37.49
CA ASP I 24 -4.80 -15.15 36.78
C ASP I 24 -3.37 -15.68 36.83
N ALA I 25 -2.38 -14.78 36.85
CA ALA I 25 -1.01 -15.22 37.01
C ALA I 25 -0.78 -15.85 38.38
N VAL I 26 -1.36 -15.27 39.43
CA VAL I 26 -1.05 -15.70 40.78
C VAL I 26 -2.00 -16.76 41.36
N LYS I 27 -3.20 -16.90 40.81
CA LYS I 27 -4.22 -17.74 41.43
C LYS I 27 -4.05 -19.22 41.13
N VAL I 28 -3.33 -19.58 40.08
CA VAL I 28 -3.13 -20.99 39.74
C VAL I 28 -2.21 -21.69 40.73
N THR I 29 -1.50 -20.93 41.56
CA THR I 29 -0.61 -21.49 42.58
C THR I 29 -1.25 -21.49 43.97
N LEU I 30 -2.57 -21.60 44.03
CA LEU I 30 -3.30 -21.55 45.29
C LEU I 30 -3.79 -22.95 45.66
N GLY I 31 -3.52 -23.36 46.88
CA GLY I 31 -3.96 -24.65 47.38
C GLY I 31 -2.90 -25.73 47.21
N PRO I 32 -3.08 -26.85 47.90
CA PRO I 32 -2.13 -27.97 47.74
C PRO I 32 -2.05 -28.49 46.32
N LYS I 33 -3.17 -28.49 45.59
CA LYS I 33 -3.18 -28.85 44.18
C LYS I 33 -2.87 -27.67 43.27
N GLY I 34 -2.38 -26.56 43.82
CA GLY I 34 -2.05 -25.40 43.03
C GLY I 34 -0.98 -25.65 41.98
N ARG I 35 -1.22 -25.20 40.76
CA ARG I 35 -0.28 -25.40 39.68
C ARG I 35 0.95 -24.51 39.89
N ASN I 36 1.91 -24.63 38.97
CA ASN I 36 3.16 -23.89 39.04
C ASN I 36 3.32 -22.97 37.85
N VAL I 37 4.05 -21.88 38.06
CA VAL I 37 4.25 -20.84 37.06
C VAL I 37 5.74 -20.76 36.72
N VAL I 38 6.05 -20.70 35.43
CA VAL I 38 7.43 -20.63 34.96
C VAL I 38 7.82 -19.17 34.81
N LEU I 39 8.89 -18.76 35.49
CA LEU I 39 9.39 -17.40 35.44
C LEU I 39 10.72 -17.37 34.70
N ASP I 40 10.82 -16.51 33.69
CA ASP I 40 12.02 -16.41 32.88
C ASP I 40 13.09 -15.59 33.61
N LYS I 41 14.35 -15.91 33.31
CA LYS I 41 15.49 -15.15 33.82
C LYS I 41 16.47 -14.94 32.67
N SER I 42 17.26 -13.86 32.78
CA SER I 42 18.26 -13.55 31.76
C SER I 42 19.39 -14.56 31.75
N PHE I 43 19.62 -15.27 32.86
CA PHE I 43 20.69 -16.27 32.89
C PHE I 43 20.43 -17.40 31.91
N GLY I 44 19.18 -17.86 31.82
CA GLY I 44 18.83 -18.90 30.88
C GLY I 44 17.94 -19.99 31.47
N ALA I 45 18.15 -20.30 32.74
CA ALA I 45 17.38 -21.36 33.39
C ALA I 45 16.11 -20.76 33.98
N PRO I 46 14.92 -21.15 33.50
CA PRO I 46 13.69 -20.59 34.06
C PRO I 46 13.45 -21.02 35.50
N THR I 47 12.73 -20.18 36.23
CA THR I 47 12.40 -20.46 37.63
C THR I 47 10.99 -21.05 37.70
N ILE I 48 10.88 -22.25 38.26
CA ILE I 48 9.62 -22.95 38.41
C ILE I 48 9.21 -22.86 39.87
N THR I 49 8.08 -22.20 40.14
CA THR I 49 7.64 -21.98 41.50
C THR I 49 6.14 -22.23 41.62
N LYS I 50 5.74 -22.72 42.79
CA LYS I 50 4.33 -22.80 43.17
C LYS I 50 3.95 -21.70 44.16
N ASP I 51 4.82 -20.71 44.36
CA ASP I 51 4.60 -19.63 45.30
C ASP I 51 4.05 -18.42 44.56
N GLY I 52 2.95 -17.87 45.08
CA GLY I 52 2.34 -16.70 44.46
C GLY I 52 3.12 -15.42 44.69
N VAL I 53 3.96 -15.37 45.71
CA VAL I 53 4.71 -14.14 46.01
C VAL I 53 5.67 -13.80 44.89
N SER I 54 6.46 -14.78 44.45
CA SER I 54 7.40 -14.54 43.36
C SER I 54 6.67 -14.22 42.06
N VAL I 55 5.58 -14.92 41.79
CA VAL I 55 4.81 -14.68 40.57
C VAL I 55 4.29 -13.24 40.56
N ALA I 56 3.74 -12.79 41.69
CA ALA I 56 3.27 -11.41 41.78
C ALA I 56 4.43 -10.43 41.63
N ARG I 57 5.57 -10.74 42.25
CA ARG I 57 6.73 -9.86 42.15
C ARG I 57 7.21 -9.72 40.71
N GLU I 58 7.06 -10.78 39.90
CA GLU I 58 7.54 -10.76 38.53
C GLU I 58 6.53 -10.18 37.54
N ILE I 59 5.31 -9.89 37.97
CA ILE I 59 4.27 -9.41 37.05
C ILE I 59 4.45 -7.92 36.80
N GLU I 60 4.49 -7.54 35.52
CA GLU I 60 4.50 -6.15 35.11
C GLU I 60 4.06 -6.10 33.65
N LEU I 61 3.14 -5.17 33.33
CA LEU I 61 2.49 -5.16 32.04
C LEU I 61 2.97 -3.99 31.19
N GLU I 62 2.83 -4.16 29.87
CA GLU I 62 3.21 -3.11 28.93
C GLU I 62 2.28 -1.91 29.03
N ASP I 63 0.97 -2.15 29.05
CA ASP I 63 0.02 -1.05 29.13
C ASP I 63 0.16 -0.35 30.48
N LYS I 64 0.24 0.98 30.44
CA LYS I 64 0.53 1.74 31.66
C LYS I 64 -0.63 1.64 32.65
N PHE I 65 -1.86 1.66 32.17
CA PHE I 65 -3.03 1.67 33.05
C PHE I 65 -3.22 0.31 33.71
N GLU I 66 -3.13 -0.75 32.91
CA GLU I 66 -3.14 -2.10 33.46
C GLU I 66 -1.96 -2.31 34.39
N ASN I 67 -0.81 -1.68 34.07
CA ASN I 67 0.34 -1.76 34.96
C ASN I 67 0.05 -1.11 36.30
N MET I 68 -0.67 0.02 36.30
CA MET I 68 -1.11 0.62 37.56
C MET I 68 -1.99 -0.32 38.34
N GLY I 69 -2.99 -0.92 37.68
CA GLY I 69 -3.88 -1.83 38.39
C GLY I 69 -3.13 -2.99 39.02
N ALA I 70 -2.26 -3.62 38.23
CA ALA I 70 -1.48 -4.75 38.72
C ALA I 70 -0.56 -4.34 39.85
N GLN I 71 0.10 -3.18 39.72
CA GLN I 71 1.04 -2.73 40.74
C GLN I 71 0.33 -2.37 42.04
N MET I 72 -0.87 -1.77 41.97
CA MET I 72 -1.61 -1.47 43.18
C MET I 72 -2.06 -2.74 43.88
N VAL I 73 -2.59 -3.71 43.13
CA VAL I 73 -2.98 -4.97 43.76
C VAL I 73 -1.76 -5.66 44.36
N LYS I 74 -0.62 -5.59 43.65
CA LYS I 74 0.62 -6.18 44.14
C LYS I 74 1.06 -5.52 45.44
N GLU I 75 1.00 -4.19 45.50
CA GLU I 75 1.41 -3.47 46.71
C GLU I 75 0.51 -3.82 47.88
N VAL I 76 -0.81 -3.91 47.65
CA VAL I 76 -1.72 -4.25 48.73
C VAL I 76 -1.51 -5.68 49.21
N ALA I 77 -1.30 -6.61 48.28
CA ALA I 77 -1.02 -7.99 48.66
C ALA I 77 0.29 -8.10 49.42
N SER I 78 1.30 -7.34 48.99
CA SER I 78 2.59 -7.35 49.70
C SER I 78 2.44 -6.76 51.11
N LYS I 79 1.63 -5.71 51.25
CA LYS I 79 1.36 -5.17 52.59
C LYS I 79 0.69 -6.21 53.47
N ALA I 80 -0.29 -6.94 52.91
CA ALA I 80 -0.95 -8.01 53.66
C ALA I 80 0.06 -9.09 54.06
N ASN I 81 0.94 -9.46 53.13
CA ASN I 81 1.95 -10.49 53.42
C ASN I 81 2.90 -10.03 54.53
N ASP I 82 3.36 -8.79 54.45
CA ASP I 82 4.25 -8.26 55.49
C ASP I 82 3.56 -8.21 56.84
N ALA I 83 2.29 -7.79 56.86
CA ALA I 83 1.56 -7.71 58.11
C ALA I 83 1.32 -9.08 58.72
N ALA I 84 1.01 -10.08 57.89
CA ALA I 84 0.57 -11.37 58.38
C ALA I 84 1.56 -12.50 58.17
N GLY I 85 2.53 -12.36 57.27
CA GLY I 85 3.46 -13.42 56.98
C GLY I 85 3.03 -14.36 55.88
N ASP I 86 1.81 -14.23 55.37
CA ASP I 86 1.29 -15.07 54.30
C ASP I 86 0.02 -14.41 53.77
N GLY I 87 -0.62 -15.08 52.80
CA GLY I 87 -1.89 -14.62 52.29
C GLY I 87 -1.83 -13.73 51.06
N THR I 88 -0.69 -13.69 50.37
CA THR I 88 -0.60 -12.86 49.16
C THR I 88 -1.57 -13.34 48.10
N THR I 89 -1.59 -14.64 47.82
CA THR I 89 -2.49 -15.19 46.81
C THR I 89 -3.96 -15.01 47.21
N THR I 90 -4.27 -15.28 48.48
CA THR I 90 -5.64 -15.12 48.96
C THR I 90 -6.09 -13.67 48.86
N ALA I 91 -5.23 -12.73 49.27
CA ALA I 91 -5.56 -11.32 49.16
C ALA I 91 -5.76 -10.92 47.71
N THR I 92 -4.90 -11.40 46.82
CA THR I 92 -5.01 -11.01 45.41
C THR I 92 -6.29 -11.55 44.79
N VAL I 93 -6.64 -12.81 45.07
CA VAL I 93 -7.85 -13.37 44.47
C VAL I 93 -9.09 -12.72 45.05
N LEU I 94 -9.08 -12.44 46.36
CA LEU I 94 -10.20 -11.71 46.97
C LEU I 94 -10.36 -10.34 46.35
N ALA I 95 -9.25 -9.62 46.17
CA ALA I 95 -9.30 -8.29 45.55
C ALA I 95 -9.83 -8.39 44.12
N GLN I 96 -9.38 -9.39 43.36
CA GLN I 96 -9.87 -9.54 42.00
C GLN I 96 -11.37 -9.79 41.97
N ALA I 97 -11.86 -10.65 42.86
CA ALA I 97 -13.29 -10.94 42.89
C ALA I 97 -14.10 -9.69 43.23
N ILE I 98 -13.68 -8.96 44.27
CA ILE I 98 -14.40 -7.75 44.66
C ILE I 98 -14.36 -6.74 43.53
N ILE I 99 -13.18 -6.58 42.89
CA ILE I 99 -13.03 -5.59 41.83
C ILE I 99 -13.95 -5.93 40.66
N THR I 100 -13.96 -7.19 40.25
CA THR I 100 -14.80 -7.59 39.12
C THR I 100 -16.27 -7.34 39.42
N GLU I 101 -16.76 -7.83 40.56
CA GLU I 101 -18.17 -7.66 40.88
C GLU I 101 -18.54 -6.20 41.07
N GLY I 102 -17.69 -5.43 41.75
CA GLY I 102 -17.98 -4.03 41.98
C GLY I 102 -17.96 -3.21 40.70
N LEU I 103 -17.03 -3.52 39.80
CA LEU I 103 -17.00 -2.81 38.52
C LEU I 103 -18.20 -3.17 37.66
N LYS I 104 -18.65 -4.42 37.72
CA LYS I 104 -19.90 -4.76 37.04
C LYS I 104 -21.08 -3.98 37.62
N ALA I 105 -21.14 -3.88 38.94
CA ALA I 105 -22.21 -3.13 39.59
C ALA I 105 -22.14 -1.64 39.23
N VAL I 106 -20.92 -1.09 39.15
CA VAL I 106 -20.76 0.31 38.76
C VAL I 106 -21.22 0.52 37.33
N ALA I 107 -20.84 -0.39 36.42
CA ALA I 107 -21.34 -0.34 35.05
C ALA I 107 -22.85 -0.49 34.98
N ALA I 108 -23.47 -1.12 35.99
CA ALA I 108 -24.91 -1.16 36.07
C ALA I 108 -25.52 0.21 36.36
N GLY I 109 -24.72 1.20 36.74
CA GLY I 109 -25.22 2.53 37.04
C GLY I 109 -25.41 2.84 38.49
N MET I 110 -24.96 1.98 39.40
CA MET I 110 -25.14 2.19 40.82
C MET I 110 -23.96 2.98 41.40
N ASN I 111 -24.20 3.61 42.54
CA ASN I 111 -23.25 4.57 43.11
C ASN I 111 -22.01 3.85 43.64
N PRO I 112 -20.81 4.19 43.18
CA PRO I 112 -19.59 3.57 43.74
C PRO I 112 -19.40 3.83 45.22
N MET I 113 -19.79 5.01 45.71
CA MET I 113 -19.61 5.32 47.13
C MET I 113 -20.43 4.40 48.01
N ASP I 114 -21.69 4.17 47.65
CA ASP I 114 -22.53 3.25 48.41
C ASP I 114 -22.00 1.83 48.30
N LEU I 115 -21.45 1.47 47.13
CA LEU I 115 -20.84 0.15 46.98
C LEU I 115 -19.66 -0.02 47.94
N LYS I 116 -18.81 1.01 48.04
CA LYS I 116 -17.69 0.96 48.97
C LYS I 116 -18.17 0.88 50.41
N ARG I 117 -19.22 1.62 50.75
CA ARG I 117 -19.77 1.56 52.10
C ARG I 117 -20.28 0.15 52.41
N GLY I 118 -21.00 -0.46 51.47
CA GLY I 118 -21.47 -1.82 51.67
C GLY I 118 -20.34 -2.82 51.81
N ILE I 119 -19.30 -2.67 50.98
CA ILE I 119 -18.14 -3.55 51.07
C ILE I 119 -17.49 -3.43 52.44
N ASP I 120 -17.30 -2.19 52.91
CA ASP I 120 -16.67 -1.97 54.21
C ASP I 120 -17.51 -2.54 55.35
N LYS I 121 -18.83 -2.34 55.30
CA LYS I 121 -19.69 -2.89 56.34
C LYS I 121 -19.65 -4.41 56.35
N ALA I 122 -19.74 -5.02 55.17
CA ALA I 122 -19.71 -6.48 55.08
C ALA I 122 -18.37 -7.02 55.57
N VAL I 123 -17.27 -6.34 55.23
CA VAL I 123 -15.95 -6.81 55.63
C VAL I 123 -15.75 -6.64 57.14
N THR I 124 -16.27 -5.57 57.72
CA THR I 124 -16.22 -5.43 59.17
C THR I 124 -17.00 -6.53 59.87
N ALA I 125 -18.20 -6.83 59.37
CA ALA I 125 -18.97 -7.95 59.92
C ALA I 125 -18.22 -9.26 59.74
N ALA I 126 -17.53 -9.42 58.61
CA ALA I 126 -16.75 -10.63 58.36
C ALA I 126 -15.59 -10.75 59.33
N VAL I 127 -14.93 -9.63 59.65
CA VAL I 127 -13.85 -9.64 60.63
C VAL I 127 -14.37 -10.02 62.00
N GLU I 128 -15.54 -9.47 62.38
CA GLU I 128 -16.15 -9.86 63.65
C GLU I 128 -16.48 -11.35 63.67
N GLU I 129 -17.02 -11.88 62.57
CA GLU I 129 -17.33 -13.30 62.49
C GLU I 129 -16.06 -14.15 62.56
N LEU I 130 -14.99 -13.68 61.94
CA LEU I 130 -13.72 -14.38 62.00
C LEU I 130 -13.18 -14.43 63.42
N LYS I 131 -13.28 -13.31 64.14
CA LYS I 131 -12.89 -13.30 65.55
C LYS I 131 -13.75 -14.26 66.36
N ALA I 132 -15.05 -14.32 66.08
CA ALA I 132 -15.93 -15.24 66.78
C ALA I 132 -15.55 -16.69 66.50
N LEU I 133 -15.22 -17.00 65.24
CA LEU I 133 -14.91 -18.37 64.85
C LEU I 133 -13.50 -18.80 65.24
N SER I 134 -12.61 -17.86 65.55
CA SER I 134 -11.24 -18.20 65.87
C SER I 134 -11.15 -18.98 67.17
N VAL I 135 -10.27 -19.98 67.18
CA VAL I 135 -10.01 -20.77 68.39
C VAL I 135 -8.65 -20.36 68.95
N PRO I 136 -8.48 -20.32 70.27
CA PRO I 136 -7.20 -19.86 70.84
C PRO I 136 -6.07 -20.82 70.54
N CYS I 137 -4.85 -20.26 70.51
CA CYS I 137 -3.62 -21.01 70.34
C CYS I 137 -2.62 -20.61 71.42
N SER I 138 -3.09 -20.54 72.66
CA SER I 138 -2.28 -20.09 73.78
C SER I 138 -1.45 -21.20 74.40
N ASP I 139 -2.00 -22.41 74.51
CA ASP I 139 -1.30 -23.51 75.14
C ASP I 139 -0.10 -23.95 74.30
N SER I 140 0.90 -24.52 74.96
CA SER I 140 2.10 -24.97 74.28
C SER I 140 1.79 -26.09 73.28
N LYS I 141 0.83 -26.95 73.62
CA LYS I 141 0.45 -28.03 72.70
C LYS I 141 -0.10 -27.48 71.40
N ALA I 142 -0.97 -26.46 71.48
CA ALA I 142 -1.50 -25.85 70.27
C ALA I 142 -0.40 -25.15 69.47
N ILE I 143 0.54 -24.50 70.18
CA ILE I 143 1.65 -23.84 69.49
C ILE I 143 2.48 -24.87 68.72
N ALA I 144 2.79 -25.99 69.37
CA ALA I 144 3.56 -27.04 68.69
C ALA I 144 2.79 -27.62 67.52
N GLN I 145 1.48 -27.82 67.69
CA GLN I 145 0.68 -28.40 66.62
C GLN I 145 0.62 -27.47 65.40
N VAL I 146 0.43 -26.17 65.65
CA VAL I 146 0.41 -25.20 64.55
C VAL I 146 1.78 -25.11 63.88
N GLY I 147 2.86 -25.10 64.67
CA GLY I 147 4.19 -25.07 64.07
C GLY I 147 4.47 -26.30 63.24
N THR I 148 4.00 -27.47 63.71
CA THR I 148 4.13 -28.70 62.93
C THR I 148 3.39 -28.60 61.61
N ILE I 149 2.16 -28.08 61.64
CA ILE I 149 1.39 -27.92 60.40
C ILE I 149 2.11 -26.98 59.45
N SER I 150 2.63 -25.87 59.97
CA SER I 150 3.22 -24.85 59.10
C SER I 150 4.45 -25.38 58.37
N ALA I 151 5.24 -26.21 59.03
CA ALA I 151 6.48 -26.73 58.44
C ALA I 151 6.26 -28.06 57.73
N ASN I 152 5.28 -28.10 56.84
CA ASN I 152 5.02 -29.27 55.99
C ASN I 152 4.85 -30.54 56.81
N SER I 153 4.09 -30.44 57.90
CA SER I 153 3.79 -31.57 58.78
C SER I 153 5.06 -32.21 59.33
N ASP I 154 5.90 -31.39 59.96
CA ASP I 154 7.13 -31.85 60.61
C ASP I 154 7.01 -31.59 62.11
N GLU I 155 7.12 -32.65 62.91
CA GLU I 155 6.93 -32.51 64.36
C GLU I 155 8.10 -31.78 65.01
N THR I 156 9.31 -31.94 64.47
CA THR I 156 10.50 -31.36 65.11
C THR I 156 10.44 -29.84 65.11
N VAL I 157 10.08 -29.24 63.98
CA VAL I 157 10.00 -27.78 63.88
C VAL I 157 8.97 -27.25 64.86
N GLY I 158 7.81 -27.90 64.91
CA GLY I 158 6.78 -27.49 65.85
C GLY I 158 7.24 -27.59 67.29
N LYS I 159 7.98 -28.66 67.63
CA LYS I 159 8.46 -28.84 69.00
C LYS I 159 9.43 -27.72 69.37
N LEU I 160 10.43 -27.46 68.51
CA LEU I 160 11.36 -26.37 68.79
C LEU I 160 10.64 -25.04 68.92
N ILE I 161 9.67 -24.77 68.05
CA ILE I 161 8.90 -23.54 68.18
C ILE I 161 8.18 -23.51 69.51
N ALA I 162 7.68 -24.66 69.96
CA ALA I 162 6.95 -24.73 71.23
C ALA I 162 7.85 -24.35 72.41
N GLU I 163 9.02 -24.99 72.52
CA GLU I 163 9.86 -24.62 73.66
C GLU I 163 10.49 -23.24 73.49
N ALA I 164 10.65 -22.77 72.25
CA ALA I 164 11.10 -21.39 72.06
C ALA I 164 10.08 -20.41 72.62
N MET I 165 8.80 -20.60 72.27
CA MET I 165 7.74 -19.75 72.80
C MET I 165 7.66 -19.86 74.32
N ASP I 166 7.83 -21.07 74.85
CA ASP I 166 7.78 -21.25 76.30
C ASP I 166 8.94 -20.54 76.99
N LYS I 167 10.15 -20.62 76.43
CA LYS I 167 11.33 -20.07 77.09
C LYS I 167 11.37 -18.55 76.99
N VAL I 168 11.08 -17.99 75.82
CA VAL I 168 11.22 -16.54 75.66
C VAL I 168 9.91 -15.80 75.91
N GLY I 169 8.79 -16.51 75.94
CA GLY I 169 7.49 -15.88 76.10
C GLY I 169 6.80 -15.65 74.76
N LYS I 170 5.49 -15.40 74.83
CA LYS I 170 4.71 -15.20 73.62
C LYS I 170 5.11 -13.91 72.90
N GLU I 171 5.44 -12.87 73.64
CA GLU I 171 5.87 -11.60 73.07
C GLU I 171 7.38 -11.51 72.87
N GLY I 172 8.11 -12.58 73.18
CA GLY I 172 9.55 -12.56 73.07
C GLY I 172 10.03 -12.62 71.62
N VAL I 173 11.34 -12.46 71.47
CA VAL I 173 11.99 -12.44 70.17
C VAL I 173 12.69 -13.78 69.94
N ILE I 174 12.43 -14.39 68.80
CA ILE I 174 13.03 -15.67 68.42
C ILE I 174 13.74 -15.48 67.08
N THR I 175 14.99 -15.93 67.02
CA THR I 175 15.78 -15.87 65.80
C THR I 175 16.33 -17.25 65.48
N VAL I 176 16.51 -17.51 64.19
CA VAL I 176 16.96 -18.82 63.70
C VAL I 176 18.36 -18.67 63.13
N GLU I 177 19.28 -19.51 63.58
CA GLU I 177 20.66 -19.49 63.12
C GLU I 177 21.10 -20.90 62.75
N ASP I 178 22.12 -20.98 61.92
CA ASP I 178 22.66 -22.26 61.50
C ASP I 178 23.34 -22.97 62.66
N GLY I 179 23.14 -24.28 62.74
CA GLY I 179 23.73 -25.10 63.78
C GLY I 179 24.94 -25.86 63.26
N THR I 180 25.97 -25.96 64.09
CA THR I 180 27.20 -26.64 63.69
C THR I 180 26.96 -28.14 63.51
N GLY I 181 26.34 -28.78 64.50
CA GLY I 181 26.10 -30.21 64.46
C GLY I 181 24.71 -30.55 63.97
N LEU I 182 24.40 -31.85 64.02
CA LEU I 182 23.09 -32.33 63.60
C LEU I 182 22.02 -32.00 64.64
N GLN I 183 22.37 -32.00 65.91
CA GLN I 183 21.39 -31.73 66.97
C GLN I 183 20.94 -30.28 66.93
N ASP I 184 19.66 -30.06 67.20
CA ASP I 184 19.12 -28.71 67.26
C ASP I 184 19.34 -28.12 68.65
N GLU I 185 19.74 -26.85 68.67
CA GLU I 185 20.09 -26.17 69.92
C GLU I 185 19.24 -24.91 70.08
N LEU I 186 18.77 -24.69 71.30
CA LEU I 186 18.03 -23.48 71.66
C LEU I 186 18.69 -22.83 72.86
N ASP I 187 18.91 -21.52 72.77
CA ASP I 187 19.53 -20.77 73.85
C ASP I 187 19.00 -19.34 73.83
N VAL I 188 19.12 -18.68 74.97
CA VAL I 188 18.65 -17.30 75.14
C VAL I 188 19.86 -16.40 75.35
N VAL I 189 19.98 -15.37 74.52
CA VAL I 189 21.05 -14.40 74.62
C VAL I 189 20.45 -13.04 74.90
N GLU I 190 21.32 -12.10 75.26
CA GLU I 190 20.87 -10.76 75.63
C GLU I 190 20.76 -9.90 74.37
N GLY I 191 19.58 -9.34 74.14
CA GLY I 191 19.37 -8.50 72.98
C GLY I 191 17.93 -8.01 72.95
N MET I 192 17.69 -7.04 72.06
CA MET I 192 16.36 -6.49 71.88
C MET I 192 16.06 -6.38 70.39
N GLN I 193 14.82 -6.04 70.09
CA GLN I 193 14.38 -5.83 68.71
C GLN I 193 13.37 -4.70 68.68
N PHE I 194 13.65 -3.68 67.89
CA PHE I 194 12.78 -2.51 67.75
C PHE I 194 12.12 -2.52 66.38
N ASP I 195 11.28 -1.51 66.15
CA ASP I 195 10.40 -1.49 64.99
C ASP I 195 11.01 -0.78 63.77
N ARG I 196 12.24 -0.31 63.86
CA ARG I 196 12.86 0.38 62.74
C ARG I 196 13.49 -0.61 61.77
N GLY I 197 13.77 -0.12 60.56
CA GLY I 197 14.33 -0.94 59.51
C GLY I 197 15.37 -0.18 58.71
N TYR I 198 15.93 -0.86 57.70
CA TYR I 198 16.94 -0.24 56.86
C TYR I 198 16.36 0.90 56.06
N LEU I 199 17.20 1.93 55.85
CA LEU I 199 16.74 3.11 55.13
C LEU I 199 16.67 2.89 53.62
N SER I 200 17.57 2.08 53.06
CA SER I 200 17.57 1.85 51.63
C SER I 200 17.58 0.34 51.35
N PRO I 201 16.84 -0.10 50.32
CA PRO I 201 16.84 -1.53 49.99
C PRO I 201 18.19 -2.05 49.54
N TYR I 202 19.11 -1.18 49.13
CA TYR I 202 20.42 -1.63 48.67
C TYR I 202 21.31 -2.12 49.80
N PHE I 203 20.90 -1.93 51.05
CA PHE I 203 21.66 -2.42 52.20
C PHE I 203 21.50 -3.92 52.42
N ILE I 204 20.61 -4.57 51.67
CA ILE I 204 20.27 -5.97 51.92
C ILE I 204 21.48 -6.84 51.64
N ASN I 205 21.95 -7.56 52.67
CA ASN I 205 23.06 -8.49 52.48
C ASN I 205 22.61 -9.76 51.76
N LYS I 206 21.44 -10.29 52.12
CA LYS I 206 20.93 -11.53 51.55
C LYS I 206 19.64 -11.24 50.78
N PRO I 207 19.70 -11.12 49.46
CA PRO I 207 18.48 -10.79 48.70
C PRO I 207 17.37 -11.82 48.84
N GLU I 208 17.70 -13.10 48.98
CA GLU I 208 16.67 -14.12 49.11
C GLU I 208 15.87 -13.93 50.39
N THR I 209 16.55 -13.61 51.51
CA THR I 209 15.86 -13.38 52.76
C THR I 209 15.14 -12.04 52.80
N GLY I 210 15.52 -11.09 51.95
CA GLY I 210 14.90 -9.79 51.97
C GLY I 210 15.22 -8.97 53.20
N ALA I 211 16.36 -9.22 53.84
CA ALA I 211 16.72 -8.52 55.07
C ALA I 211 18.23 -8.40 55.15
N VAL I 212 18.69 -7.47 55.97
CA VAL I 212 20.11 -7.23 56.17
C VAL I 212 20.59 -8.05 57.36
N GLU I 213 21.66 -8.82 57.16
CA GLU I 213 22.22 -9.67 58.20
C GLU I 213 23.72 -9.41 58.29
N LEU I 214 24.21 -9.21 59.51
CA LEU I 214 25.62 -8.93 59.76
C LEU I 214 26.14 -9.84 60.86
N GLU I 215 27.35 -10.34 60.68
CA GLU I 215 28.02 -11.16 61.68
C GLU I 215 29.08 -10.32 62.39
N SER I 216 28.98 -10.25 63.71
CA SER I 216 29.88 -9.46 64.54
C SER I 216 30.04 -8.03 64.03
N PRO I 217 28.96 -7.25 63.99
CA PRO I 217 29.06 -5.88 63.48
C PRO I 217 29.32 -4.86 64.58
N PHE I 218 29.85 -3.71 64.17
CA PHE I 218 30.03 -2.57 65.07
C PHE I 218 28.80 -1.68 65.04
N ILE I 219 28.44 -1.15 66.20
CA ILE I 219 27.24 -0.33 66.36
C ILE I 219 27.67 1.08 66.72
N LEU I 220 27.15 2.06 65.98
CA LEU I 220 27.40 3.47 66.25
C LEU I 220 26.10 4.14 66.67
N LEU I 221 26.17 4.98 67.71
CA LEU I 221 25.00 5.55 68.35
C LEU I 221 25.16 7.07 68.39
N ALA I 222 24.51 7.76 67.45
CA ALA I 222 24.61 9.21 67.33
C ALA I 222 23.27 9.85 67.68
N ASP I 223 23.32 10.96 68.43
CA ASP I 223 22.13 11.70 68.81
C ASP I 223 21.82 12.85 67.87
N LYS I 224 22.44 12.89 66.70
CA LYS I 224 22.30 14.01 65.77
C LYS I 224 21.91 13.50 64.39
N LYS I 225 21.30 14.40 63.61
CA LYS I 225 20.94 14.08 62.23
C LYS I 225 22.20 13.85 61.41
N ILE I 226 22.15 12.84 60.53
CA ILE I 226 23.30 12.41 59.74
C ILE I 226 23.06 12.81 58.29
N SER I 227 23.92 13.69 57.77
CA SER I 227 23.82 14.12 56.39
C SER I 227 25.17 14.06 55.67
N ASN I 228 26.26 14.20 56.41
CA ASN I 228 27.59 14.33 55.84
C ASN I 228 28.44 13.11 56.19
N ILE I 229 29.13 12.56 55.19
CA ILE I 229 30.03 11.44 55.41
C ILE I 229 31.27 11.89 56.17
N ARG I 230 31.69 13.15 55.97
CA ARG I 230 32.91 13.65 56.62
C ARG I 230 32.80 13.62 58.14
N GLU I 231 31.59 13.58 58.69
CA GLU I 231 31.43 13.56 60.14
C GLU I 231 31.97 12.27 60.74
N MET I 232 31.61 11.13 60.16
CA MET I 232 32.09 9.83 60.64
C MET I 232 33.18 9.25 59.77
N LEU I 233 33.77 10.05 58.87
CA LEU I 233 34.87 9.57 58.04
C LEU I 233 36.01 8.94 58.83
N PRO I 234 36.53 9.53 59.91
CA PRO I 234 37.53 8.81 60.71
C PRO I 234 37.02 7.49 61.26
N VAL I 235 35.77 7.45 61.72
CA VAL I 235 35.20 6.21 62.23
C VAL I 235 35.09 5.17 61.12
N LEU I 236 34.63 5.60 59.93
CA LEU I 236 34.52 4.68 58.80
C LEU I 236 35.89 4.13 58.40
N GLU I 237 36.91 4.99 58.37
CA GLU I 237 38.25 4.52 58.03
C GLU I 237 38.77 3.55 59.07
N ALA I 238 38.54 3.84 60.36
CA ALA I 238 39.00 2.96 61.42
C ALA I 238 38.31 1.60 61.34
N VAL I 239 37.00 1.58 61.10
CA VAL I 239 36.29 0.30 61.02
C VAL I 239 36.67 -0.45 59.75
N ALA I 240 36.99 0.27 58.67
CA ALA I 240 37.49 -0.40 57.46
C ALA I 240 38.85 -1.03 57.72
N LYS I 241 39.72 -0.36 58.45
CA LYS I 241 40.99 -0.96 58.85
C LYS I 241 40.76 -2.18 59.73
N ALA I 242 39.80 -2.10 60.65
CA ALA I 242 39.45 -3.27 61.46
C ALA I 242 38.87 -4.38 60.59
N GLY I 243 38.05 -4.03 59.62
CA GLY I 243 37.48 -4.99 58.69
C GLY I 243 36.12 -5.52 59.07
N LYS I 244 35.68 -5.33 60.31
CA LYS I 244 34.36 -5.83 60.68
C LYS I 244 33.26 -4.89 60.20
N PRO I 245 32.06 -5.41 59.95
CA PRO I 245 30.97 -4.56 59.47
C PRO I 245 30.55 -3.54 60.51
N LEU I 246 30.01 -2.43 60.04
CA LEU I 246 29.53 -1.34 60.88
C LEU I 246 28.04 -1.14 60.66
N LEU I 247 27.27 -1.11 61.74
CA LEU I 247 25.85 -0.81 61.69
C LEU I 247 25.63 0.55 62.33
N ILE I 248 25.08 1.48 61.56
CA ILE I 248 24.84 2.85 62.02
C ILE I 248 23.36 3.01 62.34
N ILE I 249 23.07 3.41 63.58
CA ILE I 249 21.71 3.74 64.01
C ILE I 249 21.76 5.07 64.74
N ALA I 250 20.97 6.03 64.27
CA ALA I 250 20.92 7.37 64.83
C ALA I 250 19.53 7.95 64.62
N GLU I 251 19.40 9.26 64.80
CA GLU I 251 18.10 9.90 64.63
C GLU I 251 17.58 9.72 63.21
N ASP I 252 18.43 9.99 62.21
CA ASP I 252 18.10 9.79 60.81
C ASP I 252 19.36 9.98 59.98
N VAL I 253 19.43 9.27 58.86
CA VAL I 253 20.53 9.38 57.91
C VAL I 253 19.95 9.75 56.55
N GLU I 254 20.34 10.91 56.03
CA GLU I 254 19.89 11.38 54.74
C GLU I 254 21.05 12.09 54.05
N GLY I 255 20.74 12.82 52.98
CA GLY I 255 21.76 13.56 52.27
C GLY I 255 22.72 12.66 51.52
N GLU I 256 23.94 13.16 51.33
CA GLU I 256 24.96 12.41 50.60
C GLU I 256 25.51 11.23 51.40
N ALA I 257 25.26 11.19 52.71
CA ALA I 257 25.72 10.06 53.52
C ALA I 257 25.06 8.77 53.08
N LEU I 258 23.75 8.80 52.85
CA LEU I 258 23.06 7.60 52.38
C LEU I 258 23.58 7.18 51.00
N ALA I 259 23.80 8.15 50.11
CA ALA I 259 24.29 7.83 48.77
C ALA I 259 25.68 7.20 48.81
N THR I 260 26.58 7.75 49.63
CA THR I 260 27.92 7.19 49.70
C THR I 260 27.92 5.84 50.41
N LEU I 261 27.03 5.63 51.39
CA LEU I 261 26.92 4.32 52.01
C LEU I 261 26.42 3.28 51.01
N VAL I 262 25.43 3.65 50.19
CA VAL I 262 24.94 2.74 49.15
C VAL I 262 26.03 2.44 48.15
N VAL I 263 26.81 3.46 47.76
CA VAL I 263 27.91 3.24 46.83
C VAL I 263 28.94 2.29 47.42
N ASN I 264 29.29 2.48 48.69
CA ASN I 264 30.25 1.59 49.34
C ASN I 264 29.73 0.17 49.40
N THR I 265 28.45 -0.02 49.73
CA THR I 265 27.88 -1.36 49.78
C THR I 265 27.89 -2.02 48.41
N MET I 266 27.52 -1.27 47.36
CA MET I 266 27.53 -1.82 46.01
C MET I 266 28.94 -2.21 45.58
N ARG I 267 29.92 -1.34 45.84
CA ARG I 267 31.30 -1.67 45.52
C ARG I 267 31.87 -2.71 46.47
N GLY I 268 31.24 -2.92 47.63
CA GLY I 268 31.66 -3.95 48.56
C GLY I 268 32.86 -3.62 49.41
N ILE I 269 33.39 -2.39 49.32
CA ILE I 269 34.56 -2.03 50.11
C ILE I 269 34.22 -2.03 51.60
N VAL I 270 33.07 -1.47 51.97
CA VAL I 270 32.61 -1.43 53.35
C VAL I 270 31.13 -1.81 53.35
N LYS I 271 30.74 -2.72 54.25
CA LYS I 271 29.37 -3.18 54.38
C LYS I 271 28.74 -2.48 55.59
N VAL I 272 27.92 -1.46 55.32
CA VAL I 272 27.27 -0.67 56.36
C VAL I 272 25.79 -0.53 56.02
N ALA I 273 24.93 -0.79 56.99
CA ALA I 273 23.49 -0.60 56.85
C ALA I 273 23.03 0.52 57.79
N ALA I 274 22.12 1.35 57.30
CA ALA I 274 21.63 2.51 58.04
C ALA I 274 20.20 2.26 58.51
N VAL I 275 19.96 2.44 59.80
CA VAL I 275 18.66 2.26 60.42
C VAL I 275 18.40 3.43 61.36
N LYS I 276 17.18 3.95 61.32
CA LYS I 276 16.81 5.04 62.22
C LYS I 276 16.68 4.52 63.66
N ALA I 277 16.77 5.45 64.61
CA ALA I 277 16.58 5.08 66.01
C ALA I 277 15.09 4.91 66.31
N PRO I 278 14.74 3.97 67.18
CA PRO I 278 13.32 3.80 67.54
C PRO I 278 12.81 4.97 68.36
N GLY I 279 11.51 5.22 68.25
CA GLY I 279 10.87 6.28 69.00
C GLY I 279 11.20 7.66 68.46
N PHE I 280 10.86 8.67 69.27
CA PHE I 280 11.11 10.05 68.92
C PHE I 280 11.27 10.87 70.19
N GLY I 281 12.20 11.82 70.16
CA GLY I 281 12.38 12.71 71.29
C GLY I 281 12.98 11.99 72.50
N ASP I 282 12.36 12.21 73.66
CA ASP I 282 12.88 11.64 74.90
C ASP I 282 12.85 10.11 74.87
N ARG I 283 11.77 9.54 74.32
CA ARG I 283 11.71 8.08 74.19
C ARG I 283 12.81 7.57 73.27
N ARG I 284 13.07 8.29 72.16
CA ARG I 284 14.17 7.90 71.28
C ARG I 284 15.50 7.93 72.01
N LYS I 285 15.73 8.97 72.81
CA LYS I 285 16.97 9.05 73.58
C LYS I 285 17.07 7.90 74.56
N ALA I 286 15.96 7.55 75.21
CA ALA I 286 15.95 6.46 76.17
C ALA I 286 16.27 5.12 75.51
N MET I 287 15.65 4.85 74.36
CA MET I 287 15.95 3.61 73.63
C MET I 287 17.40 3.59 73.15
N LEU I 288 17.92 4.73 72.71
CA LEU I 288 19.32 4.78 72.30
C LEU I 288 20.25 4.49 73.47
N GLN I 289 19.94 5.03 74.64
CA GLN I 289 20.74 4.74 75.84
C GLN I 289 20.63 3.27 76.23
N ASP I 290 19.44 2.68 76.09
CA ASP I 290 19.29 1.26 76.35
C ASP I 290 20.13 0.42 75.40
N ILE I 291 20.15 0.78 74.12
CA ILE I 291 20.98 0.08 73.15
C ILE I 291 22.45 0.22 73.51
N ALA I 292 22.86 1.41 73.94
CA ALA I 292 24.24 1.60 74.37
C ALA I 292 24.58 0.73 75.56
N THR I 293 23.67 0.64 76.54
CA THR I 293 23.92 -0.21 77.70
C THR I 293 24.01 -1.68 77.30
N LEU I 294 23.15 -2.11 76.40
CA LEU I 294 23.14 -3.53 76.00
C LEU I 294 24.39 -3.89 75.20
N THR I 295 24.75 -3.07 74.23
CA THR I 295 25.90 -3.35 73.37
C THR I 295 27.21 -2.86 73.94
N GLY I 296 27.19 -2.16 75.08
CA GLY I 296 28.41 -1.67 75.68
C GLY I 296 29.06 -0.50 74.97
N GLY I 297 28.36 0.12 74.02
CA GLY I 297 28.92 1.22 73.27
C GLY I 297 28.75 2.55 73.98
N THR I 298 29.10 3.61 73.26
CA THR I 298 29.02 4.98 73.75
C THR I 298 28.09 5.78 72.87
N VAL I 299 27.18 6.53 73.50
CA VAL I 299 26.24 7.37 72.77
C VAL I 299 26.95 8.66 72.35
N ILE I 300 26.91 8.96 71.05
CA ILE I 300 27.50 10.19 70.51
C ILE I 300 26.43 11.27 70.67
N SER I 301 26.46 11.95 71.82
CA SER I 301 25.50 13.00 72.14
C SER I 301 26.15 14.35 71.96
N GLU I 302 25.49 15.22 71.18
CA GLU I 302 26.06 16.53 70.90
C GLU I 302 26.14 17.39 72.16
N GLU I 303 25.10 17.36 72.99
CA GLU I 303 25.09 18.20 74.19
C GLU I 303 26.04 17.68 75.26
N ILE I 304 26.30 16.37 75.29
CA ILE I 304 27.22 15.83 76.28
C ILE I 304 28.65 16.25 75.97
N GLY I 305 29.03 16.25 74.70
CA GLY I 305 30.31 16.77 74.30
C GLY I 305 31.06 16.02 73.22
N MET I 306 30.87 14.70 73.13
CA MET I 306 31.57 13.94 72.10
C MET I 306 30.92 14.16 70.74
N GLU I 307 31.73 14.02 69.70
CA GLU I 307 31.30 14.22 68.32
C GLU I 307 31.62 12.97 67.51
N LEU I 308 31.07 12.92 66.29
CA LEU I 308 31.30 11.79 65.41
C LEU I 308 32.77 11.67 65.03
N GLU I 309 33.43 12.80 64.79
CA GLU I 309 34.86 12.77 64.49
C GLU I 309 35.66 12.24 65.67
N LYS I 310 35.29 12.65 66.89
CA LYS I 310 36.01 12.20 68.08
C LYS I 310 35.70 10.75 68.44
N ALA I 311 34.68 10.14 67.85
CA ALA I 311 34.35 8.76 68.16
C ALA I 311 35.45 7.82 67.68
N THR I 312 35.71 6.78 68.46
CA THR I 312 36.75 5.81 68.19
C THR I 312 36.14 4.42 68.03
N LEU I 313 36.99 3.45 67.69
CA LEU I 313 36.53 2.07 67.53
C LEU I 313 36.01 1.50 68.84
N GLU I 314 36.70 1.79 69.95
CA GLU I 314 36.25 1.28 71.24
C GLU I 314 34.95 1.93 71.67
N ASP I 315 34.67 3.15 71.20
CA ASP I 315 33.40 3.79 71.51
C ASP I 315 32.24 3.14 70.77
N LEU I 316 32.51 2.44 69.68
CA LEU I 316 31.46 1.79 68.90
C LEU I 316 30.86 0.62 69.69
N GLY I 317 29.55 0.48 69.60
CA GLY I 317 28.90 -0.69 70.16
C GLY I 317 29.21 -1.93 69.35
N GLN I 318 29.19 -3.07 70.02
CA GLN I 318 29.52 -4.35 69.39
C GLN I 318 28.47 -5.39 69.75
N ALA I 319 28.15 -6.25 68.78
CA ALA I 319 27.21 -7.32 68.98
C ALA I 319 27.68 -8.55 68.22
N LYS I 320 27.20 -9.72 68.64
CA LYS I 320 27.58 -10.96 67.97
C LYS I 320 26.93 -11.05 66.59
N ARG I 321 25.67 -10.65 66.47
CA ARG I 321 24.96 -10.72 65.20
C ARG I 321 23.76 -9.79 65.27
N VAL I 322 23.44 -9.15 64.15
CA VAL I 322 22.25 -8.31 64.03
C VAL I 322 21.51 -8.69 62.75
N VAL I 323 20.20 -8.50 62.78
CA VAL I 323 19.34 -8.73 61.62
C VAL I 323 18.49 -7.50 61.40
N ILE I 324 18.52 -6.96 60.18
CA ILE I 324 17.79 -5.75 59.83
C ILE I 324 16.78 -6.10 58.74
N ASN I 325 15.51 -5.89 59.04
CA ASN I 325 14.42 -6.10 58.09
C ASN I 325 13.64 -4.80 57.94
N LYS I 326 12.98 -4.64 56.78
CA LYS I 326 12.26 -3.41 56.50
C LYS I 326 11.14 -3.13 57.49
N ASP I 327 10.69 -4.14 58.22
CA ASP I 327 9.65 -3.96 59.23
C ASP I 327 10.20 -3.89 60.65
N THR I 328 11.33 -4.54 60.93
CA THR I 328 11.89 -4.53 62.27
C THR I 328 13.37 -4.87 62.19
N THR I 329 14.10 -4.51 63.26
CA THR I 329 15.53 -4.77 63.36
C THR I 329 15.82 -5.43 64.69
N THR I 330 16.60 -6.50 64.68
CA THR I 330 16.89 -7.29 65.86
C THR I 330 18.39 -7.24 66.16
N ILE I 331 18.71 -6.99 67.43
CA ILE I 331 20.09 -7.05 67.92
C ILE I 331 20.21 -8.31 68.75
N ILE I 332 21.13 -9.20 68.36
CA ILE I 332 21.25 -10.53 68.93
C ILE I 332 22.61 -10.66 69.60
N ASP I 333 22.59 -11.06 70.88
CA ASP I 333 23.80 -11.39 71.64
C ASP I 333 24.80 -10.24 71.61
N GLY I 334 24.31 -9.04 71.92
CA GLY I 334 25.20 -7.90 72.07
C GLY I 334 26.16 -8.08 73.22
N VAL I 335 27.45 -7.90 72.96
CA VAL I 335 28.46 -8.14 73.98
C VAL I 335 28.43 -7.02 75.01
N GLY I 336 28.43 -7.39 76.29
CA GLY I 336 28.38 -6.42 77.37
C GLY I 336 28.25 -7.12 78.71
N GLU I 337 28.93 -6.60 79.73
CA GLU I 337 28.92 -7.25 81.03
C GLU I 337 27.53 -7.14 81.66
N GLU I 338 27.12 -8.21 82.35
CA GLU I 338 25.72 -8.37 82.73
C GLU I 338 25.30 -7.38 83.82
N ALA I 339 26.21 -7.00 84.72
CA ALA I 339 25.85 -6.12 85.82
C ALA I 339 25.34 -4.77 85.33
N ALA I 340 25.85 -4.29 84.19
CA ALA I 340 25.30 -3.07 83.60
C ALA I 340 23.84 -3.27 83.21
N ILE I 341 23.52 -4.43 82.63
CA ILE I 341 22.14 -4.73 82.26
C ILE I 341 21.26 -4.80 83.50
N GLN I 342 21.78 -5.42 84.58
CA GLN I 342 21.00 -5.50 85.82
C GLN I 342 20.75 -4.11 86.40
N GLY I 343 21.77 -3.25 86.41
CA GLY I 343 21.58 -1.90 86.89
C GLY I 343 20.57 -1.12 86.06
N ARG I 344 20.66 -1.25 84.74
CA ARG I 344 19.72 -0.56 83.86
C ARG I 344 18.30 -1.06 84.06
N VAL I 345 18.12 -2.38 84.21
CA VAL I 345 16.78 -2.92 84.37
C VAL I 345 16.20 -2.50 85.72
N ALA I 346 17.03 -2.44 86.76
CA ALA I 346 16.56 -1.95 88.05
C ALA I 346 16.18 -0.47 87.96
N GLN I 347 16.98 0.33 87.24
CA GLN I 347 16.66 1.74 87.08
C GLN I 347 15.34 1.94 86.35
N ILE I 348 15.12 1.17 85.28
CA ILE I 348 13.84 1.28 84.57
C ILE I 348 12.69 0.82 85.45
N ARG I 349 12.90 -0.26 86.22
CA ARG I 349 11.85 -0.75 87.11
C ARG I 349 11.45 0.32 88.12
N GLN I 350 12.42 0.99 88.73
CA GLN I 350 12.07 2.08 89.63
C GLN I 350 11.49 3.28 88.88
N GLN I 351 11.83 3.43 87.60
CA GLN I 351 11.17 4.46 86.79
C GLN I 351 9.67 4.21 86.68
N ILE I 352 9.28 2.95 86.46
CA ILE I 352 7.85 2.62 86.56
C ILE I 352 7.35 2.85 87.99
N GLU I 353 8.16 2.47 88.98
CA GLU I 353 7.70 2.56 90.37
C GLU I 353 7.30 3.97 90.76
N GLU I 354 8.12 4.97 90.40
CA GLU I 354 7.76 6.35 90.64
C GLU I 354 7.27 7.08 89.39
N ALA I 355 6.70 6.36 88.43
CA ALA I 355 6.03 7.02 87.31
C ALA I 355 4.66 7.53 87.75
N THR I 356 4.10 8.43 86.95
CA THR I 356 2.84 9.09 87.28
C THR I 356 1.72 8.71 86.32
N SER I 357 1.90 8.94 85.02
CA SER I 357 0.83 8.71 84.06
C SER I 357 0.80 7.25 83.61
N ASP I 358 -0.41 6.81 83.22
CA ASP I 358 -0.57 5.42 82.78
C ASP I 358 0.17 5.16 81.48
N TYR I 359 0.15 6.11 80.54
CA TYR I 359 0.84 5.93 79.27
C TYR I 359 2.35 5.78 79.49
N ASP I 360 2.93 6.62 80.35
CA ASP I 360 4.35 6.51 80.64
C ASP I 360 4.68 5.17 81.30
N ARG I 361 3.82 4.74 82.23
CA ARG I 361 4.05 3.45 82.88
C ARG I 361 4.01 2.31 81.87
N GLU I 362 3.03 2.33 80.96
CA GLU I 362 2.96 1.28 79.95
C GLU I 362 4.16 1.29 79.02
N LYS I 363 4.59 2.49 78.60
CA LYS I 363 5.75 2.58 77.71
C LYS I 363 7.01 2.08 78.41
N LEU I 364 7.22 2.47 79.67
CA LEU I 364 8.41 2.04 80.39
C LEU I 364 8.36 0.54 80.68
N GLN I 365 7.16 0.00 80.95
CA GLN I 365 7.03 -1.44 81.15
C GLN I 365 7.35 -2.20 79.87
N GLU I 366 6.89 -1.70 78.72
CA GLU I 366 7.24 -2.32 77.45
C GLU I 366 8.74 -2.27 77.22
N ARG I 367 9.36 -1.12 77.51
CA ARG I 367 10.80 -0.99 77.34
C ARG I 367 11.56 -1.96 78.24
N VAL I 368 11.17 -2.07 79.51
CA VAL I 368 11.89 -2.94 80.43
C VAL I 368 11.68 -4.41 80.07
N ALA I 369 10.47 -4.76 79.61
CA ALA I 369 10.23 -6.14 79.17
C ALA I 369 11.08 -6.46 77.93
N LYS I 370 11.17 -5.53 76.99
CA LYS I 370 11.99 -5.75 75.80
C LYS I 370 13.46 -5.90 76.18
N LEU I 371 13.94 -5.09 77.14
CA LEU I 371 15.36 -5.14 77.50
C LEU I 371 15.68 -6.40 78.28
N ALA I 372 14.79 -6.84 79.17
CA ALA I 372 15.07 -7.96 80.04
C ALA I 372 14.75 -9.31 79.42
N GLY I 373 13.81 -9.38 78.49
CA GLY I 373 13.41 -10.66 77.93
C GLY I 373 14.53 -11.34 77.16
N GLY I 374 15.31 -10.58 76.41
CA GLY I 374 16.37 -11.16 75.61
C GLY I 374 15.84 -11.77 74.32
N VAL I 375 16.76 -12.42 73.61
CA VAL I 375 16.46 -13.04 72.33
C VAL I 375 16.77 -14.53 72.44
N ALA I 376 15.79 -15.36 72.08
CA ALA I 376 15.96 -16.80 72.05
C ALA I 376 16.41 -17.21 70.66
N VAL I 377 17.58 -17.85 70.58
CA VAL I 377 18.19 -18.22 69.31
C VAL I 377 18.01 -19.71 69.09
N ILE I 378 17.48 -20.08 67.93
CA ILE I 378 17.28 -21.48 67.56
C ILE I 378 18.37 -21.88 66.58
N LYS I 379 19.24 -22.80 66.99
CA LYS I 379 20.32 -23.29 66.16
C LYS I 379 19.84 -24.57 65.49
N VAL I 380 19.38 -24.46 64.24
CA VAL I 380 18.85 -25.60 63.51
C VAL I 380 20.01 -26.44 62.99
N GLY I 381 19.95 -27.75 63.23
CA GLY I 381 21.00 -28.66 62.80
C GLY I 381 20.44 -29.75 61.92
N ALA I 382 21.31 -30.27 61.05
CA ALA I 382 20.91 -31.31 60.10
C ALA I 382 22.17 -32.04 59.63
N ALA I 383 21.95 -33.12 58.87
CA ALA I 383 23.07 -33.94 58.41
C ALA I 383 23.92 -33.20 57.37
N THR I 384 23.27 -32.60 56.36
CA THR I 384 23.98 -31.92 55.29
C THR I 384 23.57 -30.46 55.23
N GLU I 385 24.42 -29.66 54.60
CA GLU I 385 24.26 -28.21 54.62
C GLU I 385 23.01 -27.76 53.88
N VAL I 386 22.71 -28.37 52.73
CA VAL I 386 21.57 -27.92 51.93
C VAL I 386 20.25 -28.25 52.65
N GLU I 387 20.14 -29.46 53.20
CA GLU I 387 18.95 -29.79 53.96
C GLU I 387 18.87 -28.96 55.25
N MET I 388 20.03 -28.57 55.79
CA MET I 388 20.03 -27.67 56.95
C MET I 388 19.45 -26.31 56.58
N LYS I 389 19.82 -25.79 55.41
CA LYS I 389 19.25 -24.52 54.95
C LYS I 389 17.76 -24.65 54.70
N GLU I 390 17.34 -25.75 54.08
CA GLU I 390 15.91 -25.98 53.86
C GLU I 390 15.15 -26.04 55.18
N LYS I 391 15.70 -26.75 56.17
CA LYS I 391 15.07 -26.83 57.48
C LYS I 391 15.03 -25.46 58.15
N LYS I 392 16.08 -24.66 57.98
CA LYS I 392 16.09 -23.31 58.54
C LYS I 392 14.99 -22.46 57.93
N ALA I 393 14.82 -22.53 56.61
CA ALA I 393 13.76 -21.77 55.96
C ALA I 393 12.38 -22.23 56.44
N ARG I 394 12.19 -23.55 56.56
CA ARG I 394 10.93 -24.06 57.06
C ARG I 394 10.68 -23.62 58.50
N VAL I 395 11.74 -23.60 59.31
CA VAL I 395 11.61 -23.17 60.71
C VAL I 395 11.22 -21.70 60.78
N GLU I 396 11.83 -20.86 59.92
CA GLU I 396 11.48 -19.45 59.92
C GLU I 396 10.03 -19.24 59.48
N ASP I 397 9.58 -19.96 58.45
CA ASP I 397 8.20 -19.84 58.00
C ASP I 397 7.23 -20.29 59.08
N ALA I 398 7.53 -21.42 59.74
CA ALA I 398 6.68 -21.91 60.81
C ALA I 398 6.69 -20.95 62.01
N LEU I 399 7.82 -20.30 62.27
CA LEU I 399 7.88 -19.32 63.35
C LEU I 399 6.99 -18.13 63.05
N HIS I 400 7.02 -17.64 61.80
CA HIS I 400 6.12 -16.55 61.43
C HIS I 400 4.66 -16.95 61.57
N ALA I 401 4.32 -18.14 61.08
CA ALA I 401 2.95 -18.62 61.16
C ALA I 401 2.50 -18.79 62.61
N THR I 402 3.38 -19.33 63.46
CA THR I 402 3.05 -19.52 64.86
C THR I 402 2.93 -18.18 65.59
N ARG I 403 3.76 -17.20 65.23
CA ARG I 403 3.61 -15.87 65.81
C ARG I 403 2.25 -15.28 65.46
N ALA I 404 1.84 -15.40 64.19
CA ALA I 404 0.52 -14.93 63.80
C ALA I 404 -0.58 -15.66 64.57
N ALA I 405 -0.42 -16.98 64.74
CA ALA I 405 -1.41 -17.77 65.46
C ALA I 405 -1.52 -17.33 66.91
N VAL I 406 -0.39 -17.23 67.62
CA VAL I 406 -0.45 -16.82 69.02
C VAL I 406 -0.92 -15.38 69.16
N GLU I 407 -0.75 -14.55 68.12
CA GLU I 407 -1.32 -13.21 68.18
C GLU I 407 -2.84 -13.23 68.06
N GLU I 408 -3.37 -14.02 67.12
CA GLU I 408 -4.82 -13.94 66.88
C GLU I 408 -5.51 -15.30 66.75
N GLY I 409 -4.89 -16.39 67.18
CA GLY I 409 -5.53 -17.68 67.06
C GLY I 409 -5.48 -18.22 65.64
N VAL I 410 -6.19 -19.33 65.44
CA VAL I 410 -6.27 -19.97 64.13
C VAL I 410 -7.74 -20.22 63.80
N VAL I 411 -8.00 -20.35 62.49
CA VAL I 411 -9.33 -20.67 61.98
C VAL I 411 -9.19 -21.87 61.04
N ALA I 412 -10.34 -22.33 60.55
CA ALA I 412 -10.36 -23.45 59.62
C ALA I 412 -9.69 -23.04 58.32
N GLY I 413 -8.50 -23.59 58.07
CA GLY I 413 -7.70 -23.19 56.93
C GLY I 413 -8.21 -23.75 55.63
N GLY I 414 -7.44 -23.48 54.57
CA GLY I 414 -7.83 -23.90 53.24
C GLY I 414 -8.91 -23.07 52.60
N GLY I 415 -9.13 -21.85 53.09
CA GLY I 415 -10.12 -20.96 52.52
C GLY I 415 -11.56 -21.21 52.96
N VAL I 416 -11.79 -22.15 53.87
CA VAL I 416 -13.15 -22.43 54.31
C VAL I 416 -13.61 -21.51 55.43
N ALA I 417 -12.69 -20.83 56.13
CA ALA I 417 -13.10 -19.84 57.10
C ALA I 417 -13.88 -18.72 56.45
N LEU I 418 -13.41 -18.25 55.29
CA LEU I 418 -14.10 -17.18 54.58
C LEU I 418 -15.48 -17.62 54.12
N ILE I 419 -15.61 -18.84 53.59
CA ILE I 419 -16.93 -19.31 53.14
C ILE I 419 -17.87 -19.49 54.33
N ARG I 420 -17.36 -19.97 55.46
CA ARG I 420 -18.20 -20.10 56.65
C ARG I 420 -18.66 -18.73 57.14
N VAL I 421 -17.76 -17.75 57.15
CA VAL I 421 -18.12 -16.40 57.57
C VAL I 421 -19.17 -15.80 56.65
N ALA I 422 -18.97 -15.97 55.33
CA ALA I 422 -19.94 -15.44 54.37
C ALA I 422 -21.29 -16.13 54.53
N SER I 423 -21.29 -17.42 54.85
CA SER I 423 -22.54 -18.12 55.13
C SER I 423 -23.23 -17.54 56.36
N LYS I 424 -22.44 -17.21 57.39
CA LYS I 424 -23.02 -16.64 58.60
C LYS I 424 -23.59 -15.24 58.38
N LEU I 425 -23.16 -14.54 57.33
CA LEU I 425 -23.58 -13.17 57.07
C LEU I 425 -24.58 -13.07 55.92
N ALA I 426 -25.41 -14.11 55.74
CA ALA I 426 -26.37 -14.10 54.64
C ALA I 426 -27.45 -13.05 54.80
N ASP I 427 -27.73 -12.61 56.03
CA ASP I 427 -28.84 -11.70 56.29
C ASP I 427 -28.39 -10.26 56.53
N LEU I 428 -27.14 -9.93 56.22
CA LEU I 428 -26.66 -8.57 56.40
C LEU I 428 -27.34 -7.62 55.43
N ARG I 429 -27.62 -6.41 55.89
CA ARG I 429 -28.32 -5.41 55.09
C ARG I 429 -27.67 -4.05 55.31
N GLY I 430 -27.86 -3.16 54.33
CA GLY I 430 -27.34 -1.82 54.38
C GLY I 430 -28.45 -0.78 54.31
N GLN I 431 -28.02 0.49 54.37
CA GLN I 431 -28.97 1.59 54.35
C GLN I 431 -29.59 1.78 52.96
N ASN I 432 -28.89 1.36 51.91
CA ASN I 432 -29.34 1.56 50.54
C ASN I 432 -29.25 0.26 49.76
N GLU I 433 -29.95 0.23 48.62
CA GLU I 433 -29.91 -0.94 47.74
C GLU I 433 -28.50 -1.18 47.22
N ASP I 434 -27.78 -0.10 46.88
CA ASP I 434 -26.41 -0.24 46.43
C ASP I 434 -25.51 -0.80 47.52
N GLN I 435 -25.76 -0.43 48.78
CA GLN I 435 -25.02 -1.02 49.88
C GLN I 435 -25.28 -2.52 50.00
N ASN I 436 -26.52 -2.93 49.79
CA ASN I 436 -26.84 -4.36 49.79
C ASN I 436 -26.13 -5.08 48.65
N VAL I 437 -26.08 -4.44 47.48
CA VAL I 437 -25.36 -5.01 46.34
C VAL I 437 -23.88 -5.18 46.69
N GLY I 438 -23.29 -4.17 47.32
CA GLY I 438 -21.90 -4.28 47.75
C GLY I 438 -21.69 -5.38 48.76
N ILE I 439 -22.64 -5.55 49.69
CA ILE I 439 -22.53 -6.62 50.68
C ILE I 439 -22.57 -7.98 49.99
N LYS I 440 -23.48 -8.15 49.02
CA LYS I 440 -23.54 -9.41 48.27
C LYS I 440 -22.25 -9.62 47.48
N VAL I 441 -21.69 -8.55 46.93
CA VAL I 441 -20.41 -8.63 46.23
C VAL I 441 -19.32 -9.14 47.16
N ALA I 442 -19.26 -8.58 48.37
CA ALA I 442 -18.26 -9.03 49.33
C ALA I 442 -18.46 -10.48 49.72
N LEU I 443 -19.72 -10.89 49.88
CA LEU I 443 -20.01 -12.30 50.22
C LEU I 443 -19.52 -13.23 49.12
N ARG I 444 -19.87 -12.93 47.87
CA ARG I 444 -19.43 -13.78 46.76
C ARG I 444 -17.91 -13.78 46.61
N ALA I 445 -17.28 -12.63 46.86
CA ALA I 445 -15.83 -12.55 46.79
C ALA I 445 -15.18 -13.43 47.85
N MET I 446 -15.74 -13.42 49.07
CA MET I 446 -15.22 -14.32 50.10
C MET I 446 -15.51 -15.78 49.76
N GLU I 447 -16.58 -16.04 49.01
CA GLU I 447 -16.83 -17.38 48.50
C GLU I 447 -15.74 -17.81 47.51
N ALA I 448 -15.24 -16.86 46.72
CA ALA I 448 -14.37 -17.17 45.58
C ALA I 448 -13.12 -17.99 45.91
N PRO I 449 -12.33 -17.68 46.96
CA PRO I 449 -11.06 -18.41 47.13
C PRO I 449 -11.20 -19.91 47.26
N LEU I 450 -12.21 -20.40 47.96
CA LEU I 450 -12.44 -21.83 48.06
C LEU I 450 -12.77 -22.42 46.68
N ARG I 451 -13.56 -21.69 45.90
CA ARG I 451 -13.86 -22.12 44.54
C ARG I 451 -12.60 -22.22 43.71
N GLN I 452 -11.70 -21.24 43.84
CA GLN I 452 -10.44 -21.29 43.10
C GLN I 452 -9.58 -22.47 43.54
N ILE I 453 -9.54 -22.74 44.84
CA ILE I 453 -8.74 -23.86 45.34
C ILE I 453 -9.27 -25.18 44.77
N VAL I 454 -10.59 -25.38 44.87
CA VAL I 454 -11.16 -26.64 44.39
C VAL I 454 -11.17 -26.73 42.87
N LEU I 455 -11.09 -25.60 42.17
CA LEU I 455 -10.91 -25.63 40.72
C LEU I 455 -9.48 -26.04 40.37
N ASN I 456 -8.51 -25.57 41.15
CA ASN I 456 -7.15 -26.08 41.00
C ASN I 456 -7.09 -27.57 41.28
N CYS I 457 -7.91 -28.05 42.22
CA CYS I 457 -8.00 -29.48 42.47
C CYS I 457 -8.67 -30.25 41.32
N GLY I 458 -9.36 -29.55 40.42
CA GLY I 458 -10.05 -30.19 39.32
C GLY I 458 -11.47 -30.61 39.62
N GLU I 459 -11.92 -30.49 40.86
CA GLU I 459 -13.29 -30.83 41.22
C GLU I 459 -14.22 -29.67 40.87
N GLU I 460 -15.52 -29.94 40.95
CA GLU I 460 -16.51 -28.92 40.63
C GLU I 460 -16.53 -27.85 41.71
N PRO I 461 -16.36 -26.57 41.36
CA PRO I 461 -16.30 -25.52 42.38
C PRO I 461 -17.62 -25.28 43.09
N SER I 462 -18.71 -25.16 42.33
CA SER I 462 -19.99 -24.78 42.90
C SER I 462 -20.52 -25.85 43.85
N VAL I 463 -20.38 -27.13 43.48
CA VAL I 463 -20.90 -28.20 44.32
C VAL I 463 -20.15 -28.25 45.66
N VAL I 464 -18.83 -28.14 45.60
CA VAL I 464 -18.03 -28.16 46.82
C VAL I 464 -18.36 -26.94 47.69
N ALA I 465 -18.50 -25.77 47.06
CA ALA I 465 -18.83 -24.56 47.82
C ALA I 465 -20.18 -24.70 48.51
N ASN I 466 -21.19 -25.22 47.80
CA ASN I 466 -22.50 -25.42 48.41
C ASN I 466 -22.44 -26.45 49.53
N THR I 467 -21.68 -27.53 49.34
CA THR I 467 -21.56 -28.54 50.38
C THR I 467 -20.92 -27.97 51.64
N VAL I 468 -19.87 -27.16 51.47
CA VAL I 468 -19.22 -26.56 52.64
C VAL I 468 -20.14 -25.53 53.29
N LYS I 469 -20.89 -24.77 52.49
CA LYS I 469 -21.83 -23.81 53.05
C LYS I 469 -22.94 -24.50 53.82
N GLY I 470 -23.32 -25.72 53.41
CA GLY I 470 -24.32 -26.46 54.14
C GLY I 470 -23.89 -26.82 55.55
N GLY I 471 -22.61 -27.02 55.76
CA GLY I 471 -22.10 -27.36 57.07
C GLY I 471 -22.06 -26.16 58.00
N ASP I 472 -21.39 -26.36 59.13
CA ASP I 472 -21.31 -25.34 60.17
C ASP I 472 -20.02 -25.52 60.94
N GLY I 473 -19.66 -24.48 61.70
CA GLY I 473 -18.43 -24.53 62.48
C GLY I 473 -17.22 -24.56 61.58
N ASN I 474 -16.34 -25.55 61.81
CA ASN I 474 -15.12 -25.70 61.04
C ASN I 474 -15.21 -26.82 60.00
N TYR I 475 -16.42 -27.23 59.64
CA TYR I 475 -16.59 -28.24 58.61
C TYR I 475 -16.20 -27.65 57.25
N GLY I 476 -15.36 -28.38 56.52
CA GLY I 476 -14.87 -27.88 55.24
C GLY I 476 -14.39 -29.01 54.36
N TYR I 477 -13.90 -28.63 53.18
CA TYR I 477 -13.44 -29.56 52.17
C TYR I 477 -11.93 -29.55 52.10
N ASN I 478 -11.32 -30.73 52.18
CA ASN I 478 -9.87 -30.84 52.08
C ASN I 478 -9.45 -30.91 50.62
N ALA I 479 -8.48 -30.08 50.24
CA ALA I 479 -7.99 -30.08 48.88
C ALA I 479 -7.09 -31.28 48.60
N ALA I 480 -6.25 -31.65 49.58
CA ALA I 480 -5.29 -32.73 49.36
C ALA I 480 -5.98 -34.09 49.27
N THR I 481 -6.88 -34.39 50.21
CA THR I 481 -7.48 -35.71 50.30
C THR I 481 -8.83 -35.81 49.60
N GLU I 482 -9.32 -34.71 49.01
CA GLU I 482 -10.53 -34.72 48.19
C GLU I 482 -11.75 -35.22 48.98
N GLU I 483 -11.79 -34.89 50.27
CA GLU I 483 -12.88 -35.35 51.12
C GLU I 483 -13.11 -34.35 52.25
N TYR I 484 -14.37 -34.24 52.67
CA TYR I 484 -14.79 -33.25 53.65
C TYR I 484 -14.47 -33.71 55.07
N GLY I 485 -14.76 -32.84 56.03
CA GLY I 485 -14.55 -33.14 57.42
C GLY I 485 -14.30 -31.88 58.22
N ASN I 486 -14.04 -32.08 59.52
CA ASN I 486 -13.72 -30.97 60.39
C ASN I 486 -12.33 -30.45 60.06
N MET I 487 -12.24 -29.20 59.60
CA MET I 487 -11.00 -28.70 59.03
C MET I 487 -9.88 -28.60 60.06
N ILE I 488 -10.21 -28.23 61.31
CA ILE I 488 -9.18 -28.06 62.33
C ILE I 488 -8.52 -29.39 62.66
N ASP I 489 -9.32 -30.43 62.87
CA ASP I 489 -8.78 -31.72 63.27
C ASP I 489 -8.01 -32.42 62.14
N MET I 490 -8.18 -31.99 60.90
CA MET I 490 -7.56 -32.66 59.77
C MET I 490 -6.24 -32.02 59.35
N GLY I 491 -5.74 -31.04 60.09
CA GLY I 491 -4.40 -30.53 59.89
C GLY I 491 -4.24 -29.41 58.89
N ILE I 492 -5.30 -28.68 58.55
CA ILE I 492 -5.22 -27.53 57.66
C ILE I 492 -5.62 -26.31 58.47
N LEU I 493 -4.64 -25.57 58.97
CA LEU I 493 -4.87 -24.40 59.80
C LEU I 493 -4.27 -23.16 59.13
N ASP I 494 -5.05 -22.09 59.09
CA ASP I 494 -4.57 -20.78 58.70
C ASP I 494 -4.76 -19.82 59.86
N PRO I 495 -3.75 -19.03 60.21
CA PRO I 495 -3.92 -18.07 61.32
C PRO I 495 -5.03 -17.08 61.02
N THR I 496 -5.77 -16.72 62.06
CA THR I 496 -6.84 -15.74 61.91
C THR I 496 -6.31 -14.41 61.42
N LYS I 497 -5.12 -14.02 61.87
CA LYS I 497 -4.52 -12.77 61.43
C LYS I 497 -4.31 -12.75 59.92
N VAL I 498 -3.86 -13.88 59.36
CA VAL I 498 -3.57 -13.92 57.92
C VAL I 498 -4.84 -13.68 57.11
N THR I 499 -5.89 -14.45 57.43
CA THR I 499 -7.15 -14.31 56.69
C THR I 499 -7.76 -12.92 56.89
N ARG I 500 -7.74 -12.42 58.13
CA ARG I 500 -8.31 -11.10 58.41
C ARG I 500 -7.58 -10.02 57.65
N SER I 501 -6.24 -10.03 57.67
CA SER I 501 -5.46 -9.04 56.96
C SER I 501 -5.69 -9.12 55.46
N ALA I 502 -5.69 -10.33 54.90
CA ALA I 502 -5.93 -10.49 53.47
C ALA I 502 -7.28 -9.93 53.07
N LEU I 503 -8.32 -10.28 53.83
CA LEU I 503 -9.67 -9.80 53.51
C LEU I 503 -9.75 -8.29 53.61
N GLN I 504 -9.21 -7.71 54.68
CA GLN I 504 -9.30 -6.27 54.87
C GLN I 504 -8.54 -5.51 53.79
N TYR I 505 -7.32 -5.97 53.46
CA TYR I 505 -6.52 -5.28 52.46
C TYR I 505 -7.15 -5.41 51.07
N ALA I 506 -7.67 -6.59 50.73
CA ALA I 506 -8.37 -6.76 49.46
C ALA I 506 -9.58 -5.85 49.38
N ALA I 507 -10.35 -5.77 50.47
CA ALA I 507 -11.50 -4.87 50.50
C ALA I 507 -11.08 -3.42 50.31
N SER I 508 -9.99 -3.01 50.96
CA SER I 508 -9.54 -1.62 50.84
C SER I 508 -9.14 -1.30 49.40
N VAL I 509 -8.32 -2.16 48.79
CA VAL I 509 -7.87 -1.89 47.43
C VAL I 509 -9.03 -1.95 46.45
N ALA I 510 -9.97 -2.87 46.66
CA ALA I 510 -11.10 -2.99 45.75
C ALA I 510 -12.01 -1.77 45.86
N GLY I 511 -12.26 -1.29 47.08
CA GLY I 511 -13.02 -0.05 47.23
C GLY I 511 -12.32 1.13 46.60
N LEU I 512 -10.99 1.21 46.76
CA LEU I 512 -10.24 2.30 46.15
C LEU I 512 -10.38 2.29 44.63
N MET I 513 -10.30 1.10 44.02
CA MET I 513 -10.44 1.04 42.56
C MET I 513 -11.89 1.22 42.11
N ILE I 514 -12.87 0.80 42.92
CA ILE I 514 -14.26 1.02 42.59
C ILE I 514 -14.58 2.51 42.59
N THR I 515 -14.05 3.24 43.57
CA THR I 515 -14.24 4.68 43.63
C THR I 515 -13.28 5.45 42.74
N THR I 516 -12.47 4.76 41.94
CA THR I 516 -11.55 5.44 41.03
C THR I 516 -12.31 5.97 39.82
N GLU I 517 -12.03 7.22 39.47
CA GLU I 517 -12.70 7.88 38.35
C GLU I 517 -11.75 8.43 37.30
N CYS I 518 -10.55 8.86 37.68
CA CYS I 518 -9.61 9.48 36.76
C CYS I 518 -8.24 8.84 36.91
N MET I 519 -7.48 8.86 35.81
CA MET I 519 -6.14 8.27 35.77
C MET I 519 -5.20 9.19 34.99
N VAL I 520 -3.97 9.34 35.47
CA VAL I 520 -2.94 10.12 34.78
C VAL I 520 -1.68 9.28 34.71
N THR I 521 -1.22 8.98 33.48
CA THR I 521 -0.01 8.21 33.30
C THR I 521 0.82 8.82 32.17
N ASP I 522 2.10 8.45 32.15
CA ASP I 522 2.98 8.92 31.08
C ASP I 522 2.61 8.28 29.75
N LEU I 523 2.88 9.00 28.67
CA LEU I 523 2.57 8.50 27.35
C LEU I 523 3.54 7.39 26.96
N PRO I 524 3.08 6.41 26.15
CA PRO I 524 3.95 5.32 25.68
C PRO I 524 5.09 5.83 24.80
N ALA J 1 11.04 -4.82 34.12
CA ALA J 1 10.50 -4.39 32.84
C ALA J 1 9.14 -4.99 32.58
N ALA J 2 8.49 -4.55 31.50
CA ALA J 2 7.20 -5.10 31.12
C ALA J 2 7.32 -6.57 30.74
N LYS J 3 6.28 -7.34 31.05
CA LYS J 3 6.30 -8.78 30.87
C LYS J 3 5.14 -9.23 29.99
N ASP J 4 5.36 -10.33 29.28
CA ASP J 4 4.34 -10.99 28.48
C ASP J 4 3.86 -12.23 29.22
N VAL J 5 2.55 -12.37 29.36
CA VAL J 5 1.95 -13.41 30.17
C VAL J 5 1.09 -14.31 29.28
N LYS J 6 1.33 -15.61 29.36
CA LYS J 6 0.54 -16.61 28.65
C LYS J 6 -0.08 -17.57 29.66
N PHE J 7 -1.34 -17.93 29.43
CA PHE J 7 -2.10 -18.75 30.36
C PHE J 7 -2.51 -20.05 29.69
N GLY J 8 -2.28 -21.17 30.39
CA GLY J 8 -2.84 -22.45 30.01
C GLY J 8 -2.45 -23.00 28.67
N ASN J 9 -3.43 -23.09 27.76
CA ASN J 9 -3.25 -23.82 26.51
C ASN J 9 -2.18 -23.19 25.64
N ASP J 10 -2.18 -21.86 25.51
CA ASP J 10 -1.18 -21.20 24.67
C ASP J 10 0.22 -21.44 25.20
N ALA J 11 0.40 -21.30 26.52
CA ALA J 11 1.70 -21.54 27.12
C ALA J 11 2.14 -22.98 26.92
N ARG J 12 1.22 -23.93 27.10
CA ARG J 12 1.58 -25.34 26.95
C ARG J 12 1.94 -25.67 25.51
N VAL J 13 1.24 -25.09 24.54
CA VAL J 13 1.59 -25.30 23.14
C VAL J 13 2.97 -24.73 22.83
N LYS J 14 3.28 -23.57 23.42
CA LYS J 14 4.62 -23.01 23.23
C LYS J 14 5.69 -23.92 23.82
N MET J 15 5.44 -24.46 25.02
CA MET J 15 6.41 -25.38 25.62
C MET J 15 6.57 -26.62 24.74
N LEU J 16 5.47 -27.13 24.20
CA LEU J 16 5.53 -28.29 23.31
C LEU J 16 6.36 -27.98 22.07
N ARG J 17 6.16 -26.80 21.48
CA ARG J 17 6.92 -26.46 20.28
C ARG J 17 8.42 -26.35 20.59
N GLY J 18 8.76 -25.68 21.70
CA GLY J 18 10.17 -25.56 22.06
C GLY J 18 10.82 -26.90 22.36
N VAL J 19 10.13 -27.74 23.14
CA VAL J 19 10.64 -29.06 23.46
C VAL J 19 10.79 -29.90 22.21
N ASN J 20 9.82 -29.79 21.28
CA ASN J 20 9.92 -30.54 20.04
C ASN J 20 11.13 -30.09 19.23
N VAL J 21 11.39 -28.78 19.17
CA VAL J 21 12.55 -28.30 18.42
C VAL J 21 13.84 -28.84 19.02
N LEU J 22 13.97 -28.73 20.35
CA LEU J 22 15.20 -29.20 21.00
C LEU J 22 15.36 -30.71 20.85
N ALA J 23 14.26 -31.46 20.99
CA ALA J 23 14.35 -32.91 20.91
C ALA J 23 14.63 -33.38 19.49
N ASP J 24 14.12 -32.67 18.48
CA ASP J 24 14.48 -33.01 17.11
C ASP J 24 15.93 -32.66 16.82
N ALA J 25 16.44 -31.58 17.43
CA ALA J 25 17.85 -31.25 17.28
C ALA J 25 18.75 -32.33 17.88
N VAL J 26 18.38 -32.84 19.05
CA VAL J 26 19.28 -33.75 19.77
C VAL J 26 19.02 -35.24 19.51
N LYS J 27 17.86 -35.59 18.99
CA LYS J 27 17.45 -37.00 18.92
C LYS J 27 18.01 -37.73 17.71
N VAL J 28 18.41 -37.01 16.66
CA VAL J 28 18.97 -37.67 15.48
C VAL J 28 20.34 -38.26 15.74
N THR J 29 20.96 -37.92 16.87
CA THR J 29 22.28 -38.43 17.24
C THR J 29 22.20 -39.58 18.25
N LEU J 30 21.14 -40.37 18.18
CA LEU J 30 20.91 -41.46 19.13
C LEU J 30 21.14 -42.79 18.46
N GLY J 31 21.94 -43.65 19.10
CA GLY J 31 22.21 -44.97 18.59
C GLY J 31 23.50 -45.05 17.80
N PRO J 32 24.01 -46.27 17.59
CA PRO J 32 25.22 -46.43 16.77
C PRO J 32 25.07 -45.90 15.36
N LYS J 33 23.88 -45.99 14.77
CA LYS J 33 23.59 -45.38 13.48
C LYS J 33 23.13 -43.93 13.63
N GLY J 34 23.37 -43.31 14.78
CA GLY J 34 22.97 -41.94 15.01
C GLY J 34 23.57 -40.95 14.04
N ARG J 35 22.73 -40.06 13.51
CA ARG J 35 23.19 -39.08 12.54
C ARG J 35 24.04 -38.01 13.25
N ASN J 36 24.51 -37.04 12.48
CA ASN J 36 25.34 -35.98 12.99
C ASN J 36 24.67 -34.63 12.76
N VAL J 37 24.94 -33.70 13.67
CA VAL J 37 24.40 -32.35 13.62
C VAL J 37 25.54 -31.37 13.41
N VAL J 38 25.30 -30.35 12.59
CA VAL J 38 26.31 -29.37 12.25
C VAL J 38 26.05 -28.11 13.07
N LEU J 39 27.03 -27.70 13.87
CA LEU J 39 26.92 -26.55 14.75
C LEU J 39 27.75 -25.40 14.20
N ASP J 40 27.15 -24.21 14.14
CA ASP J 40 27.83 -23.06 13.58
C ASP J 40 28.92 -22.55 14.52
N LYS J 41 29.95 -21.95 13.94
CA LYS J 41 30.99 -21.27 14.69
C LYS J 41 31.29 -19.94 14.01
N SER J 42 31.49 -18.90 14.82
CA SER J 42 31.78 -17.57 14.29
C SER J 42 33.11 -17.51 13.57
N PHE J 43 34.05 -18.41 13.90
CA PHE J 43 35.34 -18.41 13.22
C PHE J 43 35.19 -18.73 11.74
N GLY J 44 34.30 -19.67 11.41
CA GLY J 44 34.05 -20.02 10.02
C GLY J 44 33.94 -21.51 9.78
N ALA J 45 34.64 -22.30 10.59
CA ALA J 45 34.68 -23.75 10.39
C ALA J 45 33.58 -24.39 11.22
N PRO J 46 32.55 -24.99 10.61
CA PRO J 46 31.50 -25.63 11.39
C PRO J 46 31.99 -26.90 12.05
N THR J 47 31.29 -27.29 13.11
CA THR J 47 31.57 -28.52 13.84
C THR J 47 30.44 -29.51 13.57
N ILE J 48 30.80 -30.70 13.10
CA ILE J 48 29.86 -31.77 12.84
C ILE J 48 30.13 -32.87 13.86
N THR J 49 29.16 -33.13 14.73
CA THR J 49 29.35 -34.07 15.82
C THR J 49 28.09 -34.91 16.00
N LYS J 50 28.28 -36.11 16.53
CA LYS J 50 27.19 -37.00 16.89
C LYS J 50 26.88 -36.99 18.38
N ASP J 51 27.45 -36.04 19.12
CA ASP J 51 27.23 -35.94 20.55
C ASP J 51 26.00 -35.07 20.82
N GLY J 52 25.04 -35.61 21.55
CA GLY J 52 23.85 -34.84 21.89
C GLY J 52 24.08 -33.76 22.91
N VAL J 53 25.14 -33.88 23.72
CA VAL J 53 25.43 -32.87 24.73
C VAL J 53 25.77 -31.54 24.08
N SER J 54 26.62 -31.56 23.05
CA SER J 54 26.98 -30.33 22.35
C SER J 54 25.77 -29.71 21.65
N VAL J 55 24.94 -30.55 21.04
CA VAL J 55 23.75 -30.04 20.36
C VAL J 55 22.81 -29.39 21.35
N ALA J 56 22.60 -30.03 22.52
CA ALA J 56 21.76 -29.43 23.54
C ALA J 56 22.36 -28.12 24.04
N ARG J 57 23.67 -28.07 24.24
CA ARG J 57 24.33 -26.86 24.71
C ARG J 57 24.14 -25.72 23.73
N GLU J 58 24.26 -26.01 22.43
CA GLU J 58 24.15 -24.96 21.41
C GLU J 58 22.72 -24.46 21.24
N ILE J 59 21.72 -25.24 21.63
CA ILE J 59 20.34 -24.94 21.29
C ILE J 59 19.73 -23.98 22.31
N GLU J 60 19.22 -22.85 21.82
CA GLU J 60 18.27 -22.03 22.56
C GLU J 60 17.62 -21.06 21.56
N LEU J 61 16.29 -21.03 21.55
CA LEU J 61 15.56 -20.46 20.42
C LEU J 61 15.37 -18.95 20.61
N GLU J 62 14.57 -18.36 19.72
CA GLU J 62 14.29 -16.93 19.71
C GLU J 62 12.97 -16.59 20.39
N ASP J 63 11.95 -17.42 20.23
CA ASP J 63 10.69 -17.20 20.94
C ASP J 63 10.92 -17.46 22.42
N LYS J 64 10.47 -16.53 23.27
CA LYS J 64 10.79 -16.58 24.69
C LYS J 64 10.19 -17.82 25.35
N PHE J 65 8.95 -18.15 25.00
CA PHE J 65 8.25 -19.25 25.68
C PHE J 65 8.82 -20.60 25.26
N GLU J 66 9.03 -20.77 23.95
CA GLU J 66 9.74 -21.95 23.46
C GLU J 66 11.14 -22.01 24.06
N ASN J 67 11.76 -20.86 24.29
CA ASN J 67 13.05 -20.83 24.96
C ASN J 67 12.92 -21.35 26.39
N MET J 68 11.85 -21.00 27.10
CA MET J 68 11.62 -21.58 28.41
C MET J 68 11.56 -23.09 28.34
N GLY J 69 10.76 -23.61 27.43
CA GLY J 69 10.63 -25.07 27.34
C GLY J 69 11.94 -25.75 27.02
N ALA J 70 12.67 -25.23 26.02
CA ALA J 70 13.95 -25.79 25.65
C ALA J 70 14.93 -25.73 26.80
N GLN J 71 14.94 -24.62 27.55
CA GLN J 71 15.89 -24.46 28.64
C GLN J 71 15.56 -25.36 29.82
N MET J 72 14.26 -25.56 30.11
CA MET J 72 13.91 -26.56 31.13
C MET J 72 14.42 -27.94 30.75
N VAL J 73 14.13 -28.38 29.52
CA VAL J 73 14.55 -29.72 29.13
C VAL J 73 16.06 -29.81 29.12
N LYS J 74 16.74 -28.75 28.67
CA LYS J 74 18.19 -28.73 28.62
C LYS J 74 18.80 -28.82 30.02
N GLU J 75 18.28 -28.03 30.95
CA GLU J 75 18.79 -28.03 32.31
C GLU J 75 18.57 -29.38 32.98
N VAL J 76 17.40 -29.97 32.79
CA VAL J 76 17.13 -31.26 33.42
C VAL J 76 18.00 -32.36 32.80
N ALA J 77 18.17 -32.34 31.48
CA ALA J 77 19.05 -33.31 30.84
C ALA J 77 20.49 -33.13 31.29
N SER J 78 20.93 -31.88 31.46
CA SER J 78 22.27 -31.63 31.97
C SER J 78 22.43 -32.12 33.40
N LYS J 79 21.39 -31.96 34.22
CA LYS J 79 21.44 -32.51 35.58
C LYS J 79 21.56 -34.02 35.55
N ALA J 80 20.80 -34.67 34.67
CA ALA J 80 20.92 -36.13 34.53
C ALA J 80 22.31 -36.53 34.08
N ASN J 81 22.88 -35.80 33.13
CA ASN J 81 24.22 -36.10 32.64
C ASN J 81 25.26 -35.94 33.74
N ASP J 82 25.14 -34.86 34.53
CA ASP J 82 26.08 -34.63 35.62
C ASP J 82 25.95 -35.72 36.69
N ALA J 83 24.73 -36.14 36.98
CA ALA J 83 24.52 -37.17 38.00
C ALA J 83 25.04 -38.53 37.53
N ALA J 84 24.86 -38.85 36.25
CA ALA J 84 25.13 -40.19 35.76
C ALA J 84 26.31 -40.30 34.82
N GLY J 85 26.77 -39.19 34.23
CA GLY J 85 27.85 -39.22 33.27
C GLY J 85 27.43 -39.48 31.84
N ASP J 86 26.15 -39.77 31.61
CA ASP J 86 25.64 -40.03 30.26
C ASP J 86 24.12 -39.99 30.34
N GLY J 87 23.48 -39.96 29.18
CA GLY J 87 22.04 -40.00 29.08
C GLY J 87 21.34 -38.71 28.76
N THR J 88 22.05 -37.70 28.25
CA THR J 88 21.41 -36.44 27.88
C THR J 88 20.37 -36.65 26.78
N THR J 89 20.76 -37.38 25.73
CA THR J 89 19.83 -37.62 24.63
C THR J 89 18.65 -38.47 25.07
N THR J 90 18.91 -39.52 25.86
CA THR J 90 17.84 -40.38 26.34
C THR J 90 16.88 -39.61 27.24
N ALA J 91 17.41 -38.80 28.15
CA ALA J 91 16.56 -37.99 29.02
C ALA J 91 15.73 -37.01 28.20
N THR J 92 16.35 -36.37 27.20
CA THR J 92 15.63 -35.40 26.39
C THR J 92 14.51 -36.05 25.59
N VAL J 93 14.77 -37.22 24.98
CA VAL J 93 13.73 -37.85 24.18
C VAL J 93 12.62 -38.40 25.06
N LEU J 94 12.97 -38.96 26.23
CA LEU J 94 11.94 -39.40 27.17
C LEU J 94 11.08 -38.23 27.62
N ALA J 95 11.72 -37.10 27.94
CA ALA J 95 10.96 -35.92 28.35
C ALA J 95 10.04 -35.45 27.23
N GLN J 96 10.53 -35.43 25.99
CA GLN J 96 9.70 -34.99 24.87
C GLN J 96 8.49 -35.90 24.71
N ALA J 97 8.70 -37.22 24.79
CA ALA J 97 7.59 -38.15 24.63
C ALA J 97 6.55 -37.97 25.73
N ILE J 98 7.00 -37.89 26.99
CA ILE J 98 6.08 -37.71 28.10
C ILE J 98 5.33 -36.39 27.94
N ILE J 99 6.04 -35.32 27.59
CA ILE J 99 5.43 -34.00 27.48
C ILE J 99 4.37 -34.00 26.37
N THR J 100 4.70 -34.57 25.21
CA THR J 100 3.74 -34.58 24.11
C THR J 100 2.49 -35.37 24.48
N GLU J 101 2.66 -36.58 24.99
CA GLU J 101 1.49 -37.40 25.31
C GLU J 101 0.68 -36.79 26.45
N GLY J 102 1.35 -36.26 27.47
CA GLY J 102 0.64 -35.64 28.58
C GLY J 102 -0.09 -34.38 28.18
N LEU J 103 0.49 -33.58 27.29
CA LEU J 103 -0.20 -32.39 26.82
C LEU J 103 -1.40 -32.76 25.96
N LYS J 104 -1.29 -33.83 25.16
CA LYS J 104 -2.47 -34.32 24.45
C LYS J 104 -3.57 -34.75 25.41
N ALA J 105 -3.20 -35.48 26.47
CA ALA J 105 -4.18 -35.91 27.46
C ALA J 105 -4.81 -34.73 28.18
N VAL J 106 -4.00 -33.71 28.50
CA VAL J 106 -4.52 -32.51 29.15
C VAL J 106 -5.49 -31.78 28.23
N ALA J 107 -5.13 -31.64 26.95
CA ALA J 107 -6.04 -31.03 25.99
C ALA J 107 -7.32 -31.85 25.83
N ALA J 108 -7.25 -33.16 26.10
CA ALA J 108 -8.46 -33.97 26.12
C ALA J 108 -9.40 -33.62 27.27
N GLY J 109 -8.94 -32.85 28.24
CA GLY J 109 -9.77 -32.46 29.36
C GLY J 109 -9.48 -33.16 30.67
N MET J 110 -8.34 -33.84 30.80
CA MET J 110 -8.02 -34.57 32.00
C MET J 110 -7.28 -33.67 32.99
N ASN J 111 -7.31 -34.06 34.26
CA ASN J 111 -6.68 -33.27 35.31
C ASN J 111 -5.16 -33.40 35.24
N PRO J 112 -4.41 -32.31 35.08
CA PRO J 112 -2.95 -32.42 35.00
C PRO J 112 -2.31 -33.03 36.25
N MET J 113 -2.85 -32.74 37.43
CA MET J 113 -2.25 -33.26 38.66
C MET J 113 -2.37 -34.78 38.73
N ASP J 114 -3.53 -35.33 38.36
CA ASP J 114 -3.69 -36.77 38.34
C ASP J 114 -2.77 -37.42 37.31
N LEU J 115 -2.61 -36.78 36.15
CA LEU J 115 -1.68 -37.28 35.15
C LEU J 115 -0.25 -37.31 35.68
N LYS J 116 0.15 -36.24 36.37
CA LYS J 116 1.49 -36.19 36.95
C LYS J 116 1.68 -37.26 38.01
N ARG J 117 0.65 -37.48 38.84
CA ARG J 117 0.73 -38.53 39.85
C ARG J 117 0.86 -39.91 39.21
N GLY J 118 0.10 -40.15 38.13
CA GLY J 118 0.24 -41.41 37.42
C GLY J 118 1.61 -41.59 36.81
N ILE J 119 2.17 -40.52 36.23
CA ILE J 119 3.52 -40.57 35.69
C ILE J 119 4.51 -40.92 36.77
N ASP J 120 4.39 -40.27 37.94
CA ASP J 120 5.32 -40.53 39.03
C ASP J 120 5.20 -41.96 39.52
N LYS J 121 3.98 -42.48 39.64
CA LYS J 121 3.79 -43.87 40.07
C LYS J 121 4.41 -44.83 39.07
N ALA J 122 4.16 -44.62 37.78
CA ALA J 122 4.71 -45.50 36.76
C ALA J 122 6.23 -45.44 36.75
N VAL J 123 6.80 -44.25 36.92
CA VAL J 123 8.25 -44.11 36.88
C VAL J 123 8.89 -44.73 38.11
N THR J 124 8.24 -44.61 39.27
CA THR J 124 8.77 -45.29 40.46
C THR J 124 8.75 -46.80 40.28
N ALA J 125 7.63 -47.34 39.77
CA ALA J 125 7.57 -48.77 39.50
C ALA J 125 8.63 -49.17 38.47
N ALA J 126 8.89 -48.30 37.51
CA ALA J 126 9.96 -48.55 36.54
C ALA J 126 11.32 -48.55 37.22
N VAL J 127 11.51 -47.72 38.24
CA VAL J 127 12.76 -47.72 38.98
C VAL J 127 12.96 -49.05 39.68
N GLU J 128 11.91 -49.57 40.34
CA GLU J 128 12.06 -50.88 40.96
C GLU J 128 12.28 -51.97 39.92
N GLU J 129 11.61 -51.87 38.77
CA GLU J 129 11.81 -52.87 37.71
C GLU J 129 13.24 -52.84 37.19
N LEU J 130 13.80 -51.64 36.99
CA LEU J 130 15.19 -51.53 36.56
C LEU J 130 16.14 -52.08 37.61
N LYS J 131 15.88 -51.81 38.89
CA LYS J 131 16.74 -52.34 39.95
C LYS J 131 16.69 -53.87 39.96
N ALA J 132 15.51 -54.44 39.74
CA ALA J 132 15.39 -55.89 39.68
C ALA J 132 16.10 -56.45 38.45
N LEU J 133 16.00 -55.75 37.31
CA LEU J 133 16.58 -56.23 36.07
C LEU J 133 18.10 -56.09 36.03
N SER J 134 18.67 -55.22 36.86
CA SER J 134 20.10 -54.97 36.81
C SER J 134 20.90 -56.18 37.26
N VAL J 135 22.10 -56.31 36.70
CA VAL J 135 23.03 -57.38 37.08
C VAL J 135 24.21 -56.75 37.79
N PRO J 136 24.81 -57.41 38.78
CA PRO J 136 25.92 -56.80 39.53
C PRO J 136 27.15 -56.60 38.66
N CYS J 137 27.94 -55.60 39.03
CA CYS J 137 29.22 -55.29 38.38
C CYS J 137 30.30 -55.09 39.43
N SER J 138 30.36 -56.00 40.39
CA SER J 138 31.31 -55.90 41.49
C SER J 138 32.63 -56.60 41.20
N ASP J 139 32.62 -57.70 40.47
CA ASP J 139 33.84 -58.45 40.22
C ASP J 139 34.76 -57.68 39.28
N SER J 140 36.05 -58.01 39.36
CA SER J 140 37.04 -57.34 38.51
C SER J 140 36.81 -57.64 37.04
N LYS J 141 36.39 -58.86 36.71
CA LYS J 141 36.13 -59.20 35.31
C LYS J 141 35.04 -58.34 34.72
N ALA J 142 33.93 -58.18 35.45
CA ALA J 142 32.84 -57.34 34.97
C ALA J 142 33.27 -55.88 34.85
N ILE J 143 34.06 -55.40 35.81
CA ILE J 143 34.55 -54.02 35.76
C ILE J 143 35.40 -53.81 34.52
N ALA J 144 36.32 -54.74 34.26
CA ALA J 144 37.17 -54.63 33.07
C ALA J 144 36.35 -54.71 31.79
N GLN J 145 35.35 -55.60 31.76
CA GLN J 145 34.53 -55.74 30.56
C GLN J 145 33.73 -54.47 30.28
N VAL J 146 33.16 -53.87 31.33
CA VAL J 146 32.41 -52.63 31.15
C VAL J 146 33.33 -51.50 30.73
N GLY J 147 34.52 -51.40 31.34
CA GLY J 147 35.47 -50.38 30.95
C GLY J 147 35.91 -50.53 29.50
N THR J 148 36.11 -51.77 29.05
CA THR J 148 36.43 -52.01 27.65
C THR J 148 35.27 -51.58 26.75
N ILE J 149 34.04 -51.91 27.16
CA ILE J 149 32.87 -51.55 26.35
C ILE J 149 32.77 -50.03 26.20
N SER J 150 32.98 -49.30 27.30
CA SER J 150 32.84 -47.85 27.26
C SER J 150 33.85 -47.21 26.32
N ALA J 151 35.08 -47.70 26.31
CA ALA J 151 36.14 -47.12 25.49
C ALA J 151 36.25 -47.80 24.13
N ASN J 152 35.13 -47.90 23.43
CA ASN J 152 35.07 -48.41 22.05
C ASN J 152 35.75 -49.77 21.91
N SER J 153 35.39 -50.69 22.83
CA SER J 153 35.88 -52.07 22.80
C SER J 153 37.39 -52.14 22.85
N ASP J 154 38.01 -51.30 23.68
CA ASP J 154 39.45 -51.32 23.90
C ASP J 154 39.74 -52.04 25.21
N GLU J 155 40.45 -53.17 25.12
CA GLU J 155 40.67 -53.99 26.31
C GLU J 155 41.68 -53.36 27.27
N THR J 156 42.63 -52.57 26.74
CA THR J 156 43.63 -51.96 27.60
C THR J 156 43.00 -50.99 28.61
N VAL J 157 42.02 -50.21 28.17
CA VAL J 157 41.36 -49.28 29.07
C VAL J 157 40.61 -50.02 30.17
N GLY J 158 39.91 -51.10 29.79
CA GLY J 158 39.22 -51.89 30.80
C GLY J 158 40.17 -52.53 31.80
N LYS J 159 41.30 -53.04 31.31
CA LYS J 159 42.30 -53.62 32.20
C LYS J 159 42.86 -52.57 33.15
N LEU J 160 43.12 -51.36 32.65
CA LEU J 160 43.62 -50.29 33.50
C LEU J 160 42.59 -49.92 34.57
N ILE J 161 41.32 -49.82 34.18
CA ILE J 161 40.27 -49.48 35.13
C ILE J 161 40.14 -50.56 36.19
N ALA J 162 40.18 -51.83 35.77
CA ALA J 162 40.09 -52.93 36.74
C ALA J 162 41.27 -52.91 37.71
N GLU J 163 42.47 -52.67 37.19
CA GLU J 163 43.65 -52.61 38.07
C GLU J 163 43.53 -51.45 39.05
N ALA J 164 43.07 -50.29 38.58
CA ALA J 164 42.92 -49.13 39.47
C ALA J 164 41.91 -49.40 40.56
N MET J 165 40.75 -49.98 40.20
CA MET J 165 39.73 -50.25 41.20
C MET J 165 40.08 -51.43 42.09
N ASP J 166 41.00 -52.30 41.67
CA ASP J 166 41.51 -53.31 42.58
C ASP J 166 42.53 -52.72 43.56
N LYS J 167 43.33 -51.76 43.09
CA LYS J 167 44.34 -51.17 43.95
C LYS J 167 43.72 -50.24 44.99
N VAL J 168 42.77 -49.40 44.57
CA VAL J 168 42.23 -48.38 45.47
C VAL J 168 40.84 -48.73 45.99
N GLY J 169 40.18 -49.74 45.42
CA GLY J 169 38.83 -50.08 45.81
C GLY J 169 37.79 -49.48 44.88
N LYS J 170 36.61 -50.08 44.89
CA LYS J 170 35.53 -49.60 44.03
C LYS J 170 35.09 -48.19 44.40
N GLU J 171 35.17 -47.85 45.69
CA GLU J 171 34.78 -46.53 46.16
C GLU J 171 35.95 -45.55 46.22
N GLY J 172 37.13 -45.95 45.78
CA GLY J 172 38.28 -45.08 45.82
C GLY J 172 38.22 -43.98 44.78
N VAL J 173 39.20 -43.09 44.84
CA VAL J 173 39.30 -41.94 43.94
C VAL J 173 40.37 -42.24 42.91
N ILE J 174 40.00 -42.17 41.63
CA ILE J 174 40.90 -42.45 40.52
C ILE J 174 40.93 -41.24 39.60
N THR J 175 42.13 -40.84 39.19
CA THR J 175 42.33 -39.72 38.29
C THR J 175 43.15 -40.17 37.08
N VAL J 176 42.93 -39.50 35.96
CA VAL J 176 43.58 -39.83 34.70
C VAL J 176 44.59 -38.74 34.37
N GLU J 177 45.84 -39.13 34.14
CA GLU J 177 46.92 -38.21 33.82
C GLU J 177 47.69 -38.72 32.62
N ASP J 178 48.54 -37.85 32.06
CA ASP J 178 49.37 -38.21 30.93
C ASP J 178 50.71 -38.77 31.41
N GLY J 179 51.05 -39.96 30.94
CA GLY J 179 52.32 -40.57 31.25
C GLY J 179 53.44 -40.07 30.35
N THR J 180 54.59 -40.73 30.48
CA THR J 180 55.78 -40.37 29.71
C THR J 180 56.16 -41.43 28.68
N GLY J 181 56.28 -42.69 29.10
CA GLY J 181 56.69 -43.75 28.21
C GLY J 181 55.56 -44.27 27.34
N LEU J 182 55.90 -45.28 26.53
CA LEU J 182 54.90 -45.90 25.67
C LEU J 182 53.83 -46.62 26.49
N GLN J 183 54.24 -47.32 27.54
CA GLN J 183 53.30 -48.11 28.32
C GLN J 183 52.51 -47.24 29.29
N ASP J 184 51.43 -47.80 29.81
CA ASP J 184 50.62 -47.12 30.80
C ASP J 184 51.20 -47.33 32.20
N GLU J 185 51.05 -46.32 33.06
CA GLU J 185 51.56 -46.36 34.41
C GLU J 185 50.42 -46.13 35.39
N LEU J 186 50.37 -46.95 36.44
CA LEU J 186 49.36 -46.84 37.48
C LEU J 186 50.06 -46.76 38.82
N ASP J 187 49.66 -45.78 39.64
CA ASP J 187 50.28 -45.56 40.94
C ASP J 187 49.26 -44.94 41.88
N VAL J 188 49.54 -45.03 43.17
CA VAL J 188 48.70 -44.48 44.23
C VAL J 188 49.49 -43.44 45.00
N VAL J 189 48.92 -42.24 45.13
CA VAL J 189 49.53 -41.15 45.87
C VAL J 189 48.61 -40.76 47.03
N GLU J 190 49.11 -39.86 47.87
CA GLU J 190 48.36 -39.40 49.04
C GLU J 190 47.51 -38.21 48.62
N GLY J 191 46.19 -38.38 48.64
CA GLY J 191 45.29 -37.33 48.24
C GLY J 191 43.88 -37.58 48.77
N MET J 192 43.01 -36.61 48.54
CA MET J 192 41.63 -36.70 48.98
C MET J 192 40.76 -35.89 48.03
N GLN J 193 39.45 -36.16 48.09
CA GLN J 193 38.48 -35.50 47.23
C GLN J 193 37.23 -35.18 48.04
N PHE J 194 36.70 -33.98 47.83
CA PHE J 194 35.47 -33.55 48.48
C PHE J 194 34.50 -33.02 47.43
N ASP J 195 33.25 -32.82 47.85
CA ASP J 195 32.15 -32.52 46.94
C ASP J 195 31.96 -31.03 46.68
N ARG J 196 32.87 -30.18 47.14
CA ARG J 196 32.76 -28.76 46.90
C ARG J 196 33.38 -28.40 45.55
N GLY J 197 32.62 -27.68 44.72
CA GLY J 197 33.08 -27.27 43.41
C GLY J 197 33.60 -25.83 43.39
N TYR J 198 34.00 -25.41 42.20
CA TYR J 198 34.50 -24.05 42.03
C TYR J 198 33.36 -23.04 42.13
N LEU J 199 33.69 -21.84 42.61
CA LEU J 199 32.67 -20.82 42.81
C LEU J 199 32.23 -20.17 41.52
N SER J 200 33.17 -19.96 40.58
CA SER J 200 32.84 -19.30 39.33
C SER J 200 33.30 -20.15 38.14
N PRO J 201 32.49 -20.23 37.09
CA PRO J 201 32.91 -21.00 35.90
C PRO J 201 34.13 -20.42 35.20
N TYR J 202 34.45 -19.15 35.43
CA TYR J 202 35.59 -18.53 34.75
C TYR J 202 36.92 -19.13 35.18
N PHE J 203 36.96 -19.86 36.29
CA PHE J 203 38.20 -20.46 36.77
C PHE J 203 38.67 -21.62 35.91
N ILE J 204 37.86 -22.10 34.98
CA ILE J 204 38.19 -23.29 34.20
C ILE J 204 39.34 -22.95 33.26
N ASN J 205 40.46 -23.66 33.42
CA ASN J 205 41.61 -23.48 32.54
C ASN J 205 41.59 -24.44 31.35
N LYS J 206 40.69 -25.42 31.36
CA LYS J 206 40.55 -26.39 30.27
C LYS J 206 39.09 -26.42 29.85
N PRO J 207 38.65 -25.47 29.04
CA PRO J 207 37.23 -25.44 28.64
C PRO J 207 36.77 -26.70 27.93
N GLU J 208 37.66 -27.38 27.19
CA GLU J 208 37.27 -28.62 26.53
C GLU J 208 36.91 -29.70 27.55
N THR J 209 37.65 -29.78 28.65
CA THR J 209 37.30 -30.72 29.72
C THR J 209 36.14 -30.22 30.57
N GLY J 210 35.99 -28.90 30.68
CA GLY J 210 34.93 -28.33 31.49
C GLY J 210 35.21 -28.29 32.98
N ALA J 211 36.46 -28.47 33.39
CA ALA J 211 36.82 -28.46 34.80
C ALA J 211 38.08 -27.64 34.99
N VAL J 212 38.26 -27.14 36.21
CA VAL J 212 39.43 -26.34 36.55
C VAL J 212 40.63 -27.26 36.76
N GLU J 213 41.72 -26.98 36.06
CA GLU J 213 42.94 -27.77 36.14
C GLU J 213 44.10 -26.86 36.51
N LEU J 214 44.83 -27.22 37.56
CA LEU J 214 45.97 -26.45 38.02
C LEU J 214 47.18 -27.36 38.15
N GLU J 215 48.29 -26.96 37.52
CA GLU J 215 49.55 -27.69 37.64
C GLU J 215 50.36 -27.09 38.79
N SER J 216 50.55 -27.87 39.85
CA SER J 216 51.29 -27.47 41.04
C SER J 216 50.77 -26.14 41.60
N PRO J 217 49.56 -26.11 42.15
CA PRO J 217 49.04 -24.87 42.72
C PRO J 217 49.33 -24.76 44.22
N PHE J 218 49.10 -23.57 44.75
CA PHE J 218 49.24 -23.31 46.18
C PHE J 218 47.88 -23.43 46.86
N ILE J 219 47.91 -23.89 48.12
CA ILE J 219 46.70 -24.15 48.89
C ILE J 219 46.58 -23.10 49.99
N LEU J 220 45.43 -22.43 50.04
CA LEU J 220 45.12 -21.48 51.10
C LEU J 220 44.04 -22.06 51.99
N LEU J 221 44.25 -22.01 53.30
CA LEU J 221 43.38 -22.64 54.28
C LEU J 221 42.90 -21.58 55.26
N ALA J 222 41.60 -21.29 55.23
CA ALA J 222 41.00 -20.28 56.09
C ALA J 222 39.74 -20.84 56.74
N ASP J 223 39.55 -20.52 58.02
CA ASP J 223 38.39 -20.96 58.78
C ASP J 223 37.24 -19.96 58.78
N LYS J 224 37.38 -18.83 58.08
CA LYS J 224 36.36 -17.78 58.12
C LYS J 224 35.91 -17.44 56.70
N LYS J 225 34.69 -16.94 56.61
CA LYS J 225 34.18 -16.45 55.33
C LYS J 225 35.02 -15.27 54.85
N ILE J 226 35.32 -15.27 53.55
CA ILE J 226 36.24 -14.31 52.96
C ILE J 226 35.47 -13.34 52.10
N SER J 227 35.69 -12.04 52.34
CA SER J 227 35.04 -11.00 51.55
C SER J 227 36.04 -9.95 51.08
N ASN J 228 37.14 -9.78 51.81
CA ASN J 228 38.08 -8.70 51.58
C ASN J 228 39.32 -9.22 50.87
N ILE J 229 39.68 -8.59 49.75
CA ILE J 229 40.91 -8.92 49.05
C ILE J 229 42.13 -8.52 49.87
N ARG J 230 42.01 -7.46 50.67
CA ARG J 230 43.13 -6.99 51.48
C ARG J 230 43.63 -8.05 52.45
N GLU J 231 42.79 -9.03 52.80
CA GLU J 231 43.21 -10.08 53.72
C GLU J 231 44.37 -10.89 53.16
N MET J 232 44.31 -11.26 51.89
CA MET J 232 45.38 -12.04 51.26
C MET J 232 46.15 -11.24 50.22
N LEU J 233 45.97 -9.91 50.17
CA LEU J 233 46.71 -9.10 49.22
C LEU J 233 48.22 -9.29 49.31
N PRO J 234 48.86 -9.22 50.49
CA PRO J 234 50.28 -9.61 50.55
C PRO J 234 50.51 -11.05 50.15
N VAL J 235 49.60 -11.96 50.55
CA VAL J 235 49.74 -13.36 50.17
C VAL J 235 49.57 -13.52 48.67
N LEU J 236 48.60 -12.80 48.08
CA LEU J 236 48.41 -12.87 46.63
C LEU J 236 49.65 -12.35 45.89
N GLU J 237 50.24 -11.25 46.38
CA GLU J 237 51.45 -10.74 45.76
C GLU J 237 52.61 -11.72 45.89
N ALA J 238 52.72 -12.38 47.06
CA ALA J 238 53.78 -13.38 47.24
C ALA J 238 53.58 -14.55 46.28
N VAL J 239 52.34 -15.01 46.11
CA VAL J 239 52.07 -16.09 45.17
C VAL J 239 52.40 -15.67 43.74
N ALA J 240 52.04 -14.44 43.37
CA ALA J 240 52.38 -13.93 42.04
C ALA J 240 53.89 -13.87 41.85
N LYS J 241 54.62 -13.51 42.90
CA LYS J 241 56.08 -13.53 42.84
C LYS J 241 56.59 -14.95 42.64
N ALA J 242 56.00 -15.92 43.34
CA ALA J 242 56.40 -17.31 43.15
C ALA J 242 56.09 -17.80 41.74
N GLY J 243 54.93 -17.42 41.20
CA GLY J 243 54.53 -17.78 39.87
C GLY J 243 53.65 -19.01 39.78
N LYS J 244 53.64 -19.85 40.81
CA LYS J 244 52.79 -21.02 40.82
C LYS J 244 51.33 -20.62 41.06
N PRO J 245 50.38 -21.42 40.57
CA PRO J 245 48.96 -21.10 40.79
C PRO J 245 48.60 -21.20 42.27
N LEU J 246 47.42 -20.68 42.60
CA LEU J 246 46.92 -20.67 43.96
C LEU J 246 45.49 -21.18 43.98
N LEU J 247 45.20 -22.11 44.89
CA LEU J 247 43.86 -22.60 45.13
C LEU J 247 43.46 -22.24 46.56
N ILE J 248 42.33 -21.57 46.71
CA ILE J 248 41.87 -21.08 48.01
C ILE J 248 40.61 -21.85 48.39
N ILE J 249 40.58 -22.35 49.63
CA ILE J 249 39.41 -22.99 50.19
C ILE J 249 39.13 -22.40 51.56
N ALA J 250 37.88 -22.03 51.81
CA ALA J 250 37.47 -21.42 53.07
C ALA J 250 35.97 -21.64 53.24
N GLU J 251 35.39 -21.01 54.25
CA GLU J 251 33.96 -21.15 54.50
C GLU J 251 33.14 -20.65 53.32
N ASP J 252 33.51 -19.47 52.79
CA ASP J 252 32.85 -18.89 51.63
C ASP J 252 33.67 -17.72 51.15
N VAL J 253 33.59 -17.45 49.85
CA VAL J 253 34.26 -16.32 49.23
C VAL J 253 33.23 -15.56 48.40
N GLU J 254 33.02 -14.29 48.73
CA GLU J 254 32.02 -13.48 48.05
C GLU J 254 32.45 -12.02 48.09
N GLY J 255 31.86 -11.22 47.22
CA GLY J 255 32.10 -9.78 47.22
C GLY J 255 33.28 -9.34 46.39
N GLU J 256 34.00 -8.32 46.87
CA GLU J 256 35.10 -7.76 46.10
C GLU J 256 36.24 -8.75 45.93
N ALA J 257 36.45 -9.65 46.90
CA ALA J 257 37.49 -10.66 46.75
C ALA J 257 37.18 -11.58 45.58
N LEU J 258 35.94 -12.08 45.51
CA LEU J 258 35.54 -12.93 44.39
C LEU J 258 35.61 -12.16 43.07
N ALA J 259 35.17 -10.89 43.09
CA ALA J 259 35.19 -10.09 41.87
C ALA J 259 36.61 -9.90 41.35
N THR J 260 37.55 -9.57 42.25
CA THR J 260 38.92 -9.35 41.80
C THR J 260 39.61 -10.66 41.42
N LEU J 261 39.24 -11.78 42.06
CA LEU J 261 39.77 -13.07 41.61
C LEU J 261 39.27 -13.41 40.21
N VAL J 262 38.00 -13.14 39.94
CA VAL J 262 37.46 -13.35 38.60
C VAL J 262 38.16 -12.46 37.59
N VAL J 263 38.42 -11.20 37.97
CA VAL J 263 39.12 -10.27 37.08
C VAL J 263 40.53 -10.79 36.79
N ASN J 264 41.23 -11.25 37.83
CA ASN J 264 42.59 -11.77 37.63
C ASN J 264 42.59 -13.00 36.73
N THR J 265 41.63 -13.91 36.93
CA THR J 265 41.56 -15.10 36.08
C THR J 265 41.25 -14.72 34.63
N MET J 266 40.34 -13.76 34.43
CA MET J 266 40.02 -13.33 33.07
C MET J 266 41.22 -12.67 32.40
N ARG J 267 41.94 -11.81 33.12
CA ARG J 267 43.11 -11.15 32.58
C ARG J 267 44.31 -12.07 32.49
N GLY J 268 44.35 -13.13 33.29
CA GLY J 268 45.46 -14.07 33.26
C GLY J 268 46.70 -13.64 34.01
N ILE J 269 46.64 -12.52 34.74
CA ILE J 269 47.80 -12.09 35.53
C ILE J 269 48.09 -13.10 36.62
N VAL J 270 47.07 -13.51 37.37
CA VAL J 270 47.18 -14.55 38.38
C VAL J 270 45.98 -15.47 38.24
N LYS J 271 46.24 -16.79 38.19
CA LYS J 271 45.18 -17.78 38.07
C LYS J 271 44.91 -18.37 39.45
N VAL J 272 43.79 -17.97 40.05
CA VAL J 272 43.38 -18.42 41.37
C VAL J 272 41.97 -18.99 41.28
N ALA J 273 41.76 -20.19 41.82
CA ALA J 273 40.46 -20.83 41.84
C ALA J 273 39.89 -20.80 43.25
N ALA J 274 38.59 -20.55 43.35
CA ALA J 274 37.91 -20.43 44.64
C ALA J 274 36.98 -21.61 44.82
N VAL J 275 37.15 -22.34 45.91
CA VAL J 275 36.32 -23.49 46.25
C VAL J 275 35.95 -23.40 47.72
N LYS J 276 34.69 -23.67 48.04
CA LYS J 276 34.26 -23.64 49.43
C LYS J 276 34.83 -24.84 50.19
N ALA J 277 34.88 -24.70 51.52
CA ALA J 277 35.35 -25.78 52.36
C ALA J 277 34.29 -26.89 52.47
N PRO J 278 34.71 -28.14 52.53
CA PRO J 278 33.74 -29.24 52.69
C PRO J 278 33.08 -29.22 54.05
N GLY J 279 31.85 -29.71 54.09
CA GLY J 279 31.11 -29.78 55.34
C GLY J 279 30.66 -28.41 55.84
N PHE J 280 30.26 -28.39 57.11
CA PHE J 280 29.80 -27.17 57.76
C PHE J 280 30.02 -27.30 59.25
N GLY J 281 30.47 -26.22 59.88
CA GLY J 281 30.67 -26.19 61.32
C GLY J 281 31.87 -26.99 61.80
N ASP J 282 31.66 -27.75 62.88
CA ASP J 282 32.76 -28.54 63.44
C ASP J 282 33.28 -29.56 62.45
N ARG J 283 32.38 -30.19 61.69
CA ARG J 283 32.82 -31.11 60.64
C ARG J 283 33.68 -30.39 59.61
N ARG J 284 33.26 -29.19 59.19
CA ARG J 284 34.05 -28.41 58.24
C ARG J 284 35.43 -28.12 58.80
N LYS J 285 35.50 -27.77 60.09
CA LYS J 285 36.79 -27.54 60.71
C LYS J 285 37.64 -28.80 60.68
N ALA J 286 37.01 -29.95 60.93
CA ALA J 286 37.74 -31.21 60.94
C ALA J 286 38.31 -31.55 59.58
N MET J 287 37.51 -31.41 58.52
CA MET J 287 38.04 -31.67 57.18
C MET J 287 39.08 -30.64 56.77
N LEU J 288 38.94 -29.39 57.21
CA LEU J 288 39.99 -28.41 56.93
C LEU J 288 41.29 -28.80 57.60
N GLN J 289 41.22 -29.27 58.85
CA GLN J 289 42.43 -29.74 59.53
C GLN J 289 43.02 -30.96 58.85
N ASP J 290 42.17 -31.87 58.37
CA ASP J 290 42.66 -33.04 57.64
C ASP J 290 43.36 -32.62 56.35
N ILE J 291 42.80 -31.65 55.63
CA ILE J 291 43.44 -31.15 54.41
C ILE J 291 44.77 -30.51 54.75
N ALA J 292 44.83 -29.75 55.84
CA ALA J 292 46.10 -29.15 56.27
C ALA J 292 47.13 -30.22 56.57
N THR J 293 46.73 -31.29 57.27
CA THR J 293 47.66 -32.37 57.58
C THR J 293 48.15 -33.05 56.31
N LEU J 294 47.25 -33.28 55.36
CA LEU J 294 47.64 -33.93 54.11
C LEU J 294 48.60 -33.07 53.30
N THR J 295 48.31 -31.77 53.19
CA THR J 295 49.12 -30.88 52.37
C THR J 295 50.23 -30.18 53.16
N GLY J 296 50.31 -30.42 54.48
CA GLY J 296 51.37 -29.82 55.27
C GLY J 296 51.25 -28.32 55.47
N GLY J 297 50.14 -27.71 55.06
CA GLY J 297 49.95 -26.28 55.18
C GLY J 297 49.45 -25.87 56.55
N THR J 298 49.13 -24.59 56.66
CA THR J 298 48.63 -24.01 57.90
C THR J 298 47.25 -23.41 57.66
N VAL J 299 46.34 -23.65 58.60
CA VAL J 299 44.98 -23.16 58.51
C VAL J 299 44.88 -21.85 59.27
N ILE J 300 44.34 -20.81 58.61
CA ILE J 300 44.11 -19.53 59.26
C ILE J 300 42.86 -19.65 60.13
N SER J 301 43.06 -19.78 61.44
CA SER J 301 41.97 -20.00 62.38
C SER J 301 41.69 -18.71 63.14
N GLU J 302 40.42 -18.29 63.15
CA GLU J 302 40.05 -17.10 63.90
C GLU J 302 40.13 -17.32 65.40
N GLU J 303 39.81 -18.54 65.87
CA GLU J 303 39.81 -18.78 67.30
C GLU J 303 41.22 -18.81 67.89
N ILE J 304 42.21 -19.27 67.12
CA ILE J 304 43.58 -19.19 67.60
C ILE J 304 44.07 -17.75 67.62
N GLY J 305 43.81 -17.00 66.54
CA GLY J 305 44.10 -15.58 66.49
C GLY J 305 44.74 -15.10 65.20
N MET J 306 45.43 -15.95 64.45
CA MET J 306 46.16 -15.48 63.28
C MET J 306 45.21 -15.02 62.19
N GLU J 307 45.69 -14.11 61.36
CA GLU J 307 44.90 -13.51 60.28
C GLU J 307 45.61 -13.74 58.95
N LEU J 308 44.86 -13.51 57.86
CA LEU J 308 45.36 -13.86 56.53
C LEU J 308 46.54 -13.01 56.10
N GLU J 309 46.63 -11.75 56.56
CA GLU J 309 47.64 -10.84 56.02
C GLU J 309 49.05 -11.32 56.31
N LYS J 310 49.31 -11.83 57.51
CA LYS J 310 50.66 -12.22 57.87
C LYS J 310 51.07 -13.55 57.27
N ALA J 311 50.16 -14.26 56.61
CA ALA J 311 50.46 -15.59 56.08
C ALA J 311 51.58 -15.52 55.05
N THR J 312 52.47 -16.51 55.09
CA THR J 312 53.62 -16.58 54.21
C THR J 312 53.44 -17.70 53.19
N LEU J 313 54.35 -17.73 52.22
CA LEU J 313 54.31 -18.76 51.19
C LEU J 313 54.52 -20.16 51.78
N GLU J 314 55.43 -20.27 52.75
CA GLU J 314 55.72 -21.57 53.34
C GLU J 314 54.52 -22.12 54.11
N ASP J 315 53.70 -21.24 54.71
CA ASP J 315 52.52 -21.70 55.42
C ASP J 315 51.48 -22.29 54.50
N LEU J 316 51.47 -21.90 53.23
CA LEU J 316 50.49 -22.42 52.28
C LEU J 316 50.79 -23.87 51.94
N GLY J 317 49.72 -24.66 51.78
CA GLY J 317 49.89 -26.04 51.37
C GLY J 317 50.25 -26.14 49.90
N GLN J 318 50.81 -27.30 49.53
CA GLN J 318 51.28 -27.52 48.17
C GLN J 318 50.88 -28.91 47.69
N ALA J 319 50.39 -28.97 46.45
CA ALA J 319 50.12 -30.22 45.77
C ALA J 319 50.63 -30.10 44.34
N LYS J 320 51.12 -31.22 43.80
CA LYS J 320 51.69 -31.20 42.46
C LYS J 320 50.63 -31.07 41.37
N ARG J 321 49.38 -31.44 41.65
CA ARG J 321 48.30 -31.27 40.70
C ARG J 321 46.97 -31.41 41.42
N VAL J 322 46.02 -30.55 41.07
CA VAL J 322 44.64 -30.65 41.54
C VAL J 322 43.70 -30.44 40.34
N VAL J 323 42.50 -31.01 40.45
CA VAL J 323 41.45 -30.81 39.46
C VAL J 323 40.17 -30.44 40.18
N ILE J 324 39.49 -29.41 39.70
CA ILE J 324 38.26 -28.90 40.31
C ILE J 324 37.13 -29.02 39.31
N ASN J 325 36.11 -29.80 39.65
CA ASN J 325 34.89 -29.91 38.88
C ASN J 325 33.78 -29.12 39.56
N LYS J 326 32.73 -28.82 38.80
CA LYS J 326 31.61 -28.06 39.36
C LYS J 326 30.88 -28.84 40.45
N ASP J 327 31.10 -30.16 40.54
CA ASP J 327 30.47 -30.97 41.55
C ASP J 327 31.44 -31.53 42.59
N THR J 328 32.75 -31.49 42.32
CA THR J 328 33.71 -32.06 43.26
C THR J 328 35.09 -31.44 43.00
N THR J 329 35.97 -31.60 43.99
CA THR J 329 37.34 -31.13 43.89
C THR J 329 38.27 -32.23 44.40
N THR J 330 39.29 -32.55 43.62
CA THR J 330 40.22 -33.63 43.93
C THR J 330 41.62 -33.07 44.13
N ILE J 331 42.26 -33.48 45.22
CA ILE J 331 43.64 -33.11 45.52
C ILE J 331 44.52 -34.33 45.29
N ILE J 332 45.56 -34.17 44.47
CA ILE J 332 46.43 -35.27 44.08
C ILE J 332 47.84 -34.97 44.58
N ASP J 333 48.37 -35.88 45.40
CA ASP J 333 49.75 -35.83 45.89
C ASP J 333 50.07 -34.49 46.56
N GLY J 334 49.34 -34.22 47.63
CA GLY J 334 49.67 -33.09 48.48
C GLY J 334 50.89 -33.40 49.33
N VAL J 335 51.96 -32.62 49.15
CA VAL J 335 53.21 -32.91 49.85
C VAL J 335 53.01 -32.77 51.35
N GLY J 336 53.43 -33.78 52.09
CA GLY J 336 53.27 -33.78 53.53
C GLY J 336 54.05 -34.92 54.15
N GLU J 337 54.25 -34.81 55.47
CA GLU J 337 54.99 -35.82 56.19
C GLU J 337 54.16 -37.10 56.31
N GLU J 338 54.79 -38.24 55.98
CA GLU J 338 54.11 -39.52 56.12
C GLU J 338 53.81 -39.83 57.59
N ALA J 339 54.74 -39.48 58.48
CA ALA J 339 54.50 -39.68 59.90
C ALA J 339 53.31 -38.85 60.39
N ALA J 340 53.17 -37.63 59.88
CA ALA J 340 52.02 -36.81 60.24
C ALA J 340 50.72 -37.46 59.77
N ILE J 341 50.72 -38.02 58.56
CA ILE J 341 49.52 -38.68 58.05
C ILE J 341 49.19 -39.90 58.91
N GLN J 342 50.20 -40.68 59.28
CA GLN J 342 49.97 -41.85 60.12
C GLN J 342 49.42 -41.44 61.47
N GLY J 343 49.98 -40.38 62.07
CA GLY J 343 49.46 -39.90 63.35
C GLY J 343 48.02 -39.42 63.24
N ARG J 344 47.70 -38.70 62.16
CA ARG J 344 46.35 -38.20 61.98
C ARG J 344 45.35 -39.34 61.81
N VAL J 345 45.69 -40.35 60.99
CA VAL J 345 44.77 -41.46 60.80
C VAL J 345 44.65 -42.29 62.08
N ALA J 346 45.73 -42.42 62.85
CA ALA J 346 45.64 -43.12 64.13
C ALA J 346 44.74 -42.35 65.10
N GLN J 347 44.83 -41.02 65.11
CA GLN J 347 43.96 -40.23 65.96
C GLN J 347 42.50 -40.38 65.55
N ILE J 348 42.23 -40.39 64.24
CA ILE J 348 40.86 -40.57 63.78
C ILE J 348 40.36 -41.97 64.13
N ARG J 349 41.22 -42.97 64.06
CA ARG J 349 40.81 -44.33 64.39
C ARG J 349 40.54 -44.50 65.88
N GLN J 350 41.34 -43.86 66.74
CA GLN J 350 41.03 -43.92 68.15
C GLN J 350 39.78 -43.09 68.47
N GLN J 351 39.50 -42.06 67.67
CA GLN J 351 38.22 -41.38 67.78
C GLN J 351 37.06 -42.32 67.43
N ILE J 352 37.24 -43.13 66.38
CA ILE J 352 36.27 -44.19 66.07
C ILE J 352 36.09 -45.10 67.28
N GLU J 353 37.20 -45.49 67.91
CA GLU J 353 37.13 -46.37 69.06
C GLU J 353 36.35 -45.72 70.21
N GLU J 354 36.54 -44.42 70.42
CA GLU J 354 35.86 -43.72 71.50
C GLU J 354 34.53 -43.08 71.08
N ALA J 355 34.17 -43.16 69.80
CA ALA J 355 32.92 -42.57 69.35
C ALA J 355 31.72 -43.38 69.85
N THR J 356 30.61 -42.69 70.09
CA THR J 356 29.40 -43.30 70.60
C THR J 356 28.25 -43.28 69.60
N SER J 357 27.89 -42.10 69.09
CA SER J 357 26.76 -42.00 68.18
C SER J 357 27.11 -42.58 66.81
N ASP J 358 26.10 -43.17 66.16
CA ASP J 358 26.30 -43.80 64.87
C ASP J 358 26.66 -42.78 63.79
N TYR J 359 26.03 -41.60 63.83
CA TYR J 359 26.30 -40.58 62.83
C TYR J 359 27.74 -40.09 62.89
N ASP J 360 28.23 -39.83 64.11
CA ASP J 360 29.62 -39.41 64.26
C ASP J 360 30.59 -40.51 63.84
N ARG J 361 30.26 -41.76 64.18
CA ARG J 361 31.10 -42.88 63.76
C ARG J 361 31.18 -42.96 62.24
N GLU J 362 30.03 -42.82 61.56
CA GLU J 362 30.02 -42.87 60.10
C GLU J 362 30.80 -41.72 59.50
N LYS J 363 30.63 -40.51 60.05
CA LYS J 363 31.32 -39.34 59.50
C LYS J 363 32.82 -39.47 59.66
N LEU J 364 33.28 -39.88 60.85
CA LEU J 364 34.72 -40.03 61.07
C LEU J 364 35.28 -41.22 60.28
N GLN J 365 34.48 -42.26 60.07
CA GLN J 365 34.92 -43.36 59.21
C GLN J 365 35.10 -42.89 57.78
N GLU J 366 34.17 -42.07 57.28
CA GLU J 366 34.34 -41.49 55.96
C GLU J 366 35.58 -40.62 55.89
N ARG J 367 35.83 -39.83 56.95
CA ARG J 367 37.03 -38.99 56.99
C ARG J 367 38.29 -39.83 56.91
N VAL J 368 38.39 -40.87 57.74
CA VAL J 368 39.61 -41.68 57.76
C VAL J 368 39.76 -42.45 56.46
N ALA J 369 38.66 -42.90 55.87
CA ALA J 369 38.73 -43.60 54.59
C ALA J 369 39.27 -42.68 53.49
N LYS J 370 38.70 -41.48 53.39
CA LYS J 370 39.13 -40.55 52.35
C LYS J 370 40.52 -39.97 52.64
N LEU J 371 41.00 -40.09 53.87
CA LEU J 371 42.34 -39.59 54.20
C LEU J 371 43.42 -40.65 54.03
N ALA J 372 43.12 -41.92 54.28
CA ALA J 372 44.12 -42.98 54.23
C ALA J 372 44.08 -43.81 52.96
N GLY J 373 42.92 -43.89 52.29
CA GLY J 373 42.85 -44.66 51.06
C GLY J 373 43.73 -44.12 49.95
N GLY J 374 43.91 -42.81 49.92
CA GLY J 374 44.74 -42.19 48.90
C GLY J 374 44.01 -42.04 47.58
N VAL J 375 44.77 -41.59 46.58
CA VAL J 375 44.24 -41.37 45.24
C VAL J 375 45.09 -42.15 44.25
N ALA J 376 44.44 -42.96 43.43
CA ALA J 376 45.13 -43.72 42.39
C ALA J 376 45.17 -42.90 41.11
N VAL J 377 46.35 -42.76 40.54
CA VAL J 377 46.57 -41.96 39.34
C VAL J 377 46.85 -42.90 38.17
N ILE J 378 46.15 -42.69 37.07
CA ILE J 378 46.31 -43.48 35.85
C ILE J 378 47.10 -42.63 34.86
N LYS J 379 48.33 -43.05 34.58
CA LYS J 379 49.20 -42.36 33.62
C LYS J 379 49.11 -43.13 32.30
N VAL J 380 48.18 -42.72 31.44
CA VAL J 380 48.01 -43.37 30.16
C VAL J 380 49.29 -43.21 29.33
N GLY J 381 49.55 -44.21 28.49
CA GLY J 381 50.73 -44.18 27.61
C GLY J 381 50.32 -44.43 26.17
N ALA J 382 50.97 -43.70 25.25
CA ALA J 382 50.69 -43.83 23.83
C ALA J 382 51.98 -43.57 23.06
N ALA J 383 51.85 -43.36 21.74
CA ALA J 383 52.99 -43.10 20.89
C ALA J 383 52.92 -41.74 20.19
N THR J 384 51.76 -41.10 20.15
CA THR J 384 51.61 -39.78 19.53
C THR J 384 50.76 -38.92 20.44
N GLU J 385 51.04 -37.61 20.43
CA GLU J 385 50.37 -36.69 21.35
C GLU J 385 48.86 -36.63 21.08
N VAL J 386 48.47 -36.64 19.80
CA VAL J 386 47.05 -36.58 19.49
C VAL J 386 46.34 -37.85 19.97
N GLU J 387 46.90 -39.03 19.67
CA GLU J 387 46.33 -40.26 20.18
C GLU J 387 46.52 -40.37 21.69
N MET J 388 47.54 -39.71 22.23
CA MET J 388 47.69 -39.63 23.68
C MET J 388 46.49 -38.96 24.32
N LYS J 389 46.11 -37.77 23.82
CA LYS J 389 44.96 -37.05 24.36
C LYS J 389 43.67 -37.83 24.10
N GLU J 390 43.55 -38.44 22.91
CA GLU J 390 42.36 -39.22 22.61
C GLU J 390 42.19 -40.38 23.57
N LYS J 391 43.29 -41.09 23.85
CA LYS J 391 43.23 -42.22 24.77
C LYS J 391 42.96 -41.76 26.19
N LYS J 392 43.53 -40.61 26.58
CA LYS J 392 43.24 -40.07 27.91
C LYS J 392 41.75 -39.75 28.07
N ALA J 393 41.16 -39.11 27.05
CA ALA J 393 39.73 -38.79 27.11
C ALA J 393 38.89 -40.06 27.14
N ARG J 394 39.26 -41.06 26.33
CA ARG J 394 38.52 -42.32 26.34
C ARG J 394 38.63 -43.01 27.69
N VAL J 395 39.82 -42.98 28.31
CA VAL J 395 40.00 -43.58 29.62
C VAL J 395 39.16 -42.87 30.66
N GLU J 396 39.11 -41.54 30.60
CA GLU J 396 38.29 -40.79 31.56
C GLU J 396 36.81 -41.11 31.39
N ASP J 397 36.33 -41.18 30.15
CA ASP J 397 34.93 -41.51 29.91
C ASP J 397 34.61 -42.92 30.38
N ALA J 398 35.51 -43.87 30.12
CA ALA J 398 35.32 -45.24 30.58
C ALA J 398 35.34 -45.31 32.10
N LEU J 399 36.19 -44.50 32.74
CA LEU J 399 36.21 -44.44 34.20
C LEU J 399 34.88 -43.96 34.75
N HIS J 400 34.31 -42.91 34.15
CA HIS J 400 33.01 -42.43 34.59
C HIS J 400 31.93 -43.50 34.40
N ALA J 401 31.92 -44.15 33.23
CA ALA J 401 30.92 -45.17 32.97
C ALA J 401 31.06 -46.34 33.93
N THR J 402 32.30 -46.77 34.20
CA THR J 402 32.52 -47.89 35.11
C THR J 402 32.19 -47.50 36.55
N ARG J 403 32.42 -46.25 36.93
CA ARG J 403 31.99 -45.79 38.24
C ARG J 403 30.47 -45.89 38.38
N ALA J 404 29.74 -45.44 37.36
CA ALA J 404 28.29 -45.56 37.39
C ALA J 404 27.88 -47.03 37.47
N ALA J 405 28.55 -47.89 36.69
CA ALA J 405 28.22 -49.31 36.69
C ALA J 405 28.43 -49.93 38.07
N VAL J 406 29.61 -49.74 38.66
CA VAL J 406 29.87 -50.30 39.98
C VAL J 406 28.98 -49.68 41.04
N GLU J 407 28.47 -48.46 40.81
CA GLU J 407 27.51 -47.90 41.74
C GLU J 407 26.16 -48.61 41.67
N GLU J 408 25.65 -48.85 40.45
CA GLU J 408 24.30 -49.40 40.31
C GLU J 408 24.18 -50.57 39.34
N GLY J 409 25.28 -51.20 38.94
CA GLY J 409 25.17 -52.31 38.02
C GLY J 409 24.96 -51.84 36.59
N VAL J 410 24.73 -52.81 35.71
CA VAL J 410 24.48 -52.55 34.30
C VAL J 410 23.19 -53.22 33.88
N VAL J 411 22.55 -52.66 32.85
CA VAL J 411 21.36 -53.23 32.25
C VAL J 411 21.59 -53.33 30.75
N ALA J 412 20.66 -54.02 30.08
CA ALA J 412 20.74 -54.17 28.63
C ALA J 412 20.58 -52.82 27.95
N GLY J 413 21.67 -52.31 27.37
CA GLY J 413 21.68 -50.99 26.78
C GLY J 413 20.97 -50.94 25.44
N GLY J 414 21.16 -49.82 24.75
CA GLY J 414 20.50 -49.59 23.48
C GLY J 414 19.03 -49.26 23.58
N GLY J 415 18.57 -48.80 24.75
CA GLY J 415 17.18 -48.43 24.91
C GLY J 415 16.22 -49.59 25.08
N VAL J 416 16.70 -50.80 25.33
CA VAL J 416 15.84 -51.96 25.49
C VAL J 416 15.50 -52.25 26.95
N ALA J 417 16.26 -51.72 27.90
CA ALA J 417 15.89 -51.86 29.30
C ALA J 417 14.55 -51.17 29.57
N LEU J 418 14.35 -49.98 29.00
CA LEU J 418 13.10 -49.26 29.19
C LEU J 418 11.92 -50.01 28.57
N ILE J 419 12.11 -50.58 27.38
CA ILE J 419 11.01 -51.31 26.75
C ILE J 419 10.70 -52.59 27.52
N ARG J 420 11.72 -53.26 28.06
CA ARG J 420 11.47 -54.44 28.89
C ARG J 420 10.71 -54.06 30.16
N VAL J 421 11.10 -52.94 30.79
CA VAL J 421 10.42 -52.49 31.99
C VAL J 421 8.97 -52.14 31.68
N ALA J 422 8.73 -51.47 30.55
CA ALA J 422 7.36 -51.13 30.16
C ALA J 422 6.54 -52.38 29.90
N SER J 423 7.14 -53.38 29.26
CA SER J 423 6.44 -54.65 29.04
C SER J 423 6.07 -55.29 30.37
N LYS J 424 6.98 -55.25 31.35
CA LYS J 424 6.69 -55.79 32.67
C LYS J 424 5.57 -55.01 33.36
N LEU J 425 5.58 -53.68 33.22
CA LEU J 425 4.67 -52.80 33.93
C LEU J 425 3.35 -52.56 33.21
N ALA J 426 3.16 -53.15 32.03
CA ALA J 426 1.94 -52.93 31.26
C ALA J 426 0.66 -53.21 32.06
N ASP J 427 0.75 -53.89 33.20
CA ASP J 427 -0.40 -54.21 34.02
C ASP J 427 -0.60 -53.25 35.19
N LEU J 428 0.16 -52.16 35.23
CA LEU J 428 0.03 -51.21 36.33
C LEU J 428 -1.29 -50.45 36.24
N ARG J 429 -1.79 -50.02 37.41
CA ARG J 429 -3.04 -49.31 37.52
C ARG J 429 -2.93 -48.22 38.57
N GLY J 430 -3.80 -47.22 38.45
CA GLY J 430 -3.86 -46.11 39.37
C GLY J 430 -5.23 -45.96 40.00
N GLN J 431 -5.33 -45.00 40.91
CA GLN J 431 -6.59 -44.75 41.62
C GLN J 431 -7.65 -44.21 40.67
N ASN J 432 -7.26 -43.30 39.78
CA ASN J 432 -8.20 -42.63 38.88
C ASN J 432 -7.87 -42.99 37.44
N GLU J 433 -8.86 -42.79 36.56
CA GLU J 433 -8.66 -43.06 35.14
C GLU J 433 -7.57 -42.16 34.56
N ASP J 434 -7.50 -40.92 35.03
CA ASP J 434 -6.43 -40.03 34.58
C ASP J 434 -5.06 -40.56 34.99
N GLN J 435 -4.98 -41.18 36.18
CA GLN J 435 -3.74 -41.80 36.59
C GLN J 435 -3.37 -42.96 35.67
N ASN J 436 -4.36 -43.75 35.24
CA ASN J 436 -4.10 -44.82 34.28
C ASN J 436 -3.61 -44.26 32.94
N VAL J 437 -4.21 -43.15 32.49
CA VAL J 437 -3.77 -42.53 31.26
C VAL J 437 -2.33 -42.04 31.39
N GLY J 438 -1.99 -41.45 32.54
CA GLY J 438 -0.62 -41.05 32.79
C GLY J 438 0.34 -42.22 32.79
N ILE J 439 -0.07 -43.34 33.39
CA ILE J 439 0.78 -44.53 33.38
C ILE J 439 1.02 -45.03 31.97
N LYS J 440 -0.04 -45.05 31.15
CA LYS J 440 0.11 -45.45 29.75
C LYS J 440 1.03 -44.49 29.00
N VAL J 441 0.91 -43.19 29.29
CA VAL J 441 1.78 -42.19 28.68
C VAL J 441 3.24 -42.47 29.03
N ALA J 442 3.50 -42.76 30.31
CA ALA J 442 4.86 -43.05 30.76
C ALA J 442 5.39 -44.31 30.09
N LEU J 443 4.56 -45.34 29.96
CA LEU J 443 5.00 -46.56 29.30
C LEU J 443 5.33 -46.32 27.83
N ARG J 444 4.48 -45.58 27.11
CA ARG J 444 4.76 -45.28 25.71
C ARG J 444 6.03 -44.46 25.57
N ALA J 445 6.25 -43.50 26.49
CA ALA J 445 7.48 -42.74 26.46
C ALA J 445 8.69 -43.63 26.70
N MET J 446 8.58 -44.60 27.62
CA MET J 446 9.64 -45.57 27.81
C MET J 446 9.89 -46.38 26.55
N GLU J 447 8.84 -46.68 25.79
CA GLU J 447 9.00 -47.34 24.51
C GLU J 447 9.76 -46.47 23.51
N ALA J 448 9.53 -45.16 23.56
CA ALA J 448 10.00 -44.24 22.52
C ALA J 448 11.50 -44.31 22.19
N PRO J 449 12.43 -44.33 23.16
CA PRO J 449 13.86 -44.23 22.79
C PRO J 449 14.34 -45.34 21.87
N LEU J 450 13.90 -46.58 22.07
CA LEU J 450 14.29 -47.66 21.18
C LEU J 450 13.72 -47.43 19.78
N ARG J 451 12.48 -46.92 19.71
CA ARG J 451 11.90 -46.58 18.42
C ARG J 451 12.72 -45.52 17.71
N GLN J 452 13.19 -44.50 18.44
CA GLN J 452 14.02 -43.47 17.83
C GLN J 452 15.35 -44.05 17.36
N ILE J 453 15.95 -44.93 18.16
CA ILE J 453 17.23 -45.54 17.77
C ILE J 453 17.06 -46.33 16.48
N VAL J 454 16.03 -47.18 16.41
CA VAL J 454 15.86 -48.00 15.22
C VAL J 454 15.34 -47.19 14.03
N LEU J 455 14.74 -46.01 14.28
CA LEU J 455 14.42 -45.11 13.19
C LEU J 455 15.67 -44.46 12.64
N ASN J 456 16.62 -44.12 13.52
CA ASN J 456 17.93 -43.66 13.05
C ASN J 456 18.63 -44.75 12.25
N CYS J 457 18.51 -46.00 12.69
CA CYS J 457 19.07 -47.12 11.93
C CYS J 457 18.38 -47.34 10.59
N GLY J 458 17.21 -46.76 10.37
CA GLY J 458 16.48 -46.91 9.14
C GLY J 458 15.50 -48.07 9.11
N GLU J 459 15.48 -48.91 10.14
CA GLU J 459 14.56 -50.03 10.19
C GLU J 459 13.17 -49.55 10.60
N GLU J 460 12.23 -50.49 10.69
CA GLU J 460 10.88 -50.16 11.09
C GLU J 460 10.78 -50.04 12.60
N PRO J 461 10.31 -48.91 13.13
CA PRO J 461 10.28 -48.74 14.59
C PRO J 461 9.32 -49.67 15.30
N SER J 462 8.07 -49.71 14.84
CA SER J 462 7.03 -50.46 15.55
C SER J 462 7.31 -51.95 15.53
N VAL J 463 7.76 -52.48 14.39
CA VAL J 463 8.01 -53.92 14.28
C VAL J 463 9.13 -54.33 15.23
N VAL J 464 10.22 -53.57 15.25
CA VAL J 464 11.33 -53.88 16.14
C VAL J 464 10.90 -53.75 17.60
N ALA J 465 10.13 -52.70 17.92
CA ALA J 465 9.67 -52.51 19.29
C ALA J 465 8.80 -53.68 19.74
N ASN J 466 7.88 -54.14 18.88
CA ASN J 466 7.04 -55.27 19.24
C ASN J 466 7.85 -56.55 19.36
N THR J 467 8.85 -56.74 18.48
CA THR J 467 9.69 -57.93 18.57
C THR J 467 10.47 -57.96 19.88
N VAL J 468 11.01 -56.82 20.31
CA VAL J 468 11.73 -56.76 21.57
C VAL J 468 10.76 -56.95 22.74
N LYS J 469 9.55 -56.40 22.63
CA LYS J 469 8.55 -56.58 23.67
C LYS J 469 8.17 -58.04 23.83
N GLY J 470 8.10 -58.79 22.73
CA GLY J 470 7.80 -60.20 22.81
C GLY J 470 8.82 -60.99 23.60
N GLY J 471 10.10 -60.59 23.52
CA GLY J 471 11.14 -61.26 24.26
C GLY J 471 11.13 -60.91 25.72
N ASP J 472 12.04 -61.54 26.47
CA ASP J 472 12.12 -61.38 27.91
C ASP J 472 13.58 -61.22 28.31
N GLY J 473 13.78 -60.86 29.58
CA GLY J 473 15.14 -60.70 30.08
C GLY J 473 15.85 -59.56 29.38
N ASN J 474 17.10 -59.81 29.00
CA ASN J 474 17.92 -58.81 28.32
C ASN J 474 17.90 -58.97 26.81
N TYR J 475 17.05 -59.84 26.28
CA TYR J 475 16.93 -59.99 24.84
C TYR J 475 16.46 -58.69 24.20
N GLY J 476 17.12 -58.29 23.12
CA GLY J 476 16.77 -57.02 22.49
C GLY J 476 17.37 -56.94 21.10
N TYR J 477 17.13 -55.80 20.47
CA TYR J 477 17.58 -55.55 19.11
C TYR J 477 18.90 -54.78 19.13
N ASN J 478 19.91 -55.34 18.46
CA ASN J 478 21.21 -54.70 18.34
C ASN J 478 21.17 -53.71 17.18
N ALA J 479 21.26 -52.42 17.50
CA ALA J 479 21.19 -51.39 16.46
C ALA J 479 22.38 -51.46 15.51
N ALA J 480 23.57 -51.73 16.04
CA ALA J 480 24.77 -51.72 15.20
C ALA J 480 24.76 -52.84 14.18
N THR J 481 24.32 -54.04 14.58
CA THR J 481 24.38 -55.22 13.71
C THR J 481 23.03 -55.61 13.14
N GLU J 482 21.96 -54.90 13.50
CA GLU J 482 20.62 -55.13 12.94
C GLU J 482 20.17 -56.58 13.13
N GLU J 483 20.44 -57.14 14.31
CA GLU J 483 20.08 -58.51 14.60
C GLU J 483 19.81 -58.65 16.10
N TYR J 484 18.79 -59.44 16.44
CA TYR J 484 18.30 -59.55 17.80
C TYR J 484 19.20 -60.49 18.62
N GLY J 485 18.80 -60.76 19.86
CA GLY J 485 19.52 -61.63 20.75
C GLY J 485 19.73 -60.98 22.10
N ASN J 486 20.54 -61.63 22.93
CA ASN J 486 20.82 -61.12 24.27
C ASN J 486 21.73 -59.90 24.16
N MET J 487 21.27 -58.76 24.70
CA MET J 487 22.01 -57.52 24.56
C MET J 487 23.29 -57.52 25.39
N ILE J 488 23.29 -58.23 26.53
CA ILE J 488 24.47 -58.24 27.39
C ILE J 488 25.65 -58.88 26.67
N ASP J 489 25.40 -59.98 25.95
CA ASP J 489 26.49 -60.74 25.35
C ASP J 489 27.22 -59.93 24.29
N MET J 490 26.49 -59.20 23.45
CA MET J 490 27.14 -58.41 22.41
C MET J 490 27.89 -57.21 22.95
N GLY J 491 27.73 -56.88 24.23
CA GLY J 491 28.46 -55.77 24.82
C GLY J 491 27.75 -54.43 24.78
N ILE J 492 26.44 -54.41 24.55
CA ILE J 492 25.67 -53.16 24.57
C ILE J 492 25.20 -52.99 26.02
N LEU J 493 26.07 -52.40 26.84
CA LEU J 493 25.79 -52.20 28.26
C LEU J 493 25.64 -50.72 28.55
N ASP J 494 24.54 -50.35 29.20
CA ASP J 494 24.35 -49.04 29.76
C ASP J 494 24.18 -49.17 31.28
N PRO J 495 24.86 -48.35 32.07
CA PRO J 495 24.73 -48.47 33.53
C PRO J 495 23.28 -48.26 33.97
N THR J 496 22.87 -49.05 34.96
CA THR J 496 21.51 -48.92 35.48
C THR J 496 21.29 -47.52 36.06
N LYS J 497 22.32 -46.94 36.66
CA LYS J 497 22.21 -45.59 37.20
C LYS J 497 21.90 -44.59 36.09
N VAL J 498 22.54 -44.75 34.93
CA VAL J 498 22.33 -43.80 33.83
C VAL J 498 20.88 -43.83 33.38
N THR J 499 20.35 -45.03 33.10
CA THR J 499 18.97 -45.14 32.64
C THR J 499 17.99 -44.68 33.71
N ARG J 500 18.24 -45.06 34.98
CA ARG J 500 17.34 -44.66 36.06
C ARG J 500 17.30 -43.15 36.22
N SER J 501 18.48 -42.51 36.21
CA SER J 501 18.52 -41.06 36.34
C SER J 501 17.87 -40.36 35.15
N ALA J 502 18.13 -40.86 33.94
CA ALA J 502 17.50 -40.26 32.76
C ALA J 502 15.98 -40.34 32.86
N LEU J 503 15.46 -41.53 33.20
CA LEU J 503 14.01 -41.70 33.30
C LEU J 503 13.43 -40.81 34.40
N GLN J 504 14.07 -40.77 35.57
CA GLN J 504 13.54 -39.99 36.68
C GLN J 504 13.55 -38.50 36.36
N TYR J 505 14.64 -38.00 35.78
CA TYR J 505 14.72 -36.58 35.47
C TYR J 505 13.74 -36.19 34.35
N ALA J 506 13.59 -37.05 33.34
CA ALA J 506 12.60 -36.79 32.31
C ALA J 506 11.19 -36.76 32.89
N ALA J 507 10.89 -37.70 33.80
CA ALA J 507 9.60 -37.70 34.46
C ALA J 507 9.39 -36.42 35.27
N SER J 508 10.43 -35.98 35.99
CA SER J 508 10.30 -34.78 36.81
C SER J 508 10.03 -33.55 35.94
N VAL J 509 10.80 -33.38 34.87
CA VAL J 509 10.63 -32.19 34.03
C VAL J 509 9.28 -32.24 33.32
N ALA J 510 8.85 -33.43 32.89
CA ALA J 510 7.57 -33.53 32.20
C ALA J 510 6.40 -33.30 33.15
N GLY J 511 6.52 -33.77 34.39
CA GLY J 511 5.48 -33.49 35.37
C GLY J 511 5.41 -32.01 35.73
N LEU J 512 6.57 -31.36 35.83
CA LEU J 512 6.58 -29.92 36.06
C LEU J 512 5.93 -29.18 34.89
N MET J 513 6.21 -29.62 33.67
CA MET J 513 5.72 -28.91 32.48
C MET J 513 4.24 -29.17 32.22
N ILE J 514 3.75 -30.37 32.52
CA ILE J 514 2.35 -30.68 32.26
C ILE J 514 1.44 -29.85 33.15
N THR J 515 1.84 -29.62 34.40
CA THR J 515 1.06 -28.82 35.33
C THR J 515 1.31 -27.33 35.17
N THR J 516 2.15 -26.91 34.23
CA THR J 516 2.38 -25.49 34.00
C THR J 516 1.11 -24.83 33.49
N GLU J 517 0.78 -23.68 34.07
CA GLU J 517 -0.43 -22.96 33.73
C GLU J 517 -0.21 -21.51 33.33
N CYS J 518 0.89 -20.88 33.74
CA CYS J 518 1.13 -19.48 33.47
C CYS J 518 2.62 -19.24 33.25
N MET J 519 2.93 -18.11 32.62
CA MET J 519 4.32 -17.72 32.33
C MET J 519 4.51 -16.24 32.55
N VAL J 520 5.76 -15.85 32.82
CA VAL J 520 6.18 -14.46 32.87
C VAL J 520 7.52 -14.35 32.14
N THR J 521 7.55 -13.57 31.07
CA THR J 521 8.77 -13.35 30.31
C THR J 521 8.87 -11.89 29.88
N ASP J 522 10.09 -11.46 29.59
CA ASP J 522 10.31 -10.13 29.06
C ASP J 522 9.76 -10.03 27.64
N LEU J 523 9.17 -8.88 27.32
CA LEU J 523 8.60 -8.68 26.00
C LEU J 523 9.71 -8.59 24.95
N PRO J 524 9.43 -9.02 23.71
CA PRO J 524 10.40 -8.96 22.62
C PRO J 524 10.85 -7.52 22.32
N ALA K 1 23.61 -15.44 19.68
CA ALA K 1 22.63 -15.69 20.73
C ALA K 1 21.59 -16.70 20.26
N ALA K 2 20.37 -16.22 20.02
CA ALA K 2 19.30 -17.08 19.55
C ALA K 2 19.65 -17.68 18.20
N LYS K 3 19.30 -18.94 18.01
CA LYS K 3 19.73 -19.71 16.85
C LYS K 3 18.53 -20.27 16.09
N ASP K 4 18.66 -20.31 14.77
CA ASP K 4 17.66 -20.89 13.89
C ASP K 4 18.08 -22.29 13.48
N VAL K 5 17.12 -23.21 13.40
CA VAL K 5 17.37 -24.61 13.17
C VAL K 5 16.63 -25.07 11.92
N LYS K 6 17.27 -25.94 11.14
CA LYS K 6 16.66 -26.59 9.99
C LYS K 6 16.80 -28.10 10.14
N PHE K 7 15.77 -28.83 9.69
CA PHE K 7 15.70 -30.26 9.86
C PHE K 7 15.42 -30.96 8.54
N GLY K 8 16.06 -32.11 8.34
CA GLY K 8 15.71 -32.97 7.23
C GLY K 8 16.01 -32.35 5.88
N ASN K 9 14.97 -32.29 5.03
CA ASN K 9 15.17 -31.93 3.64
C ASN K 9 15.67 -30.50 3.49
N ASP K 10 15.14 -29.57 4.29
CA ASP K 10 15.53 -28.17 4.16
C ASP K 10 17.02 -27.97 4.42
N ALA K 11 17.53 -28.61 5.48
CA ALA K 11 18.96 -28.54 5.77
C ALA K 11 19.77 -29.07 4.59
N ARG K 12 19.36 -30.20 4.02
CA ARG K 12 20.09 -30.78 2.91
C ARG K 12 20.08 -29.89 1.68
N VAL K 13 18.93 -29.28 1.36
CA VAL K 13 18.88 -28.43 0.18
C VAL K 13 19.69 -27.15 0.39
N LYS K 14 19.70 -26.60 1.61
CA LYS K 14 20.54 -25.44 1.88
C LYS K 14 22.02 -25.79 1.72
N MET K 15 22.44 -26.92 2.30
CA MET K 15 23.83 -27.35 2.16
C MET K 15 24.16 -27.62 0.71
N LEU K 16 23.22 -28.19 -0.04
CA LEU K 16 23.43 -28.45 -1.45
C LEU K 16 23.61 -27.16 -2.24
N ARG K 17 22.80 -26.15 -1.94
CA ARG K 17 22.95 -24.85 -2.61
C ARG K 17 24.30 -24.23 -2.30
N GLY K 18 24.73 -24.29 -1.04
CA GLY K 18 26.03 -23.74 -0.70
C GLY K 18 27.17 -24.45 -1.39
N VAL K 19 27.15 -25.79 -1.38
CA VAL K 19 28.20 -26.56 -2.04
C VAL K 19 28.16 -26.33 -3.55
N ASN K 20 26.96 -26.17 -4.11
CA ASN K 20 26.85 -25.90 -5.54
C ASN K 20 27.46 -24.55 -5.89
N VAL K 21 27.21 -23.52 -5.09
CA VAL K 21 27.81 -22.21 -5.34
C VAL K 21 29.32 -22.31 -5.25
N LEU K 22 29.82 -22.96 -4.19
CA LEU K 22 31.26 -23.13 -4.04
C LEU K 22 31.89 -23.84 -5.23
N ALA K 23 31.26 -24.94 -5.67
CA ALA K 23 31.84 -25.74 -6.74
C ALA K 23 31.75 -25.01 -8.08
N ASP K 24 30.64 -24.33 -8.36
CA ASP K 24 30.55 -23.57 -9.59
C ASP K 24 31.54 -22.41 -9.60
N ALA K 25 31.90 -21.90 -8.43
CA ALA K 25 32.92 -20.86 -8.37
C ALA K 25 34.33 -21.43 -8.55
N VAL K 26 34.59 -22.64 -8.05
CA VAL K 26 35.97 -23.14 -8.00
C VAL K 26 36.34 -24.05 -9.18
N LYS K 27 35.37 -24.75 -9.78
CA LYS K 27 35.67 -25.77 -10.79
C LYS K 27 35.82 -25.21 -12.19
N VAL K 28 35.50 -23.93 -12.41
CA VAL K 28 35.71 -23.33 -13.72
C VAL K 28 37.18 -23.12 -14.03
N THR K 29 38.04 -23.22 -13.02
CA THR K 29 39.49 -23.13 -13.21
C THR K 29 40.15 -24.49 -13.37
N LEU K 30 39.38 -25.57 -13.36
CA LEU K 30 39.93 -26.91 -13.47
C LEU K 30 40.37 -27.21 -14.90
N GLY K 31 41.53 -27.83 -15.03
CA GLY K 31 42.05 -28.22 -16.32
C GLY K 31 43.02 -27.19 -16.88
N PRO K 32 43.84 -27.60 -17.85
CA PRO K 32 44.77 -26.64 -18.48
C PRO K 32 44.05 -25.46 -19.12
N LYS K 33 42.90 -25.68 -19.72
CA LYS K 33 42.09 -24.60 -20.30
C LYS K 33 41.07 -24.07 -19.31
N GLY K 34 41.54 -23.72 -18.12
CA GLY K 34 40.64 -23.21 -17.09
C GLY K 34 40.26 -21.77 -17.31
N ARG K 35 39.04 -21.43 -16.88
CA ARG K 35 38.53 -20.07 -17.00
C ARG K 35 39.16 -19.18 -15.92
N ASN K 36 38.77 -17.91 -15.93
CA ASN K 36 39.32 -16.92 -15.01
C ASN K 36 38.24 -16.48 -14.04
N VAL K 37 38.65 -16.29 -12.78
CA VAL K 37 37.77 -15.80 -11.72
C VAL K 37 38.38 -14.50 -11.19
N VAL K 38 37.58 -13.43 -11.19
CA VAL K 38 38.02 -12.11 -10.75
C VAL K 38 37.51 -11.88 -9.33
N LEU K 39 38.39 -11.37 -8.48
CA LEU K 39 38.09 -11.19 -7.06
C LEU K 39 38.33 -9.73 -6.67
N ASP K 40 37.42 -9.16 -5.89
CA ASP K 40 37.63 -7.84 -5.32
C ASP K 40 38.64 -7.86 -4.18
N LYS K 41 39.33 -6.73 -4.04
CA LYS K 41 39.98 -6.34 -2.81
C LYS K 41 39.58 -4.90 -2.53
N SER K 42 39.51 -4.54 -1.26
CA SER K 42 39.15 -3.18 -0.90
C SER K 42 40.20 -2.16 -1.31
N PHE K 43 41.39 -2.62 -1.73
CA PHE K 43 42.45 -1.71 -2.13
C PHE K 43 42.04 -0.89 -3.35
N GLY K 44 41.41 -1.54 -4.34
CA GLY K 44 40.94 -0.82 -5.50
C GLY K 44 41.14 -1.57 -6.82
N ALA K 45 42.02 -2.56 -6.82
CA ALA K 45 42.36 -3.28 -8.03
C ALA K 45 41.89 -4.74 -7.94
N PRO K 46 40.94 -5.16 -8.76
CA PRO K 46 40.54 -6.57 -8.75
C PRO K 46 41.66 -7.47 -9.23
N THR K 47 41.72 -8.67 -8.66
CA THR K 47 42.72 -9.67 -9.02
C THR K 47 42.08 -10.78 -9.84
N ILE K 48 42.84 -11.31 -10.80
CA ILE K 48 42.37 -12.36 -11.69
C ILE K 48 43.25 -13.58 -11.47
N THR K 49 42.63 -14.72 -11.18
CA THR K 49 43.36 -15.94 -10.86
C THR K 49 42.74 -17.12 -11.60
N LYS K 50 43.57 -18.14 -11.84
CA LYS K 50 43.12 -19.39 -12.43
C LYS K 50 43.37 -20.59 -11.51
N ASP K 51 43.72 -20.35 -10.25
CA ASP K 51 43.93 -21.42 -9.28
C ASP K 51 42.75 -21.48 -8.32
N GLY K 52 42.34 -22.70 -7.98
CA GLY K 52 41.17 -22.89 -7.15
C GLY K 52 41.38 -22.57 -5.68
N VAL K 53 42.63 -22.55 -5.22
CA VAL K 53 42.89 -22.32 -3.80
C VAL K 53 42.48 -20.91 -3.40
N SER K 54 42.86 -19.91 -4.20
CA SER K 54 42.52 -18.53 -3.87
C SER K 54 41.02 -18.30 -3.95
N VAL K 55 40.36 -18.88 -4.97
CA VAL K 55 38.91 -18.73 -5.08
C VAL K 55 38.21 -19.37 -3.89
N ALA K 56 38.67 -20.56 -3.48
CA ALA K 56 38.08 -21.23 -2.33
C ALA K 56 38.28 -20.41 -1.06
N ARG K 57 39.46 -19.82 -0.90
CA ARG K 57 39.71 -18.99 0.27
C ARG K 57 38.83 -17.73 0.27
N GLU K 58 38.60 -17.14 -0.89
CA GLU K 58 37.86 -15.88 -0.99
C GLU K 58 36.35 -16.06 -1.05
N ILE K 59 35.85 -17.29 -1.16
CA ILE K 59 34.42 -17.54 -1.37
C ILE K 59 33.75 -17.89 -0.04
N GLU K 60 32.53 -17.40 0.13
CA GLU K 60 31.63 -17.76 1.23
C GLU K 60 30.28 -17.10 0.96
N LEU K 61 29.24 -17.64 1.57
CA LEU K 61 27.87 -17.25 1.27
C LEU K 61 27.29 -16.39 2.39
N GLU K 62 26.34 -15.53 2.02
CA GLU K 62 25.73 -14.65 3.01
C GLU K 62 24.76 -15.39 3.93
N ASP K 63 23.99 -16.33 3.37
CA ASP K 63 23.07 -17.09 4.20
C ASP K 63 23.84 -18.16 4.97
N LYS K 64 23.51 -18.29 6.26
CA LYS K 64 24.37 -19.03 7.18
C LYS K 64 24.49 -20.50 6.80
N PHE K 65 23.41 -21.12 6.33
CA PHE K 65 23.43 -22.55 6.08
C PHE K 65 24.29 -22.90 4.87
N GLU K 66 23.99 -22.25 3.73
CA GLU K 66 24.82 -22.39 2.54
C GLU K 66 26.26 -22.01 2.86
N ASN K 67 26.44 -20.95 3.68
CA ASN K 67 27.78 -20.52 4.06
C ASN K 67 28.55 -21.63 4.76
N MET K 68 27.94 -22.24 5.77
CA MET K 68 28.66 -23.22 6.57
C MET K 68 28.91 -24.50 5.79
N GLY K 69 27.98 -24.87 4.89
CA GLY K 69 28.28 -25.95 3.97
C GLY K 69 29.47 -25.64 3.09
N ALA K 70 29.53 -24.40 2.58
CA ALA K 70 30.68 -23.98 1.79
C ALA K 70 31.97 -24.08 2.59
N GLN K 71 31.93 -23.64 3.86
CA GLN K 71 33.16 -23.69 4.66
C GLN K 71 33.56 -25.11 5.05
N MET K 72 32.61 -26.04 5.24
CA MET K 72 33.03 -27.40 5.55
C MET K 72 33.66 -28.07 4.33
N VAL K 73 33.08 -27.86 3.14
CA VAL K 73 33.75 -28.38 1.94
C VAL K 73 35.09 -27.68 1.74
N LYS K 74 35.15 -26.39 2.07
CA LYS K 74 36.40 -25.63 1.97
C LYS K 74 37.46 -26.18 2.91
N GLU K 75 37.08 -26.54 4.14
CA GLU K 75 38.06 -27.02 5.09
C GLU K 75 38.55 -28.41 4.72
N VAL K 76 37.68 -29.27 4.20
CA VAL K 76 38.17 -30.57 3.75
C VAL K 76 39.08 -30.42 2.53
N ALA K 77 38.75 -29.48 1.63
CA ALA K 77 39.64 -29.21 0.51
C ALA K 77 40.99 -28.66 0.98
N SER K 78 40.97 -27.80 1.99
CA SER K 78 42.21 -27.25 2.53
C SER K 78 43.03 -28.34 3.21
N LYS K 79 42.38 -29.29 3.89
CA LYS K 79 43.09 -30.42 4.45
C LYS K 79 43.74 -31.25 3.35
N ALA K 80 43.02 -31.48 2.25
CA ALA K 80 43.59 -32.20 1.11
C ALA K 80 44.80 -31.45 0.55
N ASN K 81 44.70 -30.13 0.41
CA ASN K 81 45.81 -29.35 -0.09
C ASN K 81 47.01 -29.41 0.84
N ASP K 82 46.77 -29.29 2.15
CA ASP K 82 47.87 -29.32 3.12
C ASP K 82 48.56 -30.68 3.12
N ALA K 83 47.78 -31.76 3.04
CA ALA K 83 48.38 -33.09 3.05
C ALA K 83 49.12 -33.37 1.75
N ALA K 84 48.41 -33.32 0.62
CA ALA K 84 48.99 -33.71 -0.66
C ALA K 84 49.92 -32.64 -1.23
N GLY K 85 49.59 -31.37 -1.03
CA GLY K 85 50.28 -30.28 -1.69
C GLY K 85 49.52 -29.63 -2.82
N ASP K 86 48.45 -30.27 -3.29
CA ASP K 86 47.60 -29.73 -4.35
C ASP K 86 46.29 -30.52 -4.33
N GLY K 87 45.44 -30.27 -5.32
CA GLY K 87 44.21 -31.01 -5.46
C GLY K 87 42.99 -30.37 -4.85
N THR K 88 43.03 -29.09 -4.50
CA THR K 88 41.88 -28.43 -3.90
C THR K 88 40.68 -28.43 -4.85
N THR K 89 40.92 -28.08 -6.11
CA THR K 89 39.82 -28.03 -7.08
C THR K 89 39.26 -29.43 -7.35
N THR K 90 40.13 -30.42 -7.51
CA THR K 90 39.66 -31.78 -7.75
C THR K 90 38.88 -32.31 -6.56
N ALA K 91 39.38 -32.08 -5.35
CA ALA K 91 38.67 -32.52 -4.16
C ALA K 91 37.32 -31.82 -4.05
N THR K 92 37.26 -30.53 -4.34
CA THR K 92 36.01 -29.80 -4.22
C THR K 92 34.98 -30.27 -5.23
N VAL K 93 35.40 -30.48 -6.48
CA VAL K 93 34.44 -30.94 -7.49
C VAL K 93 33.99 -32.37 -7.20
N LEU K 94 34.91 -33.22 -6.72
CA LEU K 94 34.53 -34.57 -6.31
C LEU K 94 33.51 -34.52 -5.19
N ALA K 95 33.75 -33.66 -4.19
CA ALA K 95 32.81 -33.53 -3.09
C ALA K 95 31.46 -33.06 -3.58
N GLN K 96 31.43 -32.08 -4.49
CA GLN K 96 30.17 -31.61 -5.02
C GLN K 96 29.41 -32.72 -5.73
N ALA K 97 30.11 -33.50 -6.55
CA ALA K 97 29.44 -34.58 -7.28
C ALA K 97 28.86 -35.61 -6.32
N ILE K 98 29.66 -36.06 -5.36
CA ILE K 98 29.15 -37.06 -4.40
C ILE K 98 27.99 -36.50 -3.62
N ILE K 99 28.09 -35.24 -3.18
CA ILE K 99 27.04 -34.63 -2.36
C ILE K 99 25.75 -34.53 -3.14
N THR K 100 25.83 -34.04 -4.39
CA THR K 100 24.63 -33.90 -5.20
C THR K 100 23.95 -35.25 -5.41
N GLU K 101 24.71 -36.26 -5.85
CA GLU K 101 24.10 -37.55 -6.14
C GLU K 101 23.58 -38.21 -4.87
N GLY K 102 24.33 -38.12 -3.77
CA GLY K 102 23.89 -38.74 -2.53
C GLY K 102 22.67 -38.07 -1.93
N LEU K 103 22.59 -36.74 -2.01
CA LEU K 103 21.40 -36.06 -1.52
C LEU K 103 20.19 -36.36 -2.40
N LYS K 104 20.39 -36.51 -3.71
CA LYS K 104 19.30 -36.96 -4.56
C LYS K 104 18.82 -38.35 -4.16
N ALA K 105 19.76 -39.26 -3.88
CA ALA K 105 19.41 -40.60 -3.45
C ALA K 105 18.68 -40.57 -2.11
N VAL K 106 19.12 -39.72 -1.19
CA VAL K 106 18.47 -39.60 0.12
C VAL K 106 17.05 -39.08 -0.04
N ALA K 107 16.87 -38.06 -0.89
CA ALA K 107 15.53 -37.57 -1.18
C ALA K 107 14.67 -38.65 -1.83
N ALA K 108 15.31 -39.59 -2.54
CA ALA K 108 14.56 -40.71 -3.11
C ALA K 108 14.04 -41.65 -2.03
N GLY K 109 14.65 -41.67 -0.85
CA GLY K 109 14.19 -42.51 0.25
C GLY K 109 15.18 -43.56 0.72
N MET K 110 16.32 -43.74 0.07
CA MET K 110 17.30 -44.70 0.56
C MET K 110 17.94 -44.21 1.85
N ASN K 111 18.45 -45.16 2.63
CA ASN K 111 19.00 -44.85 3.95
C ASN K 111 20.36 -44.17 3.82
N PRO K 112 20.54 -42.98 4.40
CA PRO K 112 21.83 -42.29 4.26
C PRO K 112 23.02 -43.05 4.83
N MET K 113 22.82 -43.81 5.91
CA MET K 113 23.94 -44.56 6.49
C MET K 113 24.46 -45.62 5.51
N ASP K 114 23.55 -46.32 4.84
CA ASP K 114 23.97 -47.30 3.84
C ASP K 114 24.62 -46.61 2.64
N LEU K 115 24.14 -45.43 2.28
CA LEU K 115 24.77 -44.66 1.22
C LEU K 115 26.22 -44.33 1.59
N LYS K 116 26.43 -43.88 2.83
CA LYS K 116 27.79 -43.56 3.29
C LYS K 116 28.66 -44.81 3.32
N ARG K 117 28.10 -45.94 3.76
CA ARG K 117 28.85 -47.18 3.78
C ARG K 117 29.28 -47.59 2.37
N GLY K 118 28.36 -47.51 1.41
CA GLY K 118 28.71 -47.85 0.04
C GLY K 118 29.74 -46.91 -0.55
N ILE K 119 29.60 -45.61 -0.27
CA ILE K 119 30.57 -44.64 -0.75
C ILE K 119 31.95 -44.93 -0.18
N ASP K 120 32.02 -45.23 1.12
CA ASP K 120 33.31 -45.53 1.74
C ASP K 120 33.91 -46.80 1.18
N LYS K 121 33.10 -47.83 0.93
CA LYS K 121 33.60 -49.06 0.35
C LYS K 121 34.15 -48.82 -1.06
N ALA K 122 33.40 -48.08 -1.86
CA ALA K 122 33.84 -47.77 -3.22
C ALA K 122 35.12 -46.95 -3.20
N VAL K 123 35.24 -46.02 -2.26
CA VAL K 123 36.42 -45.16 -2.20
C VAL K 123 37.64 -45.95 -1.72
N THR K 124 37.45 -46.88 -0.78
CA THR K 124 38.56 -47.73 -0.37
C THR K 124 39.02 -48.62 -1.53
N ALA K 125 38.07 -49.19 -2.28
CA ALA K 125 38.44 -49.96 -3.46
C ALA K 125 39.15 -49.09 -4.48
N ALA K 126 38.72 -47.83 -4.63
CA ALA K 126 39.37 -46.90 -5.54
C ALA K 126 40.80 -46.59 -5.09
N VAL K 127 41.02 -46.45 -3.78
CA VAL K 127 42.36 -46.22 -3.27
C VAL K 127 43.25 -47.42 -3.57
N GLU K 128 42.72 -48.63 -3.38
CA GLU K 128 43.49 -49.83 -3.72
C GLU K 128 43.81 -49.88 -5.20
N GLU K 129 42.83 -49.55 -6.05
CA GLU K 129 43.07 -49.55 -7.49
C GLU K 129 44.10 -48.50 -7.89
N LEU K 130 44.05 -47.33 -7.27
CA LEU K 130 45.04 -46.29 -7.54
C LEU K 130 46.44 -46.74 -7.12
N LYS K 131 46.54 -47.40 -5.97
CA LYS K 131 47.83 -47.96 -5.54
C LYS K 131 48.34 -48.97 -6.55
N ALA K 132 47.45 -49.82 -7.07
CA ALA K 132 47.86 -50.79 -8.09
C ALA K 132 48.30 -50.10 -9.37
N LEU K 133 47.61 -49.02 -9.75
CA LEU K 133 47.89 -48.30 -10.99
C LEU K 133 49.08 -47.34 -10.87
N SER K 134 49.53 -47.04 -9.67
CA SER K 134 50.58 -46.04 -9.49
C SER K 134 51.89 -46.51 -10.12
N VAL K 135 52.56 -45.58 -10.79
CA VAL K 135 53.87 -45.84 -11.41
C VAL K 135 54.94 -45.37 -10.41
N PRO K 136 55.85 -46.23 -9.99
CA PRO K 136 56.86 -45.82 -9.00
C PRO K 136 57.76 -44.72 -9.56
N CYS K 137 58.17 -43.82 -8.67
CA CYS K 137 59.02 -42.68 -9.00
C CYS K 137 60.26 -42.75 -8.10
N SER K 138 61.26 -43.49 -8.54
CA SER K 138 62.49 -43.65 -7.76
C SER K 138 63.72 -43.29 -8.59
N ASP K 139 63.65 -43.54 -9.90
CA ASP K 139 64.76 -43.22 -10.78
C ASP K 139 64.95 -41.70 -10.88
N SER K 140 66.20 -41.29 -11.04
CA SER K 140 66.50 -39.86 -11.18
C SER K 140 65.82 -39.26 -12.41
N LYS K 141 65.65 -40.06 -13.47
CA LYS K 141 64.91 -39.58 -14.63
C LYS K 141 63.46 -39.29 -14.26
N ALA K 142 62.85 -40.16 -13.45
CA ALA K 142 61.49 -39.91 -12.98
C ALA K 142 61.42 -38.66 -12.12
N ILE K 143 62.44 -38.43 -11.29
CA ILE K 143 62.49 -37.22 -10.49
C ILE K 143 62.57 -35.99 -11.38
N ALA K 144 63.41 -36.04 -12.42
CA ALA K 144 63.49 -34.92 -13.35
C ALA K 144 62.17 -34.69 -14.05
N GLN K 145 61.48 -35.77 -14.43
CA GLN K 145 60.19 -35.65 -15.11
C GLN K 145 59.16 -34.98 -14.22
N VAL K 146 59.04 -35.45 -12.97
CA VAL K 146 58.01 -34.89 -12.09
C VAL K 146 58.35 -33.44 -11.76
N GLY K 147 59.64 -33.13 -11.54
CA GLY K 147 60.03 -31.75 -11.33
C GLY K 147 59.77 -30.85 -12.53
N THR K 148 59.92 -31.40 -13.73
CA THR K 148 59.71 -30.61 -14.93
C THR K 148 58.24 -30.30 -15.14
N ILE K 149 57.40 -31.33 -15.26
CA ILE K 149 55.98 -31.09 -15.51
C ILE K 149 55.32 -30.38 -14.33
N SER K 150 55.75 -30.69 -13.11
CA SER K 150 55.20 -30.00 -11.95
C SER K 150 55.55 -28.51 -11.92
N ALA K 151 56.52 -28.08 -12.73
CA ALA K 151 56.94 -26.69 -12.73
C ALA K 151 56.74 -26.04 -14.10
N ASN K 152 55.58 -26.28 -14.70
CA ASN K 152 55.21 -25.67 -15.99
C ASN K 152 56.22 -26.04 -17.07
N SER K 153 56.61 -27.32 -17.09
CA SER K 153 57.53 -27.85 -18.09
C SER K 153 58.87 -27.10 -18.09
N ASP K 154 59.46 -26.92 -16.90
CA ASP K 154 60.77 -26.28 -16.78
C ASP K 154 61.79 -27.32 -16.32
N GLU K 155 62.63 -27.74 -17.25
CA GLU K 155 63.50 -28.91 -17.05
C GLU K 155 64.67 -28.60 -16.12
N THR K 156 65.10 -27.34 -16.05
CA THR K 156 66.22 -27.00 -15.19
C THR K 156 65.89 -27.33 -13.74
N VAL K 157 64.67 -27.00 -13.30
CA VAL K 157 64.22 -27.40 -11.98
C VAL K 157 64.23 -28.92 -11.86
N GLY K 158 63.88 -29.61 -12.95
CA GLY K 158 63.87 -31.06 -12.91
C GLY K 158 65.23 -31.64 -12.57
N LYS K 159 66.26 -31.21 -13.31
CA LYS K 159 67.62 -31.66 -12.98
C LYS K 159 68.06 -31.19 -11.60
N LEU K 160 67.72 -29.95 -11.23
CA LEU K 160 68.14 -29.46 -9.91
C LEU K 160 67.61 -30.34 -8.78
N ILE K 161 66.31 -30.62 -8.81
CA ILE K 161 65.72 -31.53 -7.83
C ILE K 161 66.33 -32.91 -7.98
N ALA K 162 66.72 -33.30 -9.21
CA ALA K 162 67.35 -34.60 -9.41
C ALA K 162 68.64 -34.71 -8.62
N GLU K 163 69.56 -33.74 -8.76
CA GLU K 163 70.79 -33.89 -7.98
C GLU K 163 70.55 -33.61 -6.50
N ALA K 164 69.49 -32.88 -6.15
CA ALA K 164 69.14 -32.76 -4.74
C ALA K 164 68.83 -34.13 -4.13
N MET K 165 67.94 -34.90 -4.79
CA MET K 165 67.64 -36.24 -4.32
C MET K 165 68.87 -37.14 -4.40
N ASP K 166 69.72 -36.95 -5.41
CA ASP K 166 70.93 -37.75 -5.51
C ASP K 166 71.86 -37.50 -4.33
N LYS K 167 71.98 -36.24 -3.90
CA LYS K 167 72.89 -35.91 -2.82
C LYS K 167 72.35 -36.36 -1.47
N VAL K 168 71.06 -36.13 -1.20
CA VAL K 168 70.56 -36.43 0.14
C VAL K 168 69.45 -37.48 0.11
N GLY K 169 69.50 -38.38 -0.86
CA GLY K 169 68.56 -39.48 -0.91
C GLY K 169 67.15 -39.02 -1.26
N LYS K 170 66.24 -39.99 -1.29
CA LYS K 170 64.85 -39.70 -1.59
C LYS K 170 64.10 -39.09 -0.41
N GLU K 171 64.44 -39.50 0.81
CA GLU K 171 63.75 -39.06 2.01
C GLU K 171 64.45 -37.93 2.75
N GLY K 172 65.51 -37.37 2.18
CA GLY K 172 66.26 -36.34 2.85
C GLY K 172 65.50 -35.02 2.97
N VAL K 173 66.22 -33.99 3.39
CA VAL K 173 65.66 -32.66 3.61
C VAL K 173 66.23 -31.73 2.53
N ILE K 174 65.33 -31.10 1.78
CA ILE K 174 65.71 -30.22 0.68
C ILE K 174 64.95 -28.90 0.83
N THR K 175 65.69 -27.79 0.73
CA THR K 175 65.11 -26.46 0.87
C THR K 175 65.68 -25.54 -0.20
N VAL K 176 64.93 -24.49 -0.52
CA VAL K 176 65.33 -23.49 -1.48
C VAL K 176 65.11 -22.10 -0.87
N GLU K 177 66.09 -21.23 -1.01
CA GLU K 177 65.98 -19.86 -0.50
C GLU K 177 66.64 -18.91 -1.49
N ASP K 178 66.48 -17.62 -1.19
CA ASP K 178 66.97 -16.56 -2.07
C ASP K 178 68.49 -16.68 -2.22
N GLY K 179 68.96 -16.48 -3.46
CA GLY K 179 70.37 -16.61 -3.75
C GLY K 179 70.84 -15.50 -4.68
N THR K 180 72.17 -15.42 -4.82
CA THR K 180 72.82 -14.41 -5.63
C THR K 180 73.37 -15.04 -6.92
N GLY K 181 73.73 -14.17 -7.86
CA GLY K 181 74.29 -14.61 -9.11
C GLY K 181 73.22 -15.04 -10.12
N LEU K 182 73.71 -15.55 -11.24
CA LEU K 182 72.84 -16.04 -12.32
C LEU K 182 72.66 -17.56 -12.30
N GLN K 183 73.72 -18.30 -12.01
CA GLN K 183 73.64 -19.75 -12.02
C GLN K 183 72.90 -20.27 -10.79
N ASP K 184 72.49 -21.52 -10.87
CA ASP K 184 71.85 -22.23 -9.77
C ASP K 184 72.84 -23.24 -9.20
N GLU K 185 73.17 -23.11 -7.92
CA GLU K 185 74.17 -23.95 -7.27
C GLU K 185 73.53 -24.75 -6.15
N LEU K 186 74.09 -25.94 -5.90
CA LEU K 186 73.61 -26.84 -4.87
C LEU K 186 74.73 -27.17 -3.90
N ASP K 187 74.39 -27.20 -2.61
CA ASP K 187 75.35 -27.55 -1.57
C ASP K 187 74.62 -28.30 -0.46
N VAL K 188 75.36 -29.16 0.23
CA VAL K 188 74.82 -29.96 1.34
C VAL K 188 75.49 -29.49 2.63
N VAL K 189 74.69 -29.28 3.66
CA VAL K 189 75.17 -28.82 4.95
C VAL K 189 74.64 -29.73 6.05
N GLU K 190 75.33 -29.72 7.19
CA GLU K 190 74.93 -30.55 8.32
C GLU K 190 73.66 -29.98 8.94
N GLY K 191 72.60 -30.79 8.94
CA GLY K 191 71.33 -30.32 9.47
C GLY K 191 70.33 -31.45 9.56
N MET K 192 69.11 -31.09 9.94
CA MET K 192 68.03 -32.06 10.09
C MET K 192 66.70 -31.32 10.01
N GLN K 193 65.61 -32.06 10.23
CA GLN K 193 64.27 -31.50 10.14
C GLN K 193 63.33 -32.35 10.98
N PHE K 194 62.78 -31.78 12.05
CA PHE K 194 61.81 -32.47 12.88
C PHE K 194 60.44 -31.84 12.73
N ASP K 195 59.42 -32.59 13.14
CA ASP K 195 58.03 -32.24 12.86
C ASP K 195 57.41 -31.41 13.98
N ARG K 196 58.02 -30.26 14.23
CA ARG K 196 57.49 -29.27 15.17
C ARG K 196 57.55 -27.89 14.52
N GLY K 197 56.46 -27.13 14.63
CA GLY K 197 56.37 -25.79 14.12
C GLY K 197 56.24 -24.75 15.20
N TYR K 198 55.85 -23.54 14.79
CA TYR K 198 55.65 -22.47 15.76
C TYR K 198 54.40 -22.74 16.60
N LEU K 199 54.49 -22.40 17.89
CA LEU K 199 53.35 -22.59 18.78
C LEU K 199 52.26 -21.54 18.55
N SER K 200 52.62 -20.38 17.99
CA SER K 200 51.66 -19.34 17.67
C SER K 200 51.95 -18.76 16.29
N PRO K 201 50.92 -18.49 15.49
CA PRO K 201 51.15 -17.94 14.15
C PRO K 201 51.66 -16.51 14.15
N TYR K 202 51.83 -15.88 15.30
CA TYR K 202 52.33 -14.51 15.37
C TYR K 202 53.84 -14.44 15.54
N PHE K 203 54.54 -15.59 15.55
CA PHE K 203 55.99 -15.62 15.56
C PHE K 203 56.59 -15.48 14.17
N ILE K 204 55.77 -15.42 13.13
CA ILE K 204 56.25 -15.55 11.76
C ILE K 204 56.99 -14.29 11.34
N ASN K 205 58.13 -14.47 10.69
CA ASN K 205 58.88 -13.37 10.09
C ASN K 205 58.48 -13.14 8.63
N LYS K 206 58.05 -14.18 7.93
CA LYS K 206 57.72 -14.11 6.51
C LYS K 206 56.31 -14.66 6.31
N PRO K 207 55.28 -13.85 6.63
CA PRO K 207 53.90 -14.32 6.42
C PRO K 207 53.60 -14.68 4.98
N GLU K 208 54.28 -14.06 4.02
CA GLU K 208 54.05 -14.39 2.61
C GLU K 208 54.35 -15.86 2.34
N THR K 209 55.48 -16.36 2.82
CA THR K 209 55.83 -17.76 2.67
C THR K 209 55.36 -18.61 3.84
N GLY K 210 54.80 -18.01 4.88
CA GLY K 210 54.33 -18.77 6.04
C GLY K 210 55.43 -19.51 6.77
N ALA K 211 56.59 -18.88 6.93
CA ALA K 211 57.74 -19.51 7.58
C ALA K 211 58.44 -18.50 8.47
N VAL K 212 58.84 -18.95 9.66
CA VAL K 212 59.62 -18.13 10.59
C VAL K 212 61.08 -18.31 10.19
N GLU K 213 61.57 -17.44 9.31
CA GLU K 213 62.93 -17.54 8.81
C GLU K 213 63.83 -16.61 9.63
N LEU K 214 64.95 -17.15 10.09
CA LEU K 214 65.92 -16.40 10.89
C LEU K 214 67.28 -16.53 10.25
N GLU K 215 67.99 -15.41 10.12
CA GLU K 215 69.34 -15.41 9.59
C GLU K 215 70.34 -15.44 10.74
N SER K 216 71.17 -16.48 10.77
CA SER K 216 72.04 -16.77 11.90
C SER K 216 71.29 -16.77 13.23
N PRO K 217 70.32 -17.66 13.42
CA PRO K 217 69.62 -17.73 14.70
C PRO K 217 70.54 -18.19 15.82
N PHE K 218 70.13 -17.87 17.05
CA PHE K 218 70.84 -18.31 18.25
C PHE K 218 69.79 -18.99 19.13
N ILE K 219 69.80 -20.32 19.12
CA ILE K 219 68.68 -21.11 19.63
C ILE K 219 68.88 -21.40 21.11
N LEU K 220 67.77 -21.70 21.79
CA LEU K 220 67.75 -22.14 23.17
C LEU K 220 67.20 -23.55 23.22
N LEU K 221 67.86 -24.43 23.98
CA LEU K 221 67.50 -25.84 24.06
C LEU K 221 67.20 -26.19 25.52
N ALA K 222 65.95 -25.99 25.92
CA ALA K 222 65.50 -26.24 27.29
C ALA K 222 64.62 -27.49 27.32
N ASP K 223 65.06 -28.51 28.05
CA ASP K 223 64.25 -29.71 28.22
C ASP K 223 62.99 -29.41 29.03
N LYS K 224 63.11 -28.60 30.07
CA LYS K 224 61.95 -28.24 30.88
C LYS K 224 61.04 -27.29 30.13
N LYS K 225 59.74 -27.37 30.45
CA LYS K 225 58.78 -26.46 29.88
C LYS K 225 58.98 -25.05 30.41
N ILE K 226 58.73 -24.06 29.55
CA ILE K 226 58.92 -22.65 29.88
C ILE K 226 57.55 -22.02 30.05
N SER K 227 57.29 -21.45 31.23
CA SER K 227 56.02 -20.82 31.54
C SER K 227 56.16 -19.32 31.78
N ASN K 228 57.05 -18.91 32.68
CA ASN K 228 57.26 -17.51 33.00
C ASN K 228 58.63 -17.04 32.49
N ILE K 229 58.99 -15.82 32.84
CA ILE K 229 60.10 -15.12 32.22
C ILE K 229 61.33 -15.01 33.13
N ARG K 230 61.17 -15.24 34.44
CA ARG K 230 62.26 -14.95 35.37
C ARG K 230 63.52 -15.78 35.06
N GLU K 231 63.35 -17.06 34.77
CA GLU K 231 64.48 -17.95 34.54
C GLU K 231 65.04 -17.86 33.14
N MET K 232 64.31 -17.24 32.20
CA MET K 232 64.71 -17.23 30.79
C MET K 232 65.04 -15.84 30.26
N LEU K 233 64.85 -14.80 31.06
CA LEU K 233 65.25 -13.44 30.67
C LEU K 233 66.76 -13.24 30.57
N PRO K 234 67.60 -13.99 31.32
CA PRO K 234 69.05 -13.88 31.05
C PRO K 234 69.42 -14.21 29.61
N VAL K 235 68.76 -15.20 29.01
CA VAL K 235 69.00 -15.51 27.61
C VAL K 235 68.61 -14.34 26.73
N LEU K 236 67.47 -13.70 27.03
CA LEU K 236 67.02 -12.56 26.24
C LEU K 236 68.01 -11.40 26.32
N GLU K 237 68.49 -11.10 27.52
CA GLU K 237 69.43 -9.98 27.63
C GLU K 237 70.78 -10.34 27.01
N ALA K 238 71.20 -11.61 27.08
CA ALA K 238 72.44 -12.01 26.43
C ALA K 238 72.35 -11.87 24.92
N VAL K 239 71.24 -12.31 24.33
CA VAL K 239 71.11 -12.17 22.88
C VAL K 239 70.91 -10.70 22.49
N ALA K 240 70.30 -9.90 23.36
CA ALA K 240 70.16 -8.48 23.07
C ALA K 240 71.51 -7.79 23.06
N LYS K 241 72.35 -8.06 24.06
CA LYS K 241 73.68 -7.47 24.08
C LYS K 241 74.60 -8.08 23.02
N ALA K 242 74.26 -9.27 22.52
CA ALA K 242 74.99 -9.87 21.41
C ALA K 242 74.40 -9.52 20.05
N GLY K 243 73.16 -9.02 20.01
CA GLY K 243 72.55 -8.63 18.76
C GLY K 243 72.19 -9.77 17.83
N LYS K 244 71.92 -10.96 18.38
CA LYS K 244 71.60 -12.11 17.55
C LYS K 244 70.16 -12.55 17.75
N PRO K 245 69.50 -13.05 16.71
CA PRO K 245 68.13 -13.53 16.86
C PRO K 245 68.06 -14.78 17.74
N LEU K 246 66.91 -14.96 18.38
CA LEU K 246 66.68 -16.06 19.30
C LEU K 246 65.53 -16.91 18.79
N LEU K 247 65.54 -18.20 19.13
CA LEU K 247 64.62 -19.12 18.44
C LEU K 247 63.75 -19.94 19.38
N ILE K 248 64.26 -20.32 20.56
CA ILE K 248 63.53 -21.13 21.54
C ILE K 248 63.25 -22.53 21.02
N ILE K 249 63.82 -23.54 21.68
CA ILE K 249 63.41 -24.94 21.50
C ILE K 249 63.16 -25.50 22.88
N ALA K 250 61.92 -25.92 23.15
CA ALA K 250 61.54 -26.39 24.46
C ALA K 250 60.52 -27.52 24.33
N GLU K 251 60.31 -28.23 25.44
CA GLU K 251 59.30 -29.27 25.47
C GLU K 251 57.90 -28.71 25.23
N ASP K 252 57.58 -27.60 25.89
CA ASP K 252 56.30 -26.92 25.71
C ASP K 252 56.43 -25.50 26.26
N VAL K 253 55.97 -24.53 25.48
CA VAL K 253 56.00 -23.12 25.88
C VAL K 253 54.58 -22.69 26.18
N GLU K 254 54.37 -22.12 27.37
CA GLU K 254 53.05 -21.72 27.82
C GLU K 254 53.20 -20.48 28.70
N GLY K 255 52.12 -20.11 29.38
CA GLY K 255 52.13 -18.94 30.23
C GLY K 255 52.19 -17.65 29.42
N GLU K 256 52.51 -16.57 30.13
CA GLU K 256 52.65 -15.26 29.51
C GLU K 256 54.01 -15.06 28.86
N ALA K 257 54.93 -16.02 28.98
CA ALA K 257 56.21 -15.92 28.30
C ALA K 257 56.03 -15.87 26.80
N LEU K 258 55.13 -16.71 26.26
CA LEU K 258 54.84 -16.66 24.83
C LEU K 258 54.30 -15.29 24.43
N ALA K 259 53.37 -14.75 25.22
CA ALA K 259 52.78 -13.46 24.89
C ALA K 259 53.82 -12.35 24.90
N THR K 260 54.69 -12.33 25.92
CA THR K 260 55.69 -11.26 25.99
C THR K 260 56.74 -11.41 24.91
N LEU K 261 57.10 -12.65 24.53
CA LEU K 261 58.03 -12.83 23.42
C LEU K 261 57.42 -12.37 22.11
N VAL K 262 56.13 -12.66 21.89
CA VAL K 262 55.45 -12.14 20.70
C VAL K 262 55.44 -10.62 20.71
N VAL K 263 55.20 -10.02 21.88
CA VAL K 263 55.18 -8.57 21.98
C VAL K 263 56.54 -7.97 21.63
N ASN K 264 57.61 -8.55 22.20
CA ASN K 264 58.95 -8.06 21.90
C ASN K 264 59.30 -8.26 20.42
N THR K 265 58.81 -9.34 19.82
CA THR K 265 58.99 -9.52 18.38
C THR K 265 58.28 -8.42 17.61
N MET K 266 57.07 -8.06 18.03
CA MET K 266 56.33 -6.99 17.36
C MET K 266 57.06 -5.65 17.47
N ARG K 267 57.59 -5.34 18.66
CA ARG K 267 58.31 -4.07 18.83
C ARG K 267 59.67 -4.08 18.16
N GLY K 268 60.19 -5.25 17.80
CA GLY K 268 61.46 -5.32 17.09
C GLY K 268 62.70 -5.18 17.93
N ILE K 269 62.60 -5.29 19.26
CA ILE K 269 63.79 -5.25 20.10
C ILE K 269 64.68 -6.46 19.81
N VAL K 270 64.07 -7.63 19.60
CA VAL K 270 64.81 -8.84 19.28
C VAL K 270 63.81 -9.85 18.72
N LYS K 271 64.25 -10.61 17.71
CA LYS K 271 63.39 -11.63 17.11
C LYS K 271 63.48 -12.91 17.94
N VAL K 272 62.33 -13.39 18.41
CA VAL K 272 62.25 -14.59 19.22
C VAL K 272 61.15 -15.48 18.66
N ALA K 273 61.47 -16.75 18.42
CA ALA K 273 60.53 -17.74 17.93
C ALA K 273 60.15 -18.70 19.06
N ALA K 274 59.41 -19.74 18.72
CA ALA K 274 59.04 -20.77 19.69
C ALA K 274 58.64 -22.03 18.95
N VAL K 275 59.39 -23.11 19.14
CA VAL K 275 59.11 -24.38 18.47
C VAL K 275 59.14 -25.49 19.51
N LYS K 276 58.21 -26.42 19.40
CA LYS K 276 58.08 -27.53 20.35
C LYS K 276 59.22 -28.53 20.14
N ALA K 277 59.40 -29.38 21.16
CA ALA K 277 60.33 -30.50 21.06
C ALA K 277 59.59 -31.73 20.56
N PRO K 278 60.00 -32.34 19.47
CA PRO K 278 59.27 -33.49 18.94
C PRO K 278 59.33 -34.70 19.87
N GLY K 279 58.26 -35.49 19.85
CA GLY K 279 58.17 -36.66 20.70
C GLY K 279 57.81 -36.31 22.13
N PHE K 280 57.72 -37.35 22.96
CA PHE K 280 57.42 -37.17 24.37
C PHE K 280 58.01 -38.33 25.15
N GLY K 281 58.35 -38.06 26.40
CA GLY K 281 58.99 -39.04 27.26
C GLY K 281 60.49 -38.80 27.36
N ASP K 282 61.27 -39.87 27.21
CA ASP K 282 62.72 -39.75 27.16
C ASP K 282 63.25 -39.65 25.73
N ARG K 283 62.45 -40.05 24.74
CA ARG K 283 62.86 -39.92 23.35
C ARG K 283 63.04 -38.47 22.95
N ARG K 284 62.14 -37.60 23.43
CA ARG K 284 62.27 -36.17 23.14
C ARG K 284 63.56 -35.62 23.75
N LYS K 285 63.89 -36.03 24.97
CA LYS K 285 65.13 -35.58 25.60
C LYS K 285 66.35 -36.09 24.85
N ALA K 286 66.31 -37.35 24.39
CA ALA K 286 67.43 -37.91 23.63
C ALA K 286 67.63 -37.15 22.32
N MET K 287 66.55 -36.88 21.60
CA MET K 287 66.70 -36.17 20.34
C MET K 287 67.02 -34.69 20.55
N LEU K 288 66.63 -34.12 21.70
CA LEU K 288 67.07 -32.76 22.03
C LEU K 288 68.56 -32.74 22.31
N GLN K 289 69.09 -33.77 22.97
CA GLN K 289 70.53 -33.90 23.14
C GLN K 289 71.22 -34.04 21.78
N ASP K 290 70.61 -34.80 20.87
CA ASP K 290 71.13 -34.92 19.51
C ASP K 290 71.17 -33.55 18.82
N ILE K 291 70.11 -32.77 18.97
CA ILE K 291 70.09 -31.41 18.40
C ILE K 291 71.18 -30.55 19.00
N ALA K 292 71.37 -30.65 20.33
CA ALA K 292 72.41 -29.87 20.99
C ALA K 292 73.79 -30.24 20.45
N THR K 293 74.05 -31.53 20.27
CA THR K 293 75.32 -31.95 19.68
C THR K 293 75.47 -31.44 18.25
N LEU K 294 74.38 -31.48 17.48
CA LEU K 294 74.44 -31.00 16.09
C LEU K 294 74.76 -29.51 16.04
N THR K 295 74.16 -28.72 16.93
CA THR K 295 74.35 -27.29 16.95
C THR K 295 75.50 -26.86 17.87
N GLY K 296 76.16 -27.81 18.53
CA GLY K 296 77.31 -27.47 19.35
C GLY K 296 76.99 -26.82 20.67
N GLY K 297 75.72 -26.75 21.06
CA GLY K 297 75.33 -26.12 22.30
C GLY K 297 75.11 -27.13 23.41
N THR K 298 74.55 -26.62 24.52
CA THR K 298 74.25 -27.42 25.69
C THR K 298 72.76 -27.37 25.98
N VAL K 299 72.18 -28.53 26.28
CA VAL K 299 70.75 -28.62 26.55
C VAL K 299 70.48 -28.20 28.00
N ILE K 300 69.42 -27.43 28.19
CA ILE K 300 68.97 -27.03 29.53
C ILE K 300 67.96 -28.07 29.99
N SER K 301 68.38 -28.92 30.92
CA SER K 301 67.54 -29.99 31.46
C SER K 301 67.56 -29.91 32.98
N GLU K 302 66.38 -30.09 33.59
CA GLU K 302 66.29 -30.13 35.04
C GLU K 302 66.71 -31.48 35.61
N GLU K 303 66.81 -32.51 34.77
CA GLU K 303 67.22 -33.82 35.26
C GLU K 303 68.72 -33.88 35.55
N ILE K 304 69.52 -33.08 34.84
CA ILE K 304 70.97 -33.09 35.04
C ILE K 304 71.42 -32.11 36.11
N GLY K 305 70.49 -31.44 36.78
CA GLY K 305 70.81 -30.58 37.92
C GLY K 305 70.96 -29.11 37.59
N MET K 306 71.20 -28.77 36.33
CA MET K 306 71.34 -27.38 35.95
C MET K 306 69.98 -26.77 35.59
N GLU K 307 69.94 -25.44 35.52
CA GLU K 307 68.70 -24.70 35.26
C GLU K 307 68.94 -23.70 34.14
N LEU K 308 67.85 -23.04 33.73
CA LEU K 308 67.86 -22.11 32.61
C LEU K 308 68.44 -20.75 32.97
N GLU K 309 68.59 -20.42 34.25
CA GLU K 309 69.02 -19.09 34.64
C GLU K 309 70.43 -18.79 34.15
N LYS K 310 71.35 -19.75 34.27
CA LYS K 310 72.74 -19.54 33.92
C LYS K 310 73.03 -19.80 32.45
N ALA K 311 72.02 -19.88 31.60
CA ALA K 311 72.24 -20.06 30.18
C ALA K 311 72.85 -18.81 29.57
N THR K 312 74.01 -18.96 28.93
CA THR K 312 74.76 -17.84 28.39
C THR K 312 75.06 -18.11 26.91
N LEU K 313 75.68 -17.11 26.27
CA LEU K 313 75.95 -17.21 24.83
C LEU K 313 76.99 -18.27 24.52
N GLU K 314 78.00 -18.42 25.38
CA GLU K 314 79.11 -19.32 25.08
C GLU K 314 78.69 -20.78 25.14
N ASP K 315 77.72 -21.12 25.98
CA ASP K 315 77.32 -22.50 26.20
C ASP K 315 75.90 -22.76 25.71
N LEU K 316 75.57 -22.23 24.54
CA LEU K 316 74.23 -22.38 23.98
C LEU K 316 74.32 -22.65 22.48
N GLY K 317 73.30 -23.31 21.95
CA GLY K 317 73.31 -23.69 20.56
C GLY K 317 73.14 -22.50 19.62
N GLN K 318 73.70 -22.62 18.43
CA GLN K 318 73.58 -21.61 17.39
C GLN K 318 73.43 -22.30 16.04
N ALA K 319 72.81 -21.59 15.10
CA ALA K 319 72.57 -22.11 13.76
C ALA K 319 72.75 -20.99 12.75
N LYS K 320 72.99 -21.38 11.50
CA LYS K 320 73.18 -20.43 10.41
C LYS K 320 71.87 -19.98 9.77
N ARG K 321 70.93 -20.91 9.55
CA ARG K 321 69.64 -20.56 8.98
C ARG K 321 68.61 -21.61 9.41
N VAL K 322 67.43 -21.14 9.81
CA VAL K 322 66.35 -22.03 10.24
C VAL K 322 65.05 -21.55 9.61
N VAL K 323 64.26 -22.50 9.09
CA VAL K 323 62.94 -22.23 8.53
C VAL K 323 61.92 -22.94 9.39
N ILE K 324 61.02 -22.18 10.02
CA ILE K 324 60.00 -22.72 10.91
C ILE K 324 58.65 -22.58 10.23
N ASN K 325 58.04 -23.72 9.89
CA ASN K 325 56.70 -23.73 9.30
C ASN K 325 55.68 -23.96 10.40
N LYS K 326 54.42 -24.16 10.01
CA LYS K 326 53.37 -24.39 11.00
C LYS K 326 53.48 -25.75 11.67
N ASP K 327 53.93 -26.76 10.94
CA ASP K 327 53.98 -28.12 11.45
C ASP K 327 55.39 -28.66 11.66
N THR K 328 56.35 -28.24 10.84
CA THR K 328 57.72 -28.75 10.94
C THR K 328 58.70 -27.61 10.70
N THR K 329 59.94 -27.81 11.15
CA THR K 329 61.00 -26.84 10.96
C THR K 329 62.26 -27.54 10.47
N THR K 330 63.09 -26.78 9.75
CA THR K 330 64.32 -27.28 9.17
C THR K 330 65.50 -26.48 9.73
N ILE K 331 66.50 -27.19 10.26
CA ILE K 331 67.74 -26.57 10.73
C ILE K 331 68.79 -26.73 9.64
N ILE K 332 69.40 -25.63 9.24
CA ILE K 332 70.33 -25.60 8.12
C ILE K 332 71.70 -25.17 8.62
N ASP K 333 72.71 -26.00 8.36
CA ASP K 333 74.10 -25.71 8.68
C ASP K 333 74.28 -25.41 10.18
N GLY K 334 73.97 -26.43 10.99
CA GLY K 334 74.20 -26.32 12.41
C GLY K 334 75.67 -26.17 12.73
N VAL K 335 76.07 -24.99 13.20
CA VAL K 335 77.48 -24.71 13.44
C VAL K 335 77.97 -25.55 14.62
N GLY K 336 79.12 -26.18 14.45
CA GLY K 336 79.69 -27.02 15.48
C GLY K 336 80.75 -27.93 14.93
N GLU K 337 81.59 -28.42 15.83
CA GLU K 337 82.68 -29.31 15.43
C GLU K 337 82.14 -30.64 14.93
N GLU K 338 82.70 -31.11 13.81
CA GLU K 338 82.25 -32.36 13.21
C GLU K 338 82.48 -33.56 14.13
N ALA K 339 83.46 -33.47 15.03
CA ALA K 339 83.72 -34.56 15.96
C ALA K 339 82.51 -34.83 16.85
N ALA K 340 81.76 -33.78 17.20
CA ALA K 340 80.54 -33.99 17.99
C ALA K 340 79.52 -34.82 17.21
N ILE K 341 79.35 -34.52 15.92
CA ILE K 341 78.43 -35.30 15.09
C ILE K 341 78.92 -36.74 14.97
N GLN K 342 80.23 -36.93 14.80
CA GLN K 342 80.77 -38.29 14.71
C GLN K 342 80.51 -39.07 15.99
N GLY K 343 80.76 -38.44 17.15
CA GLY K 343 80.48 -39.11 18.41
C GLY K 343 79.01 -39.44 18.58
N ARG K 344 78.13 -38.50 18.22
CA ARG K 344 76.70 -38.74 18.36
C ARG K 344 76.22 -39.87 17.47
N VAL K 345 76.67 -39.88 16.20
CA VAL K 345 76.25 -40.97 15.30
C VAL K 345 76.81 -42.30 15.79
N ALA K 346 78.02 -42.30 16.37
CA ALA K 346 78.55 -43.54 16.93
C ALA K 346 77.69 -44.04 18.09
N GLN K 347 77.35 -43.15 19.02
CA GLN K 347 76.54 -43.54 20.17
C GLN K 347 75.18 -44.07 19.73
N ILE K 348 74.54 -43.36 18.79
CA ILE K 348 73.28 -43.87 18.24
C ILE K 348 73.50 -45.22 17.57
N ARG K 349 74.66 -45.40 16.92
CA ARG K 349 74.92 -46.67 16.25
C ARG K 349 74.90 -47.82 17.24
N GLN K 350 75.65 -47.72 18.34
CA GLN K 350 75.54 -48.83 19.28
C GLN K 350 74.14 -48.91 19.87
N GLN K 351 73.40 -47.79 19.92
CA GLN K 351 71.99 -47.87 20.29
C GLN K 351 71.23 -48.81 19.34
N ILE K 352 71.56 -48.78 18.04
CA ILE K 352 71.02 -49.80 17.14
C ILE K 352 71.48 -51.19 17.54
N GLU K 353 72.79 -51.44 17.53
CA GLU K 353 73.11 -52.87 17.65
C GLU K 353 72.94 -53.42 19.06
N GLU K 354 72.55 -52.64 20.07
CA GLU K 354 72.03 -53.24 21.29
C GLU K 354 70.63 -52.69 21.60
N ALA K 355 69.78 -52.67 20.58
CA ALA K 355 68.37 -52.33 20.76
C ALA K 355 67.55 -53.60 20.88
N THR K 356 66.69 -53.64 21.91
CA THR K 356 65.90 -54.84 22.18
C THR K 356 64.55 -54.80 21.48
N SER K 357 63.71 -53.81 21.81
CA SER K 357 62.39 -53.71 21.21
C SER K 357 62.49 -53.22 19.77
N ASP K 358 61.64 -53.78 18.90
CA ASP K 358 61.68 -53.43 17.48
C ASP K 358 61.35 -51.97 17.26
N TYR K 359 60.22 -51.51 17.80
CA TYR K 359 59.77 -50.13 17.58
C TYR K 359 60.89 -49.13 17.87
N ASP K 360 61.58 -49.32 18.99
CA ASP K 360 62.75 -48.50 19.27
C ASP K 360 63.85 -48.72 18.23
N ARG K 361 63.94 -49.92 17.66
CA ARG K 361 64.96 -50.16 16.63
C ARG K 361 64.71 -49.27 15.41
N GLU K 362 63.50 -49.29 14.86
CA GLU K 362 63.21 -48.40 13.74
C GLU K 362 63.35 -46.94 14.16
N LYS K 363 62.94 -46.60 15.38
CA LYS K 363 63.07 -45.22 15.86
C LYS K 363 64.52 -44.76 15.82
N LEU K 364 65.45 -45.61 16.27
CA LEU K 364 66.86 -45.27 16.21
C LEU K 364 67.38 -45.19 14.78
N GLN K 365 66.88 -46.06 13.88
CA GLN K 365 67.24 -45.87 12.47
C GLN K 365 66.84 -44.49 11.96
N GLU K 366 65.58 -44.08 12.19
CA GLU K 366 65.19 -42.77 11.71
C GLU K 366 65.98 -41.65 12.40
N ARG K 367 66.27 -41.81 13.69
CA ARG K 367 67.01 -40.77 14.41
C ARG K 367 68.41 -40.60 13.83
N VAL K 368 69.13 -41.71 13.62
CA VAL K 368 70.49 -41.62 13.10
C VAL K 368 70.49 -41.13 11.67
N ALA K 369 69.53 -41.58 10.86
CA ALA K 369 69.45 -41.11 9.48
C ALA K 369 69.17 -39.61 9.43
N LYS K 370 68.26 -39.13 10.28
CA LYS K 370 67.93 -37.72 10.32
C LYS K 370 69.14 -36.89 10.76
N LEU K 371 69.87 -37.37 11.76
CA LEU K 371 70.99 -36.58 12.28
C LEU K 371 72.15 -36.56 11.28
N ALA K 372 72.53 -37.73 10.75
CA ALA K 372 73.71 -37.82 9.91
C ALA K 372 73.46 -37.49 8.44
N GLY K 373 72.20 -37.43 8.01
CA GLY K 373 71.92 -37.17 6.60
C GLY K 373 72.31 -35.77 6.17
N GLY K 374 72.05 -34.78 7.02
CA GLY K 374 72.28 -33.40 6.66
C GLY K 374 71.10 -32.81 5.90
N VAL K 375 71.24 -31.54 5.55
CA VAL K 375 70.22 -30.80 4.83
C VAL K 375 70.82 -30.28 3.54
N ALA K 376 70.14 -30.51 2.42
CA ALA K 376 70.55 -30.01 1.12
C ALA K 376 69.84 -28.70 0.83
N VAL K 377 70.61 -27.66 0.54
CA VAL K 377 70.08 -26.35 0.19
C VAL K 377 70.45 -26.06 -1.26
N ILE K 378 69.46 -25.62 -2.04
CA ILE K 378 69.64 -25.28 -3.45
C ILE K 378 69.48 -23.78 -3.60
N LYS K 379 70.36 -23.16 -4.37
CA LYS K 379 70.41 -21.71 -4.51
C LYS K 379 69.99 -21.35 -5.93
N VAL K 380 68.99 -20.49 -6.05
CA VAL K 380 68.41 -20.12 -7.34
C VAL K 380 68.84 -18.70 -7.70
N GLY K 381 69.36 -18.54 -8.91
CA GLY K 381 69.80 -17.24 -9.37
C GLY K 381 69.25 -16.90 -10.73
N ALA K 382 69.16 -15.61 -11.01
CA ALA K 382 68.64 -15.11 -12.28
C ALA K 382 69.14 -13.68 -12.48
N ALA K 383 68.56 -12.98 -13.47
CA ALA K 383 68.98 -11.62 -13.79
C ALA K 383 68.40 -10.60 -12.81
N THR K 384 67.07 -10.50 -12.76
CA THR K 384 66.39 -9.57 -11.88
C THR K 384 65.63 -10.34 -10.80
N GLU K 385 64.96 -9.58 -9.92
CA GLU K 385 64.34 -10.17 -8.75
C GLU K 385 63.03 -10.88 -9.09
N VAL K 386 62.23 -10.31 -9.99
CA VAL K 386 60.87 -10.81 -10.19
C VAL K 386 60.88 -12.21 -10.78
N GLU K 387 61.70 -12.45 -11.81
CA GLU K 387 61.73 -13.77 -12.42
C GLU K 387 62.39 -14.80 -11.51
N MET K 388 63.34 -14.38 -10.67
CA MET K 388 63.93 -15.37 -9.77
C MET K 388 62.98 -15.70 -8.62
N LYS K 389 62.13 -14.75 -8.20
CA LYS K 389 61.09 -15.10 -7.23
C LYS K 389 60.04 -16.01 -7.85
N GLU K 390 59.68 -15.78 -9.11
CA GLU K 390 58.77 -16.70 -9.80
C GLU K 390 59.38 -18.09 -9.86
N LYS K 391 60.69 -18.16 -10.11
CA LYS K 391 61.39 -19.44 -10.13
C LYS K 391 61.43 -20.06 -8.73
N LYS K 392 61.53 -19.24 -7.68
CA LYS K 392 61.37 -19.72 -6.31
C LYS K 392 60.04 -20.42 -6.10
N ALA K 393 58.96 -19.79 -6.55
CA ALA K 393 57.63 -20.40 -6.40
C ALA K 393 57.55 -21.69 -7.20
N ARG K 394 58.04 -21.68 -8.44
CA ARG K 394 58.01 -22.87 -9.28
C ARG K 394 58.82 -24.00 -8.66
N VAL K 395 59.99 -23.68 -8.12
CA VAL K 395 60.85 -24.68 -7.51
C VAL K 395 60.20 -25.25 -6.26
N GLU K 396 59.56 -24.41 -5.44
CA GLU K 396 58.90 -24.91 -4.25
C GLU K 396 57.76 -25.86 -4.60
N ASP K 397 56.93 -25.48 -5.57
CA ASP K 397 55.85 -26.37 -5.99
C ASP K 397 56.39 -27.67 -6.58
N ALA K 398 57.44 -27.59 -7.38
CA ALA K 398 58.02 -28.79 -7.96
C ALA K 398 58.61 -29.70 -6.89
N LEU K 399 59.24 -29.11 -5.87
CA LEU K 399 59.79 -29.91 -4.77
C LEU K 399 58.69 -30.62 -4.00
N HIS K 400 57.59 -29.91 -3.72
CA HIS K 400 56.48 -30.56 -3.02
C HIS K 400 55.89 -31.70 -3.85
N ALA K 401 55.71 -31.47 -5.15
CA ALA K 401 55.17 -32.51 -6.01
C ALA K 401 56.11 -33.70 -6.10
N THR K 402 57.42 -33.44 -6.17
CA THR K 402 58.41 -34.52 -6.20
C THR K 402 58.39 -35.32 -4.90
N ARG K 403 58.26 -34.63 -3.77
CA ARG K 403 58.15 -35.35 -2.50
C ARG K 403 56.92 -36.24 -2.47
N ALA K 404 55.78 -35.73 -2.95
CA ALA K 404 54.57 -36.54 -2.99
C ALA K 404 54.74 -37.75 -3.91
N ALA K 405 55.34 -37.54 -5.08
CA ALA K 405 55.55 -38.63 -6.03
C ALA K 405 56.49 -39.69 -5.45
N VAL K 406 57.56 -39.27 -4.79
CA VAL K 406 58.46 -40.22 -4.13
C VAL K 406 57.71 -40.98 -3.05
N GLU K 407 56.85 -40.29 -2.29
CA GLU K 407 56.13 -40.93 -1.20
C GLU K 407 55.18 -42.01 -1.71
N GLU K 408 54.37 -41.69 -2.72
CA GLU K 408 53.33 -42.63 -3.10
C GLU K 408 53.32 -43.02 -4.58
N GLY K 409 53.95 -42.24 -5.44
CA GLY K 409 54.05 -42.64 -6.84
C GLY K 409 53.44 -41.60 -7.74
N VAL K 410 53.25 -41.99 -9.00
CA VAL K 410 52.75 -41.11 -10.05
C VAL K 410 51.64 -41.83 -10.81
N VAL K 411 50.51 -41.15 -11.01
CA VAL K 411 49.41 -41.66 -11.82
C VAL K 411 49.12 -40.65 -12.93
N ALA K 412 48.30 -41.08 -13.88
CA ALA K 412 47.92 -40.20 -14.98
C ALA K 412 47.13 -39.00 -14.48
N GLY K 413 47.48 -37.82 -14.98
CA GLY K 413 46.84 -36.60 -14.57
C GLY K 413 45.60 -36.28 -15.38
N GLY K 414 45.03 -35.12 -15.10
CA GLY K 414 43.83 -34.69 -15.79
C GLY K 414 42.61 -35.51 -15.49
N GLY K 415 42.57 -36.18 -14.35
CA GLY K 415 41.44 -37.01 -13.99
C GLY K 415 41.37 -38.34 -14.68
N VAL K 416 42.40 -38.72 -15.44
CA VAL K 416 42.39 -40.01 -16.13
C VAL K 416 42.48 -41.16 -15.14
N ALA K 417 43.26 -40.98 -14.07
CA ALA K 417 43.38 -42.04 -13.08
C ALA K 417 42.02 -42.36 -12.44
N LEU K 418 41.25 -41.32 -12.12
CA LEU K 418 39.94 -41.53 -11.51
C LEU K 418 38.99 -42.25 -12.44
N ILE K 419 38.93 -41.84 -13.72
CA ILE K 419 38.03 -42.50 -14.66
C ILE K 419 38.46 -43.94 -14.91
N ARG K 420 39.76 -44.20 -14.96
CA ARG K 420 40.24 -45.56 -15.14
C ARG K 420 39.89 -46.43 -13.95
N VAL K 421 40.05 -45.91 -12.73
CA VAL K 421 39.69 -46.67 -11.54
C VAL K 421 38.19 -46.93 -11.50
N ALA K 422 37.39 -45.93 -11.86
CA ALA K 422 35.94 -46.10 -11.89
C ALA K 422 35.54 -47.17 -12.90
N SER K 423 36.16 -47.17 -14.08
CA SER K 423 35.88 -48.21 -15.06
C SER K 423 36.27 -49.59 -14.55
N LYS K 424 37.43 -49.68 -13.90
CA LYS K 424 37.89 -50.96 -13.36
C LYS K 424 37.03 -51.46 -12.22
N LEU K 425 36.36 -50.56 -11.50
CA LEU K 425 35.52 -50.93 -10.35
C LEU K 425 34.05 -51.01 -10.73
N ALA K 426 33.73 -51.46 -11.94
CA ALA K 426 32.34 -51.45 -12.39
C ALA K 426 31.47 -52.50 -11.70
N ASP K 427 32.06 -53.59 -11.20
CA ASP K 427 31.30 -54.70 -10.67
C ASP K 427 31.24 -54.72 -9.14
N LEU K 428 31.63 -53.62 -8.49
CA LEU K 428 31.58 -53.58 -7.02
C LEU K 428 30.13 -53.53 -6.53
N ARG K 429 29.86 -54.29 -5.48
CA ARG K 429 28.54 -54.33 -4.86
C ARG K 429 28.69 -54.41 -3.35
N GLY K 430 27.64 -53.99 -2.64
CA GLY K 430 27.61 -54.02 -1.20
C GLY K 430 26.57 -54.98 -0.66
N GLN K 431 26.44 -54.97 0.66
CA GLN K 431 25.48 -55.85 1.32
C GLN K 431 24.04 -55.49 0.96
N ASN K 432 23.72 -54.21 0.92
CA ASN K 432 22.38 -53.74 0.64
C ASN K 432 22.32 -53.04 -0.70
N GLU K 433 21.10 -52.82 -1.20
CA GLU K 433 20.92 -52.12 -2.46
C GLU K 433 21.30 -50.64 -2.33
N ASP K 434 21.06 -50.05 -1.16
CA ASP K 434 21.46 -48.66 -0.94
C ASP K 434 22.98 -48.53 -0.99
N GLN K 435 23.70 -49.56 -0.51
CA GLN K 435 25.15 -49.57 -0.63
C GLN K 435 25.59 -49.59 -2.09
N ASN K 436 24.88 -50.36 -2.92
CA ASN K 436 25.17 -50.38 -4.35
C ASN K 436 24.89 -49.02 -4.99
N VAL K 437 23.80 -48.36 -4.56
CA VAL K 437 23.50 -47.02 -5.06
C VAL K 437 24.61 -46.05 -4.68
N GLY K 438 25.10 -46.14 -3.44
CA GLY K 438 26.21 -45.29 -3.03
C GLY K 438 27.48 -45.57 -3.81
N ILE K 439 27.74 -46.85 -4.11
CA ILE K 439 28.91 -47.21 -4.91
C ILE K 439 28.81 -46.60 -6.30
N LYS K 440 27.63 -46.69 -6.92
CA LYS K 440 27.42 -46.08 -8.23
C LYS K 440 27.58 -44.57 -8.17
N VAL K 441 27.08 -43.96 -7.09
CA VAL K 441 27.23 -42.52 -6.88
C VAL K 441 28.71 -42.15 -6.82
N ALA K 442 29.49 -42.90 -6.06
CA ALA K 442 30.92 -42.64 -5.95
C ALA K 442 31.62 -42.81 -7.30
N LEU K 443 31.24 -43.83 -8.06
CA LEU K 443 31.86 -44.06 -9.36
C LEU K 443 31.57 -42.91 -10.32
N ARG K 444 30.31 -42.46 -10.38
CA ARG K 444 29.98 -41.33 -11.24
C ARG K 444 30.67 -40.05 -10.77
N ALA K 445 30.78 -39.87 -9.45
CA ALA K 445 31.43 -38.68 -8.92
C ALA K 445 32.91 -38.65 -9.29
N MET K 446 33.60 -39.80 -9.18
CA MET K 446 35.00 -39.83 -9.61
C MET K 446 35.14 -39.80 -11.12
N GLU K 447 34.07 -40.13 -11.85
CA GLU K 447 34.03 -39.85 -13.28
C GLU K 447 33.98 -38.35 -13.56
N ALA K 448 33.27 -37.61 -12.71
CA ALA K 448 32.99 -36.20 -12.97
C ALA K 448 34.20 -35.30 -13.23
N PRO K 449 35.32 -35.36 -12.50
CA PRO K 449 36.37 -34.36 -12.71
C PRO K 449 36.92 -34.32 -14.13
N LEU K 450 37.08 -35.47 -14.78
CA LEU K 450 37.53 -35.45 -16.16
C LEU K 450 36.49 -34.81 -17.07
N ARG K 451 35.20 -35.04 -16.79
CA ARG K 451 34.15 -34.39 -17.55
C ARG K 451 34.21 -32.87 -17.37
N GLN K 452 34.45 -32.41 -16.15
CA GLN K 452 34.58 -30.96 -15.92
C GLN K 452 35.79 -30.39 -16.65
N ILE K 453 36.91 -31.12 -16.65
CA ILE K 453 38.09 -30.65 -17.38
C ILE K 453 37.79 -30.55 -18.87
N VAL K 454 37.12 -31.55 -19.44
CA VAL K 454 36.79 -31.52 -20.85
C VAL K 454 35.82 -30.38 -21.16
N LEU K 455 34.85 -30.15 -20.27
CA LEU K 455 33.91 -29.05 -20.47
C LEU K 455 34.63 -27.71 -20.46
N ASN K 456 35.59 -27.55 -19.55
CA ASN K 456 36.42 -26.35 -19.56
C ASN K 456 37.21 -26.24 -20.86
N CYS K 457 37.66 -27.38 -21.38
CA CYS K 457 38.38 -27.40 -22.66
C CYS K 457 37.50 -27.02 -23.84
N GLY K 458 36.18 -26.99 -23.67
CA GLY K 458 35.27 -26.60 -24.71
C GLY K 458 34.55 -27.76 -25.39
N GLU K 459 35.04 -28.98 -25.23
CA GLU K 459 34.39 -30.15 -25.81
C GLU K 459 33.34 -30.70 -24.87
N GLU K 460 32.28 -31.25 -25.46
CA GLU K 460 31.29 -31.97 -24.66
C GLU K 460 31.93 -33.21 -24.04
N PRO K 461 31.59 -33.52 -22.77
CA PRO K 461 32.42 -34.46 -22.01
C PRO K 461 32.04 -35.92 -22.13
N SER K 462 30.82 -36.23 -22.60
CA SER K 462 30.35 -37.61 -22.61
C SER K 462 31.19 -38.48 -23.52
N VAL K 463 31.42 -38.02 -24.76
CA VAL K 463 32.17 -38.82 -25.73
C VAL K 463 33.60 -39.00 -25.26
N VAL K 464 34.23 -37.94 -24.75
CA VAL K 464 35.60 -38.04 -24.28
C VAL K 464 35.71 -39.01 -23.11
N ALA K 465 34.76 -38.92 -22.17
CA ALA K 465 34.79 -39.81 -21.02
C ALA K 465 34.63 -41.26 -21.44
N ASN K 466 33.69 -41.54 -22.35
CA ASN K 466 33.51 -42.92 -22.80
C ASN K 466 34.71 -43.42 -23.59
N THR K 467 35.33 -42.53 -24.38
CA THR K 467 36.52 -42.92 -25.14
C THR K 467 37.68 -43.27 -24.19
N VAL K 468 37.87 -42.48 -23.15
CA VAL K 468 38.93 -42.77 -22.19
C VAL K 468 38.61 -44.04 -21.41
N LYS K 469 37.33 -44.25 -21.07
CA LYS K 469 36.94 -45.49 -20.40
C LYS K 469 37.21 -46.70 -21.27
N GLY K 470 37.04 -46.56 -22.59
CA GLY K 470 37.30 -47.66 -23.50
C GLY K 470 38.74 -48.11 -23.45
N GLY K 471 39.67 -47.16 -23.29
CA GLY K 471 41.07 -47.50 -23.18
C GLY K 471 41.43 -48.11 -21.83
N ASP K 472 42.66 -48.61 -21.75
CA ASP K 472 43.17 -49.27 -20.55
C ASP K 472 44.53 -48.71 -20.22
N GLY K 473 45.02 -49.06 -19.02
CA GLY K 473 46.31 -48.56 -18.59
C GLY K 473 46.26 -47.07 -18.29
N ASN K 474 47.35 -46.39 -18.63
CA ASN K 474 47.45 -44.95 -18.42
C ASN K 474 46.94 -44.14 -19.61
N TYR K 475 46.38 -44.80 -20.62
CA TYR K 475 45.85 -44.09 -21.78
C TYR K 475 44.71 -43.16 -21.37
N GLY K 476 44.71 -41.97 -21.93
CA GLY K 476 43.71 -40.99 -21.58
C GLY K 476 43.69 -39.83 -22.55
N TYR K 477 42.95 -38.79 -22.19
CA TYR K 477 42.75 -37.63 -23.03
C TYR K 477 43.57 -36.46 -22.52
N ASN K 478 44.35 -35.84 -23.41
CA ASN K 478 45.14 -34.66 -23.08
C ASN K 478 44.32 -33.43 -23.42
N ALA K 479 43.96 -32.65 -22.39
CA ALA K 479 43.18 -31.44 -22.62
C ALA K 479 43.97 -30.40 -23.39
N ALA K 480 45.26 -30.24 -23.05
CA ALA K 480 46.07 -29.19 -23.68
C ALA K 480 46.24 -29.44 -25.18
N THR K 481 46.56 -30.68 -25.55
CA THR K 481 46.81 -31.01 -26.95
C THR K 481 45.57 -31.50 -27.69
N GLU K 482 44.43 -31.64 -26.99
CA GLU K 482 43.17 -32.05 -27.60
C GLU K 482 43.30 -33.38 -28.35
N GLU K 483 44.00 -34.33 -27.73
CA GLU K 483 44.19 -35.64 -28.35
C GLU K 483 44.39 -36.68 -27.24
N TYR K 484 44.27 -37.94 -27.63
CA TYR K 484 44.41 -39.07 -26.71
C TYR K 484 45.81 -39.66 -26.80
N GLY K 485 46.03 -40.71 -26.03
CA GLY K 485 47.30 -41.40 -25.99
C GLY K 485 47.66 -41.75 -24.56
N ASN K 486 48.87 -42.27 -24.39
CA ASN K 486 49.38 -42.61 -23.06
C ASN K 486 49.64 -41.33 -22.28
N MET K 487 48.86 -41.10 -21.22
CA MET K 487 48.90 -39.83 -20.51
C MET K 487 50.27 -39.54 -19.92
N ILE K 488 51.02 -40.58 -19.57
CA ILE K 488 52.37 -40.37 -19.05
C ILE K 488 53.29 -39.86 -20.16
N ASP K 489 53.11 -40.37 -21.38
CA ASP K 489 53.99 -39.99 -22.48
C ASP K 489 53.90 -38.50 -22.79
N MET K 490 52.70 -37.94 -22.79
CA MET K 490 52.57 -36.50 -22.99
C MET K 490 53.11 -35.71 -21.81
N GLY K 491 53.32 -36.35 -20.67
CA GLY K 491 53.91 -35.74 -19.51
C GLY K 491 52.94 -35.20 -18.49
N ILE K 492 51.69 -34.98 -18.86
CA ILE K 492 50.70 -34.43 -17.93
C ILE K 492 50.40 -35.51 -16.89
N LEU K 493 50.88 -35.30 -15.66
CA LEU K 493 50.76 -36.29 -14.61
C LEU K 493 50.71 -35.60 -13.26
N ASP K 494 50.18 -36.31 -12.28
CA ASP K 494 50.10 -35.84 -10.90
C ASP K 494 50.46 -36.99 -9.97
N PRO K 495 51.00 -36.70 -8.79
CA PRO K 495 51.32 -37.77 -7.85
C PRO K 495 50.07 -38.51 -7.40
N THR K 496 50.25 -39.81 -7.12
CA THR K 496 49.14 -40.62 -6.62
C THR K 496 48.61 -40.07 -5.30
N LYS K 497 49.48 -39.46 -4.50
CA LYS K 497 49.07 -38.91 -3.21
C LYS K 497 47.98 -37.86 -3.37
N VAL K 498 48.13 -36.99 -4.38
CA VAL K 498 47.17 -35.90 -4.56
C VAL K 498 45.78 -36.46 -4.86
N THR K 499 45.69 -37.37 -5.83
CA THR K 499 44.40 -37.95 -6.19
C THR K 499 43.81 -38.74 -5.03
N ARG K 500 44.64 -39.54 -4.34
CA ARG K 500 44.13 -40.35 -3.24
C ARG K 500 43.59 -39.47 -2.13
N SER K 501 44.33 -38.42 -1.74
CA SER K 501 43.88 -37.54 -0.68
C SER K 501 42.63 -36.79 -1.08
N ALA K 502 42.56 -36.31 -2.34
CA ALA K 502 41.37 -35.61 -2.80
C ALA K 502 40.15 -36.52 -2.72
N LEU K 503 40.29 -37.76 -3.18
CA LEU K 503 39.17 -38.70 -3.14
C LEU K 503 38.76 -39.01 -1.70
N GLN K 504 39.73 -39.26 -0.82
CA GLN K 504 39.43 -39.58 0.56
C GLN K 504 38.68 -38.44 1.25
N TYR K 505 39.18 -37.21 1.12
CA TYR K 505 38.54 -36.09 1.81
C TYR K 505 37.19 -35.74 1.19
N ALA K 506 37.06 -35.86 -0.14
CA ALA K 506 35.76 -35.64 -0.77
C ALA K 506 34.75 -36.66 -0.27
N ALA K 507 35.15 -37.93 -0.18
CA ALA K 507 34.24 -38.95 0.34
C ALA K 507 33.88 -38.68 1.79
N SER K 508 34.85 -38.28 2.61
CA SER K 508 34.58 -38.01 4.00
C SER K 508 33.56 -36.89 4.16
N VAL K 509 33.80 -35.75 3.49
CA VAL K 509 32.89 -34.63 3.61
C VAL K 509 31.52 -34.96 3.03
N ALA K 510 31.49 -35.75 1.95
CA ALA K 510 30.22 -36.11 1.34
C ALA K 510 29.40 -37.01 2.25
N GLY K 511 30.04 -37.99 2.90
CA GLY K 511 29.33 -38.80 3.88
C GLY K 511 28.84 -37.98 5.06
N LEU K 512 29.70 -37.09 5.57
CA LEU K 512 29.30 -36.25 6.69
C LEU K 512 28.09 -35.38 6.34
N MET K 513 28.07 -34.84 5.12
CA MET K 513 26.94 -34.01 4.72
C MET K 513 25.70 -34.84 4.39
N ILE K 514 25.86 -36.05 3.85
CA ILE K 514 24.73 -36.91 3.56
C ILE K 514 24.03 -37.32 4.85
N THR K 515 24.80 -37.68 5.88
CA THR K 515 24.21 -38.11 7.13
C THR K 515 23.68 -36.96 7.97
N THR K 516 23.94 -35.71 7.58
CA THR K 516 23.45 -34.56 8.33
C THR K 516 21.92 -34.50 8.29
N GLU K 517 21.31 -34.29 9.45
CA GLU K 517 19.88 -34.06 9.56
C GLU K 517 19.50 -32.71 10.14
N CYS K 518 20.32 -32.13 11.02
CA CYS K 518 20.00 -30.88 11.68
C CYS K 518 21.16 -29.91 11.56
N MET K 519 20.84 -28.63 11.38
CA MET K 519 21.81 -27.57 11.24
C MET K 519 21.47 -26.47 12.25
N VAL K 520 22.45 -26.01 12.99
CA VAL K 520 22.25 -24.99 14.02
C VAL K 520 23.14 -23.80 13.69
N THR K 521 22.54 -22.61 13.60
CA THR K 521 23.27 -21.41 13.25
C THR K 521 22.57 -20.19 13.85
N ASP K 522 23.32 -19.10 13.95
CA ASP K 522 22.79 -17.87 14.50
C ASP K 522 21.75 -17.25 13.56
N LEU K 523 20.83 -16.49 14.14
CA LEU K 523 19.78 -15.85 13.36
C LEU K 523 20.35 -14.76 12.47
N PRO K 524 19.73 -14.50 11.32
CA PRO K 524 20.16 -13.42 10.42
C PRO K 524 19.97 -12.04 11.04
N ALA L 1 33.67 -10.58 5.11
CA ALA L 1 32.36 -9.97 4.92
C ALA L 1 31.56 -10.73 3.86
N ALA L 2 30.25 -10.49 3.84
CA ALA L 2 29.36 -11.21 2.93
C ALA L 2 29.77 -10.99 1.48
N LYS L 3 29.72 -12.07 0.70
CA LYS L 3 30.15 -12.06 -0.68
C LYS L 3 29.00 -12.41 -1.62
N ASP L 4 29.02 -11.80 -2.80
CA ASP L 4 28.05 -12.05 -3.85
C ASP L 4 28.74 -12.70 -5.04
N VAL L 5 28.06 -13.62 -5.70
CA VAL L 5 28.66 -14.44 -6.75
C VAL L 5 27.80 -14.36 -8.01
N LYS L 6 28.45 -14.17 -9.15
CA LYS L 6 27.80 -14.23 -10.46
C LYS L 6 28.53 -15.25 -11.33
N PHE L 7 27.77 -15.93 -12.19
CA PHE L 7 28.30 -17.01 -13.01
C PHE L 7 28.01 -16.75 -14.49
N GLY L 8 29.03 -16.90 -15.31
CA GLY L 8 28.84 -16.99 -16.75
C GLY L 8 28.30 -15.71 -17.37
N ASN L 9 27.08 -15.81 -17.91
CA ASN L 9 26.53 -14.73 -18.72
C ASN L 9 26.33 -13.45 -17.92
N ASP L 10 25.88 -13.57 -16.67
CA ASP L 10 25.66 -12.38 -15.86
C ASP L 10 26.97 -11.63 -15.61
N ALA L 11 28.04 -12.36 -15.31
CA ALA L 11 29.33 -11.73 -15.08
C ALA L 11 29.81 -10.99 -16.32
N ARG L 12 29.68 -11.61 -17.50
CA ARG L 12 30.14 -10.98 -18.72
C ARG L 12 29.27 -9.78 -19.09
N VAL L 13 27.95 -9.86 -18.87
CA VAL L 13 27.08 -8.73 -19.13
C VAL L 13 27.43 -7.56 -18.22
N LYS L 14 27.69 -7.84 -16.93
CA LYS L 14 28.06 -6.78 -16.00
C LYS L 14 29.40 -6.15 -16.38
N MET L 15 30.38 -6.97 -16.75
CA MET L 15 31.65 -6.42 -17.22
C MET L 15 31.46 -5.58 -18.47
N LEU L 16 30.60 -6.03 -19.39
CA LEU L 16 30.32 -5.25 -20.59
C LEU L 16 29.73 -3.90 -20.23
N ARG L 17 28.79 -3.87 -19.28
CA ARG L 17 28.19 -2.60 -18.86
C ARG L 17 29.24 -1.68 -18.25
N GLY L 18 30.10 -2.21 -17.38
CA GLY L 18 31.12 -1.37 -16.74
C GLY L 18 32.12 -0.82 -17.74
N VAL L 19 32.61 -1.68 -18.64
CA VAL L 19 33.56 -1.24 -19.66
C VAL L 19 32.90 -0.26 -20.61
N ASN L 20 31.62 -0.46 -20.93
CA ASN L 20 30.91 0.48 -21.78
C ASN L 20 30.83 1.85 -21.12
N VAL L 21 30.50 1.89 -19.83
CA VAL L 21 30.43 3.17 -19.13
C VAL L 21 31.78 3.87 -19.14
N LEU L 22 32.83 3.13 -18.76
CA LEU L 22 34.16 3.74 -18.68
C LEU L 22 34.64 4.22 -20.05
N ALA L 23 34.44 3.41 -21.09
CA ALA L 23 34.92 3.76 -22.41
C ALA L 23 34.11 4.87 -23.04
N ASP L 24 32.81 4.96 -22.74
CA ASP L 24 32.04 6.10 -23.20
C ASP L 24 32.44 7.38 -22.48
N ALA L 25 32.84 7.26 -21.21
CA ALA L 25 33.33 8.43 -20.50
C ALA L 25 34.66 8.92 -21.07
N VAL L 26 35.57 7.99 -21.37
CA VAL L 26 36.92 8.40 -21.79
C VAL L 26 37.07 8.59 -23.30
N LYS L 27 36.17 8.04 -24.11
CA LYS L 27 36.35 8.04 -25.56
C LYS L 27 36.00 9.37 -26.21
N VAL L 28 35.18 10.19 -25.56
CA VAL L 28 34.81 11.47 -26.15
C VAL L 28 36.00 12.44 -26.17
N THR L 29 37.04 12.16 -25.39
CA THR L 29 38.25 12.97 -25.35
C THR L 29 39.34 12.46 -26.29
N LEU L 30 38.96 11.76 -27.36
CA LEU L 30 39.91 11.19 -28.31
C LEU L 30 39.90 11.98 -29.60
N GLY L 31 41.10 12.25 -30.11
CA GLY L 31 41.26 12.98 -31.35
C GLY L 31 41.44 14.47 -31.14
N PRO L 32 41.93 15.17 -32.16
CA PRO L 32 42.10 16.63 -32.05
C PRO L 32 40.80 17.36 -31.77
N LYS L 33 39.68 16.89 -32.33
CA LYS L 33 38.37 17.47 -32.08
C LYS L 33 37.63 16.76 -30.95
N GLY L 34 38.35 16.12 -30.04
CA GLY L 34 37.70 15.43 -28.94
C GLY L 34 36.99 16.38 -28.00
N ARG L 35 35.89 15.89 -27.43
CA ARG L 35 35.09 16.67 -26.51
C ARG L 35 35.78 16.74 -25.15
N ASN L 36 35.13 17.40 -24.19
CA ASN L 36 35.67 17.57 -22.86
C ASN L 36 34.68 17.02 -21.83
N VAL L 37 35.24 16.45 -20.76
CA VAL L 37 34.46 15.84 -19.68
C VAL L 37 34.59 16.71 -18.43
N VAL L 38 33.45 17.04 -17.83
CA VAL L 38 33.43 17.85 -16.63
C VAL L 38 33.41 16.93 -15.41
N LEU L 39 34.43 17.05 -14.56
CA LEU L 39 34.59 16.21 -13.39
C LEU L 39 34.28 17.04 -12.14
N ASP L 40 33.32 16.58 -11.36
CA ASP L 40 32.92 17.30 -10.15
C ASP L 40 33.97 17.15 -9.06
N LYS L 41 34.15 18.22 -8.28
CA LYS L 41 35.03 18.21 -7.13
C LYS L 41 34.28 18.73 -5.91
N SER L 42 34.63 18.18 -4.74
CA SER L 42 33.96 18.57 -3.50
C SER L 42 34.23 20.03 -3.13
N PHE L 43 35.32 20.62 -3.64
CA PHE L 43 35.62 22.01 -3.33
C PHE L 43 34.53 22.95 -3.84
N GLY L 44 34.05 22.70 -5.06
CA GLY L 44 32.99 23.51 -5.61
C GLY L 44 33.17 23.87 -7.08
N ALA L 45 34.41 23.96 -7.53
CA ALA L 45 34.69 24.33 -8.92
C ALA L 45 34.88 23.07 -9.75
N PRO L 46 33.98 22.76 -10.67
CA PRO L 46 34.17 21.57 -11.52
C PRO L 46 35.35 21.73 -12.45
N THR L 47 35.95 20.61 -12.82
CA THR L 47 37.12 20.58 -13.69
C THR L 47 36.70 20.16 -15.09
N ILE L 48 37.02 20.98 -16.08
CA ILE L 48 36.76 20.69 -17.48
C ILE L 48 38.08 20.28 -18.12
N THR L 49 38.16 19.03 -18.57
CA THR L 49 39.41 18.50 -19.13
C THR L 49 39.13 17.72 -20.39
N LYS L 50 40.08 17.77 -21.32
CA LYS L 50 40.07 16.95 -22.52
C LYS L 50 41.05 15.78 -22.43
N ASP L 51 41.61 15.53 -21.25
CA ASP L 51 42.57 14.45 -21.06
C ASP L 51 41.85 13.20 -20.58
N GLY L 52 42.05 12.10 -21.29
CA GLY L 52 41.40 10.85 -20.93
C GLY L 52 41.93 10.21 -19.67
N VAL L 53 43.17 10.53 -19.28
CA VAL L 53 43.76 9.92 -18.09
C VAL L 53 43.00 10.34 -16.84
N SER L 54 42.73 11.64 -16.70
CA SER L 54 42.01 12.13 -15.53
C SER L 54 40.59 11.58 -15.49
N VAL L 55 39.92 11.55 -16.65
CA VAL L 55 38.56 11.02 -16.71
C VAL L 55 38.54 9.56 -16.30
N ALA L 56 39.48 8.77 -16.82
CA ALA L 56 39.56 7.35 -16.45
C ALA L 56 39.85 7.20 -14.96
N ARG L 57 40.71 8.05 -14.41
CA ARG L 57 41.00 8.00 -12.98
C ARG L 57 39.75 8.29 -12.15
N GLU L 58 38.92 9.24 -12.61
CA GLU L 58 37.75 9.64 -11.85
C GLU L 58 36.59 8.65 -11.94
N ILE L 59 36.61 7.74 -12.92
CA ILE L 59 35.50 6.81 -13.10
C ILE L 59 35.52 5.75 -12.01
N GLU L 60 34.37 5.58 -11.35
CA GLU L 60 34.16 4.49 -10.39
C GLU L 60 32.66 4.30 -10.24
N LEU L 61 32.21 3.06 -10.42
CA LEU L 61 30.79 2.77 -10.51
C LEU L 61 30.25 2.18 -9.21
N GLU L 62 28.96 2.42 -8.96
CA GLU L 62 28.32 1.91 -7.75
C GLU L 62 28.17 0.40 -7.81
N ASP L 63 27.69 -0.12 -8.95
CA ASP L 63 27.52 -1.56 -9.09
C ASP L 63 28.87 -2.27 -9.02
N LYS L 64 28.92 -3.36 -8.26
CA LYS L 64 30.19 -4.00 -7.93
C LYS L 64 30.84 -4.66 -9.14
N PHE L 65 30.03 -5.26 -10.01
CA PHE L 65 30.58 -6.03 -11.12
C PHE L 65 30.95 -5.13 -12.29
N GLU L 66 30.10 -4.13 -12.58
CA GLU L 66 30.52 -3.04 -13.45
C GLU L 66 31.79 -2.40 -12.91
N ASN L 67 31.91 -2.34 -11.58
CA ASN L 67 33.15 -1.85 -10.97
C ASN L 67 34.33 -2.76 -11.28
N MET L 68 34.12 -4.09 -11.19
CA MET L 68 35.12 -5.04 -11.71
C MET L 68 35.63 -4.60 -13.06
N GLY L 69 34.72 -4.51 -14.04
CA GLY L 69 35.15 -4.27 -15.41
C GLY L 69 35.81 -2.92 -15.59
N ALA L 70 35.16 -1.86 -15.11
CA ALA L 70 35.72 -0.51 -15.26
C ALA L 70 37.07 -0.39 -14.58
N GLN L 71 37.19 -0.91 -13.36
CA GLN L 71 38.45 -0.81 -12.62
C GLN L 71 39.57 -1.56 -13.34
N MET L 72 39.31 -2.82 -13.76
CA MET L 72 40.40 -3.59 -14.33
C MET L 72 40.82 -3.04 -15.69
N VAL L 73 39.87 -2.55 -16.48
CA VAL L 73 40.25 -1.84 -17.70
C VAL L 73 41.06 -0.60 -17.34
N LYS L 74 40.72 0.04 -16.23
CA LYS L 74 41.48 1.21 -15.78
C LYS L 74 42.92 0.84 -15.45
N GLU L 75 43.15 -0.26 -14.73
CA GLU L 75 44.54 -0.60 -14.41
C GLU L 75 45.32 -1.06 -15.64
N VAL L 76 44.67 -1.74 -16.58
CA VAL L 76 45.42 -2.13 -17.78
C VAL L 76 45.75 -0.91 -18.62
N ALA L 77 44.83 0.06 -18.68
CA ALA L 77 45.13 1.32 -19.37
C ALA L 77 46.25 2.07 -18.68
N SER L 78 46.25 2.07 -17.34
CA SER L 78 47.32 2.73 -16.61
C SER L 78 48.66 2.03 -16.84
N LYS L 79 48.64 0.69 -16.93
CA LYS L 79 49.85 -0.04 -17.26
C LYS L 79 50.36 0.35 -18.64
N ALA L 80 49.46 0.46 -19.61
CA ALA L 80 49.86 0.91 -20.95
C ALA L 80 50.45 2.31 -20.91
N ASN L 81 49.83 3.21 -20.14
CA ASN L 81 50.35 4.56 -20.01
C ASN L 81 51.73 4.58 -19.39
N ASP L 82 51.93 3.80 -18.32
CA ASP L 82 53.24 3.75 -17.68
C ASP L 82 54.29 3.17 -18.60
N ALA L 83 53.95 2.13 -19.36
CA ALA L 83 54.90 1.52 -20.28
C ALA L 83 55.26 2.47 -21.41
N ALA L 84 54.28 3.20 -21.94
CA ALA L 84 54.48 3.99 -23.14
C ALA L 84 54.54 5.50 -22.92
N GLY L 85 53.75 6.03 -21.98
CA GLY L 85 53.65 7.46 -21.78
C GLY L 85 52.42 8.10 -22.37
N ASP L 86 51.63 7.34 -23.12
CA ASP L 86 50.40 7.84 -23.73
C ASP L 86 49.55 6.64 -24.13
N GLY L 87 48.48 6.89 -24.87
CA GLY L 87 47.64 5.82 -25.38
C GLY L 87 46.64 5.24 -24.40
N THR L 88 46.37 5.93 -23.30
CA THR L 88 45.37 5.44 -22.35
C THR L 88 43.99 5.36 -23.00
N THR L 89 43.58 6.44 -23.66
CA THR L 89 42.28 6.44 -24.35
C THR L 89 42.24 5.42 -25.47
N THR L 90 43.31 5.33 -26.25
CA THR L 90 43.36 4.35 -27.34
C THR L 90 43.30 2.93 -26.81
N ALA L 91 44.04 2.64 -25.74
CA ALA L 91 43.99 1.31 -25.15
C ALA L 91 42.60 1.01 -24.60
N THR L 92 41.96 1.99 -23.96
CA THR L 92 40.64 1.76 -23.40
C THR L 92 39.61 1.50 -24.48
N VAL L 93 39.63 2.28 -25.57
CA VAL L 93 38.64 2.07 -26.63
C VAL L 93 38.91 0.76 -27.36
N LEU L 94 40.18 0.42 -27.56
CA LEU L 94 40.51 -0.88 -28.17
C LEU L 94 40.00 -2.02 -27.30
N ALA L 95 40.22 -1.93 -25.99
CA ALA L 95 39.75 -2.97 -25.08
C ALA L 95 38.23 -3.06 -25.11
N GLN L 96 37.54 -1.92 -25.14
CA GLN L 96 36.09 -1.93 -25.20
C GLN L 96 35.60 -2.62 -26.46
N ALA L 97 36.22 -2.32 -27.60
CA ALA L 97 35.80 -2.95 -28.86
C ALA L 97 36.02 -4.46 -28.82
N ILE L 98 37.21 -4.90 -28.40
CA ILE L 98 37.47 -6.33 -28.35
C ILE L 98 36.51 -7.01 -27.37
N ILE L 99 36.28 -6.39 -26.21
CA ILE L 99 35.43 -6.99 -25.20
C ILE L 99 34.00 -7.12 -25.73
N THR L 100 33.48 -6.07 -26.34
CA THR L 100 32.11 -6.12 -26.85
C THR L 100 31.96 -7.20 -27.91
N GLU L 101 32.85 -7.22 -28.90
CA GLU L 101 32.71 -8.20 -29.97
C GLU L 101 32.91 -9.62 -29.46
N GLY L 102 33.91 -9.83 -28.60
CA GLY L 102 34.15 -11.16 -28.08
C GLY L 102 33.04 -11.67 -27.18
N LEU L 103 32.46 -10.77 -26.37
CA LEU L 103 31.34 -11.17 -25.53
C LEU L 103 30.10 -11.48 -26.35
N LYS L 104 29.89 -10.73 -27.44
CA LYS L 104 28.81 -11.08 -28.35
C LYS L 104 29.02 -12.46 -28.96
N ALA L 105 30.26 -12.75 -29.38
CA ALA L 105 30.56 -14.05 -29.96
C ALA L 105 30.37 -15.16 -28.93
N VAL L 106 30.81 -14.93 -27.69
CA VAL L 106 30.66 -15.92 -26.64
C VAL L 106 29.18 -16.18 -26.35
N ALA L 107 28.39 -15.11 -26.25
CA ALA L 107 26.95 -15.27 -26.09
C ALA L 107 26.30 -15.96 -27.28
N ALA L 108 26.96 -15.93 -28.44
CA ALA L 108 26.49 -16.65 -29.62
C ALA L 108 26.89 -18.11 -29.63
N GLY L 109 27.30 -18.65 -28.48
CA GLY L 109 27.69 -20.04 -28.40
C GLY L 109 29.03 -20.36 -29.05
N MET L 110 30.10 -19.78 -28.50
CA MET L 110 31.45 -19.99 -28.99
C MET L 110 32.37 -20.34 -27.83
N ASN L 111 33.59 -20.77 -28.17
CA ASN L 111 34.57 -21.16 -27.16
C ASN L 111 35.40 -19.95 -26.77
N PRO L 112 35.33 -19.47 -25.52
CA PRO L 112 36.15 -18.31 -25.14
C PRO L 112 37.64 -18.50 -25.30
N MET L 113 38.15 -19.70 -25.04
CA MET L 113 39.59 -19.93 -25.13
C MET L 113 40.08 -19.83 -26.58
N ASP L 114 39.33 -20.39 -27.53
CA ASP L 114 39.70 -20.28 -28.93
C ASP L 114 39.62 -18.84 -29.40
N LEU L 115 38.61 -18.09 -28.93
CA LEU L 115 38.50 -16.67 -29.25
C LEU L 115 39.72 -15.91 -28.74
N LYS L 116 40.12 -16.18 -27.50
CA LYS L 116 41.29 -15.51 -26.94
C LYS L 116 42.56 -15.86 -27.71
N ARG L 117 42.71 -17.13 -28.10
CA ARG L 117 43.88 -17.53 -28.86
C ARG L 117 43.92 -16.85 -30.22
N GLY L 118 42.77 -16.76 -30.89
CA GLY L 118 42.72 -16.07 -32.17
C GLY L 118 43.03 -14.59 -32.04
N ILE L 119 42.50 -13.95 -30.98
CA ILE L 119 42.78 -12.54 -30.74
C ILE L 119 44.27 -12.34 -30.49
N ASP L 120 44.88 -13.23 -29.70
CA ASP L 120 46.31 -13.11 -29.42
C ASP L 120 47.15 -13.30 -30.68
N LYS L 121 46.76 -14.26 -31.53
CA LYS L 121 47.48 -14.47 -32.79
C LYS L 121 47.37 -13.24 -33.69
N ALA L 122 46.16 -12.68 -33.80
CA ALA L 122 45.97 -11.48 -34.62
C ALA L 122 46.78 -10.31 -34.07
N VAL L 123 46.82 -10.18 -32.74
CA VAL L 123 47.55 -9.07 -32.12
C VAL L 123 49.06 -9.23 -32.30
N THR L 124 49.55 -10.47 -32.23
CA THR L 124 50.97 -10.71 -32.50
C THR L 124 51.32 -10.36 -33.95
N ALA L 125 50.47 -10.77 -34.89
CA ALA L 125 50.67 -10.38 -36.28
C ALA L 125 50.60 -8.86 -36.43
N ALA L 126 49.72 -8.21 -35.67
CA ALA L 126 49.61 -6.76 -35.71
C ALA L 126 50.87 -6.10 -35.18
N VAL L 127 51.47 -6.64 -34.12
CA VAL L 127 52.71 -6.12 -33.59
C VAL L 127 53.82 -6.24 -34.62
N GLU L 128 53.89 -7.40 -35.29
CA GLU L 128 54.88 -7.57 -36.34
C GLU L 128 54.67 -6.58 -37.48
N GLU L 129 53.42 -6.37 -37.89
CA GLU L 129 53.13 -5.43 -38.96
C GLU L 129 53.48 -4.00 -38.55
N LEU L 130 53.19 -3.63 -37.30
CA LEU L 130 53.53 -2.30 -36.81
C LEU L 130 55.04 -2.10 -36.78
N LYS L 131 55.79 -3.12 -36.36
CA LYS L 131 57.24 -3.04 -36.38
C LYS L 131 57.76 -2.87 -37.80
N ALA L 132 57.15 -3.59 -38.76
CA ALA L 132 57.56 -3.43 -40.16
C ALA L 132 57.23 -2.02 -40.67
N LEU L 133 56.08 -1.49 -40.30
CA LEU L 133 55.62 -0.19 -40.80
C LEU L 133 56.35 0.99 -40.16
N SER L 134 56.95 0.80 -38.98
CA SER L 134 57.56 1.91 -38.26
C SER L 134 58.76 2.46 -39.04
N VAL L 135 58.95 3.76 -38.95
CA VAL L 135 60.09 4.43 -39.58
C VAL L 135 61.07 4.85 -38.48
N PRO L 136 62.37 4.80 -38.73
CA PRO L 136 63.34 5.13 -37.68
C PRO L 136 63.28 6.60 -37.28
N CYS L 137 63.63 6.86 -36.03
CA CYS L 137 63.73 8.20 -35.47
C CYS L 137 65.05 8.37 -34.73
N SER L 138 66.13 7.92 -35.37
CA SER L 138 67.46 7.91 -34.74
C SER L 138 68.21 9.22 -34.94
N ASP L 139 68.06 9.85 -36.10
CA ASP L 139 68.81 11.07 -36.40
C ASP L 139 68.31 12.23 -35.54
N SER L 140 69.17 13.24 -35.40
CA SER L 140 68.83 14.39 -34.58
C SER L 140 67.67 15.19 -35.17
N LYS L 141 67.61 15.28 -36.51
CA LYS L 141 66.52 16.02 -37.14
C LYS L 141 65.18 15.37 -36.83
N ALA L 142 65.10 14.04 -36.92
CA ALA L 142 63.86 13.35 -36.60
C ALA L 142 63.51 13.51 -35.12
N ILE L 143 64.52 13.49 -34.25
CA ILE L 143 64.28 13.68 -32.83
C ILE L 143 63.67 15.06 -32.57
N ALA L 144 64.25 16.10 -33.19
CA ALA L 144 63.71 17.44 -33.04
C ALA L 144 62.31 17.54 -33.61
N GLN L 145 62.07 16.89 -34.75
CA GLN L 145 60.75 16.95 -35.37
C GLN L 145 59.69 16.31 -34.48
N VAL L 146 59.99 15.13 -33.94
CA VAL L 146 59.01 14.44 -33.08
C VAL L 146 58.81 15.19 -31.77
N GLY L 147 59.89 15.79 -31.24
CA GLY L 147 59.74 16.61 -30.04
C GLY L 147 58.87 17.84 -30.28
N THR L 148 59.06 18.49 -31.43
CA THR L 148 58.21 19.62 -31.79
C THR L 148 56.76 19.20 -31.94
N ILE L 149 56.52 18.07 -32.61
CA ILE L 149 55.15 17.60 -32.82
C ILE L 149 54.50 17.28 -31.49
N SER L 150 55.23 16.63 -30.58
CA SER L 150 54.65 16.24 -29.30
C SER L 150 54.26 17.45 -28.47
N ALA L 151 55.08 18.50 -28.49
CA ALA L 151 54.84 19.68 -27.67
C ALA L 151 54.01 20.73 -28.41
N ASN L 152 52.88 20.30 -28.97
CA ASN L 152 51.90 21.20 -29.60
C ASN L 152 52.55 22.11 -30.65
N SER L 153 53.41 21.53 -31.47
CA SER L 153 54.07 22.24 -32.57
C SER L 153 54.88 23.42 -32.05
N ASP L 154 55.88 23.11 -31.23
CA ASP L 154 56.79 24.11 -30.67
C ASP L 154 58.22 23.67 -30.97
N GLU L 155 58.90 24.38 -31.88
CA GLU L 155 60.22 23.95 -32.31
C GLU L 155 61.27 24.12 -31.22
N THR L 156 61.04 25.02 -30.27
CA THR L 156 62.01 25.21 -29.18
C THR L 156 62.14 23.96 -28.32
N VAL L 157 61.02 23.35 -27.95
CA VAL L 157 61.06 22.14 -27.15
C VAL L 157 61.75 21.02 -27.93
N GLY L 158 61.43 20.90 -29.22
CA GLY L 158 62.05 19.87 -30.03
C GLY L 158 63.56 20.04 -30.14
N LYS L 159 64.02 21.27 -30.35
CA LYS L 159 65.45 21.50 -30.46
C LYS L 159 66.16 21.30 -29.13
N LEU L 160 65.52 21.67 -28.01
CA LEU L 160 66.10 21.37 -26.70
C LEU L 160 66.24 19.87 -26.48
N ILE L 161 65.19 19.11 -26.83
CA ILE L 161 65.26 17.66 -26.67
C ILE L 161 66.35 17.08 -27.56
N ALA L 162 66.45 17.56 -28.80
CA ALA L 162 67.48 17.07 -29.71
C ALA L 162 68.88 17.37 -29.18
N GLU L 163 69.09 18.59 -28.67
CA GLU L 163 70.40 18.94 -28.12
C GLU L 163 70.73 18.07 -26.91
N ALA L 164 69.76 17.85 -26.02
CA ALA L 164 70.00 17.02 -24.85
C ALA L 164 70.36 15.60 -25.26
N MET L 165 69.57 15.00 -26.15
CA MET L 165 69.82 13.62 -26.56
C MET L 165 71.09 13.49 -27.39
N ASP L 166 71.54 14.56 -28.04
CA ASP L 166 72.83 14.50 -28.71
C ASP L 166 73.98 14.62 -27.72
N LYS L 167 73.83 15.44 -26.69
CA LYS L 167 74.94 15.68 -25.77
C LYS L 167 75.12 14.53 -24.79
N VAL L 168 74.03 13.93 -24.30
CA VAL L 168 74.17 12.89 -23.28
C VAL L 168 73.98 11.52 -23.91
N GLY L 169 73.29 11.46 -25.05
CA GLY L 169 73.01 10.20 -25.70
C GLY L 169 71.53 9.89 -25.74
N LYS L 170 71.09 9.17 -26.78
CA LYS L 170 69.68 8.84 -26.90
C LYS L 170 69.22 7.91 -25.78
N GLU L 171 70.12 7.08 -25.26
CA GLU L 171 69.81 6.19 -24.16
C GLU L 171 70.19 6.77 -22.80
N GLY L 172 70.66 8.02 -22.77
CA GLY L 172 71.07 8.64 -21.52
C GLY L 172 69.88 9.11 -20.69
N VAL L 173 70.21 9.63 -19.51
CA VAL L 173 69.22 10.12 -18.56
C VAL L 173 69.08 11.63 -18.71
N ILE L 174 67.85 12.09 -18.91
CA ILE L 174 67.55 13.51 -19.06
C ILE L 174 66.43 13.87 -18.10
N THR L 175 66.62 14.95 -17.35
CA THR L 175 65.63 15.43 -16.39
C THR L 175 65.46 16.94 -16.57
N VAL L 176 64.21 17.40 -16.46
CA VAL L 176 63.86 18.79 -16.69
C VAL L 176 63.74 19.51 -15.35
N GLU L 177 64.38 20.67 -15.26
CA GLU L 177 64.34 21.49 -14.06
C GLU L 177 63.87 22.90 -14.42
N ASP L 178 63.41 23.63 -13.41
CA ASP L 178 62.98 25.00 -13.63
C ASP L 178 64.19 25.89 -13.91
N GLY L 179 63.99 26.89 -14.77
CA GLY L 179 65.03 27.82 -15.15
C GLY L 179 64.76 29.21 -14.57
N THR L 180 65.80 29.81 -14.02
CA THR L 180 65.65 31.12 -13.40
C THR L 180 65.50 32.22 -14.44
N GLY L 181 66.31 32.18 -15.51
CA GLY L 181 66.34 33.25 -16.48
C GLY L 181 65.36 33.06 -17.62
N LEU L 182 65.43 34.01 -18.56
CA LEU L 182 64.56 33.95 -19.74
C LEU L 182 65.02 32.88 -20.72
N GLN L 183 66.33 32.77 -20.92
CA GLN L 183 66.86 31.82 -21.88
C GLN L 183 66.80 30.39 -21.33
N ASP L 184 66.98 29.43 -22.23
CA ASP L 184 66.94 28.01 -21.87
C ASP L 184 68.35 27.51 -21.61
N GLU L 185 68.54 26.84 -20.48
CA GLU L 185 69.85 26.38 -20.05
C GLU L 185 69.89 24.85 -20.06
N LEU L 186 70.96 24.30 -20.61
CA LEU L 186 71.17 22.86 -20.67
C LEU L 186 72.59 22.54 -20.24
N ASP L 187 72.74 21.60 -19.30
CA ASP L 187 74.05 21.25 -18.78
C ASP L 187 74.04 19.79 -18.35
N VAL L 188 75.23 19.23 -18.22
CA VAL L 188 75.42 17.83 -17.82
C VAL L 188 75.97 17.81 -16.40
N VAL L 189 75.27 17.10 -15.51
CA VAL L 189 75.70 16.97 -14.12
C VAL L 189 76.02 15.50 -13.84
N GLU L 190 76.50 15.22 -12.64
CA GLU L 190 76.84 13.85 -12.24
C GLU L 190 75.65 13.23 -11.55
N GLY L 191 75.18 12.10 -12.09
CA GLY L 191 74.03 11.43 -11.50
C GLY L 191 73.75 10.13 -12.22
N MET L 192 72.76 9.41 -11.70
CA MET L 192 72.35 8.14 -12.28
C MET L 192 70.86 7.94 -12.02
N GLN L 193 70.28 7.00 -12.77
CA GLN L 193 68.87 6.65 -12.63
C GLN L 193 68.73 5.13 -12.68
N PHE L 194 67.92 4.59 -11.76
CA PHE L 194 67.67 3.16 -11.70
C PHE L 194 66.17 2.91 -11.64
N ASP L 195 65.81 1.63 -11.74
CA ASP L 195 64.42 1.22 -11.95
C ASP L 195 63.60 1.07 -10.67
N ARG L 196 64.21 1.24 -9.50
CA ARG L 196 63.47 1.13 -8.26
C ARG L 196 62.62 2.36 -8.02
N GLY L 197 61.40 2.15 -7.53
CA GLY L 197 60.47 3.22 -7.24
C GLY L 197 60.25 3.42 -5.75
N TYR L 198 59.34 4.34 -5.45
CA TYR L 198 59.01 4.63 -4.05
C TYR L 198 58.26 3.46 -3.43
N LEU L 199 58.48 3.27 -2.12
CA LEU L 199 57.85 2.16 -1.42
C LEU L 199 56.38 2.44 -1.12
N SER L 200 56.00 3.69 -0.89
CA SER L 200 54.61 4.03 -0.64
C SER L 200 54.19 5.20 -1.51
N PRO L 201 52.96 5.19 -2.02
CA PRO L 201 52.49 6.32 -2.84
C PRO L 201 52.35 7.61 -2.05
N TYR L 202 52.27 7.55 -0.72
CA TYR L 202 52.08 8.75 0.08
C TYR L 202 53.32 9.64 0.13
N PHE L 203 54.47 9.16 -0.33
CA PHE L 203 55.68 9.97 -0.39
C PHE L 203 55.66 10.97 -1.53
N ILE L 204 54.67 10.91 -2.41
CA ILE L 204 54.61 11.79 -3.58
C ILE L 204 54.42 13.22 -3.12
N ASN L 205 55.41 14.08 -3.42
CA ASN L 205 55.32 15.48 -3.01
C ASN L 205 54.34 16.26 -3.89
N LYS L 206 54.30 15.94 -5.18
CA LYS L 206 53.39 16.61 -6.13
C LYS L 206 52.39 15.60 -6.67
N PRO L 207 51.19 15.52 -6.10
CA PRO L 207 50.21 14.52 -6.57
C PRO L 207 49.85 14.66 -8.03
N GLU L 208 49.83 15.89 -8.57
CA GLU L 208 49.52 16.06 -9.98
C GLU L 208 50.57 15.40 -10.86
N THR L 209 51.84 15.54 -10.53
CA THR L 209 52.90 14.89 -11.28
C THR L 209 52.99 13.39 -10.95
N GLY L 210 52.59 13.01 -9.75
CA GLY L 210 52.65 11.61 -9.36
C GLY L 210 54.05 11.09 -9.08
N ALA L 211 54.99 11.97 -8.78
CA ALA L 211 56.37 11.59 -8.52
C ALA L 211 56.87 12.27 -7.27
N VAL L 212 57.85 11.64 -6.62
CA VAL L 212 58.46 12.17 -5.41
C VAL L 212 59.63 13.06 -5.83
N GLU L 213 59.60 14.32 -5.41
CA GLU L 213 60.63 15.28 -5.75
C GLU L 213 61.12 15.97 -4.49
N LEU L 214 62.43 15.96 -4.26
CA LEU L 214 63.05 16.57 -3.10
C LEU L 214 64.16 17.51 -3.55
N GLU L 215 64.24 18.67 -2.90
CA GLU L 215 65.27 19.65 -3.17
C GLU L 215 66.38 19.51 -2.13
N SER L 216 67.59 19.23 -2.60
CA SER L 216 68.75 19.03 -1.73
C SER L 216 68.48 18.04 -0.59
N PRO L 217 68.17 16.78 -0.91
CA PRO L 217 67.88 15.80 0.13
C PRO L 217 69.10 15.02 0.58
N PHE L 218 69.03 14.52 1.80
CA PHE L 218 70.07 13.66 2.36
C PHE L 218 69.83 12.21 1.94
N ILE L 219 70.91 11.50 1.67
CA ILE L 219 70.86 10.13 1.18
C ILE L 219 71.28 9.19 2.31
N LEU L 220 70.43 8.21 2.61
CA LEU L 220 70.76 7.16 3.56
C LEU L 220 71.08 5.88 2.80
N LEU L 221 72.20 5.25 3.14
CA LEU L 221 72.74 4.11 2.41
C LEU L 221 72.97 2.98 3.39
N ALA L 222 72.12 1.96 3.32
CA ALA L 222 72.19 0.83 4.24
C ALA L 222 72.14 -0.49 3.47
N ASP L 223 72.80 -1.50 4.04
CA ASP L 223 72.81 -2.84 3.46
C ASP L 223 71.90 -3.81 4.21
N LYS L 224 71.04 -3.31 5.09
CA LYS L 224 70.16 -4.14 5.88
C LYS L 224 68.71 -3.71 5.68
N LYS L 225 67.80 -4.66 5.86
CA LYS L 225 66.38 -4.36 5.76
C LYS L 225 65.95 -3.43 6.88
N ILE L 226 65.23 -2.37 6.52
CA ILE L 226 64.75 -1.40 7.51
C ILE L 226 63.46 -1.92 8.11
N SER L 227 63.48 -2.16 9.42
CA SER L 227 62.32 -2.67 10.14
C SER L 227 61.96 -1.87 11.37
N ASN L 228 62.94 -1.25 12.04
CA ASN L 228 62.72 -0.59 13.32
C ASN L 228 62.99 0.91 13.13
N ILE L 229 62.06 1.73 13.64
CA ILE L 229 62.23 3.18 13.57
C ILE L 229 63.35 3.64 14.49
N ARG L 230 63.50 3.00 15.66
CA ARG L 230 64.54 3.41 16.60
C ARG L 230 65.95 3.21 16.07
N GLU L 231 66.10 2.43 14.99
CA GLU L 231 67.42 2.27 14.39
C GLU L 231 67.93 3.57 13.79
N MET L 232 67.04 4.37 13.18
CA MET L 232 67.43 5.65 12.61
C MET L 232 66.75 6.84 13.29
N LEU L 233 66.14 6.64 14.45
CA LEU L 233 65.60 7.77 15.21
C LEU L 233 66.65 8.84 15.50
N PRO L 234 67.86 8.53 15.97
CA PRO L 234 68.89 9.59 16.04
C PRO L 234 69.22 10.17 14.67
N VAL L 235 69.27 9.34 13.64
CA VAL L 235 69.50 9.83 12.28
C VAL L 235 68.34 10.70 11.84
N LEU L 236 67.11 10.30 12.16
CA LEU L 236 65.94 11.08 11.80
C LEU L 236 65.97 12.45 12.49
N GLU L 237 66.35 12.48 13.77
CA GLU L 237 66.45 13.75 14.49
C GLU L 237 67.54 14.63 13.91
N ALA L 238 68.69 14.03 13.54
CA ALA L 238 69.76 14.80 12.92
C ALA L 238 69.31 15.40 11.60
N VAL L 239 68.56 14.63 10.80
CA VAL L 239 68.03 15.16 9.55
C VAL L 239 67.04 16.28 9.83
N ALA L 240 66.18 16.11 10.83
CA ALA L 240 65.18 17.12 11.15
C ALA L 240 65.84 18.43 11.57
N LYS L 241 66.87 18.36 12.42
CA LYS L 241 67.57 19.57 12.83
C LYS L 241 68.45 20.12 11.72
N ALA L 242 68.80 19.30 10.72
CA ALA L 242 69.52 19.80 9.57
C ALA L 242 68.63 20.67 8.68
N GLY L 243 67.33 20.39 8.66
CA GLY L 243 66.39 21.15 7.84
C GLY L 243 66.30 20.71 6.40
N LYS L 244 67.04 19.68 6.00
CA LYS L 244 67.08 19.19 4.63
C LYS L 244 66.34 17.84 4.53
N PRO L 245 65.78 17.52 3.36
CA PRO L 245 65.04 16.26 3.22
C PRO L 245 65.97 15.06 3.31
N LEU L 246 65.36 13.91 3.60
CA LEU L 246 66.07 12.65 3.72
C LEU L 246 65.53 11.64 2.72
N LEU L 247 66.43 11.01 1.98
CA LEU L 247 66.10 9.91 1.07
C LEU L 247 66.81 8.67 1.57
N ILE L 248 66.08 7.57 1.71
CA ILE L 248 66.60 6.33 2.27
C ILE L 248 66.50 5.25 1.20
N ILE L 249 67.62 4.56 0.97
CA ILE L 249 67.65 3.39 0.10
C ILE L 249 68.41 2.27 0.80
N ALA L 250 67.81 1.09 0.85
CA ALA L 250 68.36 -0.05 1.56
C ALA L 250 67.73 -1.31 0.96
N GLU L 251 67.86 -2.44 1.67
CA GLU L 251 67.24 -3.68 1.22
C GLU L 251 65.73 -3.49 1.08
N ASP L 252 65.07 -3.01 2.12
CA ASP L 252 63.64 -2.75 2.11
C ASP L 252 63.25 -2.07 3.42
N VAL L 253 62.11 -1.39 3.40
CA VAL L 253 61.51 -0.80 4.59
C VAL L 253 60.17 -1.46 4.81
N GLU L 254 60.01 -2.12 5.96
CA GLU L 254 58.84 -2.95 6.21
C GLU L 254 58.28 -2.69 7.60
N GLY L 255 56.98 -2.92 7.74
CA GLY L 255 56.35 -2.95 9.05
C GLY L 255 56.30 -1.59 9.72
N GLU L 256 56.66 -1.59 11.00
CA GLU L 256 56.47 -0.40 11.84
C GLU L 256 57.33 0.77 11.37
N ALA L 257 58.54 0.50 10.86
CA ALA L 257 59.38 1.60 10.37
C ALA L 257 58.71 2.29 9.18
N LEU L 258 58.23 1.51 8.21
CA LEU L 258 57.55 2.10 7.07
C LEU L 258 56.29 2.84 7.51
N ALA L 259 55.55 2.27 8.46
CA ALA L 259 54.34 2.93 8.95
C ALA L 259 54.66 4.26 9.61
N THR L 260 55.72 4.30 10.44
CA THR L 260 56.09 5.55 11.10
C THR L 260 56.58 6.60 10.11
N LEU L 261 57.35 6.20 9.10
CA LEU L 261 57.77 7.17 8.09
C LEU L 261 56.57 7.68 7.28
N VAL L 262 55.61 6.81 6.97
CA VAL L 262 54.40 7.26 6.29
C VAL L 262 53.64 8.26 7.15
N VAL L 263 53.51 7.97 8.45
CA VAL L 263 52.82 8.87 9.35
C VAL L 263 53.55 10.20 9.44
N ASN L 264 54.89 10.16 9.49
CA ASN L 264 55.67 11.40 9.54
C ASN L 264 55.47 12.23 8.27
N THR L 265 55.46 11.57 7.11
CA THR L 265 55.20 12.29 5.86
C THR L 265 53.81 12.91 5.85
N MET L 266 52.82 12.19 6.38
CA MET L 266 51.49 12.76 6.50
C MET L 266 51.47 13.98 7.41
N ARG L 267 52.17 13.89 8.55
CA ARG L 267 52.26 15.03 9.46
C ARG L 267 53.01 16.19 8.82
N GLY L 268 54.07 15.90 8.08
CA GLY L 268 54.90 16.92 7.47
C GLY L 268 56.04 17.42 8.31
N ILE L 269 56.20 16.91 9.53
CA ILE L 269 57.32 17.34 10.38
C ILE L 269 58.65 16.95 9.74
N VAL L 270 58.74 15.70 9.26
CA VAL L 270 59.90 15.23 8.51
C VAL L 270 59.39 14.47 7.30
N LYS L 271 59.91 14.81 6.12
CA LYS L 271 59.53 14.14 4.88
C LYS L 271 60.68 13.25 4.43
N VAL L 272 60.38 11.97 4.22
CA VAL L 272 61.38 10.98 3.82
C VAL L 272 60.77 10.08 2.74
N ALA L 273 61.56 9.81 1.70
CA ALA L 273 61.16 8.91 0.64
C ALA L 273 61.93 7.60 0.74
N ALA L 274 61.20 6.49 0.67
CA ALA L 274 61.78 5.16 0.80
C ALA L 274 61.78 4.46 -0.55
N VAL L 275 62.97 4.07 -1.00
CA VAL L 275 63.17 3.37 -2.27
C VAL L 275 64.11 2.21 -2.04
N LYS L 276 63.81 1.06 -2.63
CA LYS L 276 64.69 -0.09 -2.48
C LYS L 276 65.97 0.10 -3.30
N ALA L 277 66.99 -0.68 -2.93
CA ALA L 277 68.24 -0.66 -3.68
C ALA L 277 68.10 -1.46 -4.97
N PRO L 278 68.75 -1.03 -6.04
CA PRO L 278 68.67 -1.77 -7.31
C PRO L 278 69.39 -3.11 -7.23
N GLY L 279 68.88 -4.08 -7.97
CA GLY L 279 69.50 -5.39 -8.05
C GLY L 279 69.37 -6.17 -6.75
N PHE L 280 70.14 -7.27 -6.69
CA PHE L 280 70.16 -8.12 -5.51
C PHE L 280 71.56 -8.69 -5.35
N GLY L 281 71.92 -8.98 -4.10
CA GLY L 281 73.19 -9.65 -3.83
C GLY L 281 74.38 -8.74 -4.09
N ASP L 282 75.43 -9.35 -4.65
CA ASP L 282 76.68 -8.63 -4.88
C ASP L 282 76.50 -7.47 -5.84
N ARG L 283 75.66 -7.65 -6.87
CA ARG L 283 75.38 -6.55 -7.80
C ARG L 283 74.69 -5.40 -7.07
N ARG L 284 73.75 -5.71 -6.17
CA ARG L 284 73.11 -4.68 -5.38
C ARG L 284 74.11 -3.95 -4.50
N LYS L 285 75.02 -4.69 -3.86
CA LYS L 285 76.03 -4.05 -3.03
C LYS L 285 76.94 -3.14 -3.87
N ALA L 286 77.34 -3.61 -5.04
CA ALA L 286 78.21 -2.80 -5.90
C ALA L 286 77.51 -1.54 -6.38
N MET L 287 76.25 -1.64 -6.77
CA MET L 287 75.52 -0.45 -7.20
C MET L 287 75.26 0.50 -6.03
N LEU L 288 75.03 -0.04 -4.83
CA LEU L 288 74.92 0.83 -3.65
C LEU L 288 76.23 1.55 -3.39
N GLN L 289 77.36 0.86 -3.59
CA GLN L 289 78.67 1.52 -3.47
C GLN L 289 78.83 2.62 -4.51
N ASP L 290 78.37 2.38 -5.74
CA ASP L 290 78.41 3.41 -6.76
C ASP L 290 77.57 4.62 -6.36
N ILE L 291 76.38 4.38 -5.82
CA ILE L 291 75.52 5.47 -5.36
C ILE L 291 76.21 6.23 -4.23
N ALA L 292 76.87 5.51 -3.33
CA ALA L 292 77.59 6.16 -2.22
C ALA L 292 78.70 7.05 -2.74
N THR L 293 79.47 6.56 -3.73
CA THR L 293 80.52 7.39 -4.32
C THR L 293 79.93 8.61 -5.01
N LEU L 294 78.81 8.44 -5.73
CA LEU L 294 78.19 9.56 -6.41
C LEU L 294 77.72 10.62 -5.44
N THR L 295 77.08 10.20 -4.34
CA THR L 295 76.58 11.14 -3.34
C THR L 295 77.64 11.56 -2.33
N GLY L 296 78.81 10.92 -2.34
CA GLY L 296 79.86 11.26 -1.40
C GLY L 296 79.73 10.63 -0.04
N GLY L 297 78.67 9.87 0.21
CA GLY L 297 78.45 9.23 1.50
C GLY L 297 79.08 7.86 1.58
N THR L 298 78.64 7.10 2.59
CA THR L 298 79.13 5.74 2.82
C THR L 298 77.94 4.83 3.08
N VAL L 299 78.00 3.63 2.51
CA VAL L 299 76.94 2.65 2.66
C VAL L 299 77.10 1.94 4.00
N ILE L 300 75.99 1.77 4.72
CA ILE L 300 76.00 1.11 6.02
C ILE L 300 75.82 -0.39 5.78
N SER L 301 76.90 -1.14 5.96
CA SER L 301 76.88 -2.59 5.79
C SER L 301 77.15 -3.25 7.13
N GLU L 302 76.25 -4.16 7.53
CA GLU L 302 76.37 -4.78 8.84
C GLU L 302 77.58 -5.71 8.92
N GLU L 303 78.00 -6.27 7.78
CA GLU L 303 79.12 -7.22 7.79
C GLU L 303 80.46 -6.52 8.03
N ILE L 304 80.57 -5.25 7.65
CA ILE L 304 81.81 -4.52 7.92
C ILE L 304 81.99 -4.28 9.41
N GLY L 305 80.90 -3.91 10.10
CA GLY L 305 80.98 -3.70 11.53
C GLY L 305 80.23 -2.50 12.06
N MET L 306 80.16 -1.42 11.27
CA MET L 306 79.45 -0.23 11.73
C MET L 306 77.95 -0.48 11.79
N GLU L 307 77.29 0.18 12.73
CA GLU L 307 75.85 0.03 12.95
C GLU L 307 75.13 1.34 12.66
N LEU L 308 73.81 1.22 12.43
CA LEU L 308 73.05 2.31 11.81
C LEU L 308 72.73 3.43 12.80
N GLU L 309 72.57 3.13 14.08
CA GLU L 309 72.18 4.16 15.04
C GLU L 309 73.24 5.25 15.16
N LYS L 310 74.52 4.89 15.13
CA LYS L 310 75.58 5.87 15.30
C LYS L 310 75.75 6.78 14.09
N ALA L 311 75.08 6.49 12.98
CA ALA L 311 75.23 7.31 11.78
C ALA L 311 74.79 8.74 12.04
N THR L 312 75.49 9.69 11.42
CA THR L 312 75.21 11.10 11.62
C THR L 312 75.00 11.82 10.30
N LEU L 313 74.95 13.16 10.35
CA LEU L 313 74.75 13.93 9.12
C LEU L 313 75.91 13.75 8.15
N GLU L 314 77.14 13.66 8.67
CA GLU L 314 78.30 13.51 7.81
C GLU L 314 78.26 12.20 7.02
N ASP L 315 77.81 11.12 7.67
CA ASP L 315 77.76 9.83 7.01
C ASP L 315 76.72 9.77 5.89
N LEU L 316 75.76 10.70 5.89
CA LEU L 316 74.69 10.67 4.90
C LEU L 316 75.17 11.26 3.58
N GLY L 317 74.73 10.64 2.49
CA GLY L 317 74.99 11.21 1.18
C GLY L 317 74.10 12.40 0.89
N GLN L 318 74.54 13.23 -0.06
CA GLN L 318 73.83 14.45 -0.40
C GLN L 318 73.76 14.60 -1.91
N ALA L 319 72.63 15.10 -2.39
CA ALA L 319 72.43 15.39 -3.81
C ALA L 319 71.68 16.69 -3.93
N LYS L 320 71.84 17.35 -5.10
CA LYS L 320 71.16 18.62 -5.32
C LYS L 320 69.66 18.43 -5.51
N ARG L 321 69.27 17.36 -6.20
CA ARG L 321 67.86 17.11 -6.46
C ARG L 321 67.68 15.63 -6.82
N VAL L 322 66.56 15.07 -6.40
CA VAL L 322 66.21 13.69 -6.72
C VAL L 322 64.77 13.65 -7.23
N VAL L 323 64.52 12.71 -8.15
CA VAL L 323 63.19 12.48 -8.69
C VAL L 323 62.89 10.99 -8.57
N ILE L 324 61.76 10.65 -7.96
CA ILE L 324 61.35 9.27 -7.75
C ILE L 324 60.00 9.06 -8.41
N ASN L 325 59.93 8.10 -9.32
CA ASN L 325 58.69 7.73 -9.98
C ASN L 325 58.26 6.35 -9.50
N LYS L 326 57.08 5.92 -9.96
CA LYS L 326 56.57 4.60 -9.59
C LYS L 326 57.46 3.49 -10.15
N ASP L 327 58.10 3.73 -11.30
CA ASP L 327 58.92 2.72 -11.94
C ASP L 327 60.39 3.10 -12.04
N THR L 328 60.81 4.24 -11.47
CA THR L 328 62.20 4.65 -11.57
C THR L 328 62.50 5.66 -10.49
N THR L 329 63.81 5.88 -10.27
CA THR L 329 64.29 6.88 -9.33
C THR L 329 65.53 7.54 -9.92
N THR L 330 65.54 8.86 -9.96
CA THR L 330 66.62 9.63 -10.58
C THR L 330 67.35 10.45 -9.52
N ILE L 331 68.68 10.39 -9.55
CA ILE L 331 69.53 11.20 -8.68
C ILE L 331 70.25 12.22 -9.55
N ILE L 332 70.12 13.50 -9.20
CA ILE L 332 70.62 14.60 -10.01
C ILE L 332 71.62 15.41 -9.20
N ASP L 333 72.84 15.51 -9.71
CA ASP L 333 73.87 16.42 -9.19
C ASP L 333 74.17 16.15 -7.72
N GLY L 334 74.67 14.95 -7.44
CA GLY L 334 75.15 14.65 -6.11
C GLY L 334 76.50 15.29 -5.85
N VAL L 335 76.85 15.36 -4.57
CA VAL L 335 78.14 15.94 -4.15
C VAL L 335 79.14 14.80 -4.15
N GLY L 336 79.68 14.51 -5.33
CA GLY L 336 80.70 13.49 -5.48
C GLY L 336 81.83 14.00 -6.34
N GLU L 337 83.05 13.97 -5.82
CA GLU L 337 84.14 14.67 -6.50
C GLU L 337 84.59 13.91 -7.74
N GLU L 338 85.15 14.66 -8.69
CA GLU L 338 85.43 14.20 -10.05
C GLU L 338 86.44 13.05 -10.08
N ALA L 339 87.52 13.16 -9.32
CA ALA L 339 88.56 12.13 -9.34
C ALA L 339 88.03 10.79 -8.87
N ALA L 340 87.16 10.78 -7.86
CA ALA L 340 86.55 9.54 -7.41
C ALA L 340 85.67 8.93 -8.49
N ILE L 341 84.94 9.77 -9.23
CA ILE L 341 84.08 9.24 -10.29
C ILE L 341 84.91 8.52 -11.35
N GLN L 342 86.01 9.15 -11.79
CA GLN L 342 86.87 8.46 -12.74
C GLN L 342 87.54 7.23 -12.12
N GLY L 343 87.87 7.28 -10.84
CA GLY L 343 88.44 6.10 -10.21
C GLY L 343 87.49 4.92 -10.21
N ARG L 344 86.23 5.15 -9.83
CA ARG L 344 85.24 4.07 -9.82
C ARG L 344 84.97 3.54 -11.22
N VAL L 345 84.79 4.44 -12.19
CA VAL L 345 84.50 3.96 -13.54
C VAL L 345 85.69 3.21 -14.11
N ALA L 346 86.91 3.66 -13.81
CA ALA L 346 88.11 2.97 -14.28
C ALA L 346 88.20 1.57 -13.70
N GLN L 347 87.99 1.44 -12.38
CA GLN L 347 88.07 0.12 -11.75
C GLN L 347 86.98 -0.80 -12.30
N ILE L 348 85.79 -0.27 -12.54
CA ILE L 348 84.77 -1.05 -13.24
C ILE L 348 85.27 -1.45 -14.63
N ARG L 349 86.09 -0.61 -15.27
CA ARG L 349 86.57 -0.98 -16.60
C ARG L 349 87.52 -2.17 -16.55
N GLN L 350 88.54 -2.15 -15.68
CA GLN L 350 89.39 -3.35 -15.69
C GLN L 350 88.64 -4.55 -15.14
N GLN L 351 87.63 -4.33 -14.30
CA GLN L 351 86.73 -5.43 -13.98
C GLN L 351 86.02 -5.95 -15.22
N ILE L 352 85.72 -5.06 -16.17
CA ILE L 352 85.07 -5.47 -17.40
C ILE L 352 85.98 -6.37 -18.23
N GLU L 353 87.22 -5.94 -18.47
CA GLU L 353 88.05 -6.76 -19.35
C GLU L 353 88.63 -7.97 -18.63
N GLU L 354 88.63 -7.98 -17.29
CA GLU L 354 89.09 -9.19 -16.61
C GLU L 354 88.02 -10.27 -16.60
N ALA L 355 86.74 -9.88 -16.60
CA ALA L 355 85.66 -10.85 -16.53
C ALA L 355 85.48 -11.56 -17.88
N THR L 356 84.81 -12.70 -17.84
CA THR L 356 84.61 -13.55 -19.01
C THR L 356 83.14 -13.74 -19.36
N SER L 357 82.29 -14.02 -18.37
CA SER L 357 80.89 -14.32 -18.63
C SER L 357 80.19 -13.12 -19.28
N ASP L 358 79.43 -13.40 -20.33
CA ASP L 358 78.83 -12.33 -21.13
C ASP L 358 77.79 -11.55 -20.33
N TYR L 359 76.97 -12.23 -19.54
CA TYR L 359 75.92 -11.55 -18.79
C TYR L 359 76.50 -10.60 -17.76
N ASP L 360 77.45 -11.09 -16.94
CA ASP L 360 78.07 -10.25 -15.93
C ASP L 360 78.83 -9.09 -16.57
N ARG L 361 79.56 -9.37 -17.65
CA ARG L 361 80.27 -8.30 -18.35
C ARG L 361 79.29 -7.23 -18.84
N GLU L 362 78.18 -7.66 -19.46
CA GLU L 362 77.22 -6.72 -20.01
C GLU L 362 76.60 -5.86 -18.90
N LYS L 363 76.22 -6.51 -17.79
CA LYS L 363 75.80 -5.74 -16.62
C LYS L 363 76.87 -4.75 -16.20
N LEU L 364 78.14 -5.13 -16.34
CA LEU L 364 79.21 -4.25 -15.91
C LEU L 364 79.33 -3.02 -16.80
N GLN L 365 79.27 -3.17 -18.14
CA GLN L 365 79.40 -1.93 -18.90
C GLN L 365 78.14 -1.10 -18.85
N GLU L 366 76.95 -1.71 -18.70
CA GLU L 366 75.77 -0.86 -18.52
C GLU L 366 75.83 -0.11 -17.21
N ARG L 367 76.37 -0.74 -16.16
CA ARG L 367 76.56 -0.06 -14.88
C ARG L 367 77.54 1.09 -15.01
N VAL L 368 78.68 0.87 -15.68
CA VAL L 368 79.66 1.95 -15.78
C VAL L 368 79.14 3.06 -16.69
N ALA L 369 78.34 2.71 -17.70
CA ALA L 369 77.73 3.74 -18.54
C ALA L 369 76.75 4.59 -17.75
N LYS L 370 75.91 3.95 -16.93
CA LYS L 370 74.98 4.71 -16.11
C LYS L 370 75.70 5.49 -15.00
N LEU L 371 76.93 5.10 -14.65
CA LEU L 371 77.68 5.84 -13.66
C LEU L 371 78.42 7.04 -14.25
N ALA L 372 78.98 6.88 -15.47
CA ALA L 372 79.82 7.91 -16.05
C ALA L 372 79.11 8.86 -17.00
N GLY L 373 78.00 8.41 -17.61
CA GLY L 373 77.31 9.28 -18.55
C GLY L 373 76.72 10.52 -17.92
N GLY L 374 76.29 10.42 -16.66
CA GLY L 374 75.70 11.54 -15.97
C GLY L 374 74.26 11.77 -16.39
N VAL L 375 73.72 12.87 -15.89
CA VAL L 375 72.33 13.25 -16.14
C VAL L 375 72.32 14.62 -16.82
N ALA L 376 71.64 14.71 -17.95
CA ALA L 376 71.48 15.99 -18.64
C ALA L 376 70.31 16.75 -18.05
N VAL L 377 70.55 17.98 -17.63
CA VAL L 377 69.55 18.80 -16.95
C VAL L 377 69.10 19.89 -17.91
N ILE L 378 67.80 19.96 -18.17
CA ILE L 378 67.22 20.97 -19.03
C ILE L 378 66.52 21.99 -18.14
N LYS L 379 67.06 23.20 -18.11
CA LYS L 379 66.49 24.29 -17.32
C LYS L 379 65.65 25.15 -18.28
N VAL L 380 64.33 24.94 -18.26
CA VAL L 380 63.45 25.66 -19.16
C VAL L 380 63.30 27.10 -18.67
N GLY L 381 63.56 28.05 -19.55
CA GLY L 381 63.47 29.46 -19.23
C GLY L 381 62.30 30.10 -19.96
N ALA L 382 61.67 31.08 -19.31
CA ALA L 382 60.51 31.76 -19.87
C ALA L 382 60.39 33.12 -19.20
N ALA L 383 59.26 33.78 -19.42
CA ALA L 383 59.03 35.14 -18.94
C ALA L 383 58.12 35.22 -17.73
N THR L 384 57.08 34.39 -17.66
CA THR L 384 56.10 34.42 -16.58
C THR L 384 56.00 33.04 -15.96
N GLU L 385 55.69 33.00 -14.67
CA GLU L 385 55.73 31.74 -13.92
C GLU L 385 54.76 30.71 -14.49
N VAL L 386 53.52 31.11 -14.76
CA VAL L 386 52.51 30.15 -15.20
C VAL L 386 52.86 29.58 -16.57
N GLU L 387 53.28 30.44 -17.51
CA GLU L 387 53.64 29.92 -18.83
C GLU L 387 54.95 29.16 -18.78
N MET L 388 55.83 29.46 -17.82
CA MET L 388 57.02 28.64 -17.65
C MET L 388 56.66 27.26 -17.13
N LYS L 389 55.68 27.17 -16.21
CA LYS L 389 55.16 25.88 -15.79
C LYS L 389 54.60 25.09 -16.98
N GLU L 390 53.75 25.74 -17.80
CA GLU L 390 53.14 25.01 -18.90
C GLU L 390 54.18 24.59 -19.94
N LYS L 391 55.18 25.45 -20.19
CA LYS L 391 56.25 25.09 -21.10
C LYS L 391 57.05 23.91 -20.56
N LYS L 392 57.34 23.91 -19.26
CA LYS L 392 58.04 22.78 -18.66
C LYS L 392 57.24 21.50 -18.81
N ALA L 393 55.93 21.57 -18.56
CA ALA L 393 55.06 20.40 -18.68
C ALA L 393 55.09 19.85 -20.11
N ARG L 394 54.94 20.73 -21.09
CA ARG L 394 55.08 20.33 -22.48
C ARG L 394 56.46 19.73 -22.74
N VAL L 395 57.48 20.22 -22.04
CA VAL L 395 58.83 19.73 -22.25
C VAL L 395 58.96 18.28 -21.79
N GLU L 396 58.44 17.94 -20.61
CA GLU L 396 58.57 16.53 -20.22
C GLU L 396 57.63 15.64 -21.03
N ASP L 397 56.49 16.17 -21.47
CA ASP L 397 55.62 15.39 -22.36
C ASP L 397 56.36 15.04 -23.66
N ALA L 398 57.00 16.05 -24.27
CA ALA L 398 57.78 15.79 -25.48
C ALA L 398 58.98 14.91 -25.19
N LEU L 399 59.57 15.01 -24.00
CA LEU L 399 60.68 14.14 -23.64
C LEU L 399 60.25 12.68 -23.60
N HIS L 400 59.10 12.41 -22.97
CA HIS L 400 58.59 11.04 -22.94
C HIS L 400 58.25 10.54 -24.33
N ALA L 401 57.59 11.38 -25.14
CA ALA L 401 57.23 10.97 -26.49
C ALA L 401 58.47 10.69 -27.34
N THR L 402 59.49 11.54 -27.22
CA THR L 402 60.71 11.36 -27.99
C THR L 402 61.51 10.16 -27.51
N ARG L 403 61.48 9.88 -26.19
CA ARG L 403 62.11 8.66 -25.70
C ARG L 403 61.44 7.43 -26.29
N ALA L 404 60.11 7.41 -26.33
CA ALA L 404 59.40 6.31 -26.97
C ALA L 404 59.75 6.22 -28.45
N ALA L 405 59.84 7.35 -29.12
CA ALA L 405 60.16 7.37 -30.55
C ALA L 405 61.54 6.79 -30.81
N VAL L 406 62.56 7.28 -30.10
CA VAL L 406 63.91 6.77 -30.30
C VAL L 406 64.03 5.32 -29.85
N GLU L 407 63.16 4.86 -28.94
CA GLU L 407 63.18 3.47 -28.55
C GLU L 407 62.62 2.57 -29.66
N GLU L 408 61.49 2.96 -30.27
CA GLU L 408 60.82 2.06 -31.21
C GLU L 408 60.34 2.73 -32.49
N GLY L 409 60.72 3.97 -32.77
CA GLY L 409 60.28 4.63 -33.99
C GLY L 409 58.90 5.22 -33.86
N VAL L 410 58.45 5.84 -34.95
CA VAL L 410 57.15 6.49 -35.03
C VAL L 410 56.37 5.90 -36.18
N VAL L 411 55.06 5.73 -35.97
CA VAL L 411 54.16 5.27 -37.02
C VAL L 411 53.16 6.37 -37.34
N ALA L 412 52.30 6.13 -38.31
CA ALA L 412 51.28 7.12 -38.68
C ALA L 412 50.27 7.26 -37.55
N GLY L 413 50.23 8.44 -36.94
CA GLY L 413 49.37 8.70 -35.81
C GLY L 413 47.93 8.95 -36.22
N GLY L 414 47.13 9.35 -35.23
CA GLY L 414 45.72 9.59 -35.47
C GLY L 414 44.88 8.35 -35.62
N GLY L 415 45.36 7.20 -35.15
CA GLY L 415 44.58 5.98 -35.20
C GLY L 415 44.51 5.30 -36.55
N VAL L 416 45.37 5.67 -37.50
CA VAL L 416 45.36 5.04 -38.82
C VAL L 416 46.41 3.95 -38.96
N ALA L 417 47.39 3.88 -38.06
CA ALA L 417 48.34 2.77 -38.09
C ALA L 417 47.65 1.44 -37.87
N LEU L 418 46.71 1.40 -36.91
CA LEU L 418 45.90 0.21 -36.71
C LEU L 418 45.06 -0.10 -37.94
N ILE L 419 44.54 0.94 -38.61
CA ILE L 419 43.77 0.75 -39.83
C ILE L 419 44.61 0.08 -40.90
N ARG L 420 45.85 0.55 -41.08
CA ARG L 420 46.74 -0.03 -42.08
C ARG L 420 47.11 -1.47 -41.73
N VAL L 421 47.39 -1.72 -40.44
CA VAL L 421 47.76 -3.07 -40.02
C VAL L 421 46.60 -4.03 -40.22
N ALA L 422 45.38 -3.60 -39.87
CA ALA L 422 44.21 -4.45 -40.07
C ALA L 422 43.95 -4.72 -41.55
N SER L 423 44.12 -3.70 -42.39
CA SER L 423 43.97 -3.90 -43.83
C SER L 423 44.99 -4.91 -44.35
N LYS L 424 46.23 -4.83 -43.86
CA LYS L 424 47.25 -5.76 -44.30
C LYS L 424 47.01 -7.17 -43.78
N LEU L 425 46.41 -7.31 -42.60
CA LEU L 425 46.19 -8.59 -41.95
C LEU L 425 44.82 -9.19 -42.22
N ALA L 426 43.97 -8.52 -43.00
CA ALA L 426 42.62 -9.02 -43.28
C ALA L 426 42.59 -10.44 -43.81
N ASP L 427 43.72 -10.98 -44.26
CA ASP L 427 43.78 -12.33 -44.80
C ASP L 427 44.29 -13.36 -43.80
N LEU L 428 44.39 -12.99 -42.52
CA LEU L 428 44.88 -13.92 -41.52
C LEU L 428 43.85 -15.01 -41.22
N ARG L 429 44.34 -16.20 -40.89
CA ARG L 429 43.49 -17.34 -40.58
C ARG L 429 44.07 -18.09 -39.38
N GLY L 430 43.19 -18.79 -38.67
CA GLY L 430 43.56 -19.59 -37.53
C GLY L 430 43.25 -21.06 -37.74
N GLN L 431 43.60 -21.85 -36.71
CA GLN L 431 43.36 -23.29 -36.77
C GLN L 431 41.88 -23.61 -36.80
N ASN L 432 41.09 -22.92 -35.97
CA ASN L 432 39.66 -23.19 -35.82
C ASN L 432 38.85 -21.99 -36.28
N GLU L 433 37.57 -22.25 -36.57
CA GLU L 433 36.67 -21.17 -36.98
C GLU L 433 36.51 -20.12 -35.89
N ASP L 434 36.49 -20.56 -34.62
CA ASP L 434 36.43 -19.59 -33.52
C ASP L 434 37.65 -18.70 -33.49
N GLN L 435 38.83 -19.24 -33.82
CA GLN L 435 40.03 -18.42 -33.92
C GLN L 435 39.91 -17.40 -35.03
N ASN L 436 39.32 -17.77 -36.17
CA ASN L 436 39.08 -16.82 -37.24
C ASN L 436 38.12 -15.72 -36.80
N VAL L 437 37.09 -16.09 -36.04
CA VAL L 437 36.15 -15.10 -35.50
C VAL L 437 36.88 -14.14 -34.58
N GLY L 438 37.76 -14.67 -33.72
CA GLY L 438 38.54 -13.80 -32.85
C GLY L 438 39.47 -12.88 -33.62
N ILE L 439 40.07 -13.38 -34.70
CA ILE L 439 40.92 -12.55 -35.54
C ILE L 439 40.12 -11.41 -36.16
N LYS L 440 38.93 -11.72 -36.68
CA LYS L 440 38.07 -10.68 -37.24
C LYS L 440 37.66 -9.67 -36.16
N VAL L 441 37.40 -10.16 -34.95
CA VAL L 441 37.09 -9.27 -33.83
C VAL L 441 38.24 -8.31 -33.57
N ALA L 442 39.47 -8.84 -33.56
CA ALA L 442 40.64 -7.98 -33.35
C ALA L 442 40.79 -6.95 -34.46
N LEU L 443 40.53 -7.37 -35.71
CA LEU L 443 40.62 -6.43 -36.83
C LEU L 443 39.61 -5.30 -36.67
N ARG L 444 38.36 -5.62 -36.36
CA ARG L 444 37.34 -4.60 -36.17
C ARG L 444 37.68 -3.69 -34.99
N ALA L 445 38.22 -4.27 -33.92
CA ALA L 445 38.63 -3.47 -32.78
C ALA L 445 39.73 -2.48 -33.15
N MET L 446 40.71 -2.92 -33.94
CA MET L 446 41.74 -2.00 -34.39
C MET L 446 41.18 -0.95 -35.35
N GLU L 447 40.12 -1.29 -36.07
CA GLU L 447 39.41 -0.29 -36.88
C GLU L 447 38.78 0.77 -35.99
N ALA L 448 38.26 0.36 -34.84
CA ALA L 448 37.43 1.22 -34.00
C ALA L 448 38.04 2.58 -33.64
N PRO L 449 39.31 2.69 -33.20
CA PRO L 449 39.79 4.00 -32.73
C PRO L 449 39.71 5.13 -33.76
N LEU L 450 40.02 4.85 -35.03
CA LEU L 450 39.89 5.89 -36.05
C LEU L 450 38.43 6.28 -36.25
N ARG L 451 37.52 5.29 -36.20
CA ARG L 451 36.11 5.58 -36.29
C ARG L 451 35.66 6.49 -35.14
N GLN L 452 36.16 6.23 -33.94
CA GLN L 452 35.83 7.09 -32.80
C GLN L 452 36.38 8.49 -33.00
N ILE L 453 37.62 8.61 -33.51
CA ILE L 453 38.21 9.93 -33.73
C ILE L 453 37.39 10.73 -34.73
N VAL L 454 37.03 10.10 -35.86
CA VAL L 454 36.28 10.81 -36.88
C VAL L 454 34.83 11.02 -36.50
N LEU L 455 34.31 10.23 -35.55
CA LEU L 455 32.98 10.51 -35.00
C LEU L 455 33.02 11.71 -34.07
N ASN L 456 34.10 11.84 -33.29
CA ASN L 456 34.31 13.05 -32.51
C ASN L 456 34.44 14.27 -33.42
N CYS L 457 35.11 14.10 -34.57
CA CYS L 457 35.19 15.16 -35.56
C CYS L 457 33.85 15.48 -36.20
N GLY L 458 32.86 14.60 -36.06
CA GLY L 458 31.56 14.82 -36.65
C GLY L 458 31.40 14.31 -38.06
N GLU L 459 32.45 13.77 -38.67
CA GLU L 459 32.37 13.24 -40.02
C GLU L 459 31.81 11.81 -39.99
N GLU L 460 31.58 11.26 -41.18
CA GLU L 460 31.05 9.91 -41.28
C GLU L 460 32.14 8.90 -40.97
N PRO L 461 31.92 7.99 -40.02
CA PRO L 461 32.99 7.05 -39.62
C PRO L 461 33.33 6.03 -40.69
N SER L 462 32.31 5.38 -41.27
CA SER L 462 32.56 4.28 -42.19
C SER L 462 33.22 4.77 -43.48
N VAL L 463 32.75 5.91 -44.02
CA VAL L 463 33.31 6.42 -45.27
C VAL L 463 34.79 6.74 -45.09
N VAL L 464 35.13 7.42 -44.00
CA VAL L 464 36.53 7.76 -43.73
C VAL L 464 37.35 6.50 -43.50
N ALA L 465 36.79 5.53 -42.77
CA ALA L 465 37.52 4.30 -42.50
C ALA L 465 37.86 3.56 -43.77
N ASN L 466 36.88 3.42 -44.68
CA ASN L 466 37.14 2.72 -45.93
C ASN L 466 38.07 3.53 -46.84
N THR L 467 37.96 4.87 -46.80
CA THR L 467 38.87 5.69 -47.60
C THR L 467 40.31 5.52 -47.15
N VAL L 468 40.54 5.48 -45.83
CA VAL L 468 41.89 5.25 -45.32
C VAL L 468 42.34 3.82 -45.62
N LYS L 469 41.43 2.86 -45.54
CA LYS L 469 41.78 1.48 -45.85
C LYS L 469 42.21 1.32 -47.30
N GLY L 470 41.56 2.06 -48.21
CA GLY L 470 41.96 2.00 -49.61
C GLY L 470 43.37 2.47 -49.86
N GLY L 471 43.85 3.43 -49.06
CA GLY L 471 45.20 3.93 -49.21
C GLY L 471 46.24 2.92 -48.78
N ASP L 472 47.50 3.33 -48.93
CA ASP L 472 48.64 2.49 -48.58
C ASP L 472 49.67 3.30 -47.81
N GLY L 473 50.46 2.60 -47.01
CA GLY L 473 51.51 3.26 -46.26
C GLY L 473 50.94 4.11 -45.14
N ASN L 474 51.45 5.33 -45.02
CA ASN L 474 51.03 6.25 -43.97
C ASN L 474 49.90 7.17 -44.41
N TYR L 475 49.31 6.92 -45.58
CA TYR L 475 48.16 7.70 -46.02
C TYR L 475 47.02 7.57 -45.02
N GLY L 476 46.42 8.70 -44.67
CA GLY L 476 45.36 8.70 -43.67
C GLY L 476 44.59 10.00 -43.69
N TYR L 477 43.54 10.02 -42.87
CA TYR L 477 42.62 11.15 -42.77
C TYR L 477 43.03 12.03 -41.59
N ASN L 478 43.60 13.19 -41.88
CA ASN L 478 43.99 14.13 -40.83
C ASN L 478 42.73 14.70 -40.18
N ALA L 479 42.55 14.40 -38.90
CA ALA L 479 41.34 14.84 -38.20
C ALA L 479 41.31 16.36 -38.05
N ALA L 480 42.47 16.98 -37.80
CA ALA L 480 42.51 18.41 -37.55
C ALA L 480 42.14 19.20 -38.81
N THR L 481 42.77 18.89 -39.94
CA THR L 481 42.57 19.64 -41.17
C THR L 481 41.44 19.09 -42.03
N GLU L 482 40.80 18.00 -41.60
CA GLU L 482 39.62 17.45 -42.28
C GLU L 482 39.93 17.07 -43.73
N GLU L 483 41.16 16.61 -43.98
CA GLU L 483 41.60 16.28 -45.33
C GLU L 483 42.62 15.15 -45.27
N TYR L 484 42.55 14.27 -46.27
CA TYR L 484 43.40 13.08 -46.32
C TYR L 484 44.80 13.43 -46.80
N GLY L 485 45.75 12.58 -46.46
CA GLY L 485 47.13 12.78 -46.87
C GLY L 485 48.05 11.88 -46.08
N ASN L 486 49.36 12.14 -46.23
CA ASN L 486 50.39 11.39 -45.52
C ASN L 486 50.53 11.93 -44.10
N MET L 487 50.37 11.04 -43.12
CA MET L 487 50.44 11.46 -41.72
C MET L 487 51.84 11.91 -41.32
N ILE L 488 52.87 11.25 -41.84
CA ILE L 488 54.24 11.62 -41.49
C ILE L 488 54.54 13.05 -41.93
N ASP L 489 54.09 13.42 -43.14
CA ASP L 489 54.33 14.78 -43.62
C ASP L 489 53.46 15.79 -42.87
N MET L 490 52.20 15.45 -42.59
CA MET L 490 51.31 16.40 -41.96
C MET L 490 51.59 16.62 -40.48
N GLY L 491 52.40 15.76 -39.87
CA GLY L 491 52.74 15.92 -38.47
C GLY L 491 51.88 15.18 -37.48
N ILE L 492 51.01 14.28 -37.93
CA ILE L 492 50.21 13.46 -37.04
C ILE L 492 51.02 12.19 -36.79
N LEU L 493 51.83 12.21 -35.74
CA LEU L 493 52.75 11.12 -35.43
C LEU L 493 52.38 10.49 -34.09
N ASP L 494 52.53 9.17 -34.02
CA ASP L 494 52.38 8.42 -32.79
C ASP L 494 53.54 7.45 -32.68
N PRO L 495 54.26 7.41 -31.56
CA PRO L 495 55.36 6.46 -31.41
C PRO L 495 54.86 5.03 -31.54
N THR L 496 55.68 4.18 -32.17
CA THR L 496 55.31 2.78 -32.34
C THR L 496 55.12 2.09 -31.01
N LYS L 497 55.94 2.46 -30.01
CA LYS L 497 55.79 1.86 -28.68
C LYS L 497 54.42 2.12 -28.09
N VAL L 498 53.91 3.34 -28.26
CA VAL L 498 52.62 3.70 -27.67
C VAL L 498 51.51 2.84 -28.25
N THR L 499 51.43 2.76 -29.58
CA THR L 499 50.39 1.97 -30.21
C THR L 499 50.54 0.49 -29.91
N ARG L 500 51.78 -0.02 -29.94
CA ARG L 500 52.01 -1.43 -29.67
C ARG L 500 51.59 -1.79 -28.26
N SER L 501 51.99 -0.98 -27.27
CA SER L 501 51.63 -1.25 -25.89
C SER L 501 50.13 -1.15 -25.67
N ALA L 502 49.50 -0.13 -26.25
CA ALA L 502 48.04 0.01 -26.10
C ALA L 502 47.32 -1.21 -26.67
N LEU L 503 47.71 -1.63 -27.87
CA LEU L 503 47.06 -2.78 -28.49
C LEU L 503 47.29 -4.05 -27.67
N GLN L 504 48.52 -4.26 -27.20
CA GLN L 504 48.82 -5.49 -26.47
C GLN L 504 48.07 -5.54 -25.14
N TYR L 505 48.06 -4.43 -24.40
CA TYR L 505 47.36 -4.42 -23.11
C TYR L 505 45.85 -4.55 -23.30
N ALA L 506 45.29 -3.88 -24.31
CA ALA L 506 43.87 -4.03 -24.59
C ALA L 506 43.53 -5.47 -24.94
N ALA L 507 44.34 -6.11 -25.77
CA ALA L 507 44.11 -7.51 -26.11
C ALA L 507 44.19 -8.40 -24.88
N SER L 508 45.18 -8.17 -24.02
CA SER L 508 45.33 -8.99 -22.82
C SER L 508 44.11 -8.87 -21.91
N VAL L 509 43.67 -7.64 -21.63
CA VAL L 509 42.53 -7.46 -20.74
C VAL L 509 41.26 -7.98 -21.37
N ALA L 510 41.10 -7.82 -22.68
CA ALA L 510 39.92 -8.33 -23.36
C ALA L 510 39.86 -9.84 -23.32
N GLY L 511 40.99 -10.51 -23.56
CA GLY L 511 41.01 -11.96 -23.43
C GLY L 511 40.73 -12.42 -22.02
N LEU L 512 41.30 -11.72 -21.03
CA LEU L 512 41.06 -12.07 -19.64
C LEU L 512 39.58 -11.96 -19.28
N MET L 513 38.90 -10.90 -19.75
CA MET L 513 37.48 -10.77 -19.44
C MET L 513 36.62 -11.71 -20.29
N ILE L 514 37.08 -12.07 -21.49
CA ILE L 514 36.32 -13.00 -22.31
C ILE L 514 36.36 -14.40 -21.71
N THR L 515 37.52 -14.82 -21.21
CA THR L 515 37.66 -16.12 -20.57
C THR L 515 37.30 -16.09 -19.09
N THR L 516 36.58 -15.07 -18.64
CA THR L 516 36.14 -14.96 -17.26
C THR L 516 34.78 -15.62 -17.11
N GLU L 517 34.62 -16.45 -16.08
CA GLU L 517 33.39 -17.20 -15.87
C GLU L 517 32.71 -16.92 -14.54
N CYS L 518 33.44 -16.53 -13.51
CA CYS L 518 32.86 -16.36 -12.17
C CYS L 518 33.40 -15.08 -11.53
N MET L 519 32.63 -14.56 -10.58
CA MET L 519 33.00 -13.36 -9.84
C MET L 519 32.67 -13.55 -8.36
N VAL L 520 33.42 -12.85 -7.51
CA VAL L 520 33.20 -12.82 -6.07
C VAL L 520 33.37 -11.39 -5.60
N THR L 521 32.27 -10.74 -5.21
CA THR L 521 32.32 -9.38 -4.72
C THR L 521 31.57 -9.27 -3.40
N ASP L 522 31.96 -8.27 -2.60
CA ASP L 522 31.25 -8.00 -1.36
C ASP L 522 29.84 -7.49 -1.64
N LEU L 523 28.90 -7.91 -0.80
CA LEU L 523 27.51 -7.53 -0.99
C LEU L 523 27.32 -6.04 -0.68
N PRO L 524 26.39 -5.37 -1.38
CA PRO L 524 26.10 -3.95 -1.14
C PRO L 524 25.61 -3.68 0.27
N ALA M 1 35.15 6.99 -4.93
CA ALA M 1 34.01 6.56 -4.12
C ALA M 1 32.95 5.88 -4.97
N ALA M 2 31.99 6.65 -5.47
CA ALA M 2 30.93 6.13 -6.31
C ALA M 2 30.40 7.27 -7.16
N LYS M 3 30.60 7.18 -8.47
CA LYS M 3 30.33 8.27 -9.40
C LYS M 3 29.08 8.00 -10.21
N ASP M 4 28.29 9.05 -10.42
CA ASP M 4 27.14 9.03 -11.32
C ASP M 4 27.55 9.71 -12.62
N VAL M 5 27.39 9.01 -13.73
CA VAL M 5 27.89 9.45 -15.02
C VAL M 5 26.72 9.67 -15.96
N LYS M 6 26.69 10.84 -16.62
CA LYS M 6 25.70 11.16 -17.63
C LYS M 6 26.38 11.38 -18.97
N PHE M 7 25.67 11.06 -20.05
CA PHE M 7 26.21 11.13 -21.39
C PHE M 7 25.28 11.92 -22.31
N GLY M 8 25.87 12.73 -23.17
CA GLY M 8 25.13 13.35 -24.26
C GLY M 8 24.03 14.27 -23.78
N ASN M 9 22.80 13.98 -24.22
CA ASN M 9 21.70 14.92 -24.07
C ASN M 9 21.34 15.13 -22.60
N ASP M 10 21.38 14.08 -21.79
CA ASP M 10 20.98 14.19 -20.39
C ASP M 10 21.89 15.17 -19.64
N ALA M 11 23.20 15.02 -19.83
CA ALA M 11 24.15 15.90 -19.15
C ALA M 11 23.94 17.35 -19.58
N ARG M 12 23.78 17.58 -20.89
CA ARG M 12 23.58 18.93 -21.39
C ARG M 12 22.28 19.54 -20.87
N VAL M 13 21.22 18.72 -20.76
CA VAL M 13 19.95 19.21 -20.23
C VAL M 13 20.11 19.61 -18.77
N LYS M 14 20.81 18.80 -17.98
CA LYS M 14 21.06 19.16 -16.58
C LYS M 14 21.89 20.44 -16.49
N MET M 15 22.91 20.56 -17.34
CA MET M 15 23.73 21.77 -17.38
C MET M 15 22.88 22.99 -17.70
N LEU M 16 22.00 22.87 -18.69
CA LEU M 16 21.13 23.98 -19.07
C LEU M 16 20.18 24.34 -17.95
N ARG M 17 19.63 23.34 -17.24
CA ARG M 17 18.73 23.63 -16.13
C ARG M 17 19.46 24.38 -15.02
N GLY M 18 20.67 23.94 -14.67
CA GLY M 18 21.42 24.63 -13.64
C GLY M 18 21.77 26.06 -14.03
N VAL M 19 22.22 26.25 -15.28
CA VAL M 19 22.57 27.59 -15.74
C VAL M 19 21.32 28.47 -15.82
N ASN M 20 20.18 27.89 -16.19
CA ASN M 20 18.93 28.64 -16.22
C ASN M 20 18.55 29.11 -14.82
N VAL M 21 18.69 28.23 -13.82
CA VAL M 21 18.39 28.62 -12.45
C VAL M 21 19.32 29.77 -12.01
N LEU M 22 20.62 29.62 -12.26
CA LEU M 22 21.58 30.64 -11.87
C LEU M 22 21.28 31.98 -12.55
N ALA M 23 21.04 31.94 -13.86
CA ALA M 23 20.85 33.18 -14.61
C ALA M 23 19.51 33.83 -14.29
N ASP M 24 18.48 33.04 -13.99
CA ASP M 24 17.22 33.63 -13.56
C ASP M 24 17.36 34.24 -12.17
N ALA M 25 18.20 33.65 -11.31
CA ALA M 25 18.45 34.25 -10.00
C ALA M 25 19.20 35.56 -10.11
N VAL M 26 20.21 35.63 -10.99
CA VAL M 26 21.05 36.81 -11.04
C VAL M 26 20.60 37.87 -12.04
N LYS M 27 19.70 37.53 -12.97
CA LYS M 27 19.37 38.44 -14.06
C LYS M 27 18.32 39.48 -13.69
N VAL M 28 17.55 39.24 -12.62
CA VAL M 28 16.52 40.19 -12.22
C VAL M 28 17.10 41.45 -11.59
N THR M 29 18.39 41.44 -11.26
CA THR M 29 19.07 42.60 -10.68
C THR M 29 19.93 43.33 -11.71
N LEU M 30 19.50 43.38 -12.96
CA LEU M 30 20.25 44.01 -14.04
C LEU M 30 19.54 45.28 -14.47
N GLY M 31 20.31 46.37 -14.57
CA GLY M 31 19.77 47.65 -14.98
C GLY M 31 19.37 48.52 -13.81
N PRO M 32 19.16 49.81 -14.08
CA PRO M 32 18.72 50.72 -13.00
C PRO M 32 17.40 50.32 -12.38
N LYS M 33 16.48 49.75 -13.16
CA LYS M 33 15.20 49.28 -12.64
C LYS M 33 15.23 47.80 -12.27
N GLY M 34 16.42 47.27 -11.97
CA GLY M 34 16.52 45.87 -11.60
C GLY M 34 15.85 45.58 -10.27
N ARG M 35 15.35 44.35 -10.15
CA ARG M 35 14.68 43.91 -8.94
C ARG M 35 15.73 43.59 -7.87
N ASN M 36 15.27 43.05 -6.74
CA ASN M 36 16.15 42.65 -5.65
C ASN M 36 15.85 41.21 -5.26
N VAL M 37 16.87 40.52 -4.76
CA VAL M 37 16.79 39.11 -4.40
C VAL M 37 16.98 38.99 -2.90
N VAL M 38 16.10 38.22 -2.26
CA VAL M 38 16.17 37.98 -0.81
C VAL M 38 17.04 36.75 -0.57
N LEU M 39 18.18 36.96 0.08
CA LEU M 39 19.10 35.88 0.41
C LEU M 39 18.95 35.51 1.88
N ASP M 40 18.72 34.23 2.15
CA ASP M 40 18.52 33.78 3.51
C ASP M 40 19.82 33.82 4.30
N LYS M 41 19.69 34.05 5.62
CA LYS M 41 20.82 34.00 6.52
C LYS M 41 20.42 33.19 7.75
N SER M 42 21.38 32.42 8.27
CA SER M 42 21.13 31.61 9.46
C SER M 42 20.86 32.45 10.69
N PHE M 43 21.33 33.70 10.71
CA PHE M 43 21.11 34.57 11.86
C PHE M 43 19.62 34.83 12.08
N GLY M 44 18.93 35.21 11.01
CA GLY M 44 17.50 35.49 11.10
C GLY M 44 17.07 36.71 10.33
N ALA M 45 18.02 37.45 9.77
CA ALA M 45 17.72 38.67 9.05
C ALA M 45 17.95 38.46 7.55
N PRO M 46 16.90 38.36 6.74
CA PRO M 46 17.10 38.22 5.29
C PRO M 46 17.77 39.46 4.71
N THR M 47 18.56 39.25 3.66
CA THR M 47 19.35 40.30 3.04
C THR M 47 18.75 40.69 1.70
N ILE M 48 18.50 41.99 1.52
CA ILE M 48 18.07 42.56 0.25
C ILE M 48 19.29 43.03 -0.51
N THR M 49 19.43 42.60 -1.76
CA THR M 49 20.54 43.00 -2.60
C THR M 49 20.10 43.13 -4.05
N LYS M 50 20.50 44.23 -4.68
CA LYS M 50 20.39 44.39 -6.11
C LYS M 50 21.70 44.11 -6.83
N ASP M 51 22.69 43.59 -6.09
CA ASP M 51 24.00 43.26 -6.64
C ASP M 51 24.01 41.79 -7.05
N GLY M 52 24.33 41.52 -8.32
CA GLY M 52 24.32 40.16 -8.82
C GLY M 52 25.43 39.28 -8.30
N VAL M 53 26.53 39.89 -7.84
CA VAL M 53 27.66 39.10 -7.36
C VAL M 53 27.29 38.31 -6.13
N SER M 54 26.59 38.94 -5.17
CA SER M 54 26.17 38.23 -3.97
C SER M 54 25.18 37.13 -4.29
N VAL M 55 24.23 37.41 -5.18
CA VAL M 55 23.24 36.39 -5.56
C VAL M 55 23.92 35.20 -6.20
N ALA M 56 24.88 35.45 -7.09
CA ALA M 56 25.63 34.36 -7.70
C ALA M 56 26.42 33.59 -6.64
N ARG M 57 27.03 34.30 -5.70
CA ARG M 57 27.79 33.64 -4.64
C ARG M 57 26.90 32.75 -3.77
N GLU M 58 25.62 33.11 -3.65
CA GLU M 58 24.71 32.37 -2.77
C GLU M 58 23.94 31.26 -3.47
N ILE M 59 24.23 30.98 -4.74
CA ILE M 59 23.52 29.94 -5.49
C ILE M 59 24.29 28.62 -5.39
N GLU M 60 23.59 27.56 -5.00
CA GLU M 60 24.13 26.22 -5.02
C GLU M 60 22.96 25.25 -5.01
N LEU M 61 22.90 24.37 -6.00
CA LEU M 61 21.74 23.54 -6.22
C LEU M 61 21.93 22.15 -5.62
N GLU M 62 20.79 21.50 -5.34
CA GLU M 62 20.82 20.16 -4.76
C GLU M 62 21.18 19.10 -5.79
N ASP M 63 20.70 19.25 -7.02
CA ASP M 63 21.05 18.31 -8.07
C ASP M 63 22.52 18.49 -8.44
N LYS M 64 23.26 17.38 -8.46
CA LYS M 64 24.71 17.45 -8.64
C LYS M 64 25.07 18.04 -9.99
N PHE M 65 24.39 17.62 -11.06
CA PHE M 65 24.77 18.05 -12.40
C PHE M 65 24.42 19.52 -12.63
N GLU M 66 23.21 19.92 -12.22
CA GLU M 66 22.83 21.32 -12.30
C GLU M 66 23.74 22.18 -11.44
N ASN M 67 24.14 21.67 -10.27
CA ASN M 67 25.10 22.38 -9.44
C ASN M 67 26.44 22.52 -10.15
N MET M 68 26.88 21.49 -10.86
CA MET M 68 28.12 21.58 -11.62
C MET M 68 28.04 22.67 -12.68
N GLY M 69 26.92 22.71 -13.42
CA GLY M 69 26.76 23.75 -14.42
C GLY M 69 26.74 25.15 -13.82
N ALA M 70 25.96 25.32 -12.74
CA ALA M 70 25.89 26.62 -12.09
C ALA M 70 27.24 27.03 -11.53
N GLN M 71 28.01 26.09 -10.98
CA GLN M 71 29.32 26.40 -10.44
C GLN M 71 30.30 26.79 -11.54
N MET M 72 30.25 26.11 -12.70
CA MET M 72 31.12 26.52 -13.80
C MET M 72 30.79 27.95 -14.26
N VAL M 73 29.51 28.25 -14.43
CA VAL M 73 29.14 29.59 -14.87
C VAL M 73 29.51 30.62 -13.79
N LYS M 74 29.33 30.26 -12.52
CA LYS M 74 29.69 31.16 -11.43
C LYS M 74 31.19 31.44 -11.41
N GLU M 75 32.01 30.40 -11.62
CA GLU M 75 33.45 30.57 -11.64
C GLU M 75 33.87 31.47 -12.80
N VAL M 76 33.26 31.27 -13.97
CA VAL M 76 33.62 32.10 -15.12
C VAL M 76 33.20 33.55 -14.89
N ALA M 77 32.01 33.76 -14.33
CA ALA M 77 31.56 35.12 -14.03
C ALA M 77 32.48 35.78 -12.99
N SER M 78 32.91 35.01 -11.98
CA SER M 78 33.82 35.54 -10.98
C SER M 78 35.17 35.90 -11.59
N LYS M 79 35.66 35.09 -12.53
CA LYS M 79 36.89 35.42 -13.24
C LYS M 79 36.73 36.71 -14.02
N ALA M 80 35.59 36.87 -14.70
CA ALA M 80 35.33 38.11 -15.43
C ALA M 80 35.30 39.31 -14.48
N ASN M 81 34.65 39.14 -13.32
CA ASN M 81 34.61 40.22 -12.33
C ASN M 81 35.99 40.57 -11.83
N ASP M 82 36.82 39.56 -11.55
CA ASP M 82 38.17 39.82 -11.09
C ASP M 82 39.00 40.54 -12.15
N ALA M 83 38.84 40.14 -13.42
CA ALA M 83 39.59 40.77 -14.49
C ALA M 83 39.14 42.21 -14.72
N ALA M 84 37.85 42.49 -14.61
CA ALA M 84 37.31 43.78 -15.01
C ALA M 84 36.77 44.63 -13.87
N GLY M 85 36.40 44.04 -12.74
CA GLY M 85 35.81 44.77 -11.65
C GLY M 85 34.30 44.91 -11.69
N ASP M 86 33.66 44.45 -12.77
CA ASP M 86 32.21 44.53 -12.90
C ASP M 86 31.79 43.58 -14.02
N GLY M 87 30.49 43.55 -14.30
CA GLY M 87 29.97 42.77 -15.40
C GLY M 87 29.65 41.33 -15.08
N THR M 88 29.49 40.97 -13.80
CA THR M 88 29.15 39.60 -13.44
C THR M 88 27.78 39.22 -14.00
N THR M 89 26.78 40.08 -13.79
CA THR M 89 25.44 39.79 -14.28
C THR M 89 25.40 39.76 -15.81
N THR M 90 26.08 40.71 -16.45
CA THR M 90 26.12 40.73 -17.91
C THR M 90 26.80 39.47 -18.46
N ALA M 91 27.92 39.07 -17.86
CA ALA M 91 28.59 37.85 -18.29
C ALA M 91 27.70 36.64 -18.10
N THR M 92 26.99 36.57 -16.96
CA THR M 92 26.14 35.41 -16.70
C THR M 92 24.98 35.34 -17.68
N VAL M 93 24.33 36.47 -17.98
CA VAL M 93 23.19 36.44 -18.89
C VAL M 93 23.66 36.16 -20.32
N LEU M 94 24.82 36.71 -20.71
CA LEU M 94 25.37 36.38 -22.02
C LEU M 94 25.66 34.89 -22.12
N ALA M 95 26.28 34.32 -21.08
CA ALA M 95 26.56 32.89 -21.08
C ALA M 95 25.28 32.08 -21.16
N GLN M 96 24.23 32.49 -20.43
CA GLN M 96 22.97 31.76 -20.48
C GLN M 96 22.38 31.79 -21.88
N ALA M 97 22.41 32.95 -22.54
CA ALA M 97 21.85 33.04 -23.88
C ALA M 97 22.63 32.15 -24.86
N ILE M 98 23.96 32.23 -24.83
CA ILE M 98 24.76 31.41 -25.73
C ILE M 98 24.53 29.94 -25.45
N ILE M 99 24.50 29.55 -24.17
CA ILE M 99 24.34 28.15 -23.81
C ILE M 99 23.00 27.62 -24.27
N THR M 100 21.93 28.38 -24.02
CA THR M 100 20.60 27.93 -24.41
C THR M 100 20.51 27.75 -25.92
N GLU M 101 20.92 28.76 -26.68
CA GLU M 101 20.78 28.67 -28.13
C GLU M 101 21.70 27.59 -28.70
N GLY M 102 22.93 27.47 -28.19
CA GLY M 102 23.84 26.46 -28.68
C GLY M 102 23.38 25.04 -28.37
N LEU M 103 22.82 24.83 -27.17
CA LEU M 103 22.29 23.51 -26.84
C LEU M 103 21.06 23.19 -27.67
N LYS M 104 20.24 24.19 -27.98
CA LYS M 104 19.12 23.97 -28.90
C LYS M 104 19.63 23.55 -30.27
N ALA M 105 20.67 24.23 -30.77
CA ALA M 105 21.23 23.87 -32.07
C ALA M 105 21.85 22.48 -32.04
N VAL M 106 22.51 22.12 -30.94
CA VAL M 106 23.09 20.78 -30.80
C VAL M 106 22.00 19.72 -30.81
N ALA M 107 20.91 19.97 -30.09
CA ALA M 107 19.76 19.06 -30.13
C ALA M 107 19.17 19.00 -31.54
N ALA M 108 19.31 20.07 -32.33
CA ALA M 108 18.91 20.03 -33.72
C ALA M 108 19.84 19.21 -34.59
N GLY M 109 20.96 18.75 -34.06
CA GLY M 109 21.92 17.97 -34.81
C GLY M 109 23.12 18.73 -35.33
N MET M 110 23.30 19.98 -34.93
CA MET M 110 24.45 20.76 -35.38
C MET M 110 25.74 20.21 -34.77
N ASN M 111 26.84 20.43 -35.46
CA ASN M 111 28.14 19.97 -34.99
C ASN M 111 28.62 20.87 -33.85
N PRO M 112 28.85 20.34 -32.64
CA PRO M 112 29.28 21.21 -31.53
C PRO M 112 30.58 21.95 -31.79
N MET M 113 31.56 21.30 -32.43
CA MET M 113 32.84 21.94 -32.66
C MET M 113 32.71 23.11 -33.62
N ASP M 114 31.96 22.94 -34.71
CA ASP M 114 31.72 24.04 -35.63
C ASP M 114 30.88 25.14 -34.99
N LEU M 115 29.96 24.75 -34.10
CA LEU M 115 29.20 25.76 -33.35
C LEU M 115 30.12 26.60 -32.49
N LYS M 116 31.07 25.96 -31.79
CA LYS M 116 32.03 26.70 -30.97
C LYS M 116 32.92 27.58 -31.84
N ARG M 117 33.32 27.09 -33.01
CA ARG M 117 34.11 27.89 -33.92
C ARG M 117 33.35 29.14 -34.37
N GLY M 118 32.07 28.98 -34.72
CA GLY M 118 31.27 30.14 -35.03
C GLY M 118 31.16 31.11 -33.87
N ILE M 119 30.95 30.58 -32.66
CA ILE M 119 30.79 31.43 -31.48
C ILE M 119 32.05 32.26 -31.25
N ASP M 120 33.22 31.61 -31.22
CA ASP M 120 34.42 32.36 -30.87
C ASP M 120 34.90 33.23 -32.02
N LYS M 121 34.63 32.86 -33.28
CA LYS M 121 34.90 33.77 -34.38
C LYS M 121 34.06 35.04 -34.28
N ALA M 122 32.76 34.87 -34.00
CA ALA M 122 31.89 36.03 -33.84
C ALA M 122 32.33 36.89 -32.65
N VAL M 123 32.75 36.24 -31.57
CA VAL M 123 33.17 36.97 -30.38
C VAL M 123 34.47 37.73 -30.63
N THR M 124 35.40 37.13 -31.39
CA THR M 124 36.62 37.84 -31.75
C THR M 124 36.31 39.06 -32.61
N ALA M 125 35.42 38.90 -33.59
CA ALA M 125 34.99 40.05 -34.39
C ALA M 125 34.32 41.10 -33.51
N ALA M 126 33.54 40.66 -32.53
CA ALA M 126 32.90 41.59 -31.60
C ALA M 126 33.93 42.36 -30.78
N VAL M 127 34.98 41.68 -30.32
CA VAL M 127 36.02 42.35 -29.56
C VAL M 127 36.73 43.38 -30.44
N GLU M 128 37.02 43.02 -31.69
CA GLU M 128 37.65 43.97 -32.60
C GLU M 128 36.75 45.20 -32.82
N GLU M 129 35.46 44.98 -33.04
CA GLU M 129 34.56 46.10 -33.25
C GLU M 129 34.43 46.96 -31.99
N LEU M 130 34.40 46.32 -30.82
CA LEU M 130 34.33 47.07 -29.57
C LEU M 130 35.56 47.94 -29.39
N LYS M 131 36.74 47.41 -29.73
CA LYS M 131 37.94 48.24 -29.73
C LYS M 131 37.82 49.39 -30.72
N ALA M 132 37.22 49.12 -31.89
CA ALA M 132 37.03 50.19 -32.88
C ALA M 132 35.96 51.19 -32.46
N LEU M 133 35.15 50.87 -31.46
CA LEU M 133 34.04 51.71 -31.05
C LEU M 133 34.33 52.51 -29.78
N SER M 134 35.30 52.06 -28.97
CA SER M 134 35.58 52.72 -27.71
C SER M 134 36.14 54.11 -27.92
N VAL M 135 35.80 55.01 -26.99
CA VAL M 135 36.32 56.37 -27.00
C VAL M 135 37.41 56.48 -25.94
N PRO M 136 38.51 57.20 -26.22
CA PRO M 136 39.59 57.29 -25.23
C PRO M 136 39.15 58.00 -23.96
N CYS M 137 39.77 57.61 -22.85
CA CYS M 137 39.51 58.20 -21.54
C CYS M 137 40.82 58.57 -20.87
N SER M 138 41.70 59.23 -21.63
CA SER M 138 43.02 59.60 -21.13
C SER M 138 43.06 61.01 -20.55
N ASP M 139 42.27 61.93 -21.10
CA ASP M 139 42.26 63.30 -20.60
C ASP M 139 41.68 63.36 -19.20
N SER M 140 42.12 64.36 -18.43
CA SER M 140 41.70 64.47 -17.03
C SER M 140 40.20 64.70 -16.91
N LYS M 141 39.61 65.47 -17.83
CA LYS M 141 38.19 65.73 -17.77
C LYS M 141 37.39 64.45 -17.96
N ALA M 142 37.79 63.60 -18.91
CA ALA M 142 37.10 62.33 -19.10
C ALA M 142 37.26 61.42 -17.90
N ILE M 143 38.45 61.41 -17.29
CA ILE M 143 38.68 60.61 -16.09
C ILE M 143 37.75 61.06 -14.97
N ALA M 144 37.66 62.38 -14.75
CA ALA M 144 36.78 62.89 -13.72
C ALA M 144 35.32 62.55 -14.02
N GLN M 145 34.92 62.65 -15.29
CA GLN M 145 33.53 62.40 -15.65
C GLN M 145 33.16 60.93 -15.42
N VAL M 146 34.04 60.01 -15.84
CA VAL M 146 33.76 58.60 -15.65
C VAL M 146 33.81 58.22 -14.17
N GLY M 147 34.71 58.84 -13.41
CA GLY M 147 34.75 58.60 -11.98
C GLY M 147 33.49 59.07 -11.28
N THR M 148 32.98 60.25 -11.68
CA THR M 148 31.72 60.72 -11.14
C THR M 148 30.57 59.78 -11.49
N ILE M 149 30.53 59.32 -12.74
CA ILE M 149 29.48 58.39 -13.16
C ILE M 149 29.53 57.10 -12.35
N SER M 150 30.73 56.57 -12.14
CA SER M 150 30.87 55.29 -11.46
C SER M 150 30.36 55.36 -10.02
N ALA M 151 30.64 56.46 -9.32
CA ALA M 151 30.26 56.59 -7.92
C ALA M 151 28.88 57.22 -7.76
N ASN M 152 27.89 56.67 -8.47
CA ASN M 152 26.49 57.08 -8.33
C ASN M 152 26.31 58.58 -8.49
N SER M 153 26.96 59.14 -9.51
CA SER M 153 26.86 60.56 -9.84
C SER M 153 27.28 61.44 -8.66
N ASP M 154 28.56 61.30 -8.28
CA ASP M 154 29.16 62.10 -7.21
C ASP M 154 30.39 62.78 -7.78
N GLU M 155 30.35 64.11 -7.87
CA GLU M 155 31.44 64.86 -8.49
C GLU M 155 32.69 64.86 -7.62
N THR M 156 32.54 64.78 -6.30
CA THR M 156 33.70 64.78 -5.42
C THR M 156 34.58 63.55 -5.67
N VAL M 157 33.96 62.38 -5.77
CA VAL M 157 34.73 61.17 -6.05
C VAL M 157 35.41 61.27 -7.40
N GLY M 158 34.71 61.80 -8.40
CA GLY M 158 35.30 61.94 -9.72
C GLY M 158 36.51 62.86 -9.72
N LYS M 159 36.40 64.01 -9.06
CA LYS M 159 37.53 64.94 -9.04
C LYS M 159 38.70 64.39 -8.22
N LEU M 160 38.41 63.70 -7.11
CA LEU M 160 39.48 63.07 -6.36
C LEU M 160 40.20 62.02 -7.20
N ILE M 161 39.44 61.18 -7.91
CA ILE M 161 40.05 60.14 -8.73
C ILE M 161 40.88 60.77 -9.85
N ALA M 162 40.36 61.79 -10.50
CA ALA M 162 41.10 62.44 -11.58
C ALA M 162 42.39 63.08 -11.07
N GLU M 163 42.31 63.76 -9.91
CA GLU M 163 43.51 64.41 -9.37
C GLU M 163 44.55 63.36 -8.96
N ALA M 164 44.10 62.25 -8.37
CA ALA M 164 45.03 61.18 -8.02
C ALA M 164 45.67 60.57 -9.26
N MET M 165 44.89 60.36 -10.31
CA MET M 165 45.43 59.81 -11.55
C MET M 165 46.47 60.76 -12.16
N ASP M 166 46.19 62.07 -12.12
CA ASP M 166 47.15 63.04 -12.62
C ASP M 166 48.41 63.06 -11.78
N LYS M 167 48.28 62.95 -10.46
CA LYS M 167 49.43 63.03 -9.58
C LYS M 167 50.34 61.81 -9.72
N VAL M 168 49.76 60.61 -9.70
CA VAL M 168 50.57 59.40 -9.70
C VAL M 168 50.77 58.81 -11.08
N GLY M 169 49.96 59.20 -12.06
CA GLY M 169 50.04 58.63 -13.39
C GLY M 169 49.00 57.55 -13.61
N LYS M 170 48.69 57.30 -14.89
CA LYS M 170 47.69 56.31 -15.23
C LYS M 170 48.13 54.90 -14.85
N GLU M 171 49.44 54.66 -14.79
CA GLU M 171 49.97 53.36 -14.40
C GLU M 171 50.35 53.29 -12.93
N GLY M 172 50.07 54.33 -12.16
CA GLY M 172 50.43 54.36 -10.76
C GLY M 172 49.51 53.53 -9.89
N VAL M 173 49.84 53.50 -8.60
CA VAL M 173 49.10 52.73 -7.60
C VAL M 173 48.37 53.71 -6.69
N ILE M 174 47.06 53.51 -6.55
CA ILE M 174 46.21 54.35 -5.71
C ILE M 174 45.46 53.46 -4.73
N THR M 175 45.47 53.83 -3.45
CA THR M 175 44.77 53.11 -2.41
C THR M 175 43.94 54.08 -1.59
N VAL M 176 42.81 53.60 -1.08
CA VAL M 176 41.87 54.42 -0.34
C VAL M 176 41.97 54.06 1.14
N GLU M 177 42.04 55.10 1.99
CA GLU M 177 42.13 54.92 3.43
C GLU M 177 41.14 55.85 4.12
N ASP M 178 40.79 55.49 5.35
CA ASP M 178 39.88 56.32 6.13
C ASP M 178 40.53 57.64 6.50
N GLY M 179 39.76 58.72 6.40
CA GLY M 179 40.25 60.06 6.72
C GLY M 179 39.79 60.50 8.09
N THR M 180 40.72 61.11 8.83
CA THR M 180 40.41 61.58 10.18
C THR M 180 39.43 62.74 10.15
N GLY M 181 39.71 63.75 9.31
CA GLY M 181 38.89 64.93 9.23
C GLY M 181 37.80 64.82 8.18
N LEU M 182 37.06 65.93 8.02
CA LEU M 182 35.99 65.97 7.02
C LEU M 182 36.56 66.10 5.61
N GLN M 183 37.59 66.91 5.45
CA GLN M 183 38.16 67.14 4.13
C GLN M 183 38.91 65.90 3.64
N ASP M 184 38.89 65.70 2.32
CA ASP M 184 39.58 64.59 1.69
C ASP M 184 41.01 65.00 1.38
N GLU M 185 41.97 64.17 1.79
CA GLU M 185 43.39 64.46 1.62
C GLU M 185 44.05 63.32 0.86
N LEU M 186 44.92 63.67 -0.09
CA LEU M 186 45.69 62.72 -0.87
C LEU M 186 47.17 63.09 -0.78
N ASP M 187 48.02 62.08 -0.59
CA ASP M 187 49.46 62.30 -0.49
C ASP M 187 50.19 61.23 -1.28
N VAL M 188 51.39 61.58 -1.74
CA VAL M 188 52.27 60.66 -2.44
C VAL M 188 53.28 60.12 -1.44
N VAL M 189 53.37 58.80 -1.34
CA VAL M 189 54.20 58.18 -0.31
C VAL M 189 55.14 57.16 -0.96
N GLU M 190 55.89 56.44 -0.13
CA GLU M 190 56.84 55.44 -0.59
C GLU M 190 56.23 54.06 -0.45
N GLY M 191 56.16 53.33 -1.57
CA GLY M 191 55.61 51.98 -1.55
C GLY M 191 55.54 51.43 -2.95
N MET M 192 55.10 50.18 -3.04
CA MET M 192 54.94 49.52 -4.33
C MET M 192 53.94 48.38 -4.17
N GLN M 193 53.46 47.89 -5.31
CA GLN M 193 52.46 46.84 -5.35
C GLN M 193 52.84 45.81 -6.42
N PHE M 194 52.78 44.53 -6.06
CA PHE M 194 53.06 43.44 -6.99
C PHE M 194 51.82 42.58 -7.18
N ASP M 195 51.97 41.51 -7.95
CA ASP M 195 50.84 40.70 -8.40
C ASP M 195 50.54 39.50 -7.51
N ARG M 196 51.26 39.31 -6.41
CA ARG M 196 51.03 38.15 -5.57
C ARG M 196 49.87 38.37 -4.60
N GLY M 197 49.29 37.27 -4.14
CA GLY M 197 48.13 37.32 -3.27
C GLY M 197 48.28 36.36 -2.10
N TYR M 198 47.24 36.33 -1.25
CA TYR M 198 47.26 35.45 -0.10
C TYR M 198 47.12 34.00 -0.55
N LEU M 199 47.73 33.10 0.22
CA LEU M 199 47.74 31.69 -0.15
C LEU M 199 46.38 31.04 0.07
N SER M 200 45.72 31.35 1.19
CA SER M 200 44.45 30.71 1.51
C SER M 200 43.42 31.76 1.91
N PRO M 201 42.13 31.45 1.72
CA PRO M 201 41.08 32.41 2.12
C PRO M 201 41.03 32.66 3.62
N TYR M 202 41.62 31.79 4.45
CA TYR M 202 41.58 31.97 5.90
C TYR M 202 42.35 33.20 6.36
N PHE M 203 43.19 33.80 5.51
CA PHE M 203 43.94 34.98 5.90
C PHE M 203 43.12 36.25 5.80
N ILE M 204 41.93 36.19 5.21
CA ILE M 204 41.12 37.38 4.94
C ILE M 204 40.67 38.03 6.24
N ASN M 205 41.15 39.25 6.50
CA ASN M 205 40.72 39.97 7.70
C ASN M 205 39.30 40.49 7.55
N LYS M 206 38.96 41.06 6.41
CA LYS M 206 37.63 41.62 6.17
C LYS M 206 36.96 40.88 5.01
N PRO M 207 36.06 39.94 5.29
CA PRO M 207 35.38 39.23 4.19
C PRO M 207 34.60 40.13 3.26
N GLU M 208 34.02 41.22 3.78
CA GLU M 208 33.26 42.13 2.92
C GLU M 208 34.17 42.78 1.87
N THR M 209 35.36 43.20 2.27
CA THR M 209 36.31 43.76 1.31
C THR M 209 37.00 42.67 0.49
N GLY M 210 37.02 41.43 1.00
CA GLY M 210 37.69 40.35 0.30
C GLY M 210 39.19 40.50 0.20
N ALA M 211 39.82 41.19 1.15
CA ALA M 211 41.24 41.45 1.10
C ALA M 211 41.83 41.35 2.50
N VAL M 212 43.14 41.10 2.56
CA VAL M 212 43.86 41.03 3.82
C VAL M 212 44.54 42.38 4.06
N GLU M 213 44.16 43.05 5.15
CA GLU M 213 44.71 44.34 5.49
C GLU M 213 45.25 44.30 6.92
N LEU M 214 46.41 44.91 7.13
CA LEU M 214 47.05 44.96 8.43
C LEU M 214 47.46 46.39 8.74
N GLU M 215 47.46 46.72 10.03
CA GLU M 215 47.87 48.03 10.52
C GLU M 215 49.23 47.90 11.19
N SER M 216 50.22 48.60 10.65
CA SER M 216 51.60 48.54 11.13
C SER M 216 52.12 47.10 11.27
N PRO M 217 52.20 46.35 10.18
CA PRO M 217 52.67 44.97 10.26
C PRO M 217 54.17 44.85 10.04
N PHE M 218 54.68 43.64 10.30
CA PHE M 218 56.08 43.31 10.12
C PHE M 218 56.25 42.41 8.89
N ILE M 219 57.25 42.72 8.06
CA ILE M 219 57.49 42.02 6.82
C ILE M 219 58.60 41.00 7.03
N LEU M 220 58.41 39.78 6.56
CA LEU M 220 59.43 38.74 6.59
C LEU M 220 60.00 38.55 5.19
N LEU M 221 61.33 38.53 5.11
CA LEU M 221 62.05 38.45 3.84
C LEU M 221 62.88 37.18 3.85
N ALA M 222 62.49 36.20 3.04
CA ALA M 222 63.19 34.92 2.97
C ALA M 222 63.44 34.54 1.52
N ASP M 223 64.66 34.11 1.23
CA ASP M 223 65.03 33.61 -0.08
C ASP M 223 64.85 32.10 -0.22
N LYS M 224 64.24 31.46 0.76
CA LYS M 224 64.01 30.02 0.75
C LYS M 224 62.54 29.72 0.95
N LYS M 225 62.12 28.57 0.45
CA LYS M 225 60.74 28.13 0.63
C LYS M 225 60.46 27.82 2.09
N ILE M 226 59.26 28.17 2.54
CA ILE M 226 58.84 27.97 3.92
C ILE M 226 58.06 26.67 3.98
N SER M 227 58.59 25.68 4.70
CA SER M 227 57.93 24.39 4.85
C SER M 227 57.84 23.99 6.31
N ASN M 228 58.80 24.42 7.11
CA ASN M 228 58.88 24.07 8.52
C ASN M 228 58.61 25.29 9.38
N ILE M 229 57.61 25.20 10.25
CA ILE M 229 57.33 26.28 11.19
C ILE M 229 58.46 26.42 12.21
N ARG M 230 59.13 25.32 12.54
CA ARG M 230 60.19 25.33 13.55
C ARG M 230 61.33 26.27 13.16
N GLU M 231 61.47 26.59 11.88
CA GLU M 231 62.43 27.59 11.47
C GLU M 231 62.05 28.99 11.96
N MET M 232 60.74 29.28 12.06
CA MET M 232 60.30 30.64 12.34
C MET M 232 59.38 30.72 13.56
N LEU M 233 59.46 29.75 14.46
CA LEU M 233 58.91 29.96 15.81
C LEU M 233 59.44 31.22 16.51
N PRO M 234 60.74 31.52 16.51
CA PRO M 234 61.19 32.69 17.30
C PRO M 234 60.60 34.01 16.83
N VAL M 235 60.58 34.26 15.51
CA VAL M 235 60.06 35.54 15.02
C VAL M 235 58.55 35.61 15.26
N LEU M 236 57.85 34.50 15.08
CA LEU M 236 56.41 34.48 15.33
C LEU M 236 56.10 34.77 16.79
N GLU M 237 56.85 34.16 17.71
CA GLU M 237 56.64 34.42 19.14
C GLU M 237 56.98 35.87 19.48
N ALA M 238 58.05 36.40 18.90
CA ALA M 238 58.43 37.78 19.17
C ALA M 238 57.36 38.75 18.69
N VAL M 239 56.81 38.53 17.49
CA VAL M 239 55.79 39.43 16.98
C VAL M 239 54.49 39.26 17.75
N ALA M 240 54.22 38.04 18.25
CA ALA M 240 53.05 37.84 19.10
C ALA M 240 53.18 38.62 20.41
N LYS M 241 54.39 38.61 21.00
CA LYS M 241 54.63 39.40 22.20
C LYS M 241 54.52 40.89 21.90
N ALA M 242 55.00 41.32 20.73
CA ALA M 242 54.88 42.73 20.36
C ALA M 242 53.43 43.12 20.10
N GLY M 243 52.61 42.18 19.65
CA GLY M 243 51.21 42.43 19.39
C GLY M 243 50.89 42.93 18.00
N LYS M 244 51.89 43.39 17.25
CA LYS M 244 51.66 43.87 15.89
C LYS M 244 51.49 42.68 14.93
N PRO M 245 50.78 42.89 13.82
CA PRO M 245 50.71 41.84 12.80
C PRO M 245 52.05 41.64 12.11
N LEU M 246 52.22 40.46 11.52
CA LEU M 246 53.42 40.14 10.76
C LEU M 246 53.02 39.58 9.41
N LEU M 247 53.79 39.96 8.38
CA LEU M 247 53.57 39.52 7.01
C LEU M 247 54.80 38.79 6.52
N ILE M 248 54.60 37.73 5.72
CA ILE M 248 55.69 36.92 5.19
C ILE M 248 55.61 36.94 3.67
N ILE M 249 56.75 37.17 3.03
CA ILE M 249 56.90 36.98 1.59
C ILE M 249 58.18 36.17 1.34
N ALA M 250 58.02 35.07 0.62
CA ALA M 250 59.13 34.18 0.29
C ALA M 250 58.80 33.47 -1.01
N GLU M 251 59.56 32.42 -1.32
CA GLU M 251 59.32 31.65 -2.54
C GLU M 251 57.97 30.94 -2.48
N ASP M 252 57.69 30.26 -1.38
CA ASP M 252 56.44 29.55 -1.20
C ASP M 252 56.31 29.10 0.25
N VAL M 253 55.07 29.08 0.74
CA VAL M 253 54.76 28.59 2.08
C VAL M 253 53.77 27.45 1.94
N GLU M 254 54.09 26.30 2.53
CA GLU M 254 53.23 25.13 2.41
C GLU M 254 53.50 24.18 3.55
N GLY M 255 52.59 23.23 3.74
CA GLY M 255 52.75 22.18 4.73
C GLY M 255 52.34 22.56 6.13
N GLU M 256 53.09 22.08 7.12
CA GLU M 256 52.75 22.33 8.51
C GLU M 256 52.84 23.81 8.86
N ALA M 257 53.74 24.56 8.22
CA ALA M 257 53.82 26.00 8.46
C ALA M 257 52.53 26.68 8.04
N LEU M 258 52.04 26.36 6.83
CA LEU M 258 50.77 26.93 6.38
C LEU M 258 49.63 26.49 7.28
N ALA M 259 49.63 25.21 7.70
CA ALA M 259 48.56 24.71 8.56
C ALA M 259 48.52 25.46 9.88
N THR M 260 49.69 25.65 10.52
CA THR M 260 49.70 26.32 11.81
C THR M 260 49.42 27.81 11.68
N LEU M 261 49.84 28.44 10.57
CA LEU M 261 49.46 29.83 10.35
C LEU M 261 47.95 29.96 10.18
N VAL M 262 47.33 29.03 9.45
CA VAL M 262 45.88 29.05 9.29
C VAL M 262 45.19 28.87 10.64
N VAL M 263 45.70 27.93 11.45
CA VAL M 263 45.10 27.70 12.77
C VAL M 263 45.23 28.95 13.64
N ASN M 264 46.41 29.58 13.63
CA ASN M 264 46.60 30.78 14.44
C ASN M 264 45.69 31.91 14.00
N THR M 265 45.54 32.10 12.68
CA THR M 265 44.66 33.14 12.18
C THR M 265 43.21 32.86 12.54
N MET M 266 42.78 31.59 12.41
CA MET M 266 41.40 31.25 12.75
C MET M 266 41.12 31.45 14.24
N ARG M 267 42.06 31.04 15.09
CA ARG M 267 41.91 31.30 16.52
C ARG M 267 42.00 32.79 16.83
N GLY M 268 42.69 33.55 15.99
CA GLY M 268 42.84 34.97 16.17
C GLY M 268 43.94 35.40 17.12
N ILE M 269 44.72 34.44 17.64
CA ILE M 269 45.78 34.79 18.59
C ILE M 269 46.84 35.67 17.91
N VAL M 270 47.26 35.30 16.70
CA VAL M 270 48.25 36.04 15.95
C VAL M 270 47.73 36.25 14.54
N LYS M 271 47.86 37.47 14.03
CA LYS M 271 47.43 37.81 12.67
C LYS M 271 48.66 37.81 11.76
N VAL M 272 48.77 36.78 10.93
CA VAL M 272 49.87 36.62 9.99
C VAL M 272 49.28 36.36 8.61
N ALA M 273 49.86 36.97 7.58
CA ALA M 273 49.44 36.81 6.20
C ALA M 273 50.57 36.20 5.37
N ALA M 274 50.21 35.27 4.48
CA ALA M 274 51.17 34.54 3.68
C ALA M 274 51.06 34.99 2.23
N VAL M 275 52.17 35.46 1.66
CA VAL M 275 52.24 35.94 0.29
C VAL M 275 53.53 35.45 -0.34
N LYS M 276 53.47 35.01 -1.59
CA LYS M 276 54.66 34.57 -2.29
C LYS M 276 55.45 35.76 -2.82
N ALA M 277 56.70 35.49 -3.22
CA ALA M 277 57.53 36.54 -3.80
C ALA M 277 57.23 36.70 -5.28
N PRO M 278 57.20 37.93 -5.79
CA PRO M 278 56.97 38.13 -7.22
C PRO M 278 58.17 37.70 -8.05
N GLY M 279 57.89 37.33 -9.30
CA GLY M 279 58.94 36.89 -10.20
C GLY M 279 59.47 35.51 -9.85
N PHE M 280 60.63 35.20 -10.44
CA PHE M 280 61.27 33.91 -10.19
C PHE M 280 62.77 34.05 -10.42
N GLY M 281 63.54 33.27 -9.64
CA GLY M 281 64.99 33.24 -9.77
C GLY M 281 65.68 34.54 -9.40
N ASP M 282 66.60 34.98 -10.25
CA ASP M 282 67.25 36.27 -10.02
C ASP M 282 66.23 37.39 -9.95
N ARG M 283 65.12 37.26 -10.68
CA ARG M 283 64.09 38.30 -10.64
C ARG M 283 63.41 38.35 -9.28
N ARG M 284 63.06 37.19 -8.70
CA ARG M 284 62.46 37.21 -7.38
C ARG M 284 63.47 37.69 -6.33
N LYS M 285 64.74 37.34 -6.51
CA LYS M 285 65.76 37.84 -5.58
C LYS M 285 65.86 39.36 -5.65
N ALA M 286 65.85 39.92 -6.87
CA ALA M 286 65.90 41.37 -7.03
C ALA M 286 64.67 42.04 -6.44
N MET M 287 63.49 41.45 -6.65
CA MET M 287 62.27 42.03 -6.07
C MET M 287 62.29 41.97 -4.55
N LEU M 288 62.79 40.88 -3.97
CA LEU M 288 62.90 40.79 -2.52
C LEU M 288 63.89 41.81 -1.99
N GLN M 289 65.00 42.02 -2.68
CA GLN M 289 65.94 43.06 -2.28
C GLN M 289 65.31 44.43 -2.38
N ASP M 290 64.48 44.67 -3.39
CA ASP M 290 63.76 45.93 -3.51
C ASP M 290 62.81 46.12 -2.33
N ILE M 291 62.12 45.05 -1.94
CA ILE M 291 61.23 45.10 -0.78
C ILE M 291 62.02 45.43 0.47
N ALA M 292 63.20 44.82 0.63
CA ALA M 292 64.06 45.11 1.76
C ALA M 292 64.48 46.57 1.79
N THR M 293 64.86 47.11 0.62
CA THR M 293 65.25 48.52 0.54
C THR M 293 64.07 49.43 0.90
N LEU M 294 62.87 49.11 0.40
CA LEU M 294 61.72 49.95 0.66
C LEU M 294 61.31 49.92 2.13
N THR M 295 61.19 48.73 2.71
CA THR M 295 60.72 48.59 4.08
C THR M 295 61.83 48.68 5.11
N GLY M 296 63.09 48.77 4.68
CA GLY M 296 64.21 48.88 5.59
C GLY M 296 64.68 47.57 6.20
N GLY M 297 64.04 46.46 5.88
CA GLY M 297 64.43 45.17 6.42
C GLY M 297 65.63 44.57 5.70
N THR M 298 66.01 43.39 6.17
CA THR M 298 67.13 42.64 5.59
C THR M 298 66.61 41.30 5.12
N VAL M 299 66.98 40.92 3.90
CA VAL M 299 66.54 39.67 3.30
C VAL M 299 67.30 38.51 3.93
N ILE M 300 66.58 37.52 4.42
CA ILE M 300 67.18 36.32 5.00
C ILE M 300 67.46 35.36 3.86
N SER M 301 68.73 35.26 3.46
CA SER M 301 69.13 34.43 2.33
C SER M 301 70.00 33.28 2.81
N GLU M 302 69.72 32.08 2.29
CA GLU M 302 70.51 30.91 2.66
C GLU M 302 71.93 31.00 2.11
N GLU M 303 72.09 31.56 0.90
CA GLU M 303 73.42 31.72 0.33
C GLU M 303 74.24 32.75 1.11
N ILE M 304 73.59 33.79 1.64
CA ILE M 304 74.29 34.73 2.51
C ILE M 304 74.68 34.07 3.82
N GLY M 305 73.79 33.23 4.36
CA GLY M 305 74.01 32.56 5.62
C GLY M 305 73.04 32.95 6.71
N MET M 306 72.23 33.99 6.50
CA MET M 306 71.25 34.39 7.49
C MET M 306 70.16 33.33 7.61
N GLU M 307 69.69 33.11 8.84
CA GLU M 307 68.71 32.06 9.11
C GLU M 307 67.50 32.66 9.82
N LEU M 308 66.37 31.96 9.67
CA LEU M 308 65.13 32.41 10.30
C LEU M 308 65.21 32.32 11.82
N GLU M 309 65.89 31.29 12.34
CA GLU M 309 65.98 31.13 13.79
C GLU M 309 66.70 32.30 14.46
N LYS M 310 67.77 32.78 13.83
CA LYS M 310 68.54 33.90 14.38
C LYS M 310 67.97 35.26 14.00
N ALA M 311 66.88 35.30 13.23
CA ALA M 311 66.29 36.57 12.83
C ALA M 311 65.71 37.30 14.04
N THR M 312 65.89 38.62 14.05
CA THR M 312 65.42 39.48 15.11
C THR M 312 64.27 40.34 14.62
N LEU M 313 63.62 41.01 15.58
CA LEU M 313 62.50 41.88 15.24
C LEU M 313 62.93 43.05 14.37
N GLU M 314 64.07 43.66 14.69
CA GLU M 314 64.52 44.82 13.92
C GLU M 314 64.94 44.46 12.51
N ASP M 315 65.43 43.23 12.30
CA ASP M 315 65.76 42.78 10.95
C ASP M 315 64.51 42.67 10.08
N LEU M 316 63.35 42.46 10.69
CA LEU M 316 62.11 42.33 9.94
C LEU M 316 61.75 43.65 9.28
N GLY M 317 61.22 43.56 8.06
CA GLY M 317 60.71 44.75 7.40
C GLY M 317 59.47 45.28 8.09
N GLN M 318 59.34 46.60 8.10
CA GLN M 318 58.26 47.26 8.80
C GLN M 318 57.54 48.23 7.87
N ALA M 319 56.21 48.16 7.89
CA ALA M 319 55.37 49.06 7.09
C ALA M 319 54.24 49.57 7.95
N LYS M 320 53.70 50.73 7.57
CA LYS M 320 52.58 51.29 8.30
C LYS M 320 51.26 50.60 7.96
N ARG M 321 51.09 50.19 6.70
CA ARG M 321 49.86 49.54 6.28
C ARG M 321 50.12 48.70 5.04
N VAL M 322 49.50 47.52 4.97
CA VAL M 322 49.59 46.65 3.82
C VAL M 322 48.19 46.18 3.44
N VAL M 323 47.96 46.00 2.15
CA VAL M 323 46.72 45.46 1.62
C VAL M 323 47.06 44.27 0.73
N ILE M 324 46.42 43.14 0.99
CA ILE M 324 46.66 41.91 0.25
C ILE M 324 45.36 41.46 -0.39
N ASN M 325 45.39 41.25 -1.70
CA ASN M 325 44.24 40.76 -2.45
C ASN M 325 44.68 39.56 -3.26
N LYS M 326 43.72 38.70 -3.60
CA LYS M 326 44.03 37.48 -4.33
C LYS M 326 44.66 37.75 -5.68
N ASP M 327 44.48 38.95 -6.24
CA ASP M 327 45.11 39.32 -7.50
C ASP M 327 46.36 40.15 -7.33
N THR M 328 46.50 40.90 -6.23
CA THR M 328 47.65 41.77 -6.06
C THR M 328 47.83 42.09 -4.58
N THR M 329 49.04 42.54 -4.24
CA THR M 329 49.39 42.90 -2.88
C THR M 329 50.12 44.24 -2.90
N THR M 330 49.74 45.13 -2.00
CA THR M 330 50.28 46.48 -1.96
C THR M 330 50.93 46.76 -0.60
N ILE M 331 52.08 47.43 -0.64
CA ILE M 331 52.79 47.87 0.56
C ILE M 331 52.71 49.39 0.63
N ILE M 332 52.20 49.92 1.74
CA ILE M 332 51.93 51.34 1.90
C ILE M 332 52.71 51.86 3.09
N ASP M 333 53.43 52.96 2.90
CA ASP M 333 54.11 53.67 3.99
C ASP M 333 55.11 52.77 4.72
N GLY M 334 55.83 51.95 3.96
CA GLY M 334 56.92 51.20 4.53
C GLY M 334 57.99 52.12 5.07
N VAL M 335 58.35 51.98 6.35
CA VAL M 335 59.28 52.91 6.98
C VAL M 335 60.66 52.66 6.41
N GLY M 336 61.31 53.72 5.93
CA GLY M 336 62.64 53.61 5.35
C GLY M 336 63.17 54.96 4.93
N GLU M 337 64.44 55.22 5.25
CA GLU M 337 65.04 56.50 4.90
C GLU M 337 65.18 56.63 3.38
N GLU M 338 64.87 57.83 2.87
CA GLU M 338 64.67 58.01 1.43
C GLU M 338 65.95 57.80 0.64
N ALA M 339 67.11 58.10 1.22
CA ALA M 339 68.36 57.96 0.48
C ALA M 339 68.57 56.52 0.02
N ALA M 340 68.06 55.54 0.78
CA ALA M 340 68.09 54.16 0.31
C ALA M 340 67.28 54.01 -0.97
N ILE M 341 66.11 54.64 -1.04
CA ILE M 341 65.28 54.56 -2.23
C ILE M 341 65.98 55.21 -3.42
N GLN M 342 66.58 56.38 -3.20
CA GLN M 342 67.30 57.04 -4.29
C GLN M 342 68.50 56.21 -4.75
N GLY M 343 69.22 55.60 -3.81
CA GLY M 343 70.32 54.74 -4.19
C GLY M 343 69.86 53.54 -4.99
N ARG M 344 68.74 52.94 -4.59
CA ARG M 344 68.23 51.78 -5.32
C ARG M 344 67.78 52.17 -6.72
N VAL M 345 67.09 53.30 -6.87
CA VAL M 345 66.68 53.71 -8.21
C VAL M 345 67.90 54.07 -9.06
N ALA M 346 68.93 54.65 -8.46
CA ALA M 346 70.16 54.93 -9.21
C ALA M 346 70.83 53.65 -9.67
N GLN M 347 70.87 52.63 -8.80
CA GLN M 347 71.46 51.35 -9.19
C GLN M 347 70.66 50.70 -10.31
N ILE M 348 69.33 50.74 -10.23
CA ILE M 348 68.52 50.16 -11.29
C ILE M 348 68.71 50.93 -12.58
N ARG M 349 68.83 52.26 -12.49
CA ARG M 349 69.03 53.08 -13.69
C ARG M 349 70.36 52.75 -14.36
N GLN M 350 71.44 52.66 -13.57
CA GLN M 350 72.73 52.33 -14.17
C GLN M 350 72.74 50.91 -14.72
N GLN M 351 72.01 49.99 -14.08
CA GLN M 351 71.81 48.67 -14.67
C GLN M 351 71.10 48.77 -16.01
N ILE M 352 70.14 49.68 -16.13
CA ILE M 352 69.44 49.90 -17.39
C ILE M 352 70.42 50.39 -18.46
N GLU M 353 71.25 51.37 -18.12
CA GLU M 353 72.18 51.88 -19.13
C GLU M 353 73.26 50.86 -19.48
N GLU M 354 73.58 49.92 -18.58
CA GLU M 354 74.50 48.85 -18.94
C GLU M 354 73.79 47.62 -19.47
N ALA M 355 72.46 47.59 -19.45
CA ALA M 355 71.71 46.48 -20.02
C ALA M 355 71.74 46.54 -21.54
N THR M 356 71.62 45.35 -22.15
CA THR M 356 71.68 45.23 -23.61
C THR M 356 70.36 44.77 -24.22
N SER M 357 69.82 43.64 -23.75
CA SER M 357 68.61 43.09 -24.36
C SER M 357 67.38 43.95 -24.03
N ASP M 358 66.42 43.95 -24.94
CA ASP M 358 65.21 44.74 -24.77
C ASP M 358 64.37 44.24 -23.60
N TYR M 359 64.29 42.92 -23.42
CA TYR M 359 63.47 42.36 -22.35
C TYR M 359 63.97 42.79 -20.97
N ASP M 360 65.28 42.65 -20.74
CA ASP M 360 65.83 43.04 -19.44
C ASP M 360 65.72 44.55 -19.23
N ARG M 361 65.94 45.34 -20.29
CA ARG M 361 65.78 46.78 -20.17
C ARG M 361 64.37 47.14 -19.77
N GLU M 362 63.38 46.52 -20.40
CA GLU M 362 61.98 46.79 -20.06
C GLU M 362 61.66 46.36 -18.64
N LYS M 363 62.17 45.19 -18.22
CA LYS M 363 61.90 44.71 -16.88
C LYS M 363 62.48 45.64 -15.83
N LEU M 364 63.73 46.06 -16.01
CA LEU M 364 64.34 46.98 -15.05
C LEU M 364 63.68 48.34 -15.08
N GLN M 365 63.24 48.82 -16.26
CA GLN M 365 62.51 50.07 -16.32
C GLN M 365 61.19 49.99 -15.55
N GLU M 366 60.46 48.88 -15.71
CA GLU M 366 59.22 48.69 -14.96
C GLU M 366 59.50 48.63 -13.47
N ARG M 367 60.58 47.95 -13.07
CA ARG M 367 60.92 47.86 -11.65
C ARG M 367 61.23 49.23 -11.07
N VAL M 368 62.04 50.03 -11.78
CA VAL M 368 62.39 51.35 -11.27
C VAL M 368 61.18 52.26 -11.25
N ALA M 369 60.29 52.14 -12.24
CA ALA M 369 59.08 52.95 -12.25
C ALA M 369 58.18 52.59 -11.08
N LYS M 370 57.99 51.30 -10.82
CA LYS M 370 57.12 50.88 -9.72
C LYS M 370 57.74 51.14 -8.35
N LEU M 371 59.07 51.28 -8.28
CA LEU M 371 59.69 51.56 -6.99
C LEU M 371 59.85 53.05 -6.72
N ALA M 372 59.94 53.88 -7.76
CA ALA M 372 60.09 55.31 -7.57
C ALA M 372 58.78 56.09 -7.66
N GLY M 373 57.76 55.53 -8.34
CA GLY M 373 56.50 56.23 -8.44
C GLY M 373 55.78 56.35 -7.12
N GLY M 374 55.87 55.33 -6.27
CA GLY M 374 55.21 55.35 -4.99
C GLY M 374 53.73 55.02 -5.10
N VAL M 375 53.02 55.32 -4.02
CA VAL M 375 51.59 55.02 -3.90
C VAL M 375 50.86 56.32 -3.58
N ALA M 376 49.75 56.55 -4.27
CA ALA M 376 48.91 57.71 -4.01
C ALA M 376 47.78 57.28 -3.07
N VAL M 377 47.92 57.63 -1.80
CA VAL M 377 46.98 57.20 -0.77
C VAL M 377 45.88 58.25 -0.65
N ILE M 378 44.65 57.84 -0.95
CA ILE M 378 43.48 58.73 -0.87
C ILE M 378 42.85 58.53 0.51
N LYS M 379 42.91 59.56 1.34
CA LYS M 379 42.29 59.54 2.66
C LYS M 379 40.92 60.19 2.53
N VAL M 380 39.89 59.36 2.36
CA VAL M 380 38.53 59.85 2.20
C VAL M 380 37.98 60.25 3.57
N GLY M 381 37.51 61.49 3.67
CA GLY M 381 36.98 62.01 4.91
C GLY M 381 35.54 62.43 4.75
N ALA M 382 34.78 62.35 5.85
CA ALA M 382 33.37 62.69 5.82
C ALA M 382 32.93 63.06 7.24
N ALA M 383 31.69 63.52 7.34
CA ALA M 383 31.17 64.01 8.62
C ALA M 383 30.90 62.87 9.59
N THR M 384 30.25 61.80 9.12
CA THR M 384 29.82 60.71 9.97
C THR M 384 30.46 59.40 9.50
N GLU M 385 30.72 58.51 10.47
CA GLU M 385 31.49 57.31 10.20
C GLU M 385 30.79 56.39 9.19
N VAL M 386 29.48 56.21 9.32
CA VAL M 386 28.76 55.30 8.43
C VAL M 386 28.79 55.80 6.99
N GLU M 387 28.45 57.08 6.79
CA GLU M 387 28.52 57.64 5.45
C GLU M 387 29.97 57.82 4.99
N MET M 388 30.92 57.93 5.91
CA MET M 388 32.33 57.91 5.52
C MET M 388 32.71 56.55 4.93
N LYS M 389 32.24 55.47 5.56
CA LYS M 389 32.48 54.14 5.00
C LYS M 389 31.78 53.95 3.66
N GLU M 390 30.55 54.47 3.54
CA GLU M 390 29.85 54.41 2.26
C GLU M 390 30.63 55.16 1.18
N LYS M 391 31.13 56.35 1.51
CA LYS M 391 31.93 57.13 0.57
C LYS M 391 33.22 56.39 0.22
N LYS M 392 33.83 55.71 1.19
CA LYS M 392 35.04 54.95 0.91
C LYS M 392 34.76 53.82 -0.07
N ALA M 393 33.65 53.10 0.12
CA ALA M 393 33.28 52.03 -0.80
C ALA M 393 33.01 52.58 -2.19
N ARG M 394 32.29 53.71 -2.27
CA ARG M 394 32.02 54.33 -3.56
C ARG M 394 33.31 54.78 -4.23
N VAL M 395 34.24 55.33 -3.46
CA VAL M 395 35.53 55.75 -4.03
C VAL M 395 36.29 54.54 -4.55
N GLU M 396 36.25 53.43 -3.81
CA GLU M 396 36.96 52.23 -4.25
C GLU M 396 36.38 51.68 -5.55
N ASP M 397 35.06 51.58 -5.64
CA ASP M 397 34.48 51.02 -6.86
C ASP M 397 34.63 51.97 -8.05
N ALA M 398 34.54 53.28 -7.79
CA ALA M 398 34.79 54.25 -8.85
C ALA M 398 36.25 54.20 -9.30
N LEU M 399 37.17 53.96 -8.37
CA LEU M 399 38.58 53.79 -8.73
C LEU M 399 38.78 52.57 -9.61
N HIS M 400 38.12 51.46 -9.28
CA HIS M 400 38.21 50.27 -10.12
C HIS M 400 37.67 50.56 -11.52
N ALA M 401 36.49 51.19 -11.60
CA ALA M 401 35.89 51.48 -12.90
C ALA M 401 36.76 52.44 -13.71
N THR M 402 37.34 53.44 -13.05
CA THR M 402 38.18 54.41 -13.75
C THR M 402 39.50 53.79 -14.18
N ARG M 403 40.05 52.86 -13.39
CA ARG M 403 41.23 52.14 -13.82
C ARG M 403 40.94 51.33 -15.07
N ALA M 404 39.79 50.64 -15.09
CA ALA M 404 39.40 49.92 -16.30
C ALA M 404 39.24 50.88 -17.48
N ALA M 405 38.63 52.04 -17.24
CA ALA M 405 38.43 53.02 -18.31
C ALA M 405 39.74 53.51 -18.89
N VAL M 406 40.66 53.95 -18.03
CA VAL M 406 41.95 54.42 -18.52
C VAL M 406 42.77 53.26 -19.10
N GLU M 407 42.45 52.02 -18.74
CA GLU M 407 43.12 50.88 -19.36
C GLU M 407 42.65 50.69 -20.80
N GLU M 408 41.33 50.73 -21.04
CA GLU M 408 40.82 50.39 -22.36
C GLU M 408 39.73 51.31 -22.88
N GLY M 409 39.56 52.50 -22.30
CA GLY M 409 38.52 53.39 -22.77
C GLY M 409 37.15 53.00 -22.22
N VAL M 410 36.14 53.70 -22.73
CA VAL M 410 34.76 53.46 -22.34
C VAL M 410 33.89 53.31 -23.58
N VAL M 411 32.79 52.59 -23.42
CA VAL M 411 31.78 52.45 -24.46
C VAL M 411 30.42 52.80 -23.85
N ALA M 412 29.42 52.90 -24.72
CA ALA M 412 28.07 53.19 -24.26
C ALA M 412 27.56 52.09 -23.34
N GLY M 413 27.03 52.49 -22.18
CA GLY M 413 26.56 51.55 -21.19
C GLY M 413 25.12 51.12 -21.41
N GLY M 414 24.60 50.39 -20.44
CA GLY M 414 23.25 49.88 -20.52
C GLY M 414 23.07 48.70 -21.45
N GLY M 415 24.15 48.08 -21.90
CA GLY M 415 24.04 46.94 -22.79
C GLY M 415 23.77 47.26 -24.23
N VAL M 416 23.96 48.52 -24.65
CA VAL M 416 23.72 48.89 -26.04
C VAL M 416 24.97 48.75 -26.90
N ALA M 417 26.16 48.70 -26.31
CA ALA M 417 27.37 48.46 -27.09
C ALA M 417 27.32 47.08 -27.74
N LEU M 418 26.86 46.07 -27.01
CA LEU M 418 26.78 44.72 -27.55
C LEU M 418 25.79 44.63 -28.70
N ILE M 419 24.62 45.28 -28.56
CA ILE M 419 23.63 45.23 -29.64
C ILE M 419 24.12 46.04 -30.84
N ARG M 420 24.85 47.13 -30.61
CA ARG M 420 25.45 47.85 -31.72
C ARG M 420 26.46 46.96 -32.45
N VAL M 421 27.27 46.22 -31.69
CA VAL M 421 28.24 45.32 -32.29
C VAL M 421 27.54 44.25 -33.12
N ALA M 422 26.48 43.67 -32.57
CA ALA M 422 25.73 42.66 -33.31
C ALA M 422 25.10 43.24 -34.57
N SER M 423 24.58 44.47 -34.48
CA SER M 423 23.97 45.11 -35.64
C SER M 423 25.00 45.30 -36.76
N LYS M 424 26.20 45.74 -36.41
CA LYS M 424 27.22 45.93 -37.45
C LYS M 424 27.89 44.63 -37.87
N LEU M 425 27.77 43.57 -37.08
CA LEU M 425 28.38 42.29 -37.39
C LEU M 425 27.41 41.29 -38.00
N ALA M 426 26.14 41.67 -38.18
CA ALA M 426 25.15 40.77 -38.75
C ALA M 426 25.56 40.18 -40.10
N ASP M 427 26.58 40.75 -40.75
CA ASP M 427 27.04 40.26 -42.05
C ASP M 427 28.16 39.23 -41.94
N LEU M 428 28.54 38.83 -40.74
CA LEU M 428 29.62 37.87 -40.57
C LEU M 428 29.19 36.49 -41.04
N ARG M 429 30.14 35.75 -41.63
CA ARG M 429 29.90 34.41 -42.14
C ARG M 429 31.07 33.52 -41.79
N GLY M 430 30.81 32.22 -41.72
CA GLY M 430 31.82 31.23 -41.43
C GLY M 430 32.00 30.24 -42.59
N GLN M 431 32.95 29.33 -42.39
CA GLN M 431 33.24 28.33 -43.42
C GLN M 431 32.07 27.38 -43.61
N ASN M 432 31.45 26.94 -42.52
CA ASN M 432 30.39 25.95 -42.57
C ASN M 432 29.08 26.56 -42.11
N GLU M 433 27.98 25.90 -42.49
CA GLU M 433 26.65 26.36 -42.08
C GLU M 433 26.51 26.32 -40.57
N ASP M 434 27.11 25.32 -39.92
CA ASP M 434 27.08 25.25 -38.46
C ASP M 434 27.78 26.46 -37.85
N GLN M 435 28.89 26.90 -38.47
CA GLN M 435 29.57 28.09 -37.99
C GLN M 435 28.69 29.33 -38.13
N ASN M 436 27.93 29.42 -39.23
CA ASN M 436 26.99 30.53 -39.39
C ASN M 436 25.90 30.49 -38.32
N VAL M 437 25.41 29.29 -38.01
CA VAL M 437 24.41 29.15 -36.95
C VAL M 437 24.99 29.60 -35.61
N GLY M 438 26.23 29.21 -35.33
CA GLY M 438 26.89 29.67 -34.12
C GLY M 438 27.07 31.18 -34.08
N ILE M 439 27.39 31.78 -35.23
CA ILE M 439 27.53 33.23 -35.29
C ILE M 439 26.20 33.91 -34.99
N LYS M 440 25.12 33.39 -35.56
CA LYS M 440 23.79 33.94 -35.28
C LYS M 440 23.44 33.79 -33.80
N VAL M 441 23.78 32.64 -33.22
CA VAL M 441 23.58 32.42 -31.79
C VAL M 441 24.32 33.47 -30.98
N ALA M 442 25.58 33.72 -31.33
CA ALA M 442 26.38 34.70 -30.61
C ALA M 442 25.77 36.10 -30.73
N LEU M 443 25.31 36.46 -31.93
CA LEU M 443 24.73 37.79 -32.12
C LEU M 443 23.46 37.95 -31.31
N ARG M 444 22.59 36.94 -31.30
CA ARG M 444 21.37 37.01 -30.49
C ARG M 444 21.71 37.09 -29.01
N ALA M 445 22.76 36.38 -28.59
CA ALA M 445 23.19 36.46 -27.19
C ALA M 445 23.66 37.87 -26.84
N MET M 446 24.45 38.49 -27.72
CA MET M 446 24.87 39.87 -27.50
C MET M 446 23.67 40.81 -27.46
N GLU M 447 22.63 40.51 -28.23
CA GLU M 447 21.39 41.28 -28.15
C GLU M 447 20.70 41.12 -26.80
N ALA M 448 20.79 39.92 -26.22
CA ALA M 448 19.99 39.57 -25.03
C ALA M 448 20.10 40.53 -23.85
N PRO M 449 21.30 40.97 -23.41
CA PRO M 449 21.36 41.76 -22.16
C PRO M 449 20.52 43.03 -22.17
N LEU M 450 20.49 43.75 -23.30
CA LEU M 450 19.64 44.94 -23.38
C LEU M 450 18.17 44.57 -23.28
N ARG M 451 17.79 43.44 -23.89
CA ARG M 451 16.43 42.94 -23.76
C ARG M 451 16.09 42.64 -22.30
N GLN M 452 17.02 42.03 -21.58
CA GLN M 452 16.78 41.75 -20.16
C GLN M 452 16.65 43.03 -19.35
N ILE M 453 17.49 44.03 -19.65
CA ILE M 453 17.42 45.31 -18.92
C ILE M 453 16.07 45.97 -19.15
N VAL M 454 15.64 46.05 -20.41
CA VAL M 454 14.38 46.72 -20.70
C VAL M 454 13.18 45.88 -20.27
N LEU M 455 13.36 44.57 -20.11
CA LEU M 455 12.29 43.75 -19.53
C LEU M 455 12.17 44.01 -18.03
N ASN M 456 13.31 44.19 -17.36
CA ASN M 456 13.28 44.64 -15.96
C ASN M 456 12.63 46.01 -15.85
N CYS M 457 12.84 46.88 -16.83
CA CYS M 457 12.18 48.18 -16.85
C CYS M 457 10.69 48.07 -17.18
N GLY M 458 10.22 46.91 -17.62
CA GLY M 458 8.83 46.72 -17.95
C GLY M 458 8.44 47.11 -19.36
N GLU M 459 9.38 47.58 -20.18
CA GLU M 459 9.09 47.93 -21.55
C GLU M 459 9.10 46.69 -22.44
N GLU M 460 8.70 46.87 -23.69
CA GLU M 460 8.72 45.79 -24.65
C GLU M 460 10.17 45.52 -25.06
N PRO M 461 10.68 44.29 -24.89
CA PRO M 461 12.09 44.03 -25.18
C PRO M 461 12.42 44.16 -26.67
N SER M 462 11.61 43.51 -27.52
CA SER M 462 11.90 43.49 -28.95
C SER M 462 11.81 44.88 -29.56
N VAL M 463 10.80 45.66 -29.16
CA VAL M 463 10.63 47.01 -29.73
C VAL M 463 11.85 47.87 -29.42
N VAL M 464 12.28 47.87 -28.16
CA VAL M 464 13.44 48.66 -27.77
C VAL M 464 14.69 48.15 -28.46
N ALA M 465 14.85 46.83 -28.56
CA ALA M 465 16.04 46.26 -29.20
C ALA M 465 16.12 46.70 -30.66
N ASN M 466 15.00 46.61 -31.38
CA ASN M 466 15.00 47.03 -32.79
C ASN M 466 15.17 48.54 -32.93
N THR M 467 14.61 49.32 -32.01
CA THR M 467 14.80 50.77 -32.07
C THR M 467 16.26 51.14 -31.89
N VAL M 468 16.95 50.46 -30.96
CA VAL M 468 18.38 50.71 -30.76
C VAL M 468 19.16 50.23 -31.97
N LYS M 469 18.77 49.09 -32.55
CA LYS M 469 19.45 48.58 -33.74
C LYS M 469 19.31 49.54 -34.91
N GLY M 470 18.18 50.24 -35.00
CA GLY M 470 17.99 51.21 -36.07
C GLY M 470 18.97 52.35 -36.02
N GLY M 471 19.38 52.76 -34.83
CA GLY M 471 20.33 53.84 -34.68
C GLY M 471 21.73 53.43 -35.09
N ASP M 472 22.69 54.25 -34.67
CA ASP M 472 24.09 54.01 -35.01
C ASP M 472 24.97 54.68 -33.96
N GLY M 473 26.24 54.31 -33.96
CA GLY M 473 27.18 54.88 -33.01
C GLY M 473 26.82 54.51 -31.59
N ASN M 474 26.82 55.51 -30.71
CA ASN M 474 26.52 55.32 -29.30
C ASN M 474 25.06 55.57 -28.96
N TYR M 475 24.21 55.80 -29.97
CA TYR M 475 22.79 55.98 -29.74
C TYR M 475 22.18 54.71 -29.14
N GLY M 476 21.33 54.90 -28.14
CA GLY M 476 20.72 53.76 -27.47
C GLY M 476 19.54 54.18 -26.63
N TYR M 477 19.12 53.28 -25.76
CA TYR M 477 17.97 53.46 -24.89
C TYR M 477 18.43 53.57 -23.44
N ASN M 478 18.01 54.63 -22.76
CA ASN M 478 18.34 54.84 -21.35
C ASN M 478 17.27 54.16 -20.50
N ALA M 479 17.68 53.17 -19.70
CA ALA M 479 16.74 52.44 -18.87
C ALA M 479 16.13 53.35 -17.80
N ALA M 480 16.93 54.22 -17.20
CA ALA M 480 16.45 55.05 -16.10
C ALA M 480 15.40 56.04 -16.55
N THR M 481 15.69 56.79 -17.62
CA THR M 481 14.80 57.85 -18.09
C THR M 481 13.75 57.36 -19.08
N GLU M 482 13.82 56.09 -19.49
CA GLU M 482 12.84 55.49 -20.39
C GLU M 482 12.69 56.28 -21.69
N GLU M 483 13.82 56.79 -22.21
CA GLU M 483 13.81 57.52 -23.47
C GLU M 483 15.19 57.42 -24.11
N TYR M 484 15.21 57.41 -25.44
CA TYR M 484 16.42 57.15 -26.20
C TYR M 484 17.31 58.39 -26.26
N GLY M 485 18.55 58.18 -26.66
CA GLY M 485 19.50 59.26 -26.81
C GLY M 485 20.90 58.72 -26.96
N ASN M 486 21.87 59.62 -26.81
CA ASN M 486 23.28 59.27 -26.89
C ASN M 486 23.76 58.86 -25.50
N MET M 487 24.03 57.57 -25.33
CA MET M 487 24.35 57.03 -24.01
C MET M 487 25.63 57.64 -23.44
N ILE M 488 26.59 57.97 -24.30
CA ILE M 488 27.82 58.59 -23.82
C ILE M 488 27.54 59.95 -23.20
N ASP M 489 26.74 60.77 -23.90
CA ASP M 489 26.42 62.10 -23.39
C ASP M 489 25.46 62.05 -22.21
N MET M 490 24.62 61.02 -22.14
CA MET M 490 23.62 60.91 -21.09
C MET M 490 24.16 60.32 -19.80
N GLY M 491 25.42 59.91 -19.77
CA GLY M 491 26.05 59.44 -18.55
C GLY M 491 25.94 57.95 -18.29
N ILE M 492 25.30 57.19 -19.18
CA ILE M 492 25.20 55.73 -19.01
C ILE M 492 26.43 55.15 -19.70
N LEU M 493 27.52 55.02 -18.94
CA LEU M 493 28.78 54.50 -19.47
C LEU M 493 29.01 53.07 -19.01
N ASP M 494 30.01 52.44 -19.62
CA ASP M 494 30.47 51.11 -19.30
C ASP M 494 31.88 50.99 -19.83
N PRO M 495 32.85 50.62 -19.00
CA PRO M 495 34.22 50.47 -19.49
C PRO M 495 34.31 49.43 -20.58
N THR M 496 35.15 49.70 -21.58
CA THR M 496 35.33 48.75 -22.68
C THR M 496 35.90 47.43 -22.17
N LYS M 497 36.81 47.51 -21.19
CA LYS M 497 37.38 46.29 -20.63
C LYS M 497 36.31 45.41 -19.99
N VAL M 498 35.34 46.03 -19.30
CA VAL M 498 34.30 45.26 -18.63
C VAL M 498 33.48 44.49 -19.64
N THR M 499 32.99 45.17 -20.68
CA THR M 499 32.17 44.49 -21.69
C THR M 499 32.98 43.45 -22.45
N ARG M 500 34.22 43.77 -22.80
CA ARG M 500 35.07 42.82 -23.52
C ARG M 500 35.30 41.55 -22.70
N SER M 501 35.64 41.72 -21.42
CA SER M 501 35.89 40.56 -20.56
C SER M 501 34.61 39.76 -20.37
N ALA M 502 33.48 40.43 -20.14
CA ALA M 502 32.23 39.71 -19.95
C ALA M 502 31.90 38.87 -21.19
N LEU M 503 31.99 39.49 -22.37
CA LEU M 503 31.68 38.76 -23.61
C LEU M 503 32.63 37.60 -23.82
N GLN M 504 33.93 37.83 -23.62
CA GLN M 504 34.92 36.79 -23.87
C GLN M 504 34.75 35.62 -22.91
N TYR M 505 34.51 35.90 -21.63
CA TYR M 505 34.37 34.83 -20.65
C TYR M 505 33.06 34.07 -20.85
N ALA M 506 31.98 34.78 -21.18
CA ALA M 506 30.72 34.10 -21.50
C ALA M 506 30.89 33.20 -22.71
N ALA M 507 31.60 33.68 -23.74
CA ALA M 507 31.87 32.85 -24.91
C ALA M 507 32.70 31.63 -24.54
N SER M 508 33.72 31.81 -23.68
CA SER M 508 34.57 30.70 -23.30
C SER M 508 33.78 29.63 -22.56
N VAL M 509 32.97 30.04 -21.57
CA VAL M 509 32.22 29.06 -20.80
C VAL M 509 31.16 28.39 -21.67
N ALA M 510 30.52 29.15 -22.55
CA ALA M 510 29.50 28.56 -23.42
C ALA M 510 30.13 27.58 -24.41
N GLY M 511 31.30 27.91 -24.95
CA GLY M 511 31.98 26.99 -25.84
C GLY M 511 32.43 25.73 -25.13
N LEU M 512 32.90 25.87 -23.88
CA LEU M 512 33.25 24.68 -23.10
C LEU M 512 32.02 23.81 -22.86
N MET M 513 30.88 24.43 -22.55
CA MET M 513 29.70 23.67 -22.16
C MET M 513 28.97 23.06 -23.36
N ILE M 514 29.00 23.73 -24.51
CA ILE M 514 28.34 23.17 -25.71
C ILE M 514 29.04 21.89 -26.14
N THR M 515 30.37 21.89 -26.13
CA THR M 515 31.15 20.73 -26.54
C THR M 515 31.32 19.70 -25.43
N THR M 516 30.45 19.72 -24.42
CA THR M 516 30.52 18.77 -23.32
C THR M 516 29.64 17.56 -23.63
N GLU M 517 30.22 16.37 -23.51
CA GLU M 517 29.53 15.13 -23.80
C GLU M 517 29.38 14.22 -22.59
N CYS M 518 30.30 14.27 -21.63
CA CYS M 518 30.25 13.42 -20.45
C CYS M 518 30.55 14.25 -19.21
N MET M 519 29.88 13.91 -18.11
CA MET M 519 30.11 14.51 -16.80
C MET M 519 30.14 13.43 -15.73
N VAL M 520 31.02 13.60 -14.75
CA VAL M 520 31.18 12.66 -13.65
C VAL M 520 30.98 13.41 -12.34
N THR M 521 30.13 12.86 -11.47
CA THR M 521 29.88 13.45 -10.16
C THR M 521 29.55 12.36 -9.16
N ASP M 522 29.67 12.71 -7.88
CA ASP M 522 29.38 11.76 -6.82
C ASP M 522 27.87 11.48 -6.75
N LEU M 523 27.54 10.30 -6.22
CA LEU M 523 26.14 9.90 -6.11
C LEU M 523 25.46 10.70 -5.00
N PRO M 524 24.13 10.89 -5.10
CA PRO M 524 23.34 11.57 -4.07
C PRO M 524 23.41 10.87 -2.72
N ALA N 1 25.97 25.15 1.03
CA ALA N 1 24.97 24.10 1.07
C ALA N 1 23.97 24.24 -0.08
N ALA N 2 23.19 23.21 -0.33
CA ALA N 2 22.18 23.26 -1.38
C ALA N 2 21.13 24.31 -1.05
N LYS N 3 20.66 25.00 -2.10
CA LYS N 3 19.73 26.11 -1.94
C LYS N 3 18.43 25.82 -2.67
N ASP N 4 17.34 26.40 -2.16
CA ASP N 4 16.03 26.34 -2.78
C ASP N 4 15.67 27.73 -3.28
N VAL N 5 15.27 27.81 -4.54
CA VAL N 5 15.06 29.08 -5.23
C VAL N 5 13.63 29.14 -5.76
N LYS N 6 12.94 30.24 -5.48
CA LYS N 6 11.62 30.52 -6.02
C LYS N 6 11.68 31.75 -6.91
N PHE N 7 10.89 31.76 -7.97
CA PHE N 7 10.92 32.83 -8.95
C PHE N 7 9.53 33.41 -9.17
N GLY N 8 9.43 34.73 -9.11
CA GLY N 8 8.22 35.40 -9.54
C GLY N 8 7.06 35.22 -8.58
N ASN N 9 5.93 34.74 -9.12
CA ASN N 9 4.67 34.79 -8.39
C ASN N 9 4.68 33.93 -7.13
N ASP N 10 5.24 32.72 -7.22
CA ASP N 10 5.21 31.81 -6.07
C ASP N 10 5.99 32.38 -4.89
N ALA N 11 7.13 33.00 -5.16
CA ALA N 11 7.90 33.63 -4.09
C ALA N 11 7.10 34.72 -3.40
N ARG N 12 6.41 35.55 -4.18
CA ARG N 12 5.57 36.60 -3.60
C ARG N 12 4.41 36.01 -2.81
N VAL N 13 3.83 34.89 -3.27
CA VAL N 13 2.75 34.25 -2.53
C VAL N 13 3.27 33.74 -1.19
N LYS N 14 4.45 33.12 -1.18
CA LYS N 14 5.03 32.63 0.07
C LYS N 14 5.30 33.79 1.03
N MET N 15 5.88 34.88 0.53
CA MET N 15 6.13 36.04 1.39
C MET N 15 4.82 36.62 1.91
N LEU N 16 3.80 36.69 1.06
CA LEU N 16 2.50 37.19 1.48
C LEU N 16 1.90 36.33 2.58
N ARG N 17 2.01 35.01 2.45
CA ARG N 17 1.48 34.11 3.48
C ARG N 17 2.21 34.29 4.80
N GLY N 18 3.55 34.41 4.75
CA GLY N 18 4.30 34.64 5.98
C GLY N 18 3.95 35.96 6.64
N VAL N 19 3.88 37.03 5.84
CA VAL N 19 3.52 38.34 6.38
C VAL N 19 2.11 38.32 6.94
N ASN N 20 1.20 37.61 6.27
CA ASN N 20 -0.16 37.49 6.76
C ASN N 20 -0.20 36.79 8.11
N VAL N 21 0.58 35.71 8.25
CA VAL N 21 0.62 34.99 9.52
C VAL N 21 1.13 35.90 10.63
N LEU N 22 2.27 36.56 10.39
CA LEU N 22 2.85 37.41 11.43
C LEU N 22 1.93 38.59 11.77
N ALA N 23 1.33 39.21 10.76
CA ALA N 23 0.48 40.37 10.98
C ALA N 23 -0.82 39.99 11.65
N ASP N 24 -1.35 38.80 11.37
CA ASP N 24 -2.52 38.34 12.12
C ASP N 24 -2.16 38.00 13.56
N ALA N 25 -0.95 37.50 13.78
CA ALA N 25 -0.50 37.24 15.15
C ALA N 25 -0.39 38.53 15.96
N VAL N 26 0.14 39.59 15.34
CA VAL N 26 0.40 40.82 16.10
C VAL N 26 -0.74 41.83 16.05
N LYS N 27 -1.66 41.70 15.08
CA LYS N 27 -2.67 42.73 14.86
C LYS N 27 -3.85 42.64 15.83
N VAL N 28 -4.02 41.51 16.51
CA VAL N 28 -5.11 41.36 17.47
C VAL N 28 -4.84 42.11 18.76
N THR N 29 -3.60 42.56 18.98
CA THR N 29 -3.22 43.33 20.16
C THR N 29 -3.14 44.83 19.88
N LEU N 30 -3.93 45.32 18.94
CA LEU N 30 -3.92 46.73 18.55
C LEU N 30 -5.17 47.42 19.08
N GLY N 31 -4.98 48.59 19.68
CA GLY N 31 -6.08 49.36 20.21
C GLY N 31 -6.33 49.07 21.68
N PRO N 32 -7.05 49.98 22.35
CA PRO N 32 -7.37 49.74 23.77
C PRO N 32 -8.16 48.46 24.01
N LYS N 33 -9.04 48.10 23.08
CA LYS N 33 -9.80 46.85 23.16
C LYS N 33 -9.06 45.68 22.50
N GLY N 34 -7.75 45.79 22.35
CA GLY N 34 -7.00 44.73 21.71
C GLY N 34 -7.01 43.44 22.51
N ARG N 35 -6.96 42.33 21.79
CA ARG N 35 -6.95 41.00 22.41
C ARG N 35 -5.56 40.70 22.96
N ASN N 36 -5.36 39.49 23.44
CA ASN N 36 -4.07 39.06 23.98
C ASN N 36 -3.68 37.73 23.34
N VAL N 37 -2.37 37.50 23.28
CA VAL N 37 -1.79 36.34 22.60
C VAL N 37 -1.06 35.50 23.62
N VAL N 38 -1.29 34.19 23.59
CA VAL N 38 -0.65 33.24 24.50
C VAL N 38 0.63 32.75 23.84
N LEU N 39 1.76 32.96 24.51
CA LEU N 39 3.07 32.56 24.01
C LEU N 39 3.61 31.42 24.87
N ASP N 40 4.09 30.36 24.21
CA ASP N 40 4.59 29.20 24.94
C ASP N 40 5.90 29.51 25.63
N LYS N 41 6.14 28.82 26.74
CA LYS N 41 7.40 28.88 27.47
C LYS N 41 7.80 27.47 27.86
N SER N 42 9.10 27.17 27.71
CA SER N 42 9.59 25.84 28.07
C SER N 42 9.49 25.56 29.56
N PHE N 43 9.45 26.61 30.39
CA PHE N 43 9.34 26.40 31.83
C PHE N 43 8.03 25.73 32.20
N GLY N 44 6.93 26.13 31.55
CA GLY N 44 5.65 25.51 31.81
C GLY N 44 4.49 26.49 31.87
N ALA N 45 4.76 27.72 32.28
CA ALA N 45 3.71 28.72 32.42
C ALA N 45 3.59 29.52 31.13
N PRO N 46 2.48 29.42 30.40
CA PRO N 46 2.32 30.26 29.20
C PRO N 46 2.21 31.73 29.55
N THR N 47 2.64 32.56 28.60
CA THR N 47 2.68 34.01 28.79
C THR N 47 1.56 34.66 27.99
N ILE N 48 0.73 35.46 28.68
CA ILE N 48 -0.32 36.24 28.05
C ILE N 48 0.15 37.69 27.96
N THR N 49 0.11 38.26 26.76
CA THR N 49 0.57 39.62 26.56
C THR N 49 -0.30 40.31 25.52
N LYS N 50 -0.54 41.61 25.75
CA LYS N 50 -1.17 42.48 24.76
C LYS N 50 -0.14 43.35 24.04
N ASP N 51 1.15 43.10 24.26
CA ASP N 51 2.21 43.85 23.62
C ASP N 51 2.56 43.21 22.28
N GLY N 52 2.43 43.98 21.21
CA GLY N 52 2.76 43.47 19.89
C GLY N 52 4.24 43.18 19.71
N VAL N 53 5.09 43.86 20.48
CA VAL N 53 6.53 43.66 20.36
C VAL N 53 6.90 42.22 20.72
N SER N 54 6.38 41.72 21.83
CA SER N 54 6.67 40.36 22.25
C SER N 54 6.11 39.34 21.25
N VAL N 55 4.90 39.58 20.76
CA VAL N 55 4.30 38.67 19.80
C VAL N 55 5.14 38.60 18.52
N ALA N 56 5.59 39.76 18.03
CA ALA N 56 6.46 39.77 16.86
C ALA N 56 7.78 39.07 17.14
N ARG N 57 8.36 39.30 18.33
CA ARG N 57 9.62 38.67 18.67
C ARG N 57 9.50 37.15 18.76
N GLU N 58 8.31 36.66 19.13
CA GLU N 58 8.10 35.23 19.30
C GLU N 58 7.66 34.52 18.03
N ILE N 59 7.52 35.24 16.91
CA ILE N 59 7.04 34.64 15.67
C ILE N 59 8.22 34.17 14.85
N GLU N 60 8.18 32.90 14.44
CA GLU N 60 9.16 32.33 13.52
C GLU N 60 8.54 31.08 12.90
N LEU N 61 8.36 31.09 11.59
CA LEU N 61 7.63 30.04 10.91
C LEU N 61 8.56 28.91 10.46
N GLU N 62 7.95 27.81 10.04
CA GLU N 62 8.70 26.64 9.60
C GLU N 62 9.08 26.70 8.13
N ASP N 63 8.22 27.26 7.29
CA ASP N 63 8.57 27.44 5.88
C ASP N 63 9.56 28.58 5.74
N LYS N 64 10.62 28.34 4.95
CA LYS N 64 11.74 29.28 4.90
C LYS N 64 11.34 30.61 4.29
N PHE N 65 10.51 30.60 3.25
CA PHE N 65 10.16 31.84 2.56
C PHE N 65 9.17 32.66 3.39
N GLU N 66 8.18 32.00 3.97
CA GLU N 66 7.30 32.67 4.92
C GLU N 66 8.10 33.20 6.11
N ASN N 67 9.11 32.46 6.54
CA ASN N 67 9.99 32.94 7.60
C ASN N 67 10.75 34.18 7.15
N MET N 68 11.21 34.21 5.90
CA MET N 68 11.86 35.42 5.38
C MET N 68 10.93 36.61 5.46
N GLY N 69 9.70 36.46 4.99
CA GLY N 69 8.75 37.57 5.02
C GLY N 69 8.49 38.03 6.44
N ALA N 70 8.23 37.07 7.33
CA ALA N 70 8.00 37.40 8.74
C ALA N 70 9.19 38.13 9.33
N GLN N 71 10.41 37.66 9.05
CA GLN N 71 11.60 38.30 9.58
C GLN N 71 11.79 39.71 9.02
N MET N 72 11.62 39.90 7.71
CA MET N 72 11.71 41.25 7.14
C MET N 72 10.76 42.20 7.85
N VAL N 73 9.50 41.80 7.98
CA VAL N 73 8.52 42.68 8.60
C VAL N 73 8.87 42.93 10.06
N LYS N 74 9.35 41.88 10.74
CA LYS N 74 9.80 42.02 12.13
C LYS N 74 10.95 43.01 12.23
N GLU N 75 11.90 42.94 11.30
CA GLU N 75 13.08 43.78 11.38
C GLU N 75 12.73 45.24 11.11
N VAL N 76 11.85 45.50 10.15
CA VAL N 76 11.47 46.88 9.88
C VAL N 76 10.62 47.44 11.02
N ALA N 77 9.75 46.60 11.61
CA ALA N 77 9.01 47.04 12.78
C ALA N 77 9.94 47.34 13.95
N SER N 78 10.99 46.52 14.12
CA SER N 78 11.96 46.76 15.17
C SER N 78 12.75 48.05 14.92
N LYS N 79 13.09 48.33 13.66
CA LYS N 79 13.75 49.59 13.34
C LYS N 79 12.85 50.77 13.66
N ALA N 80 11.56 50.68 13.31
CA ALA N 80 10.62 51.74 13.64
C ALA N 80 10.51 51.92 15.15
N ASN N 81 10.45 50.83 15.90
CA ASN N 81 10.36 50.90 17.35
C ASN N 81 11.60 51.54 17.95
N ASP N 82 12.79 51.15 17.46
CA ASP N 82 14.02 51.74 17.96
C ASP N 82 14.11 53.23 17.65
N ALA N 83 13.68 53.62 16.44
CA ALA N 83 13.76 55.02 16.06
C ALA N 83 12.75 55.88 16.81
N ALA N 84 11.57 55.32 17.10
CA ALA N 84 10.47 56.11 17.64
C ALA N 84 10.01 55.73 19.04
N GLY N 85 10.34 54.54 19.52
CA GLY N 85 9.91 54.10 20.83
C GLY N 85 8.58 53.39 20.87
N ASP N 86 7.86 53.34 19.76
CA ASP N 86 6.57 52.66 19.68
C ASP N 86 6.22 52.50 18.21
N GLY N 87 5.06 51.91 17.95
CA GLY N 87 4.56 51.76 16.60
C GLY N 87 4.89 50.46 15.90
N THR N 88 5.36 49.44 16.63
CA THR N 88 5.66 48.16 16.00
C THR N 88 4.43 47.54 15.37
N THR N 89 3.32 47.49 16.12
CA THR N 89 2.09 46.92 15.60
C THR N 89 1.54 47.74 14.44
N THR N 90 1.56 49.07 14.58
CA THR N 90 1.07 49.93 13.50
C THR N 90 1.92 49.77 12.24
N ALA N 91 3.24 49.74 12.40
CA ALA N 91 4.11 49.53 11.24
C ALA N 91 3.85 48.17 10.60
N THR N 92 3.67 47.13 11.42
CA THR N 92 3.44 45.80 10.88
C THR N 92 2.12 45.73 10.11
N VAL N 93 1.05 46.31 10.66
CA VAL N 93 -0.23 46.24 9.97
C VAL N 93 -0.22 47.08 8.70
N LEU N 94 0.43 48.25 8.74
CA LEU N 94 0.57 49.06 7.54
C LEU N 94 1.34 48.31 6.47
N ALA N 95 2.45 47.67 6.86
CA ALA N 95 3.25 46.90 5.91
C ALA N 95 2.44 45.76 5.31
N GLN N 96 1.68 45.06 6.15
CA GLN N 96 0.85 43.97 5.65
C GLN N 96 -0.17 44.46 4.64
N ALA N 97 -0.84 45.58 4.94
CA ALA N 97 -1.84 46.10 4.00
C ALA N 97 -1.20 46.52 2.68
N ILE N 98 -0.08 47.24 2.74
CA ILE N 98 0.58 47.66 1.51
C ILE N 98 1.05 46.44 0.72
N ILE N 99 1.62 45.45 1.40
CA ILE N 99 2.13 44.28 0.71
C ILE N 99 1.00 43.52 0.04
N THR N 100 -0.12 43.33 0.74
CA THR N 100 -1.24 42.59 0.16
C THR N 100 -1.77 43.30 -1.08
N GLU N 101 -2.05 44.60 -0.96
CA GLU N 101 -2.61 45.33 -2.10
C GLU N 101 -1.62 45.41 -3.26
N GLY N 102 -0.33 45.64 -2.95
CA GLY N 102 0.66 45.72 -4.01
C GLY N 102 0.89 44.39 -4.72
N LEU N 103 0.88 43.30 -3.97
CA LEU N 103 1.00 41.98 -4.61
C LEU N 103 -0.23 41.67 -5.45
N LYS N 104 -1.41 42.10 -5.01
CA LYS N 104 -2.60 41.94 -5.85
C LYS N 104 -2.44 42.72 -7.15
N ALA N 105 -1.95 43.96 -7.06
CA ALA N 105 -1.75 44.77 -8.27
C ALA N 105 -0.69 44.17 -9.17
N VAL N 106 0.37 43.60 -8.58
CA VAL N 106 1.41 42.94 -9.37
C VAL N 106 0.84 41.73 -10.09
N ALA N 107 0.04 40.92 -9.39
CA ALA N 107 -0.62 39.79 -10.02
C ALA N 107 -1.58 40.25 -11.11
N ALA N 108 -2.08 41.49 -11.01
CA ALA N 108 -2.86 42.07 -12.09
C ALA N 108 -2.02 42.40 -13.32
N GLY N 109 -0.69 42.33 -13.22
CA GLY N 109 0.19 42.61 -14.33
C GLY N 109 0.80 43.99 -14.33
N MET N 110 0.57 44.79 -13.29
CA MET N 110 1.12 46.14 -13.23
C MET N 110 2.61 46.10 -12.94
N ASN N 111 3.29 47.18 -13.30
CA ASN N 111 4.73 47.27 -13.14
C ASN N 111 5.10 47.43 -11.67
N PRO N 112 5.88 46.53 -11.08
CA PRO N 112 6.26 46.69 -9.66
C PRO N 112 7.03 47.97 -9.37
N MET N 113 7.90 48.40 -10.28
CA MET N 113 8.71 49.59 -10.02
C MET N 113 7.84 50.86 -9.98
N ASP N 114 6.88 50.97 -10.90
CA ASP N 114 5.97 52.10 -10.87
C ASP N 114 5.10 52.07 -9.61
N LEU N 115 4.68 50.87 -9.20
CA LEU N 115 3.93 50.75 -7.95
C LEU N 115 4.75 51.23 -6.76
N LYS N 116 6.02 50.83 -6.69
CA LYS N 116 6.88 51.27 -5.59
C LYS N 116 7.07 52.78 -5.61
N ARG N 117 7.27 53.35 -6.80
CA ARG N 117 7.47 54.80 -6.89
C ARG N 117 6.20 55.54 -6.47
N GLY N 118 5.03 55.04 -6.86
CA GLY N 118 3.79 55.63 -6.41
C GLY N 118 3.61 55.54 -4.91
N ILE N 119 3.96 54.39 -4.32
CA ILE N 119 3.92 54.24 -2.87
C ILE N 119 4.83 55.26 -2.20
N ASP N 120 6.04 55.42 -2.73
CA ASP N 120 6.99 56.37 -2.13
C ASP N 120 6.47 57.80 -2.23
N LYS N 121 5.90 58.16 -3.38
CA LYS N 121 5.34 59.51 -3.54
C LYS N 121 4.20 59.75 -2.57
N ALA N 122 3.29 58.77 -2.45
CA ALA N 122 2.16 58.91 -1.54
C ALA N 122 2.63 59.03 -0.10
N VAL N 123 3.64 58.24 0.29
CA VAL N 123 4.13 58.26 1.67
C VAL N 123 4.87 59.57 1.95
N THR N 124 5.61 60.10 0.97
CA THR N 124 6.24 61.40 1.16
C THR N 124 5.20 62.50 1.36
N ALA N 125 4.15 62.49 0.53
CA ALA N 125 3.08 63.46 0.71
C ALA N 125 2.38 63.26 2.06
N ALA N 126 2.28 62.00 2.51
CA ALA N 126 1.69 61.72 3.81
C ALA N 126 2.55 62.26 4.94
N VAL N 127 3.87 62.15 4.81
CA VAL N 127 4.77 62.70 5.82
C VAL N 127 4.62 64.21 5.87
N GLU N 128 4.52 64.86 4.70
CA GLU N 128 4.30 66.31 4.68
C GLU N 128 2.96 66.66 5.34
N GLU N 129 1.91 65.89 5.05
CA GLU N 129 0.61 66.15 5.66
C GLU N 129 0.65 65.95 7.17
N LEU N 130 1.37 64.93 7.63
CA LEU N 130 1.50 64.69 9.06
C LEU N 130 2.26 65.84 9.73
N LYS N 131 3.30 66.34 9.09
CA LYS N 131 4.01 67.50 9.62
C LYS N 131 3.09 68.71 9.70
N ALA N 132 2.26 68.91 8.68
CA ALA N 132 1.31 70.02 8.71
C ALA N 132 0.28 69.86 9.81
N LEU N 133 -0.20 68.63 10.03
CA LEU N 133 -1.25 68.36 11.00
C LEU N 133 -0.72 68.32 12.44
N SER N 134 0.57 68.12 12.63
CA SER N 134 1.12 67.98 13.97
C SER N 134 1.01 69.28 14.75
N VAL N 135 0.72 69.16 16.04
CA VAL N 135 0.66 70.30 16.93
C VAL N 135 1.91 70.29 17.81
N PRO N 136 2.53 71.44 18.06
CA PRO N 136 3.77 71.46 18.85
C PRO N 136 3.54 71.01 20.29
N CYS N 137 4.58 70.42 20.87
CA CYS N 137 4.59 69.98 22.25
C CYS N 137 5.82 70.54 22.96
N SER N 138 6.04 71.84 22.79
CA SER N 138 7.20 72.50 23.38
C SER N 138 6.92 73.05 24.78
N ASP N 139 5.69 73.46 25.05
CA ASP N 139 5.35 74.02 26.35
C ASP N 139 5.49 72.95 27.44
N SER N 140 5.87 73.40 28.63
CA SER N 140 6.02 72.49 29.77
C SER N 140 4.68 71.86 30.14
N LYS N 141 3.59 72.62 30.04
CA LYS N 141 2.26 72.06 30.30
C LYS N 141 1.94 70.94 29.31
N ALA N 142 2.23 71.15 28.04
CA ALA N 142 2.00 70.10 27.04
C ALA N 142 2.90 68.90 27.29
N ILE N 143 4.14 69.14 27.71
CA ILE N 143 5.04 68.04 28.04
C ILE N 143 4.47 67.20 29.18
N ALA N 144 4.02 67.86 30.24
CA ALA N 144 3.43 67.13 31.36
C ALA N 144 2.16 66.39 30.94
N GLN N 145 1.36 67.01 30.07
CA GLN N 145 0.10 66.41 29.65
C GLN N 145 0.35 65.15 28.81
N VAL N 146 1.29 65.21 27.86
CA VAL N 146 1.60 64.05 27.04
C VAL N 146 2.27 62.97 27.88
N GLY N 147 3.11 63.36 28.85
CA GLY N 147 3.70 62.37 29.74
C GLY N 147 2.66 61.68 30.59
N THR N 148 1.66 62.43 31.07
CA THR N 148 0.56 61.84 31.81
C THR N 148 -0.21 60.84 30.94
N ILE N 149 -0.50 61.22 29.70
CA ILE N 149 -1.19 60.31 28.80
C ILE N 149 -0.39 59.04 28.58
N SER N 150 0.92 59.18 28.36
CA SER N 150 1.76 58.03 28.04
C SER N 150 1.80 57.03 29.19
N ALA N 151 1.87 57.51 30.42
CA ALA N 151 1.98 56.65 31.59
C ALA N 151 0.60 56.27 32.15
N ASN N 152 -0.28 55.77 31.27
CA ASN N 152 -1.59 55.25 31.66
C ASN N 152 -2.38 56.26 32.48
N SER N 153 -2.39 57.51 32.02
CA SER N 153 -3.17 58.59 32.62
C SER N 153 -2.79 58.82 34.09
N ASP N 154 -1.48 58.91 34.33
CA ASP N 154 -0.95 59.19 35.66
C ASP N 154 -0.30 60.57 35.64
N GLU N 155 -0.79 61.47 36.48
CA GLU N 155 -0.32 62.85 36.47
C GLU N 155 1.06 63.00 37.09
N THR N 156 1.41 62.15 38.06
CA THR N 156 2.70 62.28 38.73
C THR N 156 3.85 62.05 37.76
N VAL N 157 3.73 61.04 36.89
CA VAL N 157 4.79 60.77 35.93
C VAL N 157 4.96 61.94 34.98
N GLY N 158 3.86 62.49 34.48
CA GLY N 158 3.94 63.66 33.61
C GLY N 158 4.58 64.85 34.30
N LYS N 159 4.23 65.08 35.57
CA LYS N 159 4.81 66.19 36.32
C LYS N 159 6.32 65.99 36.49
N LEU N 160 6.74 64.76 36.80
CA LEU N 160 8.17 64.47 36.92
C LEU N 160 8.90 64.68 35.61
N ILE N 161 8.31 64.23 34.49
CA ILE N 161 8.95 64.43 33.19
C ILE N 161 9.06 65.92 32.87
N ALA N 162 8.00 66.68 33.17
CA ALA N 162 8.02 68.11 32.91
C ALA N 162 9.10 68.82 33.74
N GLU N 163 9.20 68.47 35.03
CA GLU N 163 10.22 69.10 35.86
C GLU N 163 11.62 68.68 35.45
N ALA N 164 11.79 67.42 35.00
CA ALA N 164 13.09 66.98 34.53
C ALA N 164 13.51 67.76 33.29
N MET N 165 12.59 67.93 32.33
CA MET N 165 12.93 68.68 31.13
C MET N 165 13.08 70.17 31.41
N ASP N 166 12.42 70.69 32.44
CA ASP N 166 12.69 72.06 32.87
C ASP N 166 14.08 72.19 33.46
N LYS N 167 14.51 71.18 34.22
CA LYS N 167 15.81 71.26 34.88
C LYS N 167 16.96 71.08 33.90
N VAL N 168 16.84 70.14 32.96
CA VAL N 168 17.95 69.80 32.08
C VAL N 168 17.74 70.30 30.65
N GLY N 169 16.51 70.56 30.24
CA GLY N 169 16.26 70.94 28.86
C GLY N 169 15.57 69.82 28.10
N LYS N 170 14.83 70.21 27.06
CA LYS N 170 14.11 69.21 26.25
C LYS N 170 15.07 68.29 25.52
N GLU N 171 16.27 68.76 25.19
CA GLU N 171 17.28 67.95 24.54
C GLU N 171 18.24 67.28 25.52
N GLY N 172 18.11 67.56 26.81
CA GLY N 172 19.00 67.00 27.80
C GLY N 172 18.78 65.52 28.02
N VAL N 173 19.74 64.90 28.70
CA VAL N 173 19.70 63.48 28.99
C VAL N 173 18.98 63.26 30.31
N ILE N 174 17.97 62.41 30.30
CA ILE N 174 17.20 62.06 31.49
C ILE N 174 17.25 60.55 31.67
N THR N 175 17.61 60.10 32.87
CA THR N 175 17.71 58.69 33.19
C THR N 175 16.86 58.38 34.41
N VAL N 176 16.24 57.20 34.39
CA VAL N 176 15.34 56.76 35.45
C VAL N 176 16.06 55.72 36.29
N GLU N 177 16.09 55.94 37.60
CA GLU N 177 16.72 55.04 38.56
C GLU N 177 15.69 54.58 39.59
N ASP N 178 16.15 53.76 40.53
CA ASP N 178 15.28 53.23 41.58
C ASP N 178 15.39 54.08 42.83
N GLY N 179 14.25 54.56 43.32
CA GLY N 179 14.24 55.42 44.49
C GLY N 179 14.19 54.63 45.79
N THR N 180 14.90 55.14 46.79
CA THR N 180 14.94 54.46 48.09
C THR N 180 13.64 54.66 48.87
N GLY N 181 13.10 55.88 48.87
CA GLY N 181 11.95 56.22 49.68
C GLY N 181 10.66 56.30 48.89
N LEU N 182 9.61 56.76 49.58
CA LEU N 182 8.30 56.87 48.96
C LEU N 182 8.26 57.99 47.92
N GLN N 183 8.96 59.08 48.19
CA GLN N 183 8.92 60.25 47.32
C GLN N 183 9.85 60.06 46.12
N ASP N 184 9.67 60.94 45.14
CA ASP N 184 10.47 60.93 43.92
C ASP N 184 11.35 62.16 43.90
N GLU N 185 12.66 61.94 43.77
CA GLU N 185 13.64 63.02 43.79
C GLU N 185 14.30 63.15 42.43
N LEU N 186 14.54 64.40 42.03
CA LEU N 186 15.17 64.71 40.75
C LEU N 186 16.43 65.53 41.00
N ASP N 187 17.53 65.13 40.37
CA ASP N 187 18.80 65.80 40.55
C ASP N 187 19.59 65.75 39.25
N VAL N 188 20.56 66.65 39.12
CA VAL N 188 21.44 66.73 37.97
C VAL N 188 22.82 66.24 38.39
N VAL N 189 23.32 65.23 37.69
CA VAL N 189 24.63 64.66 38.00
C VAL N 189 25.55 64.92 36.82
N GLU N 190 26.85 64.88 37.10
CA GLU N 190 27.87 65.12 36.08
C GLU N 190 28.02 63.86 35.23
N GLY N 191 27.66 63.96 33.95
CA GLY N 191 27.75 62.83 33.07
C GLY N 191 27.43 63.24 31.64
N MET N 192 27.60 62.28 30.73
CA MET N 192 27.35 62.51 29.32
C MET N 192 26.90 61.20 28.67
N GLN N 193 26.20 61.34 27.55
CA GLN N 193 25.69 60.19 26.81
C GLN N 193 26.13 60.29 25.36
N PHE N 194 26.77 59.23 24.87
CA PHE N 194 27.17 59.12 23.47
C PHE N 194 26.36 58.00 22.81
N ASP N 195 26.36 58.03 21.47
CA ASP N 195 25.46 57.21 20.67
C ASP N 195 26.09 55.90 20.20
N ARG N 196 26.97 55.31 20.98
CA ARG N 196 27.57 54.02 20.65
C ARG N 196 27.03 52.94 21.58
N GLY N 197 26.62 51.82 21.00
CA GLY N 197 26.05 50.72 21.75
C GLY N 197 27.06 49.64 22.08
N TYR N 198 26.55 48.60 22.75
CA TYR N 198 27.40 47.46 23.10
C TYR N 198 27.82 46.69 21.85
N LEU N 199 29.02 46.12 21.90
CA LEU N 199 29.55 45.40 20.76
C LEU N 199 28.91 44.02 20.61
N SER N 200 28.45 43.42 21.70
CA SER N 200 27.80 42.12 21.63
C SER N 200 26.52 42.13 22.47
N PRO N 201 25.44 41.55 21.93
CA PRO N 201 24.19 41.49 22.72
C PRO N 201 24.31 40.65 23.98
N TYR N 202 25.31 39.78 24.07
CA TYR N 202 25.47 38.92 25.25
C TYR N 202 25.85 39.70 26.50
N PHE N 203 26.24 40.97 26.37
CA PHE N 203 26.58 41.79 27.52
C PHE N 203 25.36 42.28 28.29
N ILE N 204 24.15 42.06 27.77
CA ILE N 204 22.93 42.61 28.36
C ILE N 204 22.71 42.03 29.75
N ASN N 205 22.78 42.89 30.77
CA ASN N 205 22.54 42.45 32.14
C ASN N 205 21.06 42.23 32.40
N LYS N 206 20.20 43.08 31.85
CA LYS N 206 18.76 42.99 32.05
C LYS N 206 18.07 42.72 30.72
N PRO N 207 17.75 41.46 30.41
CA PRO N 207 17.07 41.17 29.14
C PRO N 207 15.71 41.86 29.02
N GLU N 208 15.00 42.05 30.14
CA GLU N 208 13.70 42.71 30.08
C GLU N 208 13.83 44.14 29.59
N THR N 209 14.86 44.86 30.04
CA THR N 209 15.08 46.23 29.57
C THR N 209 15.86 46.26 28.26
N GLY N 210 16.61 45.20 27.96
CA GLY N 210 17.39 45.16 26.74
C GLY N 210 18.59 46.07 26.73
N ALA N 211 19.11 46.45 27.90
CA ALA N 211 20.24 47.35 27.99
C ALA N 211 21.22 46.83 29.04
N VAL N 212 22.48 47.24 28.91
CA VAL N 212 23.53 46.86 29.84
C VAL N 212 23.66 47.95 30.90
N GLU N 213 23.44 47.58 32.16
CA GLU N 213 23.53 48.50 33.28
C GLU N 213 24.49 47.96 34.31
N LEU N 214 25.41 48.80 34.77
CA LEU N 214 26.40 48.45 35.77
C LEU N 214 26.35 49.43 36.93
N GLU N 215 26.54 48.91 38.14
CA GLU N 215 26.50 49.73 39.35
C GLU N 215 27.94 50.02 39.79
N SER N 216 28.32 51.29 39.77
CA SER N 216 29.64 51.75 40.15
C SER N 216 30.77 50.95 39.48
N PRO N 217 30.86 50.99 38.14
CA PRO N 217 31.90 50.23 37.45
C PRO N 217 33.15 51.08 37.19
N PHE N 218 34.20 50.39 36.74
CA PHE N 218 35.41 51.04 36.28
C PHE N 218 35.35 51.26 34.78
N ILE N 219 36.03 52.30 34.31
CA ILE N 219 35.99 52.72 32.92
C ILE N 219 37.39 52.65 32.33
N LEU N 220 37.52 51.99 31.18
CA LEU N 220 38.77 51.90 30.44
C LEU N 220 38.70 52.83 29.23
N LEU N 221 39.81 53.51 28.94
CA LEU N 221 39.86 54.56 27.93
C LEU N 221 41.09 54.34 27.08
N ALA N 222 40.94 53.65 25.94
CA ALA N 222 42.06 53.30 25.09
C ALA N 222 41.94 54.00 23.74
N ASP N 223 43.07 54.57 23.28
CA ASP N 223 43.14 55.23 21.99
C ASP N 223 43.35 54.26 20.83
N LYS N 224 43.56 52.98 21.11
CA LYS N 224 43.87 51.99 20.08
C LYS N 224 42.78 50.93 20.03
N LYS N 225 42.71 50.25 18.88
CA LYS N 225 41.79 49.14 18.71
C LYS N 225 42.23 47.97 19.59
N ILE N 226 41.25 47.31 20.22
CA ILE N 226 41.51 46.22 21.14
C ILE N 226 41.32 44.90 20.40
N SER N 227 42.35 44.08 20.39
CA SER N 227 42.28 42.75 19.78
C SER N 227 42.76 41.65 20.71
N ASN N 228 43.79 41.89 21.51
CA ASN N 228 44.40 40.88 22.34
C ASN N 228 43.99 41.07 23.80
N ILE N 229 43.61 39.98 24.46
CA ILE N 229 43.26 40.05 25.87
C ILE N 229 44.49 40.33 26.73
N ARG N 230 45.66 39.88 26.28
CA ARG N 230 46.88 40.07 27.06
C ARG N 230 47.19 41.53 27.33
N GLU N 231 46.66 42.44 26.50
CA GLU N 231 46.93 43.86 26.70
C GLU N 231 46.42 44.35 28.06
N MET N 232 45.22 43.94 28.43
CA MET N 232 44.62 44.34 29.71
C MET N 232 44.42 43.15 30.65
N LEU N 233 45.11 42.03 30.40
CA LEU N 233 45.02 40.90 31.31
C LEU N 233 45.40 41.26 32.74
N PRO N 234 46.52 41.96 33.00
CA PRO N 234 46.71 42.46 34.38
C PRO N 234 45.64 43.43 34.82
N VAL N 235 45.14 44.27 33.90
CA VAL N 235 44.05 45.19 34.23
C VAL N 235 42.79 44.41 34.55
N LEU N 236 42.50 43.35 33.78
CA LEU N 236 41.34 42.52 34.06
C LEU N 236 41.47 41.82 35.40
N GLU N 237 42.68 41.36 35.73
CA GLU N 237 42.91 40.73 37.03
C GLU N 237 42.70 41.72 38.17
N ALA N 238 43.18 42.95 38.00
CA ALA N 238 42.97 43.97 39.02
C ALA N 238 41.49 44.29 39.18
N VAL N 239 40.76 44.35 38.06
CA VAL N 239 39.31 44.61 38.12
C VAL N 239 38.61 43.48 38.84
N ALA N 240 38.98 42.24 38.55
CA ALA N 240 38.37 41.10 39.24
C ALA N 240 38.68 41.14 40.73
N LYS N 241 39.91 41.50 41.09
CA LYS N 241 40.27 41.62 42.50
C LYS N 241 39.45 42.71 43.19
N ALA N 242 39.24 43.84 42.50
CA ALA N 242 38.42 44.90 43.08
C ALA N 242 36.97 44.47 43.24
N GLY N 243 36.49 43.54 42.41
CA GLY N 243 35.13 43.07 42.50
C GLY N 243 34.09 43.94 41.82
N LYS N 244 34.51 45.04 41.18
CA LYS N 244 33.58 45.92 40.50
C LYS N 244 33.60 45.66 38.99
N PRO N 245 32.48 45.91 38.31
CA PRO N 245 32.44 45.70 36.86
C PRO N 245 33.36 46.68 36.14
N LEU N 246 33.76 46.28 34.93
CA LEU N 246 34.62 47.09 34.08
C LEU N 246 33.88 47.45 32.80
N LEU N 247 33.87 48.74 32.47
CA LEU N 247 33.32 49.23 31.22
C LEU N 247 34.47 49.72 30.36
N ILE N 248 34.59 49.17 29.15
CA ILE N 248 35.68 49.49 28.25
C ILE N 248 35.11 50.19 27.02
N ILE N 249 35.71 51.33 26.67
CA ILE N 249 35.36 52.06 25.45
C ILE N 249 36.66 52.43 24.75
N ALA N 250 36.77 52.08 23.47
CA ALA N 250 37.97 52.31 22.68
C ALA N 250 37.58 52.32 21.21
N GLU N 251 38.59 52.24 20.33
CA GLU N 251 38.32 52.27 18.90
C GLU N 251 37.48 51.07 18.48
N ASP N 252 37.83 49.88 18.96
CA ASP N 252 37.11 48.65 18.63
C ASP N 252 37.62 47.53 19.52
N VAL N 253 36.74 46.56 19.78
CA VAL N 253 37.09 45.34 20.52
C VAL N 253 36.64 44.16 19.68
N GLU N 254 37.58 43.30 19.31
CA GLU N 254 37.28 42.16 18.44
C GLU N 254 38.36 41.10 18.62
N GLY N 255 38.07 39.92 18.09
CA GLY N 255 39.02 38.83 18.12
C GLY N 255 39.05 38.04 19.41
N GLU N 256 40.25 37.68 19.86
CA GLU N 256 40.38 36.85 21.06
C GLU N 256 39.94 37.61 22.30
N ALA N 257 40.19 38.92 22.37
CA ALA N 257 39.74 39.72 23.49
C ALA N 257 38.22 39.72 23.59
N LEU N 258 37.54 39.92 22.46
CA LEU N 258 36.09 39.89 22.45
C LEU N 258 35.57 38.50 22.82
N ALA N 259 36.20 37.46 22.29
CA ALA N 259 35.77 36.09 22.58
C ALA N 259 35.89 35.78 24.06
N THR N 260 37.03 36.13 24.68
CA THR N 260 37.22 35.84 26.08
C THR N 260 36.35 36.71 26.97
N LEU N 261 36.06 37.95 26.55
CA LEU N 261 35.12 38.77 27.30
C LEU N 261 33.72 38.18 27.26
N VAL N 262 33.30 37.69 26.09
CA VAL N 262 32.00 37.02 25.98
C VAL N 262 31.97 35.77 26.87
N VAL N 263 33.07 35.00 26.87
CA VAL N 263 33.14 33.80 27.70
C VAL N 263 33.03 34.18 29.17
N ASN N 264 33.74 35.23 29.59
CA ASN N 264 33.68 35.66 30.99
C ASN N 264 32.28 36.11 31.37
N THR N 265 31.62 36.88 30.49
CA THR N 265 30.26 37.33 30.78
C THR N 265 29.29 36.15 30.87
N MET N 266 29.41 35.19 29.97
CA MET N 266 28.56 34.01 30.03
C MET N 266 28.81 33.21 31.31
N ARG N 267 30.08 33.04 31.68
CA ARG N 267 30.39 32.42 32.95
C ARG N 267 30.03 33.31 34.13
N GLY N 268 30.09 34.63 33.93
CA GLY N 268 29.76 35.58 34.97
C GLY N 268 30.88 35.92 35.93
N ILE N 269 32.09 35.45 35.67
CA ILE N 269 33.20 35.70 36.59
C ILE N 269 33.48 37.19 36.71
N VAL N 270 33.50 37.89 35.57
CA VAL N 270 33.70 39.34 35.54
C VAL N 270 32.69 39.94 34.57
N LYS N 271 32.01 41.00 34.99
CA LYS N 271 31.05 41.69 34.14
C LYS N 271 31.77 42.82 33.40
N VAL N 272 32.02 42.61 32.11
CA VAL N 272 32.67 43.61 31.26
C VAL N 272 31.85 43.76 29.99
N ALA N 273 31.59 45.00 29.61
CA ALA N 273 30.86 45.32 28.38
C ALA N 273 31.73 46.19 27.49
N ALA N 274 31.71 45.90 26.19
CA ALA N 274 32.53 46.59 25.21
C ALA N 274 31.67 47.51 24.37
N VAL N 275 32.06 48.79 24.30
CA VAL N 275 31.37 49.80 23.53
C VAL N 275 32.40 50.58 22.74
N LYS N 276 32.13 50.83 21.46
CA LYS N 276 33.03 51.61 20.63
C LYS N 276 33.06 53.07 21.09
N ALA N 277 34.19 53.72 20.85
CA ALA N 277 34.30 55.13 21.19
C ALA N 277 33.50 55.97 20.20
N PRO N 278 32.83 57.02 20.66
CA PRO N 278 32.10 57.89 19.73
C PRO N 278 33.04 58.66 18.81
N GLY N 279 32.57 58.91 17.60
CA GLY N 279 33.36 59.61 16.61
C GLY N 279 34.47 58.75 16.04
N PHE N 280 35.23 59.35 15.12
CA PHE N 280 36.35 58.67 14.48
C PHE N 280 37.49 59.65 14.29
N GLY N 281 38.69 59.22 14.63
CA GLY N 281 39.87 60.05 14.39
C GLY N 281 40.03 61.13 15.44
N ASP N 282 40.19 62.37 14.97
CA ASP N 282 40.36 63.50 15.88
C ASP N 282 39.14 63.68 16.77
N ARG N 283 37.94 63.56 16.21
CA ARG N 283 36.74 63.64 17.02
C ARG N 283 36.68 62.53 18.06
N ARG N 284 37.08 61.31 17.67
CA ARG N 284 37.09 60.20 18.62
C ARG N 284 38.03 60.48 19.77
N LYS N 285 39.23 60.99 19.46
CA LYS N 285 40.17 61.35 20.53
C LYS N 285 39.59 62.45 21.40
N ALA N 286 38.88 63.40 20.79
CA ALA N 286 38.31 64.52 21.55
C ALA N 286 37.26 64.04 22.54
N MET N 287 36.31 63.22 22.07
CA MET N 287 35.30 62.70 23.01
C MET N 287 35.90 61.75 24.03
N LEU N 288 36.94 60.99 23.67
CA LEU N 288 37.58 60.14 24.66
C LEU N 288 38.25 60.97 25.75
N GLN N 289 38.91 62.07 25.37
CA GLN N 289 39.50 62.95 26.36
C GLN N 289 38.44 63.64 27.20
N ASP N 290 37.30 63.98 26.59
CA ASP N 290 36.18 64.53 27.36
C ASP N 290 35.70 63.54 28.42
N ILE N 291 35.57 62.28 28.04
CA ILE N 291 35.14 61.25 28.99
C ILE N 291 36.19 61.07 30.09
N ALA N 292 37.48 61.14 29.71
CA ALA N 292 38.54 61.04 30.70
C ALA N 292 38.47 62.17 31.71
N THR N 293 38.25 63.40 31.23
CA THR N 293 38.13 64.54 32.14
C THR N 293 36.89 64.40 33.02
N LEU N 294 35.79 63.92 32.45
CA LEU N 294 34.54 63.80 33.20
C LEU N 294 34.65 62.76 34.31
N THR N 295 35.15 61.58 33.99
CA THR N 295 35.23 60.48 34.94
C THR N 295 36.53 60.46 35.74
N GLY N 296 37.47 61.35 35.44
CA GLY N 296 38.72 61.40 36.18
C GLY N 296 39.71 60.33 35.80
N GLY N 297 39.44 59.54 34.77
CA GLY N 297 40.34 58.49 34.35
C GLY N 297 41.43 59.00 33.43
N THR N 298 42.22 58.06 32.92
CA THR N 298 43.33 58.36 32.03
C THR N 298 43.13 57.60 30.72
N VAL N 299 43.39 58.29 29.61
CA VAL N 299 43.25 57.68 28.29
C VAL N 299 44.51 56.89 27.96
N ILE N 300 44.34 55.63 27.60
CA ILE N 300 45.46 54.79 27.17
C ILE N 300 45.79 55.21 25.74
N SER N 301 46.79 56.06 25.59
CA SER N 301 47.15 56.65 24.31
C SER N 301 48.45 56.05 23.80
N GLU N 302 48.47 55.66 22.53
CA GLU N 302 49.67 55.10 21.93
C GLU N 302 50.71 56.17 21.61
N GLU N 303 50.26 57.39 21.28
CA GLU N 303 51.20 58.46 20.95
C GLU N 303 52.05 58.86 22.15
N ILE N 304 51.49 58.77 23.36
CA ILE N 304 52.29 59.05 24.56
C ILE N 304 53.36 58.00 24.75
N GLY N 305 53.06 56.74 24.39
CA GLY N 305 53.94 55.63 24.63
C GLY N 305 53.55 54.77 25.80
N MET N 306 52.71 55.28 26.70
CA MET N 306 52.18 54.47 27.79
C MET N 306 51.26 53.40 27.23
N GLU N 307 51.23 52.25 27.90
CA GLU N 307 50.67 51.04 27.30
C GLU N 307 49.76 50.36 28.32
N LEU N 308 48.97 49.39 27.82
CA LEU N 308 47.85 48.86 28.59
C LEU N 308 48.28 48.00 29.77
N GLU N 309 49.25 47.08 29.57
CA GLU N 309 49.58 46.15 30.65
C GLU N 309 50.02 46.87 31.92
N LYS N 310 50.64 48.04 31.77
CA LYS N 310 51.12 48.75 32.96
C LYS N 310 50.06 49.64 33.59
N ALA N 311 48.85 49.71 33.01
CA ALA N 311 47.80 50.54 33.56
C ALA N 311 47.37 50.04 34.94
N THR N 312 47.03 50.97 35.81
CA THR N 312 46.66 50.68 37.18
C THR N 312 45.15 50.90 37.39
N LEU N 313 44.68 50.54 38.58
CA LEU N 313 43.26 50.70 38.90
C LEU N 313 42.87 52.17 38.94
N GLU N 314 43.71 53.02 39.53
CA GLU N 314 43.39 54.44 39.63
C GLU N 314 43.32 55.11 38.28
N ASP N 315 44.11 54.65 37.31
CA ASP N 315 44.06 55.23 35.97
C ASP N 315 42.72 54.97 35.29
N LEU N 316 42.04 53.88 35.65
CA LEU N 316 40.74 53.58 35.08
C LEU N 316 39.70 54.59 35.56
N GLY N 317 38.83 55.01 34.65
CA GLY N 317 37.77 55.93 35.02
C GLY N 317 36.74 55.26 35.90
N GLN N 318 36.06 56.09 36.70
CA GLN N 318 35.06 55.60 37.65
C GLN N 318 33.79 56.43 37.52
N ALA N 319 32.66 55.73 37.51
CA ALA N 319 31.35 56.37 37.50
C ALA N 319 30.43 55.61 38.46
N LYS N 320 29.42 56.31 38.97
CA LYS N 320 28.48 55.66 39.89
C LYS N 320 27.52 54.72 39.17
N ARG N 321 27.23 54.99 37.90
CA ARG N 321 26.31 54.15 37.15
C ARG N 321 26.51 54.41 35.66
N VAL N 322 26.45 53.34 34.87
CA VAL N 322 26.51 53.42 33.42
C VAL N 322 25.38 52.58 32.85
N VAL N 323 24.76 53.07 31.77
CA VAL N 323 23.69 52.35 31.07
C VAL N 323 24.09 52.26 29.61
N ILE N 324 24.13 51.02 29.09
CA ILE N 324 24.54 50.77 27.71
C ILE N 324 23.34 50.14 26.99
N ASN N 325 22.80 50.87 26.02
CA ASN N 325 21.74 50.38 25.15
C ASN N 325 22.34 49.96 23.81
N LYS N 326 21.51 49.35 22.97
CA LYS N 326 21.98 48.94 21.65
C LYS N 326 22.38 50.14 20.81
N ASP N 327 21.65 51.25 20.91
CA ASP N 327 21.90 52.42 20.08
C ASP N 327 22.64 53.54 20.81
N THR N 328 22.74 53.48 22.14
CA THR N 328 23.36 54.58 22.87
C THR N 328 23.95 54.06 24.17
N THR N 329 24.83 54.86 24.76
CA THR N 329 25.45 54.58 26.05
C THR N 329 25.42 55.84 26.89
N THR N 330 25.05 55.70 28.16
CA THR N 330 24.91 56.83 29.07
C THR N 330 25.85 56.65 30.26
N ILE N 331 26.59 57.70 30.59
CA ILE N 331 27.45 57.73 31.76
C ILE N 331 26.79 58.62 32.81
N ILE N 332 26.49 58.03 33.96
CA ILE N 332 25.72 58.71 35.01
C ILE N 332 26.62 58.92 36.21
N ASP N 333 26.73 60.17 36.66
CA ASP N 333 27.42 60.54 37.89
C ASP N 333 28.87 60.05 37.89
N GLY N 334 29.60 60.41 36.84
CA GLY N 334 31.03 60.14 36.81
C GLY N 334 31.75 60.96 37.85
N VAL N 335 32.48 60.30 38.76
CA VAL N 335 33.13 61.00 39.86
C VAL N 335 34.35 61.73 39.34
N GLY N 336 34.50 62.98 39.74
CA GLY N 336 35.64 63.78 39.33
C GLY N 336 35.52 65.17 39.88
N GLU N 337 36.67 65.86 39.90
CA GLU N 337 36.70 67.23 40.41
C GLU N 337 35.95 68.17 39.48
N GLU N 338 35.08 69.00 40.06
CA GLU N 338 34.31 69.94 39.26
C GLU N 338 35.21 71.01 38.62
N ALA N 339 36.36 71.29 39.24
CA ALA N 339 37.29 72.25 38.66
C ALA N 339 37.77 71.78 37.29
N ALA N 340 38.03 70.48 37.15
CA ALA N 340 38.41 69.94 35.85
C ALA N 340 37.30 70.12 34.83
N ILE N 341 36.05 69.92 35.24
CA ILE N 341 34.92 70.09 34.33
C ILE N 341 34.82 71.55 33.87
N GLN N 342 34.96 72.49 34.82
CA GLN N 342 34.90 73.90 34.46
C GLN N 342 36.05 74.29 33.54
N GLY N 343 37.26 73.79 33.82
CA GLY N 343 38.37 74.07 32.94
C GLY N 343 38.17 73.51 31.54
N ARG N 344 37.64 72.29 31.46
CA ARG N 344 37.42 71.67 30.16
C ARG N 344 36.35 72.41 29.36
N VAL N 345 35.26 72.81 30.01
CA VAL N 345 34.22 73.53 29.27
C VAL N 345 34.71 74.90 28.85
N ALA N 346 35.52 75.56 29.70
CA ALA N 346 36.11 76.84 29.31
C ALA N 346 37.06 76.67 28.12
N GLN N 347 37.84 75.59 28.12
CA GLN N 347 38.72 75.31 26.98
C GLN N 347 37.92 75.09 25.71
N ILE N 348 36.86 74.30 25.78
CA ILE N 348 36.03 74.05 24.60
C ILE N 348 35.41 75.34 24.12
N ARG N 349 34.97 76.20 25.04
CA ARG N 349 34.40 77.49 24.65
C ARG N 349 35.44 78.38 23.98
N GLN N 350 36.70 78.36 24.45
CA GLN N 350 37.68 79.21 23.81
C GLN N 350 38.10 78.67 22.45
N GLN N 351 38.10 77.34 22.26
CA GLN N 351 38.18 76.84 20.89
C GLN N 351 36.98 77.28 20.06
N ILE N 352 35.80 77.37 20.68
CA ILE N 352 34.61 77.85 19.96
C ILE N 352 34.83 79.26 19.44
N GLU N 353 35.33 80.16 20.30
CA GLU N 353 35.59 81.51 19.84
C GLU N 353 36.71 81.54 18.79
N GLU N 354 37.76 80.76 18.97
CA GLU N 354 38.84 80.80 17.97
C GLU N 354 38.52 79.99 16.71
N ALA N 355 37.44 79.22 16.71
CA ALA N 355 37.06 78.46 15.52
C ALA N 355 36.53 79.39 14.44
N THR N 356 36.66 78.95 13.18
CA THR N 356 36.23 79.74 12.03
C THR N 356 35.11 79.06 11.24
N SER N 357 35.31 77.81 10.82
CA SER N 357 34.32 77.14 9.99
C SER N 357 33.04 76.84 10.79
N ASP N 358 31.91 76.83 10.07
CA ASP N 358 30.62 76.68 10.74
C ASP N 358 30.42 75.26 11.24
N TYR N 359 30.88 74.25 10.49
CA TYR N 359 30.68 72.87 10.92
C TYR N 359 31.49 72.55 12.17
N ASP N 360 32.74 73.02 12.23
CA ASP N 360 33.54 72.79 13.44
C ASP N 360 32.95 73.50 14.64
N ARG N 361 32.46 74.74 14.45
CA ARG N 361 31.86 75.46 15.57
C ARG N 361 30.60 74.75 16.04
N GLU N 362 29.81 74.21 15.12
CA GLU N 362 28.63 73.44 15.51
C GLU N 362 29.03 72.18 16.26
N LYS N 363 30.07 71.48 15.79
CA LYS N 363 30.48 70.24 16.42
C LYS N 363 30.96 70.48 17.85
N LEU N 364 31.81 71.49 18.04
CA LEU N 364 32.28 71.77 19.40
C LEU N 364 31.20 72.39 20.27
N GLN N 365 30.24 73.11 19.69
CA GLN N 365 29.11 73.57 20.47
C GLN N 365 28.29 72.39 20.99
N GLU N 366 28.03 71.40 20.12
CA GLU N 366 27.35 70.19 20.57
C GLU N 366 28.17 69.47 21.63
N ARG N 367 29.48 69.42 21.46
CA ARG N 367 30.36 68.77 22.44
C ARG N 367 30.26 69.45 23.80
N VAL N 368 30.34 70.78 23.82
CA VAL N 368 30.31 71.49 25.10
C VAL N 368 28.92 71.39 25.72
N ALA N 369 27.86 71.42 24.91
CA ALA N 369 26.52 71.25 25.45
C ALA N 369 26.36 69.88 26.08
N LYS N 370 26.86 68.83 25.42
CA LYS N 370 26.79 67.48 25.99
C LYS N 370 27.61 67.38 27.27
N LEU N 371 28.79 68.01 27.30
CA LEU N 371 29.66 67.89 28.46
C LEU N 371 29.14 68.66 29.66
N ALA N 372 28.56 69.84 29.44
CA ALA N 372 28.16 70.71 30.55
C ALA N 372 26.69 70.61 30.91
N GLY N 373 25.86 70.01 30.07
CA GLY N 373 24.45 69.89 30.38
C GLY N 373 24.17 69.01 31.58
N GLY N 374 24.96 67.95 31.75
CA GLY N 374 24.73 67.00 32.83
C GLY N 374 23.63 66.01 32.50
N VAL N 375 23.41 65.09 33.43
CA VAL N 375 22.41 64.04 33.29
C VAL N 375 21.39 64.22 34.41
N ALA N 376 20.12 64.35 34.04
CA ALA N 376 19.04 64.42 35.02
C ALA N 376 18.61 63.01 35.41
N VAL N 377 18.57 62.74 36.70
CA VAL N 377 18.25 61.42 37.23
C VAL N 377 16.90 61.49 37.92
N ILE N 378 15.96 60.66 37.48
CA ILE N 378 14.64 60.57 38.08
C ILE N 378 14.64 59.31 38.95
N LYS N 379 14.73 59.50 40.27
CA LYS N 379 14.73 58.38 41.20
C LYS N 379 13.29 58.14 41.64
N VAL N 380 12.57 57.36 40.85
CA VAL N 380 11.16 57.09 41.13
C VAL N 380 11.04 56.15 42.33
N GLY N 381 10.11 56.46 43.22
CA GLY N 381 9.91 55.66 44.41
C GLY N 381 8.45 55.48 44.72
N ALA N 382 8.17 54.45 45.51
CA ALA N 382 6.81 54.14 45.96
C ALA N 382 6.90 53.38 47.28
N ALA N 383 5.80 52.77 47.69
CA ALA N 383 5.73 52.07 48.96
C ALA N 383 6.12 50.60 48.86
N THR N 384 5.78 49.95 47.75
CA THR N 384 6.02 48.52 47.57
C THR N 384 6.98 48.32 46.40
N GLU N 385 7.83 47.28 46.52
CA GLU N 385 8.89 47.06 45.54
C GLU N 385 8.32 46.81 44.15
N VAL N 386 7.31 45.93 44.04
CA VAL N 386 6.76 45.63 42.73
C VAL N 386 6.06 46.85 42.13
N GLU N 387 5.34 47.60 42.96
CA GLU N 387 4.65 48.77 42.44
C GLU N 387 5.61 49.87 42.05
N MET N 388 6.76 50.01 42.74
CA MET N 388 7.72 51.01 42.31
C MET N 388 8.48 50.57 41.07
N LYS N 389 8.71 49.27 40.89
CA LYS N 389 9.24 48.79 39.61
C LYS N 389 8.27 49.07 38.47
N GLU N 390 6.98 48.84 38.70
CA GLU N 390 5.98 49.17 37.68
C GLU N 390 5.96 50.66 37.39
N LYS N 391 6.06 51.49 38.43
CA LYS N 391 6.12 52.94 38.23
C LYS N 391 7.37 53.33 37.46
N LYS N 392 8.49 52.66 37.71
CA LYS N 392 9.72 52.94 36.97
C LYS N 392 9.54 52.60 35.49
N ALA N 393 8.92 51.46 35.20
CA ALA N 393 8.66 51.10 33.80
C ALA N 393 7.75 52.12 33.13
N ARG N 394 6.69 52.53 33.83
CA ARG N 394 5.79 53.54 33.28
C ARG N 394 6.51 54.86 33.05
N VAL N 395 7.38 55.25 33.98
CA VAL N 395 8.12 56.50 33.85
C VAL N 395 9.06 56.43 32.65
N GLU N 396 9.73 55.29 32.45
CA GLU N 396 10.61 55.15 31.30
C GLU N 396 9.84 55.22 29.99
N ASP N 397 8.69 54.54 29.92
CA ASP N 397 7.87 54.58 28.71
C ASP N 397 7.38 56.00 28.43
N ALA N 398 6.90 56.69 29.47
CA ALA N 398 6.45 58.07 29.29
C ALA N 398 7.60 58.99 28.91
N LEU N 399 8.80 58.74 29.43
CA LEU N 399 9.96 59.53 29.05
C LEU N 399 10.29 59.35 27.57
N HIS N 400 10.25 58.11 27.09
CA HIS N 400 10.49 57.88 25.66
C HIS N 400 9.44 58.56 24.80
N ALA N 401 8.16 58.42 25.19
CA ALA N 401 7.08 59.02 24.42
C ALA N 401 7.19 60.53 24.42
N THR N 402 7.51 61.13 25.57
CA THR N 402 7.63 62.59 25.64
C THR N 402 8.86 63.08 24.91
N ARG N 403 9.94 62.31 24.88
CA ARG N 403 11.09 62.66 24.06
C ARG N 403 10.71 62.69 22.59
N ALA N 404 9.96 61.67 22.13
CA ALA N 404 9.47 61.70 20.75
C ALA N 404 8.57 62.90 20.50
N ALA N 405 7.71 63.23 21.48
CA ALA N 405 6.81 64.36 21.33
C ALA N 405 7.57 65.68 21.20
N VAL N 406 8.52 65.94 22.10
CA VAL N 406 9.29 67.17 22.02
C VAL N 406 10.18 67.17 20.78
N GLU N 407 10.52 65.99 20.25
CA GLU N 407 11.27 65.95 19.00
C GLU N 407 10.42 66.39 17.82
N GLU N 408 9.20 65.86 17.70
CA GLU N 408 8.43 66.13 16.49
C GLU N 408 6.96 66.45 16.75
N GLY N 409 6.58 66.79 17.99
CA GLY N 409 5.19 67.12 18.26
C GLY N 409 4.33 65.88 18.40
N VAL N 410 3.05 66.13 18.73
CA VAL N 410 2.07 65.07 18.87
C VAL N 410 1.01 65.25 17.80
N VAL N 411 0.36 64.14 17.44
CA VAL N 411 -0.74 64.12 16.49
C VAL N 411 -1.83 63.23 17.08
N ALA N 412 -3.06 63.43 16.59
CA ALA N 412 -4.20 62.67 17.07
C ALA N 412 -3.97 61.18 16.86
N GLY N 413 -3.85 60.43 17.95
CA GLY N 413 -3.54 59.02 17.90
C GLY N 413 -4.76 58.16 17.64
N GLY N 414 -4.60 56.87 17.92
CA GLY N 414 -5.66 55.92 17.69
C GLY N 414 -5.89 55.55 16.24
N GLY N 415 -4.93 55.86 15.36
CA GLY N 415 -5.06 55.54 13.96
C GLY N 415 -5.85 56.54 13.15
N VAL N 416 -6.23 57.69 13.73
CA VAL N 416 -6.99 58.68 12.99
C VAL N 416 -6.10 59.67 12.25
N ALA N 417 -4.83 59.80 12.64
CA ALA N 417 -3.93 60.67 11.90
C ALA N 417 -3.73 60.16 10.48
N LEU N 418 -3.56 58.84 10.32
CA LEU N 418 -3.37 58.28 8.99
C LEU N 418 -4.62 58.42 8.14
N ILE N 419 -5.81 58.21 8.72
CA ILE N 419 -7.03 58.34 7.94
C ILE N 419 -7.26 59.80 7.54
N ARG N 420 -6.94 60.75 8.43
CA ARG N 420 -7.05 62.15 8.06
C ARG N 420 -6.08 62.51 6.95
N VAL N 421 -4.85 62.00 7.02
CA VAL N 421 -3.87 62.27 5.99
C VAL N 421 -4.33 61.68 4.66
N ALA N 422 -4.89 60.47 4.69
CA ALA N 422 -5.42 59.86 3.47
C ALA N 422 -6.58 60.67 2.90
N SER N 423 -7.45 61.19 3.77
CA SER N 423 -8.54 62.04 3.31
C SER N 423 -7.99 63.29 2.63
N LYS N 424 -6.94 63.88 3.19
CA LYS N 424 -6.32 65.04 2.55
C LYS N 424 -5.70 64.67 1.21
N LEU N 425 -5.05 63.51 1.14
CA LEU N 425 -4.27 63.11 -0.03
C LEU N 425 -5.09 62.38 -1.10
N ALA N 426 -6.39 62.17 -0.86
CA ALA N 426 -7.22 61.45 -1.82
C ALA N 426 -7.17 62.01 -3.24
N ASP N 427 -6.66 63.23 -3.42
CA ASP N 427 -6.57 63.85 -4.74
C ASP N 427 -5.17 63.74 -5.36
N LEU N 428 -4.28 62.97 -4.74
CA LEU N 428 -2.93 62.83 -5.28
C LEU N 428 -2.93 62.00 -6.56
N ARG N 429 -1.98 62.30 -7.44
CA ARG N 429 -1.87 61.63 -8.73
C ARG N 429 -0.41 61.42 -9.08
N GLY N 430 -0.17 60.46 -9.98
CA GLY N 430 1.16 60.18 -10.46
C GLY N 430 1.22 60.27 -11.98
N GLN N 431 2.44 60.16 -12.51
CA GLN N 431 2.64 60.29 -13.94
C GLN N 431 2.08 59.08 -14.70
N ASN N 432 2.15 57.89 -14.09
CA ASN N 432 1.70 56.67 -14.73
C ASN N 432 0.48 56.10 -14.01
N GLU N 433 -0.27 55.27 -14.73
CA GLU N 433 -1.44 54.63 -14.14
C GLU N 433 -1.06 53.72 -12.98
N ASP N 434 0.02 52.96 -13.13
CA ASP N 434 0.49 52.12 -12.04
C ASP N 434 0.89 52.94 -10.83
N GLN N 435 1.41 54.15 -11.06
CA GLN N 435 1.72 55.04 -9.94
C GLN N 435 0.45 55.45 -9.20
N ASN N 436 -0.63 55.73 -9.93
CA ASN N 436 -1.90 56.04 -9.28
C ASN N 436 -2.43 54.84 -8.52
N VAL N 437 -2.27 53.63 -9.07
CA VAL N 437 -2.69 52.43 -8.36
C VAL N 437 -1.91 52.28 -7.07
N GLY N 438 -0.59 52.53 -7.12
CA GLY N 438 0.21 52.47 -5.91
C GLY N 438 -0.20 53.52 -4.89
N ILE N 439 -0.55 54.72 -5.35
CA ILE N 439 -1.00 55.76 -4.45
C ILE N 439 -2.30 55.35 -3.75
N LYS N 440 -3.24 54.78 -4.52
CA LYS N 440 -4.48 54.30 -3.92
C LYS N 440 -4.22 53.16 -2.94
N VAL N 441 -3.28 52.28 -3.28
CA VAL N 441 -2.89 51.20 -2.37
C VAL N 441 -2.37 51.78 -1.05
N ALA N 442 -1.49 52.78 -1.16
CA ALA N 442 -0.94 53.40 0.05
C ALA N 442 -2.03 54.05 0.89
N LEU N 443 -2.97 54.74 0.23
CA LEU N 443 -4.05 55.38 0.96
C LEU N 443 -4.92 54.37 1.68
N ARG N 444 -5.29 53.27 1.01
CA ARG N 444 -6.10 52.25 1.65
C ARG N 444 -5.37 51.60 2.82
N ALA N 445 -4.07 51.36 2.65
CA ALA N 445 -3.27 50.83 3.75
C ALA N 445 -3.24 51.79 4.93
N MET N 446 -3.13 53.10 4.64
CA MET N 446 -3.17 54.10 5.71
C MET N 446 -4.52 54.09 6.41
N GLU N 447 -5.59 53.82 5.66
CA GLU N 447 -6.91 53.65 6.27
C GLU N 447 -6.94 52.44 7.20
N ALA N 448 -6.23 51.37 6.82
CA ALA N 448 -6.37 50.07 7.49
C ALA N 448 -6.21 50.07 9.01
N PRO N 449 -5.19 50.71 9.61
CA PRO N 449 -4.99 50.53 11.06
C PRO N 449 -6.18 50.93 11.92
N LEU N 450 -6.87 52.03 11.57
CA LEU N 450 -8.06 52.40 12.33
C LEU N 450 -9.16 51.36 12.18
N ARG N 451 -9.27 50.79 10.97
CA ARG N 451 -10.23 49.71 10.76
C ARG N 451 -9.91 48.51 11.63
N GLN N 452 -8.62 48.17 11.75
CA GLN N 452 -8.22 47.07 12.62
C GLN N 452 -8.54 47.37 14.07
N ILE N 453 -8.29 48.60 14.51
CA ILE N 453 -8.57 48.98 15.90
C ILE N 453 -10.05 48.85 16.20
N VAL N 454 -10.90 49.37 15.31
CA VAL N 454 -12.34 49.31 15.56
C VAL N 454 -12.91 47.91 15.33
N LEU N 455 -12.19 47.06 14.58
CA LEU N 455 -12.60 45.66 14.50
C LEU N 455 -12.25 44.92 15.78
N ASN N 456 -11.11 45.25 16.38
CA ASN N 456 -10.79 44.73 17.71
C ASN N 456 -11.82 45.21 18.74
N CYS N 457 -12.29 46.44 18.58
CA CYS N 457 -13.35 46.96 19.45
C CYS N 457 -14.69 46.25 19.26
N GLY N 458 -14.84 45.48 18.17
CA GLY N 458 -16.08 44.80 17.89
C GLY N 458 -17.10 45.60 17.10
N GLU N 459 -16.82 46.87 16.82
CA GLU N 459 -17.71 47.69 16.03
C GLU N 459 -17.45 47.48 14.54
N GLU N 460 -18.31 48.06 13.72
CA GLU N 460 -18.18 47.91 12.27
C GLU N 460 -17.02 48.76 11.77
N PRO N 461 -16.06 48.19 11.04
CA PRO N 461 -14.89 48.96 10.62
C PRO N 461 -15.19 50.03 9.57
N SER N 462 -15.91 49.64 8.52
CA SER N 462 -16.13 50.56 7.40
C SER N 462 -16.96 51.77 7.81
N VAL N 463 -17.99 51.55 8.62
CA VAL N 463 -18.86 52.65 9.04
C VAL N 463 -18.06 53.67 9.85
N VAL N 464 -17.25 53.19 10.80
CA VAL N 464 -16.45 54.09 11.62
C VAL N 464 -15.42 54.81 10.77
N ALA N 465 -14.78 54.09 9.84
CA ALA N 465 -13.80 54.72 8.96
C ALA N 465 -14.42 55.82 8.12
N ASN N 466 -15.60 55.56 7.56
CA ASN N 466 -16.29 56.58 6.76
C ASN N 466 -16.69 57.77 7.63
N THR N 467 -17.18 57.51 8.83
CA THR N 467 -17.57 58.60 9.72
C THR N 467 -16.38 59.49 10.07
N VAL N 468 -15.22 58.87 10.36
CA VAL N 468 -14.03 59.65 10.67
C VAL N 468 -13.54 60.40 9.43
N LYS N 469 -13.65 59.79 8.26
CA LYS N 469 -13.26 60.47 7.03
C LYS N 469 -14.15 61.68 6.77
N GLY N 470 -15.43 61.59 7.13
CA GLY N 470 -16.34 62.70 6.94
C GLY N 470 -16.00 63.93 7.74
N GLY N 471 -15.26 63.76 8.84
CA GLY N 471 -14.82 64.88 9.65
C GLY N 471 -13.56 65.52 9.09
N ASP N 472 -12.94 66.34 9.94
CA ASP N 472 -11.73 67.05 9.55
C ASP N 472 -10.93 67.39 10.81
N GLY N 473 -9.67 67.75 10.60
CA GLY N 473 -8.81 68.08 11.72
C GLY N 473 -8.51 66.85 12.56
N ASN N 474 -8.48 67.05 13.87
CA ASN N 474 -8.19 65.98 14.82
C ASN N 474 -9.43 65.18 15.21
N TYR N 475 -10.58 65.50 14.63
CA TYR N 475 -11.80 64.75 14.91
C TYR N 475 -11.64 63.29 14.50
N GLY N 476 -12.06 62.38 15.37
CA GLY N 476 -11.92 60.97 15.12
C GLY N 476 -12.76 60.14 16.06
N TYR N 477 -12.47 58.84 16.09
CA TYR N 477 -13.21 57.87 16.88
C TYR N 477 -12.37 57.42 18.06
N ASN N 478 -12.93 57.53 19.26
CA ASN N 478 -12.26 57.08 20.48
C ASN N 478 -12.60 55.61 20.71
N ALA N 479 -11.59 54.75 20.59
CA ALA N 479 -11.82 53.32 20.71
C ALA N 479 -12.28 52.93 22.11
N ALA N 480 -11.68 53.53 23.14
CA ALA N 480 -12.01 53.14 24.50
C ALA N 480 -13.46 53.48 24.85
N THR N 481 -13.92 54.66 24.46
CA THR N 481 -15.26 55.12 24.81
C THR N 481 -16.31 54.82 23.75
N GLU N 482 -15.90 54.28 22.60
CA GLU N 482 -16.83 53.88 21.53
C GLU N 482 -17.69 55.05 21.08
N GLU N 483 -17.10 56.24 20.96
CA GLU N 483 -17.85 57.42 20.59
C GLU N 483 -16.89 58.46 20.02
N TYR N 484 -17.35 59.18 19.00
CA TYR N 484 -16.52 60.10 18.23
C TYR N 484 -16.30 61.41 18.98
N GLY N 485 -15.42 62.24 18.43
CA GLY N 485 -15.14 63.54 18.99
C GLY N 485 -13.71 63.95 18.68
N ASN N 486 -13.30 65.07 19.27
CA ASN N 486 -11.94 65.57 19.12
C ASN N 486 -10.98 64.60 19.80
N MET N 487 -10.02 64.07 19.04
CA MET N 487 -9.12 63.05 19.59
C MET N 487 -8.08 63.63 20.53
N ILE N 488 -7.65 64.87 20.30
CA ILE N 488 -6.68 65.49 21.18
C ILE N 488 -7.28 65.70 22.56
N ASP N 489 -8.52 66.20 22.62
CA ASP N 489 -9.14 66.52 23.90
C ASP N 489 -9.37 65.28 24.74
N MET N 490 -9.75 64.17 24.12
CA MET N 490 -10.04 62.93 24.84
C MET N 490 -8.79 62.23 25.36
N GLY N 491 -7.61 62.81 25.21
CA GLY N 491 -6.41 62.25 25.81
C GLY N 491 -5.82 61.06 25.10
N ILE N 492 -6.12 60.89 23.80
CA ILE N 492 -5.52 59.81 23.03
C ILE N 492 -4.53 60.43 22.05
N LEU N 493 -3.26 60.45 22.41
CA LEU N 493 -2.23 61.09 21.62
C LEU N 493 -1.19 60.06 21.15
N ASP N 494 -0.64 60.32 19.97
CA ASP N 494 0.48 59.55 19.43
C ASP N 494 1.51 60.53 18.90
N PRO N 495 2.77 60.40 19.27
CA PRO N 495 3.79 61.32 18.74
C PRO N 495 3.86 61.24 17.23
N THR N 496 4.07 62.40 16.60
CA THR N 496 4.18 62.45 15.15
C THR N 496 5.35 61.63 14.65
N LYS N 497 6.44 61.59 15.42
CA LYS N 497 7.60 60.78 15.03
C LYS N 497 7.24 59.31 14.95
N VAL N 498 6.43 58.82 15.89
CA VAL N 498 6.07 57.40 15.91
C VAL N 498 5.30 57.03 14.64
N THR N 499 4.25 57.80 14.33
CA THR N 499 3.45 57.50 13.14
C THR N 499 4.27 57.66 11.87
N ARG N 500 5.08 58.72 11.80
CA ARG N 500 5.89 58.95 10.61
C ARG N 500 6.86 57.80 10.38
N SER N 501 7.56 57.37 11.43
CA SER N 501 8.52 56.29 11.30
C SER N 501 7.84 54.97 10.94
N ALA N 502 6.70 54.68 11.58
CA ALA N 502 5.98 53.45 11.25
C ALA N 502 5.55 53.45 9.78
N LEU N 503 4.98 54.56 9.32
CA LEU N 503 4.54 54.65 7.93
C LEU N 503 5.70 54.50 6.97
N GLN N 504 6.82 55.20 7.24
CA GLN N 504 7.95 55.16 6.33
C GLN N 504 8.57 53.76 6.26
N TYR N 505 8.76 53.12 7.41
CA TYR N 505 9.37 51.79 7.42
C TYR N 505 8.44 50.75 6.77
N ALA N 506 7.13 50.85 7.04
CA ALA N 506 6.20 49.95 6.38
C ALA N 506 6.23 50.14 4.86
N ALA N 507 6.26 51.39 4.40
CA ALA N 507 6.33 51.65 2.97
C ALA N 507 7.62 51.10 2.38
N SER N 508 8.75 51.28 3.08
CA SER N 508 10.02 50.80 2.57
C SER N 508 10.02 49.28 2.43
N VAL N 509 9.58 48.56 3.47
CA VAL N 509 9.58 47.11 3.41
C VAL N 509 8.59 46.62 2.36
N ALA N 510 7.45 47.30 2.23
CA ALA N 510 6.45 46.89 1.25
C ALA N 510 6.97 47.08 -0.17
N GLY N 511 7.65 48.20 -0.43
CA GLY N 511 8.25 48.39 -1.75
C GLY N 511 9.33 47.38 -2.04
N LEU N 512 10.18 47.09 -1.05
CA LEU N 512 11.23 46.09 -1.24
C LEU N 512 10.65 44.73 -1.56
N MET N 513 9.59 44.33 -0.85
CA MET N 513 8.99 43.02 -1.10
C MET N 513 8.15 42.99 -2.38
N ILE N 514 7.59 44.14 -2.78
CA ILE N 514 6.83 44.20 -4.03
C ILE N 514 7.76 44.08 -5.22
N THR N 515 8.92 44.74 -5.16
CA THR N 515 9.90 44.65 -6.24
C THR N 515 10.84 43.46 -6.07
N THR N 516 10.41 42.43 -5.35
CA THR N 516 11.20 41.21 -5.15
C THR N 516 10.80 40.18 -6.19
N GLU N 517 11.80 39.57 -6.83
CA GLU N 517 11.58 38.60 -7.89
C GLU N 517 12.12 37.21 -7.57
N CYS N 518 13.03 37.08 -6.61
CA CYS N 518 13.67 35.80 -6.34
C CYS N 518 14.10 35.73 -4.88
N MET N 519 14.05 34.52 -4.32
CA MET N 519 14.57 34.25 -2.99
C MET N 519 15.44 33.00 -3.02
N VAL N 520 16.48 32.99 -2.20
CA VAL N 520 17.40 31.86 -2.07
C VAL N 520 17.43 31.44 -0.61
N THR N 521 17.15 30.16 -0.36
CA THR N 521 17.12 29.64 1.01
C THR N 521 17.73 28.26 1.05
N ASP N 522 18.14 27.85 2.25
CA ASP N 522 18.62 26.50 2.46
C ASP N 522 17.48 25.50 2.34
N LEU N 523 17.82 24.28 1.94
CA LEU N 523 16.81 23.25 1.78
C LEU N 523 16.22 22.84 3.13
N PRO N 524 14.93 22.46 3.16
CA PRO N 524 14.28 21.99 4.38
C PRO N 524 14.93 20.75 4.96
N UNK O 1 62.51 -4.54 31.56
CA UNK O 1 61.08 -4.61 31.80
C UNK O 1 60.38 -5.38 30.68
N UNK O 2 60.36 -6.69 30.80
CA UNK O 2 59.74 -7.56 29.81
C UNK O 2 58.72 -8.53 30.41
N UNK O 3 58.89 -8.89 31.68
CA UNK O 3 57.97 -9.79 32.36
C UNK O 3 56.73 -9.04 32.81
N UNK O 4 55.96 -9.67 33.70
CA UNK O 4 54.77 -9.08 34.31
C UNK O 4 53.65 -8.90 33.29
N UNK O 5 52.63 -8.13 33.65
CA UNK O 5 51.48 -7.89 32.79
C UNK O 5 51.90 -7.37 31.42
N UNK O 6 52.86 -6.45 31.40
CA UNK O 6 53.42 -5.89 30.17
C UNK O 6 52.29 -5.24 29.37
N UNK O 7 52.38 -5.28 28.04
CA UNK O 7 51.39 -4.68 27.14
C UNK O 7 51.25 -3.18 27.42
N UNK O 8 52.35 -2.46 27.24
CA UNK O 8 52.39 -1.03 27.47
C UNK O 8 52.11 -0.22 26.21
N UNK O 9 52.52 -0.71 25.05
CA UNK O 9 52.35 -0.02 23.77
C UNK O 9 52.95 1.38 23.82
N UNK O 10 54.17 1.47 24.33
CA UNK O 10 54.82 2.76 24.51
C UNK O 10 55.06 3.46 23.17
N UNK O 11 55.69 2.77 22.22
CA UNK O 11 55.99 3.34 20.90
C UNK O 11 55.73 2.26 19.85
N UNK O 12 54.50 2.21 19.35
CA UNK O 12 54.14 1.30 18.27
C UNK O 12 52.84 1.80 17.65
N UNK O 13 52.90 2.23 16.39
CA UNK O 13 51.71 2.73 15.71
C UNK O 13 51.85 2.50 14.22
N UNK O 14 50.70 2.43 13.54
CA UNK O 14 50.66 2.29 12.09
C UNK O 14 50.95 0.86 11.66
N UNK O 15 50.12 0.33 10.74
CA UNK O 15 50.32 -0.99 10.16
C UNK O 15 50.27 -2.08 11.21
N UNK O 16 51.27 -2.10 12.09
CA UNK O 16 51.30 -3.08 13.18
C UNK O 16 50.17 -2.86 14.19
N UNK O 17 49.53 -1.69 14.18
CA UNK O 17 48.43 -1.45 15.08
C UNK O 17 47.26 -2.40 14.80
N UNK O 18 46.94 -2.60 13.52
CA UNK O 18 45.90 -3.55 13.17
C UNK O 18 46.36 -4.99 13.37
N UNK O 19 47.63 -5.27 13.04
CA UNK O 19 48.15 -6.62 13.22
C UNK O 19 48.22 -7.00 14.70
N UNK O 20 48.65 -6.06 15.54
CA UNK O 20 48.73 -6.31 16.98
C UNK O 20 47.42 -6.02 17.70
N UNK O 21 46.39 -5.57 17.00
CA UNK O 21 45.11 -5.32 17.64
C UNK O 21 44.54 -6.59 18.27
N UNK O 22 44.63 -7.71 17.56
CA UNK O 22 44.25 -8.99 18.15
C UNK O 22 45.31 -9.46 19.14
N UNK O 23 46.58 -9.18 18.86
CA UNK O 23 47.66 -9.63 19.75
C UNK O 23 47.63 -8.88 21.07
N UNK O 24 47.38 -7.57 21.05
CA UNK O 24 47.33 -6.81 22.29
C UNK O 24 46.20 -7.28 23.20
N UNK O 25 45.03 -7.55 22.61
CA UNK O 25 43.90 -8.03 23.41
C UNK O 25 44.12 -9.45 23.89
N UNK O 26 44.65 -10.32 23.02
CA UNK O 26 44.90 -11.70 23.42
C UNK O 26 45.95 -11.78 24.51
N UNK O 27 47.02 -10.99 24.40
CA UNK O 27 48.05 -10.99 25.43
C UNK O 27 47.49 -10.47 26.75
N UNK O 28 46.64 -9.44 26.69
CA UNK O 28 46.02 -8.92 27.91
C UNK O 28 45.07 -9.92 28.55
N UNK O 29 44.55 -10.88 27.79
CA UNK O 29 43.65 -11.89 28.30
C UNK O 29 44.42 -13.18 28.58
N UNK O 30 43.75 -14.12 29.24
CA UNK O 30 44.34 -15.40 29.59
C UNK O 30 44.31 -16.33 28.38
N UNK O 31 44.91 -17.52 28.53
CA UNK O 31 44.94 -18.55 27.50
C UNK O 31 45.52 -18.01 26.20
N UNK O 32 46.79 -17.59 26.25
CA UNK O 32 47.47 -17.08 25.08
C UNK O 32 48.33 -18.16 24.43
#